data_6OEF
#
_entry.id   6OEF
#
_entity_poly.entity_id   1
_entity_poly.type   'polypeptide(L)'
_entity_poly.pdbx_seq_one_letter_code
;(UNK)(UNK)(UNK)(UNK)(UNK)(UNK)(UNK)(UNK)(UNK)(UNK)(UNK)(UNK)(UNK)(UNK)(UNK)(UNK)
(UNK)(UNK)(UNK)(UNK)(UNK)(UNK)(UNK)(UNK)(UNK)(UNK)(UNK)(UNK)(UNK)(UNK)(UNK)(UNK)
(UNK)(UNK)(UNK)(UNK)(UNK)(UNK)(UNK)(UNK)(UNK)(UNK)(UNK)(UNK)(UNK)(UNK)(UNK)(UNK)
(UNK)(UNK)(UNK)(UNK)(UNK)(UNK)(UNK)(UNK)(UNK)(UNK)(UNK)(UNK)(UNK)(UNK)(UNK)(UNK)
(UNK)(UNK)(UNK)(UNK)(UNK)(UNK)(UNK)(UNK)(UNK)(UNK)(UNK)(UNK)(UNK)(UNK)(UNK)(UNK)
(UNK)(UNK)(UNK)(UNK)(UNK)(UNK)(UNK)(UNK)(UNK)(UNK)(UNK)(UNK)(UNK)(UNK)(UNK)(UNK)
(UNK)(UNK)(UNK)(UNK)(UNK)(UNK)(UNK)(UNK)(UNK)(UNK)(UNK)(UNK)(UNK)(UNK)(UNK)(UNK)
(UNK)(UNK)(UNK)(UNK)(UNK)(UNK)(UNK)(UNK)(UNK)(UNK)(UNK)(UNK)(UNK)(UNK)(UNK)(UNK)
(UNK)(UNK)(UNK)(UNK)(UNK)(UNK)(UNK)(UNK)(UNK)(UNK)(UNK)(UNK)(UNK)(UNK)(UNK)(UNK)
(UNK)(UNK)(UNK)(UNK)(UNK)(UNK)(UNK)(UNK)(UNK)(UNK)(UNK)(UNK)(UNK)(UNK)(UNK)(UNK)
(UNK)(UNK)(UNK)(UNK)(UNK)(UNK)(UNK)(UNK)(UNK)(UNK)(UNK)(UNK)(UNK)(UNK)(UNK)(UNK)
(UNK)(UNK)(UNK)(UNK)(UNK)(UNK)(UNK)(UNK)(UNK)(UNK)(UNK)(UNK)(UNK)(UNK)(UNK)(UNK)
(UNK)(UNK)(UNK)(UNK)(UNK)(UNK)(UNK)(UNK)(UNK)(UNK)(UNK)(UNK)(UNK)(UNK)(UNK)(UNK)
(UNK)(UNK)(UNK)(UNK)(UNK)(UNK)(UNK)(UNK)(UNK)(UNK)(UNK)(UNK)(UNK)(UNK)(UNK)(UNK)
(UNK)(UNK)(UNK)(UNK)(UNK)(UNK)(UNK)(UNK)(UNK)(UNK)(UNK)(UNK)(UNK)(UNK)(UNK)(UNK)
(UNK)(UNK)(UNK)(UNK)(UNK)(UNK)(UNK)(UNK)(UNK)(UNK)(UNK)(UNK)(UNK)(UNK)(UNK)(UNK)
(UNK)(UNK)(UNK)(UNK)(UNK)(UNK)(UNK)(UNK)(UNK)(UNK)(UNK)(UNK)(UNK)(UNK)(UNK)(UNK)
(UNK)(UNK)(UNK)(UNK)(UNK)(UNK)(UNK)(UNK)(UNK)(UNK)(UNK)(UNK)(UNK)(UNK)(UNK)(UNK)
(UNK)(UNK)(UNK)(UNK)(UNK)(UNK)(UNK)(UNK)(UNK)(UNK)(UNK)(UNK)(UNK)(UNK)(UNK)(UNK)
(UNK)(UNK)(UNK)(UNK)(UNK)(UNK)(UNK)(UNK)(UNK)(UNK)(UNK)(UNK)(UNK)(UNK)(UNK)(UNK)
(UNK)(UNK)(UNK)(UNK)(UNK)(UNK)(UNK)(UNK)(UNK)(UNK)(UNK)(UNK)(UNK)(UNK)(UNK)(UNK)
(UNK)(UNK)(UNK)(UNK)(UNK)(UNK)(UNK)(UNK)(UNK)(UNK)(UNK)(UNK)(UNK)(UNK)(UNK)(UNK)
(UNK)(UNK)(UNK)(UNK)(UNK)(UNK)(UNK)(UNK)(UNK)(UNK)(UNK)(UNK)(UNK)(UNK)(UNK)(UNK)
(UNK)(UNK)(UNK)(UNK)(UNK)(UNK)(UNK)(UNK)(UNK)(UNK)(UNK)(UNK)(UNK)(UNK)(UNK)(UNK)
(UNK)(UNK)(UNK)(UNK)(UNK)(UNK)(UNK)(UNK)(UNK)(UNK)(UNK)(UNK)(UNK)(UNK)(UNK)(UNK)
(UNK)(UNK)(UNK)(UNK)(UNK)(UNK)(UNK)(UNK)(UNK)(UNK)(UNK)(UNK)(UNK)(UNK)(UNK)(UNK)
(UNK)(UNK)(UNK)(UNK)(UNK)(UNK)(UNK)(UNK)(UNK)(UNK)(UNK)(UNK)(UNK)(UNK)(UNK)(UNK)
(UNK)(UNK)(UNK)(UNK)(UNK)(UNK)(UNK)(UNK)(UNK)(UNK)(UNK)(UNK)(UNK)(UNK)(UNK)(UNK)
(UNK)(UNK)(UNK)(UNK)(UNK)(UNK)(UNK)(UNK)(UNK)(UNK)(UNK)(UNK)(UNK)(UNK)(UNK)(UNK)
(UNK)(UNK)(UNK)(UNK)(UNK)(UNK)(UNK)(UNK)(UNK)(UNK)(UNK)(UNK)(UNK)(UNK)(UNK)(UNK)
(UNK)(UNK)(UNK)(UNK)(UNK)(UNK)(UNK)(UNK)(UNK)(UNK)(UNK)(UNK)(UNK)(UNK)(UNK)(UNK)
(UNK)(UNK)(UNK)(UNK)(UNK)(UNK)(UNK)(UNK)(UNK)(UNK)(UNK)(UNK)(UNK)(UNK)(UNK)(UNK)
(UNK)(UNK)(UNK)(UNK)(UNK)(UNK)(UNK)(UNK)(UNK)(UNK)(UNK)(UNK)(UNK)(UNK)(UNK)(UNK)
(UNK)(UNK)(UNK)(UNK)(UNK)(UNK)(UNK)(UNK)(UNK)(UNK)(UNK)(UNK)(UNK)(UNK)(UNK)(UNK)
(UNK)(UNK)(UNK)(UNK)(UNK)(UNK)(UNK)(UNK)(UNK)(UNK)(UNK)(UNK)(UNK)(UNK)(UNK)(UNK)
(UNK)(UNK)(UNK)(UNK)(UNK)(UNK)(UNK)(UNK)(UNK)(UNK)(UNK)(UNK)(UNK)(UNK)(UNK)(UNK)
(UNK)(UNK)(UNK)(UNK)(UNK)(UNK)(UNK)(UNK)(UNK)(UNK)(UNK)(UNK)(UNK)(UNK)(UNK)(UNK)
(UNK)(UNK)(UNK)(UNK)(UNK)(UNK)(UNK)(UNK)(UNK)(UNK)(UNK)(UNK)(UNK)(UNK)(UNK)(UNK)
(UNK)(UNK)(UNK)(UNK)(UNK)(UNK)(UNK)(UNK)(UNK)(UNK)(UNK)(UNK)(UNK)(UNK)(UNK)(UNK)
(UNK)(UNK)(UNK)(UNK)(UNK)(UNK)(UNK)(UNK)(UNK)(UNK)(UNK)(UNK)(UNK)(UNK)(UNK)(UNK)
(UNK)(UNK)(UNK)(UNK)(UNK)(UNK)(UNK)(UNK)(UNK)(UNK)(UNK)(UNK)(UNK)(UNK)(UNK)(UNK)
(UNK)(UNK)(UNK)(UNK)(UNK)(UNK)(UNK)(UNK)(UNK)(UNK)(UNK)(UNK)(UNK)(UNK)(UNK)(UNK)
(UNK)(UNK)(UNK)(UNK)(UNK)(UNK)(UNK)(UNK)(UNK)(UNK)(UNK)(UNK)(UNK)(UNK)(UNK)(UNK)
(UNK)(UNK)(UNK)(UNK)(UNK)(UNK)(UNK)(UNK)(UNK)(UNK)(UNK)(UNK)(UNK)(UNK)(UNK)(UNK)
(UNK)(UNK)(UNK)(UNK)(UNK)(UNK)(UNK)(UNK)(UNK)(UNK)(UNK)(UNK)(UNK)(UNK)(UNK)(UNK)
(UNK)(UNK)(UNK)(UNK)(UNK)(UNK)(UNK)(UNK)(UNK)(UNK)(UNK)(UNK)
;
_entity_poly.pdbx_strand_id   A,B,C,D,E,F,G,H,I,J,K,L,M,N
#
# COMPACT_ATOMS: atom_id res chain seq x y z
N UNK A 1 23.97 76.65 88.07
CA UNK A 1 23.15 75.80 87.20
C UNK A 1 21.74 75.73 87.72
N UNK A 2 21.14 74.55 87.67
CA UNK A 2 19.76 74.39 88.13
C UNK A 2 19.60 73.02 88.75
N UNK A 3 19.04 72.97 89.96
CA UNK A 3 18.92 71.74 90.71
C UNK A 3 17.45 71.52 91.00
N UNK A 4 16.83 70.49 90.44
CA UNK A 4 15.37 70.35 90.56
C UNK A 4 14.98 69.13 91.37
N UNK A 5 13.74 69.10 91.84
CA UNK A 5 13.32 67.98 92.66
C UNK A 5 11.82 67.77 92.57
N UNK A 6 11.39 66.59 92.15
CA UNK A 6 9.98 66.26 92.25
C UNK A 6 9.73 65.73 93.65
N UNK A 7 8.56 66.01 94.22
CA UNK A 7 8.33 65.55 95.58
C UNK A 7 6.86 65.22 95.75
N UNK A 8 6.54 63.97 96.07
CA UNK A 8 5.16 63.53 96.11
C UNK A 8 4.70 63.31 97.53
N UNK A 9 3.46 63.70 97.83
CA UNK A 9 2.81 63.26 99.06
C UNK A 9 2.02 61.98 98.76
N UNK A 10 1.35 61.41 99.77
CA UNK A 10 0.65 60.13 99.59
C UNK A 10 -0.71 60.37 98.93
N UNK A 11 -0.99 59.64 97.85
CA UNK A 11 -1.97 60.11 96.89
C UNK A 11 -3.01 59.05 96.56
N UNK A 12 -4.17 59.54 96.09
CA UNK A 12 -5.14 58.74 95.36
C UNK A 12 -6.00 59.71 94.56
N UNK A 13 -5.81 59.75 93.26
CA UNK A 13 -6.53 60.60 92.30
C UNK A 13 -6.42 62.08 92.68
N UNK A 14 -5.20 62.58 92.62
CA UNK A 14 -4.96 63.98 92.89
C UNK A 14 -3.88 64.52 91.96
N UNK A 15 -3.73 65.83 91.95
CA UNK A 15 -3.11 66.56 90.87
C UNK A 15 -1.72 67.04 91.23
N UNK A 16 -1.15 67.80 90.32
CA UNK A 16 0.25 68.18 90.40
C UNK A 16 0.33 69.68 90.55
N UNK A 17 1.47 70.17 91.03
CA UNK A 17 1.71 71.60 91.15
C UNK A 17 3.18 71.86 90.88
N UNK A 18 3.49 72.51 89.76
CA UNK A 18 4.87 72.64 89.33
C UNK A 18 5.43 73.97 89.84
N UNK A 19 5.86 73.97 91.09
CA UNK A 19 6.32 75.23 91.68
C UNK A 19 7.77 75.48 91.32
N UNK A 20 8.18 76.73 91.36
CA UNK A 20 9.56 77.08 91.08
C UNK A 20 10.03 77.98 92.21
N UNK A 21 10.68 77.39 93.20
CA UNK A 21 11.14 78.12 94.37
C UNK A 21 12.25 79.04 93.92
N UNK A 22 11.90 80.31 93.73
CA UNK A 22 12.82 81.26 93.15
C UNK A 22 13.95 81.54 94.12
N UNK A 23 13.64 82.18 95.24
CA UNK A 23 14.66 82.35 96.26
C UNK A 23 14.13 82.24 97.67
N UNK A 24 12.94 81.69 97.87
CA UNK A 24 12.26 81.88 99.15
C UNK A 24 12.84 80.97 100.23
N UNK A 25 12.67 79.65 100.08
CA UNK A 25 13.02 78.58 101.03
C UNK A 25 12.36 78.72 102.40
N UNK A 26 11.39 79.62 102.55
CA UNK A 26 10.51 79.69 103.70
C UNK A 26 9.05 79.74 103.30
N UNK A 27 8.76 80.05 102.04
CA UNK A 27 7.50 79.71 101.41
C UNK A 27 7.42 78.24 101.06
N UNK A 28 8.46 77.45 101.38
CA UNK A 28 8.43 76.03 101.10
C UNK A 28 7.34 75.34 101.90
N UNK A 29 7.23 75.67 103.18
CA UNK A 29 6.15 75.09 103.96
C UNK A 29 4.80 75.64 103.51
N UNK A 30 4.78 76.86 103.01
CA UNK A 30 3.55 77.47 102.54
C UNK A 30 3.01 76.75 101.32
N UNK A 31 3.85 76.58 100.31
CA UNK A 31 3.44 75.82 99.14
C UNK A 31 3.26 74.36 99.47
N UNK A 32 3.95 73.85 100.49
CA UNK A 32 3.77 72.47 100.89
C UNK A 32 2.36 72.24 101.42
N UNK A 33 1.90 73.10 102.30
CA UNK A 33 0.53 72.98 102.76
C UNK A 33 -0.45 73.32 101.67
N UNK A 34 -0.05 74.12 100.69
CA UNK A 34 -0.95 74.45 99.60
C UNK A 34 -1.17 73.25 98.70
N UNK A 35 -0.13 72.50 98.41
CA UNK A 35 -0.24 71.26 97.66
C UNK A 35 -0.49 70.08 98.55
N UNK A 36 -0.76 70.29 99.83
CA UNK A 36 -1.29 69.22 100.64
C UNK A 36 -2.66 68.79 100.18
N UNK A 37 -3.42 69.67 99.53
CA UNK A 37 -4.64 69.25 98.87
C UNK A 37 -4.35 68.90 97.41
N UNK A 38 -3.47 67.91 97.25
CA UNK A 38 -2.97 67.48 95.95
C UNK A 38 -2.24 66.14 96.05
N UNK A 39 -1.50 65.79 94.99
CA UNK A 39 -0.64 64.61 94.94
C UNK A 39 0.83 64.92 94.84
N UNK A 40 1.24 65.72 93.86
CA UNK A 40 2.68 65.79 93.56
C UNK A 40 3.11 67.23 93.41
N UNK A 41 3.90 67.72 94.34
CA UNK A 41 4.56 68.97 94.09
C UNK A 41 5.78 68.70 93.23
N UNK A 42 6.24 69.71 92.52
CA UNK A 42 7.47 69.56 91.76
C UNK A 42 8.23 70.86 91.98
N UNK A 43 9.14 70.87 92.94
CA UNK A 43 9.83 72.08 93.32
C UNK A 43 11.06 72.24 92.44
N UNK A 44 11.10 73.29 91.64
CA UNK A 44 12.30 73.55 90.87
C UNK A 44 13.21 74.51 91.63
N UNK A 45 14.52 74.42 91.32
CA UNK A 45 15.66 75.21 91.76
C UNK A 45 16.11 74.97 93.20
N UNK A 46 15.29 74.37 94.05
CA UNK A 46 15.61 73.40 95.11
C UNK A 46 16.97 73.42 95.79
N UNK A 47 17.46 74.56 96.24
CA UNK A 47 18.84 74.59 96.69
C UNK A 47 18.99 74.10 98.13
N UNK A 48 18.27 74.71 99.05
CA UNK A 48 18.19 74.19 100.40
C UNK A 48 16.92 73.42 100.65
N UNK A 49 15.93 73.59 99.78
CA UNK A 49 14.66 72.90 99.96
C UNK A 49 14.82 71.41 99.79
N UNK A 50 15.45 70.98 98.70
CA UNK A 50 15.63 69.56 98.46
C UNK A 50 16.53 68.94 99.49
N UNK A 51 17.52 69.70 99.96
CA UNK A 51 18.45 69.17 100.93
C UNK A 51 17.77 68.93 102.27
N UNK A 52 17.07 69.94 102.77
CA UNK A 52 16.42 69.78 104.06
C UNK A 52 15.30 68.78 103.97
N UNK A 53 14.61 68.70 102.83
CA UNK A 53 13.54 67.72 102.70
C UNK A 53 14.08 66.30 102.64
N UNK A 54 15.21 66.11 101.97
CA UNK A 54 15.75 64.76 101.89
C UNK A 54 16.34 64.32 103.21
N UNK A 55 16.94 65.25 103.96
CA UNK A 55 17.47 64.87 105.26
C UNK A 55 16.36 64.52 106.21
N UNK A 56 15.25 65.27 106.16
CA UNK A 56 14.13 64.93 107.00
C UNK A 56 13.51 63.61 106.58
N UNK A 57 13.46 63.33 105.30
CA UNK A 57 12.83 62.09 104.85
C UNK A 57 13.70 60.89 105.19
N UNK A 58 15.01 61.03 105.09
CA UNK A 58 15.87 59.89 105.33
C UNK A 58 16.12 59.66 106.81
N UNK A 59 15.95 60.66 107.65
CA UNK A 59 15.97 60.40 109.08
C UNK A 59 14.62 60.73 109.67
N UNK A 60 13.57 60.35 108.97
CA UNK A 60 12.22 60.65 109.37
C UNK A 60 11.53 59.54 110.14
N UNK A 61 12.07 58.34 110.16
CA UNK A 61 11.40 57.24 110.84
C UNK A 61 12.09 56.83 112.12
N UNK A 62 13.37 56.50 112.07
CA UNK A 62 14.03 56.02 113.28
C UNK A 62 14.31 57.17 114.21
N UNK A 63 14.76 58.29 113.66
CA UNK A 63 15.05 59.44 114.49
C UNK A 63 13.80 60.11 115.02
N UNK A 64 12.63 59.71 114.54
CA UNK A 64 11.37 60.06 115.16
C UNK A 64 10.92 59.03 116.17
N UNK A 65 11.17 57.76 115.87
CA UNK A 65 10.74 56.69 116.74
C UNK A 65 11.47 56.74 118.07
N UNK A 66 12.71 57.20 118.06
CA UNK A 66 13.39 57.28 119.34
C UNK A 66 12.99 58.56 120.09
N UNK A 67 13.40 59.72 119.59
CA UNK A 67 13.52 60.88 120.47
C UNK A 67 12.58 62.03 120.15
N UNK A 68 12.75 62.67 118.99
CA UNK A 68 12.35 64.06 118.75
C UNK A 68 12.78 64.96 119.90
N UNK A 69 14.09 65.11 120.03
CA UNK A 69 14.69 65.91 121.10
C UNK A 69 14.68 67.39 120.74
N UNK A 70 15.00 68.21 121.73
CA UNK A 70 15.24 69.63 121.53
C UNK A 70 16.73 69.90 121.76
N UNK A 71 17.38 70.54 120.81
CA UNK A 71 18.84 70.50 120.75
C UNK A 71 19.44 71.88 120.98
N UNK A 72 19.99 72.10 122.17
CA UNK A 72 20.85 73.26 122.40
C UNK A 72 22.18 73.06 121.70
N UNK A 73 22.83 74.16 121.34
CA UNK A 73 24.08 74.05 120.61
C UNK A 73 25.04 75.16 121.01
N UNK A 74 26.29 74.80 121.26
CA UNK A 74 27.32 75.78 121.53
C UNK A 74 28.45 75.43 120.58
N UNK A 75 28.39 75.94 119.37
CA UNK A 75 29.33 75.53 118.34
C UNK A 75 30.27 76.67 118.00
N UNK A 76 31.54 76.34 117.89
CA UNK A 76 32.56 77.26 117.41
C UNK A 76 32.76 77.02 115.94
N UNK A 77 33.07 78.07 115.22
CA UNK A 77 32.68 78.12 113.82
C UNK A 77 33.69 77.49 112.89
N UNK A 78 34.41 76.46 113.36
CA UNK A 78 35.58 75.99 112.65
C UNK A 78 35.32 75.41 111.27
N UNK A 79 34.67 74.25 111.20
CA UNK A 79 34.71 73.47 109.98
C UNK A 79 33.36 73.44 109.28
N UNK A 80 32.33 72.99 109.96
CA UNK A 80 31.01 72.85 109.36
C UNK A 80 30.39 74.18 109.01
N UNK A 81 30.87 75.27 109.63
CA UNK A 81 30.24 76.57 109.55
C UNK A 81 30.27 77.18 108.18
N UNK A 82 31.02 76.62 107.23
CA UNK A 82 30.61 76.74 105.85
C UNK A 82 31.01 75.45 105.15
N UNK A 83 30.15 74.44 105.25
CA UNK A 83 30.57 73.12 104.80
C UNK A 83 29.38 72.19 104.73
N UNK A 84 29.69 70.91 104.54
CA UNK A 84 28.78 69.84 104.24
C UNK A 84 28.42 69.05 105.48
N UNK A 85 27.22 68.51 105.49
CA UNK A 85 26.77 67.65 106.58
C UNK A 85 27.21 66.22 106.43
N UNK A 86 28.04 65.94 105.42
CA UNK A 86 28.78 64.70 105.27
C UNK A 86 27.87 63.49 105.09
N UNK A 87 26.77 63.67 104.43
CA UNK A 87 26.02 62.53 103.96
C UNK A 87 25.43 62.77 102.59
N UNK A 88 25.69 63.91 101.98
CA UNK A 88 25.03 64.25 100.72
C UNK A 88 25.68 63.55 99.55
N UNK A 89 26.99 63.41 99.56
CA UNK A 89 27.75 63.03 98.39
C UNK A 89 27.63 61.56 98.02
N UNK A 90 26.79 60.80 98.69
CA UNK A 90 26.54 59.46 98.25
C UNK A 90 25.08 59.13 98.10
N UNK A 91 24.17 59.88 98.73
CA UNK A 91 22.75 59.67 98.51
C UNK A 91 22.20 60.58 97.42
N UNK A 92 22.54 61.87 97.44
CA UNK A 92 22.27 62.69 96.27
C UNK A 92 23.46 62.72 95.32
N UNK A 93 23.99 61.53 95.09
CA UNK A 93 24.49 61.10 93.80
C UNK A 93 23.29 60.36 93.24
N UNK A 94 22.44 61.12 92.55
CA UNK A 94 21.01 60.83 92.47
C UNK A 94 20.70 59.53 91.74
N UNK A 95 19.78 58.77 92.30
CA UNK A 95 19.29 57.55 91.66
C UNK A 95 18.02 57.79 90.87
N UNK A 96 17.08 58.54 91.44
CA UNK A 96 15.97 59.19 90.73
C UNK A 96 15.05 58.19 90.06
N UNK A 97 14.45 57.32 90.85
CA UNK A 97 13.70 56.22 90.29
C UNK A 97 12.45 56.00 91.13
N UNK A 98 11.33 56.49 90.62
CA UNK A 98 10.10 56.32 91.35
C UNK A 98 8.94 56.47 90.39
N UNK A 99 7.77 56.59 90.99
CA UNK A 99 6.49 56.95 90.44
C UNK A 99 5.67 57.33 91.66
N UNK A 100 4.35 57.31 91.53
CA UNK A 100 3.48 57.42 92.69
C UNK A 100 3.18 56.02 93.22
N UNK A 101 4.15 55.45 93.93
CA UNK A 101 4.05 54.06 94.38
C UNK A 101 3.53 53.95 95.80
N UNK A 102 2.42 54.62 96.08
CA UNK A 102 1.74 54.43 97.36
C UNK A 102 0.25 54.60 97.23
N UNK A 103 -0.33 54.16 96.10
CA UNK A 103 -1.72 54.45 95.74
C UNK A 103 -2.69 53.95 96.80
N UNK A 104 -3.70 54.77 97.11
CA UNK A 104 -4.32 54.71 98.44
C UNK A 104 -5.82 54.47 98.44
N UNK A 105 -6.28 53.47 97.69
CA UNK A 105 -7.61 52.87 97.83
C UNK A 105 -8.80 53.81 97.67
N UNK A 106 126.78 88.48 117.40
CA UNK A 106 125.54 88.18 116.70
C UNK A 106 124.41 87.98 117.71
N UNK A 107 124.78 87.71 118.96
CA UNK A 107 123.81 87.36 119.98
C UNK A 107 124.38 87.74 121.34
N UNK A 108 123.56 88.32 122.22
CA UNK A 108 122.18 88.68 121.96
C UNK A 108 122.10 90.02 121.25
N UNK A 109 122.64 91.06 121.89
CA UNK A 109 122.53 92.46 121.45
C UNK A 109 121.08 92.81 121.13
N UNK A 110 120.26 92.64 122.16
CA UNK A 110 118.80 92.81 122.13
C UNK A 110 118.14 91.92 121.09
N UNK A 111 118.72 90.77 120.81
CA UNK A 111 118.18 89.93 119.74
C UNK A 111 118.46 88.48 120.09
N UNK A 112 117.48 87.85 120.74
CA UNK A 112 117.60 86.47 121.17
C UNK A 112 116.21 85.94 121.49
N UNK A 113 116.14 84.62 121.67
CA UNK A 113 114.96 83.89 122.14
C UNK A 113 113.71 84.11 121.29
N UNK A 114 78.35 108.90 109.45
CA UNK A 114 79.29 108.71 110.55
C UNK A 114 78.57 108.10 111.75
N UNK A 115 77.27 108.35 111.84
CA UNK A 115 76.47 107.86 112.94
C UNK A 115 75.85 106.50 112.66
N UNK A 116 76.06 105.94 111.48
CA UNK A 116 75.23 104.83 111.03
C UNK A 116 75.69 103.50 111.60
N UNK A 117 74.72 102.67 111.96
CA UNK A 117 75.01 101.26 112.19
C UNK A 117 75.42 100.57 110.92
N UNK A 118 74.97 101.06 109.76
CA UNK A 118 75.50 100.55 108.49
C UNK A 118 76.99 100.88 108.36
N UNK A 119 77.37 102.09 108.77
CA UNK A 119 78.78 102.45 108.80
C UNK A 119 79.53 101.64 109.83
N UNK A 120 78.85 101.27 110.91
CA UNK A 120 79.45 100.39 111.91
C UNK A 120 79.72 99.02 111.33
N UNK A 121 78.66 98.34 110.85
CA UNK A 121 78.77 96.96 110.35
C UNK A 121 79.61 96.85 109.11
N UNK A 122 79.94 97.97 108.46
CA UNK A 122 81.09 98.02 107.57
C UNK A 122 82.38 98.16 108.39
N UNK A 123 82.70 97.13 109.16
CA UNK A 123 83.98 97.11 109.88
C UNK A 123 84.87 95.88 109.70
N UNK A 124 84.40 94.63 109.78
CA UNK A 124 83.04 94.05 109.91
C UNK A 124 82.88 92.89 110.92
N UNK A 125 83.26 93.07 112.19
CA UNK A 125 83.11 92.00 113.18
C UNK A 125 81.67 91.88 113.67
N UNK A 126 81.44 91.08 114.73
CA UNK A 126 80.11 90.75 115.23
C UNK A 126 79.87 91.11 116.70
N UNK A 127 80.92 91.38 117.46
CA UNK A 127 80.69 92.18 118.64
C UNK A 127 80.26 93.60 118.28
N UNK A 128 80.50 94.04 117.04
CA UNK A 128 79.79 95.20 116.52
C UNK A 128 78.29 94.94 116.43
N UNK A 129 77.85 93.68 116.26
CA UNK A 129 76.42 93.42 116.40
C UNK A 129 75.99 93.39 117.84
N UNK A 130 76.93 93.11 118.73
CA UNK A 130 76.67 93.42 120.13
C UNK A 130 76.79 94.92 120.44
N UNK A 131 77.30 95.71 119.51
CA UNK A 131 77.51 97.14 119.72
C UNK A 131 76.64 98.00 118.81
N UNK A 132 75.77 97.40 118.01
CA UNK A 132 74.88 98.15 117.15
C UNK A 132 73.80 98.89 117.93
N UNK A 133 73.63 98.59 119.21
CA UNK A 133 72.75 99.37 120.08
C UNK A 133 73.30 100.77 120.36
N UNK A 134 74.54 101.04 119.99
CA UNK A 134 75.02 102.42 119.97
C UNK A 134 74.21 103.28 119.01
N UNK A 135 73.81 102.71 117.88
CA UNK A 135 73.11 103.45 116.84
C UNK A 135 71.63 103.15 116.82
N UNK A 136 71.02 103.00 117.99
CA UNK A 136 69.57 102.86 118.06
C UNK A 136 69.05 103.66 119.25
N UNK A 137 96.74 110.83 124.35
CA UNK A 137 96.77 110.06 125.58
C UNK A 137 95.74 108.93 125.53
N UNK A 138 96.02 107.91 124.71
CA UNK A 138 95.07 106.83 124.53
C UNK A 138 95.16 105.83 125.67
N UNK A 139 94.12 105.00 125.78
CA UNK A 139 94.25 103.79 126.57
C UNK A 139 95.32 102.88 125.98
N UNK A 140 95.37 102.80 124.65
CA UNK A 140 96.43 102.11 123.96
C UNK A 140 97.77 102.80 124.08
N UNK A 141 97.81 104.08 124.48
CA UNK A 141 99.10 104.71 124.71
C UNK A 141 99.77 104.15 125.95
N UNK A 142 98.97 103.66 126.91
CA UNK A 142 99.53 102.91 128.02
C UNK A 142 100.25 101.66 127.52
N UNK A 143 99.68 101.01 126.51
CA UNK A 143 100.37 99.90 125.89
C UNK A 143 101.56 100.39 125.07
N UNK A 144 101.42 101.54 124.42
CA UNK A 144 102.47 102.06 123.56
C UNK A 144 103.69 102.53 124.34
N UNK A 145 103.53 102.74 125.64
CA UNK A 145 104.67 102.86 126.53
C UNK A 145 104.99 101.56 127.23
N UNK A 146 103.99 100.71 127.46
CA UNK A 146 104.17 99.53 128.29
C UNK A 146 104.91 98.43 127.55
N UNK A 147 104.45 98.10 126.35
CA UNK A 147 105.19 97.18 125.49
C UNK A 147 106.53 97.77 125.05
N UNK A 148 106.61 99.11 125.01
CA UNK A 148 107.89 99.76 124.76
C UNK A 148 108.87 99.48 125.89
N UNK A 149 108.40 99.58 127.14
CA UNK A 149 109.25 99.24 128.26
C UNK A 149 109.51 97.76 128.33
N UNK A 150 108.59 96.94 127.83
CA UNK A 150 108.76 95.50 127.90
C UNK A 150 109.60 94.94 126.76
N UNK A 151 109.78 95.68 125.69
CA UNK A 151 110.55 95.18 124.56
C UNK A 151 111.85 95.96 124.32
N UNK A 152 111.84 97.27 124.52
CA UNK A 152 113.03 98.09 124.37
C UNK A 152 113.83 98.20 125.65
N UNK A 153 113.72 97.21 126.53
CA UNK A 153 114.53 97.14 127.72
C UNK A 153 115.78 96.30 127.54
N UNK A 154 115.81 95.42 126.53
CA UNK A 154 117.02 94.68 126.25
C UNK A 154 118.12 95.60 125.76
N UNK A 155 117.76 96.70 125.10
CA UNK A 155 118.71 97.75 124.78
C UNK A 155 117.99 99.09 124.79
N UNK A 156 114.42 92.87 83.93
CA UNK A 156 113.23 92.03 84.05
C UNK A 156 112.18 92.71 84.92
N UNK A 157 112.55 93.80 85.55
CA UNK A 157 111.53 94.55 86.26
C UNK A 157 111.51 96.03 85.90
N UNK A 158 112.67 96.66 85.72
CA UNK A 158 112.68 98.12 85.68
C UNK A 158 112.39 98.67 84.29
N UNK A 159 113.36 98.51 83.38
CA UNK A 159 113.40 99.17 82.07
C UNK A 159 113.10 100.68 82.14
N UNK A 160 113.43 101.33 83.24
CA UNK A 160 112.91 102.65 83.51
C UNK A 160 113.85 103.71 82.99
N UNK A 161 113.30 104.67 82.26
CA UNK A 161 114.04 105.77 81.70
C UNK A 161 113.76 107.03 82.51
N UNK A 162 114.60 108.03 82.31
CA UNK A 162 114.55 109.24 83.12
C UNK A 162 114.39 110.45 82.21
N UNK A 163 114.30 111.61 82.85
CA UNK A 163 114.33 112.88 82.17
C UNK A 163 114.76 113.91 83.20
N UNK A 164 115.13 115.10 82.72
CA UNK A 164 115.55 116.17 83.61
C UNK A 164 114.59 117.34 83.60
N UNK A 165 114.34 117.94 82.43
CA UNK A 165 113.31 118.96 82.17
C UNK A 165 113.43 120.17 83.11
N UNK A 166 114.56 120.87 82.98
CA UNK A 166 114.84 122.02 83.82
C UNK A 166 114.50 123.31 83.08
N UNK A 167 114.38 124.39 83.87
CA UNK A 167 114.23 125.78 83.41
C UNK A 167 113.01 126.00 82.53
N UNK A 168 111.79 125.96 83.13
CA UNK A 168 111.51 125.83 84.56
C UNK A 168 110.32 124.92 84.88
N UNK A 169 109.51 124.60 83.87
CA UNK A 169 108.21 123.96 84.07
C UNK A 169 108.19 122.56 83.45
N UNK A 170 107.45 121.66 84.10
CA UNK A 170 107.53 120.23 83.83
C UNK A 170 106.76 119.85 82.58
N UNK A 171 106.86 118.58 82.20
CA UNK A 171 106.07 118.00 81.13
C UNK A 171 105.12 116.92 81.64
N UNK A 172 105.66 115.86 82.24
CA UNK A 172 104.88 114.66 82.51
C UNK A 172 105.66 113.79 83.49
N UNK A 173 104.98 112.78 84.01
CA UNK A 173 105.61 111.81 84.91
C UNK A 173 105.13 110.41 84.61
N UNK A 174 105.07 110.04 83.34
CA UNK A 174 104.20 108.93 82.96
C UNK A 174 104.88 107.59 83.22
N UNK A 175 104.09 106.52 83.17
CA UNK A 175 104.62 105.20 83.46
C UNK A 175 103.85 104.15 82.68
N UNK A 176 104.56 103.43 81.82
CA UNK A 176 103.94 102.37 81.05
C UNK A 176 104.06 101.08 81.85
N UNK A 177 102.92 100.55 82.31
CA UNK A 177 102.91 99.39 83.17
C UNK A 177 102.31 98.24 82.39
N UNK A 178 103.14 97.27 82.03
CA UNK A 178 102.66 96.12 81.30
C UNK A 178 102.18 95.07 82.29
N UNK A 179 101.00 94.52 82.04
CA UNK A 179 100.49 93.42 82.83
C UNK A 179 100.97 92.12 82.20
N UNK A 180 100.35 91.01 82.54
CA UNK A 180 100.82 89.68 82.16
C UNK A 180 100.74 89.45 80.64
N UNK A 181 101.19 88.27 80.25
CA UNK A 181 101.43 87.96 78.85
C UNK A 181 100.34 87.05 78.31
N UNK A 182 99.97 87.19 77.02
CA UNK A 182 100.32 88.26 76.07
C UNK A 182 99.13 88.45 75.13
N UNK A 183 99.38 89.15 74.03
CA UNK A 183 98.50 89.23 72.85
C UNK A 183 97.12 89.78 73.20
N UNK A 184 97.12 91.04 73.63
CA UNK A 184 95.90 91.69 74.05
C UNK A 184 96.08 93.19 73.86
N UNK A 185 95.19 93.97 74.46
CA UNK A 185 95.04 95.37 74.13
C UNK A 185 95.89 96.27 75.02
N UNK A 186 95.64 97.57 74.92
CA UNK A 186 96.26 98.56 75.76
C UNK A 186 95.17 99.47 76.30
N UNK A 187 95.47 100.11 77.42
CA UNK A 187 94.56 101.08 78.01
C UNK A 187 95.39 102.18 78.66
N UNK A 188 95.14 103.42 78.29
CA UNK A 188 95.92 104.55 78.75
C UNK A 188 95.13 105.29 79.83
N UNK A 189 95.28 104.84 81.06
CA UNK A 189 94.62 105.49 82.18
C UNK A 189 95.30 106.82 82.43
N UNK A 190 94.63 107.90 82.08
CA UNK A 190 95.10 109.23 82.46
C UNK A 190 94.60 109.48 83.87
N UNK A 191 95.45 109.23 84.84
CA UNK A 191 95.06 109.47 86.23
C UNK A 191 94.97 110.96 86.47
N UNK A 192 93.87 111.40 87.09
CA UNK A 192 93.80 112.77 87.59
C UNK A 192 94.86 112.92 88.66
N UNK A 193 94.65 112.28 89.80
CA UNK A 193 95.77 111.89 90.66
C UNK A 193 95.46 110.58 91.38
N UNK A 194 94.48 109.82 90.90
CA UNK A 194 93.50 109.12 91.74
C UNK A 194 94.04 108.13 92.78
N UNK A 195 94.61 107.01 92.34
CA UNK A 195 95.02 105.88 93.19
C UNK A 195 93.89 105.41 94.13
N UNK A 196 92.66 105.42 93.63
CA UNK A 196 91.54 104.83 94.35
C UNK A 196 90.87 103.72 93.58
N UNK A 197 90.52 103.96 92.32
CA UNK A 197 90.11 102.92 91.40
C UNK A 197 91.27 102.38 90.61
N UNK A 198 92.49 102.52 91.13
CA UNK A 198 93.66 102.01 90.45
C UNK A 198 93.61 100.50 90.35
N UNK A 199 93.24 99.84 91.44
CA UNK A 199 93.05 98.40 91.40
C UNK A 199 91.86 98.03 90.54
N UNK A 200 90.89 98.93 90.42
CA UNK A 200 89.72 98.67 89.58
C UNK A 200 90.11 98.64 88.12
N UNK A 201 90.84 99.66 87.67
CA UNK A 201 91.29 99.65 86.31
C UNK A 201 92.36 98.58 86.06
N UNK A 202 93.09 98.17 87.09
CA UNK A 202 94.03 97.06 86.91
C UNK A 202 93.29 95.76 86.68
N UNK A 203 92.21 95.53 87.43
CA UNK A 203 91.41 94.36 87.15
C UNK A 203 90.62 94.52 85.86
N UNK A 204 90.45 95.74 85.38
CA UNK A 204 89.86 95.92 84.06
C UNK A 204 90.86 95.53 82.97
N UNK A 205 92.10 95.97 83.12
CA UNK A 205 93.13 95.63 82.15
C UNK A 205 93.68 94.24 82.33
N UNK A 206 93.19 93.51 83.32
CA UNK A 206 93.46 92.08 83.40
C UNK A 206 92.95 91.34 82.18
N UNK A 207 91.91 91.85 81.53
CA UNK A 207 91.55 91.34 80.23
C UNK A 207 92.46 91.85 79.14
N UNK A 208 93.19 92.93 79.38
CA UNK A 208 94.06 93.55 78.39
C UNK A 208 95.50 93.05 78.54
N UNK A 209 96.46 93.76 77.93
CA UNK A 209 97.89 93.49 78.06
C UNK A 209 98.69 94.63 78.66
N UNK A 210 98.50 95.87 78.20
CA UNK A 210 99.42 96.93 78.57
C UNK A 210 98.66 98.16 79.01
N UNK A 211 98.84 98.57 80.27
CA UNK A 211 98.29 99.81 80.72
C UNK A 211 99.34 100.89 80.68
N UNK A 212 98.90 102.14 80.71
CA UNK A 212 99.82 103.27 80.75
C UNK A 212 99.20 104.36 81.61
N UNK A 213 99.88 104.71 82.70
CA UNK A 213 99.39 105.72 83.61
C UNK A 213 100.00 107.07 83.26
N UNK A 214 99.17 108.10 83.20
CA UNK A 214 99.64 109.45 82.90
C UNK A 214 99.92 110.19 84.20
N UNK A 215 101.21 110.34 84.50
CA UNK A 215 101.87 111.15 85.52
C UNK A 215 101.70 110.65 86.95
N UNK A 216 100.62 109.94 87.22
CA UNK A 216 100.49 108.85 88.18
C UNK A 216 100.79 109.12 89.65
N UNK A 217 101.75 109.99 89.96
CA UNK A 217 101.94 110.79 91.18
C UNK A 217 101.88 110.08 92.53
N UNK A 218 101.15 108.99 92.65
CA UNK A 218 101.17 108.13 93.81
C UNK A 218 100.94 106.70 93.37
N UNK A 219 100.26 106.56 92.25
CA UNK A 219 99.84 105.24 91.79
C UNK A 219 101.03 104.44 91.30
N UNK A 220 101.86 105.04 90.46
CA UNK A 220 103.09 104.40 90.05
C UNK A 220 104.06 104.27 91.20
N UNK A 221 103.98 105.17 92.18
CA UNK A 221 104.82 105.06 93.36
C UNK A 221 104.52 103.79 94.15
N UNK A 222 103.24 103.58 94.49
CA UNK A 222 102.85 102.37 95.20
C UNK A 222 103.01 101.13 94.33
N UNK A 223 102.79 101.28 93.01
CA UNK A 223 102.95 100.16 92.10
C UNK A 223 104.41 99.73 92.03
N UNK A 224 105.31 100.70 91.95
CA UNK A 224 106.74 100.40 91.93
C UNK A 224 107.18 99.85 93.27
N UNK A 225 106.57 100.33 94.35
CA UNK A 225 106.88 99.83 95.67
C UNK A 225 106.54 98.37 95.80
N UNK A 226 105.40 97.96 95.25
CA UNK A 226 105.08 96.54 95.24
C UNK A 226 106.02 95.78 94.31
N UNK A 227 106.23 96.32 93.11
CA UNK A 227 106.92 95.58 92.07
C UNK A 227 108.39 95.38 92.40
N UNK A 228 108.97 96.27 93.18
CA UNK A 228 110.37 96.13 93.52
C UNK A 228 110.58 95.06 94.57
N UNK A 229 109.99 95.26 95.73
CA UNK A 229 110.26 94.35 96.83
C UNK A 229 109.40 93.11 96.82
N UNK A 230 108.58 92.91 95.77
CA UNK A 230 107.68 91.76 95.70
C UNK A 230 108.39 90.42 95.73
N UNK A 231 109.20 90.13 94.72
CA UNK A 231 109.92 88.86 94.72
C UNK A 231 111.03 88.83 95.76
N UNK A 232 111.50 90.00 96.20
CA UNK A 232 112.50 90.09 97.24
C UNK A 232 111.97 89.56 98.56
N UNK A 233 110.99 90.25 99.11
CA UNK A 233 110.43 89.84 100.39
C UNK A 233 109.48 88.66 100.25
N UNK A 234 109.14 88.25 99.03
CA UNK A 234 108.20 87.18 98.81
C UNK A 234 108.72 85.84 99.31
N UNK A 235 110.03 85.68 99.34
CA UNK A 235 110.63 84.50 99.95
C UNK A 235 110.62 84.54 101.48
N UNK A 236 110.04 85.58 102.08
CA UNK A 236 109.79 85.62 103.51
C UNK A 236 108.31 85.45 103.84
N UNK A 237 107.43 86.21 103.16
CA UNK A 237 105.97 86.14 103.27
C UNK A 237 105.50 86.40 104.71
N UNK A 238 105.70 87.63 105.17
CA UNK A 238 105.47 87.99 106.56
C UNK A 238 104.34 88.99 106.69
N UNK A 239 103.85 89.15 107.94
CA UNK A 239 102.83 90.11 108.32
C UNK A 239 103.27 90.85 109.57
N UNK A 240 102.55 91.92 109.92
CA UNK A 240 103.09 92.80 110.94
C UNK A 240 101.96 93.46 111.72
N UNK A 241 102.35 94.39 112.60
CA UNK A 241 101.41 95.13 113.44
C UNK A 241 102.13 96.39 113.89
N UNK A 242 101.70 97.55 113.41
CA UNK A 242 102.45 98.79 113.56
C UNK A 242 101.71 99.73 114.50
N UNK A 243 102.30 100.00 115.66
CA UNK A 243 101.75 100.98 116.59
C UNK A 243 102.86 102.01 116.82
N UNK A 244 102.96 102.96 115.92
CA UNK A 244 104.13 103.83 115.83
C UNK A 244 103.87 105.14 116.57
N UNK A 245 104.81 105.53 117.43
CA UNK A 245 104.70 106.74 118.23
C UNK A 245 104.97 107.94 117.33
N UNK A 246 103.94 108.33 116.58
CA UNK A 246 104.12 109.27 115.48
C UNK A 246 104.37 110.68 116.02
N UNK A 247 105.64 110.94 116.34
CA UNK A 247 106.06 112.22 116.88
C UNK A 247 106.85 113.07 115.90
N UNK A 248 107.41 112.47 114.86
CA UNK A 248 108.09 113.21 113.80
C UNK A 248 107.16 113.42 112.62
N UNK A 249 105.89 113.71 112.91
CA UNK A 249 104.79 113.61 111.94
C UNK A 249 104.96 114.67 110.87
N UNK A 250 105.54 114.24 109.76
CA UNK A 250 105.78 115.05 108.58
C UNK A 250 105.68 114.08 107.41
N UNK A 251 106.26 114.45 106.28
CA UNK A 251 106.28 113.56 105.13
C UNK A 251 107.07 112.29 105.42
N UNK A 252 106.47 111.16 105.09
CA UNK A 252 107.17 109.89 105.19
C UNK A 252 107.93 109.65 103.88
N UNK A 253 108.42 108.43 103.68
CA UNK A 253 109.33 108.18 102.58
C UNK A 253 108.81 107.05 101.69
N UNK A 254 109.61 106.74 100.68
CA UNK A 254 109.23 105.85 99.59
C UNK A 254 110.49 105.15 99.10
N UNK A 255 110.44 104.61 97.89
CA UNK A 255 111.57 103.91 97.27
C UNK A 255 111.81 104.41 95.85
N UNK A 256 111.84 105.72 95.68
CA UNK A 256 112.13 106.31 94.37
C UNK A 256 113.59 106.11 94.00
N UNK A 257 110.21 107.63 118.70
CA UNK A 257 110.32 106.28 118.17
C UNK A 257 109.16 105.99 117.26
N UNK A 258 109.20 104.86 116.56
CA UNK A 258 108.06 104.40 115.77
C UNK A 258 107.99 102.88 115.91
N UNK A 259 107.15 102.40 116.81
CA UNK A 259 107.14 100.99 117.17
C UNK A 259 106.30 100.19 116.17
N UNK A 260 106.86 99.10 115.68
CA UNK A 260 106.12 98.15 114.87
C UNK A 260 106.66 96.77 115.19
N UNK A 261 105.77 95.88 115.59
CA UNK A 261 106.14 94.49 115.86
C UNK A 261 105.64 93.66 114.69
N UNK A 262 106.56 93.02 113.98
CA UNK A 262 106.22 92.15 112.88
C UNK A 262 106.18 90.71 113.37
N UNK A 263 105.16 89.98 112.95
CA UNK A 263 104.97 88.62 113.40
C UNK A 263 104.51 87.82 112.20
N UNK A 264 105.32 86.89 111.73
CA UNK A 264 104.91 86.03 110.64
C UNK A 264 103.88 85.06 111.18
N UNK A 265 102.60 85.46 111.13
CA UNK A 265 101.57 84.87 111.97
C UNK A 265 101.21 83.46 111.53
N UNK A 266 102.12 82.53 111.72
CA UNK A 266 101.92 81.18 111.29
C UNK A 266 102.12 80.16 112.40
N UNK A 267 103.11 80.35 113.27
CA UNK A 267 103.51 79.26 114.15
C UNK A 267 104.26 79.83 115.36
N UNK A 268 105.01 78.95 116.02
CA UNK A 268 105.82 79.23 117.21
C UNK A 268 107.29 78.96 116.88
N UNK A 269 108.25 79.61 117.56
CA UNK A 269 108.09 80.65 118.60
C UNK A 269 109.13 81.77 118.63
N UNK A 270 110.09 81.81 117.70
CA UNK A 270 111.29 82.61 117.90
C UNK A 270 111.00 84.11 117.76
N UNK A 271 111.74 84.92 118.53
CA UNK A 271 111.52 86.36 118.59
C UNK A 271 112.85 87.11 118.55
N UNK A 272 112.80 88.36 118.08
CA UNK A 272 113.99 89.21 118.02
C UNK A 272 113.58 90.67 118.15
N UNK A 273 114.58 91.56 118.17
CA UNK A 273 114.32 92.99 118.30
C UNK A 273 115.50 93.79 117.78
N UNK A 274 115.22 94.99 117.25
CA UNK A 274 116.24 95.91 116.77
C UNK A 274 115.65 97.31 116.66
N UNK A 275 116.51 98.28 116.29
CA UNK A 275 116.21 99.67 115.90
C UNK A 275 117.50 100.36 115.46
N UNK A 276 117.50 101.33 114.52
CA UNK A 276 116.41 101.76 113.63
C UNK A 276 116.98 102.29 112.30
N UNK A 277 117.16 101.43 111.29
CA UNK A 277 117.87 101.94 110.12
C UNK A 277 117.50 101.35 108.77
N UNK A 278 116.33 100.70 108.62
CA UNK A 278 115.80 100.17 107.36
C UNK A 278 116.63 99.08 106.68
N UNK A 279 117.77 98.71 107.25
CA UNK A 279 118.58 97.63 106.70
C UNK A 279 118.10 96.27 107.16
N UNK A 280 117.06 96.24 107.98
CA UNK A 280 116.64 95.04 108.65
C UNK A 280 115.81 94.14 107.80
N UNK A 281 115.84 94.27 106.48
CA UNK A 281 115.28 93.20 105.67
C UNK A 281 116.11 91.94 105.78
N UNK A 282 117.41 92.07 106.04
CA UNK A 282 118.24 90.90 106.30
C UNK A 282 117.89 90.28 107.65
N UNK A 283 117.71 91.10 108.67
CA UNK A 283 117.26 90.59 109.95
C UNK A 283 115.85 90.01 109.84
N UNK A 284 115.03 90.56 108.96
CA UNK A 284 113.71 90.01 108.70
C UNK A 284 113.81 88.67 108.00
N UNK A 285 114.82 88.50 107.15
CA UNK A 285 115.04 87.19 106.56
C UNK A 285 115.47 86.19 107.61
N UNK A 286 116.28 86.63 108.57
CA UNK A 286 116.66 85.76 109.68
C UNK A 286 115.45 85.40 110.52
N UNK A 287 114.56 86.36 110.77
CA UNK A 287 113.37 86.09 111.56
C UNK A 287 112.39 85.21 110.81
N UNK A 288 112.32 85.39 109.48
CA UNK A 288 111.42 84.55 108.68
C UNK A 288 111.96 83.14 108.59
N UNK A 289 113.27 82.97 108.70
CA UNK A 289 113.79 81.65 108.97
C UNK A 289 113.42 81.20 110.37
N UNK A 290 113.34 82.15 111.30
CA UNK A 290 113.33 81.81 112.71
C UNK A 290 111.96 81.38 113.23
N UNK A 291 110.86 81.96 112.70
CA UNK A 291 109.49 81.67 113.13
C UNK A 291 109.25 81.98 114.61
N UNK A 292 108.93 83.23 114.96
CA UNK A 292 108.17 84.08 114.05
C UNK A 292 108.36 85.61 114.00
N UNK A 293 109.00 86.24 114.98
CA UNK A 293 108.70 87.65 115.21
C UNK A 293 109.95 88.50 115.36
N UNK A 294 109.77 89.77 115.05
CA UNK A 294 110.81 90.77 115.19
C UNK A 294 110.18 92.10 115.57
N UNK A 295 110.67 92.72 116.62
CA UNK A 295 110.20 94.03 116.99
C UNK A 295 111.17 95.09 116.50
N UNK A 296 110.63 96.26 116.15
CA UNK A 296 111.49 97.35 115.76
C UNK A 296 110.84 98.65 116.18
N UNK A 297 111.67 99.67 116.37
CA UNK A 297 111.19 101.02 116.62
C UNK A 297 111.94 101.92 115.67
N UNK A 298 111.44 101.99 114.44
CA UNK A 298 112.10 102.69 113.36
C UNK A 298 111.61 104.14 113.29
N UNK A 299 112.05 104.84 112.25
CA UNK A 299 111.65 106.22 111.99
C UNK A 299 110.95 106.37 110.65
N UNK A 300 111.51 105.81 109.58
CA UNK A 300 110.83 105.82 108.28
C UNK A 300 111.02 104.50 107.56
N UNK A 301 111.11 103.40 108.30
CA UNK A 301 111.41 102.08 107.74
C UNK A 301 110.24 101.12 107.84
N UNK A 302 109.60 101.08 109.01
CA UNK A 302 108.51 100.14 109.24
C UNK A 302 107.30 100.46 108.37
N UNK A 303 107.11 101.73 108.04
CA UNK A 303 106.08 102.10 107.08
C UNK A 303 106.34 101.48 105.72
N UNK A 304 107.60 101.44 105.29
CA UNK A 304 107.91 100.82 104.01
C UNK A 304 107.73 99.31 104.07
N UNK A 305 108.09 98.71 105.21
CA UNK A 305 107.88 97.27 105.35
C UNK A 305 106.39 96.93 105.38
N UNK A 306 105.56 97.78 105.99
CA UNK A 306 104.13 97.54 105.99
C UNK A 306 103.51 97.78 104.63
N UNK A 307 104.04 98.74 103.88
CA UNK A 307 103.62 98.93 102.49
C UNK A 307 103.95 97.72 101.65
N UNK A 308 105.05 97.05 101.96
CA UNK A 308 105.35 95.80 101.28
C UNK A 308 104.38 94.71 101.71
N UNK A 309 104.07 94.65 103.00
CA UNK A 309 103.38 93.49 103.53
C UNK A 309 101.87 93.53 103.31
N UNK A 310 101.27 94.71 103.33
CA UNK A 310 99.83 94.81 103.12
C UNK A 310 99.47 94.93 101.65
N UNK A 311 100.35 94.50 100.76
CA UNK A 311 100.03 94.55 99.34
C UNK A 311 99.12 93.38 98.97
N UNK A 312 99.66 92.15 99.06
CA UNK A 312 98.99 90.91 98.67
C UNK A 312 98.34 91.00 97.29
N UNK A 313 99.04 91.68 96.37
CA UNK A 313 98.47 91.99 95.05
C UNK A 313 98.73 90.84 94.09
N UNK A 314 98.16 89.69 94.46
CA UNK A 314 98.09 88.56 93.56
C UNK A 314 96.84 88.61 92.71
N UNK A 315 96.33 89.82 92.43
CA UNK A 315 95.37 90.01 91.37
C UNK A 315 96.06 89.55 90.10
N UNK A 316 97.08 90.26 89.62
CA UNK A 316 98.08 89.52 88.86
C UNK A 316 99.52 89.78 89.24
N UNK A 317 100.02 90.96 88.84
CA UNK A 317 101.46 91.25 88.74
C UNK A 317 101.65 92.65 88.17
N UNK A 318 102.92 93.05 87.96
CA UNK A 318 103.25 94.17 87.08
C UNK A 318 104.72 94.03 86.68
N UNK A 319 105.01 94.32 85.42
CA UNK A 319 106.39 94.43 84.93
C UNK A 319 106.53 95.84 84.38
N UNK A 320 106.83 96.78 85.26
CA UNK A 320 106.60 98.17 84.98
C UNK A 320 107.69 98.76 84.08
N UNK A 321 107.49 100.01 83.70
CA UNK A 321 108.53 100.88 83.16
C UNK A 321 108.07 102.31 83.34
N UNK A 322 109.00 103.23 83.52
CA UNK A 322 108.65 104.58 83.89
C UNK A 322 109.36 105.60 83.02
N UNK A 323 108.87 106.83 83.07
CA UNK A 323 109.62 108.01 82.64
C UNK A 323 109.01 109.17 83.42
N UNK A 324 109.66 109.58 84.51
CA UNK A 324 108.93 110.32 85.52
C UNK A 324 109.42 111.76 85.73
N UNK A 325 110.67 111.95 86.11
CA UNK A 325 111.30 113.26 86.32
C UNK A 325 110.62 114.22 87.31
N UNK A 326 109.69 113.77 88.18
CA UNK A 326 109.01 114.74 89.05
C UNK A 326 108.31 114.09 90.25
N UNK A 327 108.34 114.82 91.36
CA UNK A 327 107.19 115.05 92.26
C UNK A 327 106.60 113.77 92.86
N UNK A 328 107.33 113.19 93.82
CA UNK A 328 106.77 112.08 94.61
C UNK A 328 107.34 112.09 96.03
N UNK A 329 106.57 112.57 97.02
CA UNK A 329 106.91 112.32 98.42
C UNK A 329 105.79 111.62 99.20
N UNK A 330 104.68 112.32 99.49
CA UNK A 330 103.31 111.86 99.77
C UNK A 330 103.10 110.52 100.47
N UNK A 331 103.63 110.29 101.68
CA UNK A 331 103.54 108.95 102.26
C UNK A 331 103.11 108.94 103.73
N UNK A 332 102.57 110.04 104.24
CA UNK A 332 102.05 110.10 105.59
C UNK A 332 100.53 109.92 105.62
N UNK A 333 100.00 109.13 104.71
CA UNK A 333 98.58 109.16 104.41
C UNK A 333 97.85 107.98 105.00
N UNK A 334 96.53 108.12 105.05
CA UNK A 334 95.64 107.09 105.55
C UNK A 334 94.34 107.18 104.76
N UNK A 335 93.78 106.03 104.35
CA UNK A 335 94.36 104.73 104.62
C UNK A 335 95.19 104.16 103.50
N UNK A 336 94.52 103.87 102.37
CA UNK A 336 95.05 103.16 101.20
C UNK A 336 95.67 101.81 101.55
N UNK A 337 95.39 101.29 102.73
CA UNK A 337 96.11 100.20 103.37
C UNK A 337 95.35 99.87 104.65
N UNK A 338 95.90 98.98 105.46
CA UNK A 338 95.28 98.65 106.73
C UNK A 338 96.37 98.19 107.70
N UNK A 339 95.94 97.79 108.90
CA UNK A 339 96.79 97.15 109.88
C UNK A 339 95.91 96.19 110.67
N UNK A 340 96.45 95.01 110.98
CA UNK A 340 95.62 93.92 111.48
C UNK A 340 95.19 94.18 112.91
N UNK A 341 96.13 94.26 113.83
CA UNK A 341 95.85 94.69 115.19
C UNK A 341 97.02 95.56 115.62
N UNK A 342 96.86 96.16 116.79
CA UNK A 342 97.83 97.08 117.40
C UNK A 342 98.20 98.20 116.43
N UNK A 343 97.18 98.92 115.99
CA UNK A 343 97.33 99.92 114.95
C UNK A 343 97.22 101.30 115.59
N UNK A 344 98.34 101.80 116.10
CA UNK A 344 98.36 103.09 116.80
C UNK A 344 99.44 103.97 116.21
N UNK A 345 99.11 104.65 115.13
CA UNK A 345 99.91 105.72 114.60
C UNK A 345 99.23 107.01 115.01
N UNK A 346 99.90 107.83 115.81
CA UNK A 346 99.29 109.04 116.32
C UNK A 346 99.22 110.12 115.24
N UNK A 347 98.62 111.25 115.59
CA UNK A 347 98.54 112.37 114.66
C UNK A 347 98.37 113.65 115.47
N UNK A 348 99.47 114.39 115.66
CA UNK A 348 99.52 115.68 116.37
C UNK A 348 98.88 115.58 117.75
N UNK A 349 99.44 114.69 118.56
CA UNK A 349 98.93 114.29 119.88
C UNK A 349 97.50 113.76 119.80
N UNK A 350 97.27 112.81 118.89
CA UNK A 350 95.99 112.14 118.79
C UNK A 350 95.82 111.12 119.91
N UNK A 351 37.93 65.19 132.73
CA UNK A 351 37.07 65.68 133.78
C UNK A 351 35.60 65.64 133.42
N UNK A 352 25.71 71.85 134.69
CA UNK A 352 24.90 72.66 133.79
C UNK A 352 23.75 71.85 133.20
N UNK A 353 23.56 71.98 131.89
CA UNK A 353 22.32 71.64 131.20
C UNK A 353 21.13 72.26 131.92
N UNK A 354 21.14 73.58 131.95
CA UNK A 354 20.10 74.34 132.62
C UNK A 354 18.89 74.47 131.72
N UNK A 355 17.70 74.29 132.30
CA UNK A 355 16.46 74.41 131.56
C UNK A 355 15.91 75.84 131.58
N UNK A 356 15.61 76.36 132.77
CA UNK A 356 14.92 77.65 132.91
C UNK A 356 15.48 78.49 134.05
N UNK A 357 16.81 78.62 134.11
CA UNK A 357 17.49 79.21 135.25
C UNK A 357 18.17 80.51 134.82
N UNK A 358 19.17 80.95 135.60
CA UNK A 358 19.86 82.23 135.49
C UNK A 358 20.39 82.65 134.12
N UNK A 359 20.38 81.73 133.13
CA UNK A 359 20.42 82.06 131.71
C UNK A 359 21.71 82.69 131.16
N UNK A 360 22.73 81.86 130.98
CA UNK A 360 23.80 82.07 129.99
C UNK A 360 24.78 83.21 130.32
N UNK A 361 25.36 83.13 131.51
CA UNK A 361 26.70 83.67 131.74
C UNK A 361 27.51 82.52 132.32
N UNK A 362 26.83 81.70 133.12
CA UNK A 362 27.38 80.41 133.51
C UNK A 362 27.56 79.51 132.30
N UNK A 363 26.77 79.70 131.25
CA UNK A 363 27.02 78.98 130.01
C UNK A 363 28.33 79.41 129.37
N UNK A 364 28.64 80.70 129.40
CA UNK A 364 29.94 81.15 128.92
C UNK A 364 31.05 80.56 129.77
N UNK A 365 30.81 80.45 131.07
CA UNK A 365 31.76 79.78 131.94
C UNK A 365 31.92 78.31 131.59
N UNK A 366 30.85 77.64 131.18
CA UNK A 366 30.96 76.23 130.83
C UNK A 366 31.70 76.06 129.52
N UNK A 367 31.48 76.97 128.57
CA UNK A 367 32.21 76.93 127.31
C UNK A 367 33.69 77.15 127.55
N UNK A 368 34.03 78.08 128.41
CA UNK A 368 35.44 78.28 128.74
C UNK A 368 35.99 77.12 129.53
N UNK A 369 35.16 76.46 130.33
CA UNK A 369 35.61 75.31 131.10
C UNK A 369 36.00 74.16 130.17
N UNK A 370 35.14 73.84 129.21
CA UNK A 370 35.51 72.77 128.29
C UNK A 370 36.62 73.20 127.34
N UNK A 371 36.72 74.51 127.06
CA UNK A 371 37.82 75.01 126.26
C UNK A 371 39.15 74.79 126.95
N UNK A 372 39.20 75.05 128.24
CA UNK A 372 40.40 74.73 128.99
C UNK A 372 40.51 73.25 129.27
N UNK A 373 39.43 72.50 129.11
CA UNK A 373 39.53 71.07 129.25
C UNK A 373 40.09 70.41 128.00
N UNK A 374 40.08 71.09 126.87
CA UNK A 374 40.69 70.48 125.69
C UNK A 374 42.19 70.75 125.66
N UNK A 375 42.60 72.02 125.47
CA UNK A 375 44.02 72.37 125.43
C UNK A 375 44.23 73.86 125.61
N UNK A 376 44.79 74.29 126.74
CA UNK A 376 45.40 75.62 126.84
C UNK A 376 46.51 75.55 127.87
N UNK A 377 47.72 75.20 127.43
CA UNK A 377 48.82 74.86 128.34
C UNK A 377 50.15 74.65 127.62
N UNK A 378 51.10 74.03 128.35
CA UNK A 378 52.21 73.13 127.97
C UNK A 378 53.59 73.68 127.59
N UNK A 379 53.83 74.98 127.54
CA UNK A 379 55.08 75.63 127.98
C UNK A 379 56.42 74.87 127.88
N UNK A 380 56.72 74.26 126.74
CA UNK A 380 57.92 73.43 126.60
C UNK A 380 59.17 74.27 126.34
N UNK A 381 60.28 73.64 125.91
CA UNK A 381 61.46 74.44 125.58
C UNK A 381 62.27 73.79 124.45
N UNK A 382 61.90 74.12 123.20
CA UNK A 382 62.85 74.13 122.10
C UNK A 382 62.62 75.26 121.11
N UNK A 383 61.36 75.52 120.78
CA UNK A 383 61.02 76.17 119.52
C UNK A 383 59.72 76.95 119.67
N UNK A 384 59.55 77.94 118.80
CA UNK A 384 58.54 78.97 119.00
C UNK A 384 57.86 79.32 117.67
N UNK A 385 57.15 80.45 117.66
CA UNK A 385 56.41 80.90 116.48
C UNK A 385 56.46 82.42 116.24
N UNK A 386 57.22 83.18 117.01
CA UNK A 386 57.22 84.64 116.89
C UNK A 386 58.62 85.16 117.14
N UNK A 387 59.34 85.47 116.06
CA UNK A 387 60.78 85.72 116.10
C UNK A 387 61.12 87.06 115.46
N UNK A 388 60.43 88.12 115.85
CA UNK A 388 60.85 89.47 115.49
C UNK A 388 61.86 89.97 116.51
N UNK A 389 63.04 89.36 116.49
CA UNK A 389 64.05 89.50 117.53
C UNK A 389 65.35 90.07 116.99
N UNK A 390 65.23 90.99 116.03
CA UNK A 390 66.29 91.94 115.76
C UNK A 390 66.03 93.26 116.47
N UNK A 391 65.37 93.19 117.62
CA UNK A 391 65.17 94.34 118.49
C UNK A 391 65.27 93.83 119.91
N UNK A 392 66.23 94.35 120.68
CA UNK A 392 66.55 93.80 122.00
C UNK A 392 66.94 94.91 122.96
N UNK A 393 65.98 95.37 123.76
CA UNK A 393 66.24 96.34 124.83
C UNK A 393 65.71 95.84 126.18
N UNK A 394 65.60 94.53 126.33
CA UNK A 394 64.96 93.87 127.46
C UNK A 394 65.99 93.02 128.20
N UNK A 395 65.53 92.18 129.13
CA UNK A 395 66.44 91.40 129.95
C UNK A 395 65.90 90.01 130.24
N UNK A 396 66.62 88.97 129.81
CA UNK A 396 66.34 87.59 130.18
C UNK A 396 67.16 87.25 131.41
N UNK A 397 67.11 86.00 131.87
CA UNK A 397 68.00 85.58 132.96
C UNK A 397 68.91 84.43 132.56
N UNK A 398 68.37 83.32 132.07
CA UNK A 398 69.17 82.12 131.87
C UNK A 398 68.87 81.53 130.50
N UNK A 399 69.54 80.42 130.21
CA UNK A 399 69.35 79.68 128.97
C UNK A 399 69.86 78.27 129.19
N UNK A 400 70.02 77.53 128.11
CA UNK A 400 70.58 76.18 128.15
C UNK A 400 71.16 75.90 126.77
N UNK A 401 71.56 74.64 126.54
CA UNK A 401 72.20 74.25 125.29
C UNK A 401 72.19 72.73 125.20
N UNK A 402 72.63 72.23 124.04
CA UNK A 402 72.85 70.82 123.83
C UNK A 402 73.72 70.64 122.60
N UNK A 403 73.82 69.40 122.14
CA UNK A 403 74.31 69.01 120.83
C UNK A 403 73.56 67.73 120.47
N UNK A 404 74.08 66.97 119.53
CA UNK A 404 73.46 65.71 119.17
C UNK A 404 74.30 64.53 119.66
N UNK A 405 74.86 64.66 120.85
CA UNK A 405 75.99 63.83 121.25
C UNK A 405 75.97 63.63 122.76
N UNK A 406 77.12 63.22 123.32
CA UNK A 406 77.28 62.90 124.72
C UNK A 406 78.76 63.03 125.11
N UNK A 407 79.06 63.42 126.36
CA UNK A 407 78.15 63.96 127.40
C UNK A 407 78.70 65.06 128.33
N UNK A 408 79.85 65.70 128.04
CA UNK A 408 80.49 66.58 129.03
C UNK A 408 79.68 67.86 129.24
N UNK A 409 80.11 68.73 130.16
CA UNK A 409 79.28 69.88 130.51
C UNK A 409 80.07 71.00 131.18
N UNK A 410 79.50 72.21 131.09
CA UNK A 410 80.03 73.40 131.75
C UNK A 410 78.91 74.42 131.97
N UNK A 411 79.25 75.48 132.68
CA UNK A 411 78.29 76.53 132.99
C UNK A 411 79.02 77.84 133.28
N UNK A 412 78.39 78.95 132.89
CA UNK A 412 79.01 80.27 132.91
C UNK A 412 77.94 81.32 133.14
N UNK A 413 78.37 82.55 133.48
CA UNK A 413 77.42 83.64 133.72
C UNK A 413 78.13 84.99 133.64
N UNK A 414 77.75 85.81 132.67
CA UNK A 414 78.20 87.21 132.54
C UNK A 414 77.21 87.92 131.62
N UNK A 415 77.63 89.03 131.01
CA UNK A 415 76.96 89.53 129.83
C UNK A 415 77.34 88.67 128.62
N UNK A 416 76.92 89.04 127.41
CA UNK A 416 76.96 88.10 126.30
C UNK A 416 78.27 88.14 125.52
N UNK A 417 78.31 87.33 124.46
CA UNK A 417 79.15 87.36 123.26
C UNK A 417 80.56 86.83 123.48
N UNK A 418 80.99 86.58 124.70
CA UNK A 418 82.14 85.72 124.86
C UNK A 418 81.76 84.27 124.77
N UNK A 419 80.47 84.00 124.76
CA UNK A 419 79.94 82.65 124.89
C UNK A 419 80.25 81.80 123.68
N UNK A 420 80.52 82.41 122.52
CA UNK A 420 80.75 81.61 121.33
C UNK A 420 82.05 80.83 121.43
N UNK A 421 83.06 81.41 122.06
CA UNK A 421 84.33 80.71 122.21
C UNK A 421 84.18 79.52 123.14
N UNK A 422 83.49 79.72 124.26
CA UNK A 422 83.23 78.60 125.15
C UNK A 422 82.29 77.59 124.51
N UNK A 423 81.42 78.05 123.62
CA UNK A 423 80.51 77.15 122.93
C UNK A 423 81.27 76.23 122.00
N UNK A 424 82.20 76.79 121.25
CA UNK A 424 83.01 75.94 120.39
C UNK A 424 83.96 75.10 121.21
N UNK A 425 84.35 75.58 122.40
CA UNK A 425 85.13 74.73 123.29
C UNK A 425 84.32 73.53 123.74
N UNK A 426 83.03 73.75 124.03
CA UNK A 426 82.20 72.65 124.47
C UNK A 426 81.90 71.69 123.33
N UNK A 427 81.67 72.23 122.14
CA UNK A 427 81.43 71.37 120.99
C UNK A 427 82.68 70.60 120.60
N UNK A 428 83.86 71.17 120.87
CA UNK A 428 85.08 70.41 120.73
C UNK A 428 85.21 69.37 121.80
N UNK A 429 84.70 69.65 122.98
CA UNK A 429 84.69 68.64 124.03
C UNK A 429 83.57 67.62 123.87
N UNK A 430 82.69 67.81 122.89
CA UNK A 430 81.51 66.97 122.62
C UNK A 430 80.59 66.93 123.83
N UNK A 431 80.00 68.08 124.11
CA UNK A 431 79.48 68.37 125.44
C UNK A 431 78.09 68.97 125.32
N UNK A 432 77.62 69.54 126.42
CA UNK A 432 76.33 70.22 126.48
C UNK A 432 76.44 71.32 127.53
N UNK A 433 76.51 72.56 127.08
CA UNK A 433 76.81 73.66 127.97
C UNK A 433 75.54 74.20 128.61
N UNK A 434 75.70 75.17 129.51
CA UNK A 434 74.59 76.01 129.92
C UNK A 434 75.07 77.45 129.97
N UNK A 435 74.25 78.34 130.52
CA UNK A 435 74.64 79.73 130.73
C UNK A 435 73.67 80.34 131.73
N UNK A 436 73.99 81.55 132.16
CA UNK A 436 73.04 82.33 132.95
C UNK A 436 73.32 83.80 132.65
N UNK A 437 72.59 84.34 131.69
CA UNK A 437 73.12 85.53 131.04
C UNK A 437 72.06 86.24 130.22
N UNK A 438 72.39 87.47 129.84
CA UNK A 438 71.60 88.28 128.92
C UNK A 438 72.22 88.21 127.54
N UNK A 439 71.35 88.23 126.52
CA UNK A 439 71.65 88.41 125.10
C UNK A 439 72.43 87.27 124.45
N UNK A 440 72.92 86.32 125.24
CA UNK A 440 73.37 85.07 124.67
C UNK A 440 72.18 84.29 124.10
N UNK A 441 71.04 84.38 124.78
CA UNK A 441 69.80 83.80 124.27
C UNK A 441 69.34 84.48 123.00
N UNK A 442 69.70 85.75 122.80
CA UNK A 442 69.46 86.37 121.51
C UNK A 442 70.36 85.76 120.45
N UNK A 443 71.64 85.62 120.80
CA UNK A 443 72.65 85.18 119.83
C UNK A 443 72.33 83.80 119.28
N UNK A 444 72.10 82.83 120.17
CA UNK A 444 71.92 81.46 119.72
C UNK A 444 70.60 81.30 118.98
N UNK A 445 69.56 81.98 119.45
CA UNK A 445 68.25 81.82 118.83
C UNK A 445 68.22 82.42 117.44
N UNK A 446 68.84 83.59 117.26
CA UNK A 446 68.90 84.13 115.91
C UNK A 446 69.85 83.35 115.04
N UNK A 447 70.82 82.67 115.62
CA UNK A 447 71.63 81.78 114.81
C UNK A 447 70.88 80.53 114.40
N UNK A 448 69.81 80.18 115.11
CA UNK A 448 69.01 79.01 114.78
C UNK A 448 67.86 79.30 113.84
N UNK A 449 67.99 80.30 112.98
CA UNK A 449 66.97 80.48 111.94
C UNK A 449 67.16 79.46 110.82
N UNK A 450 68.27 79.58 110.09
CA UNK A 450 68.61 78.75 108.92
C UNK A 450 67.44 78.57 107.94
N UNK A 451 66.91 79.71 107.47
CA UNK A 451 65.89 79.66 106.44
C UNK A 451 66.55 79.18 105.16
N UNK A 452 67.46 80.00 104.61
CA UNK A 452 68.47 79.62 103.60
C UNK A 452 67.91 78.83 102.43
N UNK A 453 66.65 79.09 102.11
CA UNK A 453 65.98 78.48 100.98
C UNK A 453 65.16 79.53 100.26
N UNK A 454 65.24 80.78 100.68
CA UNK A 454 65.07 81.79 99.68
C UNK A 454 66.33 81.61 98.87
N UNK A 455 67.46 81.98 99.47
CA UNK A 455 68.83 81.54 99.25
C UNK A 455 69.67 82.42 100.17
N UNK A 456 70.96 82.11 100.25
CA UNK A 456 71.86 82.96 101.01
C UNK A 456 72.21 84.19 100.20
N UNK A 457 72.17 85.35 100.83
CA UNK A 457 72.42 86.59 100.11
C UNK A 457 73.92 86.86 100.05
N UNK A 458 74.23 88.08 99.63
CA UNK A 458 75.59 88.62 99.68
C UNK A 458 75.42 90.12 99.83
N UNK A 459 75.68 90.62 101.02
CA UNK A 459 75.29 91.95 101.41
C UNK A 459 76.25 92.98 100.86
N UNK A 460 75.83 94.24 100.91
CA UNK A 460 76.69 95.40 100.74
C UNK A 460 75.95 96.58 101.33
N UNK A 461 76.63 97.38 102.11
CA UNK A 461 75.96 98.49 102.74
C UNK A 461 76.40 99.80 102.11
N UNK A 462 75.64 100.85 102.36
CA UNK A 462 76.04 102.19 101.93
C UNK A 462 75.33 103.19 102.83
N UNK A 463 76.06 103.81 103.74
CA UNK A 463 75.51 104.88 104.55
C UNK A 463 75.77 106.18 103.80
N UNK A 464 74.70 106.91 103.50
CA UNK A 464 74.82 108.20 102.83
C UNK A 464 75.22 109.29 103.81
N UNK A 465 75.03 110.55 103.42
CA UNK A 465 75.63 111.68 104.13
C UNK A 465 75.08 111.84 105.55
N UNK A 466 73.78 112.06 105.69
CA UNK A 466 73.24 112.44 106.99
C UNK A 466 72.29 111.40 107.59
N UNK A 467 71.21 111.05 106.91
CA UNK A 467 70.17 110.25 107.55
C UNK A 467 69.65 109.16 106.65
N UNK A 468 70.35 108.86 105.58
CA UNK A 468 69.96 107.77 104.68
C UNK A 468 70.97 106.66 104.84
N UNK A 469 70.49 105.45 104.98
CA UNK A 469 71.34 104.28 104.91
C UNK A 469 70.63 103.29 104.03
N UNK A 470 71.40 102.57 103.21
CA UNK A 470 70.83 101.62 102.28
C UNK A 470 71.58 100.32 102.38
N UNK A 471 70.86 99.22 102.17
CA UNK A 471 71.50 97.92 102.10
C UNK A 471 71.14 97.32 100.75
N UNK A 472 72.14 97.11 99.92
CA UNK A 472 71.92 96.38 98.70
C UNK A 472 72.38 94.94 98.93
N UNK A 473 71.88 94.03 98.10
CA UNK A 473 72.20 92.63 98.28
C UNK A 473 72.08 91.92 96.95
N UNK A 474 72.90 90.91 96.77
CA UNK A 474 72.73 90.02 95.63
C UNK A 474 72.45 88.62 96.16
N UNK A 475 72.10 87.71 95.28
CA UNK A 475 72.05 86.31 95.65
C UNK A 475 72.98 85.44 94.80
N UNK A 476 72.80 85.47 93.49
CA UNK A 476 73.61 84.73 92.54
C UNK A 476 73.62 85.54 91.25
N UNK A 477 73.93 84.89 90.14
CA UNK A 477 74.06 85.54 88.85
C UNK A 477 74.07 84.43 87.83
N UNK A 478 73.69 84.70 86.58
CA UNK A 478 73.09 85.90 86.00
C UNK A 478 71.62 85.93 86.26
N UNK A 479 70.90 86.63 85.37
CA UNK A 479 69.48 86.94 85.49
C UNK A 479 69.24 87.80 86.73
N UNK A 480 69.74 89.01 86.60
CA UNK A 480 69.72 90.05 87.62
C UNK A 480 68.34 90.67 87.77
N UNK A 481 68.30 91.92 88.23
CA UNK A 481 67.19 92.79 87.91
C UNK A 481 65.85 92.50 88.56
N UNK A 482 65.49 93.05 89.74
CA UNK A 482 66.09 94.05 90.68
C UNK A 482 64.95 94.20 91.69
N UNK A 483 65.12 95.02 92.72
CA UNK A 483 63.99 95.45 93.52
C UNK A 483 64.33 96.78 94.17
N UNK A 484 63.34 97.37 94.85
CA UNK A 484 63.56 98.57 95.65
C UNK A 484 62.44 98.64 96.70
N UNK A 485 62.77 98.26 97.92
CA UNK A 485 61.81 98.39 99.01
C UNK A 485 62.12 99.63 99.83
N UNK A 486 61.13 100.10 100.58
CA UNK A 486 61.31 101.31 101.39
C UNK A 486 60.32 101.32 102.54
N UNK A 487 60.80 101.09 103.76
CA UNK A 487 59.98 101.18 104.97
C UNK A 487 60.92 101.53 106.12
N UNK A 488 60.53 101.24 107.36
CA UNK A 488 61.47 101.35 108.46
C UNK A 488 61.41 100.12 109.36
N UNK A 489 61.41 98.94 108.77
CA UNK A 489 61.26 97.72 109.55
C UNK A 489 61.94 96.57 108.81
N UNK A 490 61.65 95.34 109.24
CA UNK A 490 62.36 94.15 108.80
C UNK A 490 61.42 93.03 108.38
N UNK A 491 60.30 93.36 107.77
CA UNK A 491 59.53 92.37 107.04
C UNK A 491 59.99 92.40 105.59
N UNK A 492 61.25 92.03 105.43
CA UNK A 492 61.93 92.15 104.16
C UNK A 492 62.30 90.82 103.55
N UNK A 493 62.42 89.76 104.36
CA UNK A 493 62.71 88.44 103.79
C UNK A 493 61.54 87.96 102.93
N UNK A 494 60.33 88.40 103.27
CA UNK A 494 59.15 88.07 102.48
C UNK A 494 59.26 88.62 101.07
N UNK A 495 59.65 89.89 100.92
CA UNK A 495 59.90 90.40 99.60
C UNK A 495 61.21 89.88 99.04
N UNK A 496 62.13 89.48 99.91
CA UNK A 496 63.42 89.02 99.43
C UNK A 496 63.34 87.67 98.79
N UNK A 497 62.33 86.87 99.11
CA UNK A 497 62.18 85.61 98.40
C UNK A 497 61.82 85.84 96.95
N UNK A 498 60.82 86.68 96.70
CA UNK A 498 60.49 87.01 95.32
C UNK A 498 61.57 87.85 94.67
N UNK A 499 62.42 88.50 95.45
CA UNK A 499 63.65 89.02 94.86
C UNK A 499 64.56 87.89 94.44
N UNK A 500 64.60 86.80 95.21
CA UNK A 500 65.45 85.66 94.89
C UNK A 500 64.79 84.71 93.92
N UNK A 501 63.68 85.12 93.31
CA UNK A 501 63.27 84.65 92.00
C UNK A 501 63.89 85.49 90.88
N UNK A 502 65.02 86.12 91.19
CA UNK A 502 65.85 86.95 90.33
C UNK A 502 67.23 86.96 90.99
N UNK A 503 68.01 88.03 90.79
CA UNK A 503 69.30 88.05 91.47
C UNK A 503 69.59 89.22 92.39
N UNK A 504 69.14 90.44 92.12
CA UNK A 504 69.58 91.57 92.93
C UNK A 504 68.41 92.21 93.66
N UNK A 505 68.69 92.79 94.82
CA UNK A 505 67.70 93.60 95.53
C UNK A 505 68.44 94.73 96.21
N UNK A 506 67.77 95.86 96.43
CA UNK A 506 68.43 97.00 97.05
C UNK A 506 67.44 97.70 97.97
N UNK A 507 67.41 97.32 99.23
CA UNK A 507 66.50 97.91 100.19
C UNK A 507 66.98 99.30 100.56
N UNK A 508 66.24 100.31 100.18
CA UNK A 508 66.69 101.70 100.28
C UNK A 508 66.18 102.37 101.55
N UNK A 509 66.46 101.74 102.68
CA UNK A 509 66.24 102.31 104.00
C UNK A 509 67.00 101.43 104.98
N UNK A 510 66.94 101.77 106.26
CA UNK A 510 67.86 101.19 107.22
C UNK A 510 67.20 100.31 108.26
N UNK A 511 66.23 100.85 109.00
CA UNK A 511 66.06 100.70 110.45
C UNK A 511 66.43 99.35 111.03
N UNK A 512 65.92 98.29 110.43
CA UNK A 512 66.21 96.95 110.93
C UNK A 512 66.60 96.03 109.80
N UNK A 513 67.21 96.58 108.74
CA UNK A 513 67.80 95.77 107.70
C UNK A 513 69.22 95.37 108.02
N UNK A 514 69.62 95.44 109.28
CA UNK A 514 70.82 94.78 109.73
C UNK A 514 70.57 93.33 110.06
N UNK A 515 69.32 92.89 110.03
CA UNK A 515 68.99 91.52 110.41
C UNK A 515 69.60 90.53 109.47
N UNK A 516 69.54 90.81 108.17
CA UNK A 516 70.13 89.89 107.21
C UNK A 516 71.64 89.89 107.29
N UNK A 517 72.22 91.02 107.69
CA UNK A 517 73.66 91.05 107.93
C UNK A 517 74.02 90.17 109.10
N UNK A 518 73.18 90.20 110.14
CA UNK A 518 73.40 89.32 111.28
C UNK A 518 73.25 87.86 110.90
N UNK A 519 72.28 87.56 110.05
CA UNK A 519 72.06 86.16 109.71
C UNK A 519 73.04 85.66 108.68
N UNK A 520 73.67 86.55 107.93
CA UNK A 520 74.56 86.12 106.87
C UNK A 520 76.01 86.10 107.30
N UNK A 521 76.42 87.05 108.12
CA UNK A 521 77.80 87.07 108.56
C UNK A 521 78.06 86.13 109.72
N UNK A 522 77.10 85.27 110.05
CA UNK A 522 77.26 84.34 111.14
C UNK A 522 77.30 82.90 110.66
N UNK A 523 77.15 82.66 109.36
CA UNK A 523 76.83 81.34 108.84
C UNK A 523 77.97 80.36 109.06
N UNK A 524 79.14 80.65 108.50
CA UNK A 524 80.23 79.70 108.62
C UNK A 524 80.79 79.65 110.03
N UNK A 525 80.81 80.79 110.72
CA UNK A 525 81.39 80.84 112.05
C UNK A 525 80.57 80.03 113.03
N UNK A 526 79.25 80.17 113.02
CA UNK A 526 78.40 79.34 113.86
C UNK A 526 78.05 78.04 113.19
N UNK A 527 78.60 77.78 112.00
CA UNK A 527 78.55 76.46 111.42
C UNK A 527 79.77 75.63 111.74
N UNK A 528 80.80 76.26 112.28
CA UNK A 528 81.92 75.51 112.83
C UNK A 528 81.47 74.60 113.96
N UNK A 529 80.60 75.10 114.83
CA UNK A 529 79.89 74.26 115.79
C UNK A 529 78.62 73.72 115.14
N UNK A 530 77.68 73.21 115.93
CA UNK A 530 76.42 72.75 115.33
C UNK A 530 75.20 73.53 115.80
N UNK A 531 74.87 73.51 117.10
CA UNK A 531 73.56 73.95 117.58
C UNK A 531 73.54 73.93 119.09
N UNK A 532 72.53 74.55 119.69
CA UNK A 532 72.29 74.39 121.12
C UNK A 532 70.89 73.88 121.51
N UNK A 533 69.86 74.66 121.16
CA UNK A 533 68.46 74.24 121.18
C UNK A 533 67.92 73.84 122.56
N UNK A 534 67.95 74.77 123.52
CA UNK A 534 67.16 74.72 124.76
C UNK A 534 67.11 76.04 125.48
N UNK A 535 65.93 76.61 125.71
CA UNK A 535 65.80 77.95 126.26
C UNK A 535 65.05 77.93 127.58
N UNK A 536 65.49 78.73 128.53
CA UNK A 536 64.81 78.86 129.82
C UNK A 536 64.34 80.30 129.97
N UNK A 537 63.85 80.62 131.15
CA UNK A 537 63.18 81.90 131.36
C UNK A 537 63.85 82.69 132.46
N UNK A 538 63.29 83.86 132.70
CA UNK A 538 63.52 84.54 133.96
C UNK A 538 62.41 84.14 134.91
N UNK A 539 62.80 83.45 135.99
CA UNK A 539 61.81 82.80 136.84
C UNK A 539 61.01 83.80 137.67
N UNK A 540 61.56 84.96 137.93
CA UNK A 540 60.83 85.98 138.67
C UNK A 540 60.07 86.85 137.68
N UNK A 541 59.56 87.99 138.16
CA UNK A 541 58.77 88.89 137.33
C UNK A 541 59.69 89.71 136.43
N UNK A 542 59.63 89.43 135.13
CA UNK A 542 60.43 90.13 134.11
C UNK A 542 59.66 90.04 132.80
N UNK A 543 60.28 90.51 131.71
CA UNK A 543 59.66 90.33 130.39
C UNK A 543 60.75 90.25 129.33
N UNK A 544 61.20 89.02 129.06
CA UNK A 544 62.01 88.65 127.88
C UNK A 544 62.04 87.13 127.82
N UNK A 545 62.89 86.63 126.95
CA UNK A 545 62.95 85.23 126.56
C UNK A 545 61.57 84.75 126.15
N UNK A 546 60.99 85.46 125.20
CA UNK A 546 59.65 85.14 124.72
C UNK A 546 59.71 83.96 123.77
N UNK A 547 58.75 83.06 123.92
CA UNK A 547 58.60 81.91 123.03
C UNK A 547 57.11 81.71 122.83
N UNK A 548 56.74 80.69 122.05
CA UNK A 548 55.35 80.60 121.62
C UNK A 548 54.87 79.15 121.67
N UNK A 549 53.75 78.90 121.03
CA UNK A 549 52.72 77.99 121.54
C UNK A 549 52.16 77.16 120.40
N UNK A 550 50.97 76.63 120.65
CA UNK A 550 50.22 75.80 119.72
C UNK A 550 48.74 76.14 119.85
N UNK A 551 47.91 75.55 118.98
CA UNK A 551 46.50 75.90 118.92
C UNK A 551 45.57 74.75 119.31
N UNK A 552 45.64 73.63 118.61
CA UNK A 552 45.02 72.35 118.99
C UNK A 552 43.52 72.31 119.28
N UNK A 553 42.63 72.44 118.29
CA UNK A 553 42.85 73.03 116.99
C UNK A 553 41.78 74.06 116.78
N UNK A 554 40.56 73.62 117.01
CA UNK A 554 39.39 74.47 116.90
C UNK A 554 39.11 75.11 118.23
N UNK A 555 37.96 75.74 118.37
CA UNK A 555 37.50 76.12 119.68
C UNK A 555 36.35 75.24 120.12
N UNK A 556 36.38 73.97 119.68
CA UNK A 556 35.72 72.85 120.35
C UNK A 556 34.20 73.00 120.39
N UNK A 557 33.58 72.84 119.23
CA UNK A 557 32.12 72.86 119.16
C UNK A 557 31.50 71.72 119.96
N UNK A 558 30.42 72.01 120.68
CA UNK A 558 29.78 71.04 121.55
C UNK A 558 28.27 71.17 121.45
N UNK A 559 27.59 70.09 121.07
CA UNK A 559 26.14 70.15 121.09
C UNK A 559 25.66 69.83 122.49
N UNK A 560 24.35 69.91 122.71
CA UNK A 560 23.78 69.55 124.00
C UNK A 560 22.32 69.21 123.73
N UNK A 561 22.00 67.93 123.68
CA UNK A 561 20.69 67.51 123.20
C UNK A 561 19.82 67.15 124.39
N UNK A 562 18.91 68.05 124.76
CA UNK A 562 17.96 67.69 125.77
C UNK A 562 16.91 66.81 125.12
N UNK A 563 16.86 65.55 125.51
CA UNK A 563 15.88 64.61 124.93
C UNK A 563 14.56 64.82 125.67
N UNK A 564 13.67 65.57 125.06
CA UNK A 564 12.55 66.18 125.77
C UNK A 564 11.46 65.16 126.03
N UNK A 565 11.61 64.41 127.10
CA UNK A 565 10.47 63.72 127.67
C UNK A 565 10.22 64.12 129.12
N UNK A 566 11.19 63.95 130.00
CA UNK A 566 10.88 63.73 131.40
C UNK A 566 12.13 63.88 132.24
N UNK A 567 12.07 63.34 133.46
CA UNK A 567 13.15 63.30 134.42
C UNK A 567 13.78 61.91 134.45
N UNK A 568 15.08 61.80 134.77
CA UNK A 568 16.04 62.89 134.97
C UNK A 568 17.46 62.74 134.40
N UNK A 569 17.95 61.51 134.20
CA UNK A 569 19.39 61.26 134.11
C UNK A 569 19.99 61.83 132.83
N UNK A 570 21.32 61.88 132.80
CA UNK A 570 22.00 62.68 131.78
C UNK A 570 23.32 62.03 131.40
N UNK A 571 23.42 61.56 130.16
CA UNK A 571 24.63 60.93 129.67
C UNK A 571 25.43 61.89 128.81
N UNK A 572 26.76 61.79 128.88
CA UNK A 572 27.63 62.74 128.19
C UNK A 572 28.65 61.98 127.34
N UNK A 573 28.45 62.00 126.03
CA UNK A 573 29.35 61.36 125.09
C UNK A 573 30.31 62.39 124.54
N UNK A 574 31.61 62.15 124.73
CA UNK A 574 32.58 62.82 123.89
C UNK A 574 32.73 62.02 122.61
N UNK A 575 33.03 62.69 121.52
CA UNK A 575 33.07 61.93 120.27
C UNK A 575 34.37 62.11 119.54
N UNK A 576 34.44 61.59 118.32
CA UNK A 576 35.64 61.64 117.52
C UNK A 576 35.34 62.29 116.19
N UNK A 577 34.66 63.43 116.25
CA UNK A 577 34.14 64.17 115.10
C UNK A 577 33.34 63.26 114.16
N UNK A 578 32.27 62.70 114.70
CA UNK A 578 31.45 61.78 113.96
C UNK A 578 30.05 61.77 114.54
N UNK A 579 29.12 61.23 113.77
CA UNK A 579 27.70 61.41 114.02
C UNK A 579 26.96 60.10 113.95
N UNK A 580 27.57 59.02 114.40
CA UNK A 580 26.85 57.80 114.73
C UNK A 580 26.53 57.80 116.22
N UNK A 581 25.74 58.80 116.60
CA UNK A 581 25.31 58.98 117.96
C UNK A 581 23.81 58.85 118.09
N UNK A 582 23.12 58.49 117.02
CA UNK A 582 21.70 58.20 117.16
C UNK A 582 21.48 56.96 117.98
N UNK A 583 22.43 56.02 117.95
CA UNK A 583 22.35 54.85 118.81
C UNK A 583 22.44 55.25 120.26
N UNK A 584 23.32 56.18 120.57
CA UNK A 584 23.37 56.62 121.95
C UNK A 584 22.17 57.49 122.29
N UNK A 585 21.58 58.18 121.30
CA UNK A 585 20.36 58.95 121.57
C UNK A 585 19.22 58.06 121.97
N UNK A 586 19.04 56.97 121.23
CA UNK A 586 18.01 56.02 121.63
C UNK A 586 18.40 55.24 122.86
N UNK A 587 19.68 55.18 123.20
CA UNK A 587 20.03 54.62 124.49
C UNK A 587 19.58 55.54 125.60
N UNK A 588 19.88 56.83 125.46
CA UNK A 588 19.57 57.78 126.51
C UNK A 588 18.13 58.21 126.51
N UNK A 589 17.32 57.76 125.55
CA UNK A 589 15.88 57.94 125.68
C UNK A 589 15.27 57.09 126.79
N UNK A 590 16.03 56.23 127.46
CA UNK A 590 15.67 55.86 128.82
C UNK A 590 15.56 57.10 129.69
N UNK A 591 16.58 57.95 129.64
CA UNK A 591 16.76 59.08 130.53
C UNK A 591 16.24 60.40 129.97
N UNK A 592 16.79 61.51 130.46
CA UNK A 592 16.41 62.85 130.06
C UNK A 592 17.37 63.56 129.12
N UNK A 593 18.65 63.68 129.44
CA UNK A 593 19.48 64.66 128.74
C UNK A 593 20.79 64.07 128.26
N UNK A 594 21.12 64.28 126.98
CA UNK A 594 22.39 63.84 126.42
C UNK A 594 23.23 65.07 126.16
N UNK A 595 24.54 64.93 126.28
CA UNK A 595 25.47 66.01 125.96
C UNK A 595 26.62 65.41 125.16
N UNK A 596 26.69 65.73 123.87
CA UNK A 596 27.75 65.25 123.01
C UNK A 596 28.68 66.41 122.67
N UNK A 597 29.99 66.17 122.71
CA UNK A 597 30.94 67.29 122.58
C UNK A 597 31.85 67.18 121.34
N UNK A 598 31.37 67.66 120.18
CA UNK A 598 31.98 67.40 118.88
C UNK A 598 31.27 68.24 117.83
N UNK A 599 31.67 68.08 116.56
CA UNK A 599 31.24 69.01 115.51
C UNK A 599 30.94 68.30 114.19
N UNK A 600 30.51 67.06 114.24
CA UNK A 600 29.96 66.44 113.07
C UNK A 600 28.57 65.96 113.30
N UNK A 601 28.20 65.76 114.54
CA UNK A 601 26.81 65.63 114.89
C UNK A 601 26.05 66.88 114.52
N UNK A 602 26.60 68.05 114.91
CA UNK A 602 25.80 69.25 115.19
C UNK A 602 24.94 69.67 114.02
N UNK A 603 25.47 69.53 112.81
CA UNK A 603 24.74 69.89 111.61
C UNK A 603 23.51 69.00 111.42
N UNK A 604 23.72 67.70 111.28
CA UNK A 604 22.60 66.83 110.97
C UNK A 604 21.71 66.64 112.17
N UNK A 605 22.27 66.73 113.37
CA UNK A 605 21.44 66.65 114.56
C UNK A 605 20.49 67.83 114.65
N UNK A 606 20.99 69.04 114.38
CA UNK A 606 20.10 70.19 114.42
C UNK A 606 19.12 70.16 113.28
N UNK A 607 19.56 69.78 112.08
CA UNK A 607 18.63 69.79 110.96
C UNK A 607 17.66 68.65 111.00
N UNK A 608 17.87 67.65 111.85
CA UNK A 608 16.82 66.67 112.05
C UNK A 608 15.90 67.09 113.17
N UNK A 609 16.44 67.68 114.22
CA UNK A 609 15.60 68.00 115.37
C UNK A 609 14.72 69.19 115.09
N UNK A 610 15.29 70.25 114.59
CA UNK A 610 14.53 71.46 114.35
C UNK A 610 13.79 71.43 113.05
N UNK A 611 13.62 70.28 112.46
CA UNK A 611 12.59 70.14 111.46
C UNK A 611 11.62 69.03 111.79
N UNK A 612 12.07 67.86 112.24
CA UNK A 612 11.22 66.67 112.31
C UNK A 612 10.15 66.74 113.36
N UNK A 613 10.11 67.79 114.16
CA UNK A 613 8.96 68.08 114.99
C UNK A 613 7.94 68.93 114.27
N UNK A 614 8.31 69.53 113.16
CA UNK A 614 7.40 70.44 112.51
C UNK A 614 7.28 70.19 111.01
N UNK A 615 7.97 69.18 110.48
CA UNK A 615 7.71 68.76 109.12
C UNK A 615 6.34 68.17 109.25
N UNK A 616 6.22 67.07 109.99
CA UNK A 616 5.07 66.72 110.85
C UNK A 616 3.72 66.81 110.14
N UNK A 617 3.72 66.82 108.82
CA UNK A 617 2.52 66.89 108.03
C UNK A 617 2.39 65.64 107.19
N UNK A 618 3.35 65.33 106.35
CA UNK A 618 3.24 64.10 105.59
C UNK A 618 4.51 63.31 105.45
N UNK A 619 5.69 63.90 105.71
CA UNK A 619 6.99 63.37 105.28
C UNK A 619 6.94 63.01 103.79
N UNK A 620 6.89 64.06 102.98
CA UNK A 620 6.79 63.98 101.53
C UNK A 620 7.86 63.10 100.92
N UNK A 621 7.44 62.00 100.30
CA UNK A 621 8.40 61.09 99.70
C UNK A 621 8.99 61.72 98.46
N UNK A 622 10.30 61.71 98.35
CA UNK A 622 10.96 62.58 97.40
C UNK A 622 11.27 61.85 96.12
N UNK A 623 11.78 62.61 95.14
CA UNK A 623 12.36 62.05 93.93
C UNK A 623 13.32 63.11 93.40
N UNK A 624 14.60 62.93 93.68
CA UNK A 624 15.57 63.95 93.44
C UNK A 624 15.91 64.04 91.96
N UNK A 625 16.32 65.23 91.50
CA UNK A 625 17.03 65.29 90.22
C UNK A 625 18.12 66.35 90.26
N UNK A 626 18.54 66.79 91.44
CA UNK A 626 19.40 67.95 91.60
C UNK A 626 20.78 67.64 91.05
N UNK A 627 21.15 68.26 89.94
CA UNK A 627 22.48 68.09 89.37
C UNK A 627 23.04 69.47 89.08
N UNK A 628 23.64 70.09 90.09
CA UNK A 628 23.97 71.49 89.98
C UNK A 628 24.96 72.01 91.02
N UNK A 629 25.01 73.33 91.12
CA UNK A 629 26.06 74.07 91.79
C UNK A 629 26.15 73.83 93.28
N UNK A 630 25.21 74.35 94.06
CA UNK A 630 25.45 74.45 95.49
C UNK A 630 24.76 73.36 96.28
N UNK A 631 24.51 72.22 95.65
CA UNK A 631 23.85 71.12 96.32
C UNK A 631 24.82 70.12 96.86
N UNK A 632 26.11 70.39 96.73
CA UNK A 632 27.14 69.55 97.32
C UNK A 632 27.74 70.15 98.57
N UNK A 633 27.84 71.48 98.65
CA UNK A 633 28.25 72.09 99.89
C UNK A 633 27.18 71.96 100.96
N UNK A 634 25.94 71.80 100.55
CA UNK A 634 24.91 71.06 101.28
C UNK A 634 24.55 71.66 102.63
N UNK A 635 24.87 72.91 102.88
CA UNK A 635 24.80 73.42 104.25
C UNK A 635 23.37 73.76 104.65
N UNK A 636 23.07 73.55 105.93
CA UNK A 636 21.75 73.88 106.43
C UNK A 636 21.76 74.53 107.81
N UNK A 637 22.92 74.69 108.43
CA UNK A 637 22.96 75.31 109.73
C UNK A 637 24.34 75.92 109.91
N UNK A 638 24.46 76.78 110.93
CA UNK A 638 25.62 77.61 111.26
C UNK A 638 26.15 78.38 110.07
N UNK A 639 25.31 78.61 109.06
CA UNK A 639 25.69 79.23 107.79
C UNK A 639 24.52 80.10 107.31
N UNK A 640 24.49 81.37 107.71
CA UNK A 640 25.26 81.91 108.84
C UNK A 640 24.29 82.51 109.84
N UNK A 641 23.38 83.33 109.35
CA UNK A 641 22.27 83.78 110.17
C UNK A 641 20.95 83.85 109.42
N UNK A 642 20.95 83.57 108.12
CA UNK A 642 19.69 83.36 107.41
C UNK A 642 19.04 82.13 107.98
N UNK A 643 17.79 82.25 108.40
CA UNK A 643 17.34 81.32 109.42
C UNK A 643 16.93 79.95 108.86
N UNK A 644 15.77 79.87 108.18
CA UNK A 644 15.20 78.65 107.59
C UNK A 644 15.06 77.45 108.54
N UNK A 645 15.32 77.70 109.81
CA UNK A 645 15.63 76.79 110.90
C UNK A 645 15.88 77.79 112.01
N UNK A 646 16.20 77.36 113.22
CA UNK A 646 16.13 78.31 114.32
C UNK A 646 17.19 77.97 115.36
N UNK A 647 16.97 78.46 116.56
CA UNK A 647 17.78 78.08 117.70
C UNK A 647 16.89 77.97 118.92
N UNK A 648 17.41 77.34 119.96
CA UNK A 648 16.59 76.99 121.12
C UNK A 648 17.40 77.13 122.40
N UNK A 649 17.32 78.31 123.00
CA UNK A 649 17.46 78.55 124.43
C UNK A 649 18.86 78.38 125.00
N UNK A 650 19.77 77.82 124.23
CA UNK A 650 21.19 77.83 124.56
C UNK A 650 21.89 77.66 123.22
N UNK A 651 22.29 78.78 122.64
CA UNK A 651 22.84 78.79 121.30
C UNK A 651 23.99 79.78 121.28
N UNK A 652 25.21 79.28 121.30
CA UNK A 652 26.40 80.12 121.22
C UNK A 652 27.14 79.72 119.96
N UNK A 653 26.88 80.43 118.87
CA UNK A 653 27.54 80.10 117.62
C UNK A 653 28.71 81.07 117.48
N UNK A 654 29.79 80.75 118.18
CA UNK A 654 30.84 81.74 118.43
C UNK A 654 32.00 81.59 117.46
N UNK A 655 32.54 82.73 117.04
CA UNK A 655 33.54 82.80 115.98
C UNK A 655 34.66 83.77 116.34
N UNK A 656 35.23 83.64 117.52
CA UNK A 656 36.10 84.70 118.05
C UNK A 656 37.34 84.09 118.69
N UNK A 657 38.03 84.91 119.50
CA UNK A 657 39.13 84.46 120.33
C UNK A 657 38.71 84.14 121.76
N UNK A 658 37.60 84.68 122.26
CA UNK A 658 37.05 84.25 123.54
C UNK A 658 35.61 83.76 123.44
N UNK A 659 34.73 84.56 122.81
CA UNK A 659 33.30 84.28 122.75
C UNK A 659 32.67 85.22 121.75
N UNK A 660 31.52 84.81 121.20
CA UNK A 660 30.91 85.55 120.11
C UNK A 660 29.43 85.17 120.00
N UNK A 661 28.88 85.32 118.79
CA UNK A 661 27.46 85.47 118.44
C UNK A 661 26.51 84.49 119.11
N UNK A 662 25.30 84.98 119.36
CA UNK A 662 24.24 84.23 119.99
C UNK A 662 22.96 84.38 119.16
N UNK A 663 22.00 83.45 119.36
CA UNK A 663 20.67 83.60 118.76
C UNK A 663 19.63 83.15 119.78
N UNK A 664 19.23 84.06 120.66
CA UNK A 664 18.33 83.77 121.77
C UNK A 664 17.80 85.06 122.35
N UNK A 665 17.19 84.99 123.53
CA UNK A 665 16.89 86.19 124.29
C UNK A 665 18.03 86.52 125.23
N UNK A 666 67.64 104.68 94.33
CA UNK A 666 66.70 104.62 93.23
C UNK A 666 67.37 103.99 92.03
N UNK A 667 68.58 104.46 91.74
CA UNK A 667 69.45 103.85 90.76
C UNK A 667 70.88 104.26 91.07
N UNK A 668 71.70 103.30 91.49
CA UNK A 668 73.01 103.59 92.05
C UNK A 668 73.89 102.36 91.93
N UNK A 669 75.20 102.56 91.97
CA UNK A 669 76.26 101.59 91.64
C UNK A 669 76.20 100.22 92.33
N UNK A 670 76.87 99.23 91.74
CA UNK A 670 76.97 97.88 92.25
C UNK A 670 78.37 97.61 92.80
N UNK A 671 78.45 96.79 93.84
CA UNK A 671 79.72 96.47 94.50
C UNK A 671 79.63 95.06 95.09
N UNK A 672 80.57 94.70 95.96
CA UNK A 672 80.57 93.37 96.58
C UNK A 672 80.49 93.39 98.10
N UNK A 673 81.42 94.08 98.78
CA UNK A 673 81.56 94.16 100.24
C UNK A 673 81.72 92.77 100.87
N UNK A 674 82.87 92.17 100.59
CA UNK A 674 83.22 90.81 100.99
C UNK A 674 83.20 90.64 102.51
N UNK A 675 83.03 89.39 102.94
CA UNK A 675 82.68 89.06 104.31
C UNK A 675 83.77 88.21 104.94
N UNK A 676 84.43 88.75 105.95
CA UNK A 676 85.37 88.02 106.78
C UNK A 676 84.61 87.22 107.83
N UNK A 677 85.33 86.31 108.49
CA UNK A 677 84.71 85.53 109.55
C UNK A 677 84.64 86.35 110.83
N UNK A 678 84.20 85.72 111.91
CA UNK A 678 84.08 86.38 113.20
C UNK A 678 84.99 85.70 114.19
N UNK A 679 85.65 86.49 115.02
CA UNK A 679 86.69 85.98 115.92
C UNK A 679 86.28 86.16 117.37
N UNK A 680 86.33 85.07 118.13
CA UNK A 680 86.06 85.09 119.56
C UNK A 680 86.85 83.96 120.20
N UNK A 681 87.69 84.29 121.17
CA UNK A 681 88.63 83.30 121.66
C UNK A 681 89.04 83.63 123.07
N UNK A 682 89.27 82.55 123.82
CA UNK A 682 89.64 82.56 125.22
C UNK A 682 90.49 81.32 125.40
N UNK A 683 90.53 80.79 126.62
CA UNK A 683 91.26 79.55 126.85
C UNK A 683 90.53 78.34 126.30
N UNK A 684 90.95 77.16 126.69
CA UNK A 684 90.71 75.98 125.88
C UNK A 684 90.53 74.73 126.72
N UNK A 685 90.85 73.59 126.12
CA UNK A 685 90.92 72.30 126.81
C UNK A 685 92.16 72.22 127.70
N UNK A 686 92.59 71.00 128.02
CA UNK A 686 93.67 70.71 128.98
C UNK A 686 93.32 71.20 130.39
N UNK A 687 92.36 70.47 130.98
CA UNK A 687 92.17 70.42 132.42
C UNK A 687 93.49 70.23 133.15
N UNK A 688 93.69 70.91 134.29
CA UNK A 688 92.67 71.47 135.20
C UNK A 688 92.29 72.94 135.00
N UNK A 689 91.25 73.37 135.74
CA UNK A 689 90.76 74.75 135.69
C UNK A 689 90.40 75.35 137.03
N UNK A 690 90.49 74.59 138.12
CA UNK A 690 90.21 75.04 139.49
C UNK A 690 88.79 75.61 139.65
N UNK A 691 87.81 75.06 138.93
CA UNK A 691 86.39 75.32 139.21
C UNK A 691 85.60 74.13 138.69
N UNK A 692 85.24 73.20 139.58
CA UNK A 692 84.56 71.98 139.21
C UNK A 692 83.33 71.78 140.08
N UNK A 693 82.49 70.78 139.75
CA UNK A 693 81.27 70.55 140.51
C UNK A 693 81.20 69.20 141.19
N UNK A 694 81.05 68.09 140.47
CA UNK A 694 80.78 66.85 141.19
C UNK A 694 81.47 65.59 140.67
N UNK A 695 81.55 65.45 139.35
CA UNK A 695 81.91 64.18 138.72
C UNK A 695 82.35 64.46 137.29
N UNK A 696 82.46 63.41 136.48
CA UNK A 696 83.08 63.50 135.16
C UNK A 696 82.05 63.85 134.10
N UNK A 697 82.17 65.03 133.47
CA UNK A 697 83.25 65.99 133.71
C UNK A 697 82.74 67.42 133.76
N UNK A 698 81.64 67.65 134.47
CA UNK A 698 81.05 68.99 134.53
C UNK A 698 81.98 69.97 135.22
N UNK A 699 82.20 71.11 134.57
CA UNK A 699 83.30 71.99 134.96
C UNK A 699 82.85 73.44 135.09
N UNK A 700 81.81 73.67 135.88
CA UNK A 700 81.19 74.99 136.01
C UNK A 700 82.15 76.02 136.57
N UNK A 701 82.12 77.23 136.01
CA UNK A 701 83.27 78.10 136.14
C UNK A 701 82.89 79.56 136.36
N UNK A 702 83.76 80.27 137.10
CA UNK A 702 83.91 81.72 136.90
C UNK A 702 85.07 81.94 135.94
N UNK A 703 86.30 81.66 136.40
CA UNK A 703 87.26 80.76 135.77
C UNK A 703 87.16 80.57 134.26
N UNK A 704 87.38 81.60 133.43
CA UNK A 704 88.15 82.77 133.75
C UNK A 704 87.65 83.95 132.97
N UNK A 705 87.43 85.06 133.66
CA UNK A 705 86.91 86.26 133.01
C UNK A 705 87.97 86.92 132.14
N UNK A 706 87.53 87.46 131.02
CA UNK A 706 88.37 88.17 130.07
C UNK A 706 87.71 89.46 129.65
N UNK A 707 87.33 90.28 130.65
CA UNK A 707 86.57 91.53 130.51
C UNK A 707 87.16 92.45 129.46
N UNK A 708 88.39 92.94 129.70
CA UNK A 708 89.43 93.15 128.69
C UNK A 708 88.94 94.01 127.51
N UNK A 709 88.73 95.29 127.81
CA UNK A 709 88.03 96.26 126.98
C UNK A 709 88.47 96.36 125.52
N UNK A 710 87.58 96.85 124.66
CA UNK A 710 87.74 96.76 123.22
C UNK A 710 87.05 97.91 122.51
N UNK A 711 87.70 98.42 121.46
CA UNK A 711 87.07 99.20 120.40
C UNK A 711 86.42 98.25 119.41
N UNK A 712 86.18 98.67 118.18
CA UNK A 712 85.79 97.72 117.13
C UNK A 712 87.00 96.86 116.83
N UNK A 713 87.21 95.86 117.70
CA UNK A 713 88.47 95.17 117.92
C UNK A 713 88.20 94.07 118.94
N UNK A 714 89.21 93.24 119.17
CA UNK A 714 89.10 92.15 120.12
C UNK A 714 89.52 92.63 121.51
N UNK A 715 89.73 91.68 122.42
CA UNK A 715 89.97 91.98 123.85
C UNK A 715 91.40 92.46 124.11
N UNK A 716 91.83 92.44 125.37
CA UNK A 716 93.17 92.88 125.76
C UNK A 716 94.25 92.11 125.00
N UNK A 717 95.30 92.83 124.62
CA UNK A 717 96.16 92.40 123.53
C UNK A 717 96.98 91.17 123.90
N UNK A 718 97.04 90.22 122.99
CA UNK A 718 97.77 88.98 123.23
C UNK A 718 98.17 88.43 121.86
N UNK A 719 99.42 88.66 121.47
CA UNK A 719 99.95 88.07 120.24
C UNK A 719 100.88 86.90 120.54
N UNK A 720 101.86 87.15 121.40
CA UNK A 720 102.67 86.09 121.97
C UNK A 720 102.77 86.17 123.49
N UNK A 721 102.41 87.29 124.11
CA UNK A 721 102.52 87.47 125.54
C UNK A 721 101.29 88.23 126.01
N UNK A 722 100.41 87.55 126.73
CA UNK A 722 99.07 88.07 127.03
C UNK A 722 99.17 89.12 128.12
N UNK A 723 99.47 90.35 127.71
CA UNK A 723 99.66 91.44 128.66
C UNK A 723 98.31 91.98 129.09
N UNK A 724 98.06 91.93 130.40
CA UNK A 724 96.89 92.54 131.02
C UNK A 724 97.12 94.03 131.24
N UNK A 725 96.30 94.65 132.10
CA UNK A 725 96.42 96.08 132.37
C UNK A 725 97.69 96.46 133.13
N UNK A 726 98.48 95.49 133.60
CA UNK A 726 99.81 95.70 134.17
C UNK A 726 100.85 95.88 133.06
N UNK A 727 102.13 95.76 133.41
CA UNK A 727 103.20 95.96 132.43
C UNK A 727 103.18 94.88 131.34
N UNK A 728 103.36 93.62 131.71
CA UNK A 728 103.33 92.52 130.76
C UNK A 728 103.01 91.24 131.51
N UNK A 729 102.61 90.22 130.76
CA UNK A 729 102.30 88.92 131.34
C UNK A 729 102.35 87.87 130.25
N UNK A 730 102.79 86.68 130.60
CA UNK A 730 103.08 85.64 129.62
C UNK A 730 102.19 84.43 129.90
N UNK A 731 100.99 84.45 129.34
CA UNK A 731 100.16 83.26 129.37
C UNK A 731 100.76 82.24 128.40
N UNK A 732 101.26 81.14 128.93
CA UNK A 732 101.95 80.15 128.12
C UNK A 732 100.99 79.34 127.29
N UNK B 1 47.96 98.11 47.72
CA UNK B 1 46.94 97.11 47.45
C UNK B 1 45.73 97.32 48.34
N UNK B 2 45.17 96.23 48.86
CA UNK B 2 43.99 96.34 49.70
C UNK B 2 44.05 95.26 50.76
N UNK B 3 43.88 95.64 52.02
CA UNK B 3 44.00 94.73 53.14
C UNK B 3 42.68 94.74 53.90
N UNK B 4 41.94 93.63 53.90
CA UNK B 4 40.59 93.67 54.47
C UNK B 4 40.47 92.79 55.70
N UNK B 5 39.42 93.03 56.50
CA UNK B 5 39.29 92.26 57.73
C UNK B 5 37.83 92.15 58.14
N UNK B 6 37.31 90.94 58.26
CA UNK B 6 36.01 90.78 58.87
C UNK B 6 36.19 90.74 60.38
N UNK B 7 35.24 91.27 61.13
CA UNK B 7 35.44 91.29 62.57
C UNK B 7 34.08 91.15 63.26
N UNK B 8 33.90 90.10 64.03
CA UNK B 8 32.60 89.80 64.61
C UNK B 8 32.58 90.09 66.10
N UNK B 9 31.47 90.65 66.60
CA UNK B 9 31.22 90.68 68.03
C UNK B 9 30.41 89.44 68.40
N UNK B 10 30.08 89.27 69.69
CA UNK B 10 29.37 88.07 70.15
C UNK B 10 27.88 88.20 69.87
N UNK B 11 27.30 87.20 69.21
CA UNK B 11 26.07 87.42 68.47
C UNK B 11 24.99 86.40 68.81
N UNK B 12 23.74 86.80 68.56
CA UNK B 12 22.60 85.90 68.44
C UNK B 12 21.53 86.64 67.66
N UNK B 13 21.33 86.24 66.41
CA UNK B 13 20.35 86.82 65.48
C UNK B 13 20.54 88.33 65.31
N UNK B 14 21.68 88.67 64.73
CA UNK B 14 21.97 90.06 64.46
C UNK B 14 22.71 90.18 63.14
N UNK B 15 22.83 91.42 62.66
CA UNK B 15 23.10 91.72 61.26
C UNK B 15 24.52 92.17 61.05
N UNK B 16 24.79 92.54 59.81
CA UNK B 16 26.14 92.82 59.35
C UNK B 16 26.24 94.29 58.98
N UNK B 17 27.46 94.80 58.93
CA UNK B 17 27.71 96.17 58.50
C UNK B 17 29.03 96.21 57.76
N UNK B 18 28.97 96.44 56.45
CA UNK B 18 30.17 96.33 55.62
C UNK B 18 30.83 97.69 55.50
N UNK B 19 31.61 98.05 56.50
CA UNK B 19 32.21 99.38 56.48
C UNK B 19 33.48 99.38 55.66
N UNK B 20 33.85 100.55 55.18
CA UNK B 20 35.09 100.68 54.41
C UNK B 20 35.86 101.84 55.01
N UNK B 21 36.79 101.53 55.90
CA UNK B 21 37.56 102.55 56.59
C UNK B 21 38.47 103.20 55.57
N UNK B 22 38.06 104.37 55.09
CA UNK B 22 38.76 105.00 53.99
C UNK B 22 40.12 105.49 54.45
N UNK B 23 40.15 106.46 55.34
CA UNK B 23 41.43 106.85 55.90
C UNK B 23 41.34 107.25 57.37
N UNK B 24 40.26 106.89 58.07
CA UNK B 24 40.01 107.52 59.36
C UNK B 24 40.89 106.95 60.46
N UNK B 25 40.70 105.68 60.80
CA UNK B 25 41.34 104.94 61.90
C UNK B 25 41.10 105.56 63.28
N UNK B 26 40.21 106.53 63.40
CA UNK B 26 39.71 107.03 64.68
C UNK B 26 38.21 107.07 64.71
N UNK B 27 37.54 107.00 63.56
CA UNK B 27 36.17 106.58 63.46
C UNK B 27 36.00 105.08 63.65
N UNK B 28 37.10 104.36 63.89
CA UNK B 28 37.01 102.92 64.11
C UNK B 28 36.23 102.62 65.36
N UNK B 29 36.49 103.34 66.45
CA UNK B 29 35.70 103.13 67.65
C UNK B 29 34.28 103.61 67.45
N UNK B 30 34.08 104.62 66.60
CA UNK B 30 32.75 105.16 66.34
C UNK B 30 31.88 104.13 65.62
N UNK B 31 32.39 103.58 64.53
CA UNK B 31 31.67 102.53 63.85
C UNK B 31 31.61 101.26 64.67
N UNK B 32 32.58 101.06 65.56
CA UNK B 32 32.55 99.88 66.42
C UNK B 32 31.37 99.94 67.37
N UNK B 33 31.17 101.08 68.01
CA UNK B 33 30.01 101.22 68.86
C UNK B 33 28.74 101.28 68.05
N UNK B 34 28.83 101.70 66.79
CA UNK B 34 27.64 101.74 65.95
C UNK B 34 27.17 100.34 65.60
N UNK B 35 28.10 99.45 65.29
CA UNK B 35 27.78 98.05 65.04
C UNK B 35 27.82 97.24 66.29
N UNK B 36 27.95 97.88 67.45
CA UNK B 36 27.71 97.16 68.69
C UNK B 36 26.26 96.72 68.82
N UNK B 37 25.34 97.40 68.16
CA UNK B 37 23.97 96.90 68.05
C UNK B 37 23.82 96.09 66.76
N UNK B 38 24.62 95.03 66.69
CA UNK B 38 24.73 94.16 65.51
C UNK B 38 25.47 92.87 65.82
N UNK B 39 25.87 92.16 64.77
CA UNK B 39 26.69 90.95 64.88
C UNK B 39 28.06 91.09 64.25
N UNK B 40 28.16 91.49 63.00
CA UNK B 40 29.43 91.34 62.29
C UNK B 40 29.78 92.62 61.56
N UNK B 41 30.80 93.32 62.03
CA UNK B 41 31.34 94.37 61.19
C UNK B 41 32.26 93.74 60.16
N UNK B 42 32.46 94.43 59.06
CA UNK B 42 33.41 93.95 58.07
C UNK B 42 34.18 95.19 57.62
N UNK B 43 35.34 95.42 58.23
CA UNK B 43 36.09 96.63 57.98
C UNK B 43 37.00 96.40 56.79
N UNK B 44 36.79 97.14 55.72
CA UNK B 44 37.69 97.04 54.59
C UNK B 44 38.78 98.11 54.70
N UNK B 45 39.92 97.82 54.09
CA UNK B 45 41.15 98.61 53.89
C UNK B 45 42.01 98.80 55.14
N UNK B 46 41.48 98.56 56.33
CA UNK B 46 42.12 97.97 57.52
C UNK B 46 43.62 98.08 57.73
N UNK B 47 44.21 99.26 57.62
CA UNK B 47 45.67 99.31 57.62
C UNK B 47 46.24 99.28 59.04
N UNK B 48 45.81 100.22 59.88
CA UNK B 48 46.15 100.16 61.29
C UNK B 48 45.02 99.61 62.12
N UNK B 49 43.82 99.58 61.57
CA UNK B 49 42.67 99.09 62.32
C UNK B 49 42.79 97.61 62.60
N UNK B 50 43.08 96.82 61.58
CA UNK B 50 43.20 95.38 61.78
C UNK B 50 44.37 95.04 62.65
N UNK B 51 45.45 95.82 62.54
CA UNK B 51 46.64 95.55 63.33
C UNK B 51 46.38 95.81 64.80
N UNK B 52 45.85 96.98 65.12
CA UNK B 52 45.62 97.28 66.53
C UNK B 52 44.53 96.40 67.10
N UNK B 53 43.54 96.02 66.28
CA UNK B 53 42.50 95.15 66.80
C UNK B 53 43.01 93.75 67.05
N UNK B 54 43.89 93.25 66.19
CA UNK B 54 44.41 91.91 66.39
C UNK B 54 45.36 91.87 67.55
N UNK B 55 46.15 92.93 67.75
CA UNK B 55 47.05 92.93 68.90
C UNK B 55 46.28 92.99 70.20
N UNK B 56 45.20 93.77 70.22
CA UNK B 56 44.37 93.82 71.41
C UNK B 56 43.69 92.48 71.64
N UNK B 57 43.25 91.82 70.58
CA UNK B 57 42.54 90.56 70.78
C UNK B 57 43.49 89.47 71.22
N UNK B 58 44.71 89.46 70.71
CA UNK B 58 45.61 88.38 71.05
C UNK B 58 46.30 88.60 72.38
N UNK B 59 46.37 89.84 72.86
CA UNK B 59 46.81 90.04 74.22
C UNK B 59 45.70 90.64 75.03
N UNK B 60 44.49 90.14 74.83
CA UNK B 60 43.31 90.68 75.48
C UNK B 60 42.91 89.93 76.73
N UNK B 61 43.45 88.75 76.98
CA UNK B 61 43.03 87.98 78.14
C UNK B 61 44.07 87.93 79.24
N UNK B 62 45.29 87.50 78.94
CA UNK B 62 46.29 87.38 79.99
C UNK B 62 46.82 88.74 80.38
N UNK B 63 47.05 89.59 79.39
CA UNK B 63 47.57 90.91 79.67
C UNK B 63 46.52 91.80 80.31
N UNK B 64 45.26 91.38 80.33
CA UNK B 64 44.24 92.01 81.14
C UNK B 64 44.12 91.39 82.50
N UNK B 65 44.30 90.07 82.58
CA UNK B 65 44.16 89.37 83.84
C UNK B 65 45.25 89.78 84.81
N UNK B 66 46.44 90.10 84.30
CA UNK B 66 47.45 90.54 85.23
C UNK B 66 47.28 92.00 85.60
N UNK B 67 47.50 92.91 84.66
CA UNK B 67 47.86 94.27 85.05
C UNK B 67 46.86 95.34 84.64
N UNK B 68 46.67 95.57 83.35
CA UNK B 68 46.19 96.84 82.79
C UNK B 68 46.93 98.02 83.42
N UNK B 69 48.21 98.09 83.11
CA UNK B 69 49.09 99.13 83.63
C UNK B 69 48.95 100.42 82.84
N UNK B 70 49.54 101.48 83.38
CA UNK B 70 49.69 102.74 82.65
C UNK B 70 51.17 102.94 82.36
N UNK B 71 51.50 103.21 81.11
CA UNK B 71 52.88 103.02 80.65
C UNK B 71 53.49 104.35 80.23
N UNK B 72 54.38 104.88 81.07
CA UNK B 72 55.24 105.98 80.66
C UNK B 72 56.31 105.47 79.71
N UNK B 73 56.81 106.34 78.84
CA UNK B 73 57.79 105.90 77.86
C UNK B 73 58.80 106.99 77.59
N UNK B 74 60.08 106.62 77.57
CA UNK B 74 61.13 107.55 77.21
C UNK B 74 61.93 106.82 76.14
N UNK B 75 61.50 106.94 74.89
CA UNK B 75 62.10 106.15 73.84
C UNK B 75 62.87 107.04 72.88
N UNK B 76 64.06 106.58 72.52
CA UNK B 76 64.88 107.21 71.51
C UNK B 76 64.64 106.51 70.21
N UNK B 77 64.71 107.25 69.12
CA UNK B 77 63.92 106.89 67.96
C UNK B 77 64.62 105.91 67.04
N UNK B 78 65.45 105.04 67.58
CA UNK B 78 66.37 104.27 66.77
C UNK B 78 65.72 103.30 65.79
N UNK B 79 65.09 102.25 66.28
CA UNK B 79 64.78 101.11 65.43
C UNK B 79 63.29 100.98 65.19
N UNK B 80 62.50 100.85 66.26
CA UNK B 80 61.07 100.64 66.13
C UNK B 80 60.36 101.84 65.56
N UNK B 81 60.98 103.02 65.63
CA UNK B 81 60.34 104.29 65.31
C UNK B 81 59.95 104.43 63.87
N UNK B 82 60.39 103.54 62.98
CA UNK B 82 59.59 103.25 61.81
C UNK B 82 59.78 101.77 61.49
N UNK B 83 59.02 100.92 62.15
CA UNK B 83 59.29 99.50 62.06
C UNK B 83 58.15 98.69 62.64
N UNK B 84 58.42 97.40 62.80
CA UNK B 84 57.46 96.37 63.13
C UNK B 84 57.50 96.04 64.60
N UNK B 85 56.36 95.63 65.14
CA UNK B 85 56.28 95.21 66.53
C UNK B 85 56.67 93.78 66.73
N UNK B 86 57.17 93.12 65.68
CA UNK B 86 57.84 91.83 65.73
C UNK B 86 56.95 90.72 66.23
N UNK B 87 55.68 90.77 65.89
CA UNK B 87 54.86 89.60 66.04
C UNK B 87 53.88 89.44 64.90
N UNK B 88 53.92 90.31 63.90
CA UNK B 88 52.93 90.29 62.85
C UNK B 88 53.20 89.20 61.84
N UNK B 89 54.46 88.96 61.53
CA UNK B 89 54.85 88.17 60.37
C UNK B 89 54.64 86.68 60.55
N UNK B 90 54.05 86.25 61.65
CA UNK B 90 53.71 84.85 61.74
C UNK B 90 52.26 84.62 62.14
N UNK B 91 51.57 85.59 62.73
CA UNK B 91 50.16 85.46 63.00
C UNK B 91 49.30 86.02 61.88
N UNK B 92 49.61 87.21 61.38
CA UNK B 92 48.98 87.64 60.13
C UNK B 92 49.85 87.27 58.93
N UNK B 93 50.30 86.03 58.96
CA UNK B 93 50.40 85.18 57.79
C UNK B 93 49.10 84.40 57.87
N UNK B 94 48.06 84.97 57.25
CA UNK B 94 46.68 84.80 57.68
C UNK B 94 46.19 83.37 57.53
N UNK B 95 45.48 82.89 58.54
CA UNK B 95 44.85 81.59 58.50
C UNK B 95 43.39 81.66 58.08
N UNK B 96 42.66 82.63 58.62
CA UNK B 96 41.39 83.11 58.08
C UNK B 96 40.31 82.04 58.06
N UNK B 97 39.99 81.52 59.24
CA UNK B 97 39.12 80.35 59.31
C UNK B 97 38.18 80.52 60.48
N UNK B 98 36.96 80.91 60.19
CA UNK B 98 36.00 81.09 61.26
C UNK B 98 34.61 81.02 60.67
N UNK B 99 33.67 81.41 61.51
CA UNK B 99 32.28 81.69 61.26
C UNK B 99 31.86 82.51 62.47
N UNK B 100 30.55 82.56 62.73
CA UNK B 100 30.07 83.09 64.00
C UNK B 100 29.96 81.96 65.02
N UNK B 101 31.10 81.57 65.56
CA UNK B 101 31.17 80.40 66.45
C UNK B 101 31.10 80.80 67.92
N UNK B 102 30.10 81.60 68.27
CA UNK B 102 29.84 81.88 69.67
C UNK B 102 28.36 82.13 69.92
N UNK B 103 27.49 81.40 69.22
CA UNK B 103 26.06 81.68 69.21
C UNK B 103 25.45 81.63 70.60
N UNK B 104 24.57 82.57 70.90
CA UNK B 104 24.37 82.99 72.29
C UNK B 104 22.95 82.89 72.80
N UNK B 105 22.29 81.75 72.58
CA UNK B 105 21.06 81.33 73.28
C UNK B 105 19.88 82.27 73.18
N UNK B 106 154.64 109.99 40.88
CA UNK B 106 153.26 109.58 40.73
C UNK B 106 152.49 109.81 42.01
N UNK B 107 153.22 109.91 43.13
CA UNK B 107 152.59 109.99 44.44
C UNK B 107 153.54 110.72 45.37
N UNK B 108 153.02 111.62 46.22
CA UNK B 108 151.61 111.99 46.27
C UNK B 108 151.29 113.05 45.20
N UNK B 109 151.99 114.19 45.29
CA UNK B 109 151.74 115.37 44.46
C UNK B 109 150.26 115.73 44.47
N UNK B 110 149.77 115.96 45.70
CA UNK B 110 148.37 116.23 46.04
C UNK B 110 147.44 115.12 45.57
N UNK B 111 147.94 113.89 45.52
CA UNK B 111 147.12 112.82 44.99
C UNK B 111 147.51 111.52 45.71
N UNK B 112 146.78 111.21 46.76
CA UNK B 112 147.04 110.03 47.57
C UNK B 112 145.82 109.75 48.43
N UNK B 113 145.82 108.56 49.04
CA UNK B 113 144.84 108.11 50.04
C UNK B 113 143.40 108.16 49.57
N UNK B 114 105.75 130.82 40.94
CA UNK B 114 106.97 130.90 41.74
C UNK B 114 106.65 130.76 43.21
N UNK B 115 105.44 131.14 43.57
CA UNK B 115 105.01 131.09 44.96
C UNK B 115 104.35 129.77 45.33
N UNK B 116 104.20 128.85 44.39
CA UNK B 116 103.30 127.73 44.59
C UNK B 116 103.93 126.61 45.39
N UNK B 117 103.12 126.02 46.27
CA UNK B 117 103.49 124.74 46.86
C UNK B 117 103.51 123.64 45.81
N UNK B 118 102.73 123.78 44.73
CA UNK B 118 102.86 122.85 43.61
C UNK B 118 104.24 123.00 42.96
N UNK B 119 104.71 124.24 42.83
CA UNK B 119 106.05 124.47 42.33
C UNK B 119 107.10 123.97 43.31
N UNK B 120 106.77 124.02 44.60
CA UNK B 120 107.65 123.46 45.60
C UNK B 120 107.75 121.95 45.46
N UNK B 121 106.62 121.24 45.55
CA UNK B 121 106.60 119.78 45.52
C UNK B 121 107.03 119.21 44.19
N UNK B 122 107.14 120.04 43.16
CA UNK B 122 107.97 119.71 42.01
C UNK B 122 109.44 120.00 42.33
N UNK B 123 109.99 119.23 43.27
CA UNK B 123 111.41 119.34 43.56
C UNK B 123 112.24 118.05 43.53
N UNK B 124 111.83 116.92 44.15
CA UNK B 124 110.59 116.53 44.85
C UNK B 124 110.75 115.77 46.18
N UNK B 125 111.48 116.30 47.16
CA UNK B 125 111.66 115.62 48.44
C UNK B 125 110.42 115.78 49.33
N UNK B 126 110.53 115.37 50.61
CA UNK B 126 109.42 115.33 51.55
C UNK B 126 109.63 116.16 52.82
N UNK B 127 110.85 116.56 53.13
CA UNK B 127 110.96 117.71 54.00
C UNK B 127 110.43 118.97 53.34
N UNK B 128 110.28 118.98 52.00
CA UNK B 128 109.43 119.96 51.37
C UNK B 128 107.97 119.82 51.79
N UNK B 129 107.52 118.61 52.18
CA UNK B 129 106.19 118.54 52.79
C UNK B 129 106.23 119.00 54.22
N UNK B 130 107.39 118.93 54.85
CA UNK B 130 107.54 119.69 56.08
C UNK B 130 107.73 121.19 55.83
N UNK B 131 107.94 121.60 54.59
CA UNK B 131 108.16 123.00 54.26
C UNK B 131 107.06 123.61 53.41
N UNK B 132 106.00 122.86 53.14
CA UNK B 132 104.88 123.38 52.38
C UNK B 132 104.08 124.40 53.14
N UNK B 133 104.30 124.54 54.45
CA UNK B 133 103.72 125.62 55.22
C UNK B 133 104.29 126.98 54.87
N UNK B 134 105.37 127.02 54.08
CA UNK B 134 105.80 128.28 53.49
C UNK B 134 104.73 128.85 52.58
N UNK B 135 104.02 128.00 51.85
CA UNK B 135 103.03 128.43 50.87
C UNK B 135 101.60 128.27 51.38
N UNK B 136 101.38 128.53 52.66
CA UNK B 136 100.03 128.55 53.19
C UNK B 136 99.86 129.72 54.14
N UNK B 137 127.70 135.81 48.48
CA UNK B 137 128.11 135.46 49.84
C UNK B 137 127.13 134.46 50.45
N UNK B 138 127.16 133.23 49.96
CA UNK B 138 126.23 132.22 50.42
C UNK B 138 126.67 131.62 51.76
N UNK B 139 125.72 130.96 52.41
CA UNK B 139 126.09 130.04 53.49
C UNK B 139 126.95 128.91 52.94
N UNK B 140 126.60 128.42 51.76
CA UNK B 140 127.43 127.46 51.06
C UNK B 140 128.73 128.05 50.56
N UNK B 141 128.86 129.37 50.49
CA UNK B 141 130.15 129.95 50.13
C UNK B 141 131.16 129.74 51.24
N UNK B 142 130.70 129.65 52.49
CA UNK B 142 131.58 129.24 53.57
C UNK B 142 132.12 127.84 53.32
N UNK B 143 131.29 126.94 52.80
CA UNK B 143 131.80 125.65 52.38
C UNK B 143 132.68 125.75 51.15
N UNK B 144 132.34 126.65 50.23
CA UNK B 144 133.08 126.78 48.98
C UNK B 144 134.46 127.37 49.19
N UNK B 145 134.68 128.00 50.34
CA UNK B 145 136.04 128.29 50.76
C UNK B 145 136.58 127.26 51.74
N UNK B 146 135.70 126.60 52.50
CA UNK B 146 136.14 125.74 53.59
C UNK B 146 136.64 124.41 53.06
N UNK B 147 135.86 123.75 52.21
CA UNK B 147 136.32 122.55 51.54
C UNK B 147 137.45 122.88 50.57
N UNK B 148 137.50 124.10 50.06
CA UNK B 148 138.64 124.53 49.26
C UNK B 148 139.92 124.55 50.09
N UNK B 149 139.83 125.08 51.31
CA UNK B 149 140.98 125.04 52.19
C UNK B 149 141.28 123.63 52.67
N UNK B 150 140.27 122.78 52.74
CA UNK B 150 140.46 121.43 53.23
C UNK B 150 140.94 120.47 52.15
N UNK B 151 140.78 120.82 50.88
CA UNK B 151 141.19 119.93 49.81
C UNK B 151 142.33 120.48 48.97
N UNK B 152 142.37 121.79 48.73
CA UNK B 152 143.45 122.42 47.98
C UNK B 152 144.60 122.85 48.88
N UNK B 153 144.76 122.20 50.01
CA UNK B 153 145.90 122.44 50.88
C UNK B 153 147.05 121.48 50.63
N UNK B 154 146.78 120.34 50.01
CA UNK B 154 147.87 119.45 49.65
C UNK B 154 148.77 120.07 48.59
N UNK B 155 148.20 120.93 47.74
CA UNK B 155 149.00 121.74 46.84
C UNK B 155 148.30 123.07 46.62
N UNK B 156 132.82 104.63 12.84
CA UNK B 156 131.74 103.98 13.56
C UNK B 156 130.98 104.97 14.42
N UNK B 157 131.51 106.17 14.53
CA UNK B 157 130.73 107.19 15.21
C UNK B 157 130.59 108.48 14.41
N UNK B 158 131.63 108.92 13.72
CA UNK B 158 131.61 110.29 13.21
C UNK B 158 130.91 110.39 11.85
N UNK B 159 131.57 109.87 10.81
CA UNK B 159 131.21 110.09 9.40
C UNK B 159 130.92 111.56 9.06
N UNK B 160 131.55 112.49 9.75
CA UNK B 160 131.12 113.87 9.71
C UNK B 160 131.84 114.63 8.63
N UNK B 161 131.08 115.35 7.81
CA UNK B 161 131.61 116.16 6.74
C UNK B 161 131.57 117.62 7.14
N UNK B 162 132.29 118.43 6.40
CA UNK B 162 132.45 119.83 6.74
C UNK B 162 132.02 120.71 5.58
N UNK B 163 132.11 122.01 5.80
CA UNK B 163 131.91 123.01 4.77
C UNK B 163 132.62 124.27 5.24
N UNK B 164 132.81 125.21 4.32
CA UNK B 164 133.46 126.47 4.64
C UNK B 164 132.52 127.65 4.54
N UNK B 165 131.93 127.87 3.35
CA UNK B 165 130.85 128.84 3.09
C UNK B 165 131.23 130.26 3.50
N UNK B 166 132.25 130.79 2.84
CA UNK B 166 132.75 132.12 3.14
C UNK B 166 132.19 133.14 2.15
N UNK B 167 132.29 134.41 2.55
CA UNK B 167 131.99 135.60 1.72
C UNK B 167 130.56 135.63 1.20
N UNK B 168 129.58 135.89 2.10
CA UNK B 168 129.74 136.23 3.52
C UNK B 168 128.71 135.57 4.44
N UNK B 169 127.64 135.03 3.87
CA UNK B 169 126.47 134.58 4.63
C UNK B 169 126.29 133.08 4.52
N UNK B 170 125.79 132.48 5.62
CA UNK B 170 125.81 131.04 5.82
C UNK B 170 124.70 130.35 5.04
N UNK B 171 124.71 129.02 5.08
CA UNK B 171 123.64 128.21 4.53
C UNK B 171 122.91 127.41 5.61
N UNK B 172 123.61 126.56 6.34
CA UNK B 172 122.97 125.58 7.20
C UNK B 172 124.02 125.00 8.14
N UNK B 173 123.55 124.26 9.14
CA UNK B 173 124.43 123.58 10.08
C UNK B 173 123.89 122.21 10.41
N UNK B 174 123.46 121.46 9.40
CA UNK B 174 122.54 120.36 9.67
C UNK B 174 123.28 119.11 10.14
N UNK B 175 122.53 118.15 10.66
CA UNK B 175 123.15 116.96 11.20
C UNK B 175 122.20 115.78 11.06
N UNK B 176 122.63 114.76 10.33
CA UNK B 176 121.81 113.57 10.15
C UNK B 176 122.19 112.60 11.26
N UNK B 177 121.25 112.34 12.16
CA UNK B 177 121.51 111.51 13.33
C UNK B 177 120.73 110.22 13.17
N UNK B 178 121.43 109.13 12.93
CA UNK B 178 120.77 107.86 12.77
C UNK B 178 120.62 107.21 14.13
N UNK B 179 119.43 106.72 14.44
CA UNK B 179 119.19 105.97 15.66
C UNK B 179 119.48 104.49 15.36
N UNK B 180 118.99 103.60 16.22
CA UNK B 180 119.37 102.19 16.17
C UNK B 180 118.85 101.50 14.90
N UNK B 181 119.17 100.22 14.79
CA UNK B 181 118.98 99.47 13.57
C UNK B 181 117.79 98.53 13.70
N UNK B 182 117.06 98.29 12.60
CA UNK B 182 117.10 98.96 11.29
C UNK B 182 115.68 98.95 10.73
N UNK B 183 115.58 99.25 9.42
CA UNK B 183 114.39 99.02 8.59
C UNK B 183 113.17 99.77 9.12
N UNK B 184 113.28 101.09 9.10
CA UNK B 184 112.22 101.94 9.61
C UNK B 184 112.32 103.29 8.91
N UNK B 185 111.63 104.28 9.45
CA UNK B 185 111.37 105.52 8.73
C UNK B 185 112.43 106.58 9.00
N UNK B 186 112.14 107.79 8.56
CA UNK B 186 112.98 108.94 8.82
C UNK B 186 112.09 110.07 9.33
N UNK B 187 112.69 111.00 10.03
CA UNK B 187 111.99 112.18 10.51
C UNK B 187 112.96 113.35 10.51
N UNK B 188 112.58 114.43 9.84
CA UNK B 188 113.45 115.59 9.65
C UNK B 188 113.00 116.68 10.61
N UNK B 189 113.52 116.63 11.84
CA UNK B 189 113.21 117.66 12.81
C UNK B 189 113.92 118.94 12.42
N UNK B 190 113.15 119.91 11.95
CA UNK B 190 113.70 121.25 11.71
C UNK B 190 113.63 121.96 13.04
N UNK B 191 114.74 121.96 13.77
CA UNK B 191 114.77 122.65 15.04
C UNK B 191 114.74 124.15 14.81
N UNK B 192 113.87 124.85 15.54
CA UNK B 192 113.93 126.30 15.56
C UNK B 192 115.26 126.70 16.17
N UNK B 193 115.41 126.47 17.47
CA UNK B 193 116.74 126.28 18.06
C UNK B 193 116.68 125.30 19.22
N UNK B 194 115.60 124.52 19.32
CA UNK B 194 114.94 124.19 20.57
C UNK B 194 115.78 123.55 21.68
N UNK B 195 116.20 122.29 21.49
CA UNK B 195 116.86 121.46 22.50
C UNK B 195 116.07 121.41 23.82
N UNK B 196 114.75 121.35 23.72
CA UNK B 196 113.90 121.12 24.89
C UNK B 196 113.05 119.87 24.74
N UNK B 197 112.35 119.75 23.63
CA UNK B 197 111.69 118.51 23.25
C UNK B 197 112.57 117.64 22.38
N UNK B 198 113.88 117.84 22.47
CA UNK B 198 114.81 117.04 21.68
C UNK B 198 114.75 115.60 22.10
N UNK B 199 114.74 115.34 23.40
CA UNK B 199 114.57 113.98 23.89
C UNK B 199 113.17 113.46 23.57
N UNK B 200 112.20 114.36 23.45
CA UNK B 200 110.85 113.94 23.11
C UNK B 200 110.78 113.43 21.68
N UNK B 201 111.33 114.18 20.75
CA UNK B 201 111.36 113.70 19.38
C UNK B 201 112.31 112.54 19.22
N UNK B 202 113.32 112.41 20.07
CA UNK B 202 114.18 111.23 20.00
C UNK B 202 113.43 109.99 20.42
N UNK B 203 112.62 110.10 21.48
CA UNK B 203 111.79 108.97 21.83
C UNK B 203 110.66 108.77 20.85
N UNK B 204 110.33 109.79 20.06
CA UNK B 204 109.38 109.59 18.98
C UNK B 204 110.02 108.81 17.85
N UNK B 205 111.24 109.16 17.48
CA UNK B 205 111.93 108.46 16.42
C UNK B 205 112.53 107.15 16.89
N UNK B 206 112.37 106.81 18.15
CA UNK B 206 112.67 105.46 18.61
C UNK B 206 111.83 104.41 17.90
N UNK B 207 110.64 104.79 17.44
CA UNK B 207 109.91 103.91 16.54
C UNK B 207 110.46 103.98 15.13
N UNK B 208 111.20 105.02 14.79
CA UNK B 208 111.73 105.22 13.44
C UNK B 208 113.16 104.68 13.33
N UNK B 209 113.87 105.08 12.28
CA UNK B 209 115.28 104.74 12.07
C UNK B 209 116.21 105.95 12.01
N UNK B 210 115.88 106.98 11.25
CA UNK B 210 116.85 108.03 10.97
C UNK B 210 116.24 109.41 11.19
N UNK B 211 116.78 110.15 12.14
CA UNK B 211 116.37 111.53 12.31
C UNK B 211 117.35 112.45 11.61
N UNK B 212 116.91 113.67 11.36
CA UNK B 212 117.78 114.68 10.77
C UNK B 212 117.44 116.03 11.36
N UNK B 213 118.40 116.65 12.03
CA UNK B 213 118.18 117.93 12.67
C UNK B 213 118.65 119.05 11.74
N UNK B 214 117.82 120.07 11.58
CA UNK B 214 118.17 121.21 10.74
C UNK B 214 118.80 122.30 11.60
N UNK B 215 120.12 122.42 11.46
CA UNK B 215 121.04 123.46 11.92
C UNK B 215 121.32 123.46 13.42
N UNK B 216 120.38 122.95 14.20
CA UNK B 216 120.55 122.23 15.45
C UNK B 216 121.28 122.93 16.61
N UNK B 217 122.27 123.77 16.32
CA UNK B 217 122.79 124.89 17.11
C UNK B 217 123.16 124.66 18.58
N UNK B 218 122.50 123.71 19.25
CA UNK B 218 122.89 123.27 20.58
C UNK B 218 122.56 121.80 20.71
N UNK B 219 121.58 121.36 19.93
CA UNK B 219 121.07 120.01 20.07
C UNK B 219 122.06 119.00 19.55
N UNK B 220 122.59 119.24 18.35
CA UNK B 220 123.65 118.39 17.84
C UNK B 220 124.92 118.56 18.63
N UNK B 221 125.12 119.73 19.26
CA UNK B 221 126.28 119.93 20.13
C UNK B 221 126.24 119.00 21.33
N UNK B 222 125.13 119.01 22.06
CA UNK B 222 124.99 118.12 23.21
C UNK B 222 124.90 116.66 22.79
N UNK B 223 124.30 116.40 21.62
CA UNK B 223 124.21 115.05 21.11
C UNK B 223 125.57 114.49 20.77
N UNK B 224 126.40 115.31 20.12
CA UNK B 224 127.76 114.91 19.80
C UNK B 224 128.59 114.77 21.05
N UNK B 225 128.31 115.62 22.05
CA UNK B 225 129.02 115.54 23.32
C UNK B 225 128.76 114.21 24.00
N UNK B 226 127.51 113.76 23.97
CA UNK B 226 127.21 112.43 24.50
C UNK B 226 127.84 111.36 23.65
N UNK B 227 127.69 111.46 22.33
CA UNK B 227 128.04 110.38 21.43
C UNK B 227 129.54 110.17 21.37
N UNK B 228 130.32 111.22 21.63
CA UNK B 228 131.77 111.07 21.57
C UNK B 228 132.29 110.37 22.81
N UNK B 229 132.07 110.97 23.96
CA UNK B 229 132.67 110.44 25.17
C UNK B 229 131.86 109.33 25.81
N UNK B 230 130.77 108.89 25.18
CA UNK B 230 129.92 107.85 25.73
C UNK B 230 130.63 106.53 25.99
N UNK B 231 131.10 105.86 24.95
CA UNK B 231 131.80 104.61 25.15
C UNK B 231 133.17 104.82 25.79
N UNK B 232 133.72 106.01 25.66
CA UNK B 232 135.00 106.36 26.28
C UNK B 232 134.89 106.31 27.80
N UNK B 233 134.11 107.21 28.36
CA UNK B 233 133.95 107.28 29.80
C UNK B 233 133.03 106.20 30.34
N UNK B 234 132.36 105.45 29.46
CA UNK B 234 131.40 104.45 29.88
C UNK B 234 132.07 103.30 30.62
N UNK B 235 133.34 103.04 30.33
CA UNK B 235 134.11 102.07 31.08
C UNK B 235 134.53 102.60 32.45
N UNK B 236 134.15 103.82 32.82
CA UNK B 236 134.33 104.32 34.17
C UNK B 236 133.02 104.39 34.93
N UNK B 237 131.98 104.97 34.33
CA UNK B 237 130.62 105.06 34.88
C UNK B 237 130.59 105.79 36.22
N UNK B 238 130.90 107.08 36.17
CA UNK B 238 131.09 107.88 37.38
C UNK B 238 130.04 108.97 37.50
N UNK B 239 129.95 109.55 38.71
CA UNK B 239 129.06 110.65 39.04
C UNK B 239 129.84 111.72 39.80
N UNK B 240 129.25 112.89 39.97
CA UNK B 240 130.05 114.02 40.45
C UNK B 240 129.19 114.97 41.25
N UNK B 241 129.81 116.09 41.64
CA UNK B 241 129.15 117.14 42.41
C UNK B 241 129.96 118.41 42.21
N UNK B 242 129.39 119.39 41.52
CA UNK B 242 130.12 120.55 41.05
C UNK B 242 129.68 121.79 41.79
N UNK B 243 130.59 122.37 42.58
CA UNK B 243 130.34 123.64 43.26
C UNK B 243 131.44 124.58 42.82
N UNK B 244 131.25 125.20 41.66
CA UNK B 244 132.33 125.89 40.98
C UNK B 244 132.28 127.38 41.28
N UNK B 245 133.42 127.93 41.66
CA UNK B 245 133.55 129.34 42.01
C UNK B 245 133.51 130.18 40.75
N UNK B 246 132.31 130.39 40.23
CA UNK B 246 132.14 130.93 38.89
C UNK B 246 132.51 132.40 38.85
N UNK B 247 133.81 132.66 38.68
CA UNK B 247 134.36 134.00 38.63
C UNK B 247 134.81 134.42 37.25
N UNK B 248 135.04 133.48 36.34
CA UNK B 248 135.36 133.79 34.95
C UNK B 248 134.12 133.70 34.09
N UNK B 249 132.99 134.16 34.62
CA UNK B 249 131.66 133.86 34.09
C UNK B 249 131.48 134.51 32.73
N UNK B 250 131.71 133.71 31.70
CA UNK B 250 131.58 134.08 30.31
C UNK B 250 131.16 132.80 29.60
N UNK B 251 131.36 132.75 28.29
CA UNK B 251 131.04 131.54 27.55
C UNK B 251 131.91 130.37 27.99
N UNK B 252 131.26 129.25 28.23
CA UNK B 252 131.97 128.02 28.54
C UNK B 252 132.31 127.31 27.22
N UNK B 253 132.73 126.06 27.29
CA UNK B 253 133.29 125.40 26.12
C UNK B 253 132.54 124.10 25.84
N UNK B 254 133.01 123.42 24.80
CA UNK B 254 132.33 122.26 24.22
C UNK B 254 133.41 121.35 23.64
N UNK B 255 133.00 120.46 22.73
CA UNK B 255 133.91 119.51 22.09
C UNK B 255 133.70 119.51 20.58
N UNK B 256 133.66 120.69 19.98
CA UNK B 256 133.55 120.81 18.54
C UNK B 256 134.83 120.39 17.84
N UNK B 257 138.93 129.88 40.58
CA UNK B 257 138.90 128.42 40.51
C UNK B 257 137.52 127.96 40.12
N UNK B 258 137.37 126.66 39.84
CA UNK B 258 136.06 126.08 39.60
C UNK B 258 136.06 124.70 40.24
N UNK B 259 135.53 124.59 41.45
CA UNK B 259 135.64 123.37 42.23
C UNK B 259 134.55 122.37 41.83
N UNK B 260 134.96 121.14 41.58
CA UNK B 260 134.03 120.05 41.39
C UNK B 260 134.66 118.80 41.96
N UNK B 261 133.94 118.15 42.86
CA UNK B 261 134.39 116.90 43.46
C UNK B 261 133.60 115.79 42.82
N UNK B 262 134.27 114.88 42.12
CA UNK B 262 133.62 113.74 41.51
C UNK B 262 133.75 112.54 42.43
N UNK B 263 132.67 111.81 42.58
CA UNK B 263 132.64 110.67 43.48
C UNK B 263 131.84 109.58 42.79
N UNK B 264 132.51 108.48 42.44
CA UNK B 264 131.79 107.36 41.85
C UNK B 264 130.98 106.70 42.94
N UNK B 265 129.75 107.17 43.14
CA UNK B 265 129.02 106.96 44.39
C UNK B 265 128.57 105.52 44.55
N UNK B 266 129.51 104.63 44.76
CA UNK B 266 129.21 103.23 44.87
C UNK B 266 129.74 102.60 46.15
N UNK B 267 130.95 102.96 46.59
CA UNK B 267 131.60 102.18 47.62
C UNK B 267 132.67 103.03 48.32
N UNK B 268 133.60 102.34 48.98
CA UNK B 268 134.72 102.92 49.72
C UNK B 268 136.03 102.44 49.09
N UNK B 269 137.14 103.20 49.23
CA UNK B 269 137.28 104.50 49.87
C UNK B 269 138.27 105.50 49.23
N UNK B 270 138.91 105.15 48.11
CA UNK B 270 140.10 105.89 47.69
C UNK B 270 139.77 107.28 47.15
N UNK B 271 140.68 108.23 47.37
CA UNK B 271 140.47 109.62 47.03
C UNK B 271 141.71 110.21 46.36
N UNK B 272 141.51 111.25 45.55
CA UNK B 272 142.61 111.93 44.87
C UNK B 272 142.24 113.39 44.64
N UNK B 273 143.19 114.15 44.08
CA UNK B 273 142.96 115.57 43.81
C UNK B 273 143.92 116.06 42.74
N UNK B 274 143.47 117.05 41.95
CA UNK B 274 144.29 117.69 40.93
C UNK B 274 143.67 119.03 40.54
N UNK B 275 144.37 119.76 39.65
CA UNK B 275 143.95 120.97 38.93
C UNK B 275 145.04 121.38 37.94
N UNK B 276 144.74 122.00 36.77
CA UNK B 276 143.43 122.23 36.15
C UNK B 276 143.57 122.25 34.61
N UNK B 277 143.46 121.10 33.93
CA UNK B 277 143.78 121.16 32.51
C UNK B 277 143.01 120.21 31.59
N UNK B 278 141.88 119.64 32.00
CA UNK B 278 141.00 118.79 31.18
C UNK B 278 141.62 117.48 30.68
N UNK B 279 142.87 117.21 31.00
CA UNK B 279 143.50 115.95 30.62
C UNK B 279 143.21 114.86 31.61
N UNK B 280 142.45 115.17 32.65
CA UNK B 280 142.27 114.28 33.78
C UNK B 280 141.24 113.22 33.54
N UNK B 281 140.86 112.92 32.30
CA UNK B 281 140.11 111.71 32.07
C UNK B 281 140.97 110.48 32.35
N UNK B 282 142.27 110.58 32.16
CA UNK B 282 143.16 109.49 32.55
C UNK B 282 143.23 109.34 34.06
N UNK B 283 143.36 110.46 34.77
CA UNK B 283 143.31 110.43 36.22
C UNK B 283 141.95 109.96 36.71
N UNK B 284 140.89 110.28 35.97
CA UNK B 284 139.57 109.77 36.30
C UNK B 284 139.46 108.29 36.06
N UNK B 285 140.18 107.77 35.08
CA UNK B 285 140.24 106.33 34.90
C UNK B 285 140.97 105.67 36.06
N UNK B 286 142.02 106.33 36.54
CA UNK B 286 142.73 105.83 37.71
C UNK B 286 141.83 105.85 38.94
N UNK B 287 141.05 106.91 39.10
CA UNK B 287 140.15 107.00 40.25
C UNK B 287 139.00 106.02 40.13
N UNK B 288 138.53 105.77 38.91
CA UNK B 288 137.46 104.81 38.72
C UNK B 288 137.96 103.39 38.93
N UNK B 289 139.25 103.16 38.70
CA UNK B 289 139.85 101.95 39.24
C UNK B 289 139.91 102.00 40.75
N UNK B 290 140.10 103.20 41.30
CA UNK B 290 140.52 103.32 42.69
C UNK B 290 139.37 103.20 43.68
N UNK B 291 138.16 103.66 43.33
CA UNK B 291 136.98 103.63 44.20
C UNK B 291 137.17 104.42 45.51
N UNK B 292 136.96 105.73 45.51
CA UNK B 292 135.95 106.32 44.63
C UNK B 292 136.10 107.72 44.03
N UNK B 293 136.98 108.59 44.52
CA UNK B 293 136.75 110.01 44.37
C UNK B 293 137.97 110.76 43.86
N UNK B 294 137.69 111.88 43.22
CA UNK B 294 138.71 112.78 42.73
C UNK B 294 138.20 114.21 42.81
N UNK B 295 138.97 115.08 43.41
CA UNK B 295 138.61 116.48 43.45
C UNK B 295 139.38 117.26 42.39
N UNK B 296 138.74 118.29 41.86
CA UNK B 296 139.43 119.13 40.91
C UNK B 296 138.91 120.55 41.03
N UNK B 297 139.75 121.50 40.66
CA UNK B 297 139.34 122.90 40.58
C UNK B 297 139.77 123.39 39.21
N UNK B 298 138.93 123.11 38.23
CA UNK B 298 139.23 123.38 36.83
C UNK B 298 138.70 124.75 36.44
N UNK B 299 138.81 125.06 35.15
CA UNK B 299 138.33 126.31 34.58
C UNK B 299 137.27 126.09 33.52
N UNK B 300 137.48 125.17 32.58
CA UNK B 300 136.45 124.84 31.60
C UNK B 300 136.44 123.34 31.33
N UNK B 301 136.75 122.53 32.33
CA UNK B 301 136.89 121.09 32.17
C UNK B 301 135.83 120.30 32.90
N UNK B 302 135.56 120.68 34.15
CA UNK B 302 134.60 119.97 34.97
C UNK B 302 133.20 120.09 34.43
N UNK B 303 132.89 121.20 33.77
CA UNK B 303 131.62 121.34 33.09
C UNK B 303 131.47 120.30 32.00
N UNK B 304 132.54 120.02 31.26
CA UNK B 304 132.46 119.01 30.21
C UNK B 304 132.33 117.61 30.81
N UNK B 305 133.02 117.38 31.93
CA UNK B 305 132.89 116.08 32.59
C UNK B 305 131.48 115.88 33.14
N UNK B 306 130.86 116.94 33.65
CA UNK B 306 129.50 116.85 34.15
C UNK B 306 128.49 116.70 33.02
N UNK B 307 128.76 117.32 31.88
CA UNK B 307 127.94 117.10 30.70
C UNK B 307 128.04 115.67 30.23
N UNK B 308 129.19 115.04 30.41
CA UNK B 308 129.29 113.61 30.13
C UNK B 308 128.50 112.80 31.13
N UNK B 309 128.59 113.16 32.41
CA UNK B 309 128.11 112.30 33.46
C UNK B 309 126.61 112.41 33.68
N UNK B 310 126.02 113.57 33.49
CA UNK B 310 124.58 113.72 33.67
C UNK B 310 123.80 113.39 32.42
N UNK B 311 124.38 112.63 31.50
CA UNK B 311 123.64 112.26 30.29
C UNK B 311 122.69 111.12 30.60
N UNK B 312 123.25 109.94 30.93
CA UNK B 312 122.51 108.69 31.17
C UNK B 312 121.48 108.40 30.07
N UNK B 313 121.85 108.70 28.84
CA UNK B 313 120.92 108.63 27.71
C UNK B 313 120.90 107.21 27.14
N UNK B 314 120.49 106.29 28.01
CA UNK B 314 120.17 104.95 27.60
C UNK B 314 118.72 104.82 27.15
N UNK B 315 118.14 105.92 26.67
CA UNK B 315 116.90 105.85 25.91
C UNK B 315 117.19 104.95 24.74
N UNK B 316 118.00 105.40 23.77
CA UNK B 316 118.73 104.37 23.04
C UNK B 316 120.23 104.62 22.88
N UNK B 317 120.58 105.56 22.01
CA UNK B 317 121.91 105.69 21.41
C UNK B 317 121.91 106.82 20.38
N UNK B 318 123.04 107.03 19.71
CA UNK B 318 123.10 107.77 18.45
C UNK B 318 124.36 107.39 17.71
N UNK B 319 124.26 107.25 16.40
CA UNK B 319 125.43 107.08 15.53
C UNK B 319 125.38 108.24 14.54
N UNK B 320 125.92 109.38 14.94
CA UNK B 320 125.59 110.63 14.29
C UNK B 320 126.35 110.80 12.99
N UNK B 321 126.03 111.89 12.28
CA UNK B 321 126.85 112.45 11.22
C UNK B 321 126.44 113.89 11.05
N UNK B 322 127.38 114.74 10.64
CA UNK B 322 127.13 116.18 10.64
C UNK B 322 127.54 116.80 9.32
N UNK B 323 127.06 118.02 9.11
CA UNK B 323 127.63 118.94 8.12
C UNK B 323 127.26 120.34 8.62
N UNK B 324 128.19 121.01 9.27
CA UNK B 324 127.79 122.09 10.16
C UNK B 324 128.30 123.47 9.74
N UNK B 325 129.62 123.67 9.67
CA UNK B 325 130.25 124.92 9.26
C UNK B 325 129.89 126.19 10.03
N UNK B 326 129.26 126.12 11.21
CA UNK B 326 128.86 127.36 11.89
C UNK B 326 128.55 127.19 13.37
N UNK B 327 128.90 128.23 14.14
CA UNK B 327 128.07 128.82 15.20
C UNK B 327 127.71 127.84 16.33
N UNK B 328 128.70 127.54 17.17
CA UNK B 328 128.40 126.79 18.40
C UNK B 328 129.38 127.20 19.51
N UNK B 329 128.93 128.03 20.46
CA UNK B 329 129.67 128.20 21.71
C UNK B 329 128.85 127.88 22.97
N UNK B 330 127.87 128.73 23.32
CA UNK B 330 126.65 128.49 24.12
C UNK B 330 126.67 127.46 25.25
N UNK B 331 127.55 127.59 26.26
CA UNK B 331 127.65 126.51 27.25
C UNK B 331 127.67 127.00 28.69
N UNK B 332 127.30 128.25 28.95
CA UNK B 332 127.20 128.77 30.30
C UNK B 332 125.77 128.74 30.82
N UNK B 333 125.00 127.74 30.40
CA UNK B 333 123.56 127.80 30.53
C UNK B 333 123.06 126.93 31.66
N UNK B 334 121.80 127.19 32.04
CA UNK B 334 121.11 126.45 33.07
C UNK B 334 119.63 126.39 32.70
N UNK B 335 119.01 125.22 32.86
CA UNK B 335 119.66 124.03 33.37
C UNK B 335 120.12 123.06 32.30
N UNK B 336 119.15 122.50 31.57
CA UNK B 336 119.33 121.41 30.60
C UNK B 336 120.04 120.18 31.18
N UNK B 337 120.12 120.09 32.49
CA UNK B 337 121.02 119.20 33.21
C UNK B 337 120.67 119.36 34.68
N UNK B 338 121.46 118.73 35.55
CA UNK B 338 121.26 118.86 36.99
C UNK B 338 122.58 118.64 37.70
N UNK B 339 122.53 118.68 39.03
CA UNK B 339 123.65 118.30 39.87
C UNK B 339 123.07 117.73 41.16
N UNK B 340 123.69 116.66 41.66
CA UNK B 340 123.07 115.86 42.71
C UNK B 340 123.06 116.60 44.04
N UNK B 341 124.25 116.88 44.56
CA UNK B 341 124.37 117.74 45.73
C UNK B 341 125.60 118.59 45.51
N UNK B 342 125.80 119.54 46.41
CA UNK B 342 126.88 120.52 46.38
C UNK B 342 126.92 121.24 45.03
N UNK B 343 125.82 121.88 44.70
CA UNK B 343 125.64 122.48 43.39
C UNK B 343 125.70 123.99 43.56
N UNK B 344 126.91 124.54 43.53
CA UNK B 344 127.11 125.97 43.74
C UNK B 344 127.97 126.53 42.61
N UNK B 345 127.31 126.86 41.52
CA UNK B 345 127.92 127.64 40.45
C UNK B 345 127.36 129.05 40.59
N UNK B 346 128.23 130.01 40.85
CA UNK B 346 127.78 131.37 41.11
C UNK B 346 127.38 132.05 39.80
N UNK B 347 126.89 133.29 39.91
CA UNK B 347 126.52 134.07 38.74
C UNK B 347 126.57 135.55 39.09
N UNK B 348 127.67 136.21 38.72
CA UNK B 348 127.91 137.64 38.93
C UNK B 348 127.70 138.05 40.38
N UNK B 349 128.51 137.40 41.24
CA UNK B 349 128.42 137.48 42.71
C UNK B 349 127.03 137.09 43.22
N UNK B 350 126.56 135.92 42.77
CA UNK B 350 125.31 135.36 43.26
C UNK B 350 125.50 134.75 44.65
N UNK B 351 74.75 100.17 87.70
CA UNK B 351 74.23 101.05 88.74
C UNK B 351 72.72 101.02 88.85
N UNK B 352 63.57 108.11 90.80
CA UNK B 352 62.51 108.66 89.97
C UNK B 352 61.25 107.81 90.02
N UNK B 353 60.68 107.53 88.84
CA UNK B 353 59.30 107.09 88.70
C UNK B 353 58.36 108.00 89.49
N UNK B 354 58.36 109.27 89.07
CA UNK B 354 57.55 110.27 89.73
C UNK B 354 56.13 110.22 89.22
N UNK B 355 55.17 110.33 90.14
CA UNK B 355 53.75 110.31 89.80
C UNK B 355 53.23 111.72 89.51
N UNK B 356 53.28 112.61 90.49
CA UNK B 356 52.65 113.93 90.39
C UNK B 356 53.52 115.04 90.99
N UNK B 357 54.79 115.07 90.63
CA UNK B 357 55.77 115.93 91.26
C UNK B 357 56.27 116.97 90.26
N UNK B 358 57.45 117.55 90.53
CA UNK B 358 58.06 118.67 89.82
C UNK B 358 58.15 118.58 88.30
N UNK B 359 57.86 117.41 87.71
CA UNK B 359 57.47 117.26 86.31
C UNK B 359 58.53 117.58 85.24
N UNK B 360 59.47 116.66 85.06
CA UNK B 360 60.19 116.46 83.79
C UNK B 360 61.20 117.56 83.45
N UNK B 361 62.12 117.81 84.37
CA UNK B 361 63.45 118.27 84.01
C UNK B 361 64.42 117.31 84.68
N UNK B 362 64.02 116.84 85.87
CA UNK B 362 64.68 115.70 86.48
C UNK B 362 64.51 114.44 85.63
N UNK B 363 63.44 114.37 84.85
CA UNK B 363 63.31 113.28 83.89
C UNK B 363 64.37 113.36 82.80
N UNK B 364 64.66 114.58 82.31
CA UNK B 364 65.75 114.74 81.37
C UNK B 364 67.07 114.35 82.01
N UNK B 365 67.23 114.68 83.28
CA UNK B 365 68.40 114.24 84.02
C UNK B 365 68.47 112.73 84.13
N UNK B 366 67.34 112.06 84.29
CA UNK B 366 67.36 110.60 84.40
C UNK B 366 67.68 109.97 83.06
N UNK B 367 67.17 110.55 81.98
CA UNK B 367 67.50 110.05 80.65
C UNK B 367 68.98 110.20 80.36
N UNK B 368 69.55 111.34 80.73
CA UNK B 368 70.98 111.52 80.57
C UNK B 368 71.77 110.62 81.50
N UNK B 369 71.22 110.31 82.67
CA UNK B 369 71.89 109.42 83.61
C UNK B 369 72.00 108.02 83.04
N UNK B 370 70.91 107.49 82.52
CA UNK B 370 71.00 106.15 81.93
C UNK B 370 71.78 106.18 80.62
N UNK B 371 71.76 107.31 79.91
CA UNK B 371 72.56 107.44 78.71
C UNK B 371 74.04 107.34 79.02
N UNK B 372 74.48 107.99 80.08
CA UNK B 372 75.85 107.81 80.53
C UNK B 372 76.06 106.49 81.23
N UNK B 373 74.99 105.83 81.63
CA UNK B 373 75.15 104.50 82.19
C UNK B 373 75.32 103.45 81.13
N UNK B 374 74.97 103.74 79.89
CA UNK B 374 75.21 102.74 78.85
C UNK B 374 76.63 102.86 78.30
N UNK B 375 76.93 103.96 77.61
CA UNK B 375 78.29 104.16 77.05
C UNK B 375 78.51 105.61 76.66
N UNK B 376 79.38 106.32 77.39
CA UNK B 376 79.95 107.56 76.87
C UNK B 376 81.33 107.74 77.51
N UNK B 377 82.36 107.15 76.87
CA UNK B 377 83.69 107.02 77.49
C UNK B 377 84.76 106.50 76.52
N UNK B 378 85.87 106.07 77.11
CA UNK B 378 86.84 105.01 76.74
C UNK B 378 88.04 105.28 75.83
N UNK B 379 88.24 106.48 75.30
CA UNK B 379 89.55 107.13 75.13
C UNK B 379 90.80 106.27 74.90
N UNK B 380 90.76 105.30 73.98
CA UNK B 380 91.88 104.38 73.79
C UNK B 380 92.98 104.99 72.92
N UNK B 381 93.92 104.17 72.41
CA UNK B 381 94.95 104.72 71.52
C UNK B 381 95.38 103.68 70.48
N UNK B 382 94.66 103.64 69.36
CA UNK B 382 95.24 103.21 68.08
C UNK B 382 94.71 103.99 66.89
N UNK B 383 93.39 104.23 66.87
CA UNK B 383 92.69 104.49 65.61
C UNK B 383 91.49 105.37 65.87
N UNK B 384 91.05 106.04 64.82
CA UNK B 384 90.13 107.18 64.96
C UNK B 384 89.09 107.14 63.84
N UNK B 385 88.37 108.27 63.66
CA UNK B 385 87.31 108.39 62.66
C UNK B 385 87.27 109.73 61.94
N UNK B 386 88.21 110.63 62.17
CA UNK B 386 88.15 111.99 61.59
C UNK B 386 89.57 112.44 61.24
N UNK B 387 89.92 112.33 59.96
CA UNK B 387 91.30 112.46 59.49
C UNK B 387 91.42 113.49 58.39
N UNK B 388 90.85 114.68 58.60
CA UNK B 388 91.12 115.81 57.71
C UNK B 388 92.39 116.52 58.18
N UNK B 389 93.51 115.83 58.03
CA UNK B 389 94.79 116.21 58.62
C UNK B 389 95.86 116.47 57.58
N UNK B 390 95.45 117.04 56.46
CA UNK B 390 96.37 117.77 55.60
C UNK B 390 96.31 119.26 55.89
N UNK B 391 96.02 119.62 57.12
CA UNK B 391 96.07 120.99 57.60
C UNK B 391 96.60 120.95 59.02
N UNK B 392 97.74 121.60 59.26
CA UNK B 392 98.44 121.46 60.54
C UNK B 392 99.08 122.80 60.93
N UNK B 393 98.40 123.56 61.78
CA UNK B 393 98.94 124.79 62.35
C UNK B 393 98.86 124.79 63.88
N UNK B 394 98.81 123.61 64.48
CA UNK B 394 98.54 123.40 65.90
C UNK B 394 99.76 122.74 66.54
N UNK B 395 99.61 122.28 67.78
CA UNK B 395 100.75 121.72 68.52
C UNK B 395 100.32 120.54 69.39
N UNK B 396 100.90 119.36 69.13
CA UNK B 396 100.76 118.20 70.00
C UNK B 396 101.93 118.19 70.98
N UNK B 397 102.03 117.15 71.82
CA UNK B 397 103.21 117.02 72.68
C UNK B 397 103.98 115.74 72.44
N UNK B 398 103.33 114.58 72.52
CA UNK B 398 104.06 113.32 72.48
C UNK B 398 103.37 112.35 71.54
N UNK B 399 103.94 111.16 71.44
CA UNK B 399 103.40 110.09 70.61
C UNK B 399 103.97 108.77 71.13
N UNK B 400 103.81 107.72 70.35
CA UNK B 400 104.38 106.42 70.66
C UNK B 400 104.53 105.66 69.35
N UNK B 401 104.86 104.37 69.43
CA UNK B 401 105.11 103.55 68.25
C UNK B 401 105.10 102.10 68.66
N UNK B 402 105.18 101.23 67.67
CA UNK B 402 105.36 99.79 67.87
C UNK B 402 105.82 99.17 66.56
N UNK B 403 105.78 97.84 66.52
CA UNK B 403 105.87 97.02 65.33
C UNK B 403 105.07 95.76 65.63
N UNK B 404 105.31 94.70 64.88
CA UNK B 404 104.63 93.45 65.15
C UNK B 404 105.58 92.42 65.73
N UNK B 405 106.48 92.87 66.61
CA UNK B 405 107.68 92.11 66.91
C UNK B 405 108.12 92.40 68.35
N UNK B 406 109.38 92.09 68.64
CA UNK B 406 109.96 92.23 69.98
C UNK B 406 111.48 92.34 69.86
N UNK B 407 112.14 93.09 70.77
CA UNK B 407 111.57 94.00 71.79
C UNK B 407 112.37 95.28 72.12
N UNK B 408 113.35 95.70 71.33
CA UNK B 408 114.24 96.79 71.73
C UNK B 408 113.52 98.14 71.74
N UNK B 409 114.20 99.21 72.17
CA UNK B 409 113.49 100.48 72.36
C UNK B 409 114.42 101.68 72.37
N UNK B 410 113.83 102.85 72.06
CA UNK B 410 114.52 104.13 72.11
C UNK B 410 113.51 105.25 72.30
N UNK B 411 114.03 106.46 72.50
CA UNK B 411 113.18 107.63 72.70
C UNK B 411 113.94 108.89 72.33
N UNK B 412 113.21 109.87 71.80
CA UNK B 412 113.79 111.08 71.22
C UNK B 412 112.81 112.24 71.38
N UNK B 413 113.31 113.46 71.16
CA UNK B 413 112.47 114.65 71.30
C UNK B 413 113.10 115.84 70.59
N UNK B 414 112.43 116.35 69.55
CA UNK B 414 112.80 117.58 68.85
C UNK B 414 111.57 118.06 68.07
N UNK B 415 111.77 118.88 67.05
CA UNK B 415 110.77 119.04 66.01
C UNK B 415 110.79 117.79 65.09
N UNK B 416 110.02 117.81 63.99
CA UNK B 416 109.75 116.56 63.30
C UNK B 416 110.77 116.25 62.20
N UNK B 417 110.49 115.16 61.49
CA UNK B 417 110.94 114.73 60.17
C UNK B 417 112.35 114.19 60.13
N UNK B 418 113.14 114.29 61.19
CA UNK B 418 114.30 113.44 61.28
C UNK B 418 113.93 112.07 61.79
N UNK B 419 112.70 111.92 62.25
CA UNK B 419 112.26 110.73 62.94
C UNK B 419 112.20 109.52 62.04
N UNK B 420 112.10 109.70 60.73
CA UNK B 420 111.98 108.56 59.85
C UNK B 420 113.27 107.74 59.81
N UNK B 421 114.41 108.41 59.90
CA UNK B 421 115.67 107.68 59.89
C UNK B 421 115.83 106.87 61.17
N UNK B 422 115.50 107.46 62.31
CA UNK B 422 115.53 106.71 63.56
C UNK B 422 114.46 105.63 63.57
N UNK B 423 113.35 105.85 62.88
CA UNK B 423 112.29 104.86 62.81
C UNK B 423 112.75 103.64 62.05
N UNK B 424 113.41 103.85 60.92
CA UNK B 424 113.95 102.72 60.19
C UNK B 424 115.11 102.10 60.92
N UNK B 425 115.82 102.88 61.73
CA UNK B 425 116.85 102.31 62.59
C UNK B 425 116.23 101.38 63.62
N UNK B 426 115.08 101.78 64.17
CA UNK B 426 114.43 100.94 65.17
C UNK B 426 113.82 99.72 64.54
N UNK B 427 113.25 99.86 63.36
CA UNK B 427 112.69 98.70 62.67
C UNK B 427 113.78 97.76 62.21
N UNK B 428 114.97 98.29 61.94
CA UNK B 428 116.11 97.42 61.69
C UNK B 428 116.56 96.75 62.97
N UNK B 429 116.43 97.44 64.09
CA UNK B 429 116.75 96.81 65.36
C UNK B 429 115.65 95.89 65.87
N UNK B 430 114.50 95.83 65.18
CA UNK B 430 113.32 95.06 65.54
C UNK B 430 112.79 95.48 66.92
N UNK B 431 112.29 96.70 66.96
CA UNK B 431 112.19 97.44 68.21
C UNK B 431 110.82 98.07 68.30
N UNK B 432 110.69 99.01 69.25
CA UNK B 432 109.46 99.77 69.45
C UNK B 432 109.87 101.12 70.01
N UNK B 433 109.80 102.16 69.18
CA UNK B 433 110.32 103.46 69.53
C UNK B 433 109.28 104.27 70.30
N UNK B 434 109.69 105.46 70.75
CA UNK B 434 108.74 106.48 71.16
C UNK B 434 109.19 107.81 70.61
N UNK B 435 108.56 108.90 71.05
CA UNK B 435 108.96 110.24 70.67
C UNK B 435 108.34 111.22 71.65
N UNK B 436 108.76 112.47 71.55
CA UNK B 436 108.07 113.53 72.29
C UNK B 436 108.21 114.80 71.46
N UNK B 437 107.23 115.07 70.62
CA UNK B 437 107.53 115.95 69.49
C UNK B 437 106.27 116.45 68.84
N UNK B 438 106.44 117.46 68.00
CA UNK B 438 105.41 118.01 67.13
C UNK B 438 105.59 117.45 65.73
N UNK B 439 104.46 117.23 65.05
CA UNK B 439 104.32 116.93 63.63
C UNK B 439 104.89 115.58 63.19
N UNK B 440 105.59 114.90 64.08
CA UNK B 440 105.88 113.49 63.83
C UNK B 440 104.59 112.68 63.91
N UNK B 441 103.70 113.06 64.83
CA UNK B 441 102.38 112.45 64.91
C UNK B 441 101.54 112.75 63.67
N UNK B 442 101.80 113.85 62.98
CA UNK B 442 101.18 114.05 61.69
C UNK B 442 101.74 113.07 60.68
N UNK B 443 103.07 112.93 60.66
CA UNK B 443 103.75 112.13 59.65
C UNK B 443 103.30 110.68 59.69
N UNK B 444 103.37 110.06 60.87
CA UNK B 444 103.08 108.65 60.96
C UNK B 444 101.61 108.36 60.73
N UNK B 445 100.73 109.25 61.21
CA UNK B 445 99.30 109.01 61.09
C UNK B 445 98.86 109.14 59.65
N UNK B 446 99.37 110.14 58.93
CA UNK B 446 99.01 110.22 57.53
C UNK B 446 99.68 109.12 56.72
N UNK B 447 100.80 108.58 57.19
CA UNK B 447 101.34 107.41 56.52
C UNK B 447 100.52 106.17 56.77
N UNK B 448 99.71 106.15 57.83
CA UNK B 448 98.87 105.01 58.14
C UNK B 448 97.48 105.09 57.54
N UNK B 449 97.33 105.75 56.39
CA UNK B 449 96.06 105.68 55.70
C UNK B 449 95.92 104.35 54.97
N UNK B 450 96.75 104.14 53.93
CA UNK B 450 96.75 102.95 53.06
C UNK B 450 95.34 102.58 52.57
N UNK B 451 94.68 103.54 51.92
CA UNK B 451 93.39 103.25 51.29
C UNK B 451 93.66 102.35 50.13
N UNK B 452 94.34 102.87 49.09
CA UNK B 452 95.01 102.11 48.01
C UNK B 452 94.14 101.05 47.37
N UNK B 453 92.84 101.29 47.37
CA UNK B 453 91.87 100.42 46.75
C UNK B 453 90.86 101.25 45.99
N UNK B 454 91.04 102.56 45.95
CA UNK B 454 90.57 103.21 44.75
C UNK B 454 91.54 102.69 43.72
N UNK B 455 92.78 103.13 43.82
CA UNK B 455 94.04 102.53 43.37
C UNK B 455 95.10 103.58 43.68
N UNK B 456 96.36 103.21 43.47
CA UNK B 456 97.43 104.17 43.63
C UNK B 456 97.50 105.05 42.40
N UNK B 457 97.63 106.35 42.60
CA UNK B 457 97.64 107.27 41.48
C UNK B 457 99.04 107.39 40.91
N UNK B 458 99.21 108.38 40.04
CA UNK B 458 100.51 108.80 39.53
C UNK B 458 100.37 110.28 39.21
N UNK B 459 100.97 111.10 40.05
CA UNK B 459 100.68 112.52 40.09
C UNK B 459 101.43 113.24 38.98
N UNK B 460 101.02 114.48 38.73
CA UNK B 460 101.77 115.45 37.96
C UNK B 460 101.22 116.81 38.31
N UNK B 461 102.09 117.76 38.56
CA UNK B 461 101.62 119.07 38.97
C UNK B 461 101.84 120.05 37.84
N UNK B 462 101.17 121.21 37.95
CA UNK B 462 101.40 122.30 37.01
C UNK B 462 100.98 123.59 37.70
N UNK B 463 101.94 124.40 38.10
CA UNK B 463 101.64 125.72 38.64
C UNK B 463 101.65 126.68 37.48
N UNK B 464 100.53 127.37 37.26
CA UNK B 464 100.42 128.36 36.21
C UNK B 464 101.08 129.67 36.63
N UNK B 465 100.76 130.76 35.92
CA UNK B 465 101.52 132.00 36.02
C UNK B 465 101.42 132.63 37.40
N UNK B 466 100.21 133.00 37.84
CA UNK B 466 100.07 133.82 39.04
C UNK B 466 99.37 133.11 40.19
N UNK B 467 98.13 132.66 39.99
CA UNK B 467 97.36 132.18 41.13
C UNK B 467 96.60 130.91 40.83
N UNK B 468 96.96 130.22 39.75
CA UNK B 468 96.34 128.95 39.42
C UNK B 468 97.36 127.87 39.62
N UNK B 469 96.97 126.80 40.30
CA UNK B 469 97.77 125.61 40.35
C UNK B 469 96.86 124.44 40.09
N UNK B 470 97.35 123.45 39.36
CA UNK B 470 96.54 122.31 39.01
C UNK B 470 97.30 121.04 39.31
N UNK B 471 96.58 120.00 39.67
CA UNK B 471 97.18 118.70 39.85
C UNK B 471 96.44 117.74 38.94
N UNK B 472 97.15 117.19 37.96
CA UNK B 472 96.60 116.12 37.17
C UNK B 472 97.12 114.81 37.70
N UNK B 473 96.42 113.73 37.40
CA UNK B 473 96.79 112.43 37.92
C UNK B 473 96.30 111.35 36.98
N UNK B 474 97.04 110.27 36.92
CA UNK B 474 96.55 109.09 36.25
C UNK B 474 96.47 107.95 37.25
N UNK B 475 95.87 106.84 36.85
CA UNK B 475 95.97 105.64 37.65
C UNK B 475 96.61 104.48 36.91
N UNK B 476 96.05 104.10 35.77
CA UNK B 476 96.56 103.04 34.92
C UNK B 476 96.16 103.39 33.50
N UNK B 477 96.14 102.41 32.62
CA UNK B 477 95.87 102.61 31.20
C UNK B 477 95.59 101.23 30.64
N UNK B 478 94.86 101.13 29.53
CA UNK B 478 94.10 102.14 28.79
C UNK B 478 92.75 102.35 29.44
N UNK B 479 91.81 102.80 28.62
CA UNK B 479 90.48 103.25 29.04
C UNK B 479 90.61 104.48 29.94
N UNK B 480 91.03 105.54 29.28
CA UNK B 480 91.29 106.84 29.86
C UNK B 480 90.01 107.59 30.20
N UNK B 481 90.09 108.91 30.20
CA UNK B 481 88.93 109.74 29.95
C UNK B 481 87.85 109.78 31.02
N UNK B 482 87.85 110.70 32.01
CA UNK B 482 88.68 111.89 32.36
C UNK B 482 87.89 112.44 33.54
N UNK B 483 88.34 113.52 34.17
CA UNK B 483 87.49 114.28 35.08
C UNK B 483 88.00 115.71 35.13
N UNK B 484 87.25 116.57 35.84
CA UNK B 484 87.67 117.94 36.10
C UNK B 484 86.93 118.43 37.34
N UNK B 485 87.60 118.44 38.47
CA UNK B 485 87.01 118.97 39.69
C UNK B 485 87.53 120.38 39.93
N UNK B 486 86.80 121.14 40.74
CA UNK B 486 87.20 122.52 41.02
C UNK B 486 86.59 122.97 42.35
N UNK B 487 87.41 123.10 43.37
CA UNK B 487 87.00 123.63 44.68
C UNK B 487 88.23 124.25 45.33
N UNK B 488 88.22 124.40 46.65
CA UNK B 488 89.45 124.78 47.33
C UNK B 488 89.68 123.90 48.56
N UNK B 489 89.52 122.59 48.41
CA UNK B 489 89.63 121.71 49.56
C UNK B 489 90.07 120.32 49.07
N UNK B 490 89.95 119.32 49.94
CA UNK B 490 90.52 118.00 49.73
C UNK B 490 89.51 116.88 49.99
N UNK B 491 88.25 117.10 49.65
CA UNK B 491 87.32 116.00 49.54
C UNK B 491 87.33 115.53 48.08
N UNK B 492 88.49 115.02 47.70
CA UNK B 492 88.75 114.68 46.32
C UNK B 492 88.95 113.20 46.10
N UNK B 493 89.31 112.44 47.14
CA UNK B 493 89.43 111.00 46.96
C UNK B 493 88.08 110.36 46.69
N UNK B 494 87.01 111.00 47.19
CA UNK B 494 85.66 110.53 46.92
C UNK B 494 85.33 110.60 45.44
N UNK B 495 85.64 111.72 44.79
CA UNK B 495 85.48 111.76 43.36
C UNK B 495 86.57 110.99 42.66
N UNK B 496 87.72 110.81 43.30
CA UNK B 496 88.81 110.12 42.65
C UNK B 496 88.56 108.63 42.54
N UNK B 497 87.70 108.07 43.37
CA UNK B 497 87.37 106.66 43.19
C UNK B 497 86.59 106.46 41.90
N UNK B 498 85.55 107.26 41.69
CA UNK B 498 84.82 107.16 40.44
C UNK B 498 85.64 107.65 39.27
N UNK B 499 86.68 108.45 39.51
CA UNK B 499 87.67 108.65 38.46
C UNK B 499 88.43 107.37 38.20
N UNK B 500 88.72 106.59 39.23
CA UNK B 500 89.45 105.34 39.06
C UNK B 500 88.54 104.19 38.70
N UNK B 501 87.30 104.48 38.34
CA UNK B 501 86.53 103.65 37.41
C UNK B 501 86.77 104.04 35.96
N UNK B 502 87.93 104.64 35.71
CA UNK B 502 88.45 105.09 34.42
C UNK B 502 89.97 105.19 34.62
N UNK B 503 90.63 106.07 33.87
CA UNK B 503 92.07 106.20 34.11
C UNK B 503 92.61 107.58 34.48
N UNK B 504 92.07 108.67 33.96
CA UNK B 504 92.72 109.96 34.21
C UNK B 504 91.81 110.89 34.99
N UNK B 505 92.42 111.79 35.76
CA UNK B 505 91.67 112.85 36.42
C UNK B 505 92.56 114.08 36.45
N UNK B 506 91.96 115.26 36.47
CA UNK B 506 92.77 116.48 36.48
C UNK B 506 92.08 117.53 37.35
N UNK B 507 92.44 117.56 38.63
CA UNK B 507 91.83 118.50 39.56
C UNK B 507 92.40 119.88 39.31
N UNK B 508 91.56 120.79 38.84
CA UNK B 508 92.00 122.10 38.35
C UNK B 508 91.87 123.17 39.43
N UNK B 509 92.49 122.90 40.57
CA UNK B 509 92.66 123.88 41.65
C UNK B 509 93.69 123.29 42.58
N UNK B 510 94.01 124.02 43.65
CA UNK B 510 95.18 123.70 44.44
C UNK B 510 94.88 123.24 45.86
N UNK B 511 94.17 124.08 46.62
CA UNK B 511 94.44 124.41 48.02
C UNK B 511 94.99 123.28 48.88
N UNK B 512 94.33 122.13 48.84
CA UNK B 512 94.77 120.99 49.63
C UNK B 512 94.84 119.73 48.80
N UNK B 513 95.08 119.88 47.51
CA UNK B 513 95.34 118.72 46.66
C UNK B 513 96.81 118.33 46.66
N UNK B 514 97.56 118.77 47.67
CA UNK B 514 98.85 118.18 47.93
C UNK B 514 98.75 116.93 48.79
N UNK B 515 97.54 116.61 49.25
CA UNK B 515 97.36 115.48 50.14
C UNK B 515 97.67 114.18 49.43
N UNK B 516 97.22 114.05 48.19
CA UNK B 516 97.52 112.82 47.45
C UNK B 516 98.98 112.73 47.11
N UNK B 517 99.64 113.87 46.92
CA UNK B 517 101.08 113.86 46.72
C UNK B 517 101.78 113.36 47.96
N UNK B 518 101.30 113.77 49.13
CA UNK B 518 101.87 113.29 50.37
C UNK B 518 101.62 111.81 50.55
N UNK B 519 100.46 111.33 50.16
CA UNK B 519 100.15 109.92 50.36
C UNK B 519 100.80 109.05 49.33
N UNK B 520 101.16 109.60 48.18
CA UNK B 520 101.70 108.78 47.11
C UNK B 520 103.21 108.78 47.09
N UNK B 521 103.85 109.90 47.40
CA UNK B 521 105.29 109.95 47.39
C UNK B 521 105.89 109.40 48.68
N UNK B 522 105.09 108.78 49.53
CA UNK B 522 105.57 108.22 50.77
C UNK B 522 105.50 106.71 50.80
N UNK B 523 104.96 106.08 49.73
CA UNK B 523 104.53 104.70 49.79
C UNK B 523 105.69 103.74 49.98
N UNK B 524 106.64 103.75 49.05
CA UNK B 524 107.73 102.79 49.16
C UNK B 524 108.69 103.14 50.28
N UNK B 525 108.89 104.43 50.53
CA UNK B 525 109.84 104.85 51.53
C UNK B 525 109.37 104.47 52.93
N UNK B 526 108.09 104.71 53.24
CA UNK B 526 107.54 104.26 54.51
C UNK B 526 107.05 102.84 54.43
N UNK B 527 107.21 102.17 53.30
CA UNK B 527 107.01 100.73 53.21
C UNK B 527 108.29 99.96 53.42
N UNK B 528 109.42 100.65 53.41
CA UNK B 528 110.67 100.01 53.83
C UNK B 528 110.59 99.54 55.27
N UNK B 529 110.00 100.37 56.14
CA UNK B 529 109.62 99.93 57.47
C UNK B 529 108.23 99.32 57.44
N UNK B 530 107.57 99.16 58.58
CA UNK B 530 106.20 98.65 58.55
C UNK B 530 105.16 99.63 59.08
N UNK B 531 105.22 100.05 60.34
CA UNK B 531 104.11 100.73 61.01
C UNK B 531 104.55 101.18 62.39
N UNK B 532 103.74 102.05 63.00
CA UNK B 532 103.96 102.36 64.42
C UNK B 532 102.73 102.13 65.33
N UNK B 533 101.64 102.83 65.07
CA UNK B 533 100.31 102.56 65.61
C UNK B 533 100.22 102.66 67.14
N UNK B 534 100.53 103.84 67.70
CA UNK B 534 100.14 104.24 69.07
C UNK B 534 100.29 105.75 69.29
N UNK B 535 99.21 106.44 69.66
CA UNK B 535 99.24 107.90 69.75
C UNK B 535 98.91 108.34 71.16
N UNK B 536 99.60 109.37 71.63
CA UNK B 536 99.34 109.96 72.94
C UNK B 536 98.91 111.40 72.74
N UNK B 537 98.79 112.12 73.85
CA UNK B 537 98.19 113.44 73.81
C UNK B 537 99.14 114.48 74.37
N UNK B 538 98.67 115.71 74.36
CA UNK B 538 99.25 116.73 75.19
C UNK B 538 98.48 116.75 76.51
N UNK B 539 99.18 116.40 77.58
CA UNK B 539 98.50 116.13 78.85
C UNK B 539 97.97 117.40 79.50
N UNK B 540 98.56 118.54 79.20
CA UNK B 540 98.06 119.80 79.74
C UNK B 540 97.02 120.38 78.79
N UNK B 541 96.66 121.64 79.00
CA UNK B 541 95.66 122.30 78.19
C UNK B 541 96.25 122.72 76.84
N UNK B 542 95.82 122.06 75.77
CA UNK B 542 96.25 122.32 74.41
C UNK B 542 95.13 121.88 73.46
N UNK B 543 95.39 121.94 72.15
CA UNK B 543 94.41 121.41 71.20
C UNK B 543 95.14 120.90 69.96
N UNK B 544 95.51 119.62 69.98
CA UNK B 544 95.93 118.84 68.82
C UNK B 544 95.97 117.38 69.25
N UNK B 545 96.54 116.55 68.38
CA UNK B 545 96.49 115.10 68.47
C UNK B 545 95.05 114.64 68.66
N UNK B 546 94.21 115.06 67.73
CA UNK B 546 92.80 114.72 67.79
C UNK B 546 92.58 113.30 67.29
N UNK B 547 91.74 112.56 68.00
CA UNK B 547 91.34 111.22 67.62
C UNK B 547 89.86 111.08 67.93
N UNK B 548 89.30 109.91 67.66
CA UNK B 548 87.84 109.80 67.69
C UNK B 548 87.42 108.49 68.35
N UNK B 549 86.15 108.15 68.17
CA UNK B 549 85.35 107.53 69.21
C UNK B 549 84.47 106.44 68.63
N UNK B 550 83.42 106.10 69.37
CA UNK B 550 82.45 105.09 69.00
C UNK B 550 81.07 105.59 69.45
N UNK B 551 80.02 104.82 69.09
CA UNK B 551 78.65 105.24 69.33
C UNK B 551 77.90 104.36 70.31
N UNK B 552 77.78 103.07 70.03
CA UNK B 552 77.32 102.03 70.96
C UNK B 552 75.97 102.22 71.67
N UNK B 553 74.83 102.10 70.99
CA UNK B 553 74.65 102.23 69.56
C UNK B 553 73.55 103.23 69.35
N UNK B 554 72.45 102.98 70.04
CA UNK B 554 71.29 103.85 69.99
C UNK B 554 71.41 104.90 71.08
N UNK B 555 70.35 105.63 71.32
CA UNK B 555 70.29 106.45 72.52
C UNK B 555 69.34 105.85 73.53
N UNK B 556 69.25 104.51 73.53
CA UNK B 556 68.84 103.72 74.69
C UNK B 556 67.40 103.99 75.12
N UNK B 557 66.46 103.53 74.29
CA UNK B 557 65.05 103.65 74.64
C UNK B 557 64.71 102.87 75.91
N UNK B 558 63.90 103.46 76.77
CA UNK B 558 63.56 102.87 78.06
C UNK B 558 62.08 103.09 78.36
N UNK B 559 61.33 102.01 78.57
CA UNK B 559 59.95 102.18 78.98
C UNK B 559 59.92 102.37 80.48
N UNK B 560 58.73 102.62 81.03
CA UNK B 560 58.57 102.73 82.47
C UNK B 560 57.10 102.45 82.76
N UNK B 561 56.80 101.25 83.20
CA UNK B 561 55.42 100.81 83.30
C UNK B 561 54.95 100.92 84.73
N UNK B 562 54.18 101.96 85.03
CA UNK B 562 53.57 102.02 86.34
C UNK B 562 52.39 101.06 86.33
N UNK B 563 52.47 99.99 87.11
CA UNK B 563 51.39 99.02 87.17
C UNK B 563 50.34 99.56 88.15
N UNK B 564 49.30 100.14 87.61
CA UNK B 564 48.43 101.04 88.38
C UNK B 564 47.49 100.24 89.25
N UNK B 565 47.97 99.87 90.42
CA UNK B 565 47.06 99.49 91.48
C UNK B 565 47.23 100.34 92.73
N UNK B 566 48.43 100.38 93.29
CA UNK B 566 48.55 100.63 94.72
C UNK B 566 49.99 100.94 95.07
N UNK B 567 50.31 100.81 96.36
CA UNK B 567 51.63 100.99 96.93
C UNK B 567 52.25 99.63 97.24
N UNK B 568 53.60 99.52 97.18
CA UNK B 568 54.56 100.53 96.74
C UNK B 568 55.74 100.10 95.87
N UNK B 569 56.16 98.83 95.94
CA UNK B 569 57.52 98.44 95.53
C UNK B 569 57.70 98.52 94.03
N UNK B 570 58.97 98.46 93.59
CA UNK B 570 59.30 98.84 92.22
C UNK B 570 60.46 97.99 91.72
N UNK B 571 60.19 97.15 90.72
CA UNK B 571 61.20 96.28 90.14
C UNK B 571 61.70 96.87 88.82
N UNK B 572 62.98 96.69 88.54
CA UNK B 572 63.60 97.29 87.36
C UNK B 572 64.33 96.22 86.54
N UNK B 573 63.75 95.84 85.42
CA UNK B 573 64.34 94.87 84.53
C UNK B 573 65.09 95.60 83.41
N UNK B 574 66.38 95.32 83.29
CA UNK B 574 67.05 95.60 82.03
C UNK B 574 66.82 94.43 81.11
N UNK B 575 66.78 94.70 79.81
CA UNK B 575 66.44 93.59 78.93
C UNK B 575 67.47 93.41 77.83
N UNK B 576 67.18 92.53 76.90
CA UNK B 576 68.09 92.23 75.82
C UNK B 576 67.40 92.44 74.48
N UNK B 577 66.74 93.60 74.36
CA UNK B 577 65.89 93.98 73.22
C UNK B 577 64.87 92.91 72.91
N UNK B 578 64.01 92.62 73.89
CA UNK B 578 63.02 91.58 73.75
C UNK B 578 61.87 91.88 74.67
N UNK B 579 60.76 91.20 74.43
CA UNK B 579 59.47 91.56 75.00
C UNK B 579 58.75 90.36 75.57
N UNK B 580 59.50 89.44 76.15
CA UNK B 580 58.92 88.45 77.06
C UNK B 580 59.06 88.94 78.49
N UNK B 581 58.41 90.07 78.73
CA UNK B 581 58.40 90.71 80.03
C UNK B 581 57.01 90.76 80.61
N UNK B 582 56.03 90.13 79.97
CA UNK B 582 54.73 90.03 80.59
C UNK B 582 54.78 89.13 81.81
N UNK B 583 55.69 88.14 81.80
CA UNK B 583 55.88 87.32 82.98
C UNK B 583 56.39 88.15 84.13
N UNK B 584 57.32 89.05 83.86
CA UNK B 584 57.77 89.90 84.94
C UNK B 584 56.71 90.93 85.31
N UNK B 585 55.85 91.31 84.37
CA UNK B 585 54.75 92.23 84.70
C UNK B 585 53.78 91.60 85.68
N UNK B 586 53.41 90.36 85.42
CA UNK B 586 52.56 89.68 86.38
C UNK B 586 53.31 89.29 87.63
N UNK B 587 54.64 89.24 87.58
CA UNK B 587 55.36 89.08 88.83
C UNK B 587 55.26 90.33 89.66
N UNK B 588 55.47 91.48 89.04
CA UNK B 588 55.48 92.74 89.77
C UNK B 588 54.10 93.27 90.04
N UNK B 589 53.06 92.60 89.55
CA UNK B 589 51.71 92.95 90.02
C UNK B 589 51.47 92.53 91.46
N UNK B 590 52.41 91.88 92.13
CA UNK B 590 52.48 91.97 93.58
C UNK B 590 52.61 93.43 94.00
N UNK B 591 53.55 94.13 93.39
CA UNK B 591 53.97 95.47 93.76
C UNK B 591 53.29 96.59 92.98
N UNK B 592 53.95 97.75 92.91
CA UNK B 592 53.45 98.93 92.22
C UNK B 592 54.07 99.21 90.87
N UNK B 593 55.38 99.32 90.74
CA UNK B 593 55.95 99.96 89.56
C UNK B 593 57.08 99.14 88.94
N UNK B 594 57.01 98.91 87.63
CA UNK B 594 58.05 98.21 86.91
C UNK B 594 58.76 99.22 86.02
N UNK B 595 60.05 99.02 85.81
CA UNK B 595 60.83 99.85 84.90
C UNK B 595 61.69 98.94 84.04
N UNK B 596 61.37 98.84 82.76
CA UNK B 596 62.14 98.02 81.83
C UNK B 596 62.90 98.93 80.90
N UNK B 597 64.17 98.62 80.62
CA UNK B 597 65.02 99.54 79.88
C UNK B 597 65.53 98.98 78.53
N UNK B 598 64.72 99.11 77.48
CA UNK B 598 64.92 98.41 76.20
C UNK B 598 63.90 98.93 75.19
N UNK B 599 63.91 98.35 73.98
CA UNK B 599 63.17 98.93 72.85
C UNK B 599 62.52 97.87 71.99
N UNK B 600 62.14 96.75 72.56
CA UNK B 600 61.27 95.84 71.85
C UNK B 600 60.02 95.57 72.62
N UNK B 601 60.04 95.81 73.91
CA UNK B 601 58.81 95.90 74.67
C UNK B 601 57.97 97.04 74.14
N UNK B 602 58.58 98.21 73.97
CA UNK B 602 57.90 99.51 74.04
C UNK B 602 56.71 99.61 73.10
N UNK B 603 56.86 99.05 71.91
CA UNK B 603 55.80 99.07 70.92
C UNK B 603 54.59 98.28 71.38
N UNK B 604 54.77 96.98 71.63
CA UNK B 604 53.61 96.16 71.94
C UNK B 604 53.12 96.43 73.35
N UNK B 605 54.01 96.85 74.23
CA UNK B 605 53.57 97.21 75.57
C UNK B 605 52.68 98.44 75.54
N UNK B 606 53.05 99.45 74.76
CA UNK B 606 52.20 100.62 74.68
C UNK B 606 50.92 100.32 73.94
N UNK B 607 51.00 99.55 72.85
CA UNK B 607 49.78 99.28 72.10
C UNK B 607 48.87 98.30 72.79
N UNK B 608 49.35 97.60 73.82
CA UNK B 608 48.42 96.83 74.62
C UNK B 608 47.87 97.66 75.75
N UNK B 609 48.68 98.50 76.37
CA UNK B 609 48.22 99.23 77.53
C UNK B 609 47.28 100.34 77.15
N UNK B 610 47.66 101.14 76.18
CA UNK B 610 46.85 102.27 75.80
C UNK B 610 45.76 101.90 74.85
N UNK B 611 45.43 100.64 74.73
CA UNK B 611 44.15 100.27 74.17
C UNK B 611 43.34 99.42 75.11
N UNK B 612 43.93 98.40 75.77
CA UNK B 612 43.15 97.37 76.46
C UNK B 612 42.44 97.86 77.69
N UNK B 613 42.62 99.10 78.08
CA UNK B 613 41.77 99.73 79.06
C UNK B 613 40.57 100.40 78.43
N UNK B 614 40.58 100.60 77.13
CA UNK B 614 39.51 101.32 76.50
C UNK B 614 38.96 100.62 75.27
N UNK B 615 39.47 99.44 74.92
CA UNK B 615 38.82 98.64 73.92
C UNK B 615 37.55 98.24 74.61
N UNK B 616 37.68 97.44 75.68
CA UNK B 616 36.83 97.47 76.88
C UNK B 616 35.34 97.45 76.61
N UNK B 617 34.95 97.04 75.40
CA UNK B 617 33.57 96.96 75.01
C UNK B 617 33.21 95.52 74.71
N UNK B 618 33.89 94.89 73.78
CA UNK B 618 33.58 93.49 73.52
C UNK B 618 34.77 92.60 73.29
N UNK B 619 35.95 93.14 72.99
CA UNK B 619 37.07 92.39 72.41
C UNK B 619 36.59 91.59 71.19
N UNK B 620 36.28 92.33 70.13
CA UNK B 620 35.76 91.80 68.89
C UNK B 620 36.62 90.70 68.31
N UNK B 621 36.05 89.49 68.24
CA UNK B 621 36.79 88.36 67.72
C UNK B 621 36.97 88.52 66.22
N UNK B 622 38.19 88.37 65.76
CA UNK B 622 38.53 88.84 64.43
C UNK B 622 38.45 87.71 63.41
N UNK B 623 38.64 88.09 62.14
CA UNK B 623 38.84 87.13 61.08
C UNK B 623 39.57 87.88 59.98
N UNK B 624 40.89 87.69 59.92
CA UNK B 624 41.73 88.50 59.09
C UNK B 624 41.62 88.10 57.63
N UNK B 625 41.85 89.04 56.71
CA UNK B 625 42.15 88.63 55.34
C UNK B 625 43.18 89.56 54.71
N UNK B 626 43.93 90.31 55.51
CA UNK B 626 44.78 91.38 55.04
C UNK B 626 45.94 90.80 54.26
N UNK B 627 45.95 91.01 52.95
CA UNK B 627 47.06 90.56 52.10
C UNK B 627 47.48 91.73 51.22
N UNK B 628 48.35 92.58 51.78
CA UNK B 628 48.61 93.85 51.13
C UNK B 628 49.85 94.58 51.62
N UNK B 629 49.90 95.85 51.25
CA UNK B 629 51.09 96.68 51.31
C UNK B 629 51.63 96.91 52.71
N UNK B 630 50.97 97.72 53.51
CA UNK B 630 51.61 98.26 54.70
C UNK B 630 51.21 97.53 55.95
N UNK B 631 50.80 96.26 55.83
CA UNK B 631 50.38 95.50 56.99
C UNK B 631 51.49 94.63 57.52
N UNK B 632 52.68 94.75 56.96
CA UNK B 632 53.84 94.06 57.45
C UNK B 632 54.78 94.97 58.22
N UNK B 633 54.88 96.24 57.83
CA UNK B 633 55.63 97.18 58.63
C UNK B 633 54.93 97.47 59.94
N UNK B 634 53.62 97.30 59.98
CA UNK B 634 52.87 96.92 61.18
C UNK B 634 52.91 97.93 62.30
N UNK B 635 53.29 99.17 62.03
CA UNK B 635 53.61 100.09 63.12
C UNK B 635 52.36 100.66 63.77
N UNK B 636 52.46 100.88 65.08
CA UNK B 636 51.35 101.47 65.81
C UNK B 636 51.75 102.51 66.83
N UNK B 637 53.04 102.76 67.00
CA UNK B 637 53.46 103.75 67.97
C UNK B 637 54.82 104.27 67.53
N UNK B 638 55.21 105.40 68.14
CA UNK B 638 56.42 106.19 67.84
C UNK B 638 56.57 106.50 66.36
N UNK B 639 55.44 106.47 65.61
CA UNK B 639 55.43 106.63 64.16
C UNK B 639 54.16 107.39 63.78
N UNK B 640 54.23 108.72 63.73
CA UNK B 640 55.28 109.52 64.35
C UNK B 640 54.66 110.48 65.35
N UNK B 641 53.63 111.19 64.90
CA UNK B 641 52.81 111.97 65.81
C UNK B 641 51.33 111.90 65.48
N UNK B 642 50.94 111.22 64.41
CA UNK B 642 49.53 110.91 64.19
C UNK B 642 49.09 109.97 65.29
N UNK B 643 48.02 110.33 65.99
CA UNK B 643 47.91 109.80 67.34
C UNK B 643 47.38 108.38 67.39
N UNK B 644 46.07 108.18 67.15
CA UNK B 644 45.36 106.89 67.17
C UNK B 644 45.54 106.07 68.46
N UNK B 645 46.16 106.67 69.45
CA UNK B 645 46.79 106.14 70.63
C UNK B 645 47.34 107.41 71.24
N UNK B 646 48.01 107.35 72.38
CA UNK B 646 48.26 108.60 73.08
C UNK B 646 49.58 108.52 73.83
N UNK B 647 49.73 109.38 74.82
CA UNK B 647 50.85 109.31 75.73
C UNK B 647 50.36 109.66 77.12
N UNK B 648 51.18 109.36 78.11
CA UNK B 648 50.75 109.45 79.50
C UNK B 648 51.90 109.93 80.38
N UNK B 649 51.98 111.25 80.56
CA UNK B 649 52.53 111.91 81.75
C UNK B 649 54.04 111.81 81.91
N UNK B 650 54.69 110.95 81.13
CA UNK B 650 56.15 110.95 81.02
C UNK B 650 56.41 110.31 79.67
N UNK B 651 56.61 111.16 78.67
CA UNK B 651 56.73 110.69 77.30
C UNK B 651 57.81 111.53 76.63
N UNK B 652 58.99 110.96 76.45
CA UNK B 652 60.10 111.63 75.78
C UNK B 652 60.42 110.79 74.56
N UNK B 653 59.85 111.14 73.42
CA UNK B 653 60.11 110.39 72.21
C UNK B 653 61.17 111.15 71.43
N UNK B 654 62.42 110.99 71.85
CA UNK B 654 63.48 111.91 71.47
C UNK B 654 64.31 111.38 70.31
N UNK B 655 64.68 112.27 69.40
CA UNK B 655 65.31 111.93 68.13
C UNK B 655 66.47 112.87 67.83
N UNK B 656 67.37 113.06 68.77
CA UNK B 656 68.33 114.16 68.65
C UNK B 656 69.72 113.68 69.07
N UNK B 657 70.61 114.65 69.33
CA UNK B 657 71.91 114.40 69.92
C UNK B 657 71.95 114.58 71.43
N UNK B 658 71.03 115.34 72.02
CA UNK B 658 70.88 115.39 73.48
C UNK B 658 69.49 115.01 73.94
N UNK B 659 68.45 115.63 73.39
CA UNK B 659 67.07 115.47 73.83
C UNK B 659 66.16 116.11 72.79
N UNK B 660 64.91 115.64 72.77
CA UNK B 660 63.98 116.04 71.72
C UNK B 660 62.54 115.78 72.16
N UNK B 661 61.65 115.56 71.18
CA UNK B 661 60.20 115.73 71.22
C UNK B 661 59.51 115.10 72.42
N UNK B 662 58.42 115.74 72.84
CA UNK B 662 57.59 115.31 73.95
C UNK B 662 56.13 115.30 73.53
N UNK B 663 55.29 114.57 74.27
CA UNK B 663 53.84 114.62 74.07
C UNK B 663 53.16 114.60 75.43
N UNK B 664 53.02 115.77 76.04
CA UNK B 664 52.49 115.92 77.39
C UNK B 664 52.14 117.38 77.65
N UNK B 665 51.92 117.73 78.90
CA UNK B 665 51.83 119.13 79.29
C UNK B 665 53.20 119.65 79.70
N UNK B 666 91.08 122.97 31.76
CA UNK B 666 89.86 122.64 31.04
C UNK B 666 90.16 121.60 29.98
N UNK B 667 91.22 121.85 29.22
CA UNK B 667 91.77 120.90 28.28
C UNK B 667 93.22 121.28 28.02
N UNK B 668 94.13 120.43 28.49
CA UNK B 668 95.55 120.77 28.51
C UNK B 668 96.36 119.49 28.56
N UNK B 669 97.64 119.58 28.16
CA UNK B 669 98.56 118.48 27.86
C UNK B 669 98.73 117.40 28.95
N UNK B 670 99.20 116.23 28.54
CA UNK B 670 99.48 115.10 29.43
C UNK B 670 100.98 114.90 29.60
N UNK B 671 101.38 114.45 30.79
CA UNK B 671 102.79 114.24 31.12
C UNK B 671 102.90 113.10 32.13
N UNK B 672 104.07 112.96 32.77
CA UNK B 672 104.26 111.90 33.76
C UNK B 672 104.65 112.41 35.14
N UNK B 673 105.73 113.19 35.27
CA UNK B 673 106.28 113.71 36.52
C UNK B 673 106.65 112.58 37.49
N UNK B 674 107.68 111.82 37.10
CA UNK B 674 108.15 110.65 37.81
C UNK B 674 108.58 110.96 39.24
N UNK B 675 108.57 109.92 40.08
CA UNK B 675 108.65 110.09 41.53
C UNK B 675 109.89 109.39 42.06
N UNK B 676 110.82 110.17 42.61
CA UNK B 676 111.97 109.66 43.32
C UNK B 676 111.57 109.28 44.75
N UNK B 677 112.46 108.58 45.43
CA UNK B 677 112.20 108.22 46.81
C UNK B 677 112.50 109.40 47.72
N UNK B 678 112.41 109.19 49.02
CA UNK B 678 112.66 110.22 50.01
C UNK B 678 113.85 109.83 50.86
N UNK B 679 114.71 110.78 51.17
CA UNK B 679 115.98 110.49 51.84
C UNK B 679 116.00 111.15 53.20
N UNK B 680 116.30 110.35 54.23
CA UNK B 680 116.48 110.85 55.59
C UNK B 680 117.43 109.91 56.32
N UNK B 681 118.51 110.46 56.84
CA UNK B 681 119.58 109.60 57.32
C UNK B 681 120.39 110.32 58.39
N UNK B 682 120.85 109.52 59.33
CA UNK B 682 121.61 109.94 60.49
C UNK B 682 122.49 108.76 60.82
N UNK B 683 122.90 108.62 62.08
CA UNK B 683 123.69 107.47 62.48
C UNK B 683 122.84 106.22 62.59
N UNK B 684 123.39 105.18 63.20
CA UNK B 684 122.93 103.83 62.91
C UNK B 684 123.02 102.93 64.13
N UNK B 685 123.18 101.64 63.87
CA UNK B 685 123.47 100.64 64.89
C UNK B 685 124.92 100.73 65.36
N UNK B 686 125.43 99.65 65.94
CA UNK B 686 126.76 99.58 66.58
C UNK B 686 126.83 100.51 67.79
N UNK B 687 126.11 100.09 68.83
CA UNK B 687 126.34 100.52 70.21
C UNK B 687 127.84 100.45 70.54
N UNK B 688 128.35 101.44 71.30
CA UNK B 688 127.64 102.34 72.22
C UNK B 688 127.20 103.71 71.68
N UNK B 689 126.42 104.42 72.50
CA UNK B 689 125.92 105.75 72.15
C UNK B 689 125.96 106.78 73.27
N UNK B 690 126.38 106.39 74.47
CA UNK B 690 126.50 107.27 75.63
C UNK B 690 125.20 107.98 76.00
N UNK B 691 124.05 107.32 75.83
CA UNK B 691 122.79 107.77 76.39
C UNK B 691 121.89 106.54 76.54
N UNK B 692 121.82 105.98 77.74
CA UNK B 692 121.07 104.75 77.99
C UNK B 692 120.17 104.95 79.20
N UNK B 693 119.29 103.96 79.46
CA UNK B 693 118.36 104.09 80.58
C UNK B 693 118.51 103.03 81.66
N UNK B 694 118.17 101.77 81.40
CA UNK B 694 118.14 100.85 82.52
C UNK B 694 118.66 99.43 82.27
N UNK B 695 118.35 98.88 81.11
CA UNK B 695 118.53 97.45 80.85
C UNK B 695 118.51 97.23 79.34
N UNK B 696 118.40 95.97 78.93
CA UNK B 696 118.60 95.59 77.54
C UNK B 696 117.29 95.68 76.75
N UNK B 697 117.20 96.57 75.78
CA UNK B 697 118.28 97.47 75.37
C UNK B 697 117.79 98.88 75.09
N UNK B 698 116.96 99.42 75.96
CA UNK B 698 116.38 100.75 75.76
C UNK B 698 117.47 101.82 75.79
N UNK B 699 117.47 102.68 74.78
CA UNK B 699 118.62 103.54 74.52
C UNK B 699 118.20 104.98 74.30
N UNK B 700 117.45 105.55 75.24
CA UNK B 700 116.87 106.88 75.10
C UNK B 700 117.93 107.95 74.99
N UNK B 701 117.72 108.93 74.10
CA UNK B 701 118.85 109.69 73.61
C UNK B 701 118.54 111.17 73.43
N UNK B 702 119.57 112.01 73.62
CA UNK B 702 119.63 113.30 72.94
C UNK B 702 120.44 113.11 71.67
N UNK B 703 121.75 112.88 71.82
CA UNK B 703 122.51 111.75 71.27
C UNK B 703 121.96 111.11 70.00
N UNK B 704 121.92 111.80 68.86
CA UNK B 704 122.72 112.94 68.54
C UNK B 704 121.99 113.86 67.60
N UNK B 705 121.98 115.15 67.92
CA UNK B 705 121.27 116.12 67.09
C UNK B 705 122.01 116.37 65.80
N UNK B 706 121.25 116.58 64.73
CA UNK B 706 121.77 116.87 63.40
C UNK B 706 120.98 118.02 62.79
N UNK B 707 120.91 119.14 63.54
CA UNK B 707 120.14 120.34 63.22
C UNK B 707 120.36 120.84 61.81
N UNK B 708 121.60 121.26 61.51
CA UNK B 708 122.28 121.06 60.23
C UNK B 708 121.45 121.54 59.03
N UNK B 709 121.32 122.87 58.95
CA UNK B 709 120.39 123.58 58.08
C UNK B 709 120.37 123.17 56.61
N UNK B 710 119.27 123.45 55.93
CA UNK B 710 118.99 122.89 54.61
C UNK B 710 118.10 123.81 53.80
N UNK B 711 118.39 123.91 52.51
CA UNK B 711 117.47 124.37 51.48
C UNK B 711 116.57 123.20 51.09
N UNK B 712 115.97 123.24 49.90
CA UNK B 712 115.30 122.05 49.37
C UNK B 712 116.39 121.04 49.04
N UNK B 713 116.85 120.35 50.08
CA UNK B 713 118.13 119.65 50.14
C UNK B 713 118.20 118.96 51.50
N UNK B 714 119.24 118.16 51.69
CA UNK B 714 119.44 117.44 52.94
C UNK B 714 120.24 118.30 53.91
N UNK B 715 120.73 117.68 54.98
CA UNK B 715 121.38 118.38 56.10
C UNK B 715 122.81 118.80 55.76
N UNK B 716 123.60 119.14 56.80
CA UNK B 716 124.98 119.57 56.61
C UNK B 716 125.80 118.52 55.88
N UNK B 717 126.68 118.99 54.99
CA UNK B 717 127.20 118.17 53.90
C UNK B 717 128.09 117.05 54.41
N UNK B 718 127.89 115.86 53.88
CA UNK B 718 128.68 114.71 54.28
C UNK B 718 128.68 113.71 53.12
N UNK B 719 129.73 113.71 52.34
CA UNK B 719 129.89 112.73 51.27
C UNK B 719 130.88 111.64 51.64
N UNK B 720 132.07 112.06 52.06
CA UNK B 720 133.03 111.16 52.69
C UNK B 720 133.59 111.71 54.00
N UNK B 721 133.40 113.00 54.29
CA UNK B 721 133.93 113.62 55.50
C UNK B 721 132.89 114.58 56.03
N UNK B 722 132.26 114.23 57.15
CA UNK B 722 131.07 114.94 57.64
C UNK B 722 131.47 116.26 58.25
N UNK B 723 131.63 117.27 57.39
CA UNK B 723 132.07 118.58 57.83
C UNK B 723 130.90 119.34 58.44
N UNK B 724 131.05 119.73 59.71
CA UNK B 724 130.11 120.59 60.40
C UNK B 724 130.37 122.06 60.05
N UNK B 725 129.83 122.98 60.85
CA UNK B 725 130.01 124.41 60.60
C UNK B 725 131.44 124.90 60.80
N UNK B 726 132.35 124.06 61.31
CA UNK B 726 133.77 124.34 61.38
C UNK B 726 134.44 124.07 60.03
N UNK B 727 135.78 123.96 60.01
CA UNK B 727 136.51 123.75 58.75
C UNK B 727 136.17 122.39 58.13
N UNK B 728 136.48 121.30 58.83
CA UNK B 728 136.18 119.96 58.33
C UNK B 728 136.12 119.01 59.52
N UNK B 729 135.53 117.84 59.29
CA UNK B 729 135.42 116.82 60.32
C UNK B 729 135.17 115.48 59.65
N UNK B 730 135.71 114.43 60.25
CA UNK B 730 135.70 113.12 59.62
C UNK B 730 134.96 112.14 60.51
N UNK B 731 133.64 112.08 60.34
CA UNK B 731 132.88 111.02 61.00
C UNK B 731 133.18 109.71 60.29
N UNK B 732 133.84 108.80 60.98
CA UNK B 732 134.26 107.55 60.37
C UNK B 732 133.11 106.59 60.17
N UNK C 1 58.53 103.80 -2.60
CA UNK C 1 57.49 102.85 -2.22
C UNK C 1 56.60 103.43 -1.14
N UNK C 2 56.23 102.62 -0.17
CA UNK C 2 55.36 103.08 0.90
C UNK C 2 55.74 102.39 2.19
N UNK C 3 55.95 103.16 3.25
CA UNK C 3 56.40 102.63 4.52
C UNK C 3 55.38 102.99 5.57
N UNK C 4 54.68 102.01 6.14
CA UNK C 4 53.57 102.33 7.04
C UNK C 4 53.83 101.90 8.48
N UNK C 5 53.07 102.46 9.41
CA UNK C 5 53.31 102.13 10.80
C UNK C 5 52.04 102.28 11.63
N UNK C 6 51.60 101.22 12.27
CA UNK C 6 50.53 101.36 13.25
C UNK C 6 51.16 101.78 14.57
N UNK C 7 50.47 102.60 15.34
CA UNK C 7 51.08 103.05 16.59
C UNK C 7 50.00 103.25 17.63
N UNK C 8 50.07 102.52 18.73
CA UNK C 8 49.00 102.53 19.71
C UNK C 8 49.42 103.28 20.97
N UNK C 9 48.50 104.05 21.55
CA UNK C 9 48.69 104.54 22.90
C UNK C 9 48.05 103.56 23.88
N UNK C 10 48.11 103.83 25.19
CA UNK C 10 47.59 102.89 26.19
C UNK C 10 46.08 103.05 26.32
N UNK C 11 45.35 101.95 26.22
CA UNK C 11 43.95 102.03 25.83
C UNK C 11 43.03 101.27 26.78
N UNK C 12 41.76 101.68 26.77
CA UNK C 12 40.65 100.87 27.28
C UNK C 12 39.39 101.42 26.65
N UNK C 13 38.82 100.67 25.70
CA UNK C 13 37.60 101.00 24.96
C UNK C 13 37.72 102.36 24.27
N UNK C 14 38.63 102.42 23.31
CA UNK C 14 38.81 103.62 22.52
C UNK C 14 39.13 103.25 21.09
N UNK C 15 39.08 104.26 20.21
CA UNK C 15 38.91 104.08 18.79
C UNK C 15 40.19 104.31 18.03
N UNK C 16 40.08 104.27 16.72
CA UNK C 16 41.23 104.27 15.84
C UNK C 16 41.20 105.53 15.00
N UNK C 17 42.34 105.90 14.44
CA UNK C 17 42.42 107.04 13.54
C UNK C 17 43.46 106.73 12.47
N UNK C 18 43.03 106.55 11.24
CA UNK C 18 43.92 106.07 10.19
C UNK C 18 44.49 107.27 9.44
N UNK C 19 45.54 107.86 10.00
CA UNK C 19 46.07 109.06 9.39
C UNK C 19 47.06 108.70 8.28
N UNK C 20 47.25 109.62 7.37
CA UNK C 20 48.20 109.40 6.27
C UNK C 20 49.09 110.62 6.22
N UNK C 21 50.25 110.54 6.86
CA UNK C 21 51.18 111.65 6.93
C UNK C 21 51.73 111.86 5.54
N UNK C 22 51.19 112.85 4.84
CA UNK C 22 51.52 113.05 3.44
C UNK C 22 52.95 113.54 3.31
N UNK C 23 53.22 114.75 3.80
CA UNK C 23 54.60 115.19 3.81
C UNK C 23 54.95 116.02 5.03
N UNK C 24 54.14 115.99 6.08
CA UNK C 24 54.26 117.02 7.11
C UNK C 24 55.44 116.76 8.04
N UNK C 25 55.38 115.66 8.81
CA UNK C 25 56.33 115.26 9.86
C UNK C 25 56.51 116.30 10.97
N UNK C 26 55.68 117.33 11.02
CA UNK C 26 55.57 118.25 12.15
C UNK C 26 54.14 118.42 12.60
N UNK C 27 53.17 118.04 11.77
CA UNK C 27 51.83 117.74 12.22
C UNK C 27 51.75 116.40 12.92
N UNK C 28 52.87 115.69 13.06
CA UNK C 28 52.88 114.41 13.74
C UNK C 28 52.51 114.58 15.20
N UNK C 29 53.07 115.59 15.87
CA UNK C 29 52.68 115.83 17.25
C UNK C 29 51.24 116.35 17.32
N UNK C 30 50.80 117.04 16.27
CA UNK C 30 49.44 117.58 16.24
C UNK C 30 48.41 116.46 16.18
N UNK C 31 48.58 115.55 15.22
CA UNK C 31 47.70 114.40 15.16
C UNK C 31 47.92 113.47 16.33
N UNK C 32 49.11 113.47 16.92
CA UNK C 32 49.34 112.63 18.09
C UNK C 32 48.51 113.09 19.26
N UNK C 33 48.49 114.39 19.53
CA UNK C 33 47.64 114.88 20.58
C UNK C 33 46.18 114.79 20.19
N UNK C 34 45.88 114.78 18.89
CA UNK C 34 44.49 114.65 18.46
C UNK C 34 43.95 113.26 18.73
N UNK C 35 44.76 112.24 18.48
CA UNK C 35 44.40 110.87 18.80
C UNK C 35 44.84 110.49 20.19
N UNK C 36 45.29 111.44 20.99
CA UNK C 36 45.44 111.17 22.40
C UNK C 36 44.10 110.91 23.07
N UNK C 37 43.01 111.44 22.53
CA UNK C 37 41.68 111.05 22.96
C UNK C 37 41.17 109.88 22.12
N UNK C 38 41.93 108.78 22.17
CA UNK C 38 41.69 107.60 21.35
C UNK C 38 42.51 106.41 21.84
N UNK C 39 42.59 105.36 21.02
CA UNK C 39 43.42 104.19 21.27
C UNK C 39 44.55 104.01 20.27
N UNK C 40 44.25 103.99 18.98
CA UNK C 40 45.26 103.53 18.03
C UNK C 40 45.36 104.48 16.85
N UNK C 41 46.47 105.19 16.75
CA UNK C 41 46.72 105.88 15.51
C UNK C 41 47.30 104.88 14.52
N UNK C 42 47.16 105.18 13.25
CA UNK C 42 47.78 104.34 12.23
C UNK C 42 48.36 105.30 11.22
N UNK C 43 49.64 105.60 11.36
CA UNK C 43 50.27 106.61 10.53
C UNK C 43 50.79 105.94 9.27
N UNK C 44 50.26 106.31 8.12
CA UNK C 44 50.80 105.80 6.88
C UNK C 44 51.84 106.76 6.32
N UNK C 45 52.76 106.19 5.53
CA UNK C 45 53.85 106.78 4.75
C UNK C 45 55.05 107.28 5.57
N UNK C 46 54.90 107.47 6.88
CA UNK C 46 55.87 107.22 7.96
C UNK C 46 57.37 107.28 7.68
N UNK C 47 57.88 108.31 7.03
CA UNK C 47 59.27 108.24 6.60
C UNK C 47 60.24 108.61 7.72
N UNK C 48 60.06 109.78 8.30
CA UNK C 48 60.81 110.14 9.49
C UNK C 48 59.99 109.99 10.74
N UNK C 49 58.67 109.88 10.60
CA UNK C 49 57.80 109.75 11.76
C UNK C 49 58.03 108.43 12.47
N UNK C 50 58.00 107.33 11.72
CA UNK C 50 58.19 106.02 12.33
C UNK C 50 59.59 105.89 12.88
N UNK C 51 60.56 106.49 12.23
CA UNK C 51 61.94 106.39 12.68
C UNK C 51 62.14 107.12 14.00
N UNK C 52 61.70 108.37 14.07
CA UNK C 52 61.89 109.12 15.30
C UNK C 52 61.04 108.55 16.41
N UNK C 53 59.86 108.02 16.09
CA UNK C 53 59.03 107.44 17.13
C UNK C 53 59.61 106.15 17.66
N UNK C 54 60.20 105.34 16.79
CA UNK C 54 60.78 104.10 17.28
C UNK C 54 62.04 104.35 18.05
N UNK C 55 62.83 105.34 17.67
CA UNK C 55 64.03 105.62 18.45
C UNK C 55 63.67 106.15 19.82
N UNK C 56 62.64 106.99 19.89
CA UNK C 56 62.20 107.47 21.19
C UNK C 56 61.63 106.35 22.02
N UNK C 57 60.91 105.42 21.40
CA UNK C 57 60.32 104.35 22.18
C UNK C 57 61.36 103.37 22.68
N UNK C 58 62.38 103.11 21.88
CA UNK C 58 63.35 102.12 22.27
C UNK C 58 64.40 102.70 23.20
N UNK C 59 64.59 103.99 23.22
CA UNK C 59 65.43 104.58 24.25
C UNK C 59 64.59 105.51 25.10
N UNK C 60 63.38 105.06 25.43
CA UNK C 60 62.45 105.88 26.17
C UNK C 60 62.43 105.59 27.66
N UNK C 61 63.05 104.51 28.12
CA UNK C 61 63.00 104.17 29.54
C UNK C 61 64.32 104.40 30.25
N UNK C 62 65.41 103.78 29.77
CA UNK C 62 66.66 103.92 30.47
C UNK C 62 67.27 105.28 30.22
N UNK C 63 67.20 105.76 28.99
CA UNK C 63 67.75 107.05 28.67
C UNK C 63 66.93 108.18 29.25
N UNK C 64 65.73 107.89 29.76
CA UNK C 64 65.00 108.83 30.58
C UNK C 64 65.30 108.68 32.05
N UNK C 65 65.50 107.45 32.49
CA UNK C 65 65.76 107.19 33.90
C UNK C 65 67.08 107.78 34.32
N UNK C 66 68.05 107.84 33.42
CA UNK C 66 69.30 108.45 33.84
C UNK C 66 69.22 109.97 33.75
N UNK C 67 69.14 110.52 32.53
CA UNK C 67 69.58 111.89 32.34
C UNK C 67 68.49 112.86 31.92
N UNK C 68 67.91 112.68 30.72
CA UNK C 68 67.27 113.75 29.96
C UNK C 68 68.15 115.01 29.92
N UNK C 69 69.28 114.87 29.25
CA UNK C 69 70.26 115.94 29.14
C UNK C 69 69.87 116.92 28.05
N UNK C 70 70.58 118.05 28.01
CA UNK C 70 70.49 119.00 26.91
C UNK C 70 71.82 118.97 26.15
N UNK C 71 71.76 118.80 24.85
CA UNK C 71 72.93 118.37 24.10
C UNK C 71 73.39 119.43 23.12
N UNK C 72 74.47 120.13 23.45
CA UNK C 72 75.16 120.97 22.48
C UNK C 72 75.91 120.10 21.48
N UNK C 73 76.11 120.61 20.27
CA UNK C 73 76.76 119.80 19.25
C UNK C 73 77.63 120.66 18.37
N UNK C 74 78.84 120.21 18.11
CA UNK C 74 79.73 120.88 17.17
C UNK C 74 80.19 119.79 16.22
N UNK C 75 79.41 119.54 15.18
CA UNK C 75 79.68 118.41 14.32
C UNK C 75 80.12 118.89 12.94
N UNK C 76 81.16 118.24 12.43
CA UNK C 76 81.63 118.46 11.08
C UNK C 76 81.02 117.40 10.20
N UNK C 77 80.75 117.76 8.96
CA UNK C 77 79.65 117.12 8.26
C UNK C 77 80.06 115.86 7.54
N UNK C 78 81.03 115.12 8.08
CA UNK C 78 81.68 114.06 7.33
C UNK C 78 80.79 112.89 6.95
N UNK C 79 80.35 112.11 7.92
CA UNK C 79 79.81 110.80 7.61
C UNK C 79 78.32 110.71 7.86
N UNK C 80 77.89 110.99 9.08
CA UNK C 80 76.49 110.87 9.45
C UNK C 80 75.62 111.89 8.74
N UNK C 81 76.22 112.98 8.25
CA UNK C 81 75.49 114.13 7.73
C UNK C 81 74.69 113.83 6.49
N UNK C 82 74.86 112.68 5.86
CA UNK C 82 73.74 112.11 5.13
C UNK C 82 73.86 110.60 5.26
N UNK C 83 73.33 110.07 6.36
CA UNK C 83 73.59 108.66 6.65
C UNK C 83 72.69 108.18 7.76
N UNK C 84 73.00 106.99 8.24
CA UNK C 84 72.20 106.20 9.15
C UNK C 84 72.69 106.35 10.58
N UNK C 85 71.76 106.22 11.52
CA UNK C 85 72.10 106.27 12.93
C UNK C 85 72.56 104.93 13.46
N UNK C 86 72.72 103.95 12.59
CA UNK C 86 73.42 102.69 12.87
C UNK C 86 72.72 101.86 13.93
N UNK C 87 71.42 101.91 13.96
CA UNK C 87 70.68 100.92 14.72
C UNK C 87 69.40 100.50 14.02
N UNK C 88 69.14 101.00 12.82
CA UNK C 88 67.88 100.73 12.17
C UNK C 88 67.85 99.37 11.53
N UNK C 89 68.97 98.94 10.97
CA UNK C 89 69.00 97.79 10.07
C UNK C 89 68.89 96.46 10.78
N UNK C 90 68.65 96.44 12.07
CA UNK C 90 68.37 95.18 12.72
C UNK C 90 67.11 95.21 13.56
N UNK C 91 66.62 96.37 13.97
CA UNK C 91 65.34 96.44 14.66
C UNK C 91 64.19 96.70 13.71
N UNK C 92 64.32 97.64 12.79
CA UNK C 92 63.34 97.71 11.70
C UNK C 92 63.82 96.91 10.49
N UNK C 93 64.28 95.71 10.79
CA UNK C 93 64.03 94.52 9.99
C UNK C 93 62.83 93.93 10.68
N UNK C 94 61.65 94.35 10.23
CA UNK C 94 60.46 94.44 11.07
C UNK C 94 59.97 93.08 11.55
N UNK C 95 59.60 93.01 12.81
CA UNK C 95 59.00 91.81 13.38
C UNK C 95 57.49 91.88 13.38
N UNK C 96 56.93 93.02 13.77
CA UNK C 96 55.55 93.41 13.50
C UNK C 96 54.53 92.48 14.13
N UNK C 97 54.58 92.39 15.45
CA UNK C 97 53.79 91.38 16.14
C UNK C 97 53.24 91.99 17.42
N UNK C 98 51.98 92.35 17.37
CA UNK C 98 51.38 92.95 18.54
C UNK C 98 49.87 92.82 18.44
N UNK C 99 49.21 93.53 19.34
CA UNK C 99 47.82 93.83 19.42
C UNK C 99 47.76 95.01 20.37
N UNK C 100 46.59 95.26 20.96
CA UNK C 100 46.50 96.20 22.07
C UNK C 100 46.71 95.46 23.38
N UNK C 101 47.97 95.17 23.67
CA UNK C 101 48.31 94.34 24.83
C UNK C 101 48.68 95.18 26.05
N UNK C 102 47.82 96.14 26.39
CA UNK C 102 47.99 96.86 27.64
C UNK C 102 46.65 97.29 28.20
N UNK C 103 45.61 96.45 28.05
CA UNK C 103 44.23 96.83 28.36
C UNK C 103 44.07 97.27 29.81
N UNK C 104 43.31 98.34 30.02
CA UNK C 104 43.52 99.19 31.20
C UNK C 104 42.31 99.37 32.10
N UNK C 105 41.64 98.27 32.46
CA UNK C 105 40.68 98.20 33.57
C UNK C 105 39.51 99.16 33.52
N UNK C 106 158.20 103.97 -43.05
CA UNK C 106 156.83 103.65 -42.67
C UNK C 106 156.48 104.33 -41.36
N UNK C 107 157.50 104.71 -40.60
CA UNK C 107 157.30 105.25 -39.26
C UNK C 107 158.47 106.16 -38.93
N UNK C 108 158.20 107.32 -38.31
CA UNK C 108 156.87 107.81 -37.99
C UNK C 108 156.24 108.49 -39.19
N UNK C 109 156.91 109.54 -39.68
CA UNK C 109 156.41 110.42 -40.74
C UNK C 109 154.99 110.89 -40.42
N UNK C 110 154.89 111.53 -39.25
CA UNK C 110 153.66 112.01 -38.64
C UNK C 110 152.64 110.89 -38.43
N UNK C 111 153.11 109.67 -38.22
CA UNK C 111 152.19 108.56 -38.12
C UNK C 111 152.79 107.53 -37.16
N UNK C 112 152.41 107.63 -35.90
CA UNK C 112 152.92 106.75 -34.87
C UNK C 112 152.01 106.85 -33.65
N UNK C 113 152.21 105.92 -32.72
CA UNK C 113 151.59 105.88 -31.39
C UNK C 113 150.06 105.90 -31.42
N UNK C 114 111.24 127.77 -35.81
CA UNK C 114 112.64 127.99 -35.47
C UNK C 114 112.77 128.36 -34.00
N UNK C 115 111.72 128.93 -33.45
CA UNK C 115 111.72 129.35 -32.06
C UNK C 115 111.22 128.28 -31.11
N UNK C 116 110.82 127.12 -31.62
CA UNK C 116 110.02 126.21 -30.82
C UNK C 116 110.88 125.34 -29.91
N UNK C 117 110.37 125.12 -28.70
CA UNK C 117 110.92 124.06 -27.86
C UNK C 117 110.64 122.69 -28.45
N UNK C 118 109.58 122.55 -29.24
CA UNK C 118 109.39 121.31 -30.00
C UNK C 118 110.51 121.14 -31.02
N UNK C 119 110.89 122.23 -31.68
CA UNK C 119 112.03 122.18 -32.59
C UNK C 119 113.32 121.92 -31.84
N UNK C 120 113.39 122.40 -30.60
CA UNK C 120 114.54 122.12 -29.75
C UNK C 120 114.61 120.63 -29.43
N UNK C 121 113.57 120.09 -28.80
CA UNK C 121 113.55 118.70 -28.34
C UNK C 121 113.59 117.70 -29.49
N UNK C 122 113.37 118.16 -30.71
CA UNK C 122 113.83 117.42 -31.88
C UNK C 122 115.33 117.66 -32.10
N UNK C 123 116.14 117.19 -31.16
CA UNK C 123 117.58 117.26 -31.34
C UNK C 123 118.38 115.97 -31.18
N UNK C 124 118.19 115.12 -30.14
CA UNK C 124 117.22 115.08 -29.04
C UNK C 124 117.78 114.76 -27.63
N UNK C 125 118.76 115.52 -27.13
CA UNK C 125 119.32 115.25 -25.80
C UNK C 125 118.40 115.79 -24.69
N UNK C 126 118.90 115.80 -23.44
CA UNK C 126 118.10 116.15 -22.26
C UNK C 126 118.67 117.31 -21.44
N UNK C 127 119.92 117.69 -21.66
CA UNK C 127 120.28 119.04 -21.27
C UNK C 127 119.55 120.07 -22.13
N UNK C 128 119.02 119.67 -23.28
CA UNK C 128 117.99 120.47 -23.94
C UNK C 128 116.73 120.59 -23.09
N UNK C 129 116.44 119.61 -22.21
CA UNK C 129 115.35 119.84 -21.26
C UNK C 129 115.80 120.72 -20.13
N UNK C 130 117.10 120.76 -19.88
CA UNK C 130 117.61 121.85 -19.06
C UNK C 130 117.69 123.17 -19.82
N UNK C 131 117.51 123.16 -21.13
CA UNK C 131 117.61 124.35 -21.95
C UNK C 131 116.29 124.76 -22.59
N UNK C 132 115.21 124.05 -22.29
CA UNK C 132 113.91 124.39 -22.84
C UNK C 132 113.36 125.68 -22.25
N UNK C 133 113.95 126.19 -21.18
CA UNK C 133 113.61 127.50 -20.66
C UNK C 133 114.02 128.63 -21.60
N UNK C 134 114.83 128.34 -22.62
CA UNK C 134 115.05 129.30 -23.68
C UNK C 134 113.74 129.66 -24.38
N UNK C 135 112.86 128.67 -24.57
CA UNK C 135 111.62 128.85 -25.30
C UNK C 135 110.42 128.98 -24.39
N UNK C 136 110.57 129.66 -23.25
CA UNK C 136 109.43 129.95 -22.40
C UNK C 136 109.56 131.37 -21.87
N UNK C 137 134.37 133.03 -36.89
CA UNK C 137 135.17 133.08 -35.67
C UNK C 137 134.42 132.41 -34.51
N UNK C 138 134.33 131.09 -34.56
CA UNK C 138 133.58 130.36 -33.56
C UNK C 138 134.40 130.17 -32.29
N UNK C 139 133.71 129.84 -31.20
CA UNK C 139 134.39 129.28 -30.05
C UNK C 139 135.06 127.96 -30.42
N UNK C 140 134.39 127.16 -31.23
CA UNK C 140 134.99 125.96 -31.78
C UNK C 140 136.07 126.25 -32.79
N UNK C 141 136.16 127.47 -33.32
CA UNK C 141 137.27 127.78 -34.20
C UNK C 141 138.58 127.86 -33.43
N UNK C 142 138.50 128.20 -32.14
CA UNK C 142 139.67 128.08 -31.28
C UNK C 142 140.14 126.63 -31.20
N UNK C 143 139.20 125.70 -31.16
CA UNK C 143 139.57 124.29 -31.25
C UNK C 143 140.05 123.94 -32.64
N UNK C 144 139.44 124.52 -33.67
CA UNK C 144 139.77 124.18 -35.05
C UNK C 144 141.14 124.70 -35.44
N UNK C 145 141.69 125.63 -34.68
CA UNK C 145 143.11 125.93 -34.77
C UNK C 145 143.92 125.21 -33.72
N UNK C 146 143.33 124.90 -32.57
CA UNK C 146 144.08 124.40 -31.43
C UNK C 146 144.42 122.93 -31.61
N UNK C 147 143.43 122.11 -31.94
CA UNK C 147 143.68 120.73 -32.30
C UNK C 147 144.48 120.63 -33.59
N UNK C 148 144.36 121.63 -34.47
CA UNK C 148 145.20 121.69 -35.65
C UNK C 148 146.66 121.86 -35.27
N UNK C 149 146.94 122.74 -34.32
CA UNK C 149 148.30 122.90 -33.83
C UNK C 149 148.74 121.69 -33.04
N UNK C 150 147.81 121.00 -32.41
CA UNK C 150 148.16 119.84 -31.59
C UNK C 150 148.30 118.56 -32.38
N UNK C 151 147.78 118.50 -33.59
CA UNK C 151 147.87 117.29 -34.39
C UNK C 151 148.70 117.45 -35.65
N UNK C 152 148.64 118.61 -36.31
CA UNK C 152 149.44 118.88 -37.50
C UNK C 152 150.80 119.48 -37.16
N UNK C 153 151.30 119.21 -35.96
CA UNK C 153 152.64 119.62 -35.57
C UNK C 153 153.68 118.54 -35.82
N UNK C 154 153.25 117.27 -35.94
CA UNK C 154 154.20 116.22 -36.28
C UNK C 154 154.73 116.41 -37.70
N UNK C 155 153.94 117.01 -38.57
CA UNK C 155 154.40 117.43 -39.88
C UNK C 155 153.66 118.67 -40.32
N UNK C 156 129.11 91.91 -60.38
CA UNK C 156 128.30 91.61 -59.21
C UNK C 156 127.82 92.89 -58.54
N UNK C 157 128.34 94.01 -58.98
CA UNK C 157 127.78 95.26 -58.47
C UNK C 157 127.39 96.24 -59.56
N UNK C 158 128.18 96.35 -60.63
CA UNK C 158 127.98 97.48 -61.53
C UNK C 158 126.92 97.22 -62.59
N UNK C 159 127.23 96.35 -63.55
CA UNK C 159 126.48 96.13 -64.79
C UNK C 159 126.07 97.44 -65.49
N UNK C 160 126.87 98.49 -65.35
CA UNK C 160 126.42 99.82 -65.71
C UNK C 160 126.78 100.13 -67.15
N UNK C 161 125.80 100.62 -67.89
CA UNK C 161 125.98 101.01 -69.28
C UNK C 161 126.03 102.52 -69.37
N UNK C 162 126.50 103.00 -70.52
CA UNK C 162 126.73 104.42 -70.71
C UNK C 162 125.96 104.91 -71.91
N UNK C 163 126.09 106.21 -72.16
CA UNK C 163 125.58 106.85 -73.36
C UNK C 163 126.37 108.13 -73.55
N UNK C 164 126.27 108.71 -74.75
CA UNK C 164 126.98 109.94 -75.04
C UNK C 164 126.02 111.11 -75.25
N UNK C 165 125.11 110.99 -76.23
CA UNK C 165 123.99 111.92 -76.47
C UNK C 165 124.46 113.36 -76.67
N UNK C 166 125.23 113.57 -77.72
CA UNK C 166 125.77 114.88 -78.03
C UNK C 166 124.93 115.58 -79.09
N UNK C 167 125.12 116.90 -79.18
CA UNK C 167 124.59 117.79 -80.22
C UNK C 167 123.05 117.78 -80.29
N UNK C 168 122.39 118.38 -79.28
CA UNK C 168 122.96 119.13 -78.16
C UNK C 168 122.25 118.89 -76.82
N UNK C 169 121.06 118.28 -76.85
CA UNK C 169 120.19 118.20 -75.69
C UNK C 169 120.00 116.76 -75.24
N UNK C 170 119.86 116.58 -73.93
CA UNK C 170 119.96 115.28 -73.28
C UNK C 170 118.67 114.47 -73.44
N UNK C 171 118.72 113.23 -72.97
CA UNK C 171 117.55 112.37 -72.90
C UNK C 171 117.17 112.03 -71.47
N UNK C 172 118.08 111.39 -70.73
CA UNK C 172 117.74 110.78 -69.45
C UNK C 172 119.02 110.44 -68.72
N UNK C 173 118.88 110.10 -67.44
CA UNK C 173 120.01 109.68 -66.62
C UNK C 173 119.62 108.52 -65.73
N UNK C 174 118.91 107.53 -66.27
CA UNK C 174 118.14 106.65 -65.41
C UNK C 174 119.00 105.56 -64.80
N UNK C 175 118.44 104.89 -63.79
CA UNK C 175 119.21 103.87 -63.09
C UNK C 175 118.28 102.80 -62.57
N UNK C 176 118.48 101.57 -63.02
CA UNK C 176 117.68 100.45 -62.57
C UNK C 176 118.37 99.85 -61.36
N UNK C 177 117.75 99.97 -60.19
CA UNK C 177 118.36 99.53 -58.95
C UNK C 177 117.58 98.33 -58.45
N UNK C 178 118.19 97.16 -58.51
CA UNK C 178 117.53 95.95 -58.05
C UNK C 178 117.81 95.78 -56.56
N UNK C 179 116.76 95.52 -55.79
CA UNK C 179 116.91 95.20 -54.38
C UNK C 179 117.13 93.70 -54.25
N UNK C 180 116.93 93.15 -53.06
CA UNK C 180 117.28 91.77 -52.74
C UNK C 180 116.43 90.77 -53.51
N UNK C 181 116.72 89.50 -53.29
CA UNK C 181 116.18 88.43 -54.10
C UNK C 181 115.10 87.67 -53.34
N UNK C 182 114.08 87.16 -54.04
CA UNK C 182 113.72 87.39 -55.45
C UNK C 182 112.20 87.31 -55.56
N UNK C 183 111.71 87.20 -56.80
CA UNK C 183 110.33 86.82 -57.14
C UNK C 183 109.31 87.80 -56.54
N UNK C 184 109.39 89.03 -57.03
CA UNK C 184 108.52 90.09 -56.53
C UNK C 184 108.38 91.13 -57.64
N UNK C 185 107.88 92.30 -57.28
CA UNK C 185 107.40 93.26 -58.26
C UNK C 185 108.47 94.26 -58.66
N UNK C 186 108.05 95.30 -59.36
CA UNK C 186 108.91 96.40 -59.74
C UNK C 186 108.19 97.69 -59.39
N UNK C 187 108.97 98.74 -59.23
CA UNK C 187 108.42 100.07 -58.99
C UNK C 187 109.33 101.10 -59.65
N UNK C 188 108.75 101.94 -60.49
CA UNK C 188 109.52 102.90 -61.27
C UNK C 188 109.36 104.27 -60.64
N UNK C 189 110.22 104.57 -59.67
CA UNK C 189 110.19 105.87 -59.04
C UNK C 189 110.73 106.91 -60.02
N UNK C 190 109.85 107.74 -60.54
CA UNK C 190 110.28 108.87 -61.33
C UNK C 190 110.60 109.98 -60.34
N UNK C 191 111.88 110.11 -60.01
CA UNK C 191 112.28 111.17 -59.10
C UNK C 191 112.15 112.51 -59.78
N UNK C 192 111.53 113.47 -59.09
CA UNK C 192 111.58 114.85 -59.57
C UNK C 192 113.02 115.30 -59.53
N UNK C 193 113.56 115.48 -58.32
CA UNK C 193 114.99 115.38 -58.11
C UNK C 193 115.30 114.82 -56.72
N UNK C 194 114.32 114.20 -56.08
CA UNK C 194 114.05 114.34 -54.65
C UNK C 194 115.19 114.01 -53.68
N UNK C 195 115.56 112.73 -53.57
CA UNK C 195 116.50 112.20 -52.57
C UNK C 195 116.14 112.63 -51.14
N UNK C 196 114.85 112.66 -50.83
CA UNK C 196 114.39 112.88 -49.47
C UNK C 196 113.55 111.73 -48.95
N UNK C 197 112.54 111.31 -49.72
CA UNK C 197 111.83 110.08 -49.46
C UNK C 197 112.43 108.91 -50.22
N UNK C 198 113.71 109.02 -50.58
CA UNK C 198 114.37 107.94 -51.29
C UNK C 198 114.45 106.71 -50.43
N UNK C 199 114.83 106.88 -49.17
CA UNK C 199 114.83 105.76 -48.25
C UNK C 199 113.41 105.28 -47.97
N UNK C 200 112.44 106.18 -48.08
CA UNK C 200 111.05 105.79 -47.87
C UNK C 200 110.56 104.86 -48.97
N UNK C 201 110.80 105.24 -50.21
CA UNK C 201 110.43 104.35 -51.29
C UNK C 201 111.31 103.12 -51.35
N UNK C 202 112.54 103.17 -50.82
CA UNK C 202 113.35 101.96 -50.75
C UNK C 202 112.77 100.99 -49.74
N UNK C 203 112.32 101.49 -48.60
CA UNK C 203 111.63 100.60 -47.67
C UNK C 203 110.28 100.20 -48.18
N UNK C 204 109.71 100.95 -49.12
CA UNK C 204 108.48 100.50 -49.76
C UNK C 204 108.77 99.35 -50.71
N UNK C 205 109.81 99.46 -51.51
CA UNK C 205 110.18 98.41 -52.44
C UNK C 205 110.90 97.27 -51.76
N UNK C 206 111.13 97.35 -50.45
CA UNK C 206 111.58 96.19 -49.70
C UNK C 206 110.57 95.06 -49.76
N UNK C 207 109.29 95.37 -49.95
CA UNK C 207 108.34 94.33 -50.27
C UNK C 207 108.44 93.89 -51.72
N UNK C 208 109.04 94.71 -52.58
CA UNK C 208 109.14 94.43 -54.01
C UNK C 208 110.48 93.76 -54.34
N UNK C 209 110.85 93.75 -55.63
CA UNK C 209 112.13 93.25 -56.10
C UNK C 209 112.99 94.29 -56.81
N UNK C 210 112.43 95.06 -57.73
CA UNK C 210 113.26 95.88 -58.60
C UNK C 210 112.73 97.30 -58.68
N UNK C 211 113.51 98.27 -58.23
CA UNK C 211 113.14 99.65 -58.40
C UNK C 211 113.86 100.22 -59.61
N UNK C 212 113.35 101.34 -60.10
CA UNK C 212 113.99 102.03 -61.21
C UNK C 212 113.83 103.52 -61.02
N UNK C 213 114.93 104.23 -60.89
CA UNK C 213 114.90 105.66 -60.68
C UNK C 213 115.05 106.39 -62.00
N UNK C 214 114.19 107.38 -62.23
CA UNK C 214 114.25 108.16 -63.46
C UNK C 214 115.10 109.41 -63.23
N UNK C 215 116.31 109.37 -63.78
CA UNK C 215 117.33 110.42 -63.96
C UNK C 215 118.03 110.86 -62.68
N UNK C 216 117.37 110.71 -61.55
CA UNK C 216 117.93 110.41 -60.23
C UNK C 216 118.94 111.38 -59.62
N UNK C 217 119.79 112.01 -60.44
CA UNK C 217 120.52 113.26 -60.24
C UNK C 217 121.31 113.47 -58.95
N UNK C 218 120.89 112.84 -57.85
CA UNK C 218 121.66 112.81 -56.61
C UNK C 218 121.41 111.48 -55.92
N UNK C 219 120.24 110.91 -56.21
CA UNK C 219 119.81 109.72 -55.50
C UNK C 219 120.63 108.52 -55.93
N UNK C 220 120.78 108.32 -57.23
CA UNK C 220 121.65 107.27 -57.72
C UNK C 220 123.09 107.57 -57.42
N UNK C 221 123.46 108.86 -57.29
CA UNK C 221 124.82 109.22 -56.91
C UNK C 221 125.15 108.73 -55.51
N UNK C 222 124.30 109.06 -54.53
CA UNK C 222 124.52 108.59 -53.17
C UNK C 222 124.33 107.09 -53.06
N UNK C 223 123.41 106.52 -53.84
CA UNK C 223 123.19 105.08 -53.84
C UNK C 223 124.41 104.34 -54.36
N UNK C 224 124.99 104.84 -55.44
CA UNK C 224 126.20 104.25 -55.99
C UNK C 224 127.36 104.44 -55.05
N UNK C 225 127.39 105.58 -54.35
CA UNK C 225 128.44 105.85 -53.39
C UNK C 225 128.41 104.82 -52.26
N UNK C 226 127.21 104.49 -51.79
CA UNK C 226 127.12 103.43 -50.79
C UNK C 226 127.47 102.08 -51.39
N UNK C 227 126.93 101.79 -52.57
CA UNK C 227 127.03 100.45 -53.13
C UNK C 227 128.44 100.12 -53.55
N UNK C 228 129.24 101.11 -53.88
CA UNK C 228 130.61 100.83 -54.29
C UNK C 228 131.48 100.51 -53.09
N UNK C 229 131.60 101.47 -52.19
CA UNK C 229 132.55 101.30 -51.10
C UNK C 229 131.98 100.51 -49.94
N UNK C 230 130.75 99.99 -50.05
CA UNK C 230 130.11 99.25 -48.97
C UNK C 230 130.89 98.03 -48.51
N UNK C 231 131.05 97.03 -49.37
CA UNK C 231 131.80 95.84 -48.98
C UNK C 231 133.28 96.13 -48.86
N UNK C 232 133.76 97.18 -49.52
CA UNK C 232 135.16 97.59 -49.43
C UNK C 232 135.51 98.03 -48.02
N UNK C 233 134.90 99.12 -47.58
CA UNK C 233 135.19 99.64 -46.26
C UNK C 233 134.48 98.88 -45.16
N UNK C 234 133.59 97.95 -45.54
CA UNK C 234 132.82 97.22 -44.54
C UNK C 234 133.69 96.30 -43.70
N UNK C 235 134.81 95.87 -44.24
CA UNK C 235 135.79 95.11 -43.46
C UNK C 235 136.60 96.00 -42.52
N UNK C 236 136.32 97.30 -42.48
CA UNK C 236 136.89 98.19 -41.47
C UNK C 236 135.87 98.61 -40.43
N UNK C 237 134.69 99.06 -40.87
CA UNK C 237 133.55 99.43 -40.02
C UNK C 237 133.90 100.54 -39.04
N UNK C 238 134.17 101.72 -39.59
CA UNK C 238 134.70 102.84 -38.81
C UNK C 238 133.71 103.99 -38.75
N UNK C 239 133.97 104.93 -37.82
CA UNK C 239 133.21 106.15 -37.63
C UNK C 239 134.17 107.34 -37.51
N UNK C 240 133.64 108.55 -37.57
CA UNK C 240 134.52 109.69 -37.74
C UNK C 240 133.94 110.93 -37.07
N UNK C 241 134.63 112.05 -37.27
CA UNK C 241 134.21 113.34 -36.72
C UNK C 241 134.91 114.41 -37.54
N UNK C 242 134.14 115.17 -38.32
CA UNK C 242 134.68 116.06 -39.35
C UNK C 242 134.47 117.51 -38.94
N UNK C 243 135.56 118.22 -38.67
CA UNK C 243 135.50 119.65 -38.40
C UNK C 243 136.41 120.31 -39.42
N UNK C 244 135.87 120.55 -40.61
CA UNK C 244 136.70 120.90 -41.77
C UNK C 244 136.71 122.41 -41.96
N UNK C 245 137.91 122.96 -42.13
CA UNK C 245 138.11 124.40 -42.29
C UNK C 245 137.70 124.78 -43.70
N UNK C 246 136.39 124.92 -43.89
CA UNK C 246 135.82 125.02 -45.23
C UNK C 246 136.14 126.37 -45.85
N UNK C 247 137.33 126.45 -46.45
CA UNK C 247 137.82 127.66 -47.08
C UNK C 247 137.84 127.59 -48.60
N UNK C 248 137.80 126.39 -49.18
CA UNK C 248 137.69 126.22 -50.62
C UNK C 248 136.25 125.97 -51.02
N UNK C 249 135.32 126.67 -50.37
CA UNK C 249 133.90 126.32 -50.37
C UNK C 249 133.31 126.53 -51.75
N UNK C 250 133.24 125.44 -52.49
CA UNK C 250 132.69 125.35 -53.82
C UNK C 250 132.10 123.96 -53.93
N UNK C 251 131.90 123.48 -55.15
CA UNK C 251 131.40 122.13 -55.35
C UNK C 251 132.36 121.09 -54.81
N UNK C 252 131.84 120.16 -54.04
CA UNK C 252 132.63 119.04 -53.58
C UNK C 252 132.58 117.93 -54.63
N UNK C 253 133.01 116.72 -54.27
CA UNK C 253 133.21 115.69 -55.27
C UNK C 253 132.43 114.43 -54.89
N UNK C 254 132.57 113.42 -55.74
CA UNK C 254 131.78 112.21 -55.70
C UNK C 254 132.64 111.07 -56.22
N UNK C 255 132.00 109.97 -56.65
CA UNK C 255 132.69 108.81 -57.17
C UNK C 255 132.04 108.35 -58.48
N UNK C 256 131.81 109.28 -59.39
CA UNK C 256 131.27 108.95 -60.70
C UNK C 256 132.29 108.22 -61.55
N UNK C 257 142.82 123.99 -45.30
CA UNK C 257 142.80 122.60 -44.88
C UNK C 257 141.36 122.15 -44.70
N UNK C 258 141.16 120.85 -44.48
CA UNK C 258 139.84 120.33 -44.12
C UNK C 258 140.05 119.23 -43.10
N UNK C 259 139.91 119.56 -41.83
CA UNK C 259 140.26 118.63 -40.76
C UNK C 259 139.13 117.66 -40.48
N UNK C 260 139.46 116.38 -40.42
CA UNK C 260 138.53 115.36 -39.99
C UNK C 260 139.32 114.31 -39.23
N UNK C 261 138.91 114.04 -38.01
CA UNK C 261 139.53 113.00 -37.20
C UNK C 261 138.59 111.82 -37.18
N UNK C 262 139.04 110.68 -37.71
CA UNK C 262 138.25 109.47 -37.70
C UNK C 262 138.68 108.61 -36.53
N UNK C 263 137.70 108.05 -35.84
CA UNK C 263 137.95 107.26 -34.65
C UNK C 263 137.00 106.08 -34.70
N UNK C 264 137.54 104.88 -34.85
CA UNK C 264 136.70 103.70 -34.80
C UNK C 264 136.26 103.48 -33.38
N UNK C 265 135.14 104.08 -33.00
CA UNK C 265 134.82 104.34 -31.60
C UNK C 265 134.45 103.08 -30.86
N UNK C 266 135.43 102.22 -30.65
CA UNK C 266 135.19 100.95 -30.00
C UNK C 266 136.09 100.71 -28.80
N UNK C 267 137.36 101.09 -28.87
CA UNK C 267 138.32 100.62 -27.87
C UNK C 267 139.52 101.55 -27.82
N UNK C 268 140.62 101.05 -27.27
CA UNK C 268 141.90 101.72 -27.11
C UNK C 268 142.97 100.96 -27.88
N UNK C 269 144.06 101.62 -28.33
CA UNK C 269 144.37 103.05 -28.21
C UNK C 269 145.10 103.71 -29.40
N UNK C 270 145.39 102.98 -30.47
CA UNK C 270 146.39 103.44 -31.43
C UNK C 270 145.89 104.61 -32.27
N UNK C 271 146.82 105.51 -32.64
CA UNK C 271 146.49 106.73 -33.35
C UNK C 271 147.48 106.98 -34.49
N UNK C 272 147.03 107.72 -35.51
CA UNK C 272 147.87 108.07 -36.65
C UNK C 272 147.42 109.41 -37.23
N UNK C 273 148.14 109.86 -38.25
CA UNK C 273 147.82 111.14 -38.90
C UNK C 273 148.42 111.18 -40.29
N UNK C 274 147.75 111.91 -41.19
CA UNK C 274 148.22 112.12 -42.56
C UNK C 274 147.49 113.32 -43.16
N UNK C 275 147.88 113.67 -44.41
CA UNK C 275 147.24 114.63 -45.32
C UNK C 275 147.98 114.61 -46.67
N UNK C 276 147.35 114.86 -47.83
CA UNK C 276 145.91 114.99 -48.09
C UNK C 276 145.58 114.52 -49.52
N UNK C 277 145.29 113.23 -49.74
CA UNK C 277 145.18 112.81 -51.13
C UNK C 277 144.19 111.69 -51.44
N UNK C 278 143.24 111.38 -50.55
CA UNK C 278 142.18 110.39 -50.76
C UNK C 278 142.62 108.94 -50.97
N UNK C 279 143.92 108.67 -50.95
CA UNK C 279 144.42 107.31 -51.06
C UNK C 279 144.45 106.62 -49.72
N UNK C 280 144.03 107.30 -48.67
CA UNK C 280 144.21 106.83 -47.32
C UNK C 280 143.16 105.85 -46.90
N UNK C 281 142.45 105.20 -47.82
CA UNK C 281 141.68 104.04 -47.41
C UNK C 281 142.59 102.90 -46.99
N UNK C 282 143.79 102.82 -47.58
CA UNK C 282 144.77 101.83 -47.14
C UNK C 282 145.28 102.17 -45.74
N UNK C 283 145.60 103.44 -45.50
CA UNK C 283 145.99 103.86 -44.16
C UNK C 283 144.84 103.69 -43.18
N UNK C 284 143.60 103.84 -43.65
CA UNK C 284 142.45 103.59 -42.81
C UNK C 284 142.30 102.11 -42.51
N UNK C 285 142.69 101.26 -43.45
CA UNK C 285 142.71 99.83 -43.15
C UNK C 285 143.77 99.51 -42.11
N UNK C 286 144.91 100.19 -42.18
CA UNK C 286 145.93 100.04 -41.16
C UNK C 286 145.44 100.51 -39.80
N UNK C 287 144.73 101.63 -39.78
CA UNK C 287 144.21 102.15 -38.52
C UNK C 287 143.09 101.28 -37.98
N UNK C 288 142.29 100.70 -38.86
CA UNK C 288 141.22 99.82 -38.42
C UNK C 288 141.78 98.51 -37.91
N UNK C 289 142.95 98.11 -38.41
CA UNK C 289 143.70 97.08 -37.71
C UNK C 289 144.21 97.60 -36.38
N UNK C 290 144.53 98.89 -36.32
CA UNK C 290 145.34 99.40 -35.23
C UNK C 290 144.54 99.70 -33.96
N UNK C 291 143.27 100.13 -34.09
CA UNK C 291 142.41 100.47 -32.96
C UNK C 291 142.98 101.61 -32.09
N UNK C 292 142.75 102.87 -32.45
CA UNK C 292 141.52 103.24 -33.16
C UNK C 292 141.46 104.36 -34.19
N UNK C 293 142.44 105.25 -34.27
CA UNK C 293 142.15 106.58 -34.81
C UNK C 293 143.16 107.02 -35.86
N UNK C 294 142.67 107.91 -36.72
CA UNK C 294 143.50 108.51 -37.75
C UNK C 294 143.00 109.94 -37.98
N UNK C 295 143.92 110.89 -37.95
CA UNK C 295 143.56 112.26 -38.26
C UNK C 295 143.96 112.59 -39.69
N UNK C 296 143.19 113.45 -40.33
CA UNK C 296 143.55 113.89 -41.66
C UNK C 296 143.08 115.32 -41.85
N UNK C 297 143.75 116.03 -42.75
CA UNK C 297 143.32 117.36 -43.15
C UNK C 297 143.30 117.36 -44.66
N UNK C 298 142.22 116.85 -45.22
CA UNK C 298 142.08 116.65 -46.65
C UNK C 298 141.45 117.86 -47.31
N UNK C 299 141.16 117.74 -48.60
CA UNK C 299 140.53 118.79 -49.38
C UNK C 299 139.18 118.34 -49.96
N UNK C 300 139.13 117.15 -50.57
CA UNK C 300 137.86 116.61 -51.05
C UNK C 300 137.79 115.12 -50.82
N UNK C 301 138.40 114.64 -49.73
CA UNK C 301 138.50 113.22 -49.46
C UNK C 301 137.72 112.79 -48.23
N UNK C 302 137.83 113.56 -47.15
CA UNK C 302 137.17 113.22 -45.90
C UNK C 302 135.66 113.29 -46.02
N UNK C 303 135.16 114.15 -46.90
CA UNK C 303 133.73 114.17 -47.19
C UNK C 303 133.28 112.86 -47.80
N UNK C 304 134.09 112.28 -48.68
CA UNK C 304 133.72 110.99 -49.28
C UNK C 304 133.80 109.88 -48.25
N UNK C 305 134.79 109.94 -47.36
CA UNK C 305 134.88 108.95 -46.30
C UNK C 305 133.70 109.04 -45.34
N UNK C 306 133.24 110.27 -45.05
CA UNK C 306 132.09 110.44 -44.17
C UNK C 306 130.79 110.03 -44.85
N UNK C 307 130.71 110.23 -46.17
CA UNK C 307 129.58 109.72 -46.93
C UNK C 307 129.54 108.21 -46.91
N UNK C 308 130.71 107.58 -46.87
CA UNK C 308 130.74 106.14 -46.70
C UNK C 308 130.30 105.75 -45.29
N UNK C 309 130.76 106.49 -44.30
CA UNK C 309 130.62 106.04 -42.92
C UNK C 309 129.26 106.33 -42.33
N UNK C 310 128.62 107.42 -42.72
CA UNK C 310 127.30 107.74 -42.19
C UNK C 310 126.18 107.11 -42.99
N UNK C 311 126.48 106.05 -43.74
CA UNK C 311 125.42 105.38 -44.49
C UNK C 311 124.62 104.48 -43.58
N UNK C 312 125.27 103.42 -43.06
CA UNK C 312 124.65 102.38 -42.22
C UNK C 312 123.35 101.85 -42.82
N UNK C 313 123.33 101.71 -44.14
CA UNK C 313 122.11 101.37 -44.86
C UNK C 313 121.94 99.85 -44.91
N UNK C 314 121.82 99.28 -43.72
CA UNK C 314 121.40 97.91 -43.55
C UNK C 314 119.90 97.78 -43.50
N UNK C 315 119.18 98.71 -44.13
CA UNK C 315 117.77 98.51 -44.44
C UNK C 315 117.72 97.26 -45.30
N UNK C 316 118.19 97.31 -46.54
CA UNK C 316 118.69 96.05 -47.07
C UNK C 316 120.07 96.12 -47.73
N UNK C 317 120.13 96.69 -48.92
CA UNK C 317 121.22 96.52 -49.88
C UNK C 317 120.90 97.27 -51.17
N UNK C 318 121.78 97.17 -52.17
CA UNK C 318 121.44 97.47 -53.56
C UNK C 318 122.45 96.77 -54.46
N UNK C 319 121.97 96.22 -55.58
CA UNK C 319 122.82 95.70 -56.63
C UNK C 319 122.46 96.48 -57.90
N UNK C 320 123.07 97.64 -58.05
CA UNK C 320 122.55 98.65 -58.95
C UNK C 320 122.90 98.34 -60.40
N UNK C 321 122.36 99.18 -61.30
CA UNK C 321 122.82 99.30 -62.67
C UNK C 321 122.36 100.66 -63.18
N UNK C 322 123.13 101.25 -64.08
CA UNK C 322 122.85 102.62 -64.48
C UNK C 322 122.84 102.76 -66.00
N UNK C 323 122.31 103.89 -66.44
CA UNK C 323 122.55 104.40 -67.79
C UNK C 323 122.32 105.91 -67.70
N UNK C 324 123.40 106.68 -67.58
CA UNK C 324 123.27 108.01 -67.02
C UNK C 324 123.60 109.14 -67.99
N UNK C 325 124.84 109.20 -68.50
CA UNK C 325 125.30 110.20 -69.46
C UNK C 325 125.17 111.68 -69.07
N UNK C 326 124.92 112.03 -67.81
CA UNK C 326 124.73 113.45 -67.49
C UNK C 326 124.87 113.78 -66.00
N UNK C 327 125.42 114.98 -65.75
CA UNK C 327 124.93 115.93 -64.74
C UNK C 327 124.94 115.40 -63.31
N UNK C 328 126.13 115.29 -62.73
CA UNK C 328 126.23 114.99 -61.29
C UNK C 328 127.48 115.64 -60.70
N UNK C 329 127.33 116.77 -59.99
CA UNK C 329 128.40 117.26 -59.13
C UNK C 329 128.00 117.42 -57.66
N UNK C 330 127.15 118.41 -57.34
CA UNK C 330 126.23 118.54 -56.19
C UNK C 330 126.60 117.92 -54.83
N UNK C 331 127.73 118.28 -54.22
CA UNK C 331 128.15 117.57 -53.01
C UNK C 331 128.59 118.48 -51.88
N UNK C 332 128.29 119.77 -51.94
CA UNK C 332 128.58 120.70 -50.87
C UNK C 332 127.37 120.94 -49.98
N UNK C 333 126.53 119.94 -49.81
CA UNK C 333 125.19 120.16 -49.30
C UNK C 333 125.06 119.74 -47.85
N UNK C 334 123.97 120.19 -47.24
CA UNK C 334 123.63 119.88 -45.87
C UNK C 334 122.11 119.83 -45.76
N UNK C 335 121.57 118.84 -45.06
CA UNK C 335 122.36 117.81 -44.40
C UNK C 335 122.49 116.52 -45.19
N UNK C 336 121.37 115.84 -45.38
CA UNK C 336 121.26 114.49 -45.95
C UNK C 336 122.13 113.45 -45.24
N UNK C 337 122.61 113.76 -44.05
CA UNK C 337 123.69 113.08 -43.37
C UNK C 337 123.80 113.72 -41.99
N UNK C 338 124.81 113.33 -41.22
CA UNK C 338 125.04 113.92 -39.92
C UNK C 338 126.52 113.83 -39.59
N UNK C 339 126.87 114.28 -38.38
CA UNK C 339 128.19 114.10 -37.82
C UNK C 339 128.03 114.01 -36.31
N UNK C 340 128.78 113.10 -35.69
CA UNK C 340 128.50 112.73 -34.30
C UNK C 340 128.89 113.85 -33.34
N UNK C 341 130.17 114.18 -33.29
CA UNK C 341 130.62 115.34 -32.56
C UNK C 341 131.72 115.98 -33.39
N UNK C 342 132.16 117.15 -32.94
CA UNK C 342 133.17 117.98 -33.59
C UNK C 342 132.81 118.22 -35.05
N UNK C 343 131.63 118.81 -35.24
CA UNK C 343 131.07 118.99 -36.57
C UNK C 343 131.15 120.47 -36.93
N UNK C 344 132.29 120.88 -37.48
CA UNK C 344 132.53 122.28 -37.81
C UNK C 344 133.00 122.38 -39.26
N UNK C 345 132.05 122.40 -40.16
CA UNK C 345 132.30 122.76 -41.55
C UNK C 345 131.79 124.17 -41.72
N UNK C 346 132.69 125.10 -42.05
CA UNK C 346 132.31 126.51 -42.13
C UNK C 346 131.53 126.77 -43.42
N UNK C 347 131.08 128.01 -43.57
CA UNK C 347 130.36 128.42 -44.78
C UNK C 347 130.50 129.92 -44.95
N UNK C 348 131.42 130.34 -45.82
CA UNK C 348 131.71 131.74 -46.17
C UNK C 348 131.93 132.59 -44.93
N UNK C 349 132.96 132.19 -44.17
CA UNK C 349 133.31 132.74 -42.85
C UNK C 349 132.14 132.63 -41.86
N UNK C 350 131.57 131.43 -41.76
CA UNK C 350 130.54 131.16 -40.77
C UNK C 350 131.14 131.01 -39.38
N UNK C 351 95.95 116.06 25.15
CA UNK C 351 95.76 117.25 25.95
C UNK C 351 94.35 117.38 26.49
N UNK C 352 86.09 125.48 28.56
CA UNK C 352 84.82 125.83 27.93
C UNK C 352 83.65 125.13 28.61
N UNK C 353 82.76 124.56 27.81
CA UNK C 353 81.40 124.21 28.20
C UNK C 353 80.72 125.40 28.89
N UNK C 354 80.59 126.47 28.11
CA UNK C 354 80.00 127.70 28.61
C UNK C 354 78.48 127.59 28.57
N UNK C 355 77.85 128.06 29.64
CA UNK C 355 76.40 128.06 29.73
C UNK C 355 75.77 129.34 29.17
N UNK C 356 76.10 130.50 29.75
CA UNK C 356 75.45 131.77 29.42
C UNK C 356 76.45 132.93 29.35
N UNK C 357 77.56 132.74 28.65
CA UNK C 357 78.68 133.66 28.66
C UNK C 357 78.84 134.29 27.27
N UNK C 358 80.04 134.83 27.00
CA UNK C 358 80.40 135.62 25.82
C UNK C 358 80.03 135.05 24.44
N UNK C 359 79.60 133.78 24.38
CA UNK C 359 78.81 133.23 23.27
C UNK C 359 79.48 133.11 21.91
N UNK C 360 80.35 132.10 21.77
CA UNK C 360 80.66 131.45 20.49
C UNK C 360 81.51 132.29 19.53
N UNK C 361 82.66 132.75 20.02
CA UNK C 361 83.82 132.97 19.17
C UNK C 361 84.95 132.18 19.81
N UNK C 362 84.93 132.14 21.15
CA UNK C 362 85.75 131.19 21.88
C UNK C 362 85.36 129.77 21.57
N UNK C 363 84.10 129.53 21.19
CA UNK C 363 83.72 128.21 20.71
C UNK C 363 84.40 127.87 19.40
N UNK C 364 84.52 128.83 18.49
CA UNK C 364 85.27 128.60 17.27
C UNK C 364 86.73 128.32 17.60
N UNK C 365 87.25 129.01 18.60
CA UNK C 365 88.60 128.73 19.06
C UNK C 365 88.72 127.34 19.64
N UNK C 366 87.69 126.86 20.32
CA UNK C 366 87.77 125.51 20.89
C UNK C 366 87.69 124.46 19.80
N UNK C 367 86.87 124.70 18.78
CA UNK C 367 86.80 123.79 17.65
C UNK C 367 88.12 123.72 16.92
N UNK C 368 88.76 124.87 16.73
CA UNK C 368 90.08 124.86 16.11
C UNK C 368 91.12 124.24 17.01
N UNK C 369 90.94 124.36 18.33
CA UNK C 369 91.88 123.76 19.27
C UNK C 369 91.84 122.25 19.18
N UNK C 370 90.64 121.66 19.20
CA UNK C 370 90.57 120.22 19.07
C UNK C 370 90.93 119.76 17.66
N UNK C 371 90.69 120.61 16.66
CA UNK C 371 91.10 120.29 15.29
C UNK C 371 92.60 120.17 15.19
N UNK C 372 93.33 121.08 15.82
CA UNK C 372 94.77 120.94 15.89
C UNK C 372 95.19 119.89 16.88
N UNK C 373 94.30 119.48 17.77
CA UNK C 373 94.64 118.39 18.66
C UNK C 373 94.50 117.04 17.99
N UNK C 374 93.79 116.96 16.88
CA UNK C 374 93.73 115.67 16.21
C UNK C 374 94.93 115.50 15.27
N UNK C 375 95.00 116.29 14.19
CA UNK C 375 96.12 116.19 13.24
C UNK C 375 96.19 117.43 12.35
N UNK C 376 97.23 118.25 12.53
CA UNK C 376 97.61 119.22 11.49
C UNK C 376 99.11 119.46 11.62
N UNK C 377 99.91 118.63 10.94
CA UNK C 377 101.36 118.59 11.16
C UNK C 377 102.10 117.70 10.15
N UNK C 378 103.36 117.38 10.51
CA UNK C 378 104.18 116.18 10.25
C UNK C 378 105.04 116.06 8.99
N UNK C 379 105.06 117.01 8.06
CA UNK C 379 106.25 117.45 7.33
C UNK C 379 107.40 116.46 7.03
N UNK C 380 107.10 115.27 6.54
CA UNK C 380 108.12 114.23 6.34
C UNK C 380 108.91 114.44 5.06
N UNK C 381 109.67 113.43 4.60
CA UNK C 381 110.38 113.58 3.32
C UNK C 381 110.49 112.24 2.59
N UNK C 382 109.47 111.91 1.80
CA UNK C 382 109.66 111.07 0.63
C UNK C 382 108.78 111.48 -0.56
N UNK C 383 107.52 111.80 -0.28
CA UNK C 383 106.47 111.70 -1.29
C UNK C 383 105.39 112.72 -1.00
N UNK C 384 104.63 113.07 -2.04
CA UNK C 384 103.79 114.26 -2.03
C UNK C 384 102.46 113.96 -2.73
N UNK C 385 101.71 115.03 -3.05
CA UNK C 385 100.40 114.92 -3.68
C UNK C 385 100.12 115.97 -4.76
N UNK C 386 101.08 116.81 -5.12
CA UNK C 386 100.83 117.91 -6.06
C UNK C 386 102.07 118.11 -6.93
N UNK C 387 102.03 117.58 -8.14
CA UNK C 387 103.21 117.44 -9.00
C UNK C 387 102.98 118.06 -10.36
N UNK C 388 102.48 119.30 -10.39
CA UNK C 388 102.46 120.06 -11.64
C UNK C 388 103.80 120.78 -11.81
N UNK C 389 104.84 119.98 -12.05
CA UNK C 389 106.22 120.42 -11.99
C UNK C 389 106.93 120.25 -13.32
N UNK C 390 106.21 120.48 -14.41
CA UNK C 390 106.82 120.82 -15.68
C UNK C 390 106.81 122.32 -15.89
N UNK C 391 106.91 123.07 -14.81
CA UNK C 391 107.07 124.51 -14.84
C UNK C 391 108.01 124.88 -13.70
N UNK C 392 109.15 125.47 -14.01
CA UNK C 392 110.21 125.69 -13.01
C UNK C 392 110.91 127.01 -13.28
N UNK C 393 110.51 128.07 -12.57
CA UNK C 393 111.19 129.36 -12.60
C UNK C 393 111.55 129.84 -11.20
N UNK C 394 111.70 128.92 -10.26
CA UNK C 394 111.87 129.19 -8.85
C UNK C 394 113.24 128.67 -8.40
N UNK C 395 113.47 128.63 -7.08
CA UNK C 395 114.78 128.25 -6.56
C UNK C 395 114.66 127.44 -5.27
N UNK C 396 115.14 126.19 -5.28
CA UNK C 396 115.28 125.39 -4.08
C UNK C 396 116.69 125.58 -3.53
N UNK C 397 117.05 124.85 -2.47
CA UNK C 397 118.43 124.90 -1.99
C UNK C 397 119.11 123.55 -2.01
N UNK C 398 118.53 122.53 -1.38
CA UNK C 398 119.24 121.27 -1.20
C UNK C 398 118.32 120.11 -1.54
N UNK C 399 118.84 118.90 -1.41
CA UNK C 399 118.10 117.67 -1.65
C UNK C 399 118.82 116.55 -0.92
N UNK C 400 118.45 115.32 -1.24
CA UNK C 400 119.10 114.14 -0.70
C UNK C 400 118.86 113.00 -1.68
N UNK C 401 119.22 111.78 -1.28
CA UNK C 401 119.12 110.61 -2.15
C UNK C 401 119.25 109.36 -1.30
N UNK C 402 119.05 108.22 -1.94
CA UNK C 402 119.29 106.91 -1.34
C UNK C 402 119.36 105.87 -2.46
N UNK C 403 119.33 104.61 -2.04
CA UNK C 403 119.08 103.45 -2.88
C UNK C 403 118.42 102.42 -1.98
N UNK C 404 118.44 101.17 -2.37
CA UNK C 404 117.87 100.12 -1.53
C UNK C 404 118.98 99.25 -0.94
N UNK C 405 120.09 99.88 -0.55
CA UNK C 405 121.34 99.16 -0.38
C UNK C 405 122.18 99.84 0.70
N UNK C 406 123.48 99.54 0.71
CA UNK C 406 124.43 100.04 1.70
C UNK C 406 125.84 99.98 1.12
N UNK C 407 126.73 100.91 1.52
CA UNK C 407 126.48 102.14 2.30
C UNK C 407 127.31 103.40 1.96
N UNK C 408 128.02 103.46 0.81
CA UNK C 408 128.98 104.55 0.58
C UNK C 408 128.26 105.88 0.36
N UNK C 409 129.03 106.98 0.20
CA UNK C 409 128.38 108.29 0.15
C UNK C 409 129.25 109.36 -0.49
N UNK C 410 128.59 110.41 -0.98
CA UNK C 410 129.24 111.58 -1.54
C UNK C 410 128.31 112.79 -1.44
N UNK C 411 128.85 113.95 -1.80
CA UNK C 411 128.09 115.19 -1.76
C UNK C 411 128.69 116.21 -2.72
N UNK C 412 127.82 117.03 -3.31
CA UNK C 412 128.18 117.93 -4.39
C UNK C 412 127.28 119.16 -4.35
N UNK C 413 127.67 120.21 -5.08
CA UNK C 413 126.89 121.46 -5.10
C UNK C 413 127.27 122.30 -6.31
N UNK C 414 126.32 122.51 -7.21
CA UNK C 414 126.44 123.43 -8.36
C UNK C 414 125.03 123.74 -8.86
N UNK C 415 124.91 124.17 -10.12
CA UNK C 415 123.64 124.07 -10.82
C UNK C 415 123.40 122.62 -11.25
N UNK C 416 122.34 122.35 -12.01
CA UNK C 416 121.90 120.97 -12.17
C UNK C 416 122.54 120.26 -13.34
N UNK C 417 122.10 119.01 -13.54
CA UNK C 417 122.14 118.16 -14.72
C UNK C 417 123.48 117.51 -14.99
N UNK C 418 124.53 117.88 -14.29
CA UNK C 418 125.69 117.00 -14.27
C UNK C 418 125.51 115.90 -13.26
N UNK C 419 124.46 116.00 -12.44
CA UNK C 419 124.26 115.13 -11.31
C UNK C 419 123.96 113.71 -11.71
N UNK C 420 123.48 113.48 -12.94
CA UNK C 420 123.11 112.13 -13.31
C UNK C 420 124.34 111.25 -13.45
N UNK C 421 125.46 111.80 -13.91
CA UNK C 421 126.66 111.01 -14.04
C UNK C 421 127.20 110.63 -12.68
N UNK C 422 127.21 111.57 -11.74
CA UNK C 422 127.63 111.25 -10.38
C UNK C 422 126.63 110.33 -9.71
N UNK C 423 125.36 110.41 -10.10
CA UNK C 423 124.34 109.54 -9.53
C UNK C 423 124.57 108.10 -9.95
N UNK C 424 124.87 107.90 -11.24
CA UNK C 424 125.18 106.55 -11.68
C UNK C 424 126.51 106.10 -11.13
N UNK C 425 127.42 107.04 -10.87
CA UNK C 425 128.67 106.67 -10.20
C UNK C 425 128.39 106.17 -8.79
N UNK C 426 127.46 106.81 -8.10
CA UNK C 426 127.14 106.40 -6.75
C UNK C 426 126.39 105.08 -6.74
N UNK C 427 125.49 104.90 -7.69
CA UNK C 427 124.77 103.64 -7.77
C UNK C 427 125.69 102.51 -8.20
N UNK C 428 126.74 102.83 -8.94
CA UNK C 428 127.76 101.84 -9.22
C UNK C 428 128.58 101.57 -7.97
N UNK C 429 128.77 102.58 -7.14
CA UNK C 429 129.47 102.36 -5.89
C UNK C 429 128.59 101.74 -4.83
N UNK C 430 127.29 101.56 -5.10
CA UNK C 430 126.28 101.04 -4.18
C UNK C 430 126.18 101.91 -2.92
N UNK C 431 125.69 103.12 -3.14
CA UNK C 431 125.95 104.22 -2.22
C UNK C 431 124.66 104.98 -1.95
N UNK C 432 124.81 106.16 -1.37
CA UNK C 432 123.68 107.05 -1.09
C UNK C 432 124.22 108.48 -1.14
N UNK C 433 123.88 109.20 -2.20
CA UNK C 433 124.47 110.50 -2.45
C UNK C 433 123.71 111.59 -1.73
N UNK C 434 124.21 112.81 -1.82
CA UNK C 434 123.41 113.99 -1.50
C UNK C 434 123.66 115.04 -2.57
N UNK C 435 123.17 116.26 -2.35
CA UNK C 435 123.43 117.37 -3.23
C UNK C 435 123.11 118.66 -2.49
N UNK C 436 123.46 119.77 -3.11
CA UNK C 436 123.01 121.07 -2.59
C UNK C 436 122.89 122.00 -3.79
N UNK C 437 121.68 122.07 -4.36
CA UNK C 437 121.63 122.53 -5.74
C UNK C 437 120.21 122.90 -6.14
N UNK C 438 120.13 123.58 -7.28
CA UNK C 438 118.87 123.91 -7.94
C UNK C 438 118.63 122.93 -9.07
N UNK C 439 117.35 122.60 -9.29
CA UNK C 439 116.80 121.88 -10.44
C UNK C 439 117.23 120.42 -10.56
N UNK C 440 118.19 119.98 -9.74
CA UNK C 440 118.40 118.56 -9.57
C UNK C 440 117.21 117.93 -8.87
N UNK C 441 116.62 118.65 -7.92
CA UNK C 441 115.39 118.21 -7.28
C UNK C 441 114.22 118.17 -8.25
N UNK C 442 114.26 118.97 -9.31
CA UNK C 442 113.27 118.81 -10.36
C UNK C 442 113.51 117.52 -11.11
N UNK C 443 114.78 117.27 -11.46
CA UNK C 443 115.14 116.14 -12.30
C UNK C 443 114.75 114.82 -11.67
N UNK C 444 115.18 114.60 -10.42
CA UNK C 444 114.94 113.31 -9.79
C UNK C 444 113.47 113.09 -9.49
N UNK C 445 112.77 114.16 -9.09
CA UNK C 445 111.37 114.01 -8.72
C UNK C 445 110.51 113.71 -9.94
N UNK C 446 110.78 114.39 -11.05
CA UNK C 446 110.02 114.06 -12.25
C UNK C 446 110.43 112.72 -12.81
N UNK C 447 111.65 112.25 -12.53
CA UNK C 447 111.98 110.89 -12.91
C UNK C 447 111.29 109.87 -12.04
N UNK C 448 110.83 110.25 -10.85
CA UNK C 448 110.15 109.34 -9.96
C UNK C 448 108.64 109.35 -10.14
N UNK C 449 108.14 109.62 -11.34
CA UNK C 449 106.72 109.44 -11.58
C UNK C 449 106.39 107.96 -11.77
N UNK C 450 106.88 107.36 -12.87
CA UNK C 450 106.63 105.97 -13.28
C UNK C 450 105.16 105.58 -13.20
N UNK C 451 104.31 106.35 -13.89
CA UNK C 451 102.91 105.99 -14.00
C UNK C 451 102.82 104.73 -14.84
N UNK C 452 103.16 104.85 -16.13
CA UNK C 452 103.49 103.75 -17.05
C UNK C 452 102.48 102.61 -17.03
N UNK C 453 101.24 102.94 -16.76
CA UNK C 453 100.14 102.00 -16.76
C UNK C 453 98.94 102.63 -17.42
N UNK C 454 99.08 103.85 -17.94
CA UNK C 454 98.26 104.12 -19.08
C UNK C 454 98.89 103.22 -20.12
N UNK C 455 100.11 103.57 -20.54
CA UNK C 455 101.18 102.76 -21.10
C UNK C 455 102.27 103.75 -21.46
N UNK C 456 103.41 103.24 -21.88
CA UNK C 456 104.47 104.11 -22.36
C UNK C 456 104.15 104.55 -23.78
N UNK C 457 104.32 105.83 -24.06
CA UNK C 457 103.99 106.35 -25.37
C UNK C 457 105.15 106.17 -26.33
N UNK C 458 105.04 106.82 -27.48
CA UNK C 458 106.12 106.94 -28.44
C UNK C 458 105.88 108.25 -29.16
N UNK C 459 106.68 109.25 -28.84
CA UNK C 459 106.41 110.61 -29.20
C UNK C 459 106.78 110.89 -30.65
N UNK C 460 106.30 112.02 -31.15
CA UNK C 460 106.76 112.62 -32.38
C UNK C 460 106.32 114.08 -32.34
N UNK C 461 107.22 114.98 -32.67
CA UNK C 461 106.88 116.38 -32.60
C UNK C 461 106.74 116.95 -33.99
N UNK C 462 106.11 118.12 -34.08
CA UNK C 462 106.04 118.85 -35.35
C UNK C 462 105.82 120.32 -35.03
N UNK C 463 106.84 121.13 -35.20
CA UNK C 463 106.70 122.57 -35.06
C UNK C 463 106.34 123.12 -36.42
N UNK C 464 105.21 123.79 -36.52
CA UNK C 464 104.77 124.41 -37.76
C UNK C 464 105.51 125.72 -38.00
N UNK C 465 104.98 126.55 -38.90
CA UNK C 465 105.72 127.70 -39.43
C UNK C 465 106.03 128.74 -38.36
N UNK C 466 105.00 129.32 -37.74
CA UNK C 466 105.20 130.48 -36.88
C UNK C 466 104.88 130.23 -35.41
N UNK C 467 103.65 129.85 -35.09
CA UNK C 467 103.27 129.82 -33.69
C UNK C 467 102.46 128.58 -33.33
N UNK C 468 102.50 127.57 -34.17
CA UNK C 468 101.82 126.32 -33.89
C UNK C 468 102.88 125.27 -33.65
N UNK C 469 102.71 124.51 -32.59
CA UNK C 469 103.52 123.33 -32.38
C UNK C 469 102.57 122.22 -31.98
N UNK C 470 102.85 121.01 -32.44
CA UNK C 470 101.98 119.88 -32.16
C UNK C 470 102.83 118.72 -31.70
N UNK C 471 102.25 117.91 -30.83
CA UNK C 471 102.91 116.68 -30.41
C UNK C 471 101.95 115.55 -30.72
N UNK C 472 102.34 114.67 -31.62
CA UNK C 472 101.59 113.46 -31.84
C UNK C 472 102.26 112.33 -31.07
N UNK C 473 101.52 111.28 -30.79
CA UNK C 473 102.05 110.18 -30.01
C UNK C 473 101.31 108.91 -30.36
N UNK C 474 102.02 107.81 -30.29
CA UNK C 474 101.37 106.52 -30.37
C UNK C 474 101.60 105.76 -29.07
N UNK C 475 100.93 104.64 -28.90
CA UNK C 475 101.27 103.74 -27.80
C UNK C 475 101.68 102.35 -28.28
N UNK C 476 100.82 101.69 -29.04
CA UNK C 476 101.07 100.38 -29.59
C UNK C 476 100.26 100.30 -30.89
N UNK C 477 99.99 99.09 -31.36
CA UNK C 477 99.31 98.86 -32.62
C UNK C 477 98.90 97.40 -32.59
N UNK C 478 97.87 97.01 -33.35
CA UNK C 478 96.91 97.80 -34.13
C UNK C 478 95.82 98.33 -33.24
N UNK C 479 94.66 98.57 -33.85
CA UNK C 479 93.51 99.23 -33.25
C UNK C 479 93.89 100.66 -32.86
N UNK C 480 94.08 101.43 -33.92
CA UNK C 480 94.48 102.82 -33.90
C UNK C 480 93.35 103.74 -33.47
N UNK C 481 93.42 104.99 -33.92
CA UNK C 481 92.20 105.79 -34.08
C UNK C 481 91.50 106.26 -32.82
N UNK C 482 91.78 107.44 -32.23
CA UNK C 482 92.65 108.60 -32.53
C UNK C 482 92.25 109.57 -31.42
N UNK C 483 92.86 110.74 -31.34
CA UNK C 483 92.30 111.82 -30.52
C UNK C 483 92.77 113.14 -31.09
N UNK C 484 92.25 114.24 -30.52
CA UNK C 484 92.72 115.57 -30.84
C UNK C 484 92.37 116.49 -29.67
N UNK C 485 93.35 116.80 -28.84
CA UNK C 485 93.13 117.73 -27.75
C UNK C 485 93.69 119.10 -28.13
N UNK C 486 93.22 120.14 -27.45
CA UNK C 486 93.67 121.50 -27.76
C UNK C 486 93.47 122.40 -26.54
N UNK C 487 94.56 122.77 -25.88
CA UNK C 487 94.54 123.71 -24.76
C UNK C 487 95.90 124.40 -24.73
N UNK C 488 96.28 124.96 -23.59
CA UNK C 488 97.66 125.42 -23.44
C UNK C 488 98.25 124.97 -22.12
N UNK C 489 98.08 123.69 -21.77
CA UNK C 489 98.54 123.20 -20.48
C UNK C 489 98.83 121.71 -20.61
N UNK C 490 98.99 121.05 -19.45
CA UNK C 490 99.48 119.68 -19.38
C UNK C 490 98.61 118.79 -18.50
N UNK C 491 97.31 118.99 -18.51
CA UNK C 491 96.39 117.99 -17.99
C UNK C 491 95.98 117.09 -19.15
N UNK C 492 96.99 116.41 -19.67
CA UNK C 492 96.83 115.61 -20.87
C UNK C 492 96.98 114.14 -20.65
N UNK C 493 97.64 113.71 -19.57
CA UNK C 493 97.72 112.29 -19.30
C UNK C 493 96.36 111.71 -18.95
N UNK C 494 95.48 112.55 -18.40
CA UNK C 494 94.12 112.14 -18.11
C UNK C 494 93.36 111.77 -19.37
N UNK C 495 93.45 112.60 -20.40
CA UNK C 495 92.87 112.20 -21.66
C UNK C 495 93.71 111.16 -22.36
N UNK C 496 95.00 111.09 -22.04
CA UNK C 496 95.87 110.15 -22.72
C UNK C 496 95.61 108.73 -22.27
N UNK C 497 95.05 108.53 -21.09
CA UNK C 497 94.70 107.17 -20.70
C UNK C 497 93.57 106.64 -21.57
N UNK C 498 92.51 107.42 -21.72
CA UNK C 498 91.44 106.99 -22.61
C UNK C 498 91.87 107.02 -24.06
N UNK C 499 92.92 107.77 -24.40
CA UNK C 499 93.55 107.54 -25.68
C UNK C 499 94.22 106.18 -25.74
N UNK C 500 94.81 105.74 -24.63
CA UNK C 500 95.47 104.45 -24.58
C UNK C 500 94.51 103.31 -24.28
N UNK C 501 93.21 103.58 -24.35
CA UNK C 501 92.22 102.57 -24.70
C UNK C 501 92.01 102.48 -26.20
N UNK C 502 93.04 102.86 -26.96
CA UNK C 502 93.16 102.83 -28.40
C UNK C 502 94.66 102.87 -28.69
N UNK C 503 95.06 103.42 -29.84
CA UNK C 503 96.49 103.48 -30.08
C UNK C 503 97.09 104.86 -30.35
N UNK C 504 96.42 105.78 -31.01
CA UNK C 504 97.09 107.02 -31.40
C UNK C 504 96.45 108.22 -30.74
N UNK C 505 97.24 109.27 -30.51
CA UNK C 505 96.71 110.54 -30.05
C UNK C 505 97.55 111.63 -30.67
N UNK C 506 96.97 112.81 -30.86
CA UNK C 506 97.71 113.90 -31.48
C UNK C 506 97.31 115.22 -30.83
N UNK C 507 98.03 115.62 -29.80
CA UNK C 507 97.71 116.85 -29.09
C UNK C 507 98.16 118.04 -29.93
N UNK C 508 97.20 118.82 -30.40
CA UNK C 508 97.46 119.85 -31.39
C UNK C 508 97.64 121.22 -30.73
N UNK C 509 98.58 121.28 -29.80
CA UNK C 509 99.05 122.52 -29.19
C UNK C 509 100.32 122.18 -28.45
N UNK C 510 100.92 123.17 -27.81
CA UNK C 510 102.29 123.02 -27.33
C UNK C 510 102.43 123.07 -25.82
N UNK C 511 101.96 124.14 -25.19
CA UNK C 511 102.63 124.87 -24.12
C UNK C 511 103.42 124.02 -23.14
N UNK C 512 102.80 122.98 -22.61
CA UNK C 512 103.47 122.13 -21.65
C UNK C 512 103.31 120.67 -22.01
N UNK C 513 103.15 120.37 -23.30
CA UNK C 513 103.17 119.00 -23.76
C UNK C 513 104.58 118.50 -24.04
N UNK C 514 105.59 119.17 -23.50
CA UNK C 514 106.91 118.60 -23.43
C UNK C 514 107.07 117.69 -22.23
N UNK C 515 106.07 117.64 -21.36
CA UNK C 515 106.18 116.85 -20.14
C UNK C 515 106.28 115.37 -20.45
N UNK C 516 105.49 114.89 -21.40
CA UNK C 516 105.56 113.49 -21.75
C UNK C 516 106.86 113.16 -22.45
N UNK C 517 107.42 114.13 -23.18
CA UNK C 517 108.74 113.93 -23.77
C UNK C 517 109.79 113.79 -22.68
N UNK C 518 109.66 114.60 -21.63
CA UNK C 518 110.58 114.48 -20.51
C UNK C 518 110.42 113.15 -19.80
N UNK C 519 109.19 112.68 -19.66
CA UNK C 519 108.99 111.44 -18.93
C UNK C 519 109.31 110.22 -19.77
N UNK C 520 109.30 110.36 -21.08
CA UNK C 520 109.52 109.20 -21.94
C UNK C 520 110.96 109.07 -22.38
N UNK C 521 111.63 110.17 -22.66
CA UNK C 521 113.01 110.09 -23.08
C UNK C 521 113.97 109.93 -21.93
N UNK C 522 113.48 109.67 -20.72
CA UNK C 522 114.31 109.49 -19.57
C UNK C 522 114.26 108.08 -19.02
N UNK C 523 113.45 107.21 -19.62
CA UNK C 523 113.07 105.95 -19.00
C UNK C 523 114.25 105.02 -18.86
N UNK C 524 114.88 104.65 -19.97
CA UNK C 524 115.96 103.67 -19.87
C UNK C 524 117.21 104.28 -19.25
N UNK C 525 117.45 105.56 -19.51
CA UNK C 525 118.66 106.19 -19.00
C UNK C 525 118.62 106.32 -17.48
N UNK C 526 117.49 106.74 -16.91
CA UNK C 526 117.36 106.76 -15.47
C UNK C 526 116.87 105.43 -14.93
N UNK C 527 116.70 104.43 -15.79
CA UNK C 527 116.51 103.07 -15.35
C UNK C 527 117.80 102.29 -15.26
N UNK C 528 118.87 102.84 -15.82
CA UNK C 528 120.19 102.27 -15.59
C UNK C 528 120.56 102.29 -14.12
N UNK C 529 120.24 103.37 -13.43
CA UNK C 529 120.28 103.43 -11.98
C UNK C 529 118.95 102.96 -11.43
N UNK C 530 118.66 103.21 -10.15
CA UNK C 530 117.36 102.84 -9.61
C UNK C 530 116.50 104.03 -9.17
N UNK C 531 116.93 104.81 -8.18
CA UNK C 531 116.06 105.75 -7.48
C UNK C 531 116.89 106.58 -6.51
N UNK C 532 116.28 107.66 -6.00
CA UNK C 532 116.90 108.38 -4.89
C UNK C 532 116.01 108.55 -3.64
N UNK C 533 114.86 109.22 -3.80
CA UNK C 533 113.77 109.25 -2.83
C UNK C 533 114.13 109.83 -1.46
N UNK C 534 114.57 111.10 -1.43
CA UNK C 534 114.60 111.93 -0.22
C UNK C 534 114.79 113.41 -0.54
N UNK C 535 113.87 114.28 -0.14
CA UNK C 535 113.90 115.68 -0.54
C UNK C 535 113.99 116.58 0.69
N UNK C 536 114.78 117.64 0.58
CA UNK C 536 114.91 118.62 1.64
C UNK C 536 114.43 119.97 1.12
N UNK C 537 114.62 121.00 1.91
CA UNK C 537 114.02 122.29 1.63
C UNK C 537 115.09 123.37 1.51
N UNK C 538 114.61 124.56 1.25
CA UNK C 538 115.40 125.75 1.50
C UNK C 538 115.06 126.23 2.90
N UNK C 539 116.05 126.19 3.79
CA UNK C 539 115.77 126.40 5.20
C UNK C 539 115.44 127.83 5.54
N UNK C 540 115.91 128.78 4.73
CA UNK C 540 115.58 130.17 4.95
C UNK C 540 114.29 130.51 4.20
N UNK C 541 113.99 131.80 4.09
CA UNK C 541 112.77 132.26 3.42
C UNK C 541 112.94 132.17 1.90
N UNK C 542 112.21 131.25 1.28
CA UNK C 542 112.23 131.03 -0.16
C UNK C 542 110.88 130.42 -0.56
N UNK C 543 110.74 130.04 -1.82
CA UNK C 543 109.53 129.32 -2.23
C UNK C 543 109.86 128.39 -3.40
N UNK C 544 110.24 127.16 -3.06
CA UNK C 544 110.31 126.01 -3.97
C UNK C 544 110.50 124.77 -3.12
N UNK C 545 110.79 123.67 -3.80
CA UNK C 545 110.79 122.32 -3.24
C UNK C 545 109.49 122.07 -2.51
N UNK C 546 108.40 122.24 -3.25
CA UNK C 546 107.08 122.05 -2.68
C UNK C 546 106.73 120.57 -2.61
N UNK C 547 106.15 120.17 -1.49
CA UNK C 547 105.68 118.82 -1.28
C UNK C 547 104.35 118.91 -0.53
N UNK C 548 103.76 117.77 -0.23
CA UNK C 548 102.38 117.79 0.24
C UNK C 548 102.19 116.79 1.39
N UNK C 549 100.93 116.51 1.70
CA UNK C 549 100.48 116.33 3.06
C UNK C 549 99.50 115.18 3.14
N UNK C 550 98.71 115.19 4.22
CA UNK C 550 97.68 114.20 4.50
C UNK C 550 96.50 114.92 5.13
N UNK C 551 95.40 114.17 5.35
CA UNK C 551 94.15 114.76 5.82
C UNK C 551 93.74 114.30 7.21
N UNK C 552 93.56 112.99 7.40
CA UNK C 552 93.42 112.35 8.72
C UNK C 552 92.34 112.86 9.68
N UNK C 553 91.04 112.63 9.42
CA UNK C 553 90.44 112.32 8.16
C UNK C 553 89.31 113.29 7.95
N UNK C 554 88.47 113.36 8.96
CA UNK C 554 87.34 114.27 8.97
C UNK C 554 87.77 115.60 9.57
N UNK C 555 86.82 116.45 9.87
CA UNK C 555 87.10 117.60 10.68
C UNK C 555 86.50 117.43 12.07
N UNK C 556 86.44 116.17 12.53
CA UNK C 556 86.40 115.82 13.95
C UNK C 556 85.14 116.33 14.66
N UNK C 557 84.01 115.72 14.33
CA UNK C 557 82.77 116.06 15.02
C UNK C 557 82.83 115.74 16.51
N UNK C 558 82.29 116.64 17.32
CA UNK C 558 82.37 116.52 18.77
C UNK C 558 81.04 116.94 19.39
N UNK C 559 80.41 116.04 20.14
CA UNK C 559 79.21 116.46 20.85
C UNK C 559 79.62 117.10 22.16
N UNK C 560 78.64 117.62 22.91
CA UNK C 560 78.93 118.19 24.22
C UNK C 560 77.61 118.14 24.98
N UNK C 561 77.47 117.16 25.87
CA UNK C 561 76.18 116.90 26.48
C UNK C 561 76.15 117.49 27.88
N UNK C 562 75.49 118.63 28.03
CA UNK C 562 75.31 119.15 29.36
C UNK C 562 74.19 118.34 30.01
N UNK C 563 74.51 117.57 31.03
CA UNK C 563 73.51 116.75 31.70
C UNK C 563 72.79 117.65 32.71
N UNK C 564 71.62 118.14 32.33
CA UNK C 564 71.01 119.29 32.98
C UNK C 564 70.38 118.89 34.30
N UNK C 565 71.20 118.86 35.34
CA UNK C 565 70.64 118.91 36.68
C UNK C 565 71.18 120.09 37.47
N UNK C 566 72.49 120.20 37.64
CA UNK C 566 73.01 120.89 38.80
C UNK C 566 74.50 121.17 38.61
N UNK C 567 75.18 121.42 39.72
CA UNK C 567 76.61 121.66 39.80
C UNK C 567 77.32 120.42 40.34
N UNK C 568 78.58 120.18 39.94
CA UNK C 568 79.35 120.92 38.94
C UNK C 568 80.23 120.14 37.96
N UNK C 569 80.68 118.93 38.32
CA UNK C 569 81.86 118.32 37.69
C UNK C 569 81.58 117.91 36.25
N UNK C 570 82.66 117.60 35.52
CA UNK C 570 82.57 117.51 34.07
C UNK C 570 83.53 116.45 33.56
N UNK C 571 83.00 115.37 33.01
CA UNK C 571 83.80 114.28 32.47
C UNK C 571 83.88 114.38 30.96
N UNK C 572 85.02 114.01 30.39
CA UNK C 572 85.26 114.15 28.95
C UNK C 572 85.72 112.83 28.36
N UNK C 573 84.83 112.16 27.63
CA UNK C 573 85.15 110.92 26.98
C UNK C 573 85.52 111.19 25.52
N UNK C 574 86.72 110.78 25.13
CA UNK C 574 86.99 110.61 23.72
C UNK C 574 86.51 109.22 23.33
N UNK C 575 86.07 109.07 22.09
CA UNK C 575 85.52 107.77 21.74
C UNK C 575 86.18 107.17 20.52
N UNK C 576 85.62 106.08 20.04
CA UNK C 576 86.18 105.36 18.91
C UNK C 576 85.12 105.22 17.83
N UNK C 577 84.45 106.32 17.53
CA UNK C 577 83.29 106.40 16.62
C UNK C 577 82.23 105.36 16.99
N UNK C 578 81.72 105.48 18.20
CA UNK C 578 80.75 104.53 18.69
C UNK C 578 79.91 105.20 19.77
N UNK C 579 78.77 104.57 20.07
CA UNK C 579 77.72 105.21 20.85
C UNK C 579 77.22 104.32 21.96
N UNK C 580 78.12 103.56 22.57
CA UNK C 580 77.86 102.96 23.87
C UNK C 580 78.40 103.86 24.96
N UNK C 581 77.83 105.06 25.00
CA UNK C 581 78.20 106.07 25.97
C UNK C 581 77.04 106.41 26.88
N UNK C 582 75.92 105.69 26.77
CA UNK C 582 74.87 105.90 27.74
C UNK C 582 75.29 105.43 29.11
N UNK C 583 76.18 104.43 29.17
CA UNK C 583 76.73 104.00 30.44
C UNK C 583 77.54 105.10 31.07
N UNK C 584 78.33 105.80 30.27
CA UNK C 584 79.06 106.89 30.84
C UNK C 584 78.15 108.07 31.14
N UNK C 585 77.04 108.22 30.42
CA UNK C 585 76.09 109.28 30.72
C UNK C 585 75.46 109.07 32.08
N UNK C 586 75.05 107.85 32.37
CA UNK C 586 74.53 107.57 33.69
C UNK C 586 75.62 107.54 34.73
N UNK C 587 76.88 107.36 34.33
CA UNK C 587 77.94 107.54 35.30
C UNK C 587 78.06 109.00 35.67
N UNK C 588 78.07 109.87 34.68
CA UNK C 588 78.28 111.29 34.92
C UNK C 588 77.03 111.99 35.39
N UNK C 589 75.89 111.30 35.46
CA UNK C 589 74.76 111.88 36.16
C UNK C 589 74.96 111.96 37.67
N UNK C 590 76.05 111.48 38.21
CA UNK C 590 76.55 112.02 39.46
C UNK C 590 76.79 113.52 39.33
N UNK C 591 77.49 113.91 38.28
CA UNK C 591 77.99 115.26 38.06
C UNK C 591 77.08 116.12 37.20
N UNK C 592 77.68 117.14 36.57
CA UNK C 592 76.97 118.08 35.71
C UNK C 592 77.17 117.87 34.22
N UNK C 593 78.39 117.83 33.70
CA UNK C 593 78.56 118.01 32.26
C UNK C 593 79.46 116.95 31.65
N UNK C 594 79.02 116.33 30.56
CA UNK C 594 79.81 115.35 29.83
C UNK C 594 80.21 115.97 28.50
N UNK C 595 81.37 115.60 28.01
CA UNK C 595 81.84 116.05 26.70
C UNK C 595 82.42 114.84 25.97
N UNK C 596 81.73 114.36 24.94
CA UNK C 596 82.21 113.23 24.16
C UNK C 596 82.64 113.75 22.79
N UNK C 597 83.77 113.24 22.29
CA UNK C 597 84.36 113.83 21.07
C UNK C 597 84.45 112.83 19.90
N UNK C 598 83.35 112.69 19.13
CA UNK C 598 83.17 111.61 18.16
C UNK C 598 81.90 111.86 17.36
N UNK C 599 81.56 110.93 16.46
CA UNK C 599 80.52 111.19 15.47
C UNK C 599 79.64 109.97 15.21
N UNK C 600 79.47 109.12 16.20
CA UNK C 600 78.44 108.10 16.11
C UNK C 600 77.47 108.20 17.24
N UNK C 601 77.88 108.83 18.33
CA UNK C 601 76.93 109.27 19.32
C UNK C 601 75.95 110.24 18.73
N UNK C 602 76.46 111.25 18.01
CA UNK C 602 75.82 112.55 17.86
C UNK C 602 74.42 112.45 17.30
N UNK C 603 74.21 111.53 16.37
CA UNK C 603 72.90 111.33 15.78
C UNK C 603 71.89 110.82 16.80
N UNK C 604 72.15 109.66 17.39
CA UNK C 604 71.15 109.09 18.27
C UNK C 604 71.10 109.82 19.59
N UNK C 605 72.20 110.42 20.00
CA UNK C 605 72.18 111.22 21.21
C UNK C 605 71.30 112.44 21.04
N UNK C 606 71.40 113.13 19.90
CA UNK C 606 70.55 114.29 19.69
C UNK C 606 69.12 113.88 19.48
N UNK C 607 68.88 112.80 18.74
CA UNK C 607 67.50 112.41 18.49
C UNK C 607 66.85 111.77 19.70
N UNK C 608 67.62 111.40 20.71
CA UNK C 608 66.99 110.99 21.94
C UNK C 608 66.78 112.17 22.86
N UNK C 609 67.72 113.09 22.90
CA UNK C 609 67.63 114.19 23.85
C UNK C 609 66.59 115.21 23.41
N UNK C 610 66.66 115.63 22.17
CA UNK C 610 65.75 116.64 21.70
C UNK C 610 64.43 116.08 21.27
N UNK C 611 64.11 114.88 21.66
CA UNK C 611 62.72 114.46 21.64
C UNK C 611 62.23 114.02 23.00
N UNK C 612 63.01 113.22 23.75
CA UNK C 612 62.49 112.53 24.93
C UNK C 612 62.17 113.43 26.09
N UNK C 613 62.44 114.72 25.98
CA UNK C 613 61.91 115.68 26.91
C UNK C 613 60.56 116.22 26.46
N UNK C 614 60.19 116.00 25.22
CA UNK C 614 58.96 116.57 24.73
C UNK C 614 58.09 115.57 24.01
N UNK C 615 58.49 114.31 23.93
CA UNK C 615 57.58 113.28 23.46
C UNK C 615 56.59 113.24 24.58
N UNK C 616 57.03 112.79 25.77
CA UNK C 616 56.59 113.28 27.08
C UNK C 616 55.07 113.30 27.27
N UNK C 617 54.35 112.56 26.43
CA UNK C 617 52.91 112.49 26.50
C UNK C 617 52.50 111.06 26.79
N UNK C 618 52.87 110.11 25.96
CA UNK C 618 52.52 108.74 26.27
C UNK C 618 53.60 107.71 26.01
N UNK C 619 54.64 108.03 25.24
CA UNK C 619 55.55 107.05 24.63
C UNK C 619 54.74 105.95 23.94
N UNK C 620 54.12 106.34 22.83
CA UNK C 620 53.25 105.50 22.02
C UNK C 620 53.92 104.20 21.63
N UNK C 621 53.37 103.09 22.10
CA UNK C 621 53.94 101.78 21.79
C UNK C 621 53.67 101.45 20.34
N UNK C 622 54.70 101.06 19.62
CA UNK C 622 54.63 101.06 18.17
C UNK C 622 54.27 99.69 17.64
N UNK C 623 54.06 99.63 16.32
CA UNK C 623 53.95 98.37 15.62
C UNK C 623 54.31 98.67 14.17
N UNK C 624 55.55 98.36 13.80
CA UNK C 624 56.11 98.81 12.55
C UNK C 624 55.56 97.97 11.40
N UNK C 625 55.50 98.55 10.20
CA UNK C 625 55.39 97.71 9.01
C UNK C 625 56.16 98.30 7.85
N UNK C 626 57.11 99.20 8.12
CA UNK C 626 57.77 100.00 7.09
C UNK C 626 58.65 99.11 6.24
N UNK C 627 58.27 98.90 4.99
CA UNK C 627 59.08 98.11 4.07
C UNK C 627 59.22 98.90 2.78
N UNK C 628 60.19 99.81 2.75
CA UNK C 628 60.23 100.78 1.67
C UNK C 628 61.54 101.52 1.52
N UNK C 629 61.47 102.61 0.77
CA UNK C 629 62.61 103.30 0.22
C UNK C 629 63.55 103.92 1.24
N UNK C 630 63.12 105.00 1.89
CA UNK C 630 64.10 105.82 2.61
C UNK C 630 64.09 105.55 4.10
N UNK C 631 63.68 104.37 4.51
CA UNK C 631 63.63 104.03 5.92
C UNK C 631 64.86 103.30 6.37
N UNK C 632 65.82 103.13 5.48
CA UNK C 632 67.10 102.53 5.82
C UNK C 632 68.21 103.55 5.95
N UNK C 633 68.17 104.62 5.15
CA UNK C 633 69.11 105.70 5.36
C UNK C 633 68.83 106.45 6.64
N UNK C 634 67.59 106.41 7.12
CA UNK C 634 67.24 106.48 8.53
C UNK C 634 67.60 107.79 9.20
N UNK C 635 67.85 108.85 8.45
CA UNK C 635 68.47 110.02 9.03
C UNK C 635 67.47 110.87 9.80
N UNK C 636 67.94 111.50 10.87
CA UNK C 636 67.09 112.37 11.66
C UNK C 636 67.78 113.64 12.13
N UNK C 637 69.05 113.82 11.83
CA UNK C 637 69.73 115.03 12.26
C UNK C 637 70.88 115.27 11.31
N UNK C 638 71.43 116.49 11.38
CA UNK C 638 72.47 117.05 10.51
C UNK C 638 72.16 116.86 9.04
N UNK C 639 70.88 116.69 8.69
CA UNK C 639 70.43 116.39 7.33
C UNK C 639 69.10 117.09 7.11
N UNK C 640 69.13 118.34 6.61
CA UNK C 640 70.31 119.20 6.61
C UNK C 640 69.99 120.47 7.37
N UNK C 641 68.86 121.09 7.04
CA UNK C 641 68.34 122.17 7.83
C UNK C 641 66.83 122.13 7.99
N UNK C 642 66.15 121.18 7.34
CA UNK C 642 64.75 120.94 7.65
C UNK C 642 64.67 120.44 9.07
N UNK C 643 63.85 121.08 9.90
CA UNK C 643 64.15 121.02 11.32
C UNK C 643 63.67 119.73 11.98
N UNK C 644 62.35 119.58 12.19
CA UNK C 644 61.70 118.42 12.84
C UNK C 644 62.27 118.03 14.21
N UNK C 645 63.14 118.87 14.74
CA UNK C 645 64.11 118.67 15.80
C UNK C 645 64.80 120.02 15.78
N UNK C 646 65.77 120.28 16.63
CA UNK C 646 66.20 121.66 16.79
C UNK C 646 67.69 121.70 17.10
N UNK C 647 68.11 122.81 17.68
CA UNK C 647 69.45 122.94 18.20
C UNK C 647 69.39 123.76 19.48
N UNK C 648 70.48 123.70 20.24
CA UNK C 648 70.47 124.27 21.59
C UNK C 648 71.83 124.90 21.90
N UNK C 649 71.94 126.19 21.62
CA UNK C 649 72.81 127.14 22.30
C UNK C 649 74.30 126.97 22.05
N UNK C 650 74.71 125.87 21.44
CA UNK C 650 76.06 125.72 20.93
C UNK C 650 75.92 124.66 19.85
N UNK C 651 75.80 125.12 18.61
CA UNK C 651 75.52 124.25 17.49
C UNK C 651 76.33 124.74 16.30
N UNK C 652 77.41 124.04 16.00
CA UNK C 652 78.26 124.39 14.86
C UNK C 652 78.22 123.18 13.94
N UNK C 653 77.33 123.20 12.95
CA UNK C 653 77.23 122.08 12.04
C UNK C 653 78.00 122.48 10.79
N UNK C 654 79.32 122.35 10.87
CA UNK C 654 80.20 123.01 9.91
C UNK C 654 80.66 122.06 8.80
N UNK C 655 80.74 122.60 7.59
CA UNK C 655 80.96 121.82 6.38
C UNK C 655 81.97 122.52 5.46
N UNK C 656 83.11 122.93 6.00
CA UNK C 656 83.97 123.84 5.25
C UNK C 656 85.43 123.41 5.39
N UNK C 657 86.34 124.33 5.07
CA UNK C 657 87.77 124.17 5.30
C UNK C 657 88.25 124.80 6.61
N UNK C 658 87.53 125.79 7.15
CA UNK C 658 87.83 126.31 8.49
C UNK C 658 86.64 126.22 9.43
N UNK C 659 85.48 126.71 9.02
CA UNK C 659 84.29 126.82 9.86
C UNK C 659 83.10 127.17 8.98
N UNK C 660 81.91 126.82 9.47
CA UNK C 660 80.70 126.95 8.66
C UNK C 660 79.46 126.96 9.55
N UNK C 661 78.33 126.52 8.99
CA UNK C 661 76.95 126.82 9.38
C UNK C 661 76.65 126.65 10.87
N UNK C 662 75.73 127.48 11.35
CA UNK C 662 75.28 127.49 12.73
C UNK C 662 73.76 127.46 12.76
N UNK C 663 73.18 127.08 13.92
CA UNK C 663 71.74 127.20 14.13
C UNK C 663 71.49 127.67 15.56
N UNK C 664 71.53 128.98 15.76
CA UNK C 664 71.42 129.58 17.09
C UNK C 664 71.14 131.06 16.94
N UNK C 665 71.29 131.81 18.03
CA UNK C 665 71.31 133.27 17.94
C UNK C 665 72.73 133.76 17.76
N UNK C 666 94.62 118.68 -37.36
CA UNK C 666 93.24 118.26 -37.55
C UNK C 666 93.23 116.92 -38.26
N UNK C 667 94.01 116.84 -39.32
CA UNK C 667 94.26 115.58 -40.02
C UNK C 667 95.57 115.73 -40.78
N UNK C 668 96.60 115.00 -40.35
CA UNK C 668 97.95 115.22 -40.85
C UNK C 668 98.76 113.96 -40.63
N UNK C 669 99.86 113.81 -41.37
CA UNK C 669 100.66 112.60 -41.54
C UNK C 669 101.16 111.91 -40.27
N UNK C 670 101.51 110.63 -40.39
CA UNK C 670 102.05 109.82 -39.30
C UNK C 670 103.54 109.56 -39.51
N UNK C 671 104.28 109.47 -38.42
CA UNK C 671 105.74 109.26 -38.45
C UNK C 671 106.15 108.48 -37.20
N UNK C 672 107.45 108.45 -36.91
CA UNK C 672 107.95 107.74 -35.73
C UNK C 672 108.72 108.63 -34.75
N UNK C 673 109.78 109.32 -35.21
CA UNK C 673 110.68 110.16 -34.40
C UNK C 673 111.33 109.37 -33.26
N UNK C 674 112.21 108.45 -33.66
CA UNK C 674 112.88 107.51 -32.76
C UNK C 674 113.71 108.22 -31.71
N UNK C 675 113.97 107.51 -30.61
CA UNK C 675 114.47 108.11 -29.38
C UNK C 675 115.82 107.52 -29.03
N UNK C 676 116.86 108.35 -29.05
CA UNK C 676 118.17 107.99 -28.56
C UNK C 676 118.23 108.12 -27.05
N UNK C 677 119.29 107.59 -26.46
CA UNK C 677 119.46 107.70 -25.02
C UNK C 677 120.01 109.08 -24.68
N UNK C 678 120.30 109.30 -23.41
CA UNK C 678 120.82 110.55 -22.92
C UNK C 678 122.22 110.35 -22.36
N UNK C 679 123.12 111.27 -22.65
CA UNK C 679 124.53 111.12 -22.30
C UNK C 679 124.95 112.16 -21.29
N UNK C 680 125.54 111.70 -20.19
CA UNK C 680 126.11 112.59 -19.18
C UNK C 680 127.24 111.85 -18.49
N UNK C 681 128.43 112.44 -18.51
CA UNK C 681 129.61 111.69 -18.10
C UNK C 681 130.68 112.63 -17.60
N UNK C 682 131.41 112.15 -16.62
CA UNK C 682 132.49 112.84 -15.93
C UNK C 682 133.44 111.75 -15.50
N UNK C 683 134.20 111.99 -14.44
CA UNK C 683 135.09 110.96 -13.93
C UNK C 683 134.33 109.87 -13.19
N UNK C 684 135.05 109.03 -12.45
CA UNK C 684 134.54 107.71 -12.13
C UNK C 684 135.01 107.23 -10.77
N UNK C 685 135.09 105.92 -10.63
CA UNK C 685 135.69 105.26 -9.47
C UNK C 685 137.21 105.38 -9.49
N UNK C 686 137.90 104.49 -8.77
CA UNK C 686 139.35 104.52 -8.54
C UNK C 686 139.76 105.78 -7.77
N UNK C 687 139.39 105.77 -6.49
CA UNK C 687 140.03 106.58 -5.45
C UNK C 687 141.55 106.50 -5.56
N UNK C 688 142.25 107.62 -5.34
CA UNK C 688 141.83 108.83 -4.59
C UNK C 688 141.23 109.98 -5.41
N UNK C 689 140.72 110.99 -4.67
CA UNK C 689 140.10 112.17 -5.28
C UNK C 689 140.48 113.49 -4.63
N UNK C 690 141.24 113.48 -3.53
CA UNK C 690 141.69 114.66 -2.80
C UNK C 690 140.54 115.56 -2.33
N UNK C 691 139.41 114.96 -1.95
CA UNK C 691 138.35 115.68 -1.22
C UNK C 691 137.55 114.64 -0.44
N UNK C 692 137.86 114.49 0.85
CA UNK C 692 137.25 113.47 1.69
C UNK C 692 136.73 114.11 2.97
N UNK C 693 135.98 113.34 3.78
CA UNK C 693 135.42 113.89 5.01
C UNK C 693 135.90 113.21 6.28
N UNK C 694 135.52 111.96 6.56
CA UNK C 694 135.84 111.44 7.88
C UNK C 694 136.28 109.99 7.97
N UNK C 695 135.64 109.12 7.18
CA UNK C 695 135.76 107.67 7.37
C UNK C 695 135.30 107.00 6.08
N UNK C 696 135.09 105.68 6.16
CA UNK C 696 134.86 104.87 4.96
C UNK C 696 133.38 104.81 4.60
N UNK C 697 133.00 105.36 3.45
CA UNK C 697 133.90 105.99 2.48
C UNK C 697 133.33 107.28 1.91
N UNK C 698 132.78 108.14 2.77
CA UNK C 698 132.15 109.38 2.31
C UNK C 698 133.18 110.31 1.69
N UNK C 699 132.88 110.80 0.50
CA UNK C 699 133.88 111.43 -0.35
C UNK C 699 133.40 112.77 -0.90
N UNK C 700 132.94 113.65 -0.01
CA UNK C 700 132.34 114.92 -0.40
C UNK C 700 133.31 115.81 -1.16
N UNK C 701 132.82 116.47 -2.22
CA UNK C 701 133.75 116.95 -3.23
C UNK C 701 133.37 118.32 -3.78
N UNK C 702 134.40 119.08 -4.18
CA UNK C 702 134.23 120.09 -5.23
C UNK C 702 134.64 119.43 -6.55
N UNK C 703 135.94 119.17 -6.71
CA UNK C 703 136.51 117.86 -7.06
C UNK C 703 135.62 116.90 -7.84
N UNK C 704 135.22 117.20 -9.07
CA UNK C 704 135.90 118.11 -9.97
C UNK C 704 134.90 118.74 -10.91
N UNK C 705 134.97 120.06 -11.03
CA UNK C 705 134.03 120.78 -11.88
C UNK C 705 134.35 120.55 -13.35
N UNK C 706 133.31 120.48 -14.16
CA UNK C 706 133.39 120.30 -15.60
C UNK C 706 132.45 121.25 -16.30
N UNK C 707 132.58 122.55 -15.96
CA UNK C 707 131.73 123.66 -16.42
C UNK C 707 131.53 123.66 -17.93
N UNK C 708 132.62 123.87 -18.68
CA UNK C 708 132.88 123.22 -19.97
C UNK C 708 131.73 123.36 -20.96
N UNK C 709 131.56 124.60 -21.43
CA UNK C 709 130.40 125.08 -22.18
C UNK C 709 129.97 124.24 -23.37
N UNK C 710 128.70 124.38 -23.76
CA UNK C 710 128.05 123.46 -24.68
C UNK C 710 126.95 124.16 -25.47
N UNK C 711 126.84 123.81 -26.75
CA UNK C 711 125.65 124.00 -27.57
C UNK C 711 124.69 122.85 -27.28
N UNK C 712 123.77 122.57 -28.20
CA UNK C 712 122.98 121.33 -28.09
C UNK C 712 123.94 120.17 -28.37
N UNK C 713 124.70 119.81 -27.33
CA UNK C 713 125.95 119.06 -27.42
C UNK C 713 126.43 118.84 -25.99
N UNK C 714 127.48 118.05 -25.86
CA UNK C 714 128.05 117.75 -24.56
C UNK C 714 129.10 118.79 -24.20
N UNK C 715 129.90 118.51 -23.15
CA UNK C 715 130.83 119.46 -22.57
C UNK C 715 132.09 119.63 -23.41
N UNK C 716 133.14 120.21 -22.81
CA UNK C 716 134.41 120.44 -23.51
C UNK C 716 134.99 119.15 -24.08
N UNK C 717 135.55 119.24 -25.28
CA UNK C 717 135.73 118.08 -26.13
C UNK C 717 136.76 117.11 -25.57
N UNK C 718 136.43 115.83 -25.61
CA UNK C 718 137.32 114.80 -25.09
C UNK C 718 136.98 113.51 -25.81
N UNK C 719 137.76 113.16 -26.83
CA UNK C 719 137.61 111.88 -27.51
C UNK C 719 138.68 110.89 -27.11
N UNK C 720 139.94 111.30 -27.20
CA UNK C 720 141.05 110.59 -26.62
C UNK C 720 141.96 111.47 -25.78
N UNK C 721 141.85 112.80 -25.87
CA UNK C 721 142.71 113.72 -25.13
C UNK C 721 141.86 114.88 -24.67
N UNK C 722 141.59 114.96 -23.37
CA UNK C 722 140.60 115.88 -22.83
C UNK C 722 141.14 117.30 -22.82
N UNK C 723 141.02 117.96 -23.96
CA UNK C 723 141.55 119.30 -24.11
C UNK C 723 140.62 120.31 -23.48
N UNK C 724 141.12 121.06 -22.50
CA UNK C 724 140.42 122.17 -21.90
C UNK C 724 140.54 123.43 -22.76
N UNK C 725 140.25 124.59 -22.18
CA UNK C 725 140.33 125.86 -22.92
C UNK C 725 141.75 126.26 -23.31
N UNK C 726 142.77 125.55 -22.84
CA UNK C 726 144.16 125.71 -23.27
C UNK C 726 144.40 124.98 -24.60
N UNK C 727 145.66 124.76 -24.95
CA UNK C 727 145.98 124.10 -26.22
C UNK C 727 145.51 122.65 -26.26
N UNK C 728 146.02 121.81 -25.36
CA UNK C 728 145.60 120.41 -25.29
C UNK C 728 145.91 119.89 -23.89
N UNK C 729 145.29 118.76 -23.55
CA UNK C 729 145.52 118.14 -22.26
C UNK C 729 145.10 116.68 -22.35
N UNK C 730 145.80 115.83 -21.63
CA UNK C 730 145.63 114.39 -21.77
C UNK C 730 145.20 113.80 -20.43
N UNK C 731 143.90 113.80 -20.19
CA UNK C 731 143.38 113.08 -19.04
C UNK C 731 143.47 111.59 -19.34
N UNK C 732 144.31 110.90 -18.61
CA UNK C 732 144.56 109.49 -18.88
C UNK C 732 143.40 108.61 -18.42
N UNK D 1 53.62 92.49 -52.78
CA UNK D 1 52.77 91.79 -51.84
C UNK D 1 52.23 92.76 -50.80
N UNK D 2 52.17 92.32 -49.55
CA UNK D 2 51.65 93.17 -48.49
C UNK D 2 52.41 92.89 -47.20
N UNK D 3 52.91 93.93 -46.57
CA UNK D 3 53.74 93.80 -45.38
C UNK D 3 53.07 94.55 -44.25
N UNK D 4 52.58 93.86 -43.22
CA UNK D 4 51.77 94.54 -42.20
C UNK D 4 52.47 94.57 -40.84
N UNK D 5 52.01 95.44 -39.96
CA UNK D 5 52.66 95.55 -38.66
C UNK D 5 51.69 96.07 -37.62
N UNK D 6 51.48 95.30 -36.55
CA UNK D 6 50.75 95.83 -35.41
C UNK D 6 51.73 96.59 -34.54
N UNK D 7 51.29 97.66 -33.92
CA UNK D 7 52.24 98.44 -33.12
C UNK D 7 51.51 99.04 -31.93
N UNK D 8 51.91 98.69 -30.72
CA UNK D 8 51.18 99.09 -29.53
C UNK D 8 51.94 100.15 -28.75
N UNK D 9 51.23 101.15 -28.22
CA UNK D 9 51.81 102.03 -27.22
C UNK D 9 51.49 101.46 -25.83
N UNK D 10 51.95 102.12 -24.76
CA UNK D 10 51.76 101.59 -23.40
C UNK D 10 50.35 101.92 -22.91
N UNK D 11 49.63 100.90 -22.43
CA UNK D 11 48.19 100.97 -22.40
C UNK D 11 47.61 100.62 -21.05
N UNK D 12 46.39 101.11 -20.82
CA UNK D 12 45.49 100.60 -19.79
C UNK D 12 44.09 101.03 -20.17
N UNK D 13 43.29 100.07 -20.61
CA UNK D 13 41.89 100.25 -21.04
C UNK D 13 41.77 101.31 -22.15
N UNK D 14 42.36 100.98 -23.29
CA UNK D 14 42.28 101.86 -24.43
C UNK D 14 42.15 101.03 -25.71
N UNK D 15 41.83 101.72 -26.80
CA UNK D 15 41.25 101.11 -27.98
C UNK D 15 42.26 100.99 -29.10
N UNK D 16 41.76 100.54 -30.25
CA UNK D 16 42.59 100.17 -31.37
C UNK D 16 42.29 101.10 -32.52
N UNK D 17 43.21 101.17 -33.47
CA UNK D 17 43.00 101.96 -34.68
C UNK D 17 43.69 101.26 -35.84
N UNK D 18 42.90 100.73 -36.77
CA UNK D 18 43.45 99.88 -37.81
C UNK D 18 43.76 100.73 -39.04
N UNK D 19 44.91 101.37 -39.03
CA UNK D 19 45.23 102.27 -40.13
C UNK D 19 45.84 101.51 -41.29
N UNK D 20 45.73 102.07 -42.47
CA UNK D 20 46.33 101.44 -43.65
C UNK D 20 47.15 102.50 -44.35
N UNK D 21 48.43 102.52 -44.07
CA UNK D 21 49.33 103.52 -44.65
C UNK D 21 49.45 103.24 -46.13
N UNK D 22 48.69 104.00 -46.92
CA UNK D 22 48.60 103.72 -48.34
C UNK D 22 49.91 104.02 -49.02
N UNK D 23 50.30 105.28 -49.05
CA UNK D 23 51.62 105.59 -49.58
C UNK D 23 52.31 106.75 -48.85
N UNK D 24 51.84 107.12 -47.66
CA UNK D 24 52.25 108.40 -47.10
C UNK D 24 53.66 108.34 -46.52
N UNK D 25 53.84 107.57 -45.44
CA UNK D 25 55.06 107.42 -44.64
C UNK D 25 55.56 108.74 -44.02
N UNK D 26 54.76 109.81 -44.08
CA UNK D 26 54.97 111.03 -43.33
C UNK D 26 53.75 111.46 -42.58
N UNK D 27 52.58 110.93 -42.91
CA UNK D 27 51.43 110.88 -42.03
C UNK D 27 51.59 109.84 -40.95
N UNK D 28 52.71 109.13 -40.91
CA UNK D 28 52.94 108.13 -39.88
C UNK D 28 53.02 108.78 -38.51
N UNK D 29 53.74 109.89 -38.40
CA UNK D 29 53.76 110.59 -37.13
C UNK D 29 52.42 111.22 -36.82
N UNK D 30 51.68 111.59 -37.86
CA UNK D 30 50.36 112.20 -37.67
C UNK D 30 49.38 111.21 -37.07
N UNK D 31 49.27 110.03 -37.69
CA UNK D 31 48.41 109.00 -37.13
C UNK D 31 48.98 108.45 -35.83
N UNK D 32 50.30 108.55 -35.63
CA UNK D 32 50.89 108.11 -34.38
C UNK D 32 50.43 108.97 -33.22
N UNK D 33 50.48 110.28 -33.41
CA UNK D 33 49.96 111.17 -32.37
C UNK D 33 48.45 111.07 -32.28
N UNK D 34 47.78 110.68 -33.36
CA UNK D 34 46.33 110.54 -33.31
C UNK D 34 45.93 109.36 -32.46
N UNK D 35 46.64 108.24 -32.59
CA UNK D 35 46.41 107.08 -31.76
C UNK D 35 47.24 107.11 -30.50
N UNK D 36 47.89 108.24 -30.22
CA UNK D 36 48.45 108.41 -28.90
C UNK D 36 47.38 108.49 -27.83
N UNK D 37 46.17 108.90 -28.18
CA UNK D 37 45.04 108.77 -27.28
C UNK D 37 44.31 107.46 -27.51
N UNK D 38 45.07 106.37 -27.33
CA UNK D 38 44.62 105.00 -27.61
C UNK D 38 45.57 103.97 -27.01
N UNK D 39 45.42 102.71 -27.44
CA UNK D 39 46.30 101.62 -27.07
C UNK D 39 47.08 101.04 -28.24
N UNK D 40 46.42 100.64 -29.31
CA UNK D 40 47.10 99.82 -30.31
C UNK D 40 46.83 100.33 -31.70
N UNK D 41 47.86 100.89 -32.34
CA UNK D 41 47.71 101.13 -33.75
C UNK D 41 47.98 99.83 -34.49
N UNK D 42 47.46 99.72 -35.69
CA UNK D 42 47.77 98.55 -36.51
C UNK D 42 48.01 99.09 -37.91
N UNK D 43 49.28 99.32 -38.25
CA UNK D 43 49.61 99.95 -39.50
C UNK D 43 49.73 98.88 -40.57
N UNK D 44 48.88 98.93 -41.58
CA UNK D 44 49.04 98.00 -42.68
C UNK D 44 49.85 98.64 -43.80
N UNK D 45 50.51 97.78 -44.59
CA UNK D 45 51.31 98.01 -45.79
C UNK D 45 52.68 98.63 -45.56
N UNK D 46 52.93 99.24 -44.40
CA UNK D 46 54.18 99.27 -43.62
C UNK D 46 55.52 99.10 -44.32
N UNK D 47 55.81 99.83 -45.38
CA UNK D 47 57.01 99.51 -46.13
C UNK D 47 58.26 100.13 -45.53
N UNK D 48 58.25 101.44 -45.33
CA UNK D 48 59.31 102.09 -44.60
C UNK D 48 58.90 102.40 -43.18
N UNK D 49 57.60 102.37 -42.90
CA UNK D 49 57.12 102.68 -41.57
C UNK D 49 57.56 101.64 -40.56
N UNK D 50 57.33 100.37 -40.88
CA UNK D 50 57.72 99.31 -39.96
C UNK D 50 59.22 99.24 -39.80
N UNK D 51 59.95 99.53 -40.87
CA UNK D 51 61.39 99.45 -40.81
C UNK D 51 61.96 100.54 -39.93
N UNK D 52 61.55 101.79 -40.15
CA UNK D 52 62.08 102.86 -39.33
C UNK D 52 61.61 102.75 -37.90
N UNK D 53 60.39 102.24 -37.68
CA UNK D 53 59.91 102.09 -36.32
C UNK D 53 60.65 100.99 -35.59
N UNK D 54 60.97 99.90 -36.28
CA UNK D 54 61.68 98.83 -35.61
C UNK D 54 63.11 99.20 -35.34
N UNK D 55 63.74 99.96 -36.24
CA UNK D 55 65.11 100.36 -35.97
C UNK D 55 65.17 101.33 -34.81
N UNK D 56 64.19 102.24 -34.72
CA UNK D 56 64.16 103.13 -33.58
C UNK D 56 63.88 102.38 -32.30
N UNK D 57 63.01 101.37 -32.35
CA UNK D 57 62.69 100.65 -31.12
C UNK D 57 63.86 99.79 -30.67
N UNK D 58 64.59 99.20 -31.60
CA UNK D 58 65.66 98.31 -31.19
C UNK D 58 66.92 99.06 -30.84
N UNK D 59 67.10 100.28 -31.30
CA UNK D 59 68.19 101.09 -30.80
C UNK D 59 67.63 102.30 -30.09
N UNK D 60 66.58 102.09 -29.31
CA UNK D 60 65.90 103.16 -28.63
C UNK D 60 66.34 103.37 -27.20
N UNK D 61 67.07 102.44 -26.61
CA UNK D 61 67.45 102.57 -25.22
C UNK D 61 68.92 102.89 -25.02
N UNK D 62 69.82 102.07 -25.57
CA UNK D 62 71.23 102.31 -25.34
C UNK D 62 71.72 103.48 -26.16
N UNK D 63 71.27 103.55 -27.42
CA UNK D 63 71.68 104.63 -28.28
C UNK D 63 71.04 105.94 -27.89
N UNK D 64 70.08 105.93 -27.00
CA UNK D 64 69.59 107.14 -26.35
C UNK D 64 70.32 107.43 -25.06
N UNK D 65 70.67 106.38 -24.32
CA UNK D 65 71.34 106.57 -23.05
C UNK D 65 72.71 107.15 -23.23
N UNK D 66 73.37 106.83 -24.34
CA UNK D 66 74.67 107.44 -24.52
C UNK D 66 74.56 108.86 -25.08
N UNK D 67 74.11 109.00 -26.33
CA UNK D 67 74.45 110.20 -27.08
C UNK D 67 73.27 111.08 -27.45
N UNK D 68 72.36 110.58 -28.30
CA UNK D 68 71.50 111.40 -29.17
C UNK D 68 72.31 112.50 -29.85
N UNK D 69 73.21 112.07 -30.73
CA UNK D 69 74.09 112.97 -31.47
C UNK D 69 73.38 113.58 -32.66
N UNK D 70 74.02 114.58 -33.26
CA UNK D 70 73.60 115.13 -34.54
C UNK D 70 74.64 114.76 -35.59
N UNK D 71 74.20 114.20 -36.69
CA UNK D 71 75.11 113.45 -37.56
C UNK D 71 75.24 114.13 -38.92
N UNK D 72 76.35 114.79 -39.16
CA UNK D 72 76.70 115.21 -40.51
C UNK D 72 77.14 114.02 -41.34
N UNK D 73 76.96 114.10 -42.64
CA UNK D 73 77.30 112.97 -43.48
C UNK D 73 77.85 113.44 -44.82
N UNK D 74 78.95 112.82 -45.25
CA UNK D 74 79.50 113.08 -46.57
C UNK D 74 79.67 111.72 -47.20
N UNK D 75 78.62 111.22 -47.83
CA UNK D 75 78.64 109.86 -48.33
C UNK D 75 78.64 109.84 -49.84
N UNK D 76 79.48 108.99 -50.40
CA UNK D 76 79.53 108.72 -51.82
C UNK D 76 78.71 107.49 -52.09
N UNK D 77 78.07 107.47 -53.25
CA UNK D 77 76.83 106.74 -53.36
C UNK D 77 77.03 105.28 -53.71
N UNK D 78 78.13 104.68 -53.27
CA UNK D 78 78.54 103.38 -53.78
C UNK D 78 77.58 102.23 -53.49
N UNK D 79 77.46 101.82 -52.23
CA UNK D 79 76.88 100.53 -51.94
C UNK D 79 75.53 100.66 -51.26
N UNK D 80 75.48 101.35 -50.12
CA UNK D 80 74.25 101.47 -49.36
C UNK D 80 73.19 102.28 -50.06
N UNK D 81 73.60 103.09 -51.04
CA UNK D 81 72.75 104.09 -51.67
C UNK D 81 71.62 103.49 -52.46
N UNK D 82 71.61 102.18 -52.70
CA UNK D 82 70.33 101.51 -52.87
C UNK D 82 70.50 100.12 -52.28
N UNK D 83 70.33 99.99 -50.98
CA UNK D 83 70.69 98.74 -50.33
C UNK D 83 70.17 98.70 -48.91
N UNK D 84 70.62 97.70 -48.18
CA UNK D 84 70.15 97.32 -46.87
C UNK D 84 71.03 97.86 -45.77
N UNK D 85 70.43 98.11 -44.63
CA UNK D 85 71.17 98.57 -43.45
C UNK D 85 71.78 97.44 -42.68
N UNK D 86 71.70 96.22 -43.20
CA UNK D 86 72.45 95.06 -42.73
C UNK D 86 72.12 94.67 -41.30
N UNK D 87 70.88 94.83 -40.92
CA UNK D 87 70.42 94.19 -39.71
C UNK D 87 69.00 93.68 -39.83
N UNK D 88 68.39 93.81 -41.00
CA UNK D 88 66.99 93.45 -41.14
C UNK D 88 66.80 91.96 -41.27
N UNK D 89 67.70 91.29 -41.96
CA UNK D 89 67.49 89.91 -42.40
C UNK D 89 67.60 88.89 -41.29
N UNK D 90 67.76 89.29 -40.06
CA UNK D 90 67.70 88.33 -38.98
C UNK D 90 66.75 88.72 -37.88
N UNK D 91 66.39 89.99 -37.74
CA UNK D 91 65.38 90.38 -36.78
C UNK D 91 63.99 90.42 -37.38
N UNK D 92 63.82 91.01 -38.56
CA UNK D 92 62.57 90.82 -39.28
C UNK D 92 62.67 89.64 -40.25
N UNK D 93 63.22 88.56 -39.72
CA UNK D 93 62.76 87.21 -40.00
C UNK D 93 61.83 86.97 -38.83
N UNK D 94 60.56 87.32 -39.03
CA UNK D 94 59.67 87.77 -37.97
C UNK D 94 59.37 86.68 -36.96
N UNK D 95 59.40 87.04 -35.69
CA UNK D 95 59.01 86.13 -34.62
C UNK D 95 57.56 86.32 -34.20
N UNK D 96 57.12 87.57 -34.07
CA UNK D 96 55.71 87.97 -34.04
C UNK D 96 54.95 87.37 -32.88
N UNK D 97 55.40 87.70 -31.67
CA UNK D 97 54.86 87.03 -30.50
C UNK D 97 54.70 88.05 -29.39
N UNK D 98 53.47 88.49 -29.18
CA UNK D 98 53.25 89.47 -28.15
C UNK D 98 51.78 89.44 -27.77
N UNK D 99 51.41 90.45 -27.00
CA UNK D 99 50.09 90.88 -26.63
C UNK D 99 50.30 92.30 -26.14
N UNK D 100 49.36 92.82 -25.36
CA UNK D 100 49.59 94.06 -24.64
C UNK D 100 50.19 93.75 -23.27
N UNK D 101 51.49 93.47 -23.27
CA UNK D 101 52.17 93.01 -22.06
C UNK D 101 52.86 94.16 -21.33
N UNK D 102 52.14 95.25 -21.09
CA UNK D 102 52.66 96.31 -20.25
C UNK D 102 51.54 97.01 -19.50
N UNK D 103 50.52 96.25 -19.07
CA UNK D 103 49.29 96.83 -18.52
C UNK D 103 49.56 97.71 -17.31
N UNK D 104 48.88 98.85 -17.25
CA UNK D 104 49.42 100.00 -16.52
C UNK D 104 48.53 100.56 -15.43
N UNK D 105 48.01 99.69 -14.56
CA UNK D 105 47.43 100.05 -13.25
C UNK D 105 46.28 101.04 -13.28
N UNK D 106 136.76 71.61 -117.79
CA UNK D 106 135.56 71.55 -116.95
C UNK D 106 135.60 72.64 -115.89
N UNK D 107 136.80 73.15 -115.62
CA UNK D 107 137.00 74.09 -114.54
C UNK D 107 138.20 74.97 -114.86
N UNK D 108 138.12 76.28 -114.61
CA UNK D 108 136.93 76.94 -114.08
C UNK D 108 135.96 77.27 -115.23
N UNK D 109 136.44 78.04 -116.20
CA UNK D 109 135.63 78.59 -117.29
C UNK D 109 134.37 79.25 -116.75
N UNK D 110 134.62 80.24 -115.88
CA UNK D 110 133.60 80.98 -115.13
C UNK D 110 132.72 80.08 -114.29
N UNK D 111 133.25 78.95 -113.83
CA UNK D 111 132.40 78.00 -113.11
C UNK D 111 133.29 77.28 -112.10
N UNK D 112 133.30 77.81 -110.87
CA UNK D 112 134.10 77.25 -109.80
C UNK D 112 133.60 77.81 -108.48
N UNK D 113 134.08 77.20 -107.39
CA UNK D 113 133.88 77.65 -106.01
C UNK D 113 132.41 77.79 -105.61
N UNK D 114 93.73 100.32 -105.57
CA UNK D 114 95.16 100.53 -105.74
C UNK D 114 95.71 101.31 -104.58
N UNK D 115 94.86 102.12 -103.96
CA UNK D 115 95.27 102.96 -102.84
C UNK D 115 95.10 102.27 -101.50
N UNK D 116 94.57 101.06 -101.46
CA UNK D 116 94.07 100.50 -100.22
C UNK D 116 95.17 99.90 -99.36
N UNK D 117 95.05 100.12 -98.05
CA UNK D 117 95.84 99.34 -97.11
C UNK D 117 95.42 97.88 -97.12
N UNK D 118 94.17 97.59 -97.49
CA UNK D 118 93.78 96.20 -97.71
C UNK D 118 94.54 95.62 -98.89
N UNK D 119 94.70 96.41 -99.95
CA UNK D 119 95.52 95.98 -101.07
C UNK D 119 96.98 95.87 -100.69
N UNK D 120 97.41 96.70 -99.75
CA UNK D 120 98.76 96.59 -99.23
C UNK D 120 98.95 95.29 -98.47
N UNK D 121 98.15 95.07 -97.43
CA UNK D 121 98.29 93.89 -96.56
C UNK D 121 98.00 92.60 -97.27
N UNK D 122 97.41 92.65 -98.46
CA UNK D 122 97.52 91.55 -99.41
C UNK D 122 98.88 91.58 -100.11
N UNK D 123 99.94 91.37 -99.35
CA UNK D 123 101.27 91.26 -99.94
C UNK D 123 102.09 90.01 -99.61
N UNK D 124 102.23 89.56 -98.34
CA UNK D 124 101.63 89.95 -97.05
C UNK D 124 102.59 90.05 -95.84
N UNK D 125 103.67 90.83 -95.92
CA UNK D 125 104.60 90.95 -94.79
C UNK D 125 104.04 91.89 -93.71
N UNK D 126 104.89 92.25 -92.73
CA UNK D 126 104.47 93.02 -91.55
C UNK D 126 105.24 94.33 -91.35
N UNK D 127 106.37 94.50 -92.02
CA UNK D 127 106.81 95.88 -92.21
C UNK D 127 105.84 96.64 -93.11
N UNK D 128 105.00 95.95 -93.88
CA UNK D 128 103.81 96.58 -94.44
C UNK D 128 102.86 97.07 -93.34
N UNK D 129 102.85 96.44 -92.15
CA UNK D 129 102.09 97.04 -91.06
C UNK D 129 102.85 98.20 -90.45
N UNK D 130 104.16 98.21 -90.60
CA UNK D 130 104.87 99.45 -90.37
C UNK D 130 104.70 100.46 -91.51
N UNK D 131 104.14 100.04 -92.64
CA UNK D 131 103.98 100.91 -93.79
C UNK D 131 102.52 101.20 -94.13
N UNK D 132 101.59 100.72 -93.32
CA UNK D 132 100.18 100.98 -93.54
C UNK D 132 99.81 102.42 -93.27
N UNK D 133 100.69 103.20 -92.64
CA UNK D 133 100.50 104.63 -92.51
C UNK D 133 100.60 105.36 -93.83
N UNK D 134 101.06 104.70 -94.89
CA UNK D 134 100.94 105.26 -96.23
C UNK D 134 99.49 105.48 -96.60
N UNK D 135 98.61 104.57 -96.19
CA UNK D 135 97.20 104.62 -96.56
C UNK D 135 96.32 105.12 -95.43
N UNK D 136 96.79 106.09 -94.68
CA UNK D 136 95.96 106.74 -93.68
C UNK D 136 96.21 108.25 -93.69
N UNK D 137 115.40 103.02 -114.86
CA UNK D 137 116.52 103.38 -114.01
C UNK D 137 116.18 103.18 -112.54
N UNK D 138 116.09 101.92 -112.13
CA UNK D 138 115.68 101.61 -110.77
C UNK D 138 116.85 101.77 -109.80
N UNK D 139 116.51 101.84 -108.52
CA UNK D 139 117.53 101.62 -107.49
C UNK D 139 118.07 100.21 -107.59
N UNK D 140 117.19 99.25 -107.87
CA UNK D 140 117.62 97.89 -108.14
C UNK D 140 118.35 97.75 -109.46
N UNK D 141 118.26 98.74 -110.35
CA UNK D 141 119.06 98.67 -111.57
C UNK D 141 120.53 98.87 -111.27
N UNK D 142 120.84 99.61 -110.19
CA UNK D 142 122.21 99.67 -109.71
C UNK D 142 122.71 98.29 -109.32
N UNK D 143 121.84 97.48 -108.69
CA UNK D 143 122.19 96.10 -108.42
C UNK D 143 122.23 95.28 -109.71
N UNK D 144 121.33 95.57 -110.65
CA UNK D 144 121.24 94.79 -111.88
C UNK D 144 122.43 95.03 -112.79
N UNK D 145 123.16 96.11 -112.57
CA UNK D 145 124.49 96.24 -113.15
C UNK D 145 125.59 95.84 -112.19
N UNK D 146 125.36 95.95 -110.90
CA UNK D 146 126.42 95.77 -109.92
C UNK D 146 126.72 94.29 -109.70
N UNK D 147 125.68 93.50 -109.45
CA UNK D 147 125.85 92.05 -109.39
C UNK D 147 126.22 91.49 -110.75
N UNK D 148 125.83 92.17 -111.83
CA UNK D 148 126.28 91.78 -113.16
C UNK D 148 127.79 91.94 -113.29
N UNK D 149 128.32 93.06 -112.80
CA UNK D 149 129.76 93.24 -112.80
C UNK D 149 130.44 92.30 -111.82
N UNK D 150 129.75 91.92 -110.75
CA UNK D 150 130.34 91.06 -109.74
C UNK D 150 130.26 89.59 -110.09
N UNK D 151 129.40 89.21 -111.01
CA UNK D 151 129.26 87.80 -111.36
C UNK D 151 129.69 87.49 -112.78
N UNK D 152 129.42 88.38 -113.74
CA UNK D 152 129.82 88.20 -115.12
C UNK D 152 131.20 88.75 -115.40
N UNK D 153 132.05 88.83 -114.38
CA UNK D 153 133.44 89.23 -114.54
C UNK D 153 134.37 88.04 -114.71
N UNK D 154 133.95 86.85 -114.28
CA UNK D 154 134.76 85.67 -114.53
C UNK D 154 134.84 85.35 -116.01
N UNK D 155 133.81 85.71 -116.77
CA UNK D 155 133.88 85.65 -118.22
C UNK D 155 133.02 86.75 -118.80
N UNK D 156 104.00 57.19 -121.19
CA UNK D 156 103.59 57.35 -119.80
C UNK D 156 103.31 58.80 -119.47
N UNK D 157 103.65 59.68 -120.38
CA UNK D 157 103.25 61.07 -120.17
C UNK D 157 102.54 61.68 -121.36
N UNK D 158 102.98 61.39 -122.59
CA UNK D 158 102.50 62.19 -123.71
C UNK D 158 101.18 61.70 -124.27
N UNK D 159 101.20 60.55 -124.94
CA UNK D 159 100.11 60.02 -125.77
C UNK D 159 99.50 61.07 -126.71
N UNK D 160 100.29 62.04 -127.16
CA UNK D 160 99.73 63.22 -127.79
C UNK D 160 99.65 63.04 -129.28
N UNK D 161 98.49 63.35 -129.83
CA UNK D 161 98.23 63.26 -131.26
C UNK D 161 98.24 64.66 -131.86
N UNK D 162 98.33 64.71 -133.17
CA UNK D 162 98.48 65.96 -133.88
C UNK D 162 97.37 66.12 -134.91
N UNK D 163 97.40 67.26 -135.58
CA UNK D 163 96.55 67.53 -136.73
C UNK D 163 97.24 68.61 -137.54
N UNK D 164 96.78 68.80 -138.77
CA UNK D 164 97.35 69.81 -139.65
C UNK D 164 96.35 70.93 -139.94
N UNK D 165 95.20 70.60 -140.52
CA UNK D 165 94.04 71.48 -140.72
C UNK D 165 94.40 72.75 -141.50
N UNK D 166 94.83 72.55 -142.75
CA UNK D 166 95.23 73.65 -143.60
C UNK D 166 94.10 74.04 -144.54
N UNK D 167 94.24 75.24 -145.10
CA UNK D 167 93.40 75.80 -146.18
C UNK D 167 91.92 75.90 -145.80
N UNK D 168 91.57 76.83 -144.90
CA UNK D 168 92.44 77.86 -144.29
C UNK D 168 92.18 78.11 -142.81
N UNK D 169 91.04 77.63 -142.30
CA UNK D 169 90.55 77.99 -140.97
C UNK D 169 90.52 76.78 -140.05
N UNK D 170 90.79 77.03 -138.77
CA UNK D 170 91.09 76.00 -137.79
C UNK D 170 89.82 75.30 -137.31
N UNK D 171 90.02 74.26 -136.49
CA UNK D 171 88.94 73.57 -135.81
C UNK D 171 89.01 73.73 -134.30
N UNK D 172 90.10 73.28 -133.69
CA UNK D 172 90.17 73.13 -132.24
C UNK D 172 91.62 72.94 -131.83
N UNK D 173 91.87 73.03 -130.53
CA UNK D 173 93.19 72.79 -129.98
C UNK D 173 93.10 72.01 -128.68
N UNK D 174 92.29 70.97 -128.66
CA UNK D 174 91.82 70.47 -127.37
C UNK D 174 92.84 69.56 -126.71
N UNK D 175 92.61 69.28 -125.43
CA UNK D 175 93.57 68.47 -124.68
C UNK D 175 92.85 67.70 -123.60
N UNK D 176 92.93 66.38 -123.67
CA UNK D 176 92.32 65.54 -122.66
C UNK D 176 93.34 65.29 -121.57
N UNK D 177 93.10 65.82 -120.38
CA UNK D 177 94.06 65.74 -119.29
C UNK D 177 93.47 64.83 -118.23
N UNK D 178 94.06 63.65 -118.08
CA UNK D 178 93.58 62.72 -117.09
C UNK D 178 94.29 63.00 -115.77
N UNK D 179 93.53 63.08 -114.69
CA UNK D 179 94.09 63.21 -113.36
C UNK D 179 94.36 61.81 -112.81
N UNK D 180 94.53 61.69 -111.50
CA UNK D 180 94.99 60.45 -110.88
C UNK D 180 93.96 59.33 -111.00
N UNK D 181 94.31 58.18 -110.46
CA UNK D 181 93.58 56.95 -110.69
C UNK D 181 92.78 56.57 -109.45
N UNK D 182 91.61 55.94 -109.63
CA UNK D 182 90.84 55.75 -110.87
C UNK D 182 89.36 55.77 -110.51
N UNK D 183 88.52 55.31 -111.45
CA UNK D 183 87.11 54.97 -111.23
C UNK D 183 86.30 56.16 -110.72
N UNK D 184 86.21 57.16 -111.59
CA UNK D 184 85.51 58.39 -111.24
C UNK D 184 85.04 59.04 -112.54
N UNK D 185 84.65 60.31 -112.45
CA UNK D 185 83.89 60.95 -113.51
C UNK D 185 84.78 61.68 -114.50
N UNK D 186 84.15 62.46 -115.35
CA UNK D 186 84.84 63.32 -116.28
C UNK D 186 84.24 64.71 -116.19
N UNK D 187 85.02 65.70 -116.61
CA UNK D 187 84.54 67.07 -116.66
C UNK D 187 85.20 67.76 -117.85
N UNK D 188 84.39 68.34 -118.72
CA UNK D 188 84.87 68.94 -119.96
C UNK D 188 84.89 70.45 -119.79
N UNK D 189 85.99 70.96 -119.25
CA UNK D 189 86.15 72.39 -119.10
C UNK D 189 86.35 73.02 -120.47
N UNK D 190 85.34 73.72 -120.96
CA UNK D 190 85.50 74.50 -122.16
C UNK D 190 86.08 75.83 -121.73
N UNK D 191 87.40 75.96 -121.83
CA UNK D 191 88.04 77.21 -121.47
C UNK D 191 87.69 78.28 -122.48
N UNK D 192 87.29 79.45 -122.01
CA UNK D 192 87.17 80.60 -122.89
C UNK D 192 88.55 80.93 -123.42
N UNK D 193 89.42 81.43 -122.54
CA UNK D 193 90.86 81.28 -122.73
C UNK D 193 91.56 81.15 -121.38
N UNK D 194 90.83 80.85 -120.31
CA UNK D 194 91.00 81.46 -119.00
C UNK D 194 92.38 81.36 -118.34
N UNK D 195 92.78 80.14 -117.94
CA UNK D 195 93.99 79.89 -117.13
C UNK D 195 94.07 80.78 -115.88
N UNK D 196 92.92 81.00 -115.24
CA UNK D 196 92.89 81.68 -113.96
C UNK D 196 92.26 80.82 -112.87
N UNK D 197 91.08 80.27 -113.13
CA UNK D 197 90.48 79.24 -112.30
C UNK D 197 90.85 77.86 -112.78
N UNK D 198 91.96 77.74 -113.50
CA UNK D 198 92.40 76.44 -113.99
C UNK D 198 92.75 75.53 -112.83
N UNK D 199 93.48 76.06 -111.85
CA UNK D 199 93.78 75.29 -110.66
C UNK D 199 92.51 75.05 -109.85
N UNK D 200 91.53 75.93 -109.96
CA UNK D 200 90.28 75.75 -109.25
C UNK D 200 89.51 74.57 -109.80
N UNK D 201 89.35 74.52 -111.11
CA UNK D 201 88.69 73.37 -111.70
C UNK D 201 89.53 72.11 -111.59
N UNK D 202 90.86 72.23 -111.49
CA UNK D 202 91.67 71.04 -111.26
C UNK D 202 91.43 70.48 -109.87
N UNK D 203 91.33 71.35 -108.88
CA UNK D 203 90.98 70.87 -107.55
C UNK D 203 89.53 70.43 -107.49
N UNK D 204 88.70 70.90 -108.42
CA UNK D 204 87.35 70.38 -108.51
C UNK D 204 87.34 68.97 -109.06
N UNK D 205 88.11 68.73 -110.12
CA UNK D 205 88.19 67.41 -110.71
C UNK D 205 89.11 66.49 -109.95
N UNK D 206 89.70 66.97 -108.86
CA UNK D 206 90.37 66.07 -107.92
C UNK D 206 89.43 65.06 -107.33
N UNK D 207 88.13 65.39 -107.24
CA UNK D 207 87.15 64.38 -106.91
C UNK D 207 86.82 63.51 -108.11
N UNK D 208 87.12 63.96 -109.32
CA UNK D 208 86.80 63.25 -110.55
C UNK D 208 87.99 62.39 -111.01
N UNK D 209 87.96 61.95 -112.27
CA UNK D 209 89.05 61.22 -112.91
C UNK D 209 89.64 61.91 -114.13
N UNK D 210 88.81 62.39 -115.05
CA UNK D 210 89.34 62.83 -116.34
C UNK D 210 88.79 64.19 -116.72
N UNK D 211 89.66 65.18 -116.85
CA UNK D 211 89.23 66.47 -117.35
C UNK D 211 89.56 66.56 -118.83
N UNK D 212 88.90 67.51 -119.49
CA UNK D 212 89.18 67.76 -120.91
C UNK D 212 89.05 69.24 -121.17
N UNK D 213 90.14 69.87 -121.58
CA UNK D 213 90.15 71.29 -121.85
C UNK D 213 89.89 71.55 -123.33
N UNK D 214 88.98 72.48 -123.62
CA UNK D 214 88.66 72.83 -125.00
C UNK D 214 89.53 74.01 -125.44
N UNK D 215 90.52 73.71 -126.26
CA UNK D 215 91.42 74.55 -127.05
C UNK D 215 92.46 75.31 -126.25
N UNK D 216 92.18 75.59 -124.99
CA UNK D 216 93.09 75.68 -123.86
C UNK D 216 94.24 76.69 -123.91
N UNK D 217 94.80 76.95 -125.10
CA UNK D 217 95.53 78.15 -125.53
C UNK D 217 96.66 78.67 -124.66
N UNK D 218 96.60 78.47 -123.36
CA UNK D 218 97.70 78.76 -122.45
C UNK D 218 97.68 77.75 -121.32
N UNK D 219 96.50 77.21 -121.06
CA UNK D 219 96.32 76.35 -119.91
C UNK D 219 96.99 75.01 -120.14
N UNK D 220 96.74 74.40 -121.29
CA UNK D 220 97.44 73.18 -121.64
C UNK D 220 98.92 73.44 -121.88
N UNK D 221 99.27 74.66 -122.28
CA UNK D 221 100.69 75.01 -122.45
C UNK D 221 101.43 74.95 -121.12
N UNK D 222 100.90 75.64 -120.11
CA UNK D 222 101.53 75.62 -118.79
C UNK D 222 101.40 74.24 -118.14
N UNK D 223 100.29 73.54 -118.41
CA UNK D 223 100.10 72.20 -117.87
C UNK D 223 101.12 71.23 -118.44
N UNK D 224 101.35 71.32 -119.76
CA UNK D 224 102.35 70.48 -120.40
C UNK D 224 103.74 70.87 -119.95
N UNK D 225 103.95 72.16 -119.70
CA UNK D 225 105.23 72.62 -119.21
C UNK D 225 105.55 72.01 -117.86
N UNK D 226 104.56 71.94 -116.98
CA UNK D 226 104.78 71.27 -115.70
C UNK D 226 104.97 69.77 -115.91
N UNK D 227 104.10 69.17 -116.72
CA UNK D 227 104.04 67.73 -116.82
C UNK D 227 105.27 67.16 -117.49
N UNK D 228 105.93 67.92 -118.34
CA UNK D 228 107.11 67.41 -119.02
C UNK D 228 108.31 67.42 -118.09
N UNK D 229 108.68 68.60 -117.62
CA UNK D 229 109.91 68.71 -116.84
C UNK D 229 109.72 68.38 -115.38
N UNK D 230 108.53 67.94 -114.96
CA UNK D 230 108.25 67.64 -113.56
C UNK D 230 109.15 66.56 -112.97
N UNK D 231 109.05 65.34 -113.47
CA UNK D 231 109.90 64.28 -112.95
C UNK D 231 111.35 64.45 -113.36
N UNK D 232 111.59 65.20 -114.43
CA UNK D 232 112.95 65.50 -114.88
C UNK D 232 113.70 66.34 -113.86
N UNK D 233 113.23 67.55 -113.65
CA UNK D 233 113.89 68.44 -112.71
C UNK D 233 113.56 68.11 -111.26
N UNK D 234 112.61 67.20 -111.04
CA UNK D 234 112.17 66.89 -109.68
C UNK D 234 113.27 66.21 -108.88
N UNK D 235 114.19 65.53 -109.55
CA UNK D 235 115.37 64.99 -108.89
C UNK D 235 116.40 66.06 -108.55
N UNK D 236 116.13 67.32 -108.85
CA UNK D 236 116.96 68.43 -108.40
C UNK D 236 116.29 69.23 -107.30
N UNK D 237 115.02 69.61 -107.51
CA UNK D 237 114.17 70.33 -106.54
C UNK D 237 114.80 71.66 -106.11
N UNK D 238 114.88 72.59 -107.07
CA UNK D 238 115.59 73.85 -106.89
C UNK D 238 114.65 75.04 -106.92
N UNK D 239 115.16 76.18 -106.46
CA UNK D 239 114.47 77.47 -106.48
C UNK D 239 115.41 78.54 -107.03
N UNK D 240 114.86 79.72 -107.32
CA UNK D 240 115.64 80.67 -108.09
C UNK D 240 115.26 82.10 -107.72
N UNK D 241 115.84 83.04 -108.46
CA UNK D 241 115.60 84.47 -108.27
C UNK D 241 116.00 85.17 -109.56
N UNK D 242 115.02 85.71 -110.28
CA UNK D 242 115.22 86.17 -111.66
C UNK D 242 115.12 87.69 -111.70
N UNK D 243 116.23 88.36 -111.99
CA UNK D 243 116.24 89.81 -112.20
C UNK D 243 116.79 90.03 -113.59
N UNK D 244 115.92 89.92 -114.60
CA UNK D 244 116.35 89.83 -115.98
C UNK D 244 116.30 91.19 -116.65
N UNK D 245 117.38 91.55 -117.33
CA UNK D 245 117.50 92.84 -118.00
C UNK D 245 116.68 92.80 -119.28
N UNK D 246 115.36 92.98 -119.12
CA UNK D 246 114.43 92.71 -120.20
C UNK D 246 114.54 93.76 -121.29
N UNK D 247 115.49 93.54 -122.19
CA UNK D 247 115.75 94.44 -123.30
C UNK D 247 115.31 93.91 -124.64
N UNK D 248 115.13 92.60 -124.77
CA UNK D 248 114.59 91.99 -125.99
C UNK D 248 113.10 91.75 -125.85
N UNK D 249 112.39 92.70 -125.23
CA UNK D 249 111.04 92.49 -124.70
C UNK D 249 110.07 92.29 -125.85
N UNK D 250 109.80 91.03 -126.14
CA UNK D 250 108.89 90.58 -127.15
C UNK D 250 108.30 89.28 -126.64
N UNK D 251 107.77 88.46 -127.53
CA UNK D 251 107.24 87.17 -127.12
C UNK D 251 108.34 86.27 -126.57
N UNK D 252 108.09 85.66 -125.43
CA UNK D 252 108.99 84.69 -124.87
C UNK D 252 108.64 83.32 -125.43
N UNK D 253 109.18 82.25 -124.86
CA UNK D 253 109.09 80.94 -125.47
C UNK D 253 108.47 79.94 -124.50
N UNK D 254 108.38 78.71 -124.98
CA UNK D 254 107.63 77.64 -124.32
C UNK D 254 108.33 76.32 -124.67
N UNK D 255 107.61 75.21 -124.51
CA UNK D 255 108.13 73.88 -124.80
C UNK D 255 107.13 73.09 -125.64
N UNK D 256 106.62 73.70 -126.70
CA UNK D 256 105.71 73.03 -127.62
C UNK D 256 106.45 71.99 -128.45
N UNK D 257 121.11 91.13 -121.93
CA UNK D 257 121.23 89.95 -121.09
C UNK D 257 119.93 89.70 -120.36
N UNK D 258 119.81 88.56 -119.70
CA UNK D 258 118.67 88.28 -118.83
C UNK D 258 119.19 87.55 -117.61
N UNK D 259 119.43 88.27 -116.52
CA UNK D 259 120.09 87.70 -115.36
C UNK D 259 119.10 86.96 -114.47
N UNK D 260 119.46 85.74 -114.10
CA UNK D 260 118.71 85.00 -113.11
C UNK D 260 119.71 84.17 -112.32
N UNK D 261 119.68 84.33 -111.00
CA UNK D 261 120.54 83.56 -110.11
C UNK D 261 119.66 82.52 -109.44
N UNK D 262 119.95 81.25 -109.68
CA UNK D 262 119.22 80.16 -109.06
C UNK D 262 119.98 79.69 -107.84
N UNK D 263 119.25 79.45 -106.75
CA UNK D 263 119.87 79.07 -105.50
C UNK D 263 118.97 78.01 -104.88
N UNK D 264 119.46 76.78 -104.78
CA UNK D 264 118.69 75.74 -104.13
C UNK D 264 118.70 76.03 -102.64
N UNK D 265 117.72 76.81 -102.18
CA UNK D 265 117.82 77.52 -100.91
C UNK D 265 117.72 76.58 -99.72
N UNK D 266 118.73 75.76 -99.53
CA UNK D 266 118.71 74.78 -98.47
C UNK D 266 119.92 74.86 -97.56
N UNK D 267 121.11 75.09 -98.11
CA UNK D 267 122.32 74.88 -97.33
C UNK D 267 123.48 75.68 -97.94
N UNK D 268 124.70 75.27 -97.59
CA UNK D 268 125.96 75.87 -98.02
C UNK D 268 126.77 74.81 -98.79
N UNK D 269 127.67 75.20 -99.71
CA UNK D 269 127.97 76.57 -100.16
C UNK D 269 128.30 76.76 -101.64
N UNK D 270 128.27 75.71 -102.47
CA UNK D 270 128.94 75.76 -103.77
C UNK D 270 128.20 76.64 -104.77
N UNK D 271 128.96 77.28 -105.65
CA UNK D 271 128.42 78.25 -106.60
C UNK D 271 129.02 78.04 -107.99
N UNK D 272 128.27 78.47 -109.02
CA UNK D 272 128.73 78.36 -110.40
C UNK D 272 128.11 79.48 -111.23
N UNK D 273 128.50 79.54 -112.51
CA UNK D 273 127.98 80.57 -113.40
C UNK D 273 128.13 80.12 -114.86
N UNK D 274 127.21 80.59 -115.71
CA UNK D 274 127.25 80.32 -117.14
C UNK D 274 126.36 81.32 -117.87
N UNK D 275 126.36 81.23 -119.22
CA UNK D 275 125.46 81.90 -120.17
C UNK D 275 125.77 81.40 -121.59
N UNK D 276 124.81 81.31 -122.53
CA UNK D 276 123.36 81.48 -122.41
C UNK D 276 122.63 80.61 -123.45
N UNK D 277 122.30 79.36 -123.14
CA UNK D 277 121.79 78.52 -124.23
C UNK D 277 120.77 77.45 -123.85
N UNK D 278 120.14 77.51 -122.68
CA UNK D 278 119.07 76.60 -122.25
C UNK D 278 119.45 75.13 -122.09
N UNK D 279 120.70 74.77 -122.37
CA UNK D 279 121.17 73.42 -122.16
C UNK D 279 121.60 73.17 -120.73
N UNK D 280 121.51 74.18 -119.89
CA UNK D 280 122.08 74.15 -118.56
C UNK D 280 121.22 73.43 -117.57
N UNK D 281 120.28 72.60 -117.98
CA UNK D 281 119.68 71.70 -117.02
C UNK D 281 120.69 70.66 -116.54
N UNK D 282 121.67 70.31 -117.38
CA UNK D 282 122.75 69.43 -116.94
C UNK D 282 123.65 70.15 -115.94
N UNK D 283 124.01 71.40 -116.23
CA UNK D 283 124.76 72.19 -115.27
C UNK D 283 123.97 72.42 -114.00
N UNK D 284 122.64 72.53 -114.12
CA UNK D 284 121.78 72.64 -112.95
C UNK D 284 121.76 71.36 -112.16
N UNK D 285 121.87 70.22 -112.83
CA UNK D 285 122.00 68.96 -112.11
C UNK D 285 123.32 68.90 -111.37
N UNK D 286 124.37 69.43 -111.98
CA UNK D 286 125.66 69.51 -111.30
C UNK D 286 125.58 70.43 -110.10
N UNK D 287 124.90 71.56 -110.23
CA UNK D 287 124.77 72.48 -109.11
C UNK D 287 123.88 71.93 -108.02
N UNK D 288 122.84 71.17 -108.41
CA UNK D 288 121.98 70.56 -107.41
C UNK D 288 122.69 69.44 -106.69
N UNK D 289 123.66 68.81 -107.34
CA UNK D 289 124.58 67.99 -106.59
C UNK D 289 125.47 68.86 -105.71
N UNK D 290 125.77 70.07 -106.17
CA UNK D 290 126.86 70.83 -105.58
C UNK D 290 126.47 71.57 -104.31
N UNK D 291 125.22 72.05 -104.20
CA UNK D 291 124.72 72.80 -103.04
C UNK D 291 125.51 74.10 -102.79
N UNK D 292 125.17 75.20 -103.46
CA UNK D 292 123.78 75.42 -103.86
C UNK D 292 123.40 76.18 -105.15
N UNK D 293 124.30 76.91 -105.79
CA UNK D 293 123.83 78.01 -106.63
C UNK D 293 124.48 78.02 -108.00
N UNK D 294 123.75 78.62 -108.92
CA UNK D 294 124.22 78.81 -110.29
C UNK D 294 123.67 80.12 -110.82
N UNK D 295 124.53 80.96 -111.35
CA UNK D 295 124.08 82.18 -111.98
C UNK D 295 124.04 82.01 -113.49
N UNK D 296 123.09 82.69 -114.13
CA UNK D 296 123.04 82.66 -115.57
C UNK D 296 122.51 83.99 -116.07
N UNK D 297 122.87 84.33 -117.30
CA UNK D 297 122.32 85.49 -117.98
C UNK D 297 121.85 85.01 -119.34
N UNK D 298 120.66 84.45 -119.37
CA UNK D 298 120.11 83.82 -120.54
C UNK D 298 119.29 84.82 -121.36
N UNK D 299 118.63 84.32 -122.40
CA UNK D 299 117.77 85.11 -123.26
C UNK D 299 116.34 84.62 -123.26
N UNK D 300 116.11 83.31 -123.40
CA UNK D 300 114.78 82.76 -123.30
C UNK D 300 114.79 81.42 -122.57
N UNK D 301 115.71 81.25 -121.62
CA UNK D 301 115.91 79.99 -120.94
C UNK D 301 115.52 80.03 -119.47
N UNK D 302 115.94 81.10 -118.78
CA UNK D 302 115.69 81.23 -117.36
C UNK D 302 114.21 81.37 -117.06
N UNK D 303 113.46 81.96 -117.98
CA UNK D 303 112.01 82.01 -117.85
C UNK D 303 111.41 80.61 -117.84
N UNK D 304 111.95 79.71 -118.68
CA UNK D 304 111.44 78.35 -118.69
C UNK D 304 111.82 77.61 -117.42
N UNK D 305 113.03 77.86 -116.93
CA UNK D 305 113.45 77.25 -115.67
C UNK D 305 112.60 77.74 -114.50
N UNK D 306 112.24 79.02 -114.50
CA UNK D 306 111.39 79.56 -113.44
C UNK D 306 109.96 79.07 -113.55
N UNK D 307 109.49 78.86 -114.78
CA UNK D 307 108.19 78.22 -114.98
C UNK D 307 108.19 76.81 -114.46
N UNK D 308 109.32 76.13 -114.55
CA UNK D 308 109.42 74.81 -113.93
C UNK D 308 109.43 74.92 -112.42
N UNK D 309 110.15 75.89 -111.89
CA UNK D 309 110.43 75.92 -110.47
C UNK D 309 109.29 76.49 -109.64
N UNK D 310 108.55 77.46 -110.16
CA UNK D 310 107.45 78.04 -109.41
C UNK D 310 106.15 77.28 -109.61
N UNK D 311 106.23 76.02 -110.02
CA UNK D 311 105.01 75.23 -110.19
C UNK D 311 104.53 74.73 -108.83
N UNK D 312 105.32 73.85 -108.21
CA UNK D 312 104.99 73.17 -106.94
C UNK D 312 103.57 72.59 -106.94
N UNK D 313 103.17 72.03 -108.08
CA UNK D 313 101.79 71.59 -108.27
C UNK D 313 101.64 70.16 -107.77
N UNK D 314 101.88 70.01 -106.47
CA UNK D 314 101.56 68.79 -105.76
C UNK D 314 100.13 68.81 -105.24
N UNK D 315 99.25 69.56 -105.91
CA UNK D 315 97.83 69.39 -105.71
C UNK D 315 97.53 67.95 -106.06
N UNK D 316 97.62 67.56 -107.34
CA UNK D 316 97.96 66.17 -107.56
C UNK D 316 99.07 65.90 -108.55
N UNK D 317 98.77 66.07 -109.84
CA UNK D 317 99.53 65.52 -110.96
C UNK D 317 98.82 65.84 -112.27
N UNK D 318 99.36 65.35 -113.39
CA UNK D 318 98.63 65.23 -114.65
C UNK D 318 99.32 64.21 -115.52
N UNK D 319 98.55 63.38 -116.21
CA UNK D 319 99.06 62.48 -117.24
C UNK D 319 98.33 62.85 -118.52
N UNK D 320 98.85 63.85 -119.22
CA UNK D 320 98.07 64.57 -120.20
C UNK D 320 97.97 63.79 -121.52
N UNK D 321 97.18 64.34 -122.43
CA UNK D 321 97.21 63.99 -123.85
C UNK D 321 96.59 65.14 -124.61
N UNK D 322 97.05 65.36 -125.84
CA UNK D 322 96.66 66.55 -126.57
C UNK D 322 96.19 66.21 -127.98
N UNK D 323 95.54 67.19 -128.60
CA UNK D 323 95.35 67.23 -130.05
C UNK D 323 95.14 68.70 -130.39
N UNK D 324 96.20 69.37 -130.84
CA UNK D 324 96.22 70.82 -130.73
C UNK D 324 96.23 71.55 -132.07
N UNK D 325 97.26 71.34 -132.90
CA UNK D 325 97.41 71.95 -134.21
C UNK D 325 97.37 73.48 -134.32
N UNK D 326 97.51 74.24 -133.22
CA UNK D 326 97.39 75.69 -133.33
C UNK D 326 97.96 76.46 -132.14
N UNK D 327 98.54 77.63 -132.46
CA UNK D 327 98.36 78.88 -131.72
C UNK D 327 98.80 78.82 -130.26
N UNK D 328 100.12 78.81 -130.04
CA UNK D 328 100.64 78.97 -128.68
C UNK D 328 102.01 79.67 -128.71
N UNK D 329 102.06 80.97 -128.40
CA UNK D 329 103.33 81.62 -128.09
C UNK D 329 103.38 82.26 -126.70
N UNK D 330 102.65 83.38 -126.48
CA UNK D 330 102.11 83.93 -125.23
C UNK D 330 102.87 83.75 -123.92
N UNK D 331 104.13 84.18 -123.80
CA UNK D 331 104.90 83.85 -122.60
C UNK D 331 105.65 85.04 -121.99
N UNK D 332 105.31 86.26 -122.40
CA UNK D 332 105.91 87.46 -121.80
C UNK D 332 105.01 88.06 -120.74
N UNK D 333 104.28 87.24 -120.03
CA UNK D 333 103.14 87.72 -119.25
C UNK D 333 103.46 87.78 -117.77
N UNK D 334 102.59 88.50 -117.06
CA UNK D 334 102.68 88.65 -115.63
C UNK D 334 101.26 88.77 -115.08
N UNK D 335 100.97 88.10 -113.96
CA UNK D 335 101.93 87.26 -113.26
C UNK D 335 101.85 85.80 -113.59
N UNK D 336 100.71 85.18 -113.21
CA UNK D 336 100.47 83.73 -113.27
C UNK D 336 101.52 82.90 -112.54
N UNK D 337 102.33 83.54 -111.70
CA UNK D 337 103.58 83.01 -111.17
C UNK D 337 104.07 84.04 -110.17
N UNK D 338 105.27 83.83 -109.64
CA UNK D 338 105.88 84.79 -108.73
C UNK D 338 107.39 84.68 -108.82
N UNK D 339 108.08 85.45 -107.98
CA UNK D 339 109.52 85.35 -107.78
C UNK D 339 109.80 85.75 -106.35
N UNK D 340 110.71 85.03 -105.70
CA UNK D 340 110.88 85.14 -104.27
C UNK D 340 111.51 86.45 -103.87
N UNK D 341 112.75 86.68 -104.30
CA UNK D 341 113.38 87.97 -104.15
C UNK D 341 114.17 88.22 -105.42
N UNK D 342 114.71 89.44 -105.52
CA UNK D 342 115.47 89.91 -106.66
C UNK D 342 114.68 89.74 -107.95
N UNK D 343 113.50 90.32 -107.98
CA UNK D 343 112.55 90.12 -109.07
C UNK D 343 112.50 91.40 -109.90
N UNK D 344 113.43 91.52 -110.85
CA UNK D 344 113.54 92.72 -111.68
C UNK D 344 113.55 92.32 -113.14
N UNK D 345 112.38 92.14 -113.70
CA UNK D 345 112.20 92.02 -115.14
C UNK D 345 111.64 93.35 -115.61
N UNK D 346 112.38 94.05 -116.46
CA UNK D 346 111.98 95.38 -116.89
C UNK D 346 110.85 95.29 -117.91
N UNK D 347 110.35 96.45 -118.33
CA UNK D 347 109.30 96.51 -119.34
C UNK D 347 109.36 97.87 -120.02
N UNK D 348 109.98 97.91 -121.20
CA UNK D 348 110.12 99.11 -122.05
C UNK D 348 110.69 100.29 -121.28
N UNK D 349 111.91 100.06 -120.76
CA UNK D 349 112.63 100.96 -119.83
C UNK D 349 111.81 101.26 -118.59
N UNK D 350 111.32 100.21 -117.94
CA UNK D 350 110.62 100.35 -116.66
C UNK D 350 111.62 100.60 -115.53
N UNK D 351 97.43 109.68 -42.45
CA UNK D 351 97.46 111.08 -42.07
C UNK D 351 96.28 111.49 -41.20
N UNK D 352 88.88 120.48 -39.61
CA UNK D 352 87.49 120.72 -39.94
C UNK D 352 86.58 120.38 -38.76
N UNK D 353 85.50 119.65 -39.04
CA UNK D 353 84.32 119.55 -38.17
C UNK D 353 83.86 120.96 -37.75
N UNK D 354 83.49 121.73 -38.77
CA UNK D 354 83.05 123.09 -38.55
C UNK D 354 81.59 123.12 -38.11
N UNK D 355 81.30 123.96 -37.12
CA UNK D 355 79.94 124.11 -36.62
C UNK D 355 79.17 125.19 -37.37
N UNK D 356 79.64 126.43 -37.31
CA UNK D 356 78.90 127.58 -37.84
C UNK D 356 79.81 128.58 -38.57
N UNK D 357 80.66 128.08 -39.46
CA UNK D 357 81.72 128.87 -40.07
C UNK D 357 81.46 129.02 -41.56
N UNK D 358 82.51 129.34 -42.33
CA UNK D 358 82.49 129.68 -43.75
C UNK D 358 81.73 128.74 -44.69
N UNK D 359 81.32 127.56 -44.22
CA UNK D 359 80.25 126.76 -44.81
C UNK D 359 80.50 126.16 -46.20
N UNK D 360 81.29 125.08 -46.24
CA UNK D 360 81.21 124.05 -47.28
C UNK D 360 81.73 124.48 -48.65
N UNK D 361 82.96 124.96 -48.69
CA UNK D 361 83.82 124.80 -49.86
C UNK D 361 85.10 124.16 -49.35
N UNK D 362 85.47 124.55 -48.13
CA UNK D 362 86.49 123.82 -47.40
C UNK D 362 86.05 122.40 -47.10
N UNK D 363 84.74 122.17 -47.01
CA UNK D 363 84.25 120.80 -46.89
C UNK D 363 84.52 120.01 -48.16
N UNK D 364 84.34 120.62 -49.32
CA UNK D 364 84.70 119.95 -50.57
C UNK D 364 86.19 119.67 -50.60
N UNK D 365 86.99 120.60 -50.08
CA UNK D 365 88.42 120.37 -49.94
C UNK D 365 88.73 119.21 -49.00
N UNK D 366 87.95 119.05 -47.94
CA UNK D 366 88.21 117.96 -47.02
C UNK D 366 87.83 116.63 -47.63
N UNK D 367 86.74 116.61 -48.40
CA UNK D 367 86.34 115.40 -49.11
C UNK D 367 87.40 114.99 -50.12
N UNK D 368 87.93 115.97 -50.85
CA UNK D 368 89.01 115.65 -51.78
C UNK D 368 90.28 115.26 -51.05
N UNK D 369 90.50 115.80 -49.86
CA UNK D 369 91.67 115.45 -49.09
C UNK D 369 91.63 114.00 -48.67
N UNK D 370 90.51 113.55 -48.11
CA UNK D 370 90.43 112.15 -47.74
C UNK D 370 90.34 111.25 -48.96
N UNK D 371 89.82 111.76 -50.07
CA UNK D 371 89.81 110.99 -51.31
C UNK D 371 91.20 110.72 -51.80
N UNK D 372 92.07 111.71 -51.73
CA UNK D 372 93.47 111.48 -52.04
C UNK D 372 94.19 110.77 -50.93
N UNK D 373 93.61 110.73 -49.74
CA UNK D 373 94.21 109.95 -48.67
C UNK D 373 93.90 108.49 -48.80
N UNK D 374 92.90 108.11 -49.57
CA UNK D 374 92.66 106.68 -49.74
C UNK D 374 93.52 106.13 -50.88
N UNK D 375 93.26 106.53 -52.13
CA UNK D 375 94.03 106.05 -53.27
C UNK D 375 93.83 106.93 -54.49
N UNK D 376 94.86 107.68 -54.89
CA UNK D 376 94.90 108.23 -56.26
C UNK D 376 96.37 108.39 -56.65
N UNK D 377 96.95 107.31 -57.22
CA UNK D 377 98.40 107.22 -57.42
C UNK D 377 98.81 106.00 -58.26
N UNK D 378 100.12 105.72 -58.19
CA UNK D 378 100.85 104.42 -58.27
C UNK D 378 101.30 103.84 -59.61
N UNK D 379 101.03 104.45 -60.76
CA UNK D 379 101.94 104.54 -61.91
C UNK D 379 102.97 103.42 -62.18
N UNK D 380 102.55 102.15 -62.15
CA UNK D 380 103.48 101.03 -62.28
C UNK D 380 103.84 100.76 -63.74
N UNK D 381 104.44 99.59 -64.04
CA UNK D 381 104.74 99.28 -65.45
C UNK D 381 104.66 97.78 -65.69
N UNK D 382 103.46 97.29 -66.01
CA UNK D 382 103.28 96.11 -66.85
C UNK D 382 102.09 96.20 -67.79
N UNK D 383 100.97 96.69 -67.29
CA UNK D 383 99.67 96.37 -67.86
C UNK D 383 98.70 97.52 -67.63
N UNK D 384 97.68 97.58 -68.47
CA UNK D 384 96.85 98.78 -68.60
C UNK D 384 95.39 98.39 -68.74
N UNK D 385 94.56 99.37 -69.18
CA UNK D 385 93.12 99.17 -69.33
C UNK D 385 92.51 99.85 -70.57
N UNK D 386 93.31 100.46 -71.45
CA UNK D 386 92.78 101.21 -72.57
C UNK D 386 93.70 101.02 -73.78
N UNK D 387 93.31 100.14 -74.69
CA UNK D 387 94.18 99.65 -75.75
C UNK D 387 93.55 99.82 -77.12
N UNK D 388 93.05 101.02 -77.41
CA UNK D 388 92.65 101.36 -78.77
C UNK D 388 93.87 101.88 -79.54
N UNK D 389 94.79 100.96 -79.80
CA UNK D 389 96.13 101.28 -80.29
C UNK D 389 96.41 100.64 -81.63
N UNK D 390 95.39 100.57 -82.47
CA UNK D 390 95.59 100.44 -83.91
C UNK D 390 95.50 101.80 -84.58
N UNK D 391 95.91 102.84 -83.87
CA UNK D 391 96.04 104.18 -84.42
C UNK D 391 97.26 104.81 -83.78
N UNK D 392 98.25 105.18 -84.58
CA UNK D 392 99.55 105.61 -84.05
C UNK D 392 100.13 106.72 -84.93
N UNK D 393 99.93 107.97 -84.51
CA UNK D 393 100.55 109.12 -85.15
C UNK D 393 101.30 109.99 -84.15
N UNK D 394 101.74 109.40 -83.05
CA UNK D 394 102.32 110.07 -81.90
C UNK D 394 103.77 109.61 -81.73
N UNK D 395 104.38 109.97 -80.59
CA UNK D 395 105.79 109.67 -80.37
C UNK D 395 106.07 109.32 -78.91
N UNK D 396 106.55 108.09 -78.67
CA UNK D 396 107.05 107.70 -77.35
C UNK D 396 108.56 107.94 -77.32
N UNK D 397 109.23 107.56 -76.23
CA UNK D 397 110.69 107.64 -76.21
C UNK D 397 111.35 106.29 -75.98
N UNK D 398 111.01 105.58 -74.92
CA UNK D 398 111.75 104.38 -74.54
C UNK D 398 110.78 103.26 -74.21
N UNK D 399 111.34 102.11 -73.86
CA UNK D 399 110.58 100.93 -73.46
C UNK D 399 111.50 100.04 -72.64
N UNK D 400 111.06 98.80 -72.42
CA UNK D 400 111.87 97.81 -71.74
C UNK D 400 111.36 96.44 -72.19
N UNK D 401 111.85 95.38 -71.53
CA UNK D 401 111.50 94.02 -71.91
C UNK D 401 111.89 93.09 -70.78
N UNK D 402 111.54 91.83 -70.92
CA UNK D 402 111.96 90.76 -70.03
C UNK D 402 111.72 89.42 -70.71
N UNK D 403 111.83 88.36 -69.92
CA UNK D 403 111.35 87.02 -70.22
C UNK D 403 111.01 86.39 -68.89
N UNK D 404 110.93 85.07 -68.84
CA UNK D 404 110.66 84.40 -67.58
C UNK D 404 111.91 83.67 -67.09
N UNK D 405 113.06 84.28 -67.26
CA UNK D 405 114.32 83.56 -67.22
C UNK D 405 115.43 84.47 -66.72
N UNK D 406 116.69 84.08 -66.97
CA UNK D 406 117.87 84.79 -66.52
C UNK D 406 119.05 84.43 -67.42
N UNK D 407 120.01 85.36 -67.63
CA UNK D 407 119.98 86.79 -67.25
C UNK D 407 120.65 87.80 -68.20
N UNK D 408 120.99 87.44 -69.46
CA UNK D 408 121.82 88.31 -70.29
C UNK D 408 121.06 89.57 -70.72
N UNK D 409 121.72 90.49 -71.44
CA UNK D 409 121.07 91.77 -71.72
C UNK D 409 121.69 92.51 -72.90
N UNK D 410 120.90 93.40 -73.49
CA UNK D 410 121.34 94.27 -74.57
C UNK D 410 120.46 95.53 -74.60
N UNK D 411 120.85 96.47 -75.46
CA UNK D 411 120.12 97.72 -75.61
C UNK D 411 120.39 98.33 -76.98
N UNK D 412 119.36 98.99 -77.53
CA UNK D 412 119.38 99.48 -78.90
C UNK D 412 118.51 100.73 -79.00
N UNK D 413 118.66 101.46 -80.11
CA UNK D 413 117.89 102.69 -80.31
C UNK D 413 117.88 103.08 -81.78
N UNK D 414 116.70 103.07 -82.39
CA UNK D 414 116.46 103.57 -83.76
C UNK D 414 114.96 103.82 -83.91
N UNK D 415 114.47 103.85 -85.15
CA UNK D 415 113.04 103.64 -85.38
C UNK D 415 112.71 102.15 -85.23
N UNK D 416 111.48 101.74 -85.53
CA UNK D 416 111.03 100.43 -85.09
C UNK D 416 111.31 99.33 -86.11
N UNK D 417 110.84 98.13 -85.76
CA UNK D 417 110.54 96.95 -86.55
C UNK D 417 111.75 96.14 -86.97
N UNK D 418 112.95 96.62 -86.76
CA UNK D 418 114.08 95.70 -86.79
C UNK D 418 114.23 94.99 -85.46
N UNK D 419 113.46 95.43 -84.47
CA UNK D 419 113.62 94.98 -83.10
C UNK D 419 113.24 93.54 -82.92
N UNK D 420 112.42 92.98 -83.80
CA UNK D 420 111.98 91.61 -83.61
C UNK D 420 113.12 90.62 -83.79
N UNK D 421 114.04 90.92 -84.71
CA UNK D 421 115.17 90.03 -84.91
C UNK D 421 116.09 90.05 -83.71
N UNK D 422 116.37 91.24 -83.17
CA UNK D 422 117.17 91.32 -81.97
C UNK D 422 116.43 90.74 -80.78
N UNK D 423 115.10 90.80 -80.79
CA UNK D 423 114.31 90.24 -79.70
C UNK D 423 114.43 88.74 -79.69
N UNK D 424 114.33 88.12 -80.86
CA UNK D 424 114.51 86.67 -80.90
C UNK D 424 115.96 86.30 -80.65
N UNK D 425 116.90 87.20 -80.98
CA UNK D 425 118.29 86.96 -80.61
C UNK D 425 118.45 86.96 -79.10
N UNK D 426 117.75 87.86 -78.42
CA UNK D 426 117.86 87.92 -76.97
C UNK D 426 117.17 86.74 -76.33
N UNK D 427 116.03 86.34 -76.86
CA UNK D 427 115.34 85.19 -76.32
C UNK D 427 116.10 83.90 -76.60
N UNK D 428 116.87 83.88 -77.68
CA UNK D 428 117.78 82.77 -77.89
C UNK D 428 118.94 82.84 -76.93
N UNK D 429 119.36 84.04 -76.55
CA UNK D 429 120.40 84.17 -75.55
C UNK D 429 119.88 83.99 -74.14
N UNK D 430 118.56 83.85 -73.96
CA UNK D 430 117.87 83.73 -72.67
C UNK D 430 118.14 84.95 -71.79
N UNK D 431 117.60 86.08 -72.24
CA UNK D 431 118.10 87.38 -71.85
C UNK D 431 116.94 88.29 -71.48
N UNK D 432 117.23 89.57 -71.37
CA UNK D 432 116.24 90.60 -71.10
C UNK D 432 116.71 91.89 -71.76
N UNK D 433 116.06 92.27 -72.85
CA UNK D 433 116.53 93.37 -73.66
C UNK D 433 116.00 94.69 -73.15
N UNK D 434 116.43 95.78 -73.78
CA UNK D 434 115.75 97.05 -73.65
C UNK D 434 115.65 97.69 -75.02
N UNK D 435 115.23 98.95 -75.08
CA UNK D 435 115.19 99.71 -76.32
C UNK D 435 115.09 101.18 -75.97
N UNK D 436 115.23 102.02 -76.98
CA UNK D 436 114.94 103.44 -76.82
C UNK D 436 114.44 103.96 -78.17
N UNK D 437 113.13 103.95 -78.35
CA UNK D 437 112.65 103.94 -79.72
C UNK D 437 111.18 104.29 -79.81
N UNK D 438 110.75 104.58 -81.02
CA UNK D 438 109.35 104.79 -81.37
C UNK D 438 108.80 103.52 -82.01
N UNK D 439 107.52 103.26 -81.73
CA UNK D 439 106.66 102.26 -82.38
C UNK D 439 107.06 100.81 -82.13
N UNK D 440 108.23 100.58 -81.53
CA UNK D 440 108.50 99.26 -80.98
C UNK D 440 107.57 98.97 -79.80
N UNK D 441 107.29 100.01 -79.01
CA UNK D 441 106.31 99.91 -77.94
C UNK D 441 104.91 99.66 -78.45
N UNK D 442 104.61 100.08 -79.69
CA UNK D 442 103.36 99.68 -80.30
C UNK D 442 103.39 98.20 -80.62
N UNK D 443 104.50 97.74 -81.22
CA UNK D 443 104.61 96.38 -81.71
C UNK D 443 104.44 95.37 -80.60
N UNK D 444 105.22 95.51 -79.53
CA UNK D 444 105.20 94.52 -78.48
C UNK D 444 103.90 94.53 -77.72
N UNK D 445 103.32 95.71 -77.50
CA UNK D 445 102.10 95.80 -76.73
C UNK D 445 100.93 95.22 -77.48
N UNK D 446 100.84 95.49 -78.77
CA UNK D 446 99.77 94.87 -79.53
C UNK D 446 100.01 93.38 -79.72
N UNK D 447 101.26 92.93 -79.66
CA UNK D 447 101.49 91.50 -79.66
C UNK D 447 101.10 90.86 -78.35
N UNK D 448 101.02 91.63 -77.27
CA UNK D 448 100.64 91.11 -75.96
C UNK D 448 99.14 91.18 -75.70
N UNK D 449 98.31 91.10 -76.73
CA UNK D 449 96.87 90.97 -76.48
C UNK D 449 96.54 89.54 -76.08
N UNK D 450 96.68 88.60 -77.01
CA UNK D 450 96.35 87.18 -76.86
C UNK D 450 94.97 86.96 -76.24
N UNK D 451 93.94 87.53 -76.87
CA UNK D 451 92.57 87.27 -76.46
C UNK D 451 92.26 85.83 -76.79
N UNK D 452 92.20 85.51 -78.09
CA UNK D 452 92.26 84.14 -78.64
C UNK D 452 91.31 83.15 -77.97
N UNK D 453 90.21 83.67 -77.47
CA UNK D 453 89.17 82.87 -76.86
C UNK D 453 87.81 83.36 -77.31
N UNK D 454 87.79 84.32 -78.21
CA UNK D 454 86.66 84.30 -79.10
C UNK D 454 86.95 83.07 -79.92
N UNK D 455 87.99 83.17 -80.77
CA UNK D 455 88.86 82.13 -81.32
C UNK D 455 89.77 82.86 -82.28
N UNK D 456 90.74 82.15 -82.81
CA UNK D 456 91.60 82.73 -83.83
C UNK D 456 90.87 82.73 -85.16
N UNK D 457 90.93 83.84 -85.88
CA UNK D 457 90.22 83.94 -87.13
C UNK D 457 91.05 83.38 -88.27
N UNK D 458 90.59 83.64 -89.48
CA UNK D 458 91.33 83.36 -90.71
C UNK D 458 90.87 84.40 -91.71
N UNK D 459 91.72 85.37 -91.97
CA UNK D 459 91.33 86.58 -92.66
C UNK D 459 91.24 86.35 -94.17
N UNK D 460 90.62 87.30 -94.84
CA UNK D 460 90.70 87.45 -96.28
C UNK D 460 90.27 88.87 -96.59
N UNK D 461 91.01 89.55 -97.44
CA UNK D 461 90.68 90.93 -97.73
C UNK D 461 90.12 91.03 -99.14
N UNK D 462 89.48 92.16 -99.41
CA UNK D 462 89.03 92.46 -100.77
C UNK D 462 88.89 93.96 -100.90
N UNK D 463 89.81 94.59 -101.60
CA UNK D 463 89.68 96.01 -101.91
C UNK D 463 88.94 96.13 -103.22
N UNK D 464 87.82 96.85 -103.20
CA UNK D 464 87.02 97.07 -104.39
C UNK D 464 87.64 98.16 -105.24
N UNK D 465 86.85 98.72 -106.18
CA UNK D 465 87.38 99.57 -107.24
C UNK D 465 87.98 100.88 -106.70
N UNK D 466 87.16 101.70 -106.04
CA UNK D 466 87.61 103.05 -105.70
C UNK D 466 87.75 103.30 -104.21
N UNK D 467 86.67 103.14 -103.43
CA UNK D 467 86.71 103.60 -102.04
C UNK D 467 86.07 102.59 -101.10
N UNK D 468 85.86 101.37 -101.53
CA UNK D 468 85.32 100.33 -100.69
C UNK D 468 86.43 99.33 -100.42
N UNK D 469 86.59 98.96 -99.17
CA UNK D 469 87.44 97.84 -98.82
C UNK D 469 86.68 96.99 -97.83
N UNK D 470 86.81 95.68 -97.94
CA UNK D 470 86.09 94.78 -97.09
C UNK D 470 87.04 93.75 -96.53
N UNK D 471 86.78 93.30 -95.31
CA UNK D 471 87.53 92.22 -94.72
C UNK D 471 86.55 91.14 -94.36
N UNK D 472 86.66 89.99 -94.99
CA UNK D 472 85.90 88.83 -94.58
C UNK D 472 86.79 87.96 -93.72
N UNK D 473 86.17 87.11 -92.91
CA UNK D 473 86.93 86.27 -92.00
C UNK D 473 86.15 85.02 -91.69
N UNK D 474 86.86 83.94 -91.47
CA UNK D 474 86.23 82.75 -90.94
C UNK D 474 86.84 82.44 -89.59
N UNK D 475 86.28 81.46 -88.88
CA UNK D 475 86.94 80.94 -87.70
C UNK D 475 87.21 79.44 -87.80
N UNK D 476 86.17 78.65 -88.02
CA UNK D 476 86.26 77.22 -88.17
C UNK D 476 85.10 76.81 -89.08
N UNK D 477 84.73 75.54 -89.03
CA UNK D 477 83.71 74.98 -89.90
C UNK D 477 83.35 73.64 -89.29
N UNK D 478 82.14 73.12 -89.55
CA UNK D 478 80.98 73.70 -90.23
C UNK D 478 80.20 74.57 -89.28
N UNK D 479 78.91 74.71 -89.58
CA UNK D 479 77.98 75.61 -88.92
C UNK D 479 78.42 77.06 -89.15
N UNK D 480 78.29 77.44 -90.41
CA UNK D 480 78.66 78.73 -90.96
C UNK D 480 77.69 79.82 -90.55
N UNK D 481 77.60 80.86 -91.38
CA UNK D 481 76.40 81.66 -91.43
C UNK D 481 76.08 82.55 -90.25
N UNK D 482 76.50 83.83 -90.18
CA UNK D 482 77.23 84.78 -91.08
C UNK D 482 77.17 86.07 -90.28
N UNK D 483 77.75 87.16 -90.75
CA UNK D 483 77.44 88.47 -90.22
C UNK D 483 77.72 89.51 -91.28
N UNK D 484 77.37 90.76 -90.98
CA UNK D 484 77.70 91.90 -91.84
C UNK D 484 77.70 93.16 -90.98
N UNK D 485 78.88 93.63 -90.61
CA UNK D 485 78.98 94.88 -89.87
C UNK D 485 79.38 96.00 -90.82
N UNK D 486 79.13 97.23 -90.41
CA UNK D 486 79.43 98.38 -91.26
C UNK D 486 79.60 99.63 -90.39
N UNK D 487 80.83 100.10 -90.22
CA UNK D 487 81.13 101.35 -89.52
C UNK D 487 82.43 101.90 -90.10
N UNK D 488 83.13 102.75 -89.36
CA UNK D 488 84.47 103.12 -89.78
C UNK D 488 85.45 103.05 -88.60
N UNK D 489 85.39 101.97 -87.84
CA UNK D 489 86.22 101.87 -86.65
C UNK D 489 86.49 100.40 -86.35
N UNK D 490 86.99 100.12 -85.14
CA UNK D 490 87.50 98.82 -84.77
C UNK D 490 86.95 98.32 -83.45
N UNK D 491 85.70 98.62 -83.15
CA UNK D 491 84.99 97.91 -82.09
C UNK D 491 84.27 96.74 -82.73
N UNK D 492 85.08 95.83 -83.25
CA UNK D 492 84.59 94.72 -84.03
C UNK D 492 84.82 93.39 -83.40
N UNK D 493 85.78 93.26 -82.48
CA UNK D 493 85.96 91.98 -81.79
C UNK D 493 84.77 91.68 -80.91
N UNK D 494 84.08 92.71 -80.43
CA UNK D 494 82.87 92.53 -79.64
C UNK D 494 81.79 91.85 -80.43
N UNK D 495 81.56 92.30 -81.67
CA UNK D 495 80.62 91.57 -82.51
C UNK D 495 81.24 90.30 -83.05
N UNK D 496 82.56 90.23 -83.10
CA UNK D 496 83.20 89.05 -83.65
C UNK D 496 83.11 87.86 -82.71
N UNK D 497 82.93 88.10 -81.43
CA UNK D 497 82.73 86.97 -80.53
C UNK D 497 81.40 86.29 -80.82
N UNK D 498 80.32 87.06 -80.90
CA UNK D 498 79.05 86.47 -81.26
C UNK D 498 79.03 86.01 -82.71
N UNK D 499 79.92 86.51 -83.55
CA UNK D 499 80.14 85.85 -84.82
C UNK D 499 80.78 84.49 -84.61
N UNK D 500 81.68 84.37 -83.65
CA UNK D 500 82.35 83.11 -83.37
C UNK D 500 81.54 82.21 -82.46
N UNK D 501 80.28 82.55 -82.23
CA UNK D 501 79.24 81.57 -81.93
C UNK D 501 78.60 81.02 -83.19
N UNK D 502 79.36 81.06 -84.29
CA UNK D 502 79.03 80.57 -85.63
C UNK D 502 80.37 80.39 -86.33
N UNK D 503 80.41 80.51 -87.65
CA UNK D 503 81.71 80.38 -88.31
C UNK D 503 82.18 81.55 -89.16
N UNK D 504 81.33 82.27 -89.87
CA UNK D 504 81.83 83.26 -90.81
C UNK D 504 81.39 84.65 -90.42
N UNK D 505 82.20 85.65 -90.78
CA UNK D 505 81.82 87.05 -90.62
C UNK D 505 82.42 87.82 -91.78
N UNK D 506 81.79 88.91 -92.17
CA UNK D 506 82.31 89.69 -93.30
C UNK D 506 82.09 91.17 -93.03
N UNK D 507 83.07 91.82 -92.43
CA UNK D 507 82.97 93.23 -92.11
C UNK D 507 83.13 94.05 -93.38
N UNK D 508 82.06 94.72 -93.78
CA UNK D 508 82.00 95.38 -95.08
C UNK D 508 82.35 96.85 -94.98
N UNK D 509 83.52 97.12 -94.43
CA UNK D 509 84.13 98.45 -94.42
C UNK D 509 85.58 98.26 -94.00
N UNK D 510 86.33 99.35 -93.92
CA UNK D 510 87.77 99.24 -93.83
C UNK D 510 88.35 99.75 -92.52
N UNK D 511 88.07 101.00 -92.17
CA UNK D 511 89.02 101.97 -91.63
C UNK D 511 90.09 101.42 -90.70
N UNK D 512 89.66 100.64 -89.71
CA UNK D 512 90.60 100.09 -88.75
C UNK D 512 90.36 98.60 -88.57
N UNK D 513 89.83 97.93 -89.58
CA UNK D 513 89.74 96.48 -89.55
C UNK D 513 90.99 95.81 -90.05
N UNK D 514 92.11 96.52 -90.07
CA UNK D 514 93.41 95.89 -90.20
C UNK D 514 93.93 95.40 -88.87
N UNK D 515 93.23 95.70 -87.77
CA UNK D 515 93.71 95.34 -86.45
C UNK D 515 93.74 93.84 -86.28
N UNK D 516 92.71 93.15 -86.76
CA UNK D 516 92.70 91.71 -86.63
C UNK D 516 93.73 91.07 -87.53
N UNK D 517 94.03 91.71 -88.66
CA UNK D 517 95.12 91.22 -89.50
C UNK D 517 96.44 91.35 -88.78
N UNK D 518 96.62 92.45 -88.06
CA UNK D 518 97.84 92.62 -87.28
C UNK D 518 97.92 91.59 -86.16
N UNK D 519 96.79 91.30 -85.53
CA UNK D 519 96.83 90.37 -84.41
C UNK D 519 96.90 88.93 -84.86
N UNK D 520 96.52 88.64 -86.09
CA UNK D 520 96.48 87.27 -86.54
C UNK D 520 97.72 86.88 -87.31
N UNK D 521 98.27 87.78 -88.11
CA UNK D 521 99.46 87.46 -88.86
C UNK D 521 100.72 87.58 -88.05
N UNK D 522 100.61 87.76 -86.73
CA UNK D 522 101.75 87.88 -85.86
C UNK D 522 101.89 86.71 -84.91
N UNK D 523 100.94 85.78 -84.93
CA UNK D 523 100.78 84.81 -83.85
C UNK D 523 101.97 83.88 -83.76
N UNK D 524 102.25 83.12 -84.82
CA UNK D 524 103.32 82.15 -84.72
C UNK D 524 104.69 82.81 -84.71
N UNK D 525 104.83 83.92 -85.44
CA UNK D 525 106.12 84.59 -85.52
C UNK D 525 106.54 85.17 -84.19
N UNK D 526 105.62 85.86 -83.49
CA UNK D 526 105.93 86.33 -82.16
C UNK D 526 105.64 85.29 -81.10
N UNK D 527 105.23 84.09 -81.50
CA UNK D 527 105.20 82.95 -80.61
C UNK D 527 106.47 82.14 -80.65
N UNK D 528 107.32 82.39 -81.63
CA UNK D 528 108.66 81.81 -81.62
C UNK D 528 109.44 82.26 -80.40
N UNK D 529 109.32 83.53 -80.05
CA UNK D 529 109.80 84.04 -78.76
C UNK D 529 108.70 83.88 -77.73
N UNK D 530 108.80 84.55 -76.58
CA UNK D 530 107.71 84.47 -75.60
C UNK D 530 107.01 85.80 -75.34
N UNK D 531 107.71 86.82 -74.83
CA UNK D 531 107.07 88.00 -74.26
C UNK D 531 108.14 89.02 -73.89
N UNK D 532 107.69 90.24 -73.61
CA UNK D 532 108.60 91.22 -73.01
C UNK D 532 108.13 91.85 -71.69
N UNK D 533 106.98 92.54 -71.73
CA UNK D 533 106.21 92.95 -70.56
C UNK D 533 106.96 93.90 -69.61
N UNK D 534 107.38 95.08 -70.12
CA UNK D 534 107.74 96.25 -69.30
C UNK D 534 107.81 97.53 -70.13
N UNK D 535 107.04 98.55 -69.78
CA UNK D 535 106.93 99.75 -70.61
C UNK D 535 107.37 100.97 -69.82
N UNK D 536 108.07 101.88 -70.49
CA UNK D 536 108.50 103.13 -69.88
C UNK D 536 107.86 104.28 -70.65
N UNK D 537 108.27 105.49 -70.33
CA UNK D 537 107.59 106.66 -70.84
C UNK D 537 108.55 107.57 -71.59
N UNK D 538 108.01 108.66 -72.09
CA UNK D 538 108.82 109.79 -72.46
C UNK D 538 108.90 110.71 -71.27
N UNK D 539 110.11 110.86 -70.73
CA UNK D 539 110.27 111.53 -69.45
C UNK D 539 110.03 113.03 -69.52
N UNK D 540 110.21 113.63 -70.68
CA UNK D 540 109.95 115.04 -70.84
C UNK D 540 108.49 115.23 -71.27
N UNK D 541 108.16 116.44 -71.70
CA UNK D 541 106.79 116.77 -72.11
C UNK D 541 106.50 116.20 -73.49
N UNK D 542 105.64 115.19 -73.55
CA UNK D 542 105.21 114.53 -74.78
C UNK D 542 103.83 113.93 -74.55
N UNK D 543 103.31 113.19 -75.53
CA UNK D 543 102.05 112.48 -75.32
C UNK D 543 102.04 111.20 -76.16
N UNK D 544 102.52 110.12 -75.57
CA UNK D 544 102.33 108.75 -76.04
C UNK D 544 102.77 107.82 -74.92
N UNK D 545 102.87 106.53 -75.26
CA UNK D 545 103.06 105.44 -74.32
C UNK D 545 102.02 105.54 -73.20
N UNK D 546 100.77 105.56 -73.61
CA UNK D 546 99.68 105.67 -72.66
C UNK D 546 99.40 104.32 -72.01
N UNK D 547 99.18 104.35 -70.71
CA UNK D 547 98.81 103.16 -69.94
C UNK D 547 97.77 103.60 -68.93
N UNK D 548 97.31 102.67 -68.11
CA UNK D 548 96.13 102.95 -67.30
C UNK D 548 96.30 102.38 -65.89
N UNK D 549 95.20 102.31 -65.15
CA UNK D 549 95.18 102.62 -63.73
C UNK D 549 94.28 101.63 -63.01
N UNK D 550 93.85 102.05 -61.82
CA UNK D 550 92.97 101.29 -60.96
C UNK D 550 92.00 102.26 -60.28
N UNK D 551 91.04 101.72 -59.52
CA UNK D 551 89.98 102.53 -58.94
C UNK D 551 90.01 102.56 -57.41
N UNK D 552 89.90 101.40 -56.76
CA UNK D 552 90.17 101.22 -55.34
C UNK D 552 89.41 102.09 -54.32
N UNK D 553 88.12 101.90 -54.11
CA UNK D 553 87.16 101.26 -54.98
C UNK D 553 86.02 102.20 -55.15
N UNK D 554 85.52 102.67 -54.02
CA UNK D 554 84.43 103.62 -53.98
C UNK D 554 84.99 105.03 -54.00
N UNK D 555 84.15 106.01 -53.74
CA UNK D 555 84.66 107.33 -53.45
C UNK D 555 84.50 107.65 -51.98
N UNK D 556 84.59 106.62 -51.14
CA UNK D 556 84.98 106.73 -49.73
C UNK D 556 83.98 107.54 -48.91
N UNK D 557 82.82 106.95 -48.67
CA UNK D 557 81.82 107.59 -47.81
C UNK D 557 82.33 107.76 -46.38
N UNK D 558 82.06 108.91 -45.79
CA UNK D 558 82.56 109.24 -44.47
C UNK D 558 81.47 109.95 -43.66
N UNK D 559 81.10 109.40 -42.51
CA UNK D 559 80.16 110.10 -41.67
C UNK D 559 80.93 111.10 -40.82
N UNK D 560 80.21 111.89 -40.03
CA UNK D 560 80.86 112.82 -39.10
C UNK D 560 79.83 113.12 -38.03
N UNK D 561 79.98 112.49 -36.88
CA UNK D 561 78.94 112.54 -35.86
C UNK D 561 79.31 113.55 -34.79
N UNK D 562 78.72 114.72 -34.84
CA UNK D 562 78.92 115.65 -33.75
C UNK D 562 78.06 115.18 -32.59
N UNK D 563 78.69 114.74 -31.51
CA UNK D 563 77.94 114.28 -30.34
C UNK D 563 77.55 115.49 -29.52
N UNK D 564 76.31 115.93 -29.69
CA UNK D 564 75.90 117.28 -29.30
C UNK D 564 75.69 117.37 -27.81
N UNK D 565 76.78 117.60 -27.09
CA UNK D 565 76.65 118.11 -25.75
C UNK D 565 77.38 119.44 -25.56
N UNK D 566 78.67 119.48 -25.83
CA UNK D 566 79.52 120.45 -25.15
C UNK D 566 80.87 120.54 -25.84
N UNK D 567 81.85 121.07 -25.11
CA UNK D 567 83.24 121.20 -25.52
C UNK D 567 84.09 120.14 -24.83
N UNK D 568 85.19 119.68 -25.48
CA UNK D 568 85.61 120.00 -26.85
C UNK D 568 86.17 118.87 -27.73
N UNK D 569 86.72 117.81 -27.14
CA UNK D 569 87.66 116.93 -27.85
C UNK D 569 86.98 116.12 -28.93
N UNK D 570 87.79 115.51 -29.79
CA UNK D 570 87.27 114.97 -31.05
C UNK D 570 88.06 113.73 -31.44
N UNK D 571 87.40 112.58 -31.43
CA UNK D 571 88.03 111.31 -31.79
C UNK D 571 87.64 110.92 -33.21
N UNK D 572 88.58 110.31 -33.93
CA UNK D 572 88.37 109.97 -35.34
C UNK D 572 88.66 108.49 -35.57
N UNK D 573 87.61 107.71 -35.76
CA UNK D 573 87.73 106.28 -36.04
C UNK D 573 87.65 106.06 -37.54
N UNK D 574 88.69 105.46 -38.10
CA UNK D 574 88.52 104.82 -39.40
C UNK D 574 87.97 103.42 -39.17
N UNK D 575 87.19 102.93 -40.11
CA UNK D 575 86.57 101.65 -39.84
C UNK D 575 86.84 100.64 -40.94
N UNK D 576 86.20 99.49 -40.86
CA UNK D 576 86.40 98.43 -41.81
C UNK D 576 85.07 98.03 -42.42
N UNK D 577 84.31 99.04 -42.86
CA UNK D 577 82.94 98.92 -43.37
C UNK D 577 82.06 98.14 -42.40
N UNK D 578 81.92 98.68 -41.21
CA UNK D 578 81.16 98.02 -40.17
C UNK D 578 80.67 99.06 -39.18
N UNK D 579 79.69 98.65 -38.38
CA UNK D 579 78.90 99.59 -37.59
C UNK D 579 78.77 99.13 -36.16
N UNK D 580 79.82 98.54 -35.61
CA UNK D 580 79.96 98.39 -34.17
C UNK D 580 80.80 99.55 -33.63
N UNK D 581 80.25 100.74 -33.83
CA UNK D 581 80.87 101.97 -33.39
C UNK D 581 80.03 102.67 -32.35
N UNK D 582 78.95 102.06 -31.89
CA UNK D 582 78.22 102.65 -30.78
C UNK D 582 79.03 102.60 -29.51
N UNK D 583 79.91 101.59 -29.39
CA UNK D 583 80.82 101.55 -28.25
C UNK D 583 81.76 102.71 -28.29
N UNK D 584 82.27 103.06 -29.46
CA UNK D 584 83.13 104.21 -29.51
C UNK D 584 82.33 105.50 -29.36
N UNK D 585 81.05 105.49 -29.74
CA UNK D 585 80.21 106.68 -29.55
C UNK D 585 80.02 106.96 -28.06
N UNK D 586 79.74 105.92 -27.30
CA UNK D 586 79.63 106.13 -25.87
C UNK D 586 80.99 106.33 -25.23
N UNK D 587 82.07 105.94 -25.89
CA UNK D 587 83.37 106.32 -25.38
C UNK D 587 83.59 107.80 -25.56
N UNK D 588 83.28 108.32 -26.73
CA UNK D 588 83.53 109.72 -27.03
C UNK D 588 82.47 110.63 -26.48
N UNK D 589 81.42 110.09 -25.88
CA UNK D 589 80.52 110.95 -25.10
C UNK D 589 81.16 111.49 -23.83
N UNK D 590 82.39 111.11 -23.49
CA UNK D 590 83.23 111.97 -22.68
C UNK D 590 83.39 113.33 -23.35
N UNK D 591 83.74 113.31 -24.63
CA UNK D 591 84.13 114.48 -25.40
C UNK D 591 83.00 115.10 -26.21
N UNK D 592 83.36 115.81 -27.28
CA UNK D 592 82.42 116.50 -28.16
C UNK D 592 82.16 115.82 -29.49
N UNK D 593 83.17 115.50 -30.30
CA UNK D 593 82.92 115.21 -31.70
C UNK D 593 83.60 113.94 -32.16
N UNK D 594 82.86 113.05 -32.81
CA UNK D 594 83.42 111.83 -33.38
C UNK D 594 83.39 111.96 -34.89
N UNK D 595 84.36 111.37 -35.55
CA UNK D 595 84.42 111.33 -37.01
C UNK D 595 84.78 109.92 -37.44
N UNK D 596 83.81 109.20 -38.01
CA UNK D 596 84.05 107.84 -38.50
C UNK D 596 84.06 107.86 -40.01
N UNK D 597 84.99 107.14 -40.63
CA UNK D 597 85.18 107.25 -42.08
C UNK D 597 84.93 105.93 -42.84
N UNK D 598 83.66 105.65 -43.17
CA UNK D 598 83.22 104.34 -43.65
C UNK D 598 81.76 104.43 -44.08
N UNK D 599 81.18 103.30 -44.50
CA UNK D 599 79.89 103.32 -45.19
C UNK D 599 78.99 102.16 -44.77
N UNK D 600 79.13 101.68 -43.55
CA UNK D 600 78.14 100.77 -43.00
C UNK D 600 77.55 101.30 -41.74
N UNK D 601 78.26 102.21 -41.08
CA UNK D 601 77.63 103.00 -40.05
C UNK D 601 76.51 103.83 -40.63
N UNK D 602 76.77 104.51 -41.74
CA UNK D 602 76.09 105.75 -42.12
C UNK D 602 74.59 105.60 -42.19
N UNK D 603 74.12 104.46 -42.67
CA UNK D 603 72.70 104.20 -42.77
C UNK D 603 72.04 104.11 -41.40
N UNK D 604 72.49 103.18 -40.56
CA UNK D 604 71.81 102.99 -39.29
C UNK D 604 72.14 104.10 -38.33
N UNK D 605 73.30 104.71 -38.46
CA UNK D 605 73.63 105.86 -37.63
C UNK D 605 72.72 107.03 -37.92
N UNK D 606 72.48 107.30 -39.21
CA UNK D 606 71.59 108.41 -39.54
C UNK D 606 70.15 108.07 -39.17
N UNK D 607 69.72 106.83 -39.42
CA UNK D 607 68.34 106.52 -39.12
C UNK D 607 68.08 106.34 -37.65
N UNK D 608 69.13 106.24 -36.84
CA UNK D 608 68.89 106.30 -35.40
C UNK D 608 68.95 107.72 -34.90
N UNK D 609 69.86 108.53 -35.44
CA UNK D 609 70.02 109.87 -34.91
C UNK D 609 68.90 110.77 -35.34
N UNK D 610 68.59 110.77 -36.62
CA UNK D 610 67.56 111.66 -37.11
C UNK D 610 66.19 111.11 -36.94
N UNK D 611 66.01 110.12 -36.10
CA UNK D 611 64.69 109.84 -35.59
C UNK D 611 64.63 109.88 -34.09
N UNK D 612 65.60 109.30 -33.36
CA UNK D 612 65.47 109.06 -31.93
C UNK D 612 65.49 110.30 -31.08
N UNK D 613 65.71 111.47 -31.68
CA UNK D 613 65.46 112.73 -31.00
C UNK D 613 64.03 113.20 -31.20
N UNK D 614 63.31 112.62 -32.13
CA UNK D 614 61.98 113.12 -32.41
C UNK D 614 60.94 112.02 -32.50
N UNK D 615 61.32 110.77 -32.27
CA UNK D 615 60.33 109.73 -32.09
C UNK D 615 59.72 110.11 -30.79
N UNK D 616 60.50 110.04 -29.70
CA UNK D 616 60.46 110.95 -28.55
C UNK D 616 59.07 111.14 -27.96
N UNK D 617 58.15 110.25 -28.26
CA UNK D 617 56.79 110.31 -27.77
C UNK D 617 56.51 109.09 -26.92
N UNK D 618 56.63 107.90 -27.47
CA UNK D 618 56.42 106.73 -26.64
C UNK D 618 57.38 105.59 -26.85
N UNK D 619 58.13 105.56 -27.95
CA UNK D 619 58.83 104.37 -28.44
C UNK D 619 57.87 103.17 -28.47
N UNK D 620 56.95 103.26 -29.43
CA UNK D 620 55.89 102.28 -29.63
C UNK D 620 56.42 100.86 -29.76
N UNK D 621 56.07 100.01 -28.81
CA UNK D 621 56.54 98.63 -28.83
C UNK D 621 55.84 97.88 -29.96
N UNK D 622 56.62 97.20 -30.77
CA UNK D 622 56.11 96.76 -32.05
C UNK D 622 55.63 95.32 -31.98
N UNK D 623 55.05 94.86 -33.08
CA UNK D 623 54.75 93.45 -33.28
C UNK D 623 54.67 93.26 -34.79
N UNK D 624 55.74 92.74 -35.37
CA UNK D 624 55.89 92.73 -36.81
C UNK D 624 55.04 91.62 -37.41
N UNK D 625 54.62 91.80 -38.67
CA UNK D 625 54.16 90.64 -39.43
C UNK D 625 54.56 90.77 -40.90
N UNK D 626 55.52 91.62 -41.22
CA UNK D 626 55.85 92.00 -42.59
C UNK D 626 56.44 90.81 -43.32
N UNK D 627 55.71 90.26 -44.26
CA UNK D 627 56.22 89.16 -45.09
C UNK D 627 55.96 89.49 -46.54
N UNK D 628 56.86 90.26 -47.14
CA UNK D 628 56.56 90.84 -48.44
C UNK D 628 57.76 91.37 -49.19
N UNK D 629 57.46 92.17 -50.20
CA UNK D 629 58.38 92.57 -51.25
C UNK D 629 59.56 93.39 -50.80
N UNK D 630 59.34 94.65 -50.43
CA UNK D 630 60.46 95.57 -50.34
C UNK D 630 60.91 95.79 -48.91
N UNK D 631 60.65 94.83 -48.03
CA UNK D 631 61.03 94.96 -46.64
C UNK D 631 62.35 94.29 -46.34
N UNK D 632 63.01 93.78 -47.37
CA UNK D 632 64.34 93.22 -47.23
C UNK D 632 65.41 94.13 -47.76
N UNK D 633 65.13 94.89 -48.82
CA UNK D 633 66.07 95.90 -49.25
C UNK D 633 66.17 97.04 -48.25
N UNK D 634 65.13 97.25 -47.47
CA UNK D 634 65.21 97.79 -46.11
C UNK D 634 65.74 99.21 -46.04
N UNK D 635 65.74 99.96 -47.12
CA UNK D 635 66.49 101.21 -47.16
C UNK D 635 65.74 102.33 -46.46
N UNK D 636 66.51 103.22 -45.83
CA UNK D 636 65.92 104.36 -45.16
C UNK D 636 66.69 105.65 -45.34
N UNK D 637 67.81 105.63 -46.03
CA UNK D 637 68.57 106.85 -46.23
C UNK D 637 69.39 106.68 -47.49
N UNK D 638 69.92 107.81 -47.98
CA UNK D 638 70.65 107.98 -49.25
C UNK D 638 69.91 107.35 -50.43
N UNK D 639 68.59 107.19 -50.32
CA UNK D 639 67.76 106.52 -51.32
C UNK D 639 66.40 107.23 -51.37
N UNK D 640 66.28 108.25 -52.23
CA UNK D 640 67.39 108.96 -52.84
C UNK D 640 67.29 110.43 -52.48
N UNK D 641 66.11 111.00 -52.66
CA UNK D 641 65.83 112.33 -52.15
C UNK D 641 64.44 112.45 -51.57
N UNK D 642 63.61 111.41 -51.65
CA UNK D 642 62.37 111.40 -50.89
C UNK D 642 62.71 111.38 -49.42
N UNK D 643 62.17 112.32 -48.65
CA UNK D 643 62.88 112.68 -47.43
C UNK D 643 62.64 111.70 -46.28
N UNK D 644 61.45 111.74 -45.66
CA UNK D 644 61.04 110.91 -44.53
C UNK D 644 61.98 110.92 -43.32
N UNK D 645 62.97 111.80 -43.37
CA UNK D 645 64.21 111.87 -42.63
C UNK D 645 64.84 113.09 -43.28
N UNK D 646 66.02 113.51 -42.87
CA UNK D 646 66.46 114.82 -43.31
C UNK D 646 67.96 114.85 -43.45
N UNK D 647 68.52 116.05 -43.43
CA UNK D 647 69.96 116.22 -43.36
C UNK D 647 70.27 117.39 -42.46
N UNK D 648 71.53 117.50 -42.06
CA UNK D 648 71.93 118.45 -41.04
C UNK D 648 73.29 119.03 -41.35
N UNK D 649 73.30 120.16 -42.06
CA UNK D 649 74.32 121.19 -42.00
C UNK D 649 75.67 120.84 -42.60
N UNK D 650 75.90 119.57 -42.90
CA UNK D 650 77.04 119.14 -43.70
C UNK D 650 76.59 117.82 -44.30
N UNK D 651 76.11 117.88 -45.52
CA UNK D 651 75.52 116.72 -46.17
C UNK D 651 75.94 116.75 -47.64
N UNK D 652 76.89 115.91 -47.99
CA UNK D 652 77.35 115.79 -49.37
C UNK D 652 77.06 114.36 -49.80
N UNK D 653 75.92 114.15 -50.43
CA UNK D 653 75.57 112.81 -50.87
C UNK D 653 75.93 112.73 -52.35
N UNK D 654 77.21 112.53 -52.61
CA UNK D 654 77.75 112.77 -53.93
C UNK D 654 77.88 111.50 -54.76
N UNK D 655 77.58 111.62 -56.05
CA UNK D 655 77.46 110.49 -56.96
C UNK D 655 78.13 110.76 -58.29
N UNK D 656 79.37 111.22 -58.26
CA UNK D 656 79.96 111.78 -59.48
C UNK D 656 81.40 111.30 -59.63
N UNK D 657 82.15 112.00 -60.49
CA UNK D 657 83.60 111.79 -60.63
C UNK D 657 84.43 112.77 -59.81
N UNK D 658 83.90 113.93 -59.43
CA UNK D 658 84.56 114.81 -58.47
C UNK D 658 83.72 115.12 -57.26
N UNK D 659 82.46 115.55 -57.45
CA UNK D 659 81.59 116.02 -56.38
C UNK D 659 80.19 116.17 -56.95
N UNK D 660 79.20 116.10 -56.06
CA UNK D 660 77.80 116.07 -56.50
C UNK D 660 76.89 116.46 -55.33
N UNK D 661 75.64 115.98 -55.38
CA UNK D 661 74.45 116.48 -54.72
C UNK D 661 74.61 116.82 -53.24
N UNK D 662 73.85 117.83 -52.81
CA UNK D 662 73.83 118.32 -51.45
C UNK D 662 72.38 118.43 -50.97
N UNK D 663 72.19 118.46 -49.64
CA UNK D 663 70.87 118.77 -49.08
C UNK D 663 71.06 119.68 -47.87
N UNK D 664 71.13 120.98 -48.12
CA UNK D 664 71.41 121.97 -47.09
C UNK D 664 71.09 123.36 -47.63
N UNK D 665 71.54 124.40 -46.93
CA UNK D 665 71.51 125.75 -47.49
C UNK D 665 72.80 126.04 -48.23
N UNK D 666 77.53 92.63 -99.27
CA UNK D 666 76.16 92.28 -98.91
C UNK D 666 75.96 90.79 -99.11
N UNK D 667 76.39 90.31 -100.26
CA UNK D 667 76.44 88.88 -100.56
C UNK D 667 77.47 88.68 -101.67
N UNK D 668 78.57 88.04 -101.34
CA UNK D 668 79.72 87.97 -102.24
C UNK D 668 80.58 86.77 -101.86
N UNK D 669 81.41 86.31 -102.81
CA UNK D 669 82.15 85.05 -102.79
C UNK D 669 83.01 84.75 -101.56
N UNK D 670 83.33 83.48 -101.35
CA UNK D 670 84.17 83.01 -100.26
C UNK D 670 85.54 82.57 -100.79
N UNK D 671 86.57 82.77 -99.99
CA UNK D 671 87.96 82.44 -100.37
C UNK D 671 88.74 82.07 -99.11
N UNK D 672 90.07 82.02 -99.21
CA UNK D 672 90.91 81.68 -98.05
C UNK D 672 91.91 82.76 -97.68
N UNK D 673 92.78 83.18 -98.61
CA UNK D 673 93.86 84.15 -98.42
C UNK D 673 94.83 83.71 -97.32
N UNK D 674 95.57 82.64 -97.64
CA UNK D 674 96.50 81.97 -96.72
C UNK D 674 97.59 82.92 -96.23
N UNK D 675 98.17 82.56 -95.08
CA UNK D 675 99.01 83.48 -94.31
C UNK D 675 100.42 82.91 -94.19
N UNK D 676 101.39 83.60 -94.77
CA UNK D 676 102.80 83.31 -94.60
C UNK D 676 103.28 83.90 -93.29
N UNK D 677 104.49 83.50 -92.89
CA UNK D 677 105.07 84.05 -91.68
C UNK D 677 105.68 85.42 -91.97
N UNK D 678 106.33 85.99 -90.97
CA UNK D 678 106.96 87.30 -91.11
C UNK D 678 108.45 87.15 -90.93
N UNK D 679 109.22 87.87 -91.74
CA UNK D 679 110.67 87.71 -91.79
C UNK D 679 111.36 88.98 -91.33
N UNK D 680 112.26 88.84 -90.36
CA UNK D 680 113.09 89.94 -89.90
C UNK D 680 114.38 89.37 -89.36
N UNK D 681 115.51 89.82 -89.90
CA UNK D 681 116.76 89.14 -89.63
C UNK D 681 117.92 90.10 -89.80
N UNK D 682 118.93 89.89 -88.96
CA UNK D 682 120.14 90.67 -88.88
C UNK D 682 121.19 89.70 -88.40
N UNK D 683 122.22 90.19 -87.74
CA UNK D 683 123.24 89.30 -87.20
C UNK D 683 122.75 88.57 -85.95
N UNK D 684 123.67 87.95 -85.23
CA UNK D 684 123.30 86.85 -84.37
C UNK D 684 124.17 86.78 -83.12
N UNK D 685 124.31 85.58 -82.59
CA UNK D 685 125.22 85.27 -81.50
C UNK D 685 126.68 85.26 -81.99
N UNK D 686 127.56 84.58 -81.26
CA UNK D 686 129.01 84.56 -81.47
C UNK D 686 129.62 85.96 -81.31
N UNK D 687 129.64 86.38 -80.05
CA UNK D 687 130.53 87.42 -79.55
C UNK D 687 131.97 87.19 -80.05
N UNK D 688 132.68 88.26 -80.42
CA UNK D 688 132.48 89.66 -80.03
C UNK D 688 131.65 90.56 -80.96
N UNK D 689 131.37 91.78 -80.48
CA UNK D 689 130.59 92.76 -81.24
C UNK D 689 131.12 94.18 -81.18
N UNK D 690 132.17 94.44 -80.41
CA UNK D 690 132.80 95.76 -80.26
C UNK D 690 131.83 96.84 -79.79
N UNK D 691 130.87 96.49 -78.93
CA UNK D 691 130.07 97.49 -78.21
C UNK D 691 129.56 96.82 -76.93
N UNK D 692 130.24 97.06 -75.81
CA UNK D 692 129.91 96.42 -74.56
C UNK D 692 129.79 97.46 -73.46
N UNK D 693 129.33 97.05 -72.26
CA UNK D 693 129.15 98.01 -71.18
C UNK D 693 130.00 97.72 -69.94
N UNK D 694 129.72 96.66 -69.18
CA UNK D 694 130.44 96.56 -67.91
C UNK D 694 130.91 95.18 -67.49
N UNK D 695 130.08 94.16 -67.73
CA UNK D 695 130.27 92.84 -67.13
C UNK D 695 129.45 91.83 -67.94
N UNK D 696 129.29 90.63 -67.39
CA UNK D 696 128.73 89.51 -68.13
C UNK D 696 127.21 89.46 -68.01
N UNK D 697 126.50 89.65 -69.12
CA UNK D 697 127.06 89.87 -70.45
C UNK D 697 126.32 90.96 -71.22
N UNK D 698 126.04 92.09 -70.57
CA UNK D 698 125.30 93.16 -71.20
C UNK D 698 126.08 93.76 -72.37
N UNK D 699 125.42 93.87 -73.51
CA UNK D 699 126.13 94.13 -74.77
C UNK D 699 125.48 95.25 -75.56
N UNK D 700 125.30 96.41 -74.91
CA UNK D 700 124.58 97.54 -75.52
C UNK D 700 125.27 98.07 -76.76
N UNK D 701 124.48 98.40 -77.78
CA UNK D 701 125.06 98.45 -79.11
C UNK D 701 124.51 99.60 -79.95
N UNK D 702 125.36 100.11 -80.85
CA UNK D 702 124.88 100.75 -82.08
C UNK D 702 124.89 99.68 -83.17
N UNK D 703 126.08 99.27 -83.61
CA UNK D 703 126.54 97.88 -83.65
C UNK D 703 125.48 96.80 -83.79
N UNK D 704 124.72 96.72 -84.89
CA UNK D 704 125.08 97.26 -86.18
C UNK D 704 123.85 97.63 -86.95
N UNK D 705 123.85 98.84 -87.51
CA UNK D 705 122.70 99.33 -88.24
C UNK D 705 122.57 98.63 -89.58
N UNK D 706 121.34 98.39 -89.99
CA UNK D 706 120.99 97.75 -91.26
C UNK D 706 119.88 98.52 -91.93
N UNK D 707 120.07 99.84 -92.09
CA UNK D 707 119.10 100.81 -92.61
C UNK D 707 118.46 100.36 -93.91
N UNK D 708 119.28 100.23 -94.96
CA UNK D 708 119.17 99.19 -95.99
C UNK D 708 117.77 99.11 -96.62
N UNK D 709 117.45 100.14 -97.39
CA UNK D 709 116.11 100.47 -97.89
C UNK D 709 115.35 99.33 -98.56
N UNK D 710 114.02 99.44 -98.60
CA UNK D 710 113.15 98.34 -98.95
C UNK D 710 111.85 98.84 -99.57
N UNK D 711 111.38 98.11 -100.57
CA UNK D 711 109.98 98.14 -101.03
C UNK D 711 109.17 97.22 -100.13
N UNK D 712 108.02 96.74 -100.60
CA UNK D 712 107.32 95.67 -99.88
C UNK D 712 108.17 94.41 -100.03
N UNK D 713 109.20 94.34 -99.19
CA UNK D 713 110.39 93.50 -99.38
C UNK D 713 111.27 93.69 -98.15
N UNK D 714 112.33 92.90 -98.09
CA UNK D 714 113.27 92.97 -96.98
C UNK D 714 114.37 93.99 -97.29
N UNK D 715 115.43 93.98 -96.49
CA UNK D 715 116.49 94.98 -96.53
C UNK D 715 117.44 94.78 -97.71
N UNK D 716 118.62 95.43 -97.66
CA UNK D 716 119.60 95.32 -98.74
C UNK D 716 120.00 93.87 -98.98
N UNK D 717 120.20 93.54 -100.25
CA UNK D 717 120.13 92.15 -100.70
C UNK D 717 121.29 91.33 -100.18
N UNK D 718 120.98 90.13 -99.70
CA UNK D 718 122.00 89.25 -99.15
C UNK D 718 121.48 87.82 -99.28
N UNK D 719 121.93 87.11 -100.31
CA UNK D 719 121.60 85.71 -100.47
C UNK D 719 122.75 84.81 -100.08
N UNK D 720 123.92 85.06 -100.67
CA UNK D 720 125.17 84.47 -100.23
C UNK D 720 126.27 85.50 -100.02
N UNK D 721 126.12 86.73 -100.50
CA UNK D 721 127.15 87.77 -100.38
C UNK D 721 126.45 89.08 -100.10
N UNK D 722 126.59 89.58 -98.87
CA UNK D 722 125.78 90.70 -98.39
C UNK D 722 126.29 92.01 -99.00
N UNK D 723 125.82 92.28 -100.21
CA UNK D 723 126.26 93.46 -100.94
C UNK D 723 125.54 94.69 -100.43
N UNK D 724 126.30 95.66 -99.94
CA UNK D 724 125.80 96.97 -99.55
C UNK D 724 125.65 97.86 -100.77
N UNK D 725 125.52 99.18 -100.55
CA UNK D 725 125.35 100.13 -101.64
C UNK D 725 126.59 100.27 -102.54
N UNK D 726 127.72 99.67 -102.17
CA UNK D 726 128.91 99.56 -103.02
C UNK D 726 128.75 98.43 -104.03
N UNK D 727 129.85 98.01 -104.65
CA UNK D 727 129.80 96.97 -105.67
C UNK D 727 129.35 95.62 -105.10
N UNK D 728 130.12 95.07 -104.15
CA UNK D 728 129.76 93.81 -103.52
C UNK D 728 130.48 93.72 -102.18
N UNK D 729 130.01 92.82 -101.33
CA UNK D 729 130.61 92.61 -100.02
C UNK D 729 130.21 91.24 -99.51
N UNK D 730 131.12 90.59 -98.79
CA UNK D 730 130.92 89.21 -98.40
C UNK D 730 130.92 89.11 -96.88
N UNK D 731 129.75 89.30 -96.28
CA UNK D 731 129.60 89.01 -94.87
C UNK D 731 129.62 87.51 -94.68
N UNK D 732 130.66 87.01 -94.03
CA UNK D 732 130.84 85.57 -93.89
C UNK D 732 129.88 84.98 -92.86
N UNK E 1 34.15 66.43 -92.96
CA UNK E 1 33.62 66.14 -91.63
C UNK E 1 33.40 67.42 -90.86
N UNK E 2 33.74 67.41 -89.57
CA UNK E 2 33.54 68.58 -88.74
C UNK E 2 34.64 68.66 -87.71
N UNK E 3 35.31 69.80 -87.62
CA UNK E 3 36.45 69.99 -86.73
C UNK E 3 36.12 71.10 -85.77
N UNK E 4 35.98 70.82 -84.48
CA UNK E 4 35.51 71.84 -83.55
C UNK E 4 36.56 72.23 -82.53
N UNK E 5 36.38 73.39 -81.89
CA UNK E 5 37.38 73.84 -80.94
C UNK E 5 36.77 74.74 -79.89
N UNK E 6 36.89 74.37 -78.62
CA UNK E 6 36.52 75.27 -77.56
C UNK E 6 37.72 76.20 -77.31
N UNK E 7 37.47 77.45 -76.96
CA UNK E 7 38.60 78.34 -76.77
C UNK E 7 38.24 79.35 -75.68
N UNK E 8 39.00 79.37 -74.59
CA UNK E 8 38.64 80.18 -73.44
C UNK E 8 39.58 81.36 -73.31
N UNK E 9 39.05 82.53 -72.95
CA UNK E 9 39.89 83.63 -72.49
C UNK E 9 40.01 83.55 -70.97
N UNK E 10 40.75 84.48 -70.34
CA UNK E 10 40.98 84.43 -68.90
C UNK E 10 39.79 85.00 -68.15
N UNK E 11 39.26 84.25 -67.19
CA UNK E 11 37.89 84.45 -66.77
C UNK E 11 37.74 84.59 -65.26
N UNK E 12 36.64 85.23 -64.87
CA UNK E 12 36.10 85.16 -63.52
C UNK E 12 34.63 85.55 -63.60
N UNK E 13 33.74 84.57 -63.46
CA UNK E 13 32.29 84.72 -63.51
C UNK E 13 31.83 85.39 -64.81
N UNK E 14 32.05 84.67 -65.90
CA UNK E 14 31.62 85.15 -67.21
C UNK E 14 31.13 83.98 -68.04
N UNK E 15 30.50 84.31 -69.17
CA UNK E 15 29.61 83.41 -69.87
C UNK E 15 30.22 82.86 -71.12
N UNK E 16 29.41 82.12 -71.86
CA UNK E 16 29.89 81.34 -72.99
C UNK E 16 29.24 81.89 -74.25
N UNK E 17 29.83 81.58 -75.39
CA UNK E 17 29.27 81.97 -76.68
C UNK E 17 29.59 80.88 -77.68
N UNK E 18 28.56 80.15 -78.13
CA UNK E 18 28.78 78.97 -78.96
C UNK E 18 28.70 79.36 -80.43
N UNK E 19 29.81 79.87 -80.95
CA UNK E 19 29.76 80.36 -82.32
C UNK E 19 30.02 79.21 -83.29
N UNK E 20 29.56 79.39 -84.52
CA UNK E 20 29.78 78.37 -85.54
C UNK E 20 30.33 79.09 -86.76
N UNK E 21 31.65 79.08 -86.89
CA UNK E 21 32.32 79.77 -87.98
C UNK E 21 31.99 79.03 -89.25
N UNK E 22 31.03 79.56 -90.00
CA UNK E 22 30.52 78.86 -91.16
C UNK E 22 31.57 78.82 -92.25
N UNK E 23 31.90 79.98 -92.81
CA UNK E 23 33.01 79.98 -93.76
C UNK E 23 33.86 81.24 -93.67
N UNK E 24 33.76 82.01 -92.58
CA UNK E 24 34.30 83.37 -92.61
C UNK E 24 35.82 83.39 -92.47
N UNK E 25 36.33 82.96 -91.31
CA UNK E 25 37.73 82.98 -90.88
C UNK E 25 38.37 84.38 -90.90
N UNK E 26 37.57 85.44 -91.06
CA UNK E 26 37.99 86.81 -90.85
C UNK E 26 37.03 87.57 -89.95
N UNK E 27 35.83 87.04 -89.75
CA UNK E 27 35.00 87.38 -88.62
C UNK E 27 35.48 86.73 -87.34
N UNK E 28 36.58 85.96 -87.41
CA UNK E 28 37.11 85.33 -86.21
C UNK E 28 37.58 86.37 -85.21
N UNK E 29 38.29 87.39 -85.68
CA UNK E 29 38.69 88.45 -84.76
C UNK E 29 37.49 89.25 -84.31
N UNK E 30 36.46 89.33 -85.15
CA UNK E 30 35.26 90.08 -84.81
C UNK E 30 34.51 89.41 -83.66
N UNK E 31 34.24 88.12 -83.80
CA UNK E 31 33.61 87.39 -82.72
C UNK E 31 34.54 87.24 -81.54
N UNK E 32 35.85 87.29 -81.76
CA UNK E 32 36.80 87.20 -80.65
C UNK E 32 36.68 88.43 -79.78
N UNK E 33 36.66 89.61 -80.37
CA UNK E 33 36.46 90.80 -79.58
C UNK E 33 35.05 90.87 -79.02
N UNK E 34 34.10 90.22 -79.69
CA UNK E 34 32.73 90.23 -79.18
C UNK E 34 32.61 89.41 -77.92
N UNK E 35 33.26 88.26 -77.87
CA UNK E 35 33.31 87.44 -76.68
C UNK E 35 34.47 87.79 -75.80
N UNK E 36 35.18 88.88 -76.09
CA UNK E 36 36.10 89.42 -75.12
C UNK E 36 35.39 89.92 -73.88
N UNK E 37 34.12 90.30 -73.98
CA UNK E 37 33.32 90.57 -72.80
C UNK E 37 32.58 89.30 -72.38
N UNK E 38 33.37 88.27 -72.08
CA UNK E 38 32.87 86.93 -71.75
C UNK E 38 33.97 86.06 -71.16
N UNK E 39 33.71 84.75 -71.09
CA UNK E 39 34.68 83.76 -70.65
C UNK E 39 35.09 82.77 -71.73
N UNK E 40 34.14 82.11 -72.39
CA UNK E 40 34.51 80.97 -73.21
C UNK E 40 33.83 81.04 -74.56
N UNK E 41 34.61 81.28 -75.61
CA UNK E 41 34.05 81.07 -76.92
C UNK E 41 34.10 79.60 -77.23
N UNK E 42 33.26 79.15 -78.14
CA UNK E 42 33.32 77.76 -78.58
C UNK E 42 33.12 77.82 -80.08
N UNK E 43 34.23 77.82 -80.82
CA UNK E 43 34.17 78.00 -82.27
C UNK E 43 33.98 76.64 -82.91
N UNK E 44 32.88 76.43 -83.59
CA UNK E 44 32.70 75.19 -84.33
C UNK E 44 33.14 75.39 -85.77
N UNK E 45 33.54 74.26 -86.39
CA UNK E 45 33.94 74.03 -87.78
C UNK E 45 35.31 74.59 -88.17
N UNK E 46 35.89 75.50 -87.39
CA UNK E 46 37.32 75.66 -87.06
C UNK E 46 38.39 75.18 -88.02
N UNK E 47 38.33 75.51 -89.30
CA UNK E 47 39.27 74.87 -90.21
C UNK E 47 40.62 75.55 -90.23
N UNK E 48 40.66 76.85 -90.47
CA UNK E 48 41.87 77.61 -90.33
C UNK E 48 41.91 78.37 -89.03
N UNK E 49 40.74 78.54 -88.40
CA UNK E 49 40.67 79.30 -87.15
C UNK E 49 41.42 78.60 -86.04
N UNK E 50 41.12 77.31 -85.84
CA UNK E 50 41.78 76.56 -84.78
C UNK E 50 43.26 76.41 -85.04
N UNK E 51 43.63 76.29 -86.32
CA UNK E 51 45.03 76.12 -86.65
C UNK E 51 45.82 77.38 -86.36
N UNK E 52 45.35 78.52 -86.85
CA UNK E 52 46.08 79.75 -86.62
C UNK E 52 46.05 80.13 -85.16
N UNK E 53 44.97 79.83 -84.45
CA UNK E 53 44.92 80.15 -83.03
C UNK E 53 45.86 79.28 -82.22
N UNK E 54 45.97 78.00 -82.58
CA UNK E 54 46.86 77.14 -81.83
C UNK E 54 48.31 77.45 -82.12
N UNK E 55 48.63 77.84 -83.35
CA UNK E 55 50.01 78.20 -83.65
C UNK E 55 50.40 79.47 -82.93
N UNK E 56 49.47 80.43 -82.86
CA UNK E 56 49.76 81.64 -82.12
C UNK E 56 49.90 81.35 -80.64
N UNK E 57 49.08 80.45 -80.11
CA UNK E 57 49.14 80.18 -78.68
C UNK E 57 50.40 79.42 -78.31
N UNK E 58 50.83 78.51 -79.17
CA UNK E 58 51.99 77.71 -78.83
C UNK E 58 53.29 78.42 -79.11
N UNK E 59 53.29 79.41 -79.98
CA UNK E 59 54.47 80.25 -80.10
C UNK E 59 54.14 81.66 -79.69
N UNK E 60 53.37 81.79 -78.63
CA UNK E 60 52.90 83.09 -78.17
C UNK E 60 53.74 83.68 -77.06
N UNK E 61 54.64 82.93 -76.44
CA UNK E 61 55.41 83.46 -75.33
C UNK E 61 56.87 83.70 -75.68
N UNK E 62 57.57 82.68 -76.16
CA UNK E 62 58.99 82.87 -76.43
C UNK E 62 59.19 83.66 -77.71
N UNK E 63 58.38 83.37 -78.72
CA UNK E 63 58.51 84.09 -79.97
C UNK E 63 58.00 85.51 -79.87
N UNK E 64 57.34 85.85 -78.78
CA UNK E 64 57.06 87.25 -78.45
C UNK E 64 58.13 87.87 -77.59
N UNK E 65 58.69 87.08 -76.69
CA UNK E 65 59.71 87.60 -75.79
C UNK E 65 60.96 87.97 -76.53
N UNK E 66 61.26 87.27 -77.62
CA UNK E 66 62.45 87.68 -78.35
C UNK E 66 62.14 88.85 -79.29
N UNK E 67 61.35 88.63 -80.33
CA UNK E 67 61.43 89.50 -81.49
C UNK E 67 60.18 90.32 -81.77
N UNK E 68 59.07 89.66 -82.12
CA UNK E 68 57.98 90.23 -82.93
C UNK E 68 58.53 90.99 -84.13
N UNK E 69 59.13 90.22 -85.05
CA UNK E 69 59.74 90.77 -86.24
C UNK E 69 58.70 91.04 -87.32
N UNK E 70 59.13 91.74 -88.37
CA UNK E 70 58.33 91.90 -89.58
C UNK E 70 59.02 91.13 -90.70
N UNK E 71 58.28 90.28 -91.39
CA UNK E 71 58.90 89.23 -92.19
C UNK E 71 58.60 89.42 -93.66
N UNK E 72 59.59 89.89 -94.42
CA UNK E 72 59.52 89.83 -95.87
C UNK E 72 59.71 88.41 -96.35
N UNK E 73 59.15 88.09 -97.51
CA UNK E 73 59.22 86.73 -98.00
C UNK E 73 59.35 86.69 -99.51
N UNK E 74 60.27 85.89 -100.01
CA UNK E 74 60.41 85.69 -101.44
C UNK E 74 60.40 84.17 -101.61
N UNK E 75 59.22 83.59 -101.72
CA UNK E 75 59.10 82.14 -101.73
C UNK E 75 58.66 81.66 -103.10
N UNK E 76 59.32 80.60 -103.56
CA UNK E 76 58.95 79.90 -104.76
C UNK E 76 58.08 78.72 -104.38
N UNK E 77 57.15 78.39 -105.23
CA UNK E 77 55.92 77.77 -104.75
C UNK E 77 56.03 76.26 -104.63
N UNK E 78 57.22 75.74 -104.35
CA UNK E 78 57.48 74.32 -104.52
C UNK E 78 56.68 73.40 -103.61
N UNK E 79 56.94 73.42 -102.31
CA UNK E 79 56.48 72.34 -101.45
C UNK E 79 55.39 72.79 -100.50
N UNK E 80 55.67 73.80 -99.69
CA UNK E 80 54.73 74.26 -98.67
C UNK E 80 53.50 74.89 -99.29
N UNK E 81 53.59 75.32 -100.54
CA UNK E 81 52.57 76.14 -101.19
C UNK E 81 51.27 75.41 -101.38
N UNK E 82 51.20 74.10 -101.18
CA UNK E 82 49.95 73.52 -100.74
C UNK E 82 50.30 72.37 -99.81
N UNK E 83 50.53 72.68 -98.54
CA UNK E 83 51.09 71.67 -97.66
C UNK E 83 51.00 72.13 -96.21
N UNK E 84 51.68 71.37 -95.36
CA UNK E 84 51.61 71.45 -93.92
C UNK E 84 52.78 72.24 -93.36
N UNK E 85 52.54 72.90 -92.23
CA UNK E 85 53.59 73.63 -91.54
C UNK E 85 54.42 72.76 -90.65
N UNK E 86 54.20 71.44 -90.69
CA UNK E 86 55.08 70.44 -90.11
C UNK E 86 55.19 70.54 -88.61
N UNK E 87 54.12 70.92 -87.96
CA UNK E 87 54.05 70.74 -86.52
C UNK E 87 52.67 70.33 -86.07
N UNK E 88 51.73 70.13 -86.98
CA UNK E 88 50.36 69.88 -86.59
C UNK E 88 50.17 68.43 -86.17
N UNK E 89 50.83 67.51 -86.83
CA UNK E 89 50.51 66.09 -86.72
C UNK E 89 50.96 65.45 -85.42
N UNK E 90 51.49 66.21 -84.48
CA UNK E 90 51.76 65.65 -83.19
C UNK E 90 51.18 66.44 -82.05
N UNK E 91 50.85 67.71 -82.23
CA UNK E 91 50.16 68.48 -81.20
C UNK E 91 48.66 68.45 -81.36
N UNK E 92 48.13 68.64 -82.56
CA UNK E 92 46.73 68.34 -82.80
C UNK E 92 46.56 66.92 -83.31
N UNK E 93 47.25 66.01 -82.64
CA UNK E 93 46.75 64.69 -82.32
C UNK E 93 46.21 64.90 -80.93
N UNK E 94 44.94 65.28 -80.87
CA UNK E 94 44.40 66.11 -79.80
C UNK E 94 44.43 65.42 -78.45
N UNK E 95 44.83 66.16 -77.42
CA UNK E 95 44.78 65.67 -76.05
C UNK E 95 43.53 66.11 -75.32
N UNK E 96 43.14 67.37 -75.49
CA UNK E 96 41.79 67.87 -75.20
C UNK E 96 41.42 67.74 -73.73
N UNK E 97 42.19 68.38 -72.88
CA UNK E 97 42.04 68.16 -71.44
C UNK E 97 42.21 69.48 -70.73
N UNK E 98 41.09 70.08 -70.35
CA UNK E 98 41.17 71.34 -69.66
C UNK E 98 39.88 71.56 -68.89
N UNK E 99 39.74 72.79 -68.42
CA UNK E 99 38.59 73.42 -67.85
C UNK E 99 38.91 74.90 -67.93
N UNK E 100 38.24 75.70 -67.12
CA UNK E 100 38.65 77.09 -66.94
C UNK E 100 39.64 77.18 -65.78
N UNK E 101 40.88 76.81 -66.06
CA UNK E 101 41.90 76.70 -65.02
C UNK E 101 42.76 77.95 -64.93
N UNK E 102 42.12 79.11 -64.86
CA UNK E 102 42.86 80.34 -64.59
C UNK E 102 42.00 81.34 -63.82
N UNK E 103 41.17 80.85 -62.90
CA UNK E 103 40.15 81.65 -62.24
C UNK E 103 40.75 82.85 -61.51
N UNK E 104 40.10 84.01 -61.63
CA UNK E 104 40.82 85.27 -61.51
C UNK E 104 40.29 86.22 -60.44
N UNK E 105 40.07 85.72 -59.24
CA UNK E 105 39.89 86.52 -58.01
C UNK E 105 38.77 87.55 -58.02
N UNK E 106 94.46 19.27 -168.53
CA UNK E 106 93.57 19.57 -167.42
C UNK E 106 93.91 20.93 -166.83
N UNK E 107 95.12 21.40 -167.08
CA UNK E 107 95.63 22.62 -166.47
C UNK E 107 96.66 23.24 -167.40
N UNK E 108 96.64 24.57 -167.57
CA UNK E 108 95.65 25.46 -166.98
C UNK E 108 94.39 25.49 -167.84
N UNK E 109 94.54 25.88 -169.10
CA UNK E 109 93.44 26.13 -170.04
C UNK E 109 92.38 27.02 -169.40
N UNK E 110 92.86 28.21 -169.00
CA UNK E 110 92.11 29.23 -168.28
C UNK E 110 91.52 28.72 -166.98
N UNK E 111 92.19 27.75 -166.36
CA UNK E 111 91.62 27.15 -165.15
C UNK E 111 92.76 26.72 -164.25
N UNK E 112 93.13 27.59 -163.33
CA UNK E 112 94.22 27.34 -162.41
C UNK E 112 94.13 28.32 -161.25
N UNK E 113 94.92 28.06 -160.21
CA UNK E 113 95.13 28.92 -159.05
C UNK E 113 93.85 29.30 -158.32
N UNK E 114 56.61 53.87 -154.56
CA UNK E 114 57.92 53.88 -155.18
C UNK E 114 58.80 54.95 -154.55
N UNK E 115 58.15 55.98 -154.00
CA UNK E 115 58.86 57.09 -153.39
C UNK E 115 59.10 56.88 -151.90
N UNK E 116 58.63 55.78 -151.33
CA UNK E 116 58.52 55.69 -149.88
C UNK E 116 59.84 55.30 -149.23
N UNK E 117 60.12 55.93 -148.09
CA UNK E 117 61.16 55.42 -147.20
C UNK E 117 60.78 54.08 -146.62
N UNK E 118 59.47 53.79 -146.51
CA UNK E 118 59.07 52.44 -146.14
C UNK E 118 59.44 51.45 -147.23
N UNK E 119 59.27 51.86 -148.49
CA UNK E 119 59.73 51.02 -149.60
C UNK E 119 61.24 50.92 -149.63
N UNK E 120 61.91 51.97 -149.18
CA UNK E 120 63.35 51.92 -149.06
C UNK E 120 63.78 50.91 -148.00
N UNK E 121 63.34 51.09 -146.76
CA UNK E 121 63.74 50.25 -145.64
C UNK E 121 63.26 48.82 -145.78
N UNK E 122 62.35 48.54 -146.70
CA UNK E 122 62.19 47.19 -147.22
C UNK E 122 63.28 46.89 -148.27
N UNK E 123 64.52 46.84 -147.80
CA UNK E 123 65.61 46.44 -148.69
C UNK E 123 66.52 45.30 -148.21
N UNK E 124 67.03 45.25 -146.97
CA UNK E 124 66.84 46.08 -145.77
C UNK E 124 68.11 46.47 -144.98
N UNK E 125 69.11 47.10 -145.60
CA UNK E 125 70.32 47.49 -144.90
C UNK E 125 70.11 48.75 -144.06
N UNK E 126 71.20 49.34 -143.54
CA UNK E 126 71.15 50.47 -142.61
C UNK E 126 71.92 51.70 -143.07
N UNK E 127 72.79 51.57 -144.06
CA UNK E 127 73.14 52.77 -144.81
C UNK E 127 71.93 53.29 -145.59
N UNK E 128 70.91 52.46 -145.81
CA UNK E 128 69.60 52.99 -146.17
C UNK E 128 69.01 53.87 -145.08
N UNK E 129 69.36 53.65 -143.80
CA UNK E 129 68.97 54.63 -142.80
C UNK E 129 69.85 55.85 -142.84
N UNK E 130 71.05 55.70 -143.36
CA UNK E 130 71.79 56.89 -143.76
C UNK E 130 71.27 57.50 -145.05
N UNK E 131 70.41 56.81 -145.78
CA UNK E 131 69.89 57.27 -147.05
C UNK E 131 68.40 57.56 -147.04
N UNK E 132 67.76 57.44 -145.87
CA UNK E 132 66.35 57.73 -145.76
C UNK E 132 66.04 59.22 -145.89
N UNK E 133 67.06 60.07 -145.82
CA UNK E 133 66.90 61.48 -146.11
C UNK E 133 66.60 61.75 -147.58
N UNK E 134 66.73 60.75 -148.45
CA UNK E 134 66.21 60.87 -149.80
C UNK E 134 64.70 61.08 -149.79
N UNK E 135 64.00 60.43 -148.87
CA UNK E 135 62.54 60.46 -148.82
C UNK E 135 62.03 61.37 -147.71
N UNK E 136 62.70 62.50 -147.49
CA UNK E 136 62.18 63.49 -146.56
C UNK E 136 62.40 64.88 -147.13
N UNK E 137 74.50 51.68 -170.00
CA UNK E 137 75.82 52.20 -169.67
C UNK E 137 75.93 52.50 -168.18
N UNK E 138 75.99 51.44 -167.38
CA UNK E 138 76.01 51.61 -165.93
C UNK E 138 77.41 51.96 -165.44
N UNK E 139 77.47 52.47 -164.22
CA UNK E 139 78.74 52.50 -163.51
C UNK E 139 79.25 51.09 -163.29
N UNK E 140 78.34 50.17 -162.98
CA UNK E 140 78.69 48.75 -162.91
C UNK E 140 79.00 48.16 -164.25
N UNK E 141 78.63 48.80 -165.36
CA UNK E 141 79.03 48.29 -166.66
C UNK E 141 80.52 48.46 -166.88
N UNK E 142 81.12 49.46 -166.24
CA UNK E 142 82.58 49.56 -166.22
C UNK E 142 83.18 48.33 -165.55
N UNK E 143 82.55 47.84 -164.48
CA UNK E 143 82.99 46.59 -163.89
C UNK E 143 82.66 45.41 -164.79
N UNK E 144 81.52 45.46 -165.47
CA UNK E 144 81.08 44.35 -166.30
C UNK E 144 81.94 44.19 -167.54
N UNK E 145 82.70 45.22 -167.90
CA UNK E 145 83.78 45.05 -168.85
C UNK E 145 85.12 44.87 -168.17
N UNK E 146 85.29 45.42 -166.97
CA UNK E 146 86.60 45.45 -166.33
C UNK E 146 86.96 44.10 -165.74
N UNK E 147 86.07 43.52 -164.96
CA UNK E 147 86.25 42.15 -164.50
C UNK E 147 86.21 41.16 -165.64
N UNK E 148 85.51 41.50 -166.72
CA UNK E 148 85.55 40.68 -167.93
C UNK E 148 86.95 40.66 -168.52
N UNK E 149 87.59 41.83 -168.59
CA UNK E 149 88.96 41.88 -169.07
C UNK E 149 89.92 41.25 -168.07
N UNK E 150 89.57 41.28 -166.79
CA UNK E 150 90.45 40.73 -165.77
C UNK E 150 90.29 39.23 -165.57
N UNK E 151 89.21 38.66 -166.04
CA UNK E 151 88.99 37.23 -165.86
C UNK E 151 88.97 36.45 -167.15
N UNK E 152 88.42 37.01 -168.23
CA UNK E 152 88.40 36.37 -169.53
C UNK E 152 89.63 36.69 -170.37
N UNK E 153 90.74 37.02 -169.71
CA UNK E 153 92.01 37.22 -170.39
C UNK E 153 92.86 35.97 -170.42
N UNK E 154 92.60 35.01 -169.53
CA UNK E 154 93.33 33.75 -169.59
C UNK E 154 92.97 32.98 -170.85
N UNK E 155 91.75 33.17 -171.36
CA UNK E 155 91.38 32.65 -172.66
C UNK E 155 90.37 33.58 -173.31
N UNK E 156 62.39 7.32 -157.54
CA UNK E 156 62.40 7.93 -156.22
C UNK E 156 62.21 9.44 -156.33
N UNK E 157 62.25 9.96 -157.53
CA UNK E 157 61.92 11.36 -157.68
C UNK E 157 60.87 11.63 -158.75
N UNK E 158 60.93 10.93 -159.88
CA UNK E 158 60.13 11.38 -161.02
C UNK E 158 58.70 10.85 -160.99
N UNK E 159 58.55 9.55 -161.23
CA UNK E 159 57.27 8.88 -161.49
C UNK E 159 56.39 9.62 -162.50
N UNK E 160 57.00 10.33 -163.44
CA UNK E 160 56.26 11.31 -164.23
C UNK E 160 55.73 10.67 -165.50
N UNK E 161 54.45 10.88 -165.77
CA UNK E 161 53.79 10.37 -166.95
C UNK E 161 53.60 11.50 -167.95
N UNK E 162 53.30 11.13 -169.17
CA UNK E 162 53.21 12.09 -170.26
C UNK E 162 51.85 12.01 -170.92
N UNK E 163 51.66 12.86 -171.91
CA UNK E 163 50.50 12.83 -172.79
C UNK E 163 50.90 13.54 -174.06
N UNK E 164 50.09 13.37 -175.11
CA UNK E 164 50.36 14.00 -176.39
C UNK E 164 49.31 15.05 -176.73
N UNK E 165 48.04 14.65 -176.81
CA UNK E 165 46.86 15.53 -176.95
C UNK E 165 46.95 16.44 -178.17
N UNK E 166 46.99 15.82 -179.34
CA UNK E 166 47.11 16.56 -180.60
C UNK E 166 45.74 16.73 -181.25
N UNK E 167 45.69 17.69 -182.18
CA UNK E 167 44.57 17.95 -183.09
C UNK E 167 43.26 18.28 -182.36
N UNK E 168 43.19 19.48 -181.76
CA UNK E 168 44.18 20.56 -181.80
C UNK E 168 44.36 21.29 -180.45
N UNK E 169 43.44 21.09 -179.52
CA UNK E 169 43.36 21.88 -178.30
C UNK E 169 43.63 21.04 -177.06
N UNK E 170 44.25 21.66 -176.06
CA UNK E 170 44.85 20.96 -174.93
C UNK E 170 43.79 20.55 -173.90
N UNK E 171 44.25 19.82 -172.89
CA UNK E 171 43.41 19.47 -171.75
C UNK E 171 43.94 20.08 -170.46
N UNK E 172 45.18 19.77 -170.07
CA UNK E 172 45.67 20.08 -168.74
C UNK E 172 47.18 19.90 -168.72
N UNK E 173 47.80 20.37 -167.65
CA UNK E 173 49.22 20.21 -167.45
C UNK E 173 49.55 19.89 -166.00
N UNK E 174 48.78 18.97 -165.41
CA UNK E 174 48.72 18.95 -163.96
C UNK E 174 49.91 18.21 -163.36
N UNK E 175 50.08 18.37 -162.05
CA UNK E 175 51.23 17.77 -161.38
C UNK E 175 50.88 17.43 -159.95
N UNK E 176 50.95 16.16 -159.60
CA UNK E 176 50.67 15.73 -158.24
C UNK E 176 51.99 15.74 -157.47
N UNK E 177 52.09 16.64 -156.50
CA UNK E 177 53.33 16.83 -155.77
C UNK E 177 53.12 16.35 -154.35
N UNK E 178 53.73 15.24 -154.00
CA UNK E 178 53.59 14.70 -152.66
C UNK E 178 54.65 15.33 -151.78
N UNK E 179 54.24 15.79 -150.61
CA UNK E 179 55.17 16.29 -149.62
C UNK E 179 55.60 15.13 -148.74
N UNK E 180 56.17 15.41 -147.57
CA UNK E 180 56.80 14.40 -146.73
C UNK E 180 55.80 13.39 -146.18
N UNK E 181 56.32 12.43 -145.43
CA UNK E 181 55.56 11.26 -145.03
C UNK E 181 55.17 11.36 -143.55
N UNK E 182 54.01 10.81 -143.18
CA UNK E 182 52.92 10.30 -144.02
C UNK E 182 51.60 10.56 -143.27
N UNK E 183 50.54 9.90 -143.73
CA UNK E 183 49.25 9.75 -143.02
C UNK E 183 48.62 11.12 -142.72
N UNK E 184 48.26 11.81 -143.79
CA UNK E 184 47.68 13.13 -143.68
C UNK E 184 46.83 13.38 -144.93
N UNK E 185 46.47 14.63 -145.15
CA UNK E 185 45.42 14.98 -146.09
C UNK E 185 45.96 15.28 -147.48
N UNK E 186 45.10 15.81 -148.32
CA UNK E 186 45.46 16.26 -149.65
C UNK E 186 44.90 17.66 -149.84
N UNK E 187 45.50 18.39 -150.76
CA UNK E 187 45.02 19.72 -151.12
C UNK E 187 45.28 19.94 -152.60
N UNK E 188 44.25 20.28 -153.34
CA UNK E 188 44.32 20.41 -154.79
C UNK E 188 44.37 21.90 -155.13
N UNK E 189 45.57 22.46 -155.13
CA UNK E 189 45.75 23.85 -155.50
C UNK E 189 45.52 23.98 -157.00
N UNK E 190 44.41 24.58 -157.37
CA UNK E 190 44.18 24.93 -158.77
C UNK E 190 44.85 26.27 -158.97
N UNK E 191 46.07 26.25 -159.48
CA UNK E 191 46.77 27.50 -159.74
C UNK E 191 46.12 28.21 -160.90
N UNK E 192 45.86 29.51 -160.74
CA UNK E 192 45.47 30.33 -161.88
C UNK E 192 46.64 30.36 -162.86
N UNK E 193 47.72 31.03 -162.48
CA UNK E 193 49.04 30.71 -163.00
C UNK E 193 50.12 30.96 -161.96
N UNK E 194 49.74 31.07 -160.68
CA UNK E 194 50.29 32.04 -159.74
C UNK E 194 51.80 32.03 -159.51
N UNK E 195 52.32 30.98 -158.87
CA UNK E 195 53.72 30.89 -158.41
C UNK E 195 54.14 32.12 -157.59
N UNK E 196 53.25 32.63 -156.76
CA UNK E 196 53.58 33.68 -155.81
C UNK E 196 53.31 33.26 -154.37
N UNK E 197 52.12 32.76 -154.09
CA UNK E 197 51.81 32.09 -152.84
C UNK E 197 52.04 30.61 -152.92
N UNK E 198 52.88 30.17 -153.85
CA UNK E 198 53.17 28.76 -153.99
C UNK E 198 53.88 28.23 -152.76
N UNK E 199 54.86 28.98 -152.26
CA UNK E 199 55.50 28.60 -151.01
C UNK E 199 54.54 28.73 -149.84
N UNK E 200 53.55 29.62 -149.96
CA UNK E 200 52.57 29.78 -148.89
C UNK E 200 51.69 28.54 -148.79
N UNK E 201 51.15 28.09 -149.91
CA UNK E 201 50.36 26.88 -149.87
C UNK E 201 51.22 25.65 -149.60
N UNK E 202 52.51 25.69 -149.93
CA UNK E 202 53.37 24.56 -149.57
C UNK E 202 53.56 24.50 -148.07
N UNK E 203 53.76 25.64 -147.42
CA UNK E 203 53.81 25.63 -145.98
C UNK E 203 52.46 25.36 -145.36
N UNK E 204 51.37 25.58 -146.12
CA UNK E 204 50.07 25.17 -145.63
C UNK E 204 49.93 23.66 -145.68
N UNK E 205 50.34 23.04 -146.78
CA UNK E 205 50.27 21.59 -146.91
C UNK E 205 51.38 20.89 -146.18
N UNK E 206 52.27 21.63 -145.52
CA UNK E 206 53.20 21.02 -144.59
C UNK E 206 52.48 20.33 -143.44
N UNK E 207 51.28 20.79 -143.10
CA UNK E 207 50.44 20.01 -142.21
C UNK E 207 49.78 18.84 -142.91
N UNK E 208 49.70 18.87 -144.22
CA UNK E 208 49.04 17.83 -145.01
C UNK E 208 50.05 16.78 -145.49
N UNK E 209 49.65 15.96 -146.47
CA UNK E 209 50.52 14.98 -147.11
C UNK E 209 50.71 15.20 -148.61
N UNK E 210 49.64 15.43 -149.37
CA UNK E 210 49.75 15.40 -150.82
C UNK E 210 49.09 16.62 -151.43
N UNK E 211 49.86 17.44 -152.12
CA UNK E 211 49.30 18.53 -152.88
C UNK E 211 49.16 18.13 -154.34
N UNK E 212 48.33 18.87 -155.05
CA UNK E 212 48.17 18.64 -156.48
C UNK E 212 47.95 19.98 -157.17
N UNK E 213 48.85 20.34 -158.06
CA UNK E 213 48.76 21.60 -158.77
C UNK E 213 48.07 21.40 -160.10
N UNK E 214 47.11 22.26 -160.41
CA UNK E 214 46.39 22.19 -161.68
C UNK E 214 47.07 23.09 -162.71
N UNK E 215 47.77 22.46 -163.64
CA UNK E 215 48.38 22.94 -164.89
C UNK E 215 49.60 23.82 -164.70
N UNK E 216 49.70 24.51 -163.57
CA UNK E 216 50.92 24.87 -162.85
C UNK E 216 51.98 25.71 -163.55
N UNK E 217 52.15 25.54 -164.86
CA UNK E 217 52.70 26.47 -165.85
C UNK E 217 54.04 27.15 -165.57
N UNK E 218 54.38 27.37 -164.30
CA UNK E 218 55.69 27.84 -163.89
C UNK E 218 56.02 27.24 -162.54
N UNK E 219 54.97 26.91 -161.79
CA UNK E 219 55.16 26.47 -160.42
C UNK E 219 55.75 25.09 -160.38
N UNK E 220 55.18 24.16 -161.15
CA UNK E 220 55.77 22.84 -161.27
C UNK E 220 57.09 22.88 -162.00
N UNK E 221 57.30 23.88 -162.86
CA UNK E 221 58.59 24.04 -163.53
C UNK E 221 59.69 24.35 -162.52
N UNK E 222 59.49 25.36 -161.69
CA UNK E 222 60.47 25.70 -160.66
C UNK E 222 60.56 24.61 -159.59
N UNK E 223 59.44 23.96 -159.29
CA UNK E 223 59.43 22.87 -158.32
C UNK E 223 60.25 21.69 -158.82
N UNK E 224 60.08 21.35 -160.09
CA UNK E 224 60.85 20.27 -160.68
C UNK E 224 62.31 20.66 -160.80
N UNK E 225 62.57 21.94 -161.05
CA UNK E 225 63.93 22.42 -161.14
C UNK E 225 64.64 22.25 -159.81
N UNK E 226 63.97 22.54 -158.71
CA UNK E 226 64.55 22.28 -157.40
C UNK E 226 64.69 20.79 -157.16
N UNK E 227 63.64 20.04 -157.44
CA UNK E 227 63.57 18.64 -157.04
C UNK E 227 64.56 17.79 -157.82
N UNK E 228 64.92 18.20 -159.02
CA UNK E 228 65.86 17.40 -159.80
C UNK E 228 67.27 17.60 -159.31
N UNK E 229 67.75 18.83 -159.37
CA UNK E 229 69.15 19.07 -159.06
C UNK E 229 69.42 19.23 -157.58
N UNK E 230 68.40 19.05 -156.72
CA UNK E 230 68.56 19.23 -155.28
C UNK E 230 69.61 18.33 -154.66
N UNK E 231 69.38 17.02 -154.68
CA UNK E 231 70.37 16.11 -154.11
C UNK E 231 71.63 16.02 -154.95
N UNK E 232 71.53 16.37 -156.23
CA UNK E 232 72.68 16.40 -157.12
C UNK E 232 73.69 17.45 -156.68
N UNK E 233 73.30 18.71 -156.75
CA UNK E 233 74.19 19.79 -156.39
C UNK E 233 74.30 19.96 -154.89
N UNK E 234 73.47 19.25 -154.11
CA UNK E 234 73.47 19.41 -152.66
C UNK E 234 74.77 18.93 -152.03
N UNK E 235 75.46 18.00 -152.67
CA UNK E 235 76.79 17.61 -152.24
C UNK E 235 77.85 18.63 -152.58
N UNK E 236 77.49 19.75 -153.19
CA UNK E 236 78.40 20.88 -153.38
C UNK E 236 78.07 22.04 -152.46
N UNK E 237 76.80 22.44 -152.40
CA UNK E 237 76.28 23.49 -151.52
C UNK E 237 76.97 24.83 -151.75
N UNK E 238 76.75 25.40 -152.94
CA UNK E 238 77.47 26.58 -153.38
C UNK E 238 76.54 27.78 -153.53
N UNK E 239 77.15 28.97 -153.64
CA UNK E 239 76.48 30.24 -153.87
C UNK E 239 77.18 31.00 -154.98
N UNK E 240 76.56 32.06 -155.48
CA UNK E 240 77.06 32.66 -156.70
C UNK E 240 76.78 34.16 -156.72
N UNK E 241 77.11 34.76 -157.86
CA UNK E 241 76.90 36.19 -158.08
C UNK E 241 76.90 36.41 -159.59
N UNK E 242 75.74 36.78 -160.14
CA UNK E 242 75.53 36.78 -161.58
C UNK E 242 75.39 38.20 -162.08
N UNK E 243 76.35 38.64 -162.89
CA UNK E 243 76.28 39.95 -163.54
C UNK E 243 76.38 39.68 -165.03
N UNK E 244 75.26 39.33 -165.65
CA UNK E 244 75.26 38.77 -167.00
C UNK E 244 74.99 39.85 -168.02
N UNK E 245 75.82 39.90 -169.07
CA UNK E 245 75.72 40.89 -170.13
C UNK E 245 74.54 40.53 -171.03
N UNK E 246 73.34 40.86 -170.57
CA UNK E 246 72.13 40.34 -171.18
C UNK E 246 71.89 40.98 -172.53
N UNK E 247 72.53 40.41 -173.55
CA UNK E 247 72.45 40.90 -174.92
C UNK E 247 71.63 40.00 -175.83
N UNK E 248 71.43 38.74 -175.47
CA UNK E 248 70.57 37.83 -176.21
C UNK E 248 69.20 37.76 -175.58
N UNK E 249 68.69 38.91 -175.13
CA UNK E 249 67.56 38.99 -174.20
C UNK E 249 66.29 38.53 -174.90
N UNK E 250 65.97 37.27 -174.66
CA UNK E 250 64.79 36.60 -175.17
C UNK E 250 64.42 35.59 -174.12
N UNK E 251 63.65 34.57 -174.50
CA UNK E 251 63.29 33.53 -173.56
C UNK E 251 64.51 32.75 -173.09
N UNK E 252 64.61 32.57 -171.79
CA UNK E 252 65.67 31.74 -171.23
C UNK E 252 65.17 30.29 -171.19
N UNK E 253 65.88 29.43 -170.48
CA UNK E 253 65.64 28.00 -170.58
C UNK E 253 65.34 27.41 -169.21
N UNK E 254 65.12 26.10 -169.21
CA UNK E 254 64.64 25.36 -168.06
C UNK E 254 65.20 23.94 -168.14
N UNK E 255 64.59 23.01 -167.42
CA UNK E 255 65.00 21.61 -167.40
C UNK E 255 63.82 20.69 -167.62
N UNK E 256 63.01 20.98 -168.63
CA UNK E 256 61.88 20.12 -168.99
C UNK E 256 62.35 18.81 -169.59
N UNK E 257 78.01 37.74 -174.14
CA UNK E 257 78.39 36.88 -173.03
C UNK E 257 77.37 36.97 -171.93
N UNK E 258 77.48 36.12 -170.92
CA UNK E 258 76.64 36.23 -169.72
C UNK E 258 77.52 35.87 -168.52
N UNK E 259 78.06 36.87 -167.85
CA UNK E 259 79.05 36.65 -166.81
C UNK E 259 78.38 36.31 -165.48
N UNK E 260 78.84 35.24 -164.85
CA UNK E 260 78.44 34.91 -163.50
C UNK E 260 79.64 34.30 -162.80
N UNK E 261 80.00 34.86 -161.67
CA UNK E 261 81.08 34.34 -160.85
C UNK E 261 80.47 33.65 -159.67
N UNK E 262 80.69 32.34 -159.56
CA UNK E 262 80.19 31.57 -158.43
C UNK E 262 81.30 31.45 -157.39
N UNK E 263 80.92 31.63 -156.13
CA UNK E 263 81.89 31.59 -155.05
C UNK E 263 81.23 30.87 -153.90
N UNK E 264 81.74 29.69 -153.55
CA UNK E 264 81.22 28.99 -152.40
C UNK E 264 81.66 29.72 -151.15
N UNK E 265 80.86 30.69 -150.71
CA UNK E 265 81.33 31.75 -149.82
C UNK E 265 81.59 31.25 -148.41
N UNK E 266 82.62 30.45 -148.27
CA UNK E 266 82.93 29.85 -146.98
C UNK E 266 84.37 30.11 -146.54
N UNK E 267 85.33 30.06 -147.45
CA UNK E 267 86.73 30.01 -147.03
C UNK E 267 87.64 30.46 -148.17
N UNK E 268 88.91 30.10 -148.06
CA UNK E 268 89.98 30.41 -149.02
C UNK E 268 90.53 29.11 -149.59
N UNK E 269 91.10 29.11 -150.81
CA UNK E 269 91.25 30.23 -151.75
C UNK E 269 91.12 29.92 -153.24
N UNK E 270 90.86 28.66 -153.62
CA UNK E 270 91.11 28.25 -155.00
C UNK E 270 90.09 28.83 -155.98
N UNK E 271 90.54 29.11 -157.20
CA UNK E 271 89.74 29.78 -158.22
C UNK E 271 89.89 29.09 -159.58
N UNK E 272 88.88 29.22 -160.43
CA UNK E 272 88.90 28.65 -161.77
C UNK E 272 88.05 29.50 -162.71
N UNK E 273 88.03 29.12 -163.98
CA UNK E 273 87.26 29.85 -164.98
C UNK E 273 86.97 28.96 -166.19
N UNK E 274 85.84 29.22 -166.84
CA UNK E 274 85.45 28.50 -168.06
C UNK E 274 84.37 29.29 -168.79
N UNK E 275 83.97 28.79 -169.97
CA UNK E 275 82.82 29.19 -170.80
C UNK E 275 82.70 28.25 -171.99
N UNK E 276 81.51 27.97 -172.55
CA UNK E 276 80.15 28.27 -172.07
C UNK E 276 79.16 27.19 -172.51
N UNK E 277 78.96 26.12 -171.74
CA UNK E 277 78.16 25.04 -172.30
C UNK E 277 77.32 24.22 -171.33
N UNK E 278 77.05 24.71 -170.11
CA UNK E 278 76.17 24.07 -169.12
C UNK E 278 76.61 22.69 -168.60
N UNK E 279 77.73 22.17 -169.10
CA UNK E 279 78.25 20.91 -168.60
C UNK E 279 79.09 21.08 -167.36
N UNK E 280 79.24 22.31 -166.91
CA UNK E 280 80.18 22.65 -165.87
C UNK E 280 79.67 22.37 -164.48
N UNK E 281 78.66 21.52 -164.32
CA UNK E 281 78.39 21.02 -162.98
C UNK E 281 79.51 20.12 -162.51
N UNK E 282 80.19 19.43 -163.43
CA UNK E 282 81.37 18.66 -163.05
C UNK E 282 82.51 19.57 -162.64
N UNK E 283 82.75 20.63 -163.41
CA UNK E 283 83.75 21.61 -163.02
C UNK E 283 83.36 22.30 -161.73
N UNK E 284 82.06 22.47 -161.48
CA UNK E 284 81.59 23.02 -160.23
C UNK E 284 81.82 22.06 -159.08
N UNK E 285 81.74 20.76 -159.36
CA UNK E 285 82.10 19.79 -158.33
C UNK E 285 83.58 19.86 -158.03
N UNK E 286 84.40 20.07 -159.05
CA UNK E 286 85.84 20.25 -158.83
C UNK E 286 86.11 21.51 -158.02
N UNK E 287 85.39 22.59 -158.31
CA UNK E 287 85.59 23.83 -157.58
C UNK E 287 85.06 23.72 -156.15
N UNK E 288 83.98 22.97 -155.95
CA UNK E 288 83.45 22.78 -154.62
C UNK E 288 84.36 21.88 -153.80
N UNK E 289 85.10 21.00 -154.46
CA UNK E 289 86.23 20.39 -153.78
C UNK E 289 87.32 21.41 -153.53
N UNK E 290 87.46 22.39 -154.42
CA UNK E 290 88.66 23.19 -154.44
C UNK E 290 88.65 24.33 -153.43
N UNK E 291 87.49 24.92 -153.13
CA UNK E 291 87.35 26.04 -152.18
C UNK E 291 88.15 27.28 -152.60
N UNK E 292 87.61 28.14 -153.47
CA UNK E 292 86.16 28.35 -153.51
C UNK E 292 85.41 28.68 -154.80
N UNK E 293 86.07 29.10 -155.88
CA UNK E 293 85.36 29.92 -156.85
C UNK E 293 85.56 29.44 -158.28
N UNK E 294 84.58 29.78 -159.10
CA UNK E 294 84.63 29.49 -160.53
C UNK E 294 83.92 30.60 -161.28
N UNK E 295 84.57 31.15 -162.28
CA UNK E 295 83.93 32.16 -163.11
C UNK E 295 83.45 31.53 -164.40
N UNK E 296 82.35 32.05 -164.93
CA UNK E 296 81.86 31.56 -166.20
C UNK E 296 81.19 32.71 -166.93
N UNK E 297 81.17 32.61 -168.25
CA UNK E 297 80.42 33.55 -169.09
C UNK E 297 79.59 32.70 -170.03
N UNK E 298 78.44 32.27 -169.53
CA UNK E 298 77.57 31.34 -170.22
C UNK E 298 76.54 32.10 -171.05
N UNK E 299 75.61 31.35 -171.64
CA UNK E 299 74.51 31.91 -172.43
C UNK E 299 73.16 31.56 -171.85
N UNK E 300 72.92 30.31 -171.50
CA UNK E 300 71.68 29.93 -170.84
C UNK E 300 71.93 28.88 -169.76
N UNK E 301 73.08 28.95 -169.11
CA UNK E 301 73.51 27.95 -168.14
C UNK E 301 73.57 28.48 -166.72
N UNK E 302 74.16 29.67 -166.57
CA UNK E 302 74.34 30.27 -165.24
C UNK E 302 73.01 30.62 -164.60
N UNK E 303 72.01 30.95 -165.41
CA UNK E 303 70.68 31.16 -164.89
C UNK E 303 70.13 29.89 -164.26
N UNK E 304 70.39 28.73 -164.88
CA UNK E 304 69.92 27.48 -164.29
C UNK E 304 70.68 27.14 -163.02
N UNK E 305 71.98 27.45 -163.01
CA UNK E 305 72.75 27.22 -161.80
C UNK E 305 72.30 28.12 -160.66
N UNK E 306 71.92 29.37 -160.98
CA UNK E 306 71.43 30.28 -159.95
C UNK E 306 70.03 29.90 -159.49
N UNK E 307 69.22 29.35 -160.38
CA UNK E 307 67.94 28.81 -159.99
C UNK E 307 68.10 27.63 -159.06
N UNK E 308 69.17 26.85 -159.24
CA UNK E 308 69.46 25.80 -158.28
C UNK E 308 69.92 26.38 -156.96
N UNK E 309 70.75 27.41 -157.01
CA UNK E 309 71.45 27.85 -155.81
C UNK E 309 70.60 28.75 -154.93
N UNK E 310 69.73 29.56 -155.50
CA UNK E 310 68.89 30.44 -154.69
C UNK E 310 67.60 29.76 -154.25
N UNK E 311 67.57 28.43 -154.23
CA UNK E 311 66.37 27.75 -153.78
C UNK E 311 66.32 27.74 -152.26
N UNK E 312 67.26 27.03 -151.64
CA UNK E 312 67.35 26.82 -150.17
C UNK E 312 66.00 26.40 -149.59
N UNK E 313 65.28 25.55 -150.32
CA UNK E 313 63.92 25.18 -149.95
C UNK E 313 63.95 24.00 -148.98
N UNK E 314 64.56 24.24 -147.85
CA UNK E 314 64.48 23.34 -146.70
C UNK E 314 63.28 23.64 -145.84
N UNK E 315 62.22 24.21 -146.43
CA UNK E 315 60.92 24.23 -145.79
C UNK E 315 60.55 22.78 -145.56
N UNK E 316 60.27 22.01 -146.61
CA UNK E 316 60.54 20.59 -146.45
C UNK E 316 61.32 19.93 -147.58
N UNK E 317 60.63 19.72 -148.71
CA UNK E 317 61.04 18.78 -149.75
C UNK E 317 59.97 18.73 -150.84
N UNK E 318 60.16 17.87 -151.84
CA UNK E 318 59.09 17.43 -152.73
C UNK E 318 59.51 16.12 -153.38
N UNK E 319 58.57 15.19 -153.51
CA UNK E 319 58.76 13.97 -154.29
C UNK E 319 57.68 13.98 -155.36
N UNK E 320 57.96 14.65 -156.46
CA UNK E 320 56.91 15.09 -157.36
C UNK E 320 56.43 13.96 -158.26
N UNK E 321 55.40 14.25 -159.05
CA UNK E 321 55.01 13.47 -160.22
C UNK E 321 54.18 14.38 -161.10
N UNK E 322 54.24 14.15 -162.41
CA UNK E 322 53.64 15.09 -163.33
C UNK E 322 52.79 14.36 -164.36
N UNK E 323 51.95 15.15 -165.06
CA UNK E 323 51.35 14.74 -166.32
C UNK E 323 51.03 16.05 -167.05
N UNK E 324 51.89 16.45 -167.98
CA UNK E 324 51.92 17.85 -168.35
C UNK E 324 51.53 18.13 -169.80
N UNK E 325 52.26 17.59 -170.77
CA UNK E 325 51.99 17.73 -172.21
C UNK E 325 51.91 19.15 -172.77
N UNK E 326 52.36 20.20 -172.07
CA UNK E 326 52.19 21.55 -172.61
C UNK E 326 53.09 22.60 -171.95
N UNK E 327 53.53 23.55 -172.78
CA UNK E 327 53.56 24.99 -172.48
C UNK E 327 54.41 25.35 -171.27
N UNK E 328 55.74 25.30 -171.45
CA UNK E 328 56.64 25.84 -170.43
C UNK E 328 57.92 26.36 -171.06
N UNK E 329 58.04 27.69 -171.21
CA UNK E 329 59.35 28.30 -171.50
C UNK E 329 59.79 29.34 -170.49
N UNK E 330 59.15 30.52 -170.45
CA UNK E 330 59.00 31.49 -169.35
C UNK E 330 60.12 31.65 -168.32
N UNK E 331 61.35 32.00 -168.72
CA UNK E 331 62.44 32.00 -167.74
C UNK E 331 63.32 33.26 -167.79
N UNK E 332 62.87 34.31 -168.46
CA UNK E 332 63.60 35.58 -168.48
C UNK E 332 63.04 36.57 -167.47
N UNK E 333 62.56 36.07 -166.33
CA UNK E 333 61.71 36.86 -165.48
C UNK E 333 62.44 37.35 -164.25
N UNK E 334 61.82 38.33 -163.60
CA UNK E 334 62.33 38.93 -162.38
C UNK E 334 61.14 39.33 -161.52
N UNK E 335 61.20 39.06 -160.22
CA UNK E 335 62.34 38.42 -159.58
C UNK E 335 62.19 36.93 -159.38
N UNK E 336 61.22 36.56 -158.52
CA UNK E 336 60.99 35.19 -158.02
C UNK E 336 62.23 34.56 -157.39
N UNK E 337 63.24 35.34 -157.08
CA UNK E 337 64.60 34.91 -156.79
C UNK E 337 65.36 36.16 -156.36
N UNK E 338 66.66 36.03 -156.16
CA UNK E 338 67.50 37.17 -155.82
C UNK E 338 68.91 36.90 -156.30
N UNK E 339 69.80 37.84 -155.99
CA UNK E 339 71.23 37.68 -156.19
C UNK E 339 71.93 38.49 -155.11
N UNK E 340 73.01 37.94 -154.55
CA UNK E 340 73.59 38.48 -153.34
C UNK E 340 74.29 39.80 -153.60
N UNK E 341 75.33 39.77 -154.41
CA UNK E 341 75.97 40.99 -154.87
C UNK E 341 76.34 40.77 -156.32
N UNK E 342 76.81 41.84 -156.95
CA UNK E 342 77.18 41.87 -158.37
C UNK E 342 76.06 41.35 -159.24
N UNK E 343 74.91 42.00 -159.12
CA UNK E 343 73.69 41.55 -159.77
C UNK E 343 73.38 42.50 -160.92
N UNK E 344 73.98 42.23 -162.09
CA UNK E 344 73.82 43.11 -163.25
C UNK E 344 73.40 42.26 -164.44
N UNK E 345 72.11 42.01 -164.55
CA UNK E 345 71.51 41.46 -165.75
C UNK E 345 70.83 42.62 -166.45
N UNK E 346 71.27 42.95 -167.65
CA UNK E 346 70.74 44.11 -168.36
C UNK E 346 69.35 43.79 -168.93
N UNK E 347 68.74 44.81 -169.53
CA UNK E 347 67.44 44.63 -170.17
C UNK E 347 67.27 45.69 -171.25
N UNK E 348 67.51 45.31 -172.51
CA UNK E 348 67.37 46.16 -173.70
C UNK E 348 68.13 47.48 -173.55
N UNK E 349 69.46 47.33 -173.35
CA UNK E 349 70.40 48.40 -173.02
C UNK E 349 69.98 49.15 -171.76
N UNK E 350 69.72 48.40 -170.69
CA UNK E 350 69.44 49.00 -169.39
C UNK E 350 70.72 49.50 -168.73
N UNK E 351 78.80 82.25 -101.75
CA UNK E 351 78.93 83.70 -101.86
C UNK E 351 78.04 84.44 -100.89
N UNK E 352 71.33 94.07 -100.26
CA UNK E 352 69.89 94.32 -100.22
C UNK E 352 69.39 94.44 -98.80
N UNK E 353 68.28 93.75 -98.50
CA UNK E 353 67.42 94.04 -97.35
C UNK E 353 67.08 95.53 -97.31
N UNK E 354 66.42 95.97 -98.36
CA UNK E 354 66.04 97.37 -98.48
C UNK E 354 64.79 97.65 -97.69
N UNK E 355 64.79 98.78 -96.98
CA UNK E 355 63.64 99.19 -96.18
C UNK E 355 62.66 100.04 -96.99
N UNK E 356 63.11 101.19 -97.48
CA UNK E 356 62.22 102.19 -98.12
C UNK E 356 62.86 102.82 -99.35
N UNK E 357 63.42 102.00 -100.24
CA UNK E 357 64.24 102.47 -101.35
C UNK E 357 63.54 102.15 -102.68
N UNK E 358 64.32 102.14 -103.76
CA UNK E 358 63.87 102.02 -105.15
C UNK E 358 62.88 100.89 -105.49
N UNK E 359 62.64 99.95 -104.55
CA UNK E 359 61.45 99.10 -104.53
C UNK E 359 61.29 98.07 -105.65
N UNK E 360 62.05 96.98 -105.56
CA UNK E 360 61.68 95.68 -106.14
C UNK E 360 61.75 95.61 -107.66
N UNK E 361 62.91 95.95 -108.20
CA UNK E 361 63.39 95.37 -109.45
C UNK E 361 64.78 94.81 -109.16
N UNK E 362 65.48 95.53 -108.29
CA UNK E 362 66.69 94.98 -107.68
C UNK E 362 66.37 93.77 -106.82
N UNK E 363 65.15 93.69 -106.29
CA UNK E 363 64.74 92.47 -105.60
C UNK E 363 64.63 91.30 -106.56
N UNK E 364 64.10 91.53 -107.76
CA UNK E 364 64.09 90.48 -108.77
C UNK E 364 65.51 90.08 -109.14
N UNK E 365 66.41 91.06 -109.19
CA UNK E 365 67.81 90.76 -109.41
C UNK E 365 68.41 89.94 -108.27
N UNK E 366 67.98 90.18 -107.04
CA UNK E 366 68.52 89.42 -105.92
C UNK E 366 68.00 87.99 -105.94
N UNK E 367 66.72 87.83 -106.31
CA UNK E 367 66.16 86.50 -106.43
C UNK E 367 66.86 85.70 -107.52
N UNK E 368 67.15 86.35 -108.65
CA UNK E 368 67.90 85.67 -109.70
C UNK E 368 69.34 85.42 -109.27
N UNK E 369 69.89 86.29 -108.44
CA UNK E 369 71.25 86.11 -107.96
C UNK E 369 71.36 84.87 -107.10
N UNK E 370 70.44 84.71 -106.14
CA UNK E 370 70.50 83.51 -105.32
C UNK E 370 70.08 82.28 -106.11
N UNK E 371 69.22 82.46 -107.12
CA UNK E 371 68.86 81.35 -107.98
C UNK E 371 70.06 80.82 -108.73
N UNK E 372 70.90 81.70 -109.25
CA UNK E 372 72.14 81.27 -109.86
C UNK E 372 73.17 80.89 -108.81
N UNK E 373 72.98 81.28 -107.58
CA UNK E 373 73.86 80.83 -106.54
C UNK E 373 73.55 79.42 -106.08
N UNK E 374 72.37 78.91 -106.36
CA UNK E 374 72.11 77.52 -105.98
C UNK E 374 72.61 76.57 -107.07
N UNK E 375 71.98 76.59 -108.26
CA UNK E 375 72.39 75.70 -109.35
C UNK E 375 71.81 76.17 -110.68
N UNK E 376 72.66 76.66 -111.59
CA UNK E 376 72.30 76.75 -113.01
C UNK E 376 73.58 76.65 -113.82
N UNK E 377 73.98 75.41 -114.16
CA UNK E 377 75.30 75.14 -114.72
C UNK E 377 75.47 73.70 -115.20
N UNK E 378 76.74 73.33 -115.41
CA UNK E 378 77.43 72.02 -115.28
C UNK E 378 77.47 71.02 -116.42
N UNK E 379 76.87 71.25 -117.58
CA UNK E 379 77.39 70.89 -118.91
C UNK E 379 78.30 69.66 -119.08
N UNK E 380 77.93 68.51 -118.53
CA UNK E 380 78.79 67.32 -118.55
C UNK E 380 78.71 66.59 -119.87
N UNK E 381 79.21 65.34 -119.94
CA UNK E 381 79.08 64.57 -121.18
C UNK E 381 78.95 63.08 -120.90
N UNK E 382 77.71 62.62 -120.68
CA UNK E 382 77.32 61.25 -121.00
C UNK E 382 75.90 61.14 -121.55
N UNK E 383 74.97 61.87 -120.93
CA UNK E 383 73.56 61.49 -120.98
C UNK E 383 72.69 62.73 -120.86
N UNK E 384 71.46 62.61 -121.34
CA UNK E 384 70.62 63.77 -121.62
C UNK E 384 69.18 63.48 -121.20
N UNK E 385 68.24 64.34 -121.67
CA UNK E 385 66.82 64.22 -121.34
C UNK E 385 65.88 64.53 -122.49
N UNK E 386 66.37 64.76 -123.71
CA UNK E 386 65.51 65.17 -124.82
C UNK E 386 66.03 64.53 -126.11
N UNK E 387 65.41 63.44 -126.54
CA UNK E 387 65.94 62.57 -127.58
C UNK E 387 64.91 62.36 -128.69
N UNK E 388 64.34 63.44 -129.19
CA UNK E 388 63.55 63.37 -130.43
C UNK E 388 64.47 63.51 -131.63
N UNK E 389 65.29 62.48 -131.83
CA UNK E 389 66.42 62.51 -132.75
C UNK E 389 66.30 61.47 -133.83
N UNK E 390 65.07 61.23 -134.29
CA UNK E 390 64.84 60.63 -135.59
C UNK E 390 64.53 61.71 -136.62
N UNK E 391 65.11 62.89 -136.43
CA UNK E 391 65.05 63.97 -137.40
C UNK E 391 66.41 64.67 -137.36
N UNK E 392 67.11 64.68 -138.50
CA UNK E 392 68.50 65.14 -138.54
C UNK E 392 68.77 65.87 -139.85
N UNK E 393 68.70 67.20 -139.83
CA UNK E 393 69.08 68.04 -140.95
C UNK E 393 70.08 69.11 -140.56
N UNK E 394 70.84 68.86 -139.50
CA UNK E 394 71.72 69.81 -138.85
C UNK E 394 73.16 69.31 -138.95
N UNK E 395 74.08 69.95 -138.22
CA UNK E 395 75.50 69.62 -138.32
C UNK E 395 76.20 69.73 -136.97
N UNK E 396 76.75 68.60 -136.48
CA UNK E 396 77.62 68.60 -135.32
C UNK E 396 79.07 68.71 -135.80
N UNK E 397 80.04 68.63 -134.89
CA UNK E 397 81.44 68.60 -135.31
C UNK E 397 82.16 67.34 -134.86
N UNK E 398 82.15 67.02 -133.57
CA UNK E 398 82.99 65.95 -133.05
C UNK E 398 82.17 65.06 -132.11
N UNK E 399 82.84 64.05 -131.57
CA UNK E 399 82.25 63.13 -130.62
C UNK E 399 83.37 62.46 -129.85
N UNK E 400 83.05 61.40 -129.14
CA UNK E 400 84.04 60.61 -128.43
C UNK E 400 83.44 59.22 -128.23
N UNK E 401 84.10 58.39 -127.44
CA UNK E 401 83.68 57.00 -127.24
C UNK E 401 84.41 56.45 -126.03
N UNK E 402 84.03 55.23 -125.64
CA UNK E 402 84.73 54.47 -124.61
C UNK E 402 84.31 53.01 -124.72
N UNK E 403 84.67 52.24 -123.70
CA UNK E 403 84.14 50.92 -123.41
C UNK E 403 84.22 50.77 -121.90
N UNK E 404 84.18 49.55 -121.39
CA UNK E 404 84.31 49.33 -119.97
C UNK E 404 85.65 48.69 -119.64
N UNK E 405 86.70 49.12 -120.33
CA UNK E 405 87.92 48.34 -120.42
C UNK E 405 89.12 49.27 -120.58
N UNK E 406 90.24 48.71 -121.04
CA UNK E 406 91.50 49.43 -121.20
C UNK E 406 92.36 48.72 -122.24
N UNK E 407 93.20 49.45 -123.00
CA UNK E 407 93.27 50.92 -123.11
C UNK E 407 93.61 51.52 -124.49
N UNK E 408 93.57 50.76 -125.60
CA UNK E 408 94.10 51.24 -126.87
C UNK E 408 93.23 52.36 -127.46
N UNK E 409 93.63 52.95 -128.58
CA UNK E 409 92.91 54.13 -129.07
C UNK E 409 93.14 54.41 -130.55
N UNK E 410 92.19 55.12 -131.15
CA UNK E 410 92.29 55.59 -132.53
C UNK E 410 91.41 56.83 -132.71
N UNK E 411 91.52 57.41 -133.91
CA UNK E 411 90.76 58.61 -134.24
C UNK E 411 90.60 58.73 -135.75
N UNK E 412 89.46 59.27 -136.17
CA UNK E 412 89.05 59.30 -137.57
C UNK E 412 88.18 60.52 -137.82
N UNK E 413 87.97 60.85 -139.10
CA UNK E 413 87.16 62.03 -139.46
C UNK E 413 86.70 61.93 -140.90
N UNK E 414 85.40 61.83 -141.12
CA UNK E 414 84.76 61.89 -142.45
C UNK E 414 83.28 62.20 -142.24
N UNK E 415 82.44 61.89 -143.21
CA UNK E 415 81.01 61.74 -142.95
C UNK E 415 80.76 60.40 -142.25
N UNK E 416 79.50 60.03 -142.03
CA UNK E 416 79.22 58.95 -141.08
C UNK E 416 79.20 57.57 -141.71
N UNK E 417 78.87 56.59 -140.87
CA UNK E 417 78.36 55.24 -141.12
C UNK E 417 79.41 54.25 -141.57
N UNK E 418 80.61 54.67 -141.89
CA UNK E 418 81.70 53.70 -141.93
C UNK E 418 82.24 53.42 -140.55
N UNK E 419 81.80 54.21 -139.58
CA UNK E 419 82.37 54.21 -138.25
C UNK E 419 82.07 52.93 -137.51
N UNK E 420 81.04 52.20 -137.89
CA UNK E 420 80.69 51.00 -137.14
C UNK E 420 81.74 49.92 -137.31
N UNK E 421 82.35 49.83 -138.50
CA UNK E 421 83.37 48.83 -138.71
C UNK E 421 84.61 49.15 -137.90
N UNK E 422 85.02 50.42 -137.88
CA UNK E 422 86.14 50.81 -137.05
C UNK E 422 85.80 50.70 -135.58
N UNK E 423 84.53 50.86 -135.23
CA UNK E 423 84.11 50.74 -133.83
C UNK E 423 84.24 49.31 -133.37
N UNK E 424 83.81 48.37 -134.19
CA UNK E 424 83.99 46.97 -133.82
C UNK E 424 85.45 46.58 -133.88
N UNK E 425 86.23 47.25 -134.74
CA UNK E 425 87.67 47.03 -134.73
C UNK E 425 88.28 47.47 -133.41
N UNK E 426 87.80 48.61 -132.89
CA UNK E 426 88.34 49.11 -131.64
C UNK E 426 87.88 48.25 -130.48
N UNK E 427 86.64 47.81 -130.51
CA UNK E 427 86.15 46.94 -129.44
C UNK E 427 86.81 45.58 -129.49
N UNK E 428 87.24 45.15 -130.67
CA UNK E 428 88.07 43.96 -130.77
C UNK E 428 89.46 44.23 -130.25
N UNK E 429 89.94 45.44 -130.43
CA UNK E 429 91.24 45.80 -129.87
C UNK E 429 91.16 46.12 -128.38
N UNK E 430 89.96 46.14 -127.80
CA UNK E 430 89.68 46.50 -126.39
C UNK E 430 90.19 47.91 -126.08
N UNK E 431 89.52 48.87 -126.70
CA UNK E 431 90.10 50.18 -126.91
C UNK E 431 89.09 51.26 -126.54
N UNK E 432 89.38 52.49 -126.96
CA UNK E 432 88.50 53.63 -126.75
C UNK E 432 88.73 54.59 -127.90
N UNK E 433 87.78 54.66 -128.81
CA UNK E 433 87.97 55.40 -130.05
C UNK E 433 87.60 56.87 -129.86
N UNK E 434 87.81 57.66 -130.91
CA UNK E 434 87.18 58.96 -131.00
C UNK E 434 86.67 59.15 -132.41
N UNK E 435 86.23 60.36 -132.76
CA UNK E 435 85.81 60.69 -134.12
C UNK E 435 85.80 62.19 -134.25
N UNK E 436 85.62 62.65 -135.48
CA UNK E 436 85.37 64.08 -135.70
C UNK E 436 84.50 64.18 -136.94
N UNK E 437 83.18 64.22 -136.74
CA UNK E 437 82.32 63.83 -137.84
C UNK E 437 80.89 64.26 -137.60
N UNK E 438 80.11 64.18 -138.67
CA UNK E 438 78.67 64.39 -138.66
C UNK E 438 77.96 63.04 -138.66
N UNK E 439 76.83 62.98 -137.96
CA UNK E 439 75.84 61.91 -137.97
C UNK E 439 76.31 60.57 -137.38
N UNK E 440 77.60 60.45 -137.10
CA UNK E 440 78.05 59.35 -136.26
C UNK E 440 77.52 59.53 -134.85
N UNK E 441 77.47 60.79 -134.38
CA UNK E 441 76.85 61.11 -133.10
C UNK E 441 75.37 60.82 -133.10
N UNK E 442 74.72 60.87 -134.25
CA UNK E 442 73.34 60.40 -134.31
C UNK E 442 73.29 58.89 -134.14
N UNK E 443 74.18 58.18 -134.84
CA UNK E 443 74.16 56.73 -134.87
C UNK E 443 74.35 56.13 -133.49
N UNK E 444 75.40 56.55 -132.81
CA UNK E 444 75.72 55.93 -131.53
C UNK E 444 74.68 56.29 -130.47
N UNK E 445 74.20 57.53 -130.50
CA UNK E 445 73.26 57.96 -129.47
C UNK E 445 71.92 57.27 -129.63
N UNK E 446 71.45 57.12 -130.86
CA UNK E 446 70.21 56.39 -131.03
C UNK E 446 70.41 54.90 -130.78
N UNK E 447 71.62 54.40 -130.94
CA UNK E 447 71.85 53.02 -130.54
C UNK E 447 71.88 52.86 -129.04
N UNK E 448 72.11 53.94 -128.30
CA UNK E 448 72.15 53.89 -126.84
C UNK E 448 70.80 54.16 -126.20
N UNK E 449 69.70 53.83 -126.87
CA UNK E 449 68.41 53.91 -126.20
C UNK E 449 68.22 52.72 -125.26
N UNK E 450 68.10 51.52 -125.84
CA UNK E 450 67.84 50.25 -125.15
C UNK E 450 66.71 50.35 -124.12
N UNK E 451 65.54 50.78 -124.59
CA UNK E 451 64.36 50.78 -123.73
C UNK E 451 63.98 49.34 -123.47
N UNK E 452 63.54 48.63 -124.52
CA UNK E 452 63.45 47.15 -124.59
C UNK E 452 62.77 46.52 -123.40
N UNK E 453 61.85 47.25 -122.80
CA UNK E 453 61.06 46.78 -121.69
C UNK E 453 59.62 47.21 -121.87
N UNK E 454 59.31 47.85 -122.99
CA UNK E 454 57.97 47.63 -123.46
C UNK E 454 58.02 46.19 -123.89
N UNK E 455 58.76 45.93 -124.98
CA UNK E 455 59.44 44.71 -125.38
C UNK E 455 60.02 45.01 -126.74
N UNK E 456 60.80 44.10 -127.28
CA UNK E 456 61.31 44.26 -128.63
C UNK E 456 60.21 43.89 -129.62
N UNK E 457 60.04 44.71 -130.64
CA UNK E 457 58.98 44.48 -131.60
C UNK E 457 59.45 43.51 -132.69
N UNK E 458 58.64 43.41 -133.73
CA UNK E 458 58.99 42.71 -134.96
C UNK E 458 58.23 43.42 -136.06
N UNK E 459 58.96 44.17 -136.87
CA UNK E 459 58.35 45.13 -137.76
C UNK E 459 57.84 44.45 -139.01
N UNK E 460 57.02 45.19 -139.76
CA UNK E 460 56.66 44.88 -141.13
C UNK E 460 56.14 46.15 -141.74
N UNK E 461 56.60 46.46 -142.94
CA UNK E 461 56.17 47.71 -143.56
C UNK E 461 55.22 47.41 -144.70
N UNK E 462 54.51 48.45 -145.14
CA UNK E 462 53.67 48.33 -146.33
C UNK E 462 53.47 49.73 -146.89
N UNK E 463 54.14 50.03 -147.99
CA UNK E 463 53.91 51.28 -148.70
C UNK E 463 52.80 51.05 -149.70
N UNK E 464 51.72 51.83 -149.59
CA UNK E 464 50.61 51.73 -150.51
C UNK E 464 50.93 52.44 -151.82
N UNK E 465 49.89 52.74 -152.61
CA UNK E 465 50.07 53.17 -153.99
C UNK E 465 50.78 54.52 -154.10
N UNK E 466 50.19 55.59 -153.55
CA UNK E 466 50.69 56.92 -153.80
C UNK E 466 51.27 57.62 -152.58
N UNK E 467 50.47 57.80 -151.52
CA UNK E 467 50.91 58.66 -150.43
C UNK E 467 50.61 58.07 -149.07
N UNK E 468 50.29 56.78 -149.01
CA UNK E 468 50.04 56.12 -147.75
C UNK E 468 51.19 55.16 -147.50
N UNK E 469 51.72 55.19 -146.30
CA UNK E 469 52.66 54.17 -145.87
C UNK E 469 52.23 53.75 -144.48
N UNK E 470 52.35 52.47 -144.19
CA UNK E 470 51.93 51.93 -142.91
C UNK E 470 53.02 51.05 -142.35
N UNK E 471 53.13 51.05 -141.03
CA UNK E 471 54.04 50.14 -140.37
C UNK E 471 53.22 49.31 -139.41
N UNK E 472 53.16 48.02 -139.64
CA UNK E 472 52.57 47.11 -138.67
C UNK E 472 53.69 46.48 -137.87
N UNK E 473 53.36 45.99 -136.68
CA UNK E 473 54.36 45.42 -135.81
C UNK E 473 53.72 44.41 -134.91
N UNK E 474 54.49 43.39 -134.55
CA UNK E 474 54.06 42.48 -133.51
C UNK E 474 55.06 42.56 -132.37
N UNK E 475 54.73 41.91 -131.25
CA UNK E 475 55.73 41.72 -130.21
C UNK E 475 55.97 40.26 -129.89
N UNK E 476 54.93 39.53 -129.53
CA UNK E 476 54.99 38.11 -129.21
C UNK E 476 53.63 37.54 -129.57
N UNK E 477 53.30 36.39 -129.01
CA UNK E 477 52.07 35.68 -129.32
C UNK E 477 51.92 34.63 -128.23
N UNK E 478 50.71 34.16 -127.95
CA UNK E 478 49.39 34.58 -128.42
C UNK E 478 48.91 35.78 -127.63
N UNK E 479 47.59 35.92 -127.58
CA UNK E 479 46.88 37.06 -127.01
C UNK E 479 47.22 38.32 -127.81
N UNK E 480 46.70 38.30 -129.03
CA UNK E 480 46.88 39.31 -130.06
C UNK E 480 46.07 40.56 -129.76
N UNK E 481 45.73 41.29 -130.81
CA UNK E 481 44.53 42.13 -130.78
C UNK E 481 44.58 43.38 -129.92
N UNK E 482 44.98 44.57 -130.39
CA UNK E 482 45.40 45.10 -131.73
C UNK E 482 45.56 46.60 -131.40
N UNK E 483 45.96 47.41 -132.35
CA UNK E 483 45.81 48.86 -132.20
C UNK E 483 45.73 49.49 -133.58
N UNK E 484 45.47 50.80 -133.61
CA UNK E 484 45.52 51.56 -134.86
C UNK E 484 45.76 53.03 -134.49
N UNK E 485 46.99 53.49 -134.65
CA UNK E 485 47.29 54.89 -134.41
C UNK E 485 47.37 55.62 -135.74
N UNK E 486 47.23 56.94 -135.70
CA UNK E 486 47.26 57.74 -136.93
C UNK E 486 47.66 59.17 -136.60
N UNK E 487 48.87 59.56 -136.97
CA UNK E 487 49.35 60.94 -136.82
C UNK E 487 50.41 61.17 -137.89
N UNK E 488 51.28 62.15 -137.70
CA UNK E 488 52.44 62.26 -138.58
C UNK E 488 53.72 62.49 -137.78
N UNK E 489 53.91 61.71 -136.73
CA UNK E 489 55.05 61.92 -135.85
C UNK E 489 55.42 60.60 -135.18
N UNK E 490 56.26 60.67 -134.14
CA UNK E 490 56.88 59.50 -133.53
C UNK E 490 56.75 59.50 -132.02
N UNK E 491 55.64 59.98 -131.49
CA UNK E 491 55.29 59.71 -130.10
C UNK E 491 54.43 58.45 -130.09
N UNK E 492 55.06 57.37 -130.50
CA UNK E 492 54.37 56.11 -130.71
C UNK E 492 54.80 55.03 -129.76
N UNK E 493 55.99 55.12 -129.17
CA UNK E 493 56.39 54.12 -128.18
C UNK E 493 55.52 54.20 -126.95
N UNK E 494 55.00 55.39 -126.65
CA UNK E 494 54.08 55.56 -125.54
C UNK E 494 52.82 54.76 -125.73
N UNK E 495 52.21 54.82 -126.91
CA UNK E 495 51.09 53.94 -127.17
C UNK E 495 51.54 52.52 -127.42
N UNK E 496 52.78 52.33 -127.82
CA UNK E 496 53.24 50.98 -128.12
C UNK E 496 53.46 50.16 -126.86
N UNK E 497 53.67 50.81 -125.72
CA UNK E 497 53.75 50.04 -124.50
C UNK E 497 52.41 49.41 -124.15
N UNK E 498 51.35 50.21 -124.17
CA UNK E 498 50.03 49.64 -123.94
C UNK E 498 49.59 48.75 -125.09
N UNK E 499 50.18 48.89 -126.26
CA UNK E 499 50.03 47.85 -127.26
C UNK E 499 50.72 46.57 -126.81
N UNK E 500 51.87 46.69 -126.16
CA UNK E 500 52.60 45.52 -125.69
C UNK E 500 52.12 45.04 -124.35
N UNK E 501 50.97 45.53 -123.89
CA UNK E 501 50.09 44.79 -123.01
C UNK E 501 49.11 43.91 -123.79
N UNK E 502 49.49 43.55 -125.00
CA UNK E 502 48.80 42.69 -125.95
C UNK E 502 49.87 42.18 -126.91
N UNK E 503 49.51 41.89 -128.15
CA UNK E 503 50.55 41.45 -129.06
C UNK E 503 50.74 42.24 -130.36
N UNK E 504 49.70 42.78 -130.98
CA UNK E 504 49.89 43.37 -132.30
C UNK E 504 49.57 44.86 -132.28
N UNK E 505 50.22 45.62 -133.16
CA UNK E 505 49.88 47.01 -133.35
C UNK E 505 50.10 47.33 -134.82
N UNK E 506 49.37 48.30 -135.35
CA UNK E 506 49.51 48.63 -136.77
C UNK E 506 49.37 50.14 -136.95
N UNK E 507 50.48 50.86 -136.90
CA UNK E 507 50.45 52.30 -137.03
C UNK E 507 50.22 52.66 -138.49
N UNK E 508 49.07 53.26 -138.76
CA UNK E 508 48.61 53.47 -140.14
C UNK E 508 48.95 54.88 -140.62
N UNK E 509 50.23 55.21 -140.55
CA UNK E 509 50.80 56.41 -141.14
C UNK E 509 52.30 56.23 -141.12
N UNK E 510 53.02 57.23 -141.61
CA UNK E 510 54.44 57.03 -141.91
C UNK E 510 55.37 57.87 -141.06
N UNK E 511 55.19 59.19 -141.08
CA UNK E 511 56.24 60.21 -141.18
C UNK E 511 57.55 59.88 -140.46
N UNK E 512 57.45 59.51 -139.19
CA UNK E 512 58.64 59.19 -138.42
C UNK E 512 58.49 57.87 -137.70
N UNK E 513 57.69 56.96 -138.25
CA UNK E 513 57.62 55.61 -137.72
C UNK E 513 58.69 54.72 -138.31
N UNK E 514 59.73 55.29 -138.88
CA UNK E 514 60.94 54.54 -139.16
C UNK E 514 61.85 54.45 -137.95
N UNK E 515 61.50 55.14 -136.87
CA UNK E 515 62.35 55.17 -135.69
C UNK E 515 62.46 53.80 -135.05
N UNK E 516 61.34 53.09 -134.97
CA UNK E 516 61.38 51.76 -134.39
C UNK E 516 62.11 50.79 -135.28
N UNK E 517 62.06 51.01 -136.59
CA UNK E 517 62.85 50.20 -137.51
C UNK E 517 64.33 50.44 -137.28
N UNK E 518 64.70 51.68 -137.03
CA UNK E 518 66.10 51.99 -136.73
C UNK E 518 66.51 51.37 -135.41
N UNK E 519 65.64 51.38 -134.42
CA UNK E 519 66.02 50.85 -133.13
C UNK E 519 65.97 49.34 -133.08
N UNK E 520 65.23 48.71 -133.99
CA UNK E 520 65.09 47.28 -133.95
C UNK E 520 66.04 46.56 -134.87
N UNK E 521 66.32 47.12 -136.04
CA UNK E 521 67.24 46.48 -136.95
C UNK E 521 68.69 46.75 -136.61
N UNK E 522 68.96 47.33 -135.45
CA UNK E 522 70.31 47.63 -135.04
C UNK E 522 70.75 46.82 -133.84
N UNK E 523 69.85 45.99 -133.29
CA UNK E 523 70.03 45.44 -131.95
C UNK E 523 71.21 44.48 -131.90
N UNK E 524 71.17 43.41 -132.69
CA UNK E 524 72.23 42.44 -132.59
C UNK E 524 73.53 42.95 -133.19
N UNK E 525 73.44 43.76 -134.24
CA UNK E 525 74.63 44.25 -134.91
C UNK E 525 75.42 45.20 -134.02
N UNK E 526 74.75 46.13 -133.35
CA UNK E 526 75.42 46.98 -132.38
C UNK E 526 75.47 46.35 -131.01
N UNK E 527 74.99 45.13 -130.87
CA UNK E 527 75.24 44.33 -129.68
C UNK E 527 76.45 43.44 -129.82
N UNK E 528 76.97 43.30 -131.03
CA UNK E 528 78.25 42.65 -131.22
C UNK E 528 79.35 43.39 -130.48
N UNK E 529 79.33 44.71 -130.55
CA UNK E 529 80.16 45.55 -129.69
C UNK E 529 79.42 45.82 -128.39
N UNK E 530 79.85 46.80 -127.60
CA UNK E 530 79.10 47.13 -126.38
C UNK E 530 78.50 48.52 -126.38
N UNK E 531 79.30 49.59 -126.45
CA UNK E 531 78.85 50.94 -126.14
C UNK E 531 79.96 51.94 -126.43
N UNK E 532 79.61 53.22 -126.46
CA UNK E 532 80.63 54.26 -126.50
C UNK E 532 80.56 55.30 -125.37
N UNK E 533 79.44 56.03 -125.30
CA UNK E 533 79.05 56.87 -124.16
C UNK E 533 80.03 58.00 -123.83
N UNK E 534 80.26 58.91 -124.79
CA UNK E 534 80.84 60.24 -124.55
C UNK E 534 80.65 61.19 -125.72
N UNK E 535 79.99 62.33 -125.52
CA UNK E 535 79.63 63.20 -126.62
C UNK E 535 80.26 64.58 -126.44
N UNK E 536 80.73 65.16 -127.53
CA UNK E 536 81.30 66.50 -127.52
C UNK E 536 80.45 67.40 -128.40
N UNK E 537 80.91 68.62 -128.62
CA UNK E 537 80.10 69.63 -129.27
C UNK E 537 80.77 70.16 -130.52
N UNK E 538 80.09 71.08 -131.16
CA UNK E 538 80.74 71.96 -132.09
C UNK E 538 81.16 73.21 -131.34
N UNK E 539 82.47 73.42 -131.26
CA UNK E 539 82.99 74.43 -130.36
C UNK E 539 82.73 75.85 -130.84
N UNK E 540 82.55 76.03 -132.14
CA UNK E 540 82.23 77.34 -132.67
C UNK E 540 80.71 77.51 -132.70
N UNK E 541 80.24 78.55 -133.39
CA UNK E 541 78.81 78.84 -133.46
C UNK E 541 78.12 77.89 -134.44
N UNK E 542 77.30 77.00 -133.92
CA UNK E 542 76.54 76.01 -134.70
C UNK E 542 75.29 75.64 -133.90
N UNK E 543 74.53 74.67 -134.40
CA UNK E 543 73.39 74.18 -133.62
C UNK E 543 73.15 72.71 -133.96
N UNK E 544 73.79 71.82 -133.20
CA UNK E 544 73.50 70.39 -133.13
C UNK E 544 74.26 69.83 -131.95
N UNK E 545 74.27 68.50 -131.87
CA UNK E 545 74.75 67.75 -130.71
C UNK E 545 74.09 68.28 -129.44
N UNK E 546 72.78 68.28 -129.46
CA UNK E 546 72.02 68.78 -128.33
C UNK E 546 71.96 67.72 -127.22
N UNK E 547 72.13 68.18 -125.99
CA UNK E 547 72.03 67.34 -124.82
C UNK E 547 71.33 68.14 -123.74
N UNK E 548 71.15 67.56 -122.57
CA UNK E 548 70.26 68.18 -121.59
C UNK E 548 70.86 68.08 -120.18
N UNK E 549 70.01 68.34 -119.19
CA UNK E 549 70.41 69.07 -118.00
C UNK E 549 69.78 68.45 -116.77
N UNK E 550 69.72 69.25 -115.70
CA UNK E 550 69.15 68.87 -114.42
C UNK E 550 68.42 70.08 -113.87
N UNK E 551 67.73 69.89 -112.73
CA UNK E 551 66.88 70.93 -112.16
C UNK E 551 67.36 71.44 -110.81
N UNK E 552 67.48 70.56 -109.82
CA UNK E 552 68.16 70.81 -108.54
C UNK E 552 67.73 72.01 -107.69
N UNK E 553 66.55 72.02 -107.07
CA UNK E 553 65.39 71.21 -107.37
C UNK E 553 64.23 72.15 -107.51
N UNK E 554 64.08 72.99 -106.50
CA UNK E 554 63.04 73.99 -106.46
C UNK E 554 63.55 75.27 -107.10
N UNK E 555 62.82 76.34 -106.94
CA UNK E 555 63.36 77.64 -107.25
C UNK E 555 63.64 78.43 -105.99
N UNK E 556 64.01 77.70 -104.92
CA UNK E 556 64.79 78.21 -103.80
C UNK E 556 64.07 79.34 -103.03
N UNK E 557 63.04 78.94 -102.29
CA UNK E 557 62.34 79.90 -101.45
C UNK E 557 63.25 80.46 -100.36
N UNK E 558 63.14 81.77 -100.12
CA UNK E 558 64.01 82.46 -99.17
C UNK E 558 63.19 83.46 -98.36
N UNK E 559 63.20 83.32 -97.04
CA UNK E 559 62.54 84.35 -96.25
C UNK E 559 63.51 85.49 -96.02
N UNK E 560 63.06 86.55 -95.37
CA UNK E 560 63.93 87.66 -95.02
C UNK E 560 63.27 88.37 -93.84
N UNK E 561 63.76 88.12 -92.65
CA UNK E 561 63.07 88.58 -91.45
C UNK E 561 63.73 89.83 -90.92
N UNK E 562 63.13 90.98 -91.17
CA UNK E 562 63.64 92.18 -90.56
C UNK E 562 63.17 92.17 -89.11
N UNK E 563 64.10 92.06 -88.17
CA UNK E 563 63.74 92.04 -86.76
C UNK E 563 63.58 93.48 -86.31
N UNK E 564 62.34 93.95 -86.25
CA UNK E 564 62.06 95.38 -86.22
C UNK E 564 62.30 95.94 -84.84
N UNK E 565 63.55 96.30 -84.58
CA UNK E 565 63.82 97.22 -83.49
C UNK E 565 64.55 98.46 -83.97
N UNK E 566 65.71 98.32 -84.59
CA UNK E 566 66.69 99.38 -84.53
C UNK E 566 67.79 99.13 -85.57
N UNK E 567 68.93 99.78 -85.37
CA UNK E 567 70.12 99.65 -86.19
C UNK E 567 71.16 98.79 -85.46
N UNK E 568 72.02 98.07 -86.20
CA UNK E 568 72.02 97.90 -87.67
C UNK E 568 72.30 96.52 -88.25
N UNK E 569 73.01 95.65 -87.53
CA UNK E 569 73.73 94.53 -88.15
C UNK E 569 72.75 93.46 -88.67
N UNK E 570 73.29 92.55 -89.48
CA UNK E 570 72.43 91.69 -90.29
C UNK E 570 73.08 90.33 -90.47
N UNK E 571 72.46 89.29 -89.90
CA UNK E 571 72.97 87.93 -89.99
C UNK E 571 72.20 87.15 -91.03
N UNK E 572 72.87 86.26 -91.74
CA UNK E 572 72.26 85.53 -92.84
C UNK E 572 72.49 84.02 -92.66
N UNK E 573 71.45 83.31 -92.27
CA UNK E 573 71.50 81.87 -92.09
C UNK E 573 70.98 81.20 -93.36
N UNK E 574 71.81 80.35 -93.96
CA UNK E 574 71.27 79.36 -94.88
C UNK E 574 70.83 78.16 -94.05
N UNK E 575 69.81 77.46 -94.53
CA UNK E 575 69.33 76.38 -93.68
C UNK E 575 69.28 75.06 -94.42
N UNK E 576 68.69 74.06 -93.79
CA UNK E 576 68.61 72.73 -94.36
C UNK E 576 67.17 72.28 -94.41
N UNK E 577 66.30 73.16 -94.91
CA UNK E 577 64.85 73.00 -94.95
C UNK E 577 64.30 72.65 -93.57
N UNK E 578 64.53 73.54 -92.62
CA UNK E 578 64.11 73.31 -91.26
C UNK E 578 63.92 74.64 -90.56
N UNK E 579 63.23 74.59 -89.43
CA UNK E 579 62.70 75.79 -88.79
C UNK E 579 63.01 75.82 -87.32
N UNK E 580 64.18 75.34 -86.93
CA UNK E 580 64.75 75.65 -85.62
C UNK E 580 65.69 76.84 -85.75
N UNK E 581 65.09 77.95 -86.16
CA UNK E 581 65.80 79.20 -86.34
C UNK E 581 65.30 80.26 -85.40
N UNK E 582 64.41 79.92 -84.47
CA UNK E 582 64.04 80.88 -83.45
C UNK E 582 65.20 81.16 -82.53
N UNK E 583 66.08 80.18 -82.34
CA UNK E 583 67.28 80.42 -81.56
C UNK E 583 68.17 81.43 -82.24
N UNK E 584 68.29 81.33 -83.55
CA UNK E 584 69.08 82.35 -84.22
C UNK E 584 68.33 83.68 -84.28
N UNK E 585 67.00 83.66 -84.25
CA UNK E 585 66.25 84.91 -84.22
C UNK E 585 66.51 85.66 -82.93
N UNK E 586 66.47 84.95 -81.81
CA UNK E 586 66.80 85.60 -80.56
C UNK E 586 68.28 85.89 -80.44
N UNK E 587 69.12 85.20 -81.21
CA UNK E 587 70.50 85.62 -81.25
C UNK E 587 70.64 86.95 -81.95
N UNK E 588 69.99 87.09 -83.10
CA UNK E 588 70.12 88.29 -83.90
C UNK E 588 69.24 89.42 -83.39
N UNK E 589 68.44 89.19 -82.36
CA UNK E 589 67.81 90.32 -81.69
C UNK E 589 68.78 91.18 -80.91
N UNK E 590 70.06 90.82 -80.83
CA UNK E 590 71.09 91.83 -80.61
C UNK E 590 71.03 92.88 -81.70
N UNK E 591 70.99 92.44 -82.95
CA UNK E 591 71.10 93.26 -84.15
C UNK E 591 69.77 93.69 -84.74
N UNK E 592 69.80 94.00 -86.05
CA UNK E 592 68.63 94.45 -86.79
C UNK E 592 67.99 93.41 -87.69
N UNK E 593 68.72 92.77 -88.61
CA UNK E 593 68.06 92.08 -89.71
C UNK E 593 68.60 90.67 -89.91
N UNK E 594 67.71 89.69 -89.99
CA UNK E 594 68.09 88.31 -90.27
C UNK E 594 67.62 87.96 -91.66
N UNK E 595 68.36 87.11 -92.35
CA UNK E 595 67.97 86.62 -93.66
C UNK E 595 68.20 85.11 -93.69
N UNK E 596 67.13 84.33 -93.71
CA UNK E 596 67.22 82.88 -93.77
C UNK E 596 66.78 82.42 -95.14
N UNK E 597 67.51 81.46 -95.72
CA UNK E 597 67.25 81.10 -97.13
C UNK E 597 66.81 79.63 -97.31
N UNK E 598 65.49 79.37 -97.15
CA UNK E 598 64.95 78.01 -97.03
C UNK E 598 63.42 78.09 -97.04
N UNK E 599 62.77 76.94 -96.89
CA UNK E 599 61.33 76.85 -97.13
C UNK E 599 60.61 75.96 -96.13
N UNK E 600 61.12 75.87 -94.91
CA UNK E 600 60.35 75.27 -93.84
C UNK E 600 60.16 76.22 -92.70
N UNK E 601 61.01 77.22 -92.61
CA UNK E 601 60.71 78.36 -91.76
C UNK E 601 59.45 79.05 -92.22
N UNK E 602 59.36 79.31 -93.53
CA UNK E 602 58.59 80.43 -94.07
C UNK E 602 57.13 80.39 -93.66
N UNK E 603 56.56 79.19 -93.58
CA UNK E 603 55.17 79.04 -93.18
C UNK E 603 54.96 79.45 -91.74
N UNK E 604 55.65 78.79 -90.80
CA UNK E 604 55.38 79.07 -89.41
C UNK E 604 55.96 80.40 -88.99
N UNK E 605 57.03 80.83 -89.65
CA UNK E 605 57.57 82.14 -89.36
C UNK E 605 56.60 83.24 -89.75
N UNK E 606 55.98 83.12 -90.92
CA UNK E 606 55.01 84.13 -91.32
C UNK E 606 53.76 84.04 -90.48
N UNK E 607 53.29 82.83 -90.18
CA UNK E 607 52.06 82.74 -89.41
C UNK E 607 52.26 83.06 -87.95
N UNK E 608 53.50 83.14 -87.47
CA UNK E 608 53.70 83.66 -86.14
C UNK E 608 53.88 85.16 -86.17
N UNK E 609 54.58 85.68 -87.17
CA UNK E 609 54.88 87.10 -87.18
C UNK E 609 53.66 87.91 -87.54
N UNK E 610 52.99 87.54 -88.60
CA UNK E 610 51.84 88.31 -89.04
C UNK E 610 50.59 87.96 -88.32
N UNK E 611 50.69 87.31 -87.19
CA UNK E 611 49.59 87.31 -86.27
C UNK E 611 49.98 87.82 -84.90
N UNK E 612 51.13 87.42 -84.34
CA UNK E 612 51.43 87.65 -82.93
C UNK E 612 51.69 89.10 -82.57
N UNK E 613 51.70 89.98 -83.55
CA UNK E 613 51.64 91.41 -83.28
C UNK E 613 50.22 91.92 -83.21
N UNK E 614 49.26 91.15 -83.66
CA UNK E 614 47.89 91.63 -83.69
C UNK E 614 46.90 90.66 -83.11
N UNK E 615 47.34 89.51 -82.61
CA UNK E 615 46.47 88.67 -81.83
C UNK E 615 46.26 89.50 -80.60
N UNK E 616 47.33 89.69 -79.82
CA UNK E 616 47.62 90.92 -79.06
C UNK E 616 46.47 91.41 -78.19
N UNK E 617 45.51 90.54 -77.91
CA UNK E 617 44.37 90.87 -77.10
C UNK E 617 44.37 90.01 -75.86
N UNK E 618 44.33 88.70 -76.01
CA UNK E 618 44.39 87.88 -74.81
C UNK E 618 45.27 86.65 -74.91
N UNK E 619 45.66 86.21 -76.11
CA UNK E 619 46.20 84.88 -76.37
C UNK E 619 45.28 83.81 -75.73
N UNK E 620 44.12 83.66 -76.35
CA UNK E 620 43.07 82.76 -75.91
C UNK E 620 43.56 81.34 -75.73
N UNK E 621 43.51 80.86 -74.49
CA UNK E 621 43.97 79.52 -74.20
C UNK E 621 42.99 78.51 -74.76
N UNK E 622 43.49 77.55 -75.51
CA UNK E 622 42.64 76.76 -76.37
C UNK E 622 42.23 75.47 -75.69
N UNK E 623 41.34 74.74 -76.38
CA UNK E 623 41.01 73.37 -76.02
C UNK E 623 40.48 72.71 -77.29
N UNK E 624 41.35 71.96 -77.95
CA UNK E 624 41.06 71.48 -79.28
C UNK E 624 40.09 70.31 -79.22
N UNK E 625 39.31 70.12 -80.30
CA UNK E 625 38.67 68.82 -80.48
C UNK E 625 38.60 68.45 -81.95
N UNK E 626 39.42 69.08 -82.79
CA UNK E 626 39.31 68.99 -84.24
C UNK E 626 39.68 67.59 -84.69
N UNK E 627 38.70 66.81 -85.14
CA UNK E 627 38.96 65.48 -85.68
C UNK E 627 38.28 65.35 -87.02
N UNK E 628 38.95 65.82 -88.06
CA UNK E 628 38.28 65.97 -89.33
C UNK E 628 39.20 66.15 -90.53
N UNK E 629 38.58 66.62 -91.62
CA UNK E 629 39.14 66.58 -92.95
C UNK E 629 40.39 67.40 -93.15
N UNK E 630 40.27 68.73 -93.18
CA UNK E 630 41.36 69.53 -93.70
C UNK E 630 42.20 70.15 -92.61
N UNK E 631 42.25 69.53 -91.44
CA UNK E 631 43.02 70.07 -90.33
C UNK E 631 44.37 69.42 -90.24
N UNK E 632 44.71 68.55 -91.18
CA UNK E 632 46.01 67.96 -91.24
C UNK E 632 46.87 68.56 -92.33
N UNK E 633 46.27 68.98 -93.45
CA UNK E 633 47.03 69.72 -94.44
C UNK E 633 47.41 71.09 -93.93
N UNK E 634 46.65 71.63 -92.99
CA UNK E 634 47.12 72.56 -91.98
C UNK E 634 47.63 73.89 -92.52
N UNK E 635 47.30 74.24 -93.75
CA UNK E 635 47.98 75.35 -94.40
C UNK E 635 47.46 76.70 -93.92
N UNK E 636 48.37 77.67 -93.85
CA UNK E 636 47.99 79.01 -93.45
C UNK E 636 48.65 80.11 -94.26
N UNK E 637 49.52 79.78 -95.20
CA UNK E 637 50.16 80.80 -95.99
C UNK E 637 50.57 80.18 -97.30
N UNK E 638 50.92 81.05 -98.27
CA UNK E 638 51.23 80.75 -99.68
C UNK E 638 50.19 79.85 -100.33
N UNK E 639 48.96 79.85 -99.79
CA UNK E 639 47.88 78.96 -100.24
C UNK E 639 46.56 79.74 -100.13
N UNK E 640 46.17 80.43 -101.20
CA UNK E 640 47.04 80.82 -102.30
C UNK E 640 47.03 82.33 -102.42
N UNK E 641 45.84 82.92 -102.44
CA UNK E 641 45.70 84.35 -102.32
C UNK E 641 44.55 84.77 -101.44
N UNK E 642 43.75 83.84 -100.93
CA UNK E 642 42.80 84.17 -99.89
C UNK E 642 43.56 84.59 -98.66
N UNK E 643 43.26 85.76 -98.12
CA UNK E 643 44.29 86.42 -97.34
C UNK E 643 44.42 85.88 -95.91
N UNK E 644 43.47 86.21 -95.03
CA UNK E 644 43.42 85.80 -93.61
C UNK E 644 44.68 86.12 -92.81
N UNK E 645 45.60 86.85 -93.42
CA UNK E 645 47.00 87.06 -93.13
C UNK E 645 47.39 87.94 -94.29
N UNK E 646 48.64 88.38 -94.40
CA UNK E 646 48.91 89.45 -95.34
C UNK E 646 50.31 89.29 -95.91
N UNK E 647 50.82 90.39 -96.43
CA UNK E 647 52.21 90.45 -96.85
C UNK E 647 52.76 91.82 -96.50
N UNK E 648 54.08 91.94 -96.54
CA UNK E 648 54.74 93.13 -96.04
C UNK E 648 55.96 93.46 -96.90
N UNK E 649 55.73 94.30 -97.90
CA UNK E 649 56.71 95.22 -98.48
C UNK E 649 57.83 94.58 -99.28
N UNK E 650 57.97 93.27 -99.22
CA UNK E 650 58.83 92.52 -100.13
C UNK E 650 58.25 91.11 -100.10
N UNK E 651 57.41 90.83 -101.09
CA UNK E 651 56.68 89.58 -101.13
C UNK E 651 56.64 89.10 -102.58
N UNK E 652 57.46 88.12 -102.89
CA UNK E 652 57.48 87.54 -104.24
C UNK E 652 57.10 86.09 -104.08
N UNK E 653 55.83 85.77 -104.25
CA UNK E 653 55.38 84.41 -104.11
C UNK E 653 55.28 83.83 -105.52
N UNK E 654 56.44 83.45 -106.05
CA UNK E 654 56.56 83.21 -107.49
C UNK E 654 56.45 81.74 -107.85
N UNK E 655 55.78 81.47 -108.97
CA UNK E 655 55.40 80.13 -109.38
C UNK E 655 55.65 79.92 -110.86
N UNK E 656 56.83 80.25 -111.35
CA UNK E 656 57.02 80.36 -112.79
C UNK E 656 58.35 79.73 -113.19
N UNK E 657 58.82 80.05 -114.40
CA UNK E 657 60.15 79.70 -114.87
C UNK E 657 61.18 80.80 -114.68
N UNK E 658 60.76 82.07 -114.57
CA UNK E 658 61.68 83.15 -114.18
C UNK E 658 61.22 83.90 -112.94
N UNK E 659 59.97 84.35 -112.91
CA UNK E 659 59.44 85.20 -111.85
C UNK E 659 57.94 85.28 -112.01
N UNK E 660 57.25 85.58 -110.90
CA UNK E 660 55.79 85.52 -110.88
C UNK E 660 55.26 86.34 -109.70
N UNK E 661 54.06 85.96 -109.22
CA UNK E 661 53.11 86.76 -108.45
C UNK E 661 53.70 87.53 -107.27
N UNK E 662 53.09 88.68 -107.00
CA UNK E 662 53.47 89.57 -105.92
C UNK E 662 52.23 89.94 -105.12
N UNK E 663 52.44 90.42 -103.88
CA UNK E 663 51.34 90.99 -103.09
C UNK E 663 51.87 92.22 -102.34
N UNK E 664 51.85 93.36 -103.02
CA UNK E 664 52.40 94.61 -102.49
C UNK E 664 51.91 95.77 -103.33
N UNK E 665 52.54 96.93 -103.17
CA UNK E 665 52.32 98.03 -104.10
C UNK E 665 53.34 97.97 -105.24
N UNK E 666 43.13 49.93 -141.74
CA UNK E 666 41.94 49.83 -140.91
C UNK E 666 41.71 48.38 -140.55
N UNK E 667 41.79 47.52 -141.56
CA UNK E 667 41.77 46.08 -141.37
C UNK E 667 42.41 45.44 -142.60
N UNK E 668 43.58 44.85 -142.42
CA UNK E 668 44.41 44.42 -143.53
C UNK E 668 45.36 43.34 -143.04
N UNK E 669 45.87 42.52 -143.98
CA UNK E 669 46.60 41.27 -143.77
C UNK E 669 47.80 41.31 -142.82
N UNK E 670 48.18 40.14 -142.30
CA UNK E 670 49.32 39.97 -141.41
C UNK E 670 50.47 39.28 -142.14
N UNK E 671 51.70 39.63 -141.76
CA UNK E 671 52.90 39.09 -142.39
C UNK E 671 54.03 39.06 -141.36
N UNK E 672 55.28 38.87 -141.82
CA UNK E 672 56.42 38.84 -140.91
C UNK E 672 57.48 39.90 -141.21
N UNK E 673 58.02 39.93 -142.44
CA UNK E 673 59.10 40.82 -142.89
C UNK E 673 60.37 40.66 -142.03
N UNK E 674 60.99 39.49 -142.17
CA UNK E 674 62.16 39.08 -141.40
C UNK E 674 63.33 40.03 -141.58
N UNK E 675 64.23 40.00 -140.60
CA UNK E 675 65.25 41.03 -140.43
C UNK E 675 66.63 40.42 -140.54
N UNK E 676 67.37 40.81 -141.57
CA UNK E 676 68.77 40.47 -141.73
C UNK E 676 69.63 41.40 -140.88
N UNK E 677 70.89 41.05 -140.73
CA UNK E 677 71.81 41.89 -139.98
C UNK E 677 72.28 43.05 -140.86
N UNK E 678 73.19 43.85 -140.33
CA UNK E 678 73.73 44.99 -141.06
C UNK E 678 75.22 44.78 -141.28
N UNK E 679 75.70 45.14 -142.47
CA UNK E 679 77.07 44.85 -142.86
C UNK E 679 77.85 46.14 -143.07
N UNK E 680 79.00 46.24 -142.40
CA UNK E 680 79.91 47.36 -142.58
C UNK E 680 81.31 46.88 -142.29
N UNK E 681 82.22 47.04 -143.25
CA UNK E 681 83.51 46.38 -143.13
C UNK E 681 84.55 47.14 -143.93
N UNK E 682 85.76 47.11 -143.39
CA UNK E 682 86.93 47.78 -143.91
C UNK E 682 88.09 46.92 -143.47
N UNK E 683 89.27 47.50 -143.33
CA UNK E 683 90.41 46.75 -142.85
C UNK E 683 90.32 46.49 -141.35
N UNK E 684 91.43 46.05 -140.75
CA UNK E 684 91.35 45.31 -139.52
C UNK E 684 92.53 45.57 -138.62
N UNK E 685 92.85 44.59 -137.78
CA UNK E 685 94.06 44.56 -136.97
C UNK E 685 95.29 44.27 -137.82
N UNK E 686 96.37 43.79 -137.18
CA UNK E 686 97.68 43.57 -137.78
C UNK E 686 98.30 44.89 -138.27
N UNK E 687 98.68 45.69 -137.27
CA UNK E 687 99.68 46.75 -137.43
C UNK E 687 100.89 46.26 -138.21
N UNK E 688 101.45 47.10 -139.10
CA UNK E 688 101.36 48.57 -139.14
C UNK E 688 100.28 49.19 -140.02
N UNK E 689 100.13 50.53 -139.92
CA UNK E 689 99.15 51.27 -140.70
C UNK E 689 99.65 52.60 -141.26
N UNK E 690 100.88 53.00 -140.94
CA UNK E 690 101.51 54.23 -141.42
C UNK E 690 100.71 55.49 -141.08
N UNK E 691 100.05 55.51 -139.91
CA UNK E 691 99.48 56.74 -139.35
C UNK E 691 99.39 56.55 -137.84
N UNK E 692 100.37 57.07 -137.10
CA UNK E 692 100.44 56.88 -135.66
C UNK E 692 100.63 58.24 -134.98
N UNK E 693 100.56 58.25 -133.64
CA UNK E 693 100.70 59.52 -132.91
C UNK E 693 101.87 59.56 -131.96
N UNK E 694 101.86 58.82 -130.85
CA UNK E 694 102.92 59.07 -129.88
C UNK E 694 103.51 57.85 -129.17
N UNK E 695 102.66 56.89 -128.82
CA UNK E 695 103.04 55.81 -127.90
C UNK E 695 102.03 54.68 -128.08
N UNK E 696 102.07 53.73 -127.14
CA UNK E 696 101.32 52.48 -127.30
C UNK E 696 99.91 52.60 -126.74
N UNK E 697 98.90 52.49 -127.60
CA UNK E 697 99.03 52.23 -129.03
C UNK E 697 98.09 53.08 -129.86
N UNK E 698 98.00 54.37 -129.56
CA UNK E 698 97.08 55.25 -130.27
C UNK E 698 97.47 55.39 -131.73
N UNK E 699 96.50 55.19 -132.62
CA UNK E 699 96.79 54.98 -134.03
C UNK E 699 95.93 55.85 -134.92
N UNK E 700 95.92 57.16 -134.67
CA UNK E 700 95.05 58.10 -135.37
C UNK E 700 95.33 58.15 -136.86
N UNK E 701 94.27 58.21 -137.67
CA UNK E 701 94.42 57.79 -139.05
C UNK E 701 93.63 58.66 -140.03
N UNK E 702 94.17 58.78 -141.24
CA UNK E 702 93.34 59.04 -142.42
C UNK E 702 93.04 57.70 -143.06
N UNK E 703 94.05 57.05 -143.65
CA UNK E 703 94.49 55.69 -143.38
C UNK E 703 93.45 54.72 -142.85
N UNK E 704 92.41 54.37 -143.60
CA UNK E 704 92.36 54.43 -145.04
C UNK E 704 90.95 54.65 -145.50
N UNK E 705 90.77 55.62 -146.40
CA UNK E 705 89.44 55.95 -146.88
C UNK E 705 88.92 54.87 -147.83
N UNK E 706 87.63 54.62 -147.77
CA UNK E 706 86.94 53.65 -148.60
C UNK E 706 85.65 54.26 -149.14
N UNK E 707 85.78 55.44 -149.78
CA UNK E 707 84.70 56.27 -150.29
C UNK E 707 83.70 55.50 -151.13
N UNK E 708 84.16 54.97 -152.27
CA UNK E 708 83.76 53.67 -152.82
C UNK E 708 82.24 53.52 -152.96
N UNK E 709 81.70 54.29 -153.90
CA UNK E 709 80.27 54.54 -154.07
C UNK E 709 79.36 53.31 -154.09
N UNK E 710 78.07 53.53 -153.78
CA UNK E 710 77.15 52.45 -153.49
C UNK E 710 75.72 52.84 -153.83
N UNK E 711 74.98 51.87 -154.37
CA UNK E 711 73.52 51.87 -154.40
C UNK E 711 73.02 51.36 -153.05
N UNK E 712 71.79 50.84 -152.99
CA UNK E 712 71.35 50.12 -151.79
C UNK E 712 72.13 48.81 -151.76
N UNK E 713 73.37 48.92 -151.28
CA UNK E 713 74.46 47.96 -151.52
C UNK E 713 75.66 48.45 -150.72
N UNK E 714 76.71 47.64 -150.71
CA UNK E 714 77.93 47.98 -150.00
C UNK E 714 78.86 48.75 -150.92
N UNK E 715 80.13 48.90 -150.51
CA UNK E 715 81.10 49.75 -151.18
C UNK E 715 81.67 49.12 -152.44
N UNK E 716 82.79 49.63 -152.94
CA UNK E 716 83.42 49.13 -154.16
C UNK E 716 83.76 47.63 -154.03
N UNK E 717 83.56 46.90 -155.12
CA UNK E 717 83.38 45.46 -155.05
C UNK E 717 84.66 44.75 -154.65
N UNK E 718 84.52 43.79 -153.74
CA UNK E 718 85.66 43.04 -153.25
C UNK E 718 85.16 41.70 -152.75
N UNK E 719 85.29 40.66 -153.57
CA UNK E 719 84.94 39.32 -153.16
C UNK E 719 86.17 38.48 -152.86
N UNK E 720 87.11 38.44 -153.80
CA UNK E 720 88.44 37.93 -153.57
C UNK E 720 89.54 38.87 -154.02
N UNK E 721 89.24 39.90 -154.82
CA UNK E 721 90.24 40.81 -155.34
C UNK E 721 89.64 42.21 -155.32
N UNK E 722 90.12 43.06 -154.41
CA UNK E 722 89.48 44.34 -154.11
C UNK E 722 89.76 45.33 -155.23
N UNK E 723 88.96 45.25 -156.28
CA UNK E 723 89.15 46.11 -157.45
C UNK E 723 88.59 47.49 -157.18
N UNK E 724 89.46 48.49 -157.27
CA UNK E 724 89.07 49.90 -157.20
C UNK E 724 88.54 50.38 -158.54
N UNK E 725 88.48 51.70 -158.74
CA UNK E 725 87.97 52.27 -159.99
C UNK E 725 88.88 52.02 -161.20
N UNK E 726 90.07 51.46 -160.99
CA UNK E 726 90.96 51.01 -162.05
C UNK E 726 90.53 49.63 -162.56
N UNK E 727 91.41 48.94 -163.29
CA UNK E 727 91.06 47.63 -163.86
C UNK E 727 90.83 46.59 -162.77
N UNK E 728 91.85 46.29 -161.97
CA UNK E 728 91.72 45.32 -160.89
C UNK E 728 92.81 45.60 -159.86
N UNK E 729 92.62 45.06 -158.66
CA UNK E 729 93.59 45.23 -157.59
C UNK E 729 93.37 44.13 -156.57
N UNK E 730 94.46 43.67 -155.96
CA UNK E 730 94.41 42.49 -155.10
C UNK E 730 94.87 42.88 -153.70
N UNK E 731 93.92 43.34 -152.89
CA UNK E 731 94.20 43.53 -151.48
C UNK E 731 94.30 42.16 -150.83
N UNK E 732 95.50 41.80 -150.38
CA UNK E 732 95.73 40.47 -149.84
C UNK E 732 95.13 40.32 -148.44
N UNK F 1 4.01 30.75 -115.04
CA UNK F 1 3.89 30.94 -113.60
C UNK F 1 3.91 32.41 -113.26
N UNK F 2 4.60 32.78 -112.19
CA UNK F 2 4.64 34.17 -111.77
C UNK F 2 6.01 34.47 -111.18
N UNK F 3 6.64 35.53 -111.65
CA UNK F 3 8.00 35.88 -111.24
C UNK F 3 7.96 37.27 -110.64
N UNK F 4 8.21 37.41 -109.35
CA UNK F 4 8.02 38.71 -108.71
C UNK F 4 9.33 39.32 -108.21
N UNK F 5 9.32 40.63 -107.96
CA UNK F 5 10.56 41.27 -107.54
C UNK F 5 10.27 42.50 -106.70
N UNK F 6 10.77 42.53 -105.48
CA UNK F 6 10.73 43.75 -104.71
C UNK F 6 11.93 44.60 -105.11
N UNK F 7 11.77 45.92 -105.14
CA UNK F 7 12.90 46.74 -105.58
C UNK F 7 12.87 48.06 -104.82
N UNK F 8 13.92 48.35 -104.06
CA UNK F 8 13.91 49.51 -103.19
C UNK F 8 14.83 50.59 -103.72
N UNK F 9 14.41 51.86 -103.62
CA UNK F 9 15.33 52.97 -103.80
C UNK F 9 15.90 53.36 -102.45
N UNK F 10 16.78 54.37 -102.39
CA UNK F 10 17.44 54.75 -101.14
C UNK F 10 16.50 55.63 -100.31
N UNK F 11 16.30 55.27 -99.05
CA UNK F 11 15.11 55.70 -98.34
C UNK F 11 15.42 56.32 -96.98
N UNK F 12 14.48 57.14 -96.53
CA UNK F 12 14.36 57.54 -95.13
C UNK F 12 12.93 58.01 -94.91
N UNK F 13 12.13 57.20 -94.22
CA UNK F 13 10.73 57.45 -93.89
C UNK F 13 9.90 57.71 -95.14
N UNK F 14 9.80 56.67 -95.96
CA UNK F 14 9.00 56.75 -97.16
C UNK F 14 8.30 55.42 -97.40
N UNK F 15 7.35 55.44 -98.33
CA UNK F 15 6.29 54.44 -98.42
C UNK F 15 6.52 53.48 -99.55
N UNK F 16 5.55 52.61 -99.75
CA UNK F 16 5.66 51.48 -100.65
C UNK F 16 4.67 51.65 -101.78
N UNK F 17 4.89 50.95 -102.88
CA UNK F 17 3.97 50.97 -104.01
C UNK F 17 3.99 49.59 -104.64
N UNK F 18 2.90 48.85 -104.52
CA UNK F 18 2.87 47.45 -104.95
C UNK F 18 2.35 47.37 -106.37
N UNK F 19 3.24 47.61 -107.33
CA UNK F 19 2.79 47.63 -108.70
C UNK F 19 2.75 46.23 -109.28
N UNK F 20 1.95 46.05 -110.32
CA UNK F 20 1.86 44.75 -110.97
C UNK F 20 2.03 45.00 -112.46
N UNK F 21 3.24 44.84 -112.95
CA UNK F 21 3.54 45.10 -114.35
C UNK F 21 2.87 44.02 -115.16
N UNK F 22 1.71 44.37 -115.74
CA UNK F 22 0.89 43.39 -116.41
C UNK F 22 1.56 42.92 -117.68
N UNK F 23 1.72 43.81 -118.65
CA UNK F 23 2.48 43.43 -119.83
C UNK F 23 3.30 44.58 -120.40
N UNK F 24 3.52 45.65 -119.64
CA UNK F 24 4.01 46.88 -120.26
C UNK F 24 5.51 46.81 -120.57
N UNK F 25 6.33 46.74 -119.54
CA UNK F 25 7.81 46.77 -119.56
C UNK F 25 8.39 48.04 -120.21
N UNK F 26 7.57 49.05 -120.47
CA UNK F 26 8.00 50.39 -120.85
C UNK F 26 7.35 51.45 -120.00
N UNK F 27 6.26 51.12 -119.32
CA UNK F 27 5.80 51.87 -118.15
C UNK F 27 6.65 51.61 -116.93
N UNK F 28 7.68 50.77 -117.06
CA UNK F 28 8.57 50.51 -115.94
C UNK F 28 9.30 51.76 -115.51
N UNK F 29 9.83 52.52 -116.45
CA UNK F 29 10.46 53.78 -116.09
C UNK F 29 9.43 54.78 -115.59
N UNK F 30 8.20 54.68 -116.09
CA UNK F 30 7.14 55.60 -115.67
C UNK F 30 6.78 55.38 -114.21
N UNK F 31 6.50 54.14 -113.84
CA UNK F 31 6.23 53.85 -112.44
C UNK F 31 7.48 53.99 -111.60
N UNK F 32 8.66 53.85 -112.19
CA UNK F 32 9.89 54.05 -111.44
C UNK F 32 10.03 55.49 -111.01
N UNK F 33 9.82 56.42 -111.92
CA UNK F 33 9.84 57.82 -111.54
C UNK F 33 8.66 58.18 -110.66
N UNK F 34 7.56 57.43 -110.78
CA UNK F 34 6.40 57.71 -109.92
C UNK F 34 6.68 57.34 -108.48
N UNK F 35 7.33 56.21 -108.26
CA UNK F 35 7.75 55.81 -106.93
C UNK F 35 9.12 56.32 -106.59
N UNK F 36 9.68 57.21 -107.41
CA UNK F 36 10.85 57.94 -106.96
C UNK F 36 10.54 58.86 -105.81
N UNK F 37 9.29 59.29 -105.66
CA UNK F 37 8.87 59.97 -104.44
C UNK F 37 8.30 58.98 -103.45
N UNK F 38 9.16 58.03 -103.07
CA UNK F 38 8.80 56.91 -102.21
C UNK F 38 10.05 56.17 -101.69
N UNK F 39 9.83 54.98 -101.14
CA UNK F 39 10.91 54.10 -100.69
C UNK F 39 10.99 52.79 -101.47
N UNK F 40 9.90 52.05 -101.57
CA UNK F 40 10.02 50.68 -102.05
C UNK F 40 8.97 50.37 -103.10
N UNK F 41 9.39 50.20 -104.34
CA UNK F 41 8.47 49.65 -105.29
C UNK F 41 8.45 48.14 -105.12
N UNK F 42 7.38 47.52 -105.55
CA UNK F 42 7.32 46.06 -105.51
C UNK F 42 6.70 45.65 -106.83
N UNK F 43 7.52 45.34 -107.81
CA UNK F 43 7.03 45.06 -109.15
C UNK F 43 6.69 43.57 -109.25
N UNK F 44 5.43 43.27 -109.46
CA UNK F 44 5.06 41.88 -109.68
C UNK F 44 5.04 41.57 -111.18
N UNK F 45 5.26 40.28 -111.49
CA UNK F 45 5.24 39.60 -112.78
C UNK F 45 6.42 39.88 -113.71
N UNK F 46 7.19 40.95 -113.46
CA UNK F 46 8.65 41.08 -113.61
C UNK F 46 9.40 40.23 -114.63
N UNK F 47 8.96 40.15 -115.87
CA UNK F 47 9.58 39.18 -116.77
C UNK F 47 10.87 39.70 -117.38
N UNK F 48 10.80 40.85 -118.04
CA UNK F 48 12.01 41.51 -118.51
C UNK F 48 12.40 42.65 -117.59
N UNK F 49 11.49 43.10 -116.74
CA UNK F 49 11.78 44.21 -115.85
C UNK F 49 12.83 43.83 -114.83
N UNK F 50 12.62 42.70 -114.15
CA UNK F 50 13.57 42.27 -113.14
C UNK F 50 14.90 41.93 -113.75
N UNK F 51 14.89 41.39 -114.96
CA UNK F 51 16.13 41.00 -115.61
C UNK F 51 16.95 42.21 -115.98
N UNK F 52 16.33 43.18 -116.66
CA UNK F 52 17.09 44.35 -117.07
C UNK F 52 17.49 45.17 -115.85
N UNK F 53 16.67 45.20 -114.81
CA UNK F 53 17.04 45.95 -113.62
C UNK F 53 18.19 45.31 -112.88
N UNK F 54 18.21 43.98 -112.82
CA UNK F 54 19.29 43.32 -112.12
C UNK F 54 20.59 43.41 -112.90
N UNK F 55 20.52 43.35 -114.23
CA UNK F 55 21.74 43.48 -114.99
C UNK F 55 22.31 44.88 -114.87
N UNK F 56 21.44 45.89 -114.86
CA UNK F 56 21.92 47.24 -114.67
C UNK F 56 22.49 47.42 -113.28
N UNK F 57 21.88 46.81 -112.28
CA UNK F 57 22.37 47.00 -110.91
C UNK F 57 23.68 46.28 -110.70
N UNK F 58 23.85 45.12 -111.30
CA UNK F 58 25.07 44.37 -111.06
C UNK F 58 26.22 44.84 -111.92
N UNK F 59 25.96 45.51 -113.02
CA UNK F 59 27.04 46.16 -113.74
C UNK F 59 26.81 47.65 -113.73
N UNK F 60 26.39 48.18 -112.60
CA UNK F 60 26.07 49.58 -112.47
C UNK F 60 27.19 50.43 -111.91
N UNK F 61 28.25 49.84 -111.36
CA UNK F 61 29.30 50.63 -110.76
C UNK F 61 30.58 50.61 -111.57
N UNK F 62 31.13 49.44 -111.87
CA UNK F 62 32.40 49.42 -112.58
C UNK F 62 32.19 49.75 -114.04
N UNK F 63 31.13 49.22 -114.63
CA UNK F 63 30.87 49.50 -116.03
C UNK F 63 30.39 50.92 -116.26
N UNK F 64 30.08 51.64 -115.19
CA UNK F 64 29.89 53.08 -115.26
C UNK F 64 31.16 53.84 -115.01
N UNK F 65 31.98 53.35 -114.08
CA UNK F 65 33.20 54.03 -113.74
C UNK F 65 34.17 54.05 -114.90
N UNK F 66 34.15 53.02 -115.73
CA UNK F 66 35.06 53.08 -116.87
C UNK F 66 34.47 53.92 -117.99
N UNK F 67 33.40 53.45 -118.63
CA UNK F 67 33.12 53.91 -119.99
C UNK F 67 31.83 54.68 -120.16
N UNK F 68 30.68 54.05 -119.94
CA UNK F 68 29.40 54.43 -120.53
C UNK F 68 29.55 54.72 -122.03
N UNK F 69 29.86 53.66 -122.77
CA UNK F 69 30.08 53.75 -124.21
C UNK F 69 28.76 53.76 -124.96
N UNK F 70 28.84 54.06 -126.25
CA UNK F 70 27.72 53.90 -127.17
C UNK F 70 28.06 52.75 -128.13
N UNK F 71 27.16 51.79 -128.26
CA UNK F 71 27.52 50.50 -128.82
C UNK F 71 26.79 50.25 -130.13
N UNK F 72 27.51 50.37 -131.24
CA UNK F 72 27.00 49.87 -132.51
C UNK F 72 27.06 48.36 -132.54
N UNK F 73 26.19 47.74 -133.32
CA UNK F 73 26.14 46.28 -133.34
C UNK F 73 25.81 45.78 -134.73
N UNK F 74 26.56 44.77 -135.19
CA UNK F 74 26.26 44.12 -136.45
C UNK F 74 26.22 42.64 -136.12
N UNK F 75 25.07 42.16 -135.69
CA UNK F 75 24.99 40.80 -135.20
C UNK F 75 24.16 39.94 -136.14
N UNK F 76 24.67 38.75 -136.39
CA UNK F 76 23.96 37.73 -137.16
C UNK F 76 23.27 36.81 -136.18
N UNK F 77 22.12 36.31 -136.56
CA UNK F 77 21.11 35.98 -135.57
C UNK F 77 21.27 34.57 -135.03
N UNK F 78 22.50 34.07 -134.94
CA UNK F 78 22.71 32.65 -134.70
C UNK F 78 22.23 32.13 -133.35
N UNK F 79 22.86 32.54 -132.27
CA UNK F 79 22.72 31.83 -131.01
C UNK F 79 21.95 32.64 -129.99
N UNK F 80 22.44 33.83 -129.66
CA UNK F 80 21.83 34.66 -128.63
C UNK F 80 20.47 35.17 -129.03
N UNK F 81 20.17 35.18 -130.33
CA UNK F 81 18.99 35.83 -130.89
C UNK F 81 17.70 35.19 -130.46
N UNK F 82 17.72 34.02 -129.82
CA UNK F 82 16.66 33.72 -128.88
C UNK F 82 17.30 32.88 -127.77
N UNK F 83 17.88 33.57 -126.80
CA UNK F 83 18.69 32.83 -125.82
C UNK F 83 19.04 33.73 -124.65
N UNK F 84 19.95 33.22 -123.83
CA UNK F 84 20.31 33.76 -122.53
C UNK F 84 21.58 34.58 -122.63
N UNK F 85 21.68 35.57 -121.75
CA UNK F 85 22.87 36.39 -121.66
C UNK F 85 23.94 35.78 -120.81
N UNK F 86 23.75 34.54 -120.36
CA UNK F 86 24.78 33.69 -119.77
C UNK F 86 25.32 34.26 -118.47
N UNK F 87 24.50 34.91 -117.71
CA UNK F 87 24.85 35.19 -116.34
C UNK F 87 23.68 35.06 -115.39
N UNK F 88 22.51 34.67 -115.88
CA UNK F 88 21.33 34.66 -115.06
C UNK F 88 21.28 33.45 -114.16
N UNK F 89 21.74 32.30 -114.64
CA UNK F 89 21.48 31.03 -113.99
C UNK F 89 22.31 30.79 -112.74
N UNK F 90 23.07 31.77 -112.30
CA UNK F 90 23.73 31.61 -111.02
C UNK F 90 23.50 32.77 -110.08
N UNK F 91 23.12 33.94 -110.58
CA UNK F 91 22.76 35.05 -109.70
C UNK F 91 21.28 35.08 -109.39
N UNK F 92 20.42 34.95 -110.39
CA UNK F 92 19.01 34.70 -110.11
C UNK F 92 18.71 33.21 -110.05
N UNK F 93 19.59 32.50 -109.36
CA UNK F 93 19.22 31.39 -108.49
C UNK F 93 19.12 32.08 -107.15
N UNK F 94 17.92 32.57 -106.86
CA UNK F 94 17.72 33.73 -106.01
C UNK F 94 18.14 33.50 -104.58
N UNK F 95 18.82 34.49 -104.00
CA UNK F 95 19.20 34.46 -102.60
C UNK F 95 18.22 35.20 -101.72
N UNK F 96 17.77 36.37 -102.16
CA UNK F 96 16.56 37.05 -101.68
C UNK F 96 16.65 37.41 -100.21
N UNK F 97 17.63 38.23 -99.87
CA UNK F 97 17.92 38.48 -98.47
C UNK F 97 18.27 39.94 -98.30
N UNK F 98 17.32 40.72 -97.82
CA UNK F 98 17.57 42.12 -97.64
C UNK F 98 16.57 42.67 -96.65
N UNK F 99 16.56 43.99 -96.58
CA UNK F 99 15.62 44.87 -95.93
C UNK F 99 15.89 46.21 -96.58
N UNK F 100 15.48 47.30 -95.93
CA UNK F 100 15.90 48.63 -96.33
C UNK F 100 17.18 49.00 -95.60
N UNK F 101 18.28 48.44 -96.08
CA UNK F 101 19.58 48.58 -95.40
C UNK F 101 20.40 49.72 -95.97
N UNK F 102 19.80 50.90 -96.10
CA UNK F 102 20.56 52.08 -96.47
C UNK F 102 19.96 53.33 -95.85
N UNK F 103 19.45 53.23 -94.62
CA UNK F 103 18.66 54.29 -94.00
C UNK F 103 19.44 55.60 -93.90
N UNK F 104 18.76 56.71 -94.20
CA UNK F 104 19.47 57.89 -94.70
C UNK F 104 19.27 59.16 -93.90
N UNK F 105 19.42 59.08 -92.58
CA UNK F 105 19.61 60.24 -91.69
C UNK F 105 18.52 61.29 -91.71
N UNK F 106 39.74 -42.57 -185.18
CA UNK F 106 39.21 -41.86 -184.01
C UNK F 106 39.69 -40.41 -184.02
N UNK F 107 40.77 -40.16 -184.76
CA UNK F 107 41.41 -38.85 -184.74
C UNK F 107 42.11 -38.64 -186.08
N UNK F 108 42.02 -37.45 -186.64
CA UNK F 108 41.24 -36.33 -186.12
C UNK F 108 39.78 -36.46 -186.54
N UNK F 109 39.55 -36.50 -187.85
CA UNK F 109 38.21 -36.47 -188.46
C UNK F 109 37.38 -35.34 -187.87
N UNK F 110 37.94 -34.13 -188.04
CA UNK F 110 37.42 -32.86 -187.50
C UNK F 110 37.27 -32.90 -185.99
N UNK F 111 38.09 -33.67 -185.30
CA UNK F 111 37.91 -33.82 -183.87
C UNK F 111 39.28 -34.04 -183.25
N UNK F 112 39.89 -32.95 -182.80
CA UNK F 112 41.22 -32.99 -182.20
C UNK F 112 41.45 -31.70 -181.45
N UNK F 113 42.52 -31.69 -180.65
CA UNK F 113 43.06 -30.53 -179.95
C UNK F 113 42.05 -29.83 -179.04
N UNK F 114 7.27 -2.30 -172.94
CA UNK F 114 8.34 -2.59 -173.89
C UNK F 114 9.34 -1.45 -173.91
N UNK F 115 8.87 -0.25 -173.58
CA UNK F 115 9.72 0.93 -173.59
C UNK F 115 10.40 1.17 -172.24
N UNK F 116 10.14 0.35 -171.24
CA UNK F 116 10.47 0.74 -169.87
C UNK F 116 11.92 0.45 -169.53
N UNK F 117 12.51 1.39 -168.78
CA UNK F 117 13.78 1.09 -168.13
C UNK F 117 13.61 0.04 -167.06
N UNK F 118 12.41 -0.10 -166.48
CA UNK F 118 12.14 -1.22 -165.60
C UNK F 118 12.20 -2.53 -166.38
N UNK F 119 11.65 -2.53 -167.58
CA UNK F 119 11.76 -3.70 -168.45
C UNK F 119 13.20 -3.93 -168.87
N UNK F 120 13.96 -2.86 -169.00
CA UNK F 120 15.38 -2.98 -169.29
C UNK F 120 16.11 -3.65 -168.14
N UNK F 121 16.05 -3.05 -166.94
CA UNK F 121 16.79 -3.53 -165.78
C UNK F 121 16.32 -4.88 -165.30
N UNK F 122 15.17 -5.35 -165.78
CA UNK F 122 14.88 -6.79 -165.77
C UNK F 122 15.61 -7.48 -166.92
N UNK F 123 16.94 -7.50 -166.85
CA UNK F 123 17.72 -8.25 -167.83
C UNK F 123 18.74 -9.25 -167.29
N UNK F 124 19.61 -8.94 -166.30
CA UNK F 124 19.77 -7.77 -165.42
C UNK F 124 21.22 -7.26 -165.20
N UNK F 125 21.96 -6.94 -166.26
CA UNK F 125 23.34 -6.46 -166.10
C UNK F 125 23.36 -4.97 -165.70
N UNK F 126 24.55 -4.35 -165.72
CA UNK F 126 24.76 -2.98 -165.24
C UNK F 126 25.33 -2.03 -166.27
N UNK F 127 25.89 -2.53 -167.37
CA UNK F 127 25.96 -1.66 -168.53
C UNK F 127 24.57 -1.31 -169.06
N UNK F 128 23.55 -2.08 -168.70
CA UNK F 128 22.19 -1.59 -168.83
C UNK F 128 21.93 -0.37 -167.95
N UNK F 129 22.66 -0.20 -166.83
CA UNK F 129 22.56 1.08 -166.13
C UNK F 129 23.37 2.14 -166.82
N UNK F 130 24.37 1.73 -167.58
CA UNK F 130 24.93 2.69 -168.53
C UNK F 130 24.05 2.89 -169.76
N UNK F 131 23.01 2.07 -169.93
CA UNK F 131 22.14 2.16 -171.09
C UNK F 131 20.72 2.57 -170.73
N UNK F 132 20.45 2.87 -169.47
CA UNK F 132 19.12 3.29 -169.07
C UNK F 132 18.79 4.68 -169.56
N UNK F 133 19.76 5.43 -170.07
CA UNK F 133 19.49 6.69 -170.74
C UNK F 133 18.77 6.51 -172.07
N UNK F 134 18.65 5.28 -172.57
CA UNK F 134 17.75 5.02 -173.68
C UNK F 134 16.31 5.35 -173.31
N UNK F 135 15.92 5.07 -172.06
CA UNK F 135 14.55 5.25 -171.61
C UNK F 135 14.37 6.49 -170.76
N UNK F 136 15.06 7.57 -171.11
CA UNK F 136 14.84 8.85 -170.45
C UNK F 136 14.85 9.97 -171.48
N UNK F 137 19.78 -10.70 -191.29
CA UNK F 137 21.12 -10.22 -191.53
C UNK F 137 21.67 -9.48 -190.31
N UNK F 138 21.98 -10.23 -189.26
CA UNK F 138 22.43 -9.62 -188.02
C UNK F 138 23.91 -9.25 -188.11
N UNK F 139 24.32 -8.39 -187.17
CA UNK F 139 25.74 -8.24 -186.90
C UNK F 139 26.32 -9.56 -186.40
N UNK F 140 25.56 -10.26 -185.57
CA UNK F 140 25.93 -11.59 -185.14
C UNK F 140 25.84 -12.62 -186.25
N UNK F 141 25.14 -12.32 -187.35
CA UNK F 141 25.15 -13.24 -188.48
C UNK F 141 26.51 -13.28 -189.15
N UNK F 142 27.25 -12.17 -189.07
CA UNK F 142 28.65 -12.20 -189.49
C UNK F 142 29.44 -13.19 -188.68
N UNK F 143 29.16 -13.27 -187.37
CA UNK F 143 29.77 -14.31 -186.55
C UNK F 143 29.21 -15.68 -186.90
N UNK F 144 27.91 -15.75 -187.20
CA UNK F 144 27.26 -17.03 -187.46
C UNK F 144 27.72 -17.64 -188.77
N UNK F 145 28.32 -16.84 -189.65
CA UNK F 145 29.07 -17.39 -190.76
C UNK F 145 30.56 -17.46 -190.48
N UNK F 146 31.07 -16.58 -189.62
CA UNK F 146 32.51 -16.46 -189.43
C UNK F 146 33.05 -17.58 -188.57
N UNK F 147 32.44 -17.81 -187.41
CA UNK F 147 32.77 -18.97 -186.60
C UNK F 147 32.40 -20.26 -187.30
N UNK F 148 31.40 -20.23 -188.18
CA UNK F 148 31.11 -21.38 -189.02
C UNK F 148 32.25 -21.70 -189.95
N UNK F 149 32.83 -20.67 -190.58
CA UNK F 149 33.99 -20.89 -191.41
C UNK F 149 35.22 -21.26 -190.58
N UNK F 150 35.27 -20.80 -189.35
CA UNK F 150 36.42 -21.06 -188.50
C UNK F 150 36.36 -22.40 -187.79
N UNK F 151 35.18 -23.01 -187.70
CA UNK F 151 35.06 -24.29 -187.01
C UNK F 151 34.66 -25.43 -187.93
N UNK F 152 33.80 -25.18 -188.93
CA UNK F 152 33.40 -26.20 -189.88
C UNK F 152 34.32 -26.26 -191.09
N UNK F 153 35.57 -25.83 -190.93
CA UNK F 153 36.58 -25.97 -191.96
C UNK F 153 37.41 -27.23 -191.82
N UNK F 154 37.44 -27.83 -190.65
CA UNK F 154 38.12 -29.10 -190.49
C UNK F 154 37.42 -30.20 -191.28
N UNK F 155 36.11 -30.08 -191.45
CA UNK F 155 35.37 -30.95 -192.36
C UNK F 155 34.21 -30.18 -192.94
N UNK F 156 12.57 -47.76 -162.21
CA UNK F 156 12.97 -46.75 -161.22
C UNK F 156 12.73 -45.35 -161.75
N UNK F 157 12.41 -45.24 -163.02
CA UNK F 157 12.02 -43.93 -163.50
C UNK F 157 10.71 -43.92 -164.27
N UNK F 158 10.43 -44.95 -165.07
CA UNK F 158 9.31 -44.81 -166.01
C UNK F 158 7.97 -45.18 -165.41
N UNK F 159 7.78 -46.48 -165.16
CA UNK F 159 6.48 -47.09 -164.81
C UNK F 159 5.34 -46.63 -165.71
N UNK F 160 5.62 -46.30 -166.97
CA UNK F 160 4.67 -45.57 -167.78
C UNK F 160 3.80 -46.53 -168.57
N UNK F 161 2.50 -46.29 -168.51
CA UNK F 161 1.52 -47.09 -169.23
C UNK F 161 1.02 -46.32 -170.43
N UNK F 162 0.37 -47.03 -171.33
CA UNK F 162 -0.05 -46.47 -172.59
C UNK F 162 -1.54 -46.64 -172.78
N UNK F 163 -2.03 -46.11 -173.89
CA UNK F 163 -3.40 -46.33 -174.34
C UNK F 163 -3.41 -46.08 -175.84
N UNK F 164 -4.49 -46.51 -176.49
CA UNK F 164 -4.62 -46.34 -177.93
C UNK F 164 -5.74 -45.36 -178.27
N UNK F 165 -6.98 -45.66 -177.85
CA UNK F 165 -8.16 -44.78 -177.92
C UNK F 165 -8.44 -44.30 -179.35
N UNK F 166 -8.75 -45.25 -180.22
CA UNK F 166 -9.01 -44.96 -181.61
C UNK F 166 -10.52 -44.88 -181.87
N UNK F 167 -10.85 -44.27 -183.02
CA UNK F 167 -12.21 -44.22 -183.60
C UNK F 167 -13.24 -43.56 -182.67
N UNK F 168 -13.15 -42.23 -182.49
CA UNK F 168 -12.23 -41.30 -183.15
C UNK F 168 -11.66 -40.21 -182.23
N UNK F 169 -12.27 -40.04 -181.05
CA UNK F 169 -11.99 -38.88 -180.19
C UNK F 169 -11.35 -39.32 -178.89
N UNK F 170 -10.47 -38.48 -178.36
CA UNK F 170 -9.55 -38.83 -177.29
C UNK F 170 -10.25 -38.81 -175.93
N UNK F 171 -9.50 -39.23 -174.91
CA UNK F 171 -9.94 -39.13 -173.52
C UNK F 171 -9.07 -38.18 -172.72
N UNK F 172 -7.78 -38.47 -172.62
CA UNK F 172 -6.91 -37.79 -171.65
C UNK F 172 -5.46 -38.09 -172.02
N UNK F 173 -4.56 -37.35 -171.37
CA UNK F 173 -3.13 -37.57 -171.56
C UNK F 173 -2.39 -37.45 -170.23
N UNK F 174 -2.92 -38.05 -169.18
CA UNK F 174 -2.56 -37.62 -167.85
C UNK F 174 -1.23 -38.22 -167.41
N UNK F 175 -0.68 -37.68 -166.33
CA UNK F 175 0.63 -38.15 -165.87
C UNK F 175 0.71 -37.98 -164.36
N UNK F 176 0.91 -39.08 -163.66
CA UNK F 176 1.06 -39.05 -162.22
C UNK F 176 2.53 -38.89 -161.90
N UNK F 177 2.92 -37.75 -161.35
CA UNK F 177 4.32 -37.44 -161.11
C UNK F 177 4.53 -37.43 -159.61
N UNK F 178 5.25 -38.43 -159.10
CA UNK F 178 5.52 -38.50 -157.68
C UNK F 178 6.78 -37.73 -157.39
N UNK F 179 6.73 -36.88 -156.37
CA UNK F 179 7.92 -36.17 -155.91
C UNK F 179 8.60 -37.04 -154.86
N UNK F 180 9.49 -36.45 -154.06
CA UNK F 180 10.35 -37.20 -153.16
C UNK F 180 9.57 -37.89 -152.05
N UNK F 181 10.31 -38.61 -151.21
CA UNK F 181 9.73 -39.53 -150.25
C UNK F 181 9.80 -38.95 -148.85
N UNK F 182 8.80 -39.25 -147.99
CA UNK F 182 7.51 -39.91 -148.26
C UNK F 182 6.49 -39.31 -147.31
N UNK F 183 5.33 -39.98 -147.20
CA UNK F 183 4.33 -39.80 -146.15
C UNK F 183 3.79 -38.37 -146.13
N UNK F 184 3.12 -38.02 -147.23
CA UNK F 184 2.58 -36.68 -147.38
C UNK F 184 1.40 -36.77 -148.34
N UNK F 185 0.96 -35.61 -148.85
CA UNK F 185 -0.34 -35.50 -149.51
C UNK F 185 -0.22 -35.70 -151.01
N UNK F 186 -1.31 -35.40 -151.70
CA UNK F 186 -1.36 -35.40 -153.14
C UNK F 186 -1.97 -34.10 -153.60
N UNK F 187 -1.69 -33.74 -154.85
CA UNK F 187 -2.27 -32.57 -155.46
C UNK F 187 -2.47 -32.83 -156.94
N UNK F 188 -3.68 -32.66 -157.43
CA UNK F 188 -4.05 -33.00 -158.80
C UNK F 188 -4.12 -31.70 -159.60
N UNK F 189 -2.98 -31.27 -160.13
CA UNK F 189 -2.95 -30.09 -160.96
C UNK F 189 -3.61 -30.40 -162.29
N UNK F 190 -4.79 -29.87 -162.50
CA UNK F 190 -5.43 -29.96 -163.81
C UNK F 190 -4.87 -28.80 -164.62
N UNK F 191 -3.85 -29.09 -165.42
CA UNK F 191 -3.28 -28.05 -166.27
C UNK F 191 -4.26 -27.68 -167.36
N UNK F 192 -4.48 -26.38 -167.56
CA UNK F 192 -5.19 -25.94 -168.73
C UNK F 192 -4.38 -26.31 -169.96
N UNK F 193 -3.24 -25.65 -170.14
CA UNK F 193 -2.14 -26.22 -170.89
C UNK F 193 -0.80 -25.75 -170.34
N UNK F 194 -0.79 -25.22 -169.12
CA UNK F 194 0.00 -24.04 -168.74
C UNK F 194 1.51 -24.11 -168.97
N UNK F 195 2.22 -24.94 -168.19
CA UNK F 195 3.70 -25.00 -168.14
C UNK F 195 4.33 -23.62 -167.93
N UNK F 196 3.70 -22.80 -167.09
CA UNK F 196 4.30 -21.54 -166.67
C UNK F 196 4.47 -21.46 -165.16
N UNK F 197 3.43 -21.75 -164.40
CA UNK F 197 3.52 -21.96 -162.98
C UNK F 197 3.73 -23.41 -162.62
N UNK F 198 4.27 -24.19 -163.57
CA UNK F 198 4.52 -25.59 -163.32
C UNK F 198 5.56 -25.75 -162.23
N UNK F 199 6.64 -24.98 -162.31
CA UNK F 199 7.62 -25.00 -161.25
C UNK F 199 7.06 -24.43 -159.96
N UNK F 200 6.07 -23.55 -160.07
CA UNK F 200 5.46 -22.98 -158.88
C UNK F 200 4.66 -24.03 -158.13
N UNK F 201 3.82 -24.77 -158.85
CA UNK F 201 3.09 -25.84 -158.18
C UNK F 201 4.01 -26.99 -157.80
N UNK F 202 5.14 -27.17 -158.48
CA UNK F 202 6.09 -28.19 -158.03
C UNK F 202 6.72 -27.80 -156.71
N UNK F 203 7.08 -26.53 -156.55
CA UNK F 203 7.57 -26.09 -155.26
C UNK F 203 6.45 -26.04 -154.24
N UNK F 204 5.20 -25.99 -154.67
CA UNK F 204 4.10 -26.11 -153.73
C UNK F 204 3.97 -27.54 -153.25
N UNK F 205 4.05 -28.50 -154.16
CA UNK F 205 3.96 -29.90 -153.78
C UNK F 205 5.25 -30.43 -153.21
N UNK F 206 6.28 -29.60 -153.12
CA UNK F 206 7.46 -29.96 -152.33
C UNK F 206 7.12 -30.20 -150.88
N UNK F 207 6.07 -29.55 -150.38
CA UNK F 207 5.55 -29.94 -149.08
C UNK F 207 4.73 -31.22 -149.14
N UNK F 208 4.27 -31.59 -150.31
CA UNK F 208 3.41 -32.76 -150.50
C UNK F 208 4.24 -33.99 -150.88
N UNK F 209 3.59 -35.04 -151.38
CA UNK F 209 4.23 -36.25 -151.89
C UNK F 209 3.97 -36.52 -153.36
N UNK F 210 2.73 -36.45 -153.82
CA UNK F 210 2.39 -36.94 -155.15
C UNK F 210 1.56 -35.94 -155.92
N UNK F 211 2.08 -35.43 -157.02
CA UNK F 211 1.30 -34.58 -157.89
C UNK F 211 0.74 -35.41 -159.03
N UNK F 212 -0.27 -34.86 -159.69
CA UNK F 212 -0.85 -35.52 -160.85
C UNK F 212 -1.28 -34.45 -161.84
N UNK F 213 -0.70 -34.47 -163.03
CA UNK F 213 -1.01 -33.49 -164.04
C UNK F 213 -2.07 -34.05 -164.99
N UNK F 214 -3.09 -33.24 -165.27
CA UNK F 214 -4.15 -33.64 -166.18
C UNK F 214 -3.82 -33.17 -167.59
N UNK F 215 -3.42 -34.12 -168.43
CA UNK F 215 -3.22 -34.10 -169.89
C UNK F 215 -2.00 -33.32 -170.36
N UNK F 216 -1.59 -32.32 -169.59
CA UNK F 216 -0.22 -31.86 -169.40
C UNK F 216 0.58 -31.37 -170.60
N UNK F 217 0.36 -31.95 -171.79
CA UNK F 217 0.57 -31.42 -173.13
C UNK F 217 1.92 -30.80 -173.48
N UNK F 218 2.62 -30.23 -172.51
CA UNK F 218 3.98 -29.77 -172.68
C UNK F 218 4.72 -29.94 -171.35
N UNK F 219 3.94 -29.93 -170.28
CA UNK F 219 4.53 -29.93 -168.95
C UNK F 219 5.12 -31.29 -168.63
N UNK F 220 4.37 -32.35 -168.87
CA UNK F 220 4.91 -33.69 -168.71
C UNK F 220 5.96 -33.98 -169.76
N UNK F 221 5.88 -33.33 -170.92
CA UNK F 221 6.91 -33.48 -171.94
C UNK F 221 8.26 -32.99 -171.45
N UNK F 222 8.31 -31.74 -170.97
CA UNK F 222 9.54 -31.19 -170.43
C UNK F 222 9.96 -31.89 -169.15
N UNK F 223 8.99 -32.32 -168.34
CA UNK F 223 9.30 -33.04 -167.11
C UNK F 223 9.94 -34.37 -167.41
N UNK F 224 9.40 -35.09 -168.39
CA UNK F 224 9.98 -36.36 -168.80
C UNK F 224 11.32 -36.15 -169.45
N UNK F 225 11.48 -35.04 -170.17
CA UNK F 225 12.76 -34.71 -170.78
C UNK F 225 13.84 -34.53 -169.74
N UNK F 226 13.50 -33.85 -168.64
CA UNK F 226 14.47 -33.74 -167.56
C UNK F 226 14.69 -35.08 -166.89
N UNK F 227 13.60 -35.79 -166.60
CA UNK F 227 13.69 -36.98 -165.77
C UNK F 227 14.41 -38.11 -166.47
N UNK F 228 14.39 -38.14 -167.80
CA UNK F 228 15.06 -39.21 -168.51
C UNK F 228 16.56 -38.98 -168.54
N UNK F 229 16.98 -37.88 -169.13
CA UNK F 229 18.40 -37.68 -169.33
C UNK F 229 19.10 -37.08 -168.11
N UNK F 230 18.39 -36.89 -167.00
CA UNK F 230 18.96 -36.28 -165.81
C UNK F 230 20.15 -37.04 -165.24
N UNK F 231 19.96 -38.26 -164.77
CA UNK F 231 21.09 -39.02 -164.25
C UNK F 231 22.03 -39.47 -165.35
N UNK F 232 21.55 -39.53 -166.59
CA UNK F 232 22.39 -39.88 -167.72
C UNK F 232 23.47 -38.85 -167.96
N UNK F 233 23.05 -37.64 -168.32
CA UNK F 233 24.00 -36.58 -168.59
C UNK F 233 24.55 -35.96 -167.32
N UNK F 234 23.99 -36.32 -166.15
CA UNK F 234 24.42 -35.71 -164.90
C UNK F 234 25.86 -36.07 -164.55
N UNK F 235 26.34 -37.21 -165.02
CA UNK F 235 27.74 -37.57 -164.89
C UNK F 235 28.64 -36.80 -165.84
N UNK F 236 28.10 -35.89 -166.64
CA UNK F 236 28.90 -34.97 -167.44
C UNK F 236 28.85 -33.54 -166.89
N UNK F 237 27.64 -33.03 -166.61
CA UNK F 237 27.38 -31.72 -165.99
C UNK F 237 27.97 -30.59 -166.84
N UNK F 238 27.38 -30.40 -168.02
CA UNK F 238 27.92 -29.48 -169.01
C UNK F 238 26.97 -28.32 -169.27
N UNK F 239 27.51 -27.29 -169.93
CA UNK F 239 26.77 -26.09 -170.36
C UNK F 239 27.11 -25.79 -171.81
N UNK F 240 26.35 -24.88 -172.42
CA UNK F 240 26.46 -24.75 -173.86
C UNK F 240 26.17 -23.31 -174.29
N UNK F 241 26.13 -23.12 -175.61
CA UNK F 241 25.85 -21.81 -176.21
C UNK F 241 25.39 -22.08 -177.64
N UNK F 242 24.12 -21.81 -177.92
CA UNK F 242 23.48 -22.25 -179.16
C UNK F 242 23.17 -21.05 -180.03
N UNK F 243 23.85 -20.96 -181.18
CA UNK F 243 23.57 -19.93 -182.17
C UNK F 243 23.23 -20.66 -183.46
N UNK F 244 21.97 -21.08 -183.59
CA UNK F 244 21.58 -22.04 -184.61
C UNK F 244 21.00 -21.31 -185.81
N UNK F 245 21.48 -21.67 -187.00
CA UNK F 245 21.06 -21.05 -188.26
C UNK F 245 19.68 -21.57 -188.62
N UNK F 246 18.66 -21.02 -187.96
CA UNK F 246 17.33 -21.61 -188.00
C UNK F 246 16.68 -21.40 -189.35
N UNK F 247 17.00 -22.31 -190.28
CA UNK F 247 16.50 -22.27 -191.63
C UNK F 247 15.47 -23.35 -191.94
N UNK F 248 15.41 -24.41 -191.15
CA UNK F 248 14.38 -25.43 -191.26
C UNK F 248 13.26 -25.17 -190.28
N UNK F 249 12.89 -23.91 -190.12
CA UNK F 249 12.09 -23.44 -188.98
C UNK F 249 10.68 -23.99 -189.09
N UNK F 250 10.46 -25.08 -188.38
CA UNK F 250 9.19 -25.78 -188.29
C UNK F 250 9.16 -26.38 -186.90
N UNK F 251 8.33 -27.40 -186.69
CA UNK F 251 8.27 -28.06 -185.40
C UNK F 251 9.60 -28.74 -185.09
N UNK F 252 10.08 -28.52 -183.88
CA UNK F 252 11.26 -29.21 -183.40
C UNK F 252 10.83 -30.53 -182.77
N UNK F 253 11.73 -31.19 -182.04
CA UNK F 253 11.49 -32.55 -181.59
C UNK F 253 11.62 -32.65 -180.09
N UNK F 254 11.44 -33.87 -179.60
CA UNK F 254 11.32 -34.17 -178.18
C UNK F 254 11.86 -35.58 -177.96
N UNK F 255 11.49 -36.19 -176.83
CA UNK F 255 11.93 -37.54 -176.48
C UNK F 255 10.74 -38.39 -176.04
N UNK F 256 9.66 -38.36 -176.82
CA UNK F 256 8.49 -39.18 -176.53
C UNK F 256 8.78 -40.65 -176.80
N UNK F 257 22.10 -25.48 -191.51
CA UNK F 257 22.81 -25.98 -190.34
C UNK F 257 22.16 -25.46 -189.08
N UNK F 258 22.57 -25.96 -187.92
CA UNK F 258 22.13 -25.41 -186.65
C UNK F 258 23.32 -25.45 -185.69
N UNK F 259 24.03 -24.33 -185.57
CA UNK F 259 25.29 -24.31 -184.84
C UNK F 259 25.04 -24.15 -183.35
N UNK F 260 25.69 -25.00 -182.57
CA UNK F 260 25.72 -24.86 -181.12
C UNK F 260 27.07 -25.33 -180.64
N UNK F 261 27.76 -24.46 -179.90
CA UNK F 261 29.03 -24.79 -179.31
C UNK F 261 28.81 -25.03 -177.83
N UNK F 262 29.08 -26.24 -177.38
CA UNK F 262 28.95 -26.57 -175.98
C UNK F 262 30.31 -26.46 -175.30
N UNK F 263 30.33 -25.87 -174.12
CA UNK F 263 31.57 -25.63 -173.42
C UNK F 263 31.30 -25.90 -171.95
N UNK F 264 31.91 -26.95 -171.40
CA UNK F 264 31.76 -27.22 -169.98
C UNK F 264 32.55 -26.16 -169.23
N UNK F 265 31.91 -25.05 -168.91
CA UNK F 265 32.60 -23.80 -168.59
C UNK F 265 33.27 -23.86 -167.23
N UNK F 266 34.31 -24.65 -167.14
CA UNK F 266 35.00 -24.84 -165.88
C UNK F 266 36.49 -24.59 -165.97
N UNK F 267 37.14 -24.99 -167.05
CA UNK F 267 38.60 -25.03 -167.05
C UNK F 267 39.12 -25.02 -168.49
N UNK F 268 40.38 -25.45 -168.65
CA UNK F 268 41.11 -25.54 -169.90
C UNK F 268 41.49 -27.00 -170.16
N UNK F 269 41.68 -27.42 -171.42
CA UNK F 269 41.51 -26.67 -172.67
C UNK F 269 40.94 -27.43 -173.88
N UNK F 270 40.60 -28.71 -173.75
CA UNK F 270 40.44 -29.55 -174.93
C UNK F 270 39.17 -29.22 -175.71
N UNK F 271 39.23 -29.38 -177.03
CA UNK F 271 38.14 -29.01 -177.94
C UNK F 271 37.90 -30.10 -178.98
N UNK F 272 36.68 -30.15 -179.50
CA UNK F 272 36.30 -31.11 -180.53
C UNK F 272 35.20 -30.53 -181.40
N UNK F 273 34.81 -31.29 -182.43
CA UNK F 273 33.76 -30.85 -183.35
C UNK F 273 33.15 -32.04 -184.06
N UNK F 274 31.86 -31.91 -184.41
CA UNK F 274 31.14 -32.93 -185.17
C UNK F 274 29.88 -32.32 -185.77
N UNK F 275 29.15 -33.14 -186.56
CA UNK F 275 27.81 -32.92 -187.10
C UNK F 275 27.35 -34.18 -187.84
N UNK F 276 26.05 -34.52 -187.91
CA UNK F 276 24.90 -33.97 -187.19
C UNK F 276 23.83 -35.06 -186.96
N UNK F 277 23.89 -35.80 -185.85
CA UNK F 277 22.97 -36.93 -185.78
C UNK F 277 22.47 -37.33 -184.39
N UNK F 278 22.57 -36.46 -183.37
CA UNK F 278 22.03 -36.68 -182.02
C UNK F 278 22.62 -37.86 -181.24
N UNK F 279 23.56 -38.61 -181.83
CA UNK F 279 24.21 -39.69 -181.13
C UNK F 279 25.38 -39.21 -180.31
N UNK F 280 25.65 -37.90 -180.34
CA UNK F 280 26.85 -37.34 -179.78
C UNK F 280 26.78 -37.14 -178.30
N UNK F 281 25.87 -37.80 -177.59
CA UNK F 281 26.02 -37.83 -176.15
C UNK F 281 27.25 -38.63 -175.74
N UNK F 282 27.64 -39.63 -176.54
CA UNK F 282 28.87 -40.34 -176.29
C UNK F 282 30.08 -39.44 -176.54
N UNK F 283 30.07 -38.70 -177.65
CA UNK F 283 31.12 -37.73 -177.90
C UNK F 283 31.13 -36.64 -176.84
N UNK F 284 29.96 -36.30 -176.32
CA UNK F 284 29.87 -35.34 -175.22
C UNK F 284 30.44 -35.92 -173.94
N UNK F 285 30.32 -37.22 -173.74
CA UNK F 285 30.97 -37.85 -172.61
C UNK F 285 32.47 -37.81 -172.77
N UNK F 286 32.95 -38.00 -174.01
CA UNK F 286 34.37 -37.88 -174.28
C UNK F 286 34.86 -36.46 -174.02
N UNK F 287 34.07 -35.47 -174.44
CA UNK F 287 34.46 -34.08 -174.23
C UNK F 287 34.39 -33.69 -172.77
N UNK F 288 33.42 -34.26 -172.03
CA UNK F 288 33.32 -33.97 -170.62
C UNK F 288 34.44 -34.64 -169.85
N UNK F 289 34.97 -35.73 -170.37
CA UNK F 289 36.25 -36.20 -169.88
C UNK F 289 37.36 -35.25 -170.29
N UNK F 290 37.21 -34.61 -171.46
CA UNK F 290 38.34 -33.95 -172.08
C UNK F 290 38.62 -32.56 -171.53
N UNK F 291 37.58 -31.81 -171.11
CA UNK F 291 37.71 -30.44 -170.59
C UNK F 291 38.34 -29.48 -171.60
N UNK F 292 37.55 -28.88 -172.51
CA UNK F 292 36.16 -28.58 -172.20
C UNK F 292 35.05 -28.60 -173.26
N UNK F 293 35.35 -28.61 -174.55
CA UNK F 293 34.37 -28.08 -175.49
C UNK F 293 34.15 -28.99 -176.68
N UNK F 294 32.96 -28.85 -177.25
CA UNK F 294 32.59 -29.58 -178.45
C UNK F 294 31.67 -28.69 -179.29
N UNK F 295 31.99 -28.55 -180.56
CA UNK F 295 31.12 -27.81 -181.45
C UNK F 295 30.27 -28.77 -182.27
N UNK F 296 29.06 -28.34 -182.59
CA UNK F 296 28.23 -29.16 -183.45
C UNK F 296 27.35 -28.25 -184.29
N UNK F 297 26.93 -28.75 -185.44
CA UNK F 297 25.96 -28.06 -186.29
C UNK F 297 24.89 -29.09 -186.62
N UNK F 298 23.96 -29.25 -185.69
CA UNK F 298 22.94 -30.27 -185.78
C UNK F 298 21.69 -29.72 -186.47
N UNK F 299 20.64 -30.54 -186.49
CA UNK F 299 19.35 -30.17 -187.08
C UNK F 299 18.24 -30.20 -186.06
N UNK F 300 18.13 -31.26 -185.26
CA UNK F 300 17.15 -31.31 -184.19
C UNK F 300 17.73 -31.98 -182.95
N UNK F 301 19.02 -31.81 -182.71
CA UNK F 301 19.72 -32.48 -181.63
C UNK F 301 20.20 -31.54 -180.55
N UNK F 302 20.80 -30.41 -180.96
CA UNK F 302 21.35 -29.46 -180.02
C UNK F 302 20.27 -28.81 -179.17
N UNK F 303 19.08 -28.67 -179.72
CA UNK F 303 17.94 -28.19 -178.94
C UNK F 303 17.63 -29.16 -177.80
N UNK F 304 17.72 -30.46 -178.05
CA UNK F 304 17.45 -31.42 -176.99
C UNK F 304 18.56 -31.40 -175.95
N UNK F 305 19.81 -31.22 -176.41
CA UNK F 305 20.91 -31.12 -175.46
C UNK F 305 20.80 -29.88 -174.60
N UNK F 306 20.33 -28.76 -175.19
CA UNK F 306 20.15 -27.54 -174.41
C UNK F 306 18.96 -27.63 -173.46
N UNK F 307 17.93 -28.37 -173.86
CA UNK F 307 16.82 -28.66 -172.97
C UNK F 307 17.28 -29.49 -171.79
N UNK F 308 18.25 -30.37 -172.01
CA UNK F 308 18.83 -31.09 -170.89
C UNK F 308 19.66 -30.17 -170.01
N UNK F 309 20.42 -29.27 -170.64
CA UNK F 309 21.43 -28.54 -169.89
C UNK F 309 20.88 -27.35 -169.14
N UNK F 310 19.86 -26.68 -169.67
CA UNK F 310 19.29 -25.53 -168.99
C UNK F 310 18.20 -25.92 -168.01
N UNK F 311 18.19 -27.17 -167.56
CA UNK F 311 17.20 -27.58 -166.57
C UNK F 311 17.59 -27.10 -165.19
N UNK F 312 18.70 -27.66 -164.66
CA UNK F 312 19.22 -27.41 -163.31
C UNK F 312 18.11 -27.51 -162.25
N UNK F 313 17.22 -28.48 -162.43
CA UNK F 313 16.03 -28.61 -161.59
C UNK F 313 16.36 -29.43 -160.35
N UNK F 314 17.29 -28.88 -159.58
CA UNK F 314 17.56 -29.38 -158.24
C UNK F 314 16.66 -28.72 -157.20
N UNK F 315 15.47 -28.28 -157.62
CA UNK F 315 14.42 -27.95 -156.67
C UNK F 315 14.16 -29.21 -155.89
N UNK F 316 13.59 -30.25 -156.51
CA UNK F 316 13.92 -31.57 -155.98
C UNK F 316 14.33 -32.61 -157.01
N UNK F 317 13.35 -33.10 -157.75
CA UNK F 317 13.43 -34.35 -158.51
C UNK F 317 12.09 -34.65 -159.18
N UNK F 318 11.99 -35.80 -159.86
CA UNK F 318 10.71 -36.41 -160.20
C UNK F 318 10.93 -37.89 -160.48
N UNK F 319 10.02 -38.72 -160.03
CA UNK F 319 9.98 -40.14 -160.40
C UNK F 319 8.63 -40.38 -161.05
N UNK F 320 8.55 -40.10 -162.35
CA UNK F 320 7.28 -39.88 -163.00
C UNK F 320 6.57 -41.20 -163.30
N UNK F 321 5.35 -41.08 -163.82
CA UNK F 321 4.65 -42.15 -164.51
C UNK F 321 3.57 -41.50 -165.36
N UNK F 322 3.25 -42.13 -166.48
CA UNK F 322 2.38 -41.49 -167.46
C UNK F 322 1.27 -42.42 -167.89
N UNK F 323 0.26 -41.83 -168.54
CA UNK F 323 -0.69 -42.56 -169.38
C UNK F 323 -1.23 -41.53 -170.36
N UNK F 324 -0.69 -41.51 -171.57
CA UNK F 324 -0.79 -40.30 -172.38
C UNK F 324 -1.60 -40.47 -173.66
N UNK F 325 -1.19 -41.34 -174.57
CA UNK F 325 -1.87 -41.63 -175.83
C UNK F 325 -2.14 -40.46 -176.79
N UNK F 326 -1.52 -39.29 -176.61
CA UNK F 326 -1.85 -38.16 -177.49
C UNK F 326 -0.83 -37.04 -177.49
N UNK F 327 -0.66 -36.43 -178.69
CA UNK F 327 -0.57 -34.98 -178.88
C UNK F 327 0.61 -34.33 -178.15
N UNK F 328 1.82 -34.54 -178.67
CA UNK F 328 2.97 -33.79 -178.19
C UNK F 328 4.00 -33.60 -179.30
N UNK F 329 4.05 -32.40 -179.90
CA UNK F 329 5.21 -32.03 -180.73
C UNK F 329 5.91 -30.76 -180.27
N UNK F 330 5.30 -29.58 -180.44
CA UNK F 330 5.47 -28.30 -179.71
C UNK F 330 6.84 -27.92 -179.17
N UNK F 331 7.89 -27.82 -179.99
CA UNK F 331 9.22 -27.60 -179.42
C UNK F 331 10.03 -26.51 -180.12
N UNK F 332 9.39 -25.68 -180.94
CA UNK F 332 10.05 -24.55 -181.58
C UNK F 332 9.82 -23.25 -180.82
N UNK F 333 9.70 -23.33 -179.51
CA UNK F 333 9.13 -22.24 -178.74
C UNK F 333 10.19 -21.45 -178.01
N UNK F 334 9.78 -20.27 -177.55
CA UNK F 334 10.62 -19.36 -176.80
C UNK F 334 9.73 -18.61 -175.82
N UNK F 335 10.18 -18.46 -174.57
CA UNK F 335 11.46 -18.97 -174.12
C UNK F 335 11.40 -20.31 -173.40
N UNK F 336 10.75 -20.30 -172.24
CA UNK F 336 10.69 -21.41 -171.28
C UNK F 336 12.06 -21.93 -170.86
N UNK F 337 13.11 -21.16 -171.12
CA UNK F 337 14.50 -21.59 -171.10
C UNK F 337 15.34 -20.35 -171.34
N UNK F 338 16.64 -20.53 -171.49
CA UNK F 338 17.52 -19.41 -171.79
C UNK F 338 18.74 -19.92 -172.54
N UNK F 339 19.67 -19.01 -172.83
CA UNK F 339 20.97 -19.34 -173.36
C UNK F 339 21.95 -18.30 -172.86
N UNK F 340 23.15 -18.74 -172.48
CA UNK F 340 24.06 -17.89 -171.72
C UNK F 340 24.64 -16.79 -172.58
N UNK F 341 25.39 -17.16 -173.61
CA UNK F 341 25.84 -16.20 -174.60
C UNK F 341 25.77 -16.90 -175.94
N UNK F 342 26.01 -16.13 -177.00
CA UNK F 342 25.95 -16.56 -178.38
C UNK F 342 24.62 -17.24 -178.69
N UNK F 343 23.55 -16.48 -178.46
CA UNK F 343 22.20 -17.01 -178.55
C UNK F 343 21.54 -16.45 -179.81
N UNK F 344 21.77 -17.12 -180.94
CA UNK F 344 21.26 -16.65 -182.23
C UNK F 344 20.52 -17.78 -182.91
N UNK F 345 19.26 -17.94 -182.55
CA UNK F 345 18.34 -18.80 -183.29
C UNK F 345 17.45 -17.86 -184.09
N UNK F 346 17.52 -17.95 -185.42
CA UNK F 346 16.79 -17.04 -186.27
C UNK F 346 15.30 -17.40 -186.29
N UNK F 347 14.51 -16.58 -186.99
CA UNK F 347 13.09 -16.83 -187.14
C UNK F 347 12.59 -16.14 -188.41
N UNK F 348 12.45 -16.93 -189.48
CA UNK F 348 11.95 -16.49 -190.79
C UNK F 348 12.71 -15.26 -191.30
N UNK F 349 14.03 -15.45 -191.45
CA UNK F 349 15.01 -14.41 -191.78
C UNK F 349 14.97 -13.26 -190.76
N UNK F 350 15.06 -13.63 -189.48
CA UNK F 350 15.17 -12.64 -188.41
C UNK F 350 16.58 -12.06 -188.36
N UNK F 351 43.77 39.25 -140.88
CA UNK F 351 43.84 40.56 -141.49
C UNK F 351 43.27 41.65 -140.60
N UNK F 352 36.92 51.52 -141.23
CA UNK F 352 35.56 51.87 -140.87
C UNK F 352 35.49 52.49 -139.48
N UNK F 353 34.53 52.02 -138.68
CA UNK F 353 34.05 52.72 -137.48
C UNK F 353 33.72 54.17 -137.82
N UNK F 354 32.76 54.32 -138.73
CA UNK F 354 32.36 55.63 -139.18
C UNK F 354 31.39 56.25 -138.20
N UNK F 355 31.57 57.54 -137.92
CA UNK F 355 30.71 58.28 -137.02
C UNK F 355 29.53 58.91 -137.74
N UNK F 356 29.79 59.82 -138.67
CA UNK F 356 28.75 60.62 -139.33
C UNK F 356 28.99 60.78 -140.82
N UNK F 357 29.26 59.69 -141.52
CA UNK F 357 29.70 59.71 -142.90
C UNK F 357 28.65 59.06 -143.79
N UNK F 358 29.06 58.63 -144.99
CA UNK F 358 28.22 58.12 -146.08
C UNK F 358 27.20 57.03 -145.73
N UNK F 359 27.26 56.46 -144.52
CA UNK F 359 26.15 55.76 -143.88
C UNK F 359 25.67 54.46 -144.51
N UNK F 360 26.44 53.38 -144.29
CA UNK F 360 25.93 52.00 -144.29
C UNK F 360 25.55 51.45 -145.66
N UNK F 361 26.49 51.50 -146.59
CA UNK F 361 26.58 50.52 -147.66
C UNK F 361 28.00 49.98 -147.62
N UNK F 362 28.92 50.87 -147.27
CA UNK F 362 30.27 50.44 -146.89
C UNK F 362 30.24 49.59 -145.63
N UNK F 363 29.24 49.78 -144.78
CA UNK F 363 29.06 48.88 -143.64
C UNK F 363 28.68 47.48 -144.09
N UNK F 364 27.82 47.38 -145.10
CA UNK F 364 27.52 46.06 -145.66
C UNK F 364 28.77 45.45 -146.27
N UNK F 365 29.60 46.28 -146.90
CA UNK F 365 30.88 45.82 -147.39
C UNK F 365 31.79 45.34 -146.27
N UNK F 366 31.76 46.00 -145.13
CA UNK F 366 32.62 45.57 -144.02
C UNK F 366 32.13 44.27 -143.42
N UNK F 367 30.81 44.10 -143.34
CA UNK F 367 30.25 42.85 -142.86
C UNK F 367 30.61 41.70 -143.78
N UNK F 368 30.54 41.93 -145.09
CA UNK F 368 30.95 40.90 -146.04
C UNK F 368 32.45 40.68 -145.98
N UNK F 369 33.22 41.72 -145.67
CA UNK F 369 34.66 41.57 -145.58
C UNK F 369 35.04 40.67 -144.42
N UNK F 370 34.46 40.90 -143.24
CA UNK F 370 34.77 40.00 -142.13
C UNK F 370 34.16 38.64 -142.32
N UNK F 371 33.04 38.56 -143.05
CA UNK F 371 32.45 37.26 -143.36
C UNK F 371 33.37 36.42 -144.22
N UNK F 372 34.00 37.04 -145.20
CA UNK F 372 35.02 36.34 -145.97
C UNK F 372 36.31 36.21 -145.21
N UNK F 373 36.49 36.99 -144.15
CA UNK F 373 37.66 36.80 -143.32
C UNK F 373 37.52 35.65 -142.37
N UNK F 374 36.31 35.18 -142.12
CA UNK F 374 36.20 34.00 -141.26
C UNK F 374 36.35 32.72 -142.07
N UNK F 375 35.41 32.42 -142.96
CA UNK F 375 35.48 31.20 -143.78
C UNK F 375 34.53 31.27 -144.96
N UNK F 376 35.07 31.39 -146.18
CA UNK F 376 34.29 31.06 -147.39
C UNK F 376 35.28 30.60 -148.46
N UNK F 377 35.58 29.29 -148.47
CA UNK F 377 36.67 28.74 -149.28
C UNK F 377 36.71 27.22 -149.28
N UNK F 378 37.87 26.69 -149.72
CA UNK F 378 38.59 25.44 -149.38
C UNK F 378 38.30 24.13 -150.09
N UNK F 379 37.37 24.04 -151.04
CA UNK F 379 37.48 23.24 -152.28
C UNK F 379 38.31 21.95 -152.28
N UNK F 380 38.14 21.06 -151.30
CA UNK F 380 38.98 19.86 -151.19
C UNK F 380 38.52 18.75 -152.12
N UNK F 381 38.99 17.51 -151.92
CA UNK F 381 38.51 16.41 -152.76
C UNK F 381 38.48 15.10 -151.98
N UNK F 382 37.38 14.83 -151.28
CA UNK F 382 36.93 13.47 -151.02
C UNK F 382 35.41 13.31 -151.06
N UNK F 383 34.69 14.27 -150.48
CA UNK F 383 33.35 14.02 -149.99
C UNK F 383 32.53 15.29 -150.04
N UNK F 384 31.22 15.14 -150.09
CA UNK F 384 30.32 16.22 -150.47
C UNK F 384 29.06 16.20 -149.59
N UNK F 385 28.02 16.93 -150.01
CA UNK F 385 26.77 17.05 -149.27
C UNK F 385 25.51 17.05 -150.14
N UNK F 386 25.62 16.85 -151.46
CA UNK F 386 24.47 16.96 -152.34
C UNK F 386 24.59 15.92 -153.45
N UNK F 387 23.87 14.81 -153.30
CA UNK F 387 24.07 13.61 -154.11
C UNK F 387 22.78 13.15 -154.75
N UNK F 388 22.07 14.06 -155.39
CA UNK F 388 20.95 13.67 -156.25
C UNK F 388 21.47 13.36 -157.65
N UNK F 389 22.20 12.25 -157.72
CA UNK F 389 23.00 11.89 -158.90
C UNK F 389 22.57 10.57 -159.50
N UNK F 390 21.28 10.31 -159.48
CA UNK F 390 20.68 9.35 -160.40
C UNK F 390 20.06 10.08 -161.58
N UNK F 391 20.66 11.20 -161.96
CA UNK F 391 20.30 11.93 -163.17
C UNK F 391 21.59 12.48 -163.76
N UNK F 392 21.92 12.08 -164.97
CA UNK F 392 23.23 12.39 -165.56
C UNK F 392 23.09 12.64 -167.06
N UNK F 393 23.01 13.92 -167.44
CA UNK F 393 23.01 14.32 -168.85
C UNK F 393 24.09 15.37 -169.12
N UNK F 394 25.12 15.42 -168.29
CA UNK F 394 26.14 16.45 -168.27
C UNK F 394 27.50 15.82 -168.62
N UNK F 395 28.58 16.58 -168.43
CA UNK F 395 29.91 16.11 -168.81
C UNK F 395 30.98 16.58 -167.83
N UNK F 396 31.67 15.62 -167.19
CA UNK F 396 32.85 15.90 -166.39
C UNK F 396 34.08 15.74 -167.27
N UNK F 397 35.28 15.87 -166.71
CA UNK F 397 36.49 15.59 -167.47
C UNK F 397 37.33 14.48 -166.86
N UNK F 398 37.71 14.59 -165.60
CA UNK F 398 38.68 13.66 -165.02
C UNK F 398 38.20 13.19 -163.67
N UNK F 399 39.00 12.35 -163.03
CA UNK F 399 38.73 11.82 -161.70
C UNK F 399 40.06 11.33 -161.12
N UNK F 400 39.97 10.58 -160.03
CA UNK F 400 41.13 9.98 -159.42
C UNK F 400 40.65 8.76 -158.63
N UNK F 401 41.53 8.17 -157.83
CA UNK F 401 41.21 6.96 -157.08
C UNK F 401 42.27 6.76 -156.02
N UNK F 402 42.04 5.76 -155.17
CA UNK F 402 43.03 5.30 -154.20
C UNK F 402 42.61 3.92 -153.70
N UNK F 403 43.27 3.49 -152.64
CA UNK F 403 42.87 2.37 -151.79
C UNK F 403 43.41 2.70 -150.40
N UNK F 404 43.53 1.71 -149.55
CA UNK F 404 44.07 1.93 -148.22
C UNK F 404 45.47 1.32 -148.10
N UNK F 405 46.25 1.43 -149.16
CA UNK F 405 47.41 0.55 -149.34
C UNK F 405 48.49 1.29 -150.13
N UNK F 406 49.43 0.51 -150.69
CA UNK F 406 50.57 1.04 -151.42
C UNK F 406 51.10 -0.04 -152.37
N UNK F 407 51.66 0.36 -153.54
CA UNK F 407 51.68 1.71 -154.13
C UNK F 407 51.58 1.80 -155.67
N UNK F 408 51.21 0.75 -156.41
CA UNK F 408 51.33 0.76 -157.87
C UNK F 408 50.31 1.72 -158.51
N UNK F 409 50.35 1.88 -159.83
CA UNK F 409 49.50 2.91 -160.45
C UNK F 409 49.29 2.68 -161.94
N UNK F 410 48.19 3.25 -162.44
CA UNK F 410 47.86 3.25 -163.86
C UNK F 410 46.95 4.44 -164.18
N UNK F 411 46.69 4.60 -165.47
CA UNK F 411 45.85 5.70 -165.95
C UNK F 411 45.25 5.37 -167.30
N UNK F 412 44.01 5.83 -167.52
CA UNK F 412 43.22 5.46 -168.68
C UNK F 412 42.29 6.61 -169.04
N UNK F 413 41.71 6.54 -170.25
CA UNK F 413 40.82 7.59 -170.72
C UNK F 413 39.95 7.09 -171.87
N UNK F 414 38.63 7.04 -171.66
CA UNK F 414 37.63 6.74 -172.68
C UNK F 414 36.28 7.23 -172.17
N UNK F 415 35.19 6.69 -172.72
CA UNK F 415 33.90 6.74 -172.03
C UNK F 415 33.90 5.72 -170.87
N UNK F 416 32.77 5.54 -170.20
CA UNK F 416 32.80 4.85 -168.92
C UNK F 416 32.61 3.34 -169.03
N UNK F 417 32.56 2.71 -167.86
CA UNK F 417 32.02 1.40 -167.50
C UNK F 417 32.89 0.23 -167.90
N UNK F 418 33.96 0.43 -168.66
CA UNK F 418 34.98 -0.60 -168.69
C UNK F 418 35.91 -0.47 -167.51
N UNK F 419 35.76 0.62 -166.77
CA UNK F 419 36.71 0.98 -165.73
C UNK F 419 36.67 0.04 -164.55
N UNK F 420 35.58 -0.69 -164.37
CA UNK F 420 35.49 -1.56 -163.21
C UNK F 420 36.45 -2.73 -163.31
N UNK F 421 36.68 -3.23 -164.52
CA UNK F 421 37.62 -4.34 -164.69
C UNK F 421 39.03 -3.89 -164.42
N UNK F 422 39.40 -2.71 -164.93
CA UNK F 422 40.73 -2.17 -164.63
C UNK F 422 40.84 -1.79 -163.16
N UNK F 423 39.72 -1.42 -162.54
CA UNK F 423 39.73 -1.06 -161.13
C UNK F 423 40.02 -2.28 -160.28
N UNK F 424 39.38 -3.40 -160.60
CA UNK F 424 39.69 -4.61 -159.86
C UNK F 424 41.06 -5.12 -160.21
N UNK F 425 41.54 -4.83 -161.41
CA UNK F 425 42.92 -5.16 -161.74
C UNK F 425 43.89 -4.37 -160.88
N UNK F 426 43.57 -3.09 -160.64
CA UNK F 426 44.45 -2.27 -159.83
C UNK F 426 44.38 -2.68 -158.37
N UNK F 427 43.18 -3.01 -157.89
CA UNK F 427 43.05 -3.45 -156.52
C UNK F 427 43.69 -4.81 -156.31
N UNK F 428 43.74 -5.63 -157.36
CA UNK F 428 44.52 -6.85 -157.30
C UNK F 428 46.00 -6.54 -157.31
N UNK F 429 46.40 -5.49 -158.01
CA UNK F 429 47.79 -5.09 -157.98
C UNK F 429 48.16 -4.32 -156.73
N UNK F 430 47.18 -4.01 -155.87
CA UNK F 430 47.34 -3.21 -154.64
C UNK F 430 47.88 -1.82 -154.96
N UNK F 431 47.05 -1.04 -155.64
CA UNK F 431 47.52 0.08 -156.42
C UNK F 431 46.66 1.30 -156.13
N UNK F 432 46.79 2.31 -156.99
CA UNK F 432 46.00 3.52 -156.92
C UNK F 432 45.87 4.06 -158.34
N UNK F 433 44.68 3.91 -158.92
CA UNK F 433 44.49 4.21 -160.33
C UNK F 433 44.16 5.69 -160.52
N UNK F 434 44.05 6.09 -161.79
CA UNK F 434 43.39 7.35 -162.12
C UNK F 434 42.48 7.12 -163.31
N UNK F 435 41.95 8.20 -163.88
CA UNK F 435 41.14 8.11 -165.08
C UNK F 435 41.07 9.50 -165.69
N UNK F 436 40.52 9.57 -166.90
CA UNK F 436 40.19 10.86 -167.50
C UNK F 436 38.98 10.65 -168.40
N UNK F 437 37.79 10.86 -167.85
CA UNK F 437 36.65 10.21 -168.47
C UNK F 437 35.34 10.82 -167.97
N UNK F 438 34.28 10.47 -168.70
CA UNK F 438 32.91 10.79 -168.33
C UNK F 438 32.26 9.58 -167.70
N UNK F 439 31.39 9.83 -166.73
CA UNK F 439 30.44 8.90 -166.11
C UNK F 439 31.09 7.79 -165.28
N UNK F 440 32.41 7.65 -165.35
CA UNK F 440 33.11 6.84 -164.36
C UNK F 440 33.02 7.50 -162.99
N UNK F 441 33.09 8.82 -162.97
CA UNK F 441 32.89 9.58 -161.74
C UNK F 441 31.46 9.44 -161.22
N UNK F 442 30.50 9.17 -162.09
CA UNK F 442 29.18 8.82 -161.60
C UNK F 442 29.21 7.46 -160.94
N UNK F 443 29.85 6.49 -161.61
CA UNK F 443 29.84 5.11 -161.15
C UNK F 443 30.44 4.96 -159.76
N UNK F 444 31.65 5.48 -159.58
CA UNK F 444 32.33 5.27 -158.31
C UNK F 444 31.67 6.03 -157.19
N UNK F 445 31.17 7.24 -157.47
CA UNK F 445 30.57 8.05 -156.43
C UNK F 445 29.26 7.46 -155.95
N UNK F 446 28.44 6.97 -156.88
CA UNK F 446 27.22 6.32 -156.44
C UNK F 446 27.50 4.98 -155.80
N UNK F 447 28.63 4.35 -156.12
CA UNK F 447 28.99 3.15 -155.39
C UNK F 447 29.47 3.46 -153.98
N UNK F 448 29.89 4.70 -153.73
CA UNK F 448 30.36 5.10 -152.41
C UNK F 448 29.26 5.68 -151.54
N UNK F 449 28.01 5.25 -151.72
CA UNK F 449 26.98 5.64 -150.77
C UNK F 449 27.09 4.82 -149.48
N UNK F 450 26.82 3.51 -149.58
CA UNK F 450 26.80 2.55 -148.47
C UNK F 450 26.03 3.07 -147.25
N UNK F 451 24.76 3.42 -147.48
CA UNK F 451 23.90 3.79 -146.37
C UNK F 451 23.63 2.55 -145.56
N UNK F 452 22.91 1.58 -146.15
CA UNK F 452 22.82 0.17 -145.71
C UNK F 452 22.54 -0.01 -144.23
N UNK F 453 21.83 0.95 -143.67
CA UNK F 453 21.41 0.92 -142.28
C UNK F 453 19.99 1.39 -142.18
N UNK F 454 19.34 1.66 -143.30
CA UNK F 454 17.92 1.43 -143.28
C UNK F 454 17.87 -0.08 -143.22
N UNK F 455 18.25 -0.72 -144.32
CA UNK F 455 18.80 -2.07 -144.48
C UNK F 455 18.94 -2.24 -145.98
N UNK F 456 19.54 -3.35 -146.38
CA UNK F 456 19.62 -3.66 -147.80
C UNK F 456 18.28 -4.23 -148.26
N UNK F 457 17.80 -3.76 -149.40
CA UNK F 457 16.51 -4.19 -149.89
C UNK F 457 16.64 -5.48 -150.68
N UNK F 458 15.57 -5.83 -151.37
CA UNK F 458 15.55 -6.91 -152.34
C UNK F 458 14.48 -6.54 -153.35
N UNK F 459 14.92 -6.12 -154.53
CA UNK F 459 14.07 -5.44 -155.47
C UNK F 459 13.20 -6.44 -156.23
N UNK F 460 12.20 -5.90 -156.92
CA UNK F 460 11.46 -6.60 -157.94
C UNK F 460 10.76 -5.55 -158.76
N UNK F 461 10.82 -5.66 -160.07
CA UNK F 461 10.22 -4.65 -160.91
C UNK F 461 8.97 -5.20 -161.57
N UNK F 462 8.15 -4.30 -162.10
CA UNK F 462 6.99 -4.71 -162.89
C UNK F 462 6.62 -3.55 -163.80
N UNK F 463 6.92 -3.66 -165.08
CA UNK F 463 6.48 -2.69 -166.05
C UNK F 463 5.12 -3.12 -166.57
N UNK F 464 4.11 -2.27 -166.41
CA UNK F 464 2.77 -2.56 -166.89
C UNK F 464 2.69 -2.31 -168.39
N UNK F 465 1.46 -2.20 -168.90
CA UNK F 465 1.20 -2.23 -170.34
C UNK F 465 1.83 -1.05 -171.08
N UNK F 466 1.42 0.17 -170.75
CA UNK F 466 1.80 1.32 -171.57
C UNK F 466 2.70 2.31 -170.85
N UNK F 467 2.26 2.88 -169.73
CA UNK F 467 2.99 4.00 -169.15
C UNK F 467 3.11 3.90 -167.64
N UNK F 468 2.85 2.73 -167.08
CA UNK F 468 3.00 2.51 -165.65
C UNK F 468 4.18 1.59 -165.45
N UNK F 469 5.05 1.94 -164.52
CA UNK F 469 6.08 1.04 -164.08
C UNK F 469 6.09 1.11 -162.57
N UNK F 470 6.31 -0.03 -161.93
CA UNK F 470 6.30 -0.08 -160.48
C UNK F 470 7.52 -0.83 -160.00
N UNK F 471 8.02 -0.44 -158.84
CA UNK F 471 9.10 -1.16 -158.22
C UNK F 471 8.61 -1.58 -156.84
N UNK F 472 8.51 -2.87 -156.62
CA UNK F 472 8.25 -3.37 -155.29
C UNK F 472 9.56 -3.81 -154.67
N UNK F 473 9.60 -3.88 -153.36
CA UNK F 473 10.83 -4.23 -152.67
C UNK F 473 10.50 -4.86 -151.33
N UNK F 474 11.35 -5.77 -150.91
CA UNK F 474 11.27 -6.26 -149.55
C UNK F 474 12.56 -5.92 -148.82
N UNK F 475 12.59 -6.15 -147.52
CA UNK F 475 13.86 -6.08 -146.81
C UNK F 475 14.21 -7.39 -146.11
N UNK F 476 13.33 -7.88 -145.25
CA UNK F 476 13.51 -9.12 -144.53
C UNK F 476 12.10 -9.67 -144.27
N UNK F 477 11.98 -10.55 -143.31
CA UNK F 477 10.72 -11.23 -143.00
C UNK F 477 10.92 -11.85 -141.64
N UNK F 478 9.85 -12.12 -140.88
CA UNK F 478 8.44 -11.75 -141.07
C UNK F 478 8.21 -10.33 -140.60
N UNK F 479 6.96 -10.07 -140.22
CA UNK F 479 6.43 -8.75 -139.88
C UNK F 479 6.51 -7.85 -141.11
N UNK F 480 5.65 -8.21 -142.05
CA UNK F 480 5.50 -7.58 -143.35
C UNK F 480 4.79 -6.25 -143.25
N UNK F 481 4.13 -5.86 -144.35
CA UNK F 481 3.00 -4.95 -144.25
C UNK F 481 3.27 -3.50 -143.88
N UNK F 482 3.51 -2.56 -144.82
CA UNK F 482 3.50 -2.50 -146.31
C UNK F 482 3.72 -1.00 -146.53
N UNK F 483 3.80 -0.56 -147.78
CA UNK F 483 3.69 0.87 -148.07
C UNK F 483 3.19 1.03 -149.50
N UNK F 484 2.93 2.28 -149.89
CA UNK F 484 2.58 2.62 -151.27
C UNK F 484 2.90 4.10 -151.47
N UNK F 485 4.02 4.39 -152.11
CA UNK F 485 4.36 5.75 -152.45
C UNK F 485 4.03 6.02 -153.90
N UNK F 486 3.89 7.30 -154.26
CA UNK F 486 3.54 7.66 -155.63
C UNK F 486 3.99 9.09 -155.91
N UNK F 487 5.04 9.25 -156.71
CA UNK F 487 5.52 10.56 -157.17
C UNK F 487 6.21 10.35 -158.51
N UNK F 488 7.09 11.26 -158.90
CA UNK F 488 7.93 10.99 -160.06
C UNK F 488 9.38 11.35 -159.78
N UNK F 489 9.90 10.92 -158.63
CA UNK F 489 11.24 11.31 -158.24
C UNK F 489 11.82 10.23 -157.32
N UNK F 490 12.92 10.56 -156.64
CA UNK F 490 13.71 9.59 -155.90
C UNK F 490 14.05 10.08 -154.48
N UNK F 491 13.14 10.79 -153.85
CA UNK F 491 13.22 10.99 -152.41
C UNK F 491 12.41 9.88 -151.74
N UNK F 492 12.91 8.68 -151.95
CA UNK F 492 12.21 7.48 -151.53
C UNK F 492 12.92 6.72 -150.45
N UNK F 493 14.23 6.89 -150.28
CA UNK F 493 14.92 6.22 -149.19
C UNK F 493 14.45 6.76 -147.85
N UNK F 494 14.02 8.01 -147.82
CA UNK F 494 13.48 8.62 -146.61
C UNK F 494 12.22 7.89 -146.15
N UNK F 495 11.30 7.62 -147.08
CA UNK F 495 10.15 6.81 -146.70
C UNK F 495 10.54 5.35 -146.58
N UNK F 496 11.60 4.94 -147.24
CA UNK F 496 11.98 3.54 -147.20
C UNK F 496 12.56 3.14 -145.87
N UNK F 497 13.09 4.09 -145.11
CA UNK F 497 13.55 3.74 -143.78
C UNK F 497 12.39 3.36 -142.89
N UNK F 498 11.35 4.19 -142.86
CA UNK F 498 10.17 3.85 -142.09
C UNK F 498 9.42 2.68 -142.70
N UNK F 499 9.64 2.40 -143.99
CA UNK F 499 9.20 1.10 -144.50
C UNK F 499 10.02 -0.02 -143.88
N UNK F 500 11.31 0.21 -143.65
CA UNK F 500 12.16 -0.81 -143.07
C UNK F 500 12.11 -0.81 -141.56
N UNK F 501 11.15 -0.10 -140.98
CA UNK F 501 10.57 -0.46 -139.68
C UNK F 501 9.42 -1.44 -139.83
N UNK F 502 9.44 -2.20 -140.91
CA UNK F 502 8.49 -3.25 -141.30
C UNK F 502 9.25 -4.12 -142.30
N UNK F 503 8.53 -4.76 -143.22
CA UNK F 503 9.26 -5.55 -144.21
C UNK F 503 9.04 -5.22 -145.68
N UNK F 504 7.86 -4.83 -146.13
CA UNK F 504 7.64 -4.69 -147.55
C UNK F 504 7.32 -3.26 -147.93
N UNK F 505 7.67 -2.87 -149.15
CA UNK F 505 7.26 -1.57 -149.69
C UNK F 505 7.03 -1.76 -151.17
N UNK F 506 6.16 -0.95 -151.75
CA UNK F 506 5.87 -1.09 -153.18
C UNK F 506 5.65 0.30 -153.79
N UNK F 507 6.72 0.89 -154.29
CA UNK F 507 6.63 2.23 -154.88
C UNK F 507 5.97 2.13 -156.24
N UNK F 508 4.78 2.70 -156.35
CA UNK F 508 3.93 2.51 -157.52
C UNK F 508 4.10 3.66 -158.51
N UNK F 509 5.34 3.89 -158.92
CA UNK F 509 5.68 4.80 -160.02
C UNK F 509 7.13 4.51 -160.37
N UNK F 510 7.66 5.23 -161.35
CA UNK F 510 8.92 4.84 -161.95
C UNK F 510 10.05 5.83 -161.72
N UNK F 511 9.85 7.08 -162.12
CA UNK F 511 10.82 7.92 -162.83
C UNK F 511 12.27 7.73 -162.45
N UNK F 512 12.56 7.77 -161.16
CA UNK F 512 13.94 7.62 -160.70
C UNK F 512 14.03 6.61 -159.58
N UNK F 513 13.12 5.65 -159.55
CA UNK F 513 13.22 4.54 -158.63
C UNK F 513 14.08 3.42 -159.17
N UNK F 514 14.90 3.70 -160.16
CA UNK F 514 15.98 2.80 -160.53
C UNK F 514 17.22 3.02 -159.66
N UNK F 515 17.19 4.04 -158.81
CA UNK F 515 18.35 4.36 -158.00
C UNK F 515 18.66 3.26 -157.02
N UNK F 516 17.63 2.71 -156.39
CA UNK F 516 17.87 1.63 -155.44
C UNK F 516 18.31 0.37 -156.15
N UNK F 517 17.86 0.17 -157.39
CA UNK F 517 18.36 -0.94 -158.17
C UNK F 517 19.83 -0.77 -158.46
N UNK F 518 20.25 0.45 -158.75
CA UNK F 518 21.66 0.72 -158.98
C UNK F 518 22.46 0.51 -157.71
N UNK F 519 21.92 0.90 -156.57
CA UNK F 519 22.67 0.77 -155.34
C UNK F 519 22.66 -0.63 -154.80
N UNK F 520 21.71 -1.45 -155.20
CA UNK F 520 21.60 -2.79 -154.65
C UNK F 520 22.25 -3.82 -155.53
N UNK F 521 22.16 -3.69 -156.84
CA UNK F 521 22.76 -4.66 -157.71
C UNK F 521 24.24 -4.42 -157.91
N UNK F 522 24.84 -3.52 -157.14
CA UNK F 522 26.26 -3.23 -157.25
C UNK F 522 27.04 -3.65 -156.03
N UNK F 523 26.35 -4.19 -155.01
CA UNK F 523 26.95 -4.31 -153.68
C UNK F 523 28.09 -5.30 -153.65
N UNK F 524 27.83 -6.55 -154.01
CA UNK F 524 28.90 -7.54 -153.91
C UNK F 524 29.95 -7.35 -155.00
N UNK F 525 29.53 -6.91 -156.17
CA UNK F 525 30.46 -6.74 -157.28
C UNK F 525 31.47 -5.64 -157.00
N UNK F 526 31.01 -4.49 -156.51
CA UNK F 526 31.92 -3.44 -156.11
C UNK F 526 32.40 -3.61 -154.68
N UNK F 527 32.00 -4.68 -154.02
CA UNK F 527 32.61 -5.08 -152.76
C UNK F 527 33.73 -6.07 -152.94
N UNK F 528 33.86 -6.63 -154.14
CA UNK F 528 35.05 -7.41 -154.46
C UNK F 528 36.31 -6.57 -154.36
N UNK F 529 36.25 -5.34 -154.84
CA UNK F 529 37.28 -4.34 -154.57
C UNK F 529 36.95 -3.62 -153.28
N UNK F 530 37.59 -2.48 -153.01
CA UNK F 530 37.23 -1.73 -151.80
C UNK F 530 36.63 -0.35 -152.08
N UNK F 531 37.37 0.56 -152.72
CA UNK F 531 37.01 1.98 -152.74
C UNK F 531 37.96 2.73 -153.66
N UNK F 532 37.59 3.97 -153.98
CA UNK F 532 38.55 4.85 -154.65
C UNK F 532 38.81 6.20 -153.95
N UNK F 533 37.75 7.01 -153.80
CA UNK F 533 37.71 8.19 -152.94
C UNK F 533 38.72 9.28 -153.29
N UNK F 534 38.64 9.82 -154.51
CA UNK F 534 39.25 11.11 -154.89
C UNK F 534 38.70 11.66 -156.20
N UNK F 535 38.12 12.85 -156.20
CA UNK F 535 37.42 13.37 -157.38
C UNK F 535 38.07 14.67 -157.83
N UNK F 536 38.18 14.84 -159.14
CA UNK F 536 38.70 16.07 -159.72
C UNK F 536 37.62 16.70 -160.56
N UNK F 537 37.98 17.75 -161.30
CA UNK F 537 36.99 18.57 -161.98
C UNK F 537 37.26 18.62 -163.46
N UNK F 538 36.40 19.35 -164.15
CA UNK F 538 36.73 19.84 -165.47
C UNK F 538 37.35 21.22 -165.31
N UNK F 539 38.61 21.34 -165.68
CA UNK F 539 39.37 22.54 -165.34
C UNK F 539 38.94 23.74 -166.16
N UNK F 540 38.38 23.53 -167.34
CA UNK F 540 37.90 24.62 -168.15
C UNK F 540 36.44 24.90 -167.79
N UNK F 541 35.78 25.71 -168.62
CA UNK F 541 34.39 26.08 -168.37
C UNK F 541 33.45 24.93 -168.76
N UNK F 542 32.83 24.32 -167.75
CA UNK F 542 31.89 23.21 -167.93
C UNK F 542 30.95 23.22 -166.73
N UNK F 543 30.08 22.21 -166.64
CA UNK F 543 29.23 22.07 -165.45
C UNK F 543 28.92 20.59 -165.21
N UNK F 544 29.77 19.94 -164.43
CA UNK F 544 29.54 18.64 -163.81
C UNK F 544 30.63 18.41 -162.79
N UNK F 545 30.68 17.18 -162.28
CA UNK F 545 31.49 16.79 -161.14
C UNK F 545 31.24 17.74 -159.97
N UNK F 546 29.97 17.86 -159.62
CA UNK F 546 29.57 18.73 -158.53
C UNK F 546 29.87 18.09 -157.19
N UNK F 547 30.39 18.89 -156.27
CA UNK F 547 30.65 18.47 -154.90
C UNK F 547 30.29 19.63 -154.01
N UNK F 548 30.47 19.46 -152.70
CA UNK F 548 29.92 20.44 -151.77
C UNK F 548 30.90 20.73 -150.64
N UNK F 549 30.40 21.35 -149.58
CA UNK F 549 31.12 22.38 -148.87
C UNK F 549 30.89 22.23 -147.37
N UNK F 550 31.14 23.33 -146.65
CA UNK F 550 30.97 23.43 -145.21
C UNK F 550 30.44 24.81 -144.89
N UNK F 551 30.12 25.03 -143.60
CA UNK F 551 29.46 26.27 -143.19
C UNK F 551 30.32 27.13 -142.26
N UNK F 552 30.73 26.61 -141.11
CA UNK F 552 31.75 27.19 -140.25
C UNK F 552 31.58 28.63 -139.75
N UNK F 553 30.65 28.92 -138.85
CA UNK F 553 29.46 28.16 -138.54
C UNK F 553 28.29 29.10 -138.63
N UNK F 554 28.44 30.22 -137.95
CA UNK F 554 27.45 31.27 -137.94
C UNK F 554 27.73 32.23 -139.08
N UNK F 555 27.05 33.36 -139.07
CA UNK F 555 27.46 34.44 -139.93
C UNK F 555 28.10 35.56 -139.12
N UNK F 556 28.78 35.18 -138.02
CA UNK F 556 29.85 35.95 -137.41
C UNK F 556 29.37 37.31 -136.87
N UNK F 557 28.62 37.27 -135.79
CA UNK F 557 28.18 38.49 -135.12
C UNK F 557 29.37 39.29 -134.60
N UNK F 558 29.31 40.61 -134.76
CA UNK F 558 30.42 41.47 -134.39
C UNK F 558 29.87 42.75 -133.76
N UNK F 559 30.26 43.04 -132.52
CA UNK F 559 29.86 44.31 -131.94
C UNK F 559 30.85 45.38 -132.39
N UNK F 560 30.58 46.62 -132.01
CA UNK F 560 31.50 47.72 -132.31
C UNK F 560 31.22 48.81 -131.30
N UNK F 561 32.04 48.91 -130.28
CA UNK F 561 31.73 49.77 -129.14
C UNK F 561 32.51 51.06 -129.26
N UNK F 562 31.84 52.13 -129.69
CA UNK F 562 32.50 53.42 -129.66
C UNK F 562 32.47 53.90 -128.23
N UNK F 563 33.64 54.00 -127.60
CA UNK F 563 33.71 54.46 -126.22
C UNK F 563 33.69 55.97 -126.24
N UNK F 564 32.52 56.54 -125.97
CA UNK F 564 32.22 57.93 -126.34
C UNK F 564 32.86 58.88 -125.34
N UNK F 565 34.12 59.19 -125.58
CA UNK F 565 34.69 60.38 -124.98
C UNK F 565 35.23 61.35 -126.02
N UNK F 566 36.16 60.91 -126.87
CA UNK F 566 37.10 61.85 -127.44
C UNK F 566 37.84 61.20 -128.60
N UNK F 567 38.97 61.78 -128.96
CA UNK F 567 39.88 61.31 -130.00
C UNK F 567 41.09 60.64 -129.37
N UNK F 568 41.71 59.65 -130.05
CA UNK F 568 41.26 59.03 -131.31
C UNK F 568 41.38 57.52 -131.47
N UNK F 569 42.29 56.86 -130.74
CA UNK F 569 42.80 55.54 -131.15
C UNK F 569 41.74 54.46 -130.98
N UNK F 570 42.02 53.29 -131.58
CA UNK F 570 40.97 52.30 -131.78
C UNK F 570 41.55 50.90 -131.68
N UNK F 571 41.16 50.15 -130.66
CA UNK F 571 41.63 48.79 -130.45
C UNK F 571 40.59 47.79 -130.91
N UNK F 572 41.04 46.67 -131.46
CA UNK F 572 40.14 45.68 -132.05
C UNK F 572 40.43 44.30 -131.45
N UNK F 573 39.56 43.83 -130.57
CA UNK F 573 39.68 42.52 -129.96
C UNK F 573 38.82 41.53 -130.73
N UNK F 574 39.44 40.48 -131.24
CA UNK F 574 38.68 39.29 -131.59
C UNK F 574 38.52 38.45 -130.34
N UNK F 575 37.42 37.73 -130.24
CA UNK F 575 37.22 37.02 -129.00
C UNK F 575 36.97 35.54 -129.21
N UNK F 576 36.62 34.84 -128.16
CA UNK F 576 36.39 33.41 -128.22
C UNK F 576 35.01 33.09 -127.70
N UNK F 577 34.02 33.83 -128.19
CA UNK F 577 32.62 33.79 -127.75
C UNK F 577 32.51 33.93 -126.23
N UNK F 578 32.99 35.07 -125.75
CA UNK F 578 33.00 35.30 -124.31
C UNK F 578 33.01 36.79 -124.06
N UNK F 579 32.70 37.17 -122.83
CA UNK F 579 32.36 38.54 -122.49
C UNK F 579 33.09 39.01 -121.26
N UNK F 580 34.33 38.57 -121.09
CA UNK F 580 35.27 39.22 -120.18
C UNK F 580 36.10 40.23 -120.96
N UNK F 581 35.39 41.21 -121.50
CA UNK F 581 35.99 42.27 -122.27
C UNK F 581 35.78 43.62 -121.63
N UNK F 582 35.21 43.65 -120.42
CA UNK F 582 35.15 44.91 -119.72
C UNK F 582 36.52 45.38 -119.30
N UNK F 583 37.44 44.43 -119.07
CA UNK F 583 38.82 44.80 -118.79
C UNK F 583 39.44 45.47 -119.98
N UNK F 584 39.17 44.96 -121.17
CA UNK F 584 39.71 45.64 -122.32
C UNK F 584 38.97 46.94 -122.59
N UNK F 585 37.71 47.05 -122.19
CA UNK F 585 36.98 48.31 -122.34
C UNK F 585 37.59 49.40 -121.49
N UNK F 586 37.91 49.07 -120.25
CA UNK F 586 38.59 50.05 -119.42
C UNK F 586 40.02 50.24 -119.84
N UNK F 587 40.60 49.28 -120.55
CA UNK F 587 41.92 49.55 -121.12
C UNK F 587 41.82 50.58 -122.22
N UNK F 588 40.85 50.40 -123.11
CA UNK F 588 40.71 51.29 -124.26
C UNK F 588 40.03 52.58 -123.91
N UNK F 589 39.56 52.76 -122.68
CA UNK F 589 39.14 54.09 -122.27
C UNK F 589 40.29 55.07 -122.11
N UNK F 590 41.54 54.64 -122.28
CA UNK F 590 42.57 55.57 -122.72
C UNK F 590 42.18 56.23 -124.03
N UNK F 591 41.77 55.42 -124.99
CA UNK F 591 41.52 55.83 -126.37
C UNK F 591 40.06 56.14 -126.67
N UNK F 592 39.68 56.03 -127.94
CA UNK F 592 38.34 56.32 -128.43
C UNK F 592 37.48 55.10 -128.73
N UNK F 593 37.92 54.16 -129.55
CA UNK F 593 36.97 53.21 -130.14
C UNK F 593 37.44 51.77 -130.01
N UNK F 594 36.58 50.89 -129.51
CA UNK F 594 36.89 49.47 -129.43
C UNK F 594 36.02 48.74 -130.44
N UNK F 595 36.54 47.66 -130.98
CA UNK F 595 35.78 46.81 -131.90
C UNK F 595 36.02 45.36 -131.51
N UNK F 596 35.00 44.71 -130.96
CA UNK F 596 35.09 43.31 -130.57
C UNK F 596 34.27 42.48 -131.54
N UNK F 597 34.80 41.34 -131.96
CA UNK F 597 34.14 40.56 -133.03
C UNK F 597 33.68 39.16 -132.59
N UNK F 598 32.49 39.07 -132.00
CA UNK F 598 32.02 37.87 -131.29
C UNK F 598 30.56 38.07 -130.88
N UNK F 599 29.99 37.09 -130.18
CA UNK F 599 28.54 37.04 -129.96
C UNK F 599 28.18 36.58 -128.56
N UNK F 600 29.02 36.84 -127.59
CA UNK F 600 28.61 36.67 -126.20
C UNK F 600 28.76 37.94 -125.44
N UNK F 601 29.58 38.84 -125.91
CA UNK F 601 29.54 40.20 -125.43
C UNK F 601 28.19 40.81 -125.70
N UNK F 602 27.71 40.66 -126.96
CA UNK F 602 26.79 41.62 -127.58
C UNK F 602 25.53 41.84 -126.78
N UNK F 603 25.02 40.77 -126.16
CA UNK F 603 23.82 40.86 -125.35
C UNK F 603 24.05 41.72 -124.12
N UNK F 604 24.99 41.33 -123.26
CA UNK F 604 25.14 42.06 -122.02
C UNK F 604 25.80 43.40 -122.24
N UNK F 605 26.61 43.52 -123.28
CA UNK F 605 27.21 44.80 -123.59
C UNK F 605 26.15 45.79 -124.02
N UNK F 606 25.20 45.37 -124.87
CA UNK F 606 24.15 46.28 -125.27
C UNK F 606 23.20 46.57 -124.12
N UNK F 607 22.86 45.56 -123.34
CA UNK F 607 21.93 45.81 -122.25
C UNK F 607 22.55 46.55 -121.10
N UNK F 608 23.86 46.67 -121.05
CA UNK F 608 24.45 47.57 -120.08
C UNK F 608 24.59 48.95 -120.64
N UNK F 609 24.94 49.08 -121.91
CA UNK F 609 25.21 50.39 -122.47
C UNK F 609 23.92 51.16 -122.71
N UNK F 610 22.97 50.52 -123.35
CA UNK F 610 21.74 51.21 -123.67
C UNK F 610 20.76 51.21 -122.54
N UNK F 611 21.20 50.94 -121.34
CA UNK F 611 20.42 51.33 -120.19
C UNK F 611 21.21 52.20 -119.24
N UNK F 612 22.47 51.90 -118.93
CA UNK F 612 23.18 52.54 -117.83
C UNK F 612 23.51 53.99 -118.04
N UNK F 613 23.21 54.54 -119.22
CA UNK F 613 23.21 55.96 -119.42
C UNK F 613 21.88 56.58 -119.11
N UNK F 614 20.83 55.80 -119.00
CA UNK F 614 19.52 56.36 -118.79
C UNK F 614 18.76 55.70 -117.67
N UNK F 615 19.35 54.73 -116.96
CA UNK F 615 18.75 54.26 -115.74
C UNK F 615 18.92 55.44 -114.84
N UNK F 616 20.17 55.79 -114.51
CA UNK F 616 20.65 57.15 -114.30
C UNK F 616 19.81 57.99 -113.35
N UNK F 617 18.98 57.33 -112.54
CA UNK F 617 18.12 58.01 -111.59
C UNK F 617 18.50 57.57 -110.19
N UNK F 618 18.45 56.29 -109.89
CA UNK F 618 18.87 55.88 -108.56
C UNK F 618 19.70 54.62 -108.51
N UNK F 619 19.72 53.79 -109.56
CA UNK F 619 20.18 52.41 -109.50
C UNK F 619 19.52 51.67 -108.33
N UNK F 620 18.22 51.44 -108.51
CA UNK F 620 17.35 50.81 -107.52
C UNK F 620 17.90 49.49 -107.03
N UNK F 621 18.23 49.42 -105.74
CA UNK F 621 18.78 48.20 -105.17
C UNK F 621 17.69 47.15 -105.08
N UNK F 622 17.97 45.97 -105.58
CA UNK F 622 16.90 45.02 -105.86
C UNK F 622 16.72 44.05 -104.72
N UNK F 623 15.68 43.21 -104.84
CA UNK F 623 15.50 42.06 -103.98
C UNK F 623 14.63 41.09 -104.76
N UNK F 624 15.26 40.10 -105.37
CA UNK F 624 14.61 39.24 -106.33
C UNK F 624 13.72 38.24 -105.62
N UNK F 625 12.65 37.78 -106.30
CA UNK F 625 12.00 36.56 -105.86
C UNK F 625 11.50 35.76 -107.06
N UNK F 626 12.02 36.02 -108.25
CA UNK F 626 11.49 35.47 -109.49
C UNK F 626 11.73 33.98 -109.54
N UNK F 627 10.67 33.19 -109.43
CA UNK F 627 10.79 31.74 -109.54
C UNK F 627 9.73 31.26 -110.52
N UNK F 628 10.05 31.31 -111.81
CA UNK F 628 9.02 31.12 -112.81
C UNK F 628 9.54 30.84 -114.21
N UNK F 629 8.63 30.99 -115.17
CA UNK F 629 8.76 30.49 -116.52
C UNK F 629 9.88 31.10 -117.32
N UNK F 630 9.75 32.35 -117.73
CA UNK F 630 10.62 32.86 -118.79
C UNK F 630 11.74 33.72 -118.25
N UNK F 631 12.14 33.50 -117.00
CA UNK F 631 13.20 34.29 -116.40
C UNK F 631 14.53 33.59 -116.48
N UNK F 632 14.57 32.45 -117.15
CA UNK F 632 15.82 31.75 -117.39
C UNK F 632 16.30 31.92 -118.82
N UNK F 633 15.40 32.00 -119.78
CA UNK F 633 15.81 32.33 -121.13
C UNK F 633 16.31 33.76 -121.23
N UNK F 634 15.85 34.63 -120.34
CA UNK F 634 16.60 35.79 -119.86
C UNK F 634 16.89 36.83 -120.93
N UNK F 635 16.20 36.81 -122.05
CA UNK F 635 16.65 37.60 -123.19
C UNK F 635 16.28 39.06 -123.05
N UNK F 636 17.15 39.92 -123.57
CA UNK F 636 16.89 41.35 -123.53
C UNK F 636 17.25 42.08 -124.81
N UNK F 637 17.81 41.40 -125.79
CA UNK F 637 18.18 42.08 -127.02
C UNK F 637 18.19 41.03 -128.12
N UNK F 638 18.21 41.53 -129.37
CA UNK F 638 18.10 40.77 -130.62
C UNK F 638 16.92 39.81 -130.63
N UNK F 639 15.91 40.08 -129.79
CA UNK F 639 14.76 39.20 -129.60
C UNK F 639 13.53 40.07 -129.37
N UNK F 640 12.82 40.43 -130.45
CA UNK F 640 13.31 40.37 -131.83
C UNK F 640 13.25 41.77 -132.42
N UNK F 641 12.10 42.41 -132.28
CA UNK F 641 11.99 43.82 -132.60
C UNK F 641 11.14 44.59 -131.61
N UNK F 642 10.54 43.93 -130.62
CA UNK F 642 9.93 44.65 -129.51
C UNK F 642 11.03 45.36 -128.76
N UNK F 643 10.88 46.66 -128.56
CA UNK F 643 12.09 47.45 -128.38
C UNK F 643 12.64 47.37 -126.96
N UNK F 644 12.00 48.04 -125.99
CA UNK F 644 12.38 48.11 -124.57
C UNK F 644 13.82 48.56 -124.30
N UNK F 645 14.50 48.99 -125.36
CA UNK F 645 15.93 49.14 -125.55
C UNK F 645 15.93 49.59 -127.00
N UNK F 646 17.09 49.86 -127.60
CA UNK F 646 17.05 50.56 -128.88
C UNK F 646 18.22 50.12 -129.74
N UNK F 647 18.54 50.94 -130.71
CA UNK F 647 19.74 50.75 -131.51
C UNK F 647 20.34 52.11 -131.80
N UNK F 648 21.59 52.10 -132.24
CA UNK F 648 22.37 53.34 -132.37
C UNK F 648 23.25 53.28 -133.60
N UNK F 649 22.72 53.78 -134.72
CA UNK F 649 23.48 54.38 -135.81
C UNK F 649 24.32 53.43 -136.65
N UNK F 650 24.48 52.20 -136.20
CA UNK F 650 25.04 51.14 -137.02
C UNK F 650 24.52 49.86 -136.39
N UNK F 651 23.43 49.35 -136.94
CA UNK F 651 22.74 48.22 -136.36
C UNK F 651 22.28 47.32 -137.50
N UNK F 652 22.98 46.22 -137.71
CA UNK F 652 22.61 45.25 -138.74
C UNK F 652 22.31 43.95 -138.01
N UNK F 653 21.06 43.71 -137.70
CA UNK F 653 20.68 42.49 -137.00
C UNK F 653 20.18 41.52 -138.05
N UNK F 654 21.13 40.89 -138.75
CA UNK F 654 20.82 40.22 -140.00
C UNK F 654 20.64 38.72 -139.81
N UNK F 655 19.66 38.17 -140.54
CA UNK F 655 19.20 36.79 -140.37
C UNK F 655 18.99 36.11 -141.71
N UNK F 656 19.97 36.19 -142.61
CA UNK F 656 19.72 35.81 -143.99
C UNK F 656 20.90 34.98 -144.52
N UNK F 657 20.96 34.87 -145.85
CA UNK F 657 22.10 34.28 -146.55
C UNK F 657 23.12 35.29 -147.03
N UNK F 658 22.74 36.56 -147.22
CA UNK F 658 23.71 37.62 -147.48
C UNK F 658 23.64 38.76 -146.47
N UNK F 659 22.44 39.30 -146.23
CA UNK F 659 22.25 40.48 -145.40
C UNK F 659 20.76 40.64 -145.13
N UNK F 660 20.44 41.32 -144.03
CA UNK F 660 19.04 41.40 -143.59
C UNK F 660 18.88 42.59 -142.63
N UNK F 661 17.88 42.48 -141.74
CA UNK F 661 17.19 43.55 -141.03
C UNK F 661 18.09 44.60 -140.38
N UNK F 662 17.57 45.82 -140.33
CA UNK F 662 18.25 46.98 -139.76
C UNK F 662 17.30 47.68 -138.81
N UNK F 663 17.86 48.50 -137.90
CA UNK F 663 17.04 49.39 -137.06
C UNK F 663 17.75 50.73 -136.94
N UNK F 664 17.51 51.60 -137.91
CA UNK F 664 18.19 52.90 -138.00
C UNK F 664 17.44 53.78 -138.99
N UNK F 665 18.08 54.88 -139.40
CA UNK F 665 17.57 55.65 -140.54
C UNK F 665 18.21 55.15 -141.82
N UNK F 666 -1.72 -0.88 -156.25
CA UNK F 666 -2.60 -0.62 -155.13
C UNK F 666 -2.70 -1.86 -154.27
N UNK F 667 -2.91 -2.98 -154.93
CA UNK F 667 -2.85 -4.30 -154.29
C UNK F 667 -2.60 -5.33 -155.38
N UNK F 668 -1.41 -5.93 -155.35
CA UNK F 668 -0.95 -6.76 -156.45
C UNK F 668 0.11 -7.72 -155.94
N UNK F 669 0.34 -8.82 -156.67
CA UNK F 669 1.11 -10.00 -156.27
C UNK F 669 2.54 -9.76 -155.77
N UNK F 670 3.08 -10.74 -155.03
CA UNK F 670 4.43 -10.72 -154.50
C UNK F 670 5.32 -11.69 -155.26
N UNK F 671 6.60 -11.35 -155.40
CA UNK F 671 7.57 -12.16 -156.13
C UNK F 671 8.96 -11.95 -155.52
N UNK F 672 10.00 -12.38 -156.22
CA UNK F 672 11.37 -12.22 -155.72
C UNK F 672 12.28 -11.41 -156.64
N UNK F 673 12.43 -11.80 -157.91
CA UNK F 673 13.32 -11.19 -158.91
C UNK F 673 14.78 -11.18 -158.45
N UNK F 674 15.34 -12.38 -158.37
CA UNK F 674 16.69 -12.63 -157.87
C UNK F 674 17.75 -11.89 -158.69
N UNK F 675 18.90 -11.68 -158.05
CA UNK F 675 19.90 -10.74 -158.53
C UNK F 675 21.21 -11.47 -158.82
N UNK F 676 21.60 -11.48 -160.09
CA UNK F 676 22.90 -11.97 -160.52
C UNK F 676 23.95 -10.90 -160.30
N UNK F 677 25.21 -11.29 -160.41
CA UNK F 677 26.29 -10.33 -160.28
C UNK F 677 26.46 -9.55 -161.58
N UNK F 678 27.48 -8.70 -161.63
CA UNK F 678 27.76 -7.90 -162.80
C UNK F 678 29.11 -8.28 -163.37
N UNK F 679 29.22 -8.35 -164.68
CA UNK F 679 30.41 -8.87 -165.34
C UNK F 679 31.07 -7.78 -166.17
N UNK F 680 32.36 -7.57 -165.93
CA UNK F 680 33.17 -6.65 -166.72
C UNK F 680 34.60 -7.13 -166.69
N UNK F 681 35.17 -7.36 -167.87
CA UNK F 681 36.45 -8.05 -167.93
C UNK F 681 37.20 -7.67 -169.18
N UNK F 682 38.52 -7.63 -169.04
CA UNK F 682 39.47 -7.26 -170.06
C UNK F 682 40.72 -8.03 -169.71
N UNK F 683 41.88 -7.53 -170.11
CA UNK F 683 43.13 -8.20 -169.77
C UNK F 683 43.49 -7.96 -168.31
N UNK F 684 44.73 -8.27 -167.94
CA UNK F 684 45.03 -8.59 -166.55
C UNK F 684 46.43 -8.16 -166.17
N UNK F 685 46.99 -8.85 -165.20
CA UNK F 685 48.39 -8.72 -164.79
C UNK F 685 49.31 -9.37 -165.83
N UNK F 686 50.53 -9.71 -165.40
CA UNK F 686 51.63 -10.21 -166.25
C UNK F 686 52.04 -9.16 -167.29
N UNK F 687 52.69 -8.13 -166.76
CA UNK F 687 53.59 -7.25 -167.53
C UNK F 687 54.52 -8.07 -168.42
N UNK F 688 54.77 -7.60 -169.65
CA UNK F 688 54.66 -6.22 -170.14
C UNK F 688 53.35 -5.82 -170.83
N UNK F 689 53.22 -4.50 -171.12
CA UNK F 689 52.04 -3.97 -171.78
C UNK F 689 52.33 -2.93 -172.86
N UNK F 690 53.60 -2.55 -173.07
CA UNK F 690 54.04 -1.59 -174.07
C UNK F 690 53.35 -0.23 -173.95
N UNK F 691 53.07 0.22 -172.71
CA UNK F 691 52.68 1.61 -172.45
C UNK F 691 53.04 1.90 -171.00
N UNK F 692 54.18 2.55 -170.78
CA UNK F 692 54.69 2.83 -169.44
C UNK F 692 55.06 4.29 -169.32
N UNK F 693 55.38 4.74 -168.10
CA UNK F 693 55.71 6.14 -167.89
C UNK F 693 57.13 6.39 -167.37
N UNK F 694 57.45 6.03 -166.13
CA UNK F 694 58.75 6.49 -165.64
C UNK F 694 59.54 5.51 -164.78
N UNK F 695 58.85 4.77 -163.91
CA UNK F 695 59.50 4.02 -162.85
C UNK F 695 58.50 2.96 -162.34
N UNK F 696 58.82 2.36 -161.21
CA UNK F 696 58.10 1.19 -160.72
C UNK F 696 56.91 1.60 -159.85
N UNK F 697 55.68 1.32 -160.29
CA UNK F 697 55.40 0.60 -161.54
C UNK F 697 54.23 1.23 -162.30
N UNK F 698 54.21 2.55 -162.42
CA UNK F 698 53.11 3.24 -163.09
C UNK F 698 53.05 2.88 -164.56
N UNK F 699 51.86 2.49 -165.02
CA UNK F 699 51.73 1.82 -166.31
C UNK F 699 50.62 2.44 -167.14
N UNK F 700 50.67 3.76 -167.34
CA UNK F 700 49.62 4.50 -168.03
C UNK F 700 49.44 4.06 -169.47
N UNK F 701 48.19 3.95 -169.91
CA UNK F 701 47.92 3.12 -171.06
C UNK F 701 46.87 3.70 -172.00
N UNK F 702 47.03 3.39 -173.29
CA UNK F 702 45.87 3.33 -174.19
C UNK F 702 45.40 1.88 -174.25
N UNK F 703 46.21 1.01 -174.87
CA UNK F 703 46.73 -0.23 -174.31
C UNK F 703 45.91 -0.90 -173.21
N UNK F 704 44.70 -1.38 -173.48
CA UNK F 704 44.22 -1.77 -174.78
C UNK F 704 42.73 -1.59 -174.87
N UNK F 705 42.28 -0.94 -175.94
CA UNK F 705 40.86 -0.67 -176.10
C UNK F 705 40.11 -1.94 -176.46
N UNK F 706 38.89 -2.05 -175.95
CA UNK F 706 38.00 -3.17 -176.19
C UNK F 706 36.60 -2.66 -176.51
N UNK F 707 36.52 -1.75 -177.50
CA UNK F 707 35.31 -1.03 -177.92
C UNK F 707 34.12 -1.94 -178.14
N UNK F 708 34.23 -2.84 -179.13
CA UNK F 708 33.71 -4.21 -179.10
C UNK F 708 32.22 -4.27 -178.73
N UNK F 709 31.40 -3.80 -179.67
CA UNK F 709 29.98 -3.48 -179.50
C UNK F 709 29.13 -4.58 -178.86
N UNK F 710 28.00 -4.17 -178.28
CA UNK F 710 27.21 -5.03 -177.40
C UNK F 710 25.74 -4.65 -177.43
N UNK F 711 24.88 -5.67 -177.39
CA UNK F 711 23.48 -5.55 -177.00
C UNK F 711 23.41 -5.58 -175.48
N UNK F 712 22.27 -5.93 -174.91
CA UNK F 712 22.22 -6.21 -173.47
C UNK F 712 22.99 -7.50 -173.23
N UNK F 713 24.32 -7.37 -173.19
CA UNK F 713 25.29 -8.42 -173.40
C UNK F 713 26.67 -7.81 -173.20
N UNK F 714 27.69 -8.66 -173.22
CA UNK F 714 29.06 -8.22 -173.03
C UNK F 714 29.67 -7.86 -174.39
N UNK F 715 31.00 -7.69 -174.42
CA UNK F 715 31.71 -7.18 -175.58
C UNK F 715 31.89 -8.23 -176.67
N UNK F 716 32.80 -7.98 -177.62
CA UNK F 716 33.06 -8.90 -178.73
C UNK F 716 33.43 -10.30 -178.22
N UNK F 717 32.92 -11.32 -178.92
CA UNK F 717 32.80 -12.64 -178.34
C UNK F 717 34.14 -13.30 -178.10
N UNK F 718 34.31 -13.90 -176.93
CA UNK F 718 35.55 -14.55 -176.58
C UNK F 718 35.23 -15.63 -175.54
N UNK F 719 35.13 -16.88 -176.00
CA UNK F 719 34.94 -18.00 -175.09
C UNK F 719 36.22 -18.80 -174.90
N UNK F 720 36.83 -19.20 -176.00
CA UNK F 720 38.18 -19.73 -176.01
C UNK F 720 39.08 -19.07 -177.04
N UNK F 721 38.54 -18.33 -178.00
CA UNK F 721 39.32 -17.70 -179.05
C UNK F 721 38.73 -16.33 -179.32
N UNK F 722 39.46 -15.27 -178.91
CA UNK F 722 38.91 -13.92 -178.88
C UNK F 722 38.84 -13.35 -180.28
N UNK F 723 37.76 -13.69 -180.97
CA UNK F 723 37.58 -13.27 -182.35
C UNK F 723 37.11 -11.82 -182.40
N UNK F 724 37.89 -10.97 -183.06
CA UNK F 724 37.52 -9.59 -183.33
C UNK F 724 36.62 -9.52 -184.56
N UNK F 725 36.47 -8.33 -185.14
CA UNK F 725 35.61 -8.13 -186.30
C UNK F 725 36.12 -8.82 -187.58
N UNK F 726 37.33 -9.38 -187.55
CA UNK F 726 37.87 -10.23 -188.62
C UNK F 726 37.33 -11.65 -188.51
N UNK F 727 37.96 -12.60 -189.19
CA UNK F 727 37.47 -13.99 -189.18
C UNK F 727 37.59 -14.62 -187.80
N UNK F 728 38.81 -14.73 -187.26
CA UNK F 728 39.02 -15.29 -185.93
C UNK F 728 40.35 -14.80 -185.41
N UNK F 729 40.54 -14.92 -184.11
CA UNK F 729 41.79 -14.52 -183.47
C UNK F 729 41.90 -15.22 -182.12
N UNK F 730 43.12 -15.55 -181.75
CA UNK F 730 43.36 -16.39 -180.58
C UNK F 730 44.20 -15.62 -179.57
N UNK F 731 43.53 -14.85 -178.72
CA UNK F 731 44.21 -14.25 -177.59
C UNK F 731 44.52 -15.35 -176.59
N UNK F 732 45.80 -15.65 -176.41
CA UNK F 732 46.21 -16.75 -175.55
C UNK F 732 46.05 -16.41 -174.08
N UNK G 1 -30.90 -7.44 -114.90
CA UNK G 1 -30.58 -6.81 -113.64
C UNK G 1 -30.49 -5.30 -113.80
N UNK G 2 -29.52 -4.68 -113.16
CA UNK G 2 -29.37 -3.23 -113.25
C UNK G 2 -27.89 -2.88 -113.20
N UNK G 3 -27.45 -2.08 -114.15
CA UNK G 3 -26.04 -1.73 -114.29
C UNK G 3 -25.91 -0.23 -114.18
N UNK G 4 -25.29 0.29 -113.14
CA UNK G 4 -25.31 1.74 -112.92
C UNK G 4 -23.92 2.36 -113.05
N UNK G 5 -23.87 3.67 -113.24
CA UNK G 5 -22.57 4.31 -113.43
C UNK G 5 -22.62 5.77 -112.99
N UNK G 6 -21.78 6.13 -112.04
CA UNK G 6 -21.61 7.54 -111.74
C UNK G 6 -20.60 8.12 -112.72
N UNK G 7 -20.77 9.37 -113.13
CA UNK G 7 -19.85 9.91 -114.11
C UNK G 7 -19.66 11.39 -113.85
N UNK G 8 -18.45 11.83 -113.55
CA UNK G 8 -18.21 13.20 -113.14
C UNK G 8 -17.50 13.98 -114.24
N UNK G 9 -17.89 15.24 -114.44
CA UNK G 9 -17.09 16.16 -115.23
C UNK G 9 -16.14 16.92 -114.29
N UNK G 10 -15.30 17.81 -114.82
CA UNK G 10 -14.31 18.51 -114.00
C UNK G 10 -14.97 19.68 -113.27
N UNK G 11 -14.79 19.75 -111.96
CA UNK G 11 -15.72 20.48 -111.12
C UNK G 11 -15.03 21.47 -110.20
N UNK G 12 -15.80 22.47 -109.78
CA UNK G 12 -15.50 23.29 -108.61
C UNK G 12 -16.81 23.92 -108.15
N UNK G 13 -17.35 23.43 -107.04
CA UNK G 13 -18.60 23.89 -106.43
C UNK G 13 -19.78 23.81 -107.40
N UNK G 14 -20.09 22.59 -107.78
CA UNK G 14 -21.22 22.35 -108.65
C UNK G 14 -21.94 21.07 -108.24
N UNK G 15 -23.12 20.87 -108.81
CA UNK G 15 -24.14 19.99 -108.27
C UNK G 15 -24.24 18.70 -109.04
N UNK G 16 -25.22 17.91 -108.66
CA UNK G 16 -25.36 16.55 -109.14
C UNK G 16 -26.64 16.44 -109.93
N UNK G 17 -26.75 15.41 -110.75
CA UNK G 17 -27.97 15.14 -111.51
C UNK G 17 -28.12 13.64 -111.64
N UNK G 18 -29.11 13.07 -110.99
CA UNK G 18 -29.24 11.62 -110.90
C UNK G 18 -30.16 11.14 -112.02
N UNK G 19 -29.60 10.98 -113.21
CA UNK G 19 -30.44 10.61 -114.34
C UNK G 19 -30.63 9.10 -114.38
N UNK G 20 -31.70 8.67 -115.03
CA UNK G 20 -31.95 7.24 -115.17
C UNK G 20 -32.24 7.00 -116.64
N UNK G 21 -31.22 6.60 -117.38
CA UNK G 21 -31.35 6.38 -118.81
C UNK G 21 -32.23 5.16 -119.00
N UNK G 22 -33.50 5.41 -119.30
CA UNK G 22 -34.48 4.33 -119.36
C UNK G 22 -34.19 3.43 -120.54
N UNK G 23 -34.36 3.96 -121.75
CA UNK G 23 -33.98 3.17 -122.91
C UNK G 23 -33.38 4.00 -124.03
N UNK G 24 -32.96 5.24 -123.76
CA UNK G 24 -32.69 6.16 -124.85
C UNK G 24 -31.36 5.87 -125.54
N UNK G 25 -30.26 6.07 -124.81
CA UNK G 25 -28.87 5.97 -125.27
C UNK G 25 -28.52 6.92 -126.43
N UNK G 26 -29.40 7.86 -126.76
CA UNK G 26 -29.11 8.96 -127.66
C UNK G 26 -29.50 10.29 -127.06
N UNK G 27 -30.33 10.29 -126.02
CA UNK G 27 -30.43 11.39 -125.09
C UNK G 27 -29.26 11.46 -124.15
N UNK G 28 -28.28 10.55 -124.28
CA UNK G 28 -27.11 10.57 -123.43
C UNK G 28 -26.30 11.83 -123.66
N UNK G 29 -26.10 12.21 -124.91
CA UNK G 29 -25.40 13.46 -125.17
C UNK G 29 -26.25 14.66 -124.76
N UNK G 30 -27.57 14.51 -124.83
CA UNK G 30 -28.47 15.59 -124.44
C UNK G 30 -28.38 15.88 -122.95
N UNK G 31 -28.52 14.84 -122.14
CA UNK G 31 -28.36 15.02 -120.70
C UNK G 31 -26.91 15.33 -120.34
N UNK G 32 -25.96 14.91 -121.17
CA UNK G 32 -24.56 15.23 -120.91
C UNK G 32 -24.32 16.72 -121.03
N UNK G 33 -24.82 17.33 -122.09
CA UNK G 33 -24.70 18.77 -122.21
C UNK G 33 -25.57 19.48 -121.19
N UNK G 34 -26.65 18.83 -120.74
CA UNK G 34 -27.50 19.46 -119.74
C UNK G 34 -26.80 19.53 -118.40
N UNK G 35 -26.10 18.48 -118.01
CA UNK G 35 -25.30 18.48 -116.80
C UNK G 35 -23.90 18.98 -117.05
N UNK G 36 -23.62 19.50 -118.23
CA UNK G 36 -22.38 20.24 -118.41
C UNK G 36 -22.35 21.50 -117.58
N UNK G 37 -23.50 22.05 -117.22
CA UNK G 37 -23.56 23.12 -116.24
C UNK G 37 -23.79 22.54 -114.84
N UNK G 38 -22.85 21.69 -114.45
CA UNK G 38 -22.90 20.93 -113.19
C UNK G 38 -21.56 20.29 -112.85
N UNK G 39 -21.57 19.35 -111.90
CA UNK G 39 -20.41 18.57 -111.53
C UNK G 39 -20.54 17.09 -111.83
N UNK G 40 -21.60 16.44 -111.37
CA UNK G 40 -21.60 14.98 -111.39
C UNK G 40 -22.91 14.46 -111.93
N UNK G 41 -22.87 13.87 -113.12
CA UNK G 41 -24.03 13.11 -113.53
C UNK G 41 -23.97 11.76 -112.88
N UNK G 42 -25.12 11.11 -112.76
CA UNK G 42 -25.13 9.74 -112.24
C UNK G 42 -26.12 9.00 -113.11
N UNK G 43 -25.62 8.32 -114.13
CA UNK G 43 -26.47 7.68 -115.10
C UNK G 43 -26.81 6.28 -114.61
N UNK G 44 -28.08 6.03 -114.35
CA UNK G 44 -28.47 4.68 -113.99
C UNK G 44 -28.92 3.91 -115.23
N UNK G 45 -28.78 2.58 -115.16
CA UNK G 45 -29.19 1.52 -116.09
C UNK G 45 -28.34 1.40 -117.35
N UNK G 46 -27.54 2.42 -117.70
CA UNK G 46 -26.20 2.39 -118.30
C UNK G 46 -25.77 1.20 -119.15
N UNK G 47 -26.56 0.77 -120.13
CA UNK G 47 -26.22 -0.48 -120.79
C UNK G 47 -25.18 -0.29 -121.88
N UNK G 48 -25.45 0.59 -122.83
CA UNK G 48 -24.46 0.99 -123.81
C UNK G 48 -23.83 2.30 -123.47
N UNK G 49 -24.45 3.07 -122.59
CA UNK G 49 -23.93 4.38 -122.23
C UNK G 49 -22.61 4.25 -121.48
N UNK G 50 -22.59 3.41 -120.44
CA UNK G 50 -21.37 3.26 -119.66
C UNK G 50 -20.28 2.62 -120.49
N UNK G 51 -20.64 1.73 -121.40
CA UNK G 51 -19.65 1.06 -122.20
C UNK G 51 -19.00 2.02 -123.17
N UNK G 52 -19.80 2.78 -123.92
CA UNK G 52 -19.22 3.69 -124.88
C UNK G 52 -18.49 4.82 -124.17
N UNK G 53 -18.96 5.23 -123.00
CA UNK G 53 -18.27 6.30 -122.29
C UNK G 53 -16.94 5.82 -121.74
N UNK G 54 -16.89 4.58 -121.26
CA UNK G 54 -15.63 4.09 -120.72
C UNK G 54 -14.63 3.82 -121.81
N UNK G 55 -15.09 3.36 -122.98
CA UNK G 55 -14.15 3.14 -124.07
C UNK G 55 -13.60 4.45 -124.58
N UNK G 56 -14.44 5.48 -124.64
CA UNK G 56 -13.93 6.78 -125.04
C UNK G 56 -12.98 7.34 -124.01
N UNK G 57 -13.26 7.13 -122.73
CA UNK G 57 -12.39 7.70 -121.71
C UNK G 57 -11.06 6.98 -121.66
N UNK G 58 -11.06 5.67 -121.87
CA UNK G 58 -9.81 4.94 -121.76
C UNK G 58 -8.98 5.02 -123.02
N UNK G 59 -9.57 5.33 -124.15
CA UNK G 59 -8.77 5.63 -125.33
C UNK G 59 -9.00 7.06 -125.74
N UNK G 60 -9.07 7.95 -124.75
CA UNK G 60 -9.36 9.35 -125.01
C UNK G 60 -8.13 10.22 -125.10
N UNK G 61 -6.97 9.75 -124.71
CA UNK G 61 -5.78 10.59 -124.73
C UNK G 61 -4.79 10.23 -125.82
N UNK G 62 -4.35 8.98 -125.87
CA UNK G 62 -3.35 8.63 -126.86
C UNK G 62 -3.98 8.50 -128.24
N UNK G 63 -5.17 7.90 -128.29
CA UNK G 63 -5.84 7.74 -129.57
C UNK G 63 -6.38 9.05 -130.09
N UNK G 64 -6.37 10.11 -129.28
CA UNK G 64 -6.60 11.45 -129.75
C UNK G 64 -5.32 12.16 -130.14
N UNK G 65 -4.26 11.90 -129.38
CA UNK G 65 -2.99 12.56 -129.63
C UNK G 65 -2.40 12.13 -130.96
N UNK G 66 -2.67 10.90 -131.38
CA UNK G 66 -2.14 10.52 -132.67
C UNK G 66 -3.05 11.01 -133.80
N UNK G 67 -4.25 10.46 -133.92
CA UNK G 67 -4.92 10.48 -135.21
C UNK G 67 -6.22 11.27 -135.24
N UNK G 68 -7.24 10.83 -134.51
CA UNK G 68 -8.65 11.11 -134.80
C UNK G 68 -8.95 10.91 -136.29
N UNK G 69 -8.87 9.65 -136.70
CA UNK G 69 -9.08 9.27 -138.08
C UNK G 69 -10.56 9.14 -138.39
N UNK G 70 -10.88 9.00 -139.68
CA UNK G 70 -12.21 8.66 -140.14
C UNK G 70 -12.16 7.25 -140.73
N UNK G 71 -13.04 6.38 -140.27
CA UNK G 71 -12.85 4.95 -140.47
C UNK G 71 -13.92 4.36 -141.35
N UNK G 72 -13.57 4.06 -142.61
CA UNK G 72 -14.42 3.24 -143.44
C UNK G 72 -14.35 1.79 -142.99
N UNK G 73 -15.41 1.03 -143.24
CA UNK G 73 -15.44 -0.35 -142.78
C UNK G 73 -16.16 -1.24 -143.77
N UNK G 74 -15.57 -2.39 -144.07
CA UNK G 74 -16.21 -3.38 -144.91
C UNK G 74 -16.13 -4.67 -144.11
N UNK G 75 -17.10 -4.90 -143.24
CA UNK G 75 -17.01 -6.02 -142.33
C UNK G 75 -18.07 -7.07 -142.67
N UNK G 76 -17.65 -8.32 -142.66
CA UNK G 76 -18.53 -9.45 -142.81
C UNK G 76 -18.89 -9.96 -141.43
N UNK G 77 -20.09 -10.46 -141.29
CA UNK G 77 -20.75 -10.38 -140.01
C UNK G 77 -20.41 -11.55 -139.09
N UNK G 78 -19.21 -12.10 -139.21
CA UNK G 78 -18.91 -13.38 -138.59
C UNK G 78 -18.97 -13.40 -137.07
N UNK G 79 -18.04 -12.74 -136.41
CA UNK G 79 -17.81 -13.00 -134.99
C UNK G 79 -18.24 -11.84 -134.12
N UNK G 80 -17.69 -10.66 -134.36
CA UNK G 80 -17.98 -9.50 -133.51
C UNK G 80 -19.41 -9.03 -133.66
N UNK G 81 -20.08 -9.40 -134.74
CA UNK G 81 -21.38 -8.87 -135.12
C UNK G 81 -22.48 -9.23 -134.16
N UNK G 82 -22.25 -10.14 -133.21
CA UNK G 82 -22.98 -10.04 -131.96
C UNK G 82 -22.03 -10.53 -130.87
N UNK G 83 -21.18 -9.64 -130.38
CA UNK G 83 -20.11 -10.09 -129.50
C UNK G 83 -19.46 -8.90 -128.83
N UNK G 84 -18.33 -9.20 -128.18
CA UNK G 84 -17.60 -8.31 -127.30
C UNK G 84 -16.43 -7.66 -128.00
N UNK G 85 -16.09 -6.46 -127.57
CA UNK G 85 -14.94 -5.75 -128.10
C UNK G 85 -13.65 -6.15 -127.44
N UNK G 86 -13.69 -7.17 -126.58
CA UNK G 86 -12.52 -7.87 -126.05
C UNK G 86 -11.63 -6.98 -125.22
N UNK G 87 -12.20 -6.05 -124.51
CA UNK G 87 -11.44 -5.38 -123.47
C UNK G 87 -12.29 -5.11 -122.24
N UNK G 88 -13.54 -5.54 -122.23
CA UNK G 88 -14.43 -5.19 -121.13
C UNK G 88 -14.19 -6.05 -119.92
N UNK G 89 -13.89 -7.32 -120.11
CA UNK G 89 -13.91 -8.31 -119.04
C UNK G 89 -12.75 -8.20 -118.08
N UNK G 90 -11.90 -7.21 -118.21
CA UNK G 90 -10.88 -7.00 -117.19
C UNK G 90 -10.85 -5.59 -116.67
N UNK G 91 -11.38 -4.61 -117.38
CA UNK G 91 -11.47 -3.26 -116.83
C UNK G 91 -12.80 -3.00 -116.16
N UNK G 92 -13.92 -3.39 -116.77
CA UNK G 92 -15.17 -3.40 -116.02
C UNK G 92 -15.42 -4.78 -115.41
N UNK G 93 -14.36 -5.30 -114.81
CA UNK G 93 -14.43 -6.04 -113.56
C UNK G 93 -14.14 -4.97 -112.55
N UNK G 94 -15.21 -4.31 -112.09
CA UNK G 94 -15.18 -2.93 -111.65
C UNK G 94 -14.33 -2.73 -110.40
N UNK G 95 -13.53 -1.68 -110.40
CA UNK G 95 -12.75 -1.29 -109.23
C UNK G 95 -13.44 -0.23 -108.40
N UNK G 96 -14.02 0.77 -109.05
CA UNK G 96 -15.04 1.68 -108.50
C UNK G 96 -14.52 2.47 -107.31
N UNK G 97 -13.50 3.27 -107.55
CA UNK G 97 -12.81 3.92 -106.45
C UNK G 97 -12.44 5.33 -106.87
N UNK G 98 -13.23 6.30 -106.42
CA UNK G 98 -12.96 7.66 -106.78
C UNK G 98 -13.62 8.58 -105.79
N UNK G 99 -13.63 9.85 -106.15
CA UNK G 99 -14.35 10.96 -105.59
C UNK G 99 -14.31 12.00 -106.68
N UNK G 100 -14.52 13.25 -106.32
CA UNK G 100 -14.25 14.36 -107.24
C UNK G 100 -12.82 14.83 -107.07
N UNK G 101 -11.90 14.07 -107.64
CA UNK G 101 -10.47 14.30 -107.43
C UNK G 101 -9.87 15.14 -108.56
N UNK G 102 -10.50 16.26 -108.89
CA UNK G 102 -9.89 17.20 -109.82
C UNK G 102 -10.31 18.62 -109.50
N UNK G 103 -10.43 18.96 -108.21
CA UNK G 103 -11.01 20.22 -107.76
C UNK G 103 -10.26 21.42 -108.32
N UNK G 104 -11.01 22.43 -108.77
CA UNK G 104 -10.51 23.33 -109.80
C UNK G 104 -10.48 24.81 -109.43
N UNK G 105 -9.94 25.14 -108.27
CA UNK G 105 -9.51 26.49 -107.88
C UNK G 105 -10.58 27.57 -107.93
N UNK G 106 -16.52 -101.80 -164.53
CA UNK G 106 -16.68 -100.71 -163.56
C UNK G 106 -16.24 -99.39 -164.16
N UNK G 107 -15.44 -99.47 -165.23
CA UNK G 107 -14.84 -98.28 -165.81
C UNK G 107 -14.57 -98.57 -167.29
N UNK G 108 -14.85 -97.60 -168.17
CA UNK G 108 -15.45 -96.32 -167.84
C UNK G 108 -16.97 -96.45 -167.75
N UNK G 109 -17.58 -96.88 -168.85
CA UNK G 109 -19.03 -96.94 -169.03
C UNK G 109 -19.67 -95.60 -168.64
N UNK G 110 -19.21 -94.57 -169.33
CA UNK G 110 -19.56 -93.17 -169.11
C UNK G 110 -19.26 -92.71 -167.69
N UNK G 111 -18.26 -93.29 -167.06
CA UNK G 111 -18.00 -92.96 -165.67
C UNK G 111 -16.50 -93.09 -165.43
N UNK G 112 -15.80 -91.97 -165.55
CA UNK G 112 -14.36 -91.94 -165.37
C UNK G 112 -13.94 -90.49 -165.19
N UNK G 113 -12.67 -90.32 -164.78
CA UNK G 113 -11.97 -89.04 -164.68
C UNK G 113 -12.67 -88.02 -163.79
N UNK G 114 -44.49 -57.18 -157.30
CA UNK G 114 -43.74 -57.84 -158.37
C UNK G 114 -42.81 -56.86 -159.05
N UNK G 115 -43.17 -55.58 -159.00
CA UNK G 115 -42.38 -54.54 -159.62
C UNK G 115 -41.35 -53.94 -158.70
N UNK G 116 -41.28 -54.37 -157.45
CA UNK G 116 -40.57 -53.61 -156.43
C UNK G 116 -39.08 -53.89 -156.45
N UNK G 117 -38.30 -52.83 -156.25
CA UNK G 117 -36.89 -53.00 -155.92
C UNK G 117 -36.72 -53.65 -154.56
N UNK G 118 -37.69 -53.49 -153.66
CA UNK G 118 -37.67 -54.25 -152.42
C UNK G 118 -37.82 -55.74 -152.72
N UNK G 119 -38.71 -56.07 -153.65
CA UNK G 119 -38.84 -57.46 -154.07
C UNK G 119 -37.60 -57.94 -154.80
N UNK G 120 -36.92 -57.02 -155.48
CA UNK G 120 -35.65 -57.35 -156.10
C UNK G 120 -34.60 -57.68 -155.06
N UNK G 121 -34.31 -56.73 -154.16
CA UNK G 121 -33.26 -56.87 -153.16
C UNK G 121 -33.54 -57.98 -152.16
N UNK G 122 -34.77 -58.48 -152.11
CA UNK G 122 -35.02 -59.80 -151.56
C UNK G 122 -34.66 -60.89 -152.57
N UNK G 123 -33.37 -60.98 -152.87
CA UNK G 123 -32.90 -62.06 -153.74
C UNK G 123 -31.75 -62.93 -153.22
N UNK G 124 -30.63 -62.39 -152.67
CA UNK G 124 -30.23 -61.02 -152.32
C UNK G 124 -28.80 -60.59 -152.70
N UNK G 125 -28.40 -60.68 -153.96
CA UNK G 125 -27.05 -60.29 -154.37
C UNK G 125 -26.93 -58.76 -154.49
N UNK G 126 -25.81 -58.29 -155.06
CA UNK G 126 -25.49 -56.85 -155.13
C UNK G 126 -25.26 -56.33 -156.54
N UNK G 127 -25.06 -57.19 -157.52
CA UNK G 127 -25.33 -56.74 -158.87
C UNK G 127 -26.82 -56.46 -159.07
N UNK G 128 -27.69 -56.99 -158.20
CA UNK G 128 -29.04 -56.45 -158.09
C UNK G 128 -29.04 -55.00 -157.62
N UNK G 129 -28.02 -54.55 -156.87
CA UNK G 129 -27.92 -53.12 -156.62
C UNK G 129 -27.36 -52.39 -157.82
N UNK G 130 -26.63 -53.09 -158.66
CA UNK G 130 -26.38 -52.55 -159.98
C UNK G 130 -27.61 -52.66 -160.90
N UNK G 131 -28.63 -53.40 -160.51
CA UNK G 131 -29.81 -53.62 -161.33
C UNK G 131 -31.07 -53.01 -160.73
N UNK G 132 -30.95 -52.30 -159.61
CA UNK G 132 -32.10 -51.65 -159.01
C UNK G 132 -32.60 -50.47 -159.81
N UNK G 133 -31.82 -50.00 -160.79
CA UNK G 133 -32.30 -49.00 -161.73
C UNK G 133 -33.39 -49.52 -162.66
N UNK G 134 -33.63 -50.83 -162.68
CA UNK G 134 -34.81 -51.36 -163.34
C UNK G 134 -36.08 -50.81 -162.69
N UNK G 135 -36.07 -50.65 -161.38
CA UNK G 135 -37.25 -50.23 -160.62
C UNK G 135 -37.19 -48.77 -160.22
N UNK G 136 -36.65 -47.92 -161.09
CA UNK G 136 -36.69 -46.49 -160.83
C UNK G 136 -37.01 -45.75 -162.13
N UNK G 137 -37.87 -71.94 -174.68
CA UNK G 137 -36.66 -71.66 -175.45
C UNK G 137 -35.80 -70.63 -174.75
N UNK G 138 -35.17 -71.03 -173.64
CA UNK G 138 -34.38 -70.10 -172.86
C UNK G 138 -33.00 -69.90 -173.47
N UNK G 139 -32.34 -68.83 -173.03
CA UNK G 139 -30.90 -68.72 -173.24
C UNK G 139 -30.19 -69.86 -172.52
N UNK G 140 -30.65 -70.20 -171.32
CA UNK G 140 -30.15 -71.35 -170.61
C UNK G 140 -30.56 -72.67 -171.26
N UNK G 141 -31.55 -72.66 -172.14
CA UNK G 141 -31.87 -73.90 -172.85
C UNK G 141 -30.77 -74.26 -173.84
N UNK G 142 -30.06 -73.25 -174.34
CA UNK G 142 -28.85 -73.52 -175.12
C UNK G 142 -27.82 -74.28 -174.28
N UNK G 143 -27.70 -73.91 -173.00
CA UNK G 143 -26.86 -74.68 -172.11
C UNK G 143 -27.48 -76.04 -171.80
N UNK G 144 -28.81 -76.10 -171.69
CA UNK G 144 -29.48 -77.33 -171.32
C UNK G 144 -29.44 -78.36 -172.43
N UNK G 145 -29.13 -77.93 -173.64
CA UNK G 145 -28.74 -78.86 -174.69
C UNK G 145 -27.23 -78.96 -174.84
N UNK G 146 -26.50 -77.90 -174.49
CA UNK G 146 -25.08 -77.85 -174.78
C UNK G 146 -24.28 -78.68 -173.79
N UNK G 147 -24.52 -78.48 -172.49
CA UNK G 147 -23.94 -79.35 -171.49
C UNK G 147 -24.48 -80.76 -171.58
N UNK G 148 -25.70 -80.92 -172.11
CA UNK G 148 -26.22 -82.25 -172.40
C UNK G 148 -25.39 -82.95 -173.47
N UNK G 149 -25.04 -82.22 -174.53
CA UNK G 149 -24.17 -82.79 -175.55
C UNK G 149 -22.76 -82.97 -175.03
N UNK G 150 -22.35 -82.15 -174.08
CA UNK G 150 -20.99 -82.24 -173.56
C UNK G 150 -20.83 -83.28 -172.46
N UNK G 151 -21.90 -83.73 -171.86
CA UNK G 151 -21.81 -84.70 -170.78
C UNK G 151 -22.44 -86.04 -171.12
N UNK G 152 -23.55 -86.05 -171.86
CA UNK G 152 -24.20 -87.28 -172.28
C UNK G 152 -23.68 -87.79 -173.61
N UNK G 153 -22.45 -87.44 -173.95
CA UNK G 153 -21.79 -87.97 -175.14
C UNK G 153 -20.95 -89.19 -174.84
N UNK G 154 -20.55 -89.39 -173.59
CA UNK G 154 -19.83 -90.61 -173.24
C UNK G 154 -20.73 -91.83 -173.39
N UNK G 155 -22.03 -91.67 -173.21
CA UNK G 155 -22.99 -92.70 -173.53
C UNK G 155 -24.29 -92.06 -173.97
N UNK G 156 -35.54 -97.22 -134.38
CA UNK G 156 -34.89 -96.01 -133.92
C UNK G 156 -35.29 -94.82 -134.78
N UNK G 157 -35.97 -95.09 -135.88
CA UNK G 157 -36.51 -93.98 -136.63
C UNK G 157 -37.99 -94.10 -136.93
N UNK G 158 -38.48 -95.29 -137.25
CA UNK G 158 -39.82 -95.38 -137.83
C UNK G 158 -40.92 -95.42 -136.78
N UNK G 159 -41.02 -96.55 -136.07
CA UNK G 159 -42.13 -96.91 -135.19
C UNK G 159 -43.51 -96.67 -135.83
N UNK G 160 -43.62 -96.77 -137.15
CA UNK G 160 -44.78 -96.27 -137.85
C UNK G 160 -45.83 -97.34 -137.99
N UNK G 161 -47.06 -97.00 -137.65
CA UNK G 161 -48.19 -97.90 -137.75
C UNK G 161 -49.03 -97.50 -138.95
N UNK G 162 -49.91 -98.40 -139.35
CA UNK G 162 -50.69 -98.23 -140.55
C UNK G 162 -52.17 -98.33 -140.23
N UNK G 163 -52.98 -98.14 -141.27
CA UNK G 163 -54.42 -98.37 -141.22
C UNK G 163 -54.87 -98.61 -142.64
N UNK G 164 -56.10 -99.13 -142.78
CA UNK G 164 -56.65 -99.40 -144.09
C UNK G 164 -57.84 -98.49 -144.40
N UNK G 165 -58.89 -98.55 -143.57
CA UNK G 165 -60.04 -97.64 -143.58
C UNK G 165 -60.75 -97.61 -144.94
N UNK G 166 -61.28 -98.76 -145.33
CA UNK G 166 -61.96 -98.90 -146.60
C UNK G 166 -63.47 -98.79 -146.44
N UNK G 167 -64.14 -98.54 -147.56
CA UNK G 167 -65.61 -98.56 -147.72
C UNK G 167 -66.33 -97.56 -146.81
N UNK G 168 -66.21 -96.26 -147.10
CA UNK G 168 -65.54 -95.66 -148.27
C UNK G 168 -64.75 -94.38 -147.95
N UNK G 169 -64.97 -93.80 -146.78
CA UNK G 169 -64.46 -92.47 -146.46
C UNK G 169 -63.47 -92.52 -145.31
N UNK G 170 -62.47 -91.63 -145.37
CA UNK G 170 -61.28 -91.70 -144.54
C UNK G 170 -61.54 -91.20 -143.13
N UNK G 171 -60.52 -91.33 -142.28
CA UNK G 171 -60.53 -90.76 -140.94
C UNK G 171 -59.47 -89.69 -140.76
N UNK G 172 -58.20 -90.03 -140.96
CA UNK G 172 -57.10 -89.16 -140.56
C UNK G 172 -55.82 -89.67 -141.20
N UNK G 173 -54.77 -88.86 -141.11
CA UNK G 173 -53.46 -89.23 -141.62
C UNK G 173 -52.37 -88.76 -140.68
N UNK G 174 -52.56 -88.97 -139.39
CA UNK G 174 -51.81 -88.17 -138.43
C UNK G 174 -50.40 -88.71 -138.22
N UNK G 175 -49.57 -87.90 -137.57
CA UNK G 175 -48.18 -88.31 -137.38
C UNK G 175 -47.65 -87.68 -136.10
N UNK G 176 -47.24 -88.52 -135.16
CA UNK G 176 -46.67 -88.04 -133.91
C UNK G 176 -45.17 -87.92 -134.11
N UNK G 177 -44.65 -86.70 -134.08
CA UNK G 177 -43.26 -86.45 -134.37
C UNK G 177 -42.60 -85.99 -133.08
N UNK G 178 -41.76 -86.83 -132.51
CA UNK G 178 -41.08 -86.47 -131.28
C UNK G 178 -39.79 -85.74 -131.63
N UNK G 179 -39.55 -84.62 -130.97
CA UNK G 179 -38.29 -83.90 -131.12
C UNK G 179 -37.31 -84.46 -130.10
N UNK G 180 -36.24 -83.72 -129.82
CA UNK G 180 -35.13 -84.22 -129.00
C UNK G 180 -35.53 -84.46 -127.55
N UNK G 181 -34.58 -84.93 -126.78
CA UNK G 181 -34.83 -85.45 -125.45
C UNK G 181 -34.36 -84.47 -124.39
N UNK G 182 -35.05 -84.40 -123.24
CA UNK G 182 -36.35 -85.00 -122.91
C UNK G 182 -37.06 -84.05 -121.94
N UNK G 183 -38.11 -84.57 -121.30
CA UNK G 183 -38.77 -83.97 -120.12
C UNK G 183 -39.30 -82.57 -120.42
N UNK G 184 -40.27 -82.53 -121.32
CA UNK G 184 -40.85 -81.27 -121.74
C UNK G 184 -42.26 -81.55 -122.25
N UNK G 185 -42.84 -80.59 -122.95
CA UNK G 185 -44.27 -80.58 -123.21
C UNK G 185 -44.61 -81.24 -124.54
N UNK G 186 -45.86 -81.08 -124.94
CA UNK G 186 -46.34 -81.54 -126.22
C UNK G 186 -47.08 -80.40 -126.89
N UNK G 187 -47.18 -80.49 -128.21
CA UNK G 187 -47.95 -79.51 -128.99
C UNK G 187 -48.56 -80.22 -130.17
N UNK G 188 -49.88 -80.10 -130.32
CA UNK G 188 -50.62 -80.82 -131.35
C UNK G 188 -50.95 -79.85 -132.46
N UNK G 189 -50.02 -79.70 -133.41
CA UNK G 189 -50.25 -78.84 -134.55
C UNK G 189 -51.28 -79.51 -135.46
N UNK G 190 -52.48 -78.97 -135.49
CA UNK G 190 -53.47 -79.41 -136.46
C UNK G 190 -53.20 -78.62 -137.72
N UNK G 191 -52.46 -79.23 -138.64
CA UNK G 191 -52.18 -78.56 -139.89
C UNK G 191 -53.45 -78.47 -140.73
N UNK G 192 -53.73 -77.29 -141.26
CA UNK G 192 -54.78 -77.17 -142.27
C UNK G 192 -54.36 -77.98 -143.48
N UNK G 193 -53.33 -77.50 -144.19
CA UNK G 193 -52.50 -78.38 -144.99
C UNK G 193 -51.06 -77.87 -145.03
N UNK G 194 -50.69 -76.98 -144.11
CA UNK G 194 -49.85 -75.82 -144.37
C UNK G 194 -48.46 -76.08 -144.99
N UNK G 195 -47.55 -76.68 -144.22
CA UNK G 195 -46.13 -76.84 -144.58
C UNK G 195 -45.48 -75.52 -145.01
N UNK G 196 -45.83 -74.43 -144.35
CA UNK G 196 -45.16 -73.16 -144.55
C UNK G 196 -44.55 -72.63 -143.26
N UNK G 197 -45.32 -72.58 -142.19
CA UNK G 197 -44.80 -72.32 -140.85
C UNK G 197 -44.47 -73.60 -140.14
N UNK G 198 -44.23 -74.68 -140.88
CA UNK G 198 -43.90 -75.95 -140.27
C UNK G 198 -42.58 -75.86 -139.53
N UNK G 199 -41.58 -75.23 -140.16
CA UNK G 199 -40.32 -75.00 -139.49
C UNK G 199 -40.48 -74.01 -138.35
N UNK G 200 -41.47 -73.12 -138.45
CA UNK G 200 -41.73 -72.17 -137.39
C UNK G 200 -42.24 -72.86 -136.13
N UNK G 201 -43.25 -73.71 -136.30
CA UNK G 201 -43.74 -74.45 -135.16
C UNK G 201 -42.73 -75.50 -134.70
N UNK G 202 -41.84 -75.97 -135.57
CA UNK G 202 -40.79 -76.87 -135.11
C UNK G 202 -39.80 -76.15 -134.22
N UNK G 203 -39.43 -74.93 -134.60
CA UNK G 203 -38.59 -74.15 -133.72
C UNK G 203 -39.34 -73.68 -132.48
N UNK G 204 -40.67 -73.66 -132.55
CA UNK G 204 -41.44 -73.40 -131.34
C UNK G 204 -41.40 -74.58 -130.40
N UNK G 205 -41.58 -75.78 -130.93
CA UNK G 205 -41.53 -76.98 -130.11
C UNK G 205 -40.12 -77.42 -129.79
N UNK G 206 -39.13 -76.68 -130.28
CA UNK G 206 -37.76 -76.87 -129.80
C UNK G 206 -37.64 -76.61 -128.30
N UNK G 207 -38.51 -75.76 -127.75
CA UNK G 207 -38.61 -75.67 -126.31
C UNK G 207 -39.39 -76.82 -125.72
N UNK G 208 -40.19 -77.52 -126.53
CA UNK G 208 -41.03 -78.61 -126.06
C UNK G 208 -40.33 -79.96 -126.25
N UNK G 209 -41.09 -81.06 -126.18
CA UNK G 209 -40.61 -82.41 -126.43
C UNK G 209 -41.31 -83.11 -127.59
N UNK G 210 -42.63 -83.08 -127.67
CA UNK G 210 -43.32 -83.94 -128.61
C UNK G 210 -44.37 -83.17 -129.39
N UNK G 211 -44.20 -83.08 -130.70
CA UNK G 211 -45.22 -82.48 -131.53
C UNK G 211 -46.09 -83.58 -132.14
N UNK G 212 -47.26 -83.19 -132.61
CA UNK G 212 -48.14 -84.12 -133.30
C UNK G 212 -48.87 -83.39 -134.40
N UNK G 213 -48.65 -83.83 -135.63
CA UNK G 213 -49.27 -83.19 -136.78
C UNK G 213 -50.55 -83.92 -137.15
N UNK G 214 -51.62 -83.16 -137.37
CA UNK G 214 -52.90 -83.75 -137.76
C UNK G 214 -53.02 -83.77 -139.28
N UNK G 215 -52.87 -84.96 -139.84
CA UNK G 215 -53.10 -85.43 -141.21
C UNK G 215 -52.10 -84.92 -142.24
N UNK G 216 -51.49 -83.78 -141.99
CA UNK G 216 -50.13 -83.40 -142.36
C UNK G 216 -49.74 -83.38 -143.85
N UNK G 217 -50.29 -84.29 -144.65
CA UNK G 217 -50.49 -84.23 -146.10
C UNK G 217 -49.31 -83.86 -146.99
N UNK G 218 -48.37 -83.07 -146.51
CA UNK G 218 -47.12 -82.80 -147.19
C UNK G 218 -46.03 -82.61 -146.16
N UNK G 219 -46.45 -82.20 -144.96
CA UNK G 219 -45.49 -81.83 -143.94
C UNK G 219 -44.81 -83.06 -143.39
N UNK G 220 -45.59 -84.08 -143.03
CA UNK G 220 -45.00 -85.33 -142.62
C UNK G 220 -44.30 -86.03 -143.77
N UNK G 221 -44.73 -85.77 -145.00
CA UNK G 221 -44.05 -86.33 -146.17
C UNK G 221 -42.62 -85.81 -146.27
N UNK G 222 -42.46 -84.48 -146.25
CA UNK G 222 -41.13 -83.90 -146.30
C UNK G 222 -40.34 -84.19 -145.04
N UNK G 223 -41.02 -84.26 -143.90
CA UNK G 223 -40.35 -84.58 -142.63
C UNK G 223 -39.80 -85.99 -142.66
N UNK G 224 -40.60 -86.93 -143.16
CA UNK G 224 -40.15 -88.31 -143.27
C UNK G 224 -39.05 -88.43 -144.31
N UNK G 225 -39.14 -87.62 -145.37
CA UNK G 225 -38.11 -87.61 -146.39
C UNK G 225 -36.78 -87.20 -145.82
N UNK G 226 -36.78 -86.19 -144.96
CA UNK G 226 -35.54 -85.81 -144.29
C UNK G 226 -35.11 -86.89 -143.31
N UNK G 227 -36.04 -87.38 -142.51
CA UNK G 227 -35.71 -88.25 -141.40
C UNK G 227 -35.20 -89.60 -141.87
N UNK G 228 -35.61 -90.04 -143.06
CA UNK G 228 -35.17 -91.33 -143.54
C UNK G 228 -33.75 -91.25 -144.07
N UNK G 229 -33.54 -90.43 -145.07
CA UNK G 229 -32.25 -90.42 -145.73
C UNK G 229 -31.23 -89.53 -145.03
N UNK G 230 -31.58 -88.95 -143.88
CA UNK G 230 -30.68 -88.05 -143.16
C UNK G 230 -29.36 -88.68 -142.75
N UNK G 231 -29.40 -89.67 -141.88
CA UNK G 231 -28.16 -90.32 -141.47
C UNK G 231 -27.57 -91.17 -142.59
N UNK G 232 -28.39 -91.58 -143.55
CA UNK G 232 -27.93 -92.33 -144.71
C UNK G 232 -26.99 -91.52 -145.56
N UNK G 233 -27.50 -90.45 -146.16
CA UNK G 233 -26.70 -89.62 -147.02
C UNK G 233 -25.81 -88.67 -146.24
N UNK G 234 -25.98 -88.61 -144.91
CA UNK G 234 -25.21 -87.66 -144.10
C UNK G 234 -23.74 -88.02 -144.08
N UNK G 235 -23.40 -89.29 -144.27
CA UNK G 235 -22.01 -89.69 -144.43
C UNK G 235 -21.44 -89.33 -145.80
N UNK G 236 -22.21 -88.69 -146.66
CA UNK G 236 -21.71 -88.13 -147.90
C UNK G 236 -21.61 -86.61 -147.85
N UNK G 237 -22.69 -85.94 -147.42
CA UNK G 237 -22.77 -84.49 -147.23
C UNK G 237 -22.49 -83.72 -148.52
N UNK G 238 -23.39 -83.87 -149.49
CA UNK G 238 -23.18 -83.36 -150.83
C UNK G 238 -24.18 -82.26 -151.18
N UNK G 239 -23.89 -81.54 -152.26
CA UNK G 239 -24.74 -80.49 -152.81
C UNK G 239 -24.85 -80.67 -154.32
N UNK G 240 -25.77 -79.95 -154.95
CA UNK G 240 -26.09 -80.29 -156.33
C UNK G 240 -26.52 -79.05 -157.09
N UNK G 241 -26.95 -79.27 -158.33
CA UNK G 241 -27.42 -78.21 -159.22
C UNK G 241 -28.28 -78.87 -160.29
N UNK G 242 -29.58 -78.60 -160.26
CA UNK G 242 -30.55 -79.35 -161.05
C UNK G 242 -31.12 -78.46 -162.15
N UNK G 243 -30.82 -78.79 -163.40
CA UNK G 243 -31.40 -78.10 -164.55
C UNK G 243 -32.10 -79.17 -165.38
N UNK G 244 -33.33 -79.51 -165.00
CA UNK G 244 -33.98 -80.70 -165.50
C UNK G 244 -34.91 -80.34 -166.65
N UNK G 245 -34.79 -81.10 -167.75
CA UNK G 245 -35.59 -80.86 -168.95
C UNK G 245 -37.00 -81.37 -168.71
N UNK G 246 -37.78 -80.55 -168.01
CA UNK G 246 -39.06 -81.01 -167.47
C UNK G 246 -40.08 -81.19 -168.58
N UNK G 247 -40.04 -82.37 -169.21
CA UNK G 247 -40.93 -82.72 -170.30
C UNK G 247 -41.98 -83.74 -169.93
N UNK G 248 -41.78 -84.48 -168.85
CA UNK G 248 -42.79 -85.40 -168.34
C UNK G 248 -43.58 -84.77 -167.22
N UNK G 249 -43.89 -83.48 -167.37
CA UNK G 249 -44.33 -82.61 -166.27
C UNK G 249 -45.70 -83.05 -165.79
N UNK G 250 -45.69 -83.85 -164.73
CA UNK G 250 -46.86 -84.37 -164.06
C UNK G 250 -46.47 -84.50 -162.60
N UNK G 251 -47.18 -85.32 -161.86
CA UNK G 251 -46.84 -85.55 -160.46
C UNK G 251 -45.47 -86.20 -160.32
N UNK G 252 -44.65 -85.65 -159.45
CA UNK G 252 -43.37 -86.26 -159.13
C UNK G 252 -43.57 -87.26 -158.00
N UNK G 253 -42.49 -87.73 -157.40
CA UNK G 253 -42.58 -88.86 -156.48
C UNK G 253 -42.00 -88.49 -155.12
N UNK G 254 -42.00 -89.48 -154.23
CA UNK G 254 -41.69 -89.30 -152.82
C UNK G 254 -41.09 -90.61 -152.32
N UNK G 255 -41.09 -90.81 -151.01
CA UNK G 255 -40.56 -92.01 -150.38
C UNK G 255 -41.55 -92.57 -149.36
N UNK G 256 -42.80 -92.70 -149.76
CA UNK G 256 -43.83 -93.29 -148.90
C UNK G 256 -43.61 -94.78 -148.75
N UNK G 257 -35.49 -86.17 -170.74
CA UNK G 257 -34.46 -86.33 -169.73
C UNK G 257 -34.72 -85.39 -168.57
N UNK G 258 -33.97 -85.53 -167.49
CA UNK G 258 -34.01 -84.58 -166.39
C UNK G 258 -32.59 -84.42 -165.87
N UNK G 259 -31.91 -83.38 -166.31
CA UNK G 259 -30.49 -83.23 -166.03
C UNK G 259 -30.27 -82.59 -164.66
N UNK G 260 -29.41 -83.20 -163.86
CA UNK G 260 -28.96 -82.61 -162.62
C UNK G 260 -27.51 -83.01 -162.42
N UNK G 261 -26.66 -82.02 -162.23
CA UNK G 261 -25.26 -82.26 -161.96
C UNK G 261 -25.02 -81.99 -160.48
N UNK G 262 -24.62 -83.02 -159.75
CA UNK G 262 -24.32 -82.88 -158.34
C UNK G 262 -22.82 -82.68 -158.17
N UNK G 263 -22.46 -81.75 -157.30
CA UNK G 263 -21.07 -81.41 -157.09
C UNK G 263 -20.89 -81.19 -155.60
N UNK G 264 -20.14 -82.05 -154.94
CA UNK G 264 -19.84 -81.83 -153.54
C UNK G 264 -18.88 -80.67 -153.42
N UNK G 265 -19.43 -79.46 -153.32
CA UNK G 265 -18.69 -78.24 -153.63
C UNK G 265 -17.63 -77.93 -152.58
N UNK G 266 -16.61 -78.74 -152.53
CA UNK G 266 -15.56 -78.58 -151.53
C UNK G 266 -14.18 -78.48 -152.13
N UNK G 267 -13.86 -79.27 -153.15
CA UNK G 267 -12.48 -79.42 -153.56
C UNK G 267 -12.40 -79.91 -155.01
N UNK G 268 -11.25 -80.46 -155.37
CA UNK G 268 -10.92 -81.00 -156.67
C UNK G 268 -10.61 -82.49 -156.54
N UNK G 269 -10.81 -83.31 -157.60
CA UNK G 269 -11.34 -82.98 -158.92
C UNK G 269 -12.23 -84.03 -159.61
N UNK G 270 -12.49 -85.17 -158.98
CA UNK G 270 -13.00 -86.33 -159.72
C UNK G 270 -14.44 -86.15 -160.16
N UNK G 271 -14.78 -86.73 -161.32
CA UNK G 271 -16.08 -86.57 -161.95
C UNK G 271 -16.61 -87.90 -162.46
N UNK G 272 -17.93 -88.01 -162.56
CA UNK G 272 -18.58 -89.21 -163.07
C UNK G 272 -19.90 -88.85 -163.74
N UNK G 273 -20.58 -89.86 -164.30
CA UNK G 273 -21.85 -89.64 -164.98
C UNK G 273 -22.63 -90.95 -165.06
N UNK G 274 -23.96 -90.83 -165.03
CA UNK G 274 -24.86 -91.98 -165.19
C UNK G 274 -26.25 -91.48 -165.57
N UNK G 275 -27.17 -92.44 -165.81
CA UNK G 275 -28.62 -92.29 -165.99
C UNK G 275 -29.26 -93.68 -166.12
N UNK G 276 -30.51 -93.92 -165.69
CA UNK G 276 -31.41 -93.07 -164.89
C UNK G 276 -32.34 -93.94 -164.03
N UNK G 277 -31.95 -94.30 -162.81
CA UNK G 277 -32.79 -95.27 -162.10
C UNK G 277 -32.85 -95.17 -160.58
N UNK G 278 -32.46 -94.04 -159.98
CA UNK G 278 -32.56 -93.78 -158.53
C UNK G 278 -31.75 -94.69 -157.62
N UNK G 279 -31.02 -95.66 -158.17
CA UNK G 279 -30.17 -96.52 -157.38
C UNK G 279 -28.81 -95.90 -157.13
N UNK G 280 -28.60 -94.70 -157.66
CA UNK G 280 -27.29 -94.09 -157.68
C UNK G 280 -26.92 -93.42 -156.39
N UNK G 281 -27.56 -93.75 -155.27
CA UNK G 281 -27.00 -93.34 -154.00
C UNK G 281 -25.69 -94.08 -153.72
N UNK G 282 -25.55 -95.30 -154.24
CA UNK G 282 -24.27 -95.99 -154.13
C UNK G 282 -23.21 -95.33 -154.99
N UNK G 283 -23.56 -94.98 -156.23
CA UNK G 283 -22.65 -94.22 -157.08
C UNK G 283 -22.35 -92.86 -156.48
N UNK G 284 -23.31 -92.27 -155.78
CA UNK G 284 -23.08 -91.01 -155.09
C UNK G 284 -22.15 -91.20 -153.90
N UNK G 285 -22.19 -92.37 -153.26
CA UNK G 285 -21.22 -92.67 -152.23
C UNK G 285 -19.83 -92.80 -152.81
N UNK G 286 -19.74 -93.40 -154.00
CA UNK G 286 -18.46 -93.49 -154.69
C UNK G 286 -17.95 -92.11 -155.06
N UNK G 287 -18.84 -91.24 -155.53
CA UNK G 287 -18.43 -89.89 -155.91
C UNK G 287 -18.06 -89.07 -154.69
N UNK G 288 -18.76 -89.28 -153.57
CA UNK G 288 -18.45 -88.56 -152.36
C UNK G 288 -17.13 -89.04 -151.78
N UNK G 289 -16.77 -90.28 -152.04
CA UNK G 289 -15.39 -90.68 -151.82
C UNK G 289 -14.47 -90.00 -152.81
N UNK G 290 -14.97 -89.75 -154.01
CA UNK G 290 -14.09 -89.42 -155.12
C UNK G 290 -13.67 -87.96 -155.16
N UNK G 291 -14.55 -87.03 -154.74
CA UNK G 291 -14.29 -85.58 -154.74
C UNK G 291 -14.00 -85.03 -156.14
N UNK G 292 -15.04 -84.69 -156.93
CA UNK G 292 -16.29 -84.19 -156.35
C UNK G 292 -17.66 -84.46 -156.97
N UNK G 293 -17.76 -84.89 -158.22
CA UNK G 293 -18.98 -84.61 -158.97
C UNK G 293 -19.53 -85.83 -159.67
N UNK G 294 -20.84 -85.77 -159.91
CA UNK G 294 -21.54 -86.81 -160.64
C UNK G 294 -22.67 -86.16 -161.42
N UNK G 295 -22.75 -86.44 -162.70
CA UNK G 295 -23.86 -85.95 -163.50
C UNK G 295 -24.89 -87.04 -163.68
N UNK G 296 -26.15 -86.65 -163.77
CA UNK G 296 -27.20 -87.62 -164.04
C UNK G 296 -28.30 -86.95 -164.84
N UNK G 297 -29.02 -87.76 -165.60
CA UNK G 297 -30.21 -87.29 -166.30
C UNK G 297 -31.31 -88.28 -165.96
N UNK G 298 -31.93 -88.06 -164.81
CA UNK G 298 -32.92 -88.97 -164.26
C UNK G 298 -34.32 -88.57 -164.71
N UNK G 299 -35.32 -89.25 -164.17
CA UNK G 299 -36.73 -88.98 -164.44
C UNK G 299 -37.49 -88.60 -163.19
N UNK G 300 -37.33 -89.34 -162.10
CA UNK G 300 -37.95 -88.98 -160.84
C UNK G 300 -37.02 -89.27 -159.67
N UNK G 301 -35.71 -89.13 -159.88
CA UNK G 301 -34.71 -89.49 -158.88
C UNK G 301 -33.96 -88.30 -158.35
N UNK G 302 -33.53 -87.41 -159.26
CA UNK G 302 -32.73 -86.25 -158.88
C UNK G 302 -33.52 -85.29 -158.02
N UNK G 303 -34.83 -85.22 -158.22
CA UNK G 303 -35.68 -84.44 -157.35
C UNK G 303 -35.63 -84.96 -155.92
N UNK G 304 -35.61 -86.28 -155.74
CA UNK G 304 -35.53 -86.84 -154.40
C UNK G 304 -34.15 -86.58 -153.79
N UNK G 305 -33.11 -86.66 -154.61
CA UNK G 305 -31.77 -86.36 -154.10
C UNK G 305 -31.64 -84.90 -153.71
N UNK G 306 -32.27 -84.00 -154.46
CA UNK G 306 -32.24 -82.58 -154.11
C UNK G 306 -33.09 -82.28 -152.89
N UNK G 307 -34.19 -83.00 -152.71
CA UNK G 307 -34.97 -82.90 -151.49
C UNK G 307 -34.17 -83.36 -150.29
N UNK G 308 -33.30 -84.34 -150.48
CA UNK G 308 -32.39 -84.72 -149.41
C UNK G 308 -31.36 -83.64 -149.16
N UNK G 309 -30.83 -83.06 -150.21
CA UNK G 309 -29.66 -82.20 -150.08
C UNK G 309 -29.98 -80.80 -149.63
N UNK G 310 -31.13 -80.25 -150.03
CA UNK G 310 -31.49 -78.90 -149.63
C UNK G 310 -32.23 -78.87 -148.30
N UNK G 311 -32.08 -79.91 -147.48
CA UNK G 311 -32.73 -79.90 -146.18
C UNK G 311 -31.94 -79.06 -145.21
N UNK G 312 -30.73 -79.50 -144.87
CA UNK G 312 -29.84 -78.89 -143.87
C UNK G 312 -30.57 -78.56 -142.57
N UNK G 313 -31.47 -79.46 -142.16
CA UNK G 313 -32.35 -79.22 -141.03
C UNK G 313 -31.65 -79.62 -139.73
N UNK G 314 -30.54 -78.94 -139.48
CA UNK G 314 -29.88 -79.02 -138.18
C UNK G 314 -30.43 -77.99 -137.21
N UNK G 315 -31.70 -77.61 -137.40
CA UNK G 315 -32.43 -76.91 -136.35
C UNK G 315 -32.43 -77.84 -135.15
N UNK G 316 -33.14 -78.97 -135.21
CA UNK G 316 -32.65 -80.08 -134.41
C UNK G 316 -32.54 -81.41 -135.11
N UNK G 317 -33.70 -82.05 -135.34
CA UNK G 317 -33.82 -83.47 -135.64
C UNK G 317 -35.30 -83.85 -135.76
N UNK G 318 -35.58 -85.14 -135.97
CA UNK G 318 -36.90 -85.71 -135.71
C UNK G 318 -36.75 -87.21 -135.56
N UNK G 319 -37.47 -87.79 -134.62
CA UNK G 319 -37.59 -89.24 -134.47
C UNK G 319 -39.07 -89.56 -134.60
N UNK G 320 -39.54 -89.71 -135.83
CA UNK G 320 -40.95 -89.60 -136.13
C UNK G 320 -41.69 -90.88 -135.78
N UNK G 321 -43.02 -90.83 -135.93
CA UNK G 321 -43.88 -92.00 -135.99
C UNK G 321 -45.17 -91.56 -136.67
N UNK G 322 -45.80 -92.48 -137.39
CA UNK G 322 -46.93 -92.11 -138.22
C UNK G 322 -48.10 -93.04 -138.00
N UNK G 323 -49.27 -92.60 -138.48
CA UNK G 323 -50.41 -93.47 -138.73
C UNK G 323 -51.24 -92.76 -139.80
N UNK G 324 -51.08 -93.17 -141.06
CA UNK G 324 -51.44 -92.27 -142.15
C UNK G 324 -52.59 -92.76 -143.01
N UNK G 325 -52.44 -93.91 -143.66
CA UNK G 325 -53.47 -94.52 -144.51
C UNK G 325 -54.03 -93.70 -145.67
N UNK G 326 -53.40 -92.58 -146.08
CA UNK G 326 -54.01 -91.76 -147.14
C UNK G 326 -53.04 -90.80 -147.81
N UNK G 327 -53.24 -90.61 -149.12
CA UNK G 327 -53.24 -89.31 -149.80
C UNK G 327 -51.91 -88.55 -149.69
N UNK G 328 -50.90 -89.02 -150.43
CA UNK G 328 -49.66 -88.26 -150.57
C UNK G 328 -49.02 -88.50 -151.93
N UNK G 329 -49.16 -87.57 -152.87
CA UNK G 329 -48.32 -87.57 -154.08
C UNK G 329 -47.52 -86.29 -154.28
N UNK G 330 -48.18 -85.16 -154.63
CA UNK G 330 -47.82 -83.75 -154.44
C UNK G 330 -46.36 -83.32 -154.46
N UNK G 331 -45.60 -83.57 -155.54
CA UNK G 331 -44.17 -83.31 -155.48
C UNK G 331 -43.61 -82.56 -156.70
N UNK G 332 -44.49 -81.98 -157.52
CA UNK G 332 -44.06 -81.17 -158.65
C UNK G 332 -44.07 -79.68 -158.33
N UNK G 333 -43.80 -79.33 -157.09
CA UNK G 333 -44.13 -78.02 -156.58
C UNK G 333 -42.91 -77.12 -156.48
N UNK G 334 -43.20 -75.83 -156.34
CA UNK G 334 -42.18 -74.81 -156.19
C UNK G 334 -42.75 -73.71 -155.29
N UNK G 335 -41.94 -73.21 -154.34
CA UNK G 335 -40.57 -73.66 -154.14
C UNK G 335 -40.40 -74.69 -153.05
N UNK G 336 -40.68 -74.27 -151.80
CA UNK G 336 -40.43 -75.02 -150.56
C UNK G 336 -38.99 -75.49 -150.42
N UNK G 337 -38.08 -74.93 -151.20
CA UNK G 337 -36.74 -75.44 -151.44
C UNK G 337 -36.03 -74.41 -152.30
N UNK G 338 -34.83 -74.74 -152.75
CA UNK G 338 -34.09 -73.84 -153.63
C UNK G 338 -33.15 -74.67 -154.50
N UNK G 339 -32.36 -73.98 -155.31
CA UNK G 339 -31.27 -74.56 -156.06
C UNK G 339 -30.20 -73.50 -156.22
N UNK G 340 -28.94 -73.90 -156.08
CA UNK G 340 -27.85 -72.93 -155.93
C UNK G 340 -27.58 -72.21 -157.23
N UNK G 341 -27.16 -72.94 -158.25
CA UNK G 341 -27.04 -72.38 -159.58
C UNK G 341 -27.49 -73.45 -160.55
N UNK G 342 -27.59 -73.08 -161.82
CA UNK G 342 -28.05 -73.93 -162.91
C UNK G 342 -29.40 -74.55 -162.58
N UNK G 343 -30.37 -73.68 -162.32
CA UNK G 343 -31.68 -74.10 -161.84
C UNK G 343 -32.68 -73.91 -162.97
N UNK G 344 -32.80 -74.91 -163.83
CA UNK G 344 -33.67 -74.82 -165.00
C UNK G 344 -34.56 -76.05 -165.04
N UNK G 345 -35.66 -75.99 -164.30
CA UNK G 345 -36.74 -76.95 -164.43
C UNK G 345 -37.84 -76.25 -165.21
N UNK G 346 -38.17 -76.76 -166.39
CA UNK G 346 -39.14 -76.10 -167.26
C UNK G 346 -40.56 -76.32 -166.72
N UNK G 347 -41.52 -75.71 -167.40
CA UNK G 347 -42.93 -75.87 -167.03
C UNK G 347 -43.79 -75.58 -168.26
N UNK G 348 -44.22 -76.65 -168.94
CA UNK G 348 -45.10 -76.60 -170.13
C UNK G 348 -44.55 -75.66 -171.20
N UNK G 349 -43.33 -76.00 -171.64
CA UNK G 349 -42.51 -75.20 -172.56
C UNK G 349 -42.26 -73.80 -172.00
N UNK G 350 -41.79 -73.73 -170.76
CA UNK G 350 -41.38 -72.47 -170.15
C UNK G 350 -40.03 -72.02 -170.69
N UNK G 351 -0.74 -10.84 -152.33
CA UNK G 351 -0.88 -9.78 -153.32
C UNK G 351 -1.18 -8.43 -152.71
N UNK G 352 -7.58 1.22 -154.66
CA UNK G 352 -8.78 1.79 -154.06
C UNK G 352 -8.44 2.81 -152.99
N UNK G 353 -9.10 2.71 -151.85
CA UNK G 353 -9.22 3.78 -150.86
C UNK G 353 -9.65 5.08 -151.55
N UNK G 354 -10.84 5.01 -152.13
CA UNK G 354 -11.39 6.14 -152.85
C UNK G 354 -12.03 7.12 -151.89
N UNK G 355 -11.79 8.41 -152.12
CA UNK G 355 -12.36 9.46 -151.29
C UNK G 355 -13.71 9.93 -151.80
N UNK G 356 -13.75 10.47 -153.03
CA UNK G 356 -14.95 11.12 -153.57
C UNK G 356 -15.17 10.77 -155.04
N UNK G 357 -15.09 9.50 -155.39
CA UNK G 357 -15.08 9.04 -156.77
C UNK G 357 -16.35 8.23 -157.06
N UNK G 358 -16.31 7.43 -158.12
CA UNK G 358 -17.42 6.66 -158.69
C UNK G 358 -18.28 5.83 -157.73
N UNK G 359 -17.84 5.67 -156.48
CA UNK G 359 -18.71 5.30 -155.35
C UNK G 359 -19.34 3.91 -155.36
N UNK G 360 -18.52 2.89 -155.05
CA UNK G 360 -18.98 1.63 -154.44
C UNK G 360 -19.74 0.71 -155.39
N UNK G 361 -19.12 0.39 -156.52
CA UNK G 361 -19.35 -0.89 -157.19
C UNK G 361 -17.96 -1.49 -157.37
N UNK G 362 -16.99 -0.62 -157.61
CA UNK G 362 -15.59 -1.02 -157.51
C UNK G 362 -15.23 -1.42 -156.09
N UNK G 363 -15.94 -0.89 -155.10
CA UNK G 363 -15.75 -1.38 -153.74
C UNK G 363 -16.23 -2.81 -153.58
N UNK G 364 -17.35 -3.16 -154.21
CA UNK G 364 -17.77 -4.55 -154.21
C UNK G 364 -16.75 -5.42 -154.91
N UNK G 365 -16.16 -4.90 -155.98
CA UNK G 365 -15.08 -5.61 -156.64
C UNK G 365 -13.88 -5.78 -155.74
N UNK G 366 -13.58 -4.79 -154.91
CA UNK G 366 -12.42 -4.92 -154.02
C UNK G 366 -12.70 -5.92 -152.92
N UNK G 367 -13.93 -5.95 -152.42
CA UNK G 367 -14.30 -6.93 -151.42
C UNK G 367 -14.20 -8.34 -151.98
N UNK G 368 -14.68 -8.53 -153.21
CA UNK G 368 -14.53 -9.83 -153.84
C UNK G 368 -13.10 -10.15 -154.16
N UNK G 369 -12.28 -9.14 -154.43
CA UNK G 369 -10.87 -9.36 -154.70
C UNK G 369 -10.15 -9.88 -153.48
N UNK G 370 -10.36 -9.25 -152.33
CA UNK G 370 -9.71 -9.76 -151.12
C UNK G 370 -10.35 -11.07 -150.67
N UNK G 371 -11.63 -11.27 -150.99
CA UNK G 371 -12.27 -12.55 -150.68
C UNK G 371 -11.62 -13.68 -151.44
N UNK G 372 -11.33 -13.47 -152.71
CA UNK G 372 -10.57 -14.46 -153.46
C UNK G 372 -9.10 -14.45 -153.11
N UNK G 373 -8.63 -13.39 -152.46
CA UNK G 373 -7.26 -13.40 -151.99
C UNK G 373 -7.10 -14.18 -150.70
N UNK G 374 -8.17 -14.46 -149.99
CA UNK G 374 -8.01 -15.28 -148.79
C UNK G 374 -8.08 -16.77 -149.15
N UNK G 375 -9.25 -17.25 -149.58
CA UNK G 375 -9.39 -18.67 -149.95
C UNK G 375 -10.66 -18.89 -150.78
N UNK G 376 -10.51 -19.21 -152.07
CA UNK G 376 -11.60 -19.84 -152.81
C UNK G 376 -10.98 -20.70 -153.92
N UNK G 377 -10.67 -21.96 -153.58
CA UNK G 377 -9.85 -22.82 -154.45
C UNK G 377 -9.80 -24.26 -153.97
N UNK G 378 -8.82 -25.00 -154.53
CA UNK G 378 -8.00 -26.13 -154.01
C UNK G 378 -8.48 -27.57 -154.15
N UNK G 379 -9.65 -27.88 -154.71
CA UNK G 379 -9.89 -29.03 -155.60
C UNK G 379 -9.08 -30.33 -155.42
N UNK G 380 -8.94 -30.84 -154.21
CA UNK G 380 -8.09 -32.01 -153.95
C UNK G 380 -8.79 -33.31 -154.29
N UNK G 381 -8.26 -34.46 -153.85
CA UNK G 381 -8.95 -35.73 -154.12
C UNK G 381 -8.72 -36.73 -152.97
N UNK G 382 -9.57 -36.66 -151.94
CA UNK G 382 -9.89 -37.83 -151.13
C UNK G 382 -11.35 -37.86 -150.69
N UNK G 383 -11.88 -36.72 -150.27
CA UNK G 383 -13.02 -36.70 -149.36
C UNK G 383 -13.83 -35.43 -149.59
N UNK G 384 -15.10 -35.49 -149.20
CA UNK G 384 -16.10 -34.50 -149.64
C UNK G 384 -17.02 -34.15 -148.48
N UNK G 385 -18.15 -33.50 -148.81
CA UNK G 385 -19.12 -33.05 -147.82
C UNK G 385 -20.59 -33.22 -148.25
N UNK G 386 -20.87 -33.83 -149.40
CA UNK G 386 -22.24 -33.92 -149.90
C UNK G 386 -22.44 -35.26 -150.59
N UNK G 387 -23.06 -36.21 -149.90
CA UNK G 387 -23.08 -37.61 -150.29
C UNK G 387 -24.51 -38.14 -150.36
N UNK G 388 -25.39 -37.42 -151.03
CA UNK G 388 -26.71 -37.96 -151.35
C UNK G 388 -26.63 -38.75 -152.65
N UNK G 389 -25.93 -39.88 -152.58
CA UNK G 389 -25.51 -40.64 -153.75
C UNK G 389 -26.07 -42.05 -153.74
N UNK G 390 -27.30 -42.19 -153.26
CA UNK G 390 -28.13 -43.32 -153.61
C UNK G 390 -29.08 -42.96 -154.74
N UNK G 391 -28.65 -42.07 -155.61
CA UNK G 391 -29.36 -41.73 -156.83
C UNK G 391 -28.31 -41.50 -157.91
N UNK G 392 -28.35 -42.29 -158.98
CA UNK G 392 -27.28 -42.28 -159.98
C UNK G 392 -27.86 -42.52 -161.37
N UNK G 393 -28.07 -41.42 -162.11
CA UNK G 393 -28.49 -41.48 -163.51
C UNK G 393 -27.57 -40.66 -164.40
N UNK G 394 -26.33 -40.45 -163.97
CA UNK G 394 -25.37 -39.55 -164.58
C UNK G 394 -24.17 -40.36 -165.06
N UNK G 395 -23.09 -39.67 -165.45
CA UNK G 395 -21.93 -40.35 -166.02
C UNK G 395 -20.62 -39.69 -165.59
N UNK G 396 -19.76 -40.45 -164.90
CA UNK G 396 -18.39 -40.03 -164.61
C UNK G 396 -17.47 -40.56 -165.71
N UNK G 397 -16.17 -40.35 -165.58
CA UNK G 397 -15.23 -40.96 -166.53
C UNK G 397 -14.24 -41.89 -165.86
N UNK G 398 -13.49 -41.43 -164.86
CA UNK G 398 -12.39 -42.20 -164.33
C UNK G 398 -12.44 -42.17 -162.81
N UNK G 399 -11.46 -42.85 -162.19
CA UNK G 399 -11.32 -42.89 -160.75
C UNK G 399 -9.88 -43.29 -160.44
N UNK G 400 -9.63 -43.65 -159.19
CA UNK G 400 -8.32 -44.13 -158.77
C UNK G 400 -8.54 -44.98 -157.53
N UNK G 401 -7.45 -45.36 -156.87
CA UNK G 401 -7.51 -46.25 -155.71
C UNK G 401 -6.18 -46.19 -154.99
N UNK G 402 -6.13 -46.85 -153.84
CA UNK G 402 -4.89 -47.06 -153.09
C UNK G 402 -5.12 -48.17 -152.07
N UNK G 403 -4.17 -48.31 -151.16
CA UNK G 403 -4.28 -49.06 -149.93
C UNK G 403 -3.37 -48.35 -148.92
N UNK G 404 -2.98 -49.04 -147.87
CA UNK G 404 -2.06 -48.45 -146.91
C UNK G 404 -0.69 -49.12 -146.99
N UNK G 405 -0.26 -49.41 -148.21
CA UNK G 405 0.81 -50.38 -148.42
C UNK G 405 1.59 -50.03 -149.68
N UNK G 406 2.33 -51.00 -150.20
CA UNK G 406 3.20 -50.84 -151.35
C UNK G 406 3.43 -52.20 -152.02
N UNK G 407 3.62 -52.24 -153.35
CA UNK G 407 3.43 -51.15 -154.33
C UNK G 407 2.89 -51.54 -155.73
N UNK G 408 2.33 -52.74 -155.94
CA UNK G 408 2.02 -53.20 -157.31
C UNK G 408 0.83 -52.41 -157.89
N UNK G 409 0.47 -52.67 -159.16
CA UNK G 409 -0.53 -51.82 -159.79
C UNK G 409 -1.18 -52.49 -161.00
N UNK G 410 -2.39 -52.01 -161.32
CA UNK G 410 -3.12 -52.44 -162.51
C UNK G 410 -4.10 -51.35 -162.93
N UNK G 411 -4.74 -51.56 -164.08
CA UNK G 411 -5.69 -50.61 -164.62
C UNK G 411 -6.67 -51.31 -165.56
N UNK G 412 -7.91 -50.83 -165.55
CA UNK G 412 -9.02 -51.48 -166.25
C UNK G 412 -10.02 -50.43 -166.70
N UNK G 413 -10.94 -50.83 -167.58
CA UNK G 413 -11.95 -49.91 -168.10
C UNK G 413 -13.11 -50.68 -168.71
N UNK G 414 -14.31 -50.55 -168.13
CA UNK G 414 -15.57 -51.07 -168.68
C UNK G 414 -16.71 -50.33 -167.99
N UNK G 415 -17.90 -50.93 -167.99
CA UNK G 415 -18.92 -50.55 -167.02
C UNK G 415 -18.57 -51.16 -165.65
N UNK G 416 -19.45 -51.03 -164.66
CA UNK G 416 -19.03 -51.26 -163.29
C UNK G 416 -19.22 -52.72 -162.85
N UNK G 417 -18.91 -52.94 -161.57
CA UNK G 417 -19.30 -54.02 -160.67
C UNK G 417 -18.56 -55.32 -160.89
N UNK G 418 -17.78 -55.47 -161.95
CA UNK G 418 -16.80 -56.53 -161.94
C UNK G 418 -15.56 -56.12 -161.19
N UNK G 419 -15.49 -54.83 -160.83
CA UNK G 419 -14.28 -54.25 -160.28
C UNK G 419 -13.96 -54.77 -158.90
N UNK G 420 -14.94 -55.32 -158.18
CA UNK G 420 -14.66 -55.76 -156.83
C UNK G 420 -13.75 -56.98 -156.82
N UNK G 421 -13.90 -57.85 -157.81
CA UNK G 421 -13.03 -59.02 -157.88
C UNK G 421 -11.60 -58.63 -158.18
N UNK G 422 -11.41 -57.71 -159.12
CA UNK G 422 -10.08 -57.22 -159.40
C UNK G 422 -9.54 -56.40 -158.24
N UNK G 423 -10.43 -55.76 -157.48
CA UNK G 423 -10.00 -54.99 -156.33
C UNK G 423 -9.45 -55.89 -155.24
N UNK G 424 -10.14 -56.99 -154.99
CA UNK G 424 -9.61 -57.93 -154.01
C UNK G 424 -8.39 -58.64 -154.56
N UNK G 425 -8.30 -58.78 -155.88
CA UNK G 425 -7.07 -59.31 -156.46
C UNK G 425 -5.91 -58.37 -156.21
N UNK G 426 -6.16 -57.07 -156.33
CA UNK G 426 -5.09 -56.11 -156.11
C UNK G 426 -4.73 -56.03 -154.64
N UNK G 427 -5.72 -56.09 -153.76
CA UNK G 427 -5.43 -56.07 -152.34
C UNK G 427 -4.74 -57.34 -151.90
N UNK G 428 -4.98 -58.45 -152.60
CA UNK G 428 -4.20 -59.65 -152.36
C UNK G 428 -2.80 -59.49 -152.90
N UNK G 429 -2.64 -58.75 -153.98
CA UNK G 429 -1.31 -58.47 -154.48
C UNK G 429 -0.60 -57.37 -153.72
N UNK G 430 -1.29 -56.73 -152.76
CA UNK G 430 -0.78 -55.60 -151.95
C UNK G 430 -0.37 -54.44 -152.85
N UNK G 431 -1.38 -53.85 -153.47
CA UNK G 431 -1.19 -53.07 -154.68
C UNK G 431 -1.94 -51.75 -154.57
N UNK G 432 -2.09 -51.08 -155.70
CA UNK G 432 -2.84 -49.85 -155.82
C UNK G 432 -3.40 -49.78 -157.23
N UNK G 433 -4.70 -50.00 -157.38
CA UNK G 433 -5.30 -50.13 -158.68
C UNK G 433 -5.70 -48.77 -159.24
N UNK G 434 -6.19 -48.78 -160.47
CA UNK G 434 -6.93 -47.64 -160.99
C UNK G 434 -8.16 -48.16 -161.73
N UNK G 435 -8.84 -47.28 -162.44
CA UNK G 435 -9.98 -47.67 -163.28
C UNK G 435 -10.24 -46.54 -164.25
N UNK G 436 -11.13 -46.81 -165.21
CA UNK G 436 -11.64 -45.74 -166.08
C UNK G 436 -13.06 -46.14 -166.47
N UNK G 437 -14.03 -45.66 -165.71
CA UNK G 437 -15.30 -46.37 -165.72
C UNK G 437 -16.41 -45.55 -165.11
N UNK G 438 -17.63 -46.01 -165.34
CA UNK G 438 -18.83 -45.48 -164.72
C UNK G 438 -19.26 -46.37 -163.57
N UNK G 439 -19.79 -45.75 -162.52
CA UNK G 439 -20.50 -46.36 -161.40
C UNK G 439 -19.62 -47.21 -160.47
N UNK G 440 -18.38 -47.47 -160.87
CA UNK G 440 -17.41 -47.98 -159.92
C UNK G 440 -17.09 -46.93 -158.87
N UNK G 441 -17.05 -45.66 -159.30
CA UNK G 441 -16.89 -44.55 -158.38
C UNK G 441 -18.08 -44.40 -157.45
N UNK G 442 -19.25 -44.84 -157.88
CA UNK G 442 -20.37 -44.91 -156.95
C UNK G 442 -20.12 -45.99 -155.91
N UNK G 443 -19.69 -47.17 -156.38
CA UNK G 443 -19.54 -48.34 -155.52
C UNK G 443 -18.56 -48.09 -154.40
N UNK G 444 -17.36 -47.64 -154.76
CA UNK G 444 -16.32 -47.50 -153.73
C UNK G 444 -16.64 -46.37 -152.77
N UNK G 445 -17.21 -45.27 -153.28
CA UNK G 445 -17.48 -44.13 -152.42
C UNK G 445 -18.60 -44.44 -151.44
N UNK G 446 -19.64 -45.12 -151.88
CA UNK G 446 -20.67 -45.50 -150.93
C UNK G 446 -20.18 -46.58 -149.99
N UNK G 447 -19.20 -47.38 -150.40
CA UNK G 447 -18.62 -48.31 -149.45
C UNK G 447 -17.75 -47.61 -148.43
N UNK G 448 -17.29 -46.39 -148.72
CA UNK G 448 -16.45 -45.64 -147.79
C UNK G 448 -17.25 -44.73 -146.88
N UNK G 449 -18.49 -45.08 -146.54
CA UNK G 449 -19.20 -44.33 -145.52
C UNK G 449 -18.70 -44.71 -144.13
N UNK G 450 -18.96 -45.96 -143.72
CA UNK G 450 -18.64 -46.51 -142.40
C UNK G 450 -19.01 -45.58 -141.24
N UNK G 451 -20.30 -45.21 -141.20
CA UNK G 451 -20.81 -44.44 -140.07
C UNK G 451 -20.80 -45.35 -138.86
N UNK G 452 -21.65 -46.39 -138.88
CA UNK G 452 -21.58 -47.56 -138.00
C UNK G 452 -21.41 -47.25 -136.52
N UNK G 453 -21.93 -46.10 -136.12
CA UNK G 453 -21.92 -45.66 -134.74
C UNK G 453 -23.26 -45.07 -134.40
N UNK G 454 -24.22 -45.10 -135.32
CA UNK G 454 -25.56 -45.20 -134.82
C UNK G 454 -25.57 -46.60 -134.25
N UNK G 455 -25.52 -47.59 -135.14
CA UNK G 455 -25.03 -48.96 -135.01
C UNK G 455 -25.33 -49.62 -136.35
N UNK G 456 -24.86 -50.83 -136.52
CA UNK G 456 -25.20 -51.58 -137.72
C UNK G 456 -26.60 -52.15 -137.57
N UNK G 457 -27.41 -52.03 -138.61
CA UNK G 457 -28.78 -52.48 -138.54
C UNK G 457 -28.87 -53.96 -138.87
N UNK G 458 -30.10 -54.43 -139.07
CA UNK G 458 -30.39 -55.75 -139.59
C UNK G 458 -31.71 -55.62 -140.31
N UNK G 459 -31.64 -55.64 -141.64
CA UNK G 459 -32.75 -55.22 -142.47
C UNK G 459 -33.79 -56.33 -142.59
N UNK G 460 -34.96 -55.96 -143.09
CA UNK G 460 -35.97 -56.88 -143.57
C UNK G 460 -36.89 -56.08 -144.46
N UNK G 461 -37.22 -56.61 -145.61
CA UNK G 461 -38.06 -55.86 -146.53
C UNK G 461 -39.43 -56.50 -146.59
N UNK G 462 -40.40 -55.74 -147.12
CA UNK G 462 -41.73 -56.27 -147.38
C UNK G 462 -42.37 -55.44 -148.46
N UNK G 463 -42.46 -55.98 -149.67
CA UNK G 463 -43.19 -55.31 -150.74
C UNK G 463 -44.63 -55.78 -150.67
N UNK G 464 -45.55 -54.84 -150.51
CA UNK G 464 -46.97 -55.15 -150.47
C UNK G 464 -47.51 -55.38 -151.88
N UNK G 465 -48.84 -55.33 -152.03
CA UNK G 465 -49.51 -55.80 -153.24
C UNK G 465 -49.14 -54.97 -154.46
N UNK G 466 -49.46 -53.68 -154.46
CA UNK G 466 -49.35 -52.87 -155.67
C UNK G 466 -48.29 -51.79 -155.60
N UNK G 467 -48.39 -50.85 -154.65
CA UNK G 467 -47.53 -49.68 -154.71
C UNK G 467 -46.98 -49.31 -153.35
N UNK G 468 -47.04 -50.21 -152.39
CA UNK G 468 -46.47 -49.99 -151.07
C UNK G 468 -45.27 -50.89 -150.93
N UNK G 469 -44.17 -50.34 -150.46
CA UNK G 469 -43.04 -51.14 -150.05
C UNK G 469 -42.58 -50.60 -148.72
N UNK G 470 -42.16 -51.49 -147.83
CA UNK G 470 -41.75 -51.09 -146.50
C UNK G 470 -40.42 -51.74 -146.18
N UNK G 471 -39.61 -51.05 -145.41
CA UNK G 471 -38.38 -51.63 -144.92
C UNK G 471 -38.42 -51.54 -143.40
N UNK G 472 -38.44 -52.70 -142.75
CA UNK G 472 -38.29 -52.72 -141.30
C UNK G 472 -36.85 -53.06 -140.99
N UNK G 473 -36.41 -52.71 -139.79
CA UNK G 473 -35.03 -52.92 -139.41
C UNK G 473 -34.94 -53.07 -137.92
N UNK G 474 -33.99 -53.87 -137.47
CA UNK G 474 -33.65 -53.90 -136.07
C UNK G 474 -32.22 -53.46 -135.89
N UNK G 475 -31.79 -53.27 -134.65
CA UNK G 475 -30.37 -53.08 -134.39
C UNK G 475 -29.81 -54.13 -133.44
N UNK G 476 -30.39 -54.25 -132.26
CA UNK G 476 -29.99 -55.22 -131.25
C UNK G 476 -31.25 -55.53 -130.44
N UNK G 477 -31.06 -56.05 -129.24
CA UNK G 477 -32.16 -56.49 -128.39
C UNK G 477 -31.54 -56.67 -127.01
N UNK G 478 -32.35 -56.59 -125.95
CA UNK G 478 -33.76 -56.19 -125.84
C UNK G 478 -33.85 -54.68 -125.80
N UNK G 479 -34.95 -54.21 -125.18
CA UNK G 479 -35.36 -52.82 -125.16
C UNK G 479 -35.68 -52.35 -126.58
N UNK G 480 -36.77 -52.92 -127.07
CA UNK G 480 -37.30 -52.73 -128.40
C UNK G 480 -37.97 -51.36 -128.55
N UNK G 481 -38.93 -51.29 -129.46
CA UNK G 481 -40.00 -50.32 -129.36
C UNK G 481 -39.64 -48.85 -129.57
N UNK G 482 -39.72 -48.27 -130.78
CA UNK G 482 -40.17 -48.68 -132.15
C UNK G 482 -40.04 -47.36 -132.91
N UNK G 483 -40.34 -47.34 -134.20
CA UNK G 483 -40.56 -46.07 -134.89
C UNK G 483 -41.46 -46.32 -136.08
N UNK G 484 -41.84 -45.24 -136.76
CA UNK G 484 -42.59 -45.33 -138.01
C UNK G 484 -42.38 -44.02 -138.78
N UNK G 485 -41.50 -44.04 -139.77
CA UNK G 485 -41.30 -42.88 -140.61
C UNK G 485 -42.06 -43.06 -141.92
N UNK G 486 -42.31 -41.94 -142.61
CA UNK G 486 -43.06 -42.00 -143.86
C UNK G 486 -42.73 -40.78 -144.71
N UNK G 487 -41.97 -40.97 -145.78
CA UNK G 487 -41.66 -39.91 -146.75
C UNK G 487 -41.41 -40.59 -148.09
N UNK G 488 -40.70 -39.92 -148.99
CA UNK G 488 -40.23 -40.62 -150.20
C UNK G 488 -38.77 -40.31 -150.47
N UNK G 489 -37.93 -40.39 -149.45
CA UNK G 489 -36.52 -40.02 -149.61
C UNK G 489 -35.69 -40.79 -148.58
N UNK G 490 -34.44 -40.36 -148.40
CA UNK G 490 -33.45 -41.11 -147.63
C UNK G 490 -32.72 -40.24 -146.62
N UNK G 491 -33.41 -39.28 -146.01
CA UNK G 491 -32.91 -38.65 -144.81
C UNK G 491 -33.46 -39.42 -143.62
N UNK G 492 -33.03 -40.67 -143.55
CA UNK G 492 -33.55 -41.61 -142.59
C UNK G 492 -32.54 -42.05 -141.56
N UNK G 493 -31.25 -41.94 -141.85
CA UNK G 493 -30.26 -42.28 -140.84
C UNK G 493 -30.31 -41.32 -139.67
N UNK G 494 -30.74 -40.08 -139.93
CA UNK G 494 -30.90 -39.10 -138.88
C UNK G 494 -31.96 -39.52 -137.87
N UNK G 495 -33.11 -39.99 -138.35
CA UNK G 495 -34.07 -40.55 -137.42
C UNK G 495 -33.65 -41.93 -136.96
N UNK G 496 -32.82 -42.61 -137.73
CA UNK G 496 -32.43 -43.95 -137.34
C UNK G 496 -31.47 -43.96 -136.18
N UNK G 497 -30.76 -42.88 -135.95
CA UNK G 497 -29.91 -42.82 -134.77
C UNK G 497 -30.76 -42.80 -133.50
N UNK G 498 -31.75 -41.91 -133.45
CA UNK G 498 -32.64 -41.90 -132.31
C UNK G 498 -33.52 -43.14 -132.27
N UNK G 499 -33.69 -43.83 -133.39
CA UNK G 499 -34.24 -45.17 -133.32
C UNK G 499 -33.26 -46.11 -132.63
N UNK G 500 -31.97 -45.94 -132.87
CA UNK G 500 -30.96 -46.79 -132.25
C UNK G 500 -30.57 -46.31 -130.87
N UNK G 501 -31.32 -45.37 -130.31
CA UNK G 501 -31.48 -45.25 -128.86
C UNK G 501 -32.61 -46.14 -128.34
N UNK G 502 -32.90 -47.20 -129.08
CA UNK G 502 -33.90 -48.23 -128.81
C UNK G 502 -33.46 -49.43 -129.65
N UNK G 503 -34.41 -50.27 -130.07
CA UNK G 503 -33.99 -51.39 -130.90
C UNK G 503 -34.65 -51.51 -132.28
N UNK G 504 -35.91 -51.19 -132.47
CA UNK G 504 -36.55 -51.49 -133.74
C UNK G 504 -36.98 -50.22 -134.45
N UNK G 505 -37.03 -50.26 -135.78
CA UNK G 505 -37.59 -49.19 -136.56
C UNK G 505 -38.26 -49.80 -137.78
N UNK G 506 -39.27 -49.15 -138.32
CA UNK G 506 -39.97 -49.70 -139.48
C UNK G 506 -40.37 -48.57 -140.40
N UNK G 507 -39.51 -48.24 -141.37
CA UNK G 507 -39.79 -47.17 -142.31
C UNK G 507 -40.82 -47.63 -143.31
N UNK G 508 -42.00 -47.03 -143.25
CA UNK G 508 -43.16 -47.51 -144.01
C UNK G 508 -43.32 -46.75 -145.33
N UNK G 509 -42.26 -46.76 -146.12
CA UNK G 509 -42.27 -46.27 -147.50
C UNK G 509 -40.99 -46.78 -148.13
N UNK G 510 -40.78 -46.44 -149.40
CA UNK G 510 -39.75 -47.11 -150.18
C UNK G 510 -38.62 -46.20 -150.62
N UNK G 511 -38.94 -45.12 -151.32
CA UNK G 511 -38.25 -44.63 -152.52
C UNK G 511 -36.74 -44.81 -152.53
N UNK G 512 -36.07 -44.39 -151.46
CA UNK G 512 -34.63 -44.50 -151.39
C UNK G 512 -34.21 -45.11 -150.08
N UNK G 513 -35.05 -45.94 -149.48
CA UNK G 513 -34.65 -46.70 -148.32
C UNK G 513 -33.97 -48.01 -148.68
N UNK G 514 -33.49 -48.13 -149.91
CA UNK G 514 -32.56 -49.17 -150.25
C UNK G 514 -31.13 -48.80 -149.89
N UNK G 515 -30.91 -47.56 -149.45
CA UNK G 515 -29.56 -47.10 -149.16
C UNK G 515 -28.96 -47.86 -148.00
N UNK G 516 -29.75 -48.10 -146.97
CA UNK G 516 -29.22 -48.84 -145.83
C UNK G 516 -28.99 -50.29 -146.18
N UNK G 517 -29.79 -50.83 -147.10
CA UNK G 517 -29.53 -52.18 -147.59
C UNK G 517 -28.21 -52.23 -148.33
N UNK G 518 -27.92 -51.19 -149.11
CA UNK G 518 -26.64 -51.12 -149.80
C UNK G 518 -25.50 -50.99 -148.83
N UNK G 519 -25.69 -50.22 -147.76
CA UNK G 519 -24.60 -50.02 -146.83
C UNK G 519 -24.42 -51.18 -145.88
N UNK G 520 -25.45 -51.99 -145.70
CA UNK G 520 -25.36 -53.08 -144.74
C UNK G 520 -24.99 -54.40 -145.39
N UNK G 521 -25.47 -54.66 -146.58
CA UNK G 521 -25.13 -55.92 -147.23
C UNK G 521 -23.78 -55.87 -147.91
N UNK G 522 -22.99 -54.83 -147.68
CA UNK G 522 -21.68 -54.71 -148.27
C UNK G 522 -20.57 -54.78 -147.25
N UNK G 523 -20.90 -54.90 -145.97
CA UNK G 523 -19.95 -54.65 -144.90
C UNK G 523 -18.83 -55.68 -144.89
N UNK G 524 -19.16 -56.95 -144.73
CA UNK G 524 -18.11 -57.94 -144.62
C UNK G 524 -17.43 -58.19 -145.95
N UNK G 525 -18.18 -58.10 -147.05
CA UNK G 525 -17.62 -58.37 -148.36
C UNK G 525 -16.60 -57.33 -148.76
N UNK G 526 -16.90 -56.05 -148.56
CA UNK G 526 -15.93 -55.01 -148.80
C UNK G 526 -15.05 -54.77 -147.60
N UNK G 527 -15.21 -55.54 -146.53
CA UNK G 527 -14.26 -55.56 -145.44
C UNK G 527 -13.22 -56.65 -145.61
N UNK G 528 -13.45 -57.56 -146.54
CA UNK G 528 -12.40 -58.51 -146.91
C UNK G 528 -11.17 -57.78 -147.45
N UNK G 529 -11.40 -56.75 -148.27
CA UNK G 529 -10.34 -55.82 -148.64
C UNK G 529 -10.28 -54.71 -147.62
N UNK G 530 -9.62 -53.59 -147.93
CA UNK G 530 -9.60 -52.48 -146.99
C UNK G 530 -10.28 -51.21 -147.51
N UNK G 531 -9.79 -50.61 -148.60
CA UNK G 531 -10.16 -49.25 -148.97
C UNK G 531 -9.52 -48.90 -150.31
N UNK G 532 -9.99 -47.80 -150.90
CA UNK G 532 -9.30 -47.25 -152.07
C UNK G 532 -8.87 -45.79 -151.96
N UNK G 533 -9.84 -44.88 -151.78
CA UNK G 533 -9.65 -43.49 -151.37
C UNK G 533 -8.79 -42.65 -152.33
N UNK G 534 -9.24 -42.52 -153.59
CA UNK G 534 -8.79 -41.47 -154.52
C UNK G 534 -9.72 -41.32 -155.72
N UNK G 535 -10.29 -40.14 -155.94
CA UNK G 535 -11.31 -39.96 -156.97
C UNK G 535 -10.85 -38.94 -157.99
N UNK G 536 -11.13 -39.19 -159.26
CA UNK G 536 -10.83 -38.26 -160.34
C UNK G 536 -12.12 -37.83 -160.99
N UNK G 537 -12.01 -37.10 -162.09
CA UNK G 537 -13.17 -36.46 -162.68
C UNK G 537 -13.35 -36.90 -164.13
N UNK G 538 -14.39 -36.36 -164.73
CA UNK G 538 -14.47 -36.33 -166.17
C UNK G 538 -13.86 -35.04 -166.65
N UNK G 539 -12.76 -35.14 -167.38
CA UNK G 539 -11.96 -33.96 -167.70
C UNK G 539 -12.63 -33.05 -168.70
N UNK G 540 -13.51 -33.58 -169.53
CA UNK G 540 -14.23 -32.75 -170.48
C UNK G 540 -15.52 -32.25 -169.83
N UNK G 541 -16.41 -31.70 -170.64
CA UNK G 541 -17.67 -31.15 -170.15
C UNK G 541 -18.66 -32.28 -169.85
N UNK G 542 -18.94 -32.49 -168.58
CA UNK G 542 -19.87 -33.52 -168.10
C UNK G 542 -20.43 -33.06 -166.75
N UNK G 543 -21.22 -33.92 -166.09
CA UNK G 543 -21.66 -33.60 -164.74
C UNK G 543 -21.87 -34.89 -163.95
N UNK G 544 -20.81 -35.34 -163.28
CA UNK G 544 -20.84 -36.36 -162.23
C UNK G 544 -19.49 -36.34 -161.54
N UNK G 545 -19.26 -37.35 -160.71
CA UNK G 545 -18.14 -37.43 -159.77
C UNK G 545 -18.06 -36.13 -158.97
N UNK G 546 -19.17 -35.81 -158.32
CA UNK G 546 -19.23 -34.61 -157.52
C UNK G 546 -18.54 -34.82 -156.18
N UNK G 547 -17.78 -33.82 -155.76
CA UNK G 547 -17.12 -33.81 -154.47
C UNK G 547 -17.21 -32.39 -153.93
N UNK G 548 -16.64 -32.16 -152.76
CA UNK G 548 -16.92 -30.90 -152.07
C UNK G 548 -15.64 -30.35 -151.43
N UNK G 549 -15.83 -29.38 -150.53
CA UNK G 549 -14.93 -28.24 -150.43
C UNK G 549 -14.71 -27.90 -148.97
N UNK G 550 -14.28 -26.66 -148.74
CA UNK G 550 -14.00 -26.11 -147.43
C UNK G 550 -14.45 -24.64 -147.43
N UNK G 551 -14.37 -24.00 -146.26
CA UNK G 551 -14.90 -22.64 -146.09
C UNK G 551 -13.81 -21.61 -145.78
N UNK G 552 -13.07 -21.79 -144.70
CA UNK G 552 -11.84 -21.04 -144.40
C UNK G 552 -11.89 -19.51 -144.37
N UNK G 553 -12.51 -18.88 -143.39
CA UNK G 553 -13.55 -19.40 -142.52
C UNK G 553 -14.69 -18.43 -142.58
N UNK G 554 -14.37 -17.18 -142.37
CA UNK G 554 -15.33 -16.11 -142.41
C UNK G 554 -15.41 -15.57 -143.83
N UNK G 555 -16.08 -14.45 -144.00
CA UNK G 555 -15.95 -13.72 -145.25
C UNK G 555 -15.12 -12.47 -145.05
N UNK G 556 -14.15 -12.54 -144.14
CA UNK G 556 -12.96 -11.70 -144.14
C UNK G 556 -13.26 -10.21 -143.97
N UNK G 557 -13.67 -9.85 -142.76
CA UNK G 557 -13.91 -8.45 -142.43
C UNK G 557 -12.62 -7.62 -142.55
N UNK G 558 -12.75 -6.43 -143.13
CA UNK G 558 -11.59 -5.58 -143.38
C UNK G 558 -11.95 -4.13 -143.06
N UNK G 559 -11.21 -3.50 -142.16
CA UNK G 559 -11.44 -2.07 -141.94
C UNK G 559 -10.65 -1.30 -142.97
N UNK G 560 -10.81 0.03 -142.96
CA UNK G 560 -10.03 0.88 -143.85
C UNK G 560 -10.02 2.26 -143.20
N UNK G 561 -8.94 2.61 -142.55
CA UNK G 561 -8.91 3.80 -141.72
C UNK G 561 -8.22 4.93 -142.46
N UNK G 562 -9.00 5.86 -143.01
CA UNK G 562 -8.40 7.02 -143.59
C UNK G 562 -7.99 7.94 -142.45
N UNK G 563 -6.70 8.13 -142.25
CA UNK G 563 -6.22 8.99 -141.17
C UNK G 563 -6.27 10.43 -141.68
N UNK G 564 -7.32 11.15 -141.29
CA UNK G 564 -7.73 12.36 -141.98
C UNK G 564 -6.84 13.52 -141.58
N UNK G 565 -5.71 13.63 -142.25
CA UNK G 565 -5.00 14.90 -142.26
C UNK G 565 -4.82 15.45 -143.66
N UNK G 566 -4.18 14.69 -144.55
CA UNK G 566 -3.46 15.32 -145.64
C UNK G 566 -3.10 14.28 -146.69
N UNK G 567 -2.12 14.62 -147.52
CA UNK G 567 -1.57 13.78 -148.57
C UNK G 567 -0.20 13.24 -148.13
N UNK G 568 0.19 12.03 -148.59
CA UNK G 568 -0.60 11.09 -149.40
C UNK G 568 -0.50 9.60 -149.09
N UNK G 569 0.59 9.13 -148.49
CA UNK G 569 0.97 7.72 -148.56
C UNK G 569 0.02 6.82 -147.76
N UNK G 570 0.12 5.52 -148.00
CA UNK G 570 -0.91 4.60 -147.55
C UNK G 570 -0.30 3.26 -147.18
N UNK G 571 -0.36 2.91 -145.91
CA UNK G 571 0.17 1.65 -145.41
C UNK G 571 -0.95 0.65 -145.21
N UNK G 572 -0.67 -0.63 -145.47
CA UNK G 572 -1.68 -1.67 -145.41
C UNK G 572 -1.20 -2.81 -144.51
N UNK G 573 -1.77 -2.90 -143.32
CA UNK G 573 -1.46 -3.97 -142.38
C UNK G 573 -2.49 -5.07 -142.50
N UNK G 574 -2.03 -6.28 -142.80
CA UNK G 574 -2.85 -7.45 -142.51
C UNK G 574 -2.61 -7.83 -141.06
N UNK G 575 -3.62 -8.40 -140.42
CA UNK G 575 -3.43 -8.67 -139.01
C UNK G 575 -3.71 -10.11 -138.66
N UNK G 576 -3.73 -10.42 -137.38
CA UNK G 576 -3.93 -11.76 -136.90
C UNK G 576 -5.10 -11.80 -135.93
N UNK G 577 -6.20 -11.16 -136.34
CA UNK G 577 -7.40 -10.94 -135.53
C UNK G 577 -7.06 -10.32 -134.18
N UNK G 578 -6.47 -9.13 -134.23
CA UNK G 578 -6.04 -8.46 -133.03
C UNK G 578 -5.98 -6.97 -133.29
N UNK G 579 -5.92 -6.20 -132.21
CA UNK G 579 -6.16 -4.78 -132.26
C UNK G 579 -5.10 -4.01 -131.50
N UNK G 580 -3.87 -4.47 -131.56
CA UNK G 580 -2.71 -3.64 -131.22
C UNK G 580 -2.16 -2.99 -132.49
N UNK G 581 -3.01 -2.20 -133.10
CA UNK G 581 -2.69 -1.47 -134.31
C UNK G 581 -2.72 0.02 -134.10
N UNK G 582 -2.91 0.48 -132.87
CA UNK G 582 -2.77 1.90 -132.62
C UNK G 582 -1.34 2.35 -132.79
N UNK G 583 -0.38 1.45 -132.53
CA UNK G 583 1.01 1.77 -132.79
C UNK G 583 1.24 1.98 -134.26
N UNK G 584 0.64 1.15 -135.09
CA UNK G 584 0.80 1.38 -136.51
C UNK G 584 0.00 2.59 -136.97
N UNK G 585 -1.10 2.92 -136.27
CA UNK G 585 -1.86 4.13 -136.61
C UNK G 585 -1.03 5.37 -136.38
N UNK G 586 -0.36 5.44 -135.24
CA UNK G 586 0.52 6.57 -135.00
C UNK G 586 1.77 6.49 -135.85
N UNK G 587 2.13 5.31 -136.35
CA UNK G 587 3.21 5.28 -137.32
C UNK G 587 2.76 5.91 -138.62
N UNK G 588 1.58 5.55 -139.09
CA UNK G 588 1.10 6.03 -140.37
C UNK G 588 0.52 7.42 -140.28
N UNK G 589 0.44 8.02 -139.10
CA UNK G 589 0.14 9.44 -139.03
C UNK G 589 1.27 10.32 -139.54
N UNK G 590 2.42 9.76 -139.93
CA UNK G 590 3.26 10.41 -140.91
C UNK G 590 2.48 10.66 -142.19
N UNK G 591 1.82 9.63 -142.68
CA UNK G 591 1.16 9.59 -143.98
C UNK G 591 -0.33 9.93 -143.95
N UNK G 592 -1.05 9.44 -144.95
CA UNK G 592 -2.49 9.67 -145.10
C UNK G 592 -3.38 8.51 -144.73
N UNK G 593 -3.20 7.32 -145.29
CA UNK G 593 -4.26 6.31 -145.24
C UNK G 593 -3.74 4.95 -144.78
N UNK G 594 -4.40 4.35 -143.80
CA UNK G 594 -4.07 3.01 -143.35
C UNK G 594 -5.18 2.07 -143.78
N UNK G 595 -4.84 0.83 -144.07
CA UNK G 595 -5.82 -0.19 -144.40
C UNK G 595 -5.45 -1.46 -143.65
N UNK G 596 -6.25 -1.82 -142.65
CA UNK G 596 -6.02 -3.03 -141.87
C UNK G 596 -7.09 -4.05 -142.23
N UNK G 597 -6.69 -5.31 -142.39
CA UNK G 597 -7.63 -6.31 -142.93
C UNK G 597 -7.91 -7.47 -141.94
N UNK G 598 -8.88 -7.27 -141.03
CA UNK G 598 -9.09 -8.15 -139.87
C UNK G 598 -10.37 -7.71 -139.15
N UNK G 599 -10.68 -8.37 -138.04
CA UNK G 599 -12.01 -8.23 -137.41
C UNK G 599 -11.93 -8.20 -135.89
N UNK G 600 -10.83 -7.71 -135.34
CA UNK G 600 -10.81 -7.40 -133.92
C UNK G 600 -10.47 -5.97 -133.69
N UNK G 601 -9.83 -5.33 -134.65
CA UNK G 601 -9.75 -3.89 -134.64
C UNK G 601 -11.14 -3.29 -134.70
N UNK G 602 -11.96 -3.79 -135.64
CA UNK G 602 -13.04 -3.01 -136.25
C UNK G 602 -14.01 -2.44 -135.24
N UNK G 603 -14.30 -3.21 -134.19
CA UNK G 603 -15.20 -2.77 -133.14
C UNK G 603 -14.64 -1.59 -132.38
N UNK G 604 -13.48 -1.76 -131.75
CA UNK G 604 -12.97 -0.70 -130.90
C UNK G 604 -12.42 0.44 -131.73
N UNK G 605 -11.96 0.16 -132.94
CA UNK G 605 -11.51 1.23 -133.81
C UNK G 605 -12.66 2.11 -134.22
N UNK G 606 -13.80 1.52 -134.57
CA UNK G 606 -14.94 2.35 -134.93
C UNK G 606 -15.51 3.05 -133.72
N UNK G 607 -15.59 2.39 -132.58
CA UNK G 607 -16.17 3.04 -131.42
C UNK G 607 -15.24 4.05 -130.80
N UNK G 608 -13.98 4.07 -131.17
CA UNK G 608 -13.13 5.18 -130.75
C UNK G 608 -13.19 6.30 -131.75
N UNK G 609 -13.23 5.99 -133.04
CA UNK G 609 -13.16 7.04 -134.04
C UNK G 609 -14.47 7.78 -134.13
N UNK G 610 -15.57 7.07 -134.24
CA UNK G 610 -16.85 7.71 -134.40
C UNK G 610 -17.44 8.16 -133.10
N UNK G 611 -16.66 8.23 -132.05
CA UNK G 611 -17.06 9.02 -130.92
C UNK G 611 -16.05 10.10 -130.57
N UNK G 612 -14.75 9.80 -130.56
CA UNK G 612 -13.75 10.69 -129.96
C UNK G 612 -13.53 11.97 -130.74
N UNK G 613 -14.17 12.14 -131.88
CA UNK G 613 -14.25 13.42 -132.53
C UNK G 613 -15.44 14.22 -132.07
N UNK G 614 -16.39 13.60 -131.41
CA UNK G 614 -17.60 14.30 -131.04
C UNK G 614 -17.98 14.10 -129.59
N UNK G 615 -17.20 13.35 -128.81
CA UNK G 615 -17.38 13.35 -127.38
C UNK G 615 -16.98 14.73 -127.00
N UNK G 616 -15.70 15.05 -127.18
CA UNK G 616 -15.19 16.38 -127.58
C UNK G 616 -15.73 17.54 -126.74
N UNK G 617 -16.27 17.24 -125.57
CA UNK G 617 -16.81 18.24 -124.68
C UNK G 617 -16.02 18.25 -123.39
N UNK G 618 -15.96 17.13 -122.69
CA UNK G 618 -15.16 17.12 -121.47
C UNK G 618 -14.35 15.88 -121.25
N UNK G 619 -14.62 14.77 -121.94
CA UNK G 619 -14.14 13.43 -121.56
C UNK G 619 -14.42 13.16 -120.08
N UNK G 620 -15.71 12.99 -119.79
CA UNK G 620 -16.22 12.78 -118.45
C UNK G 620 -15.54 11.64 -117.74
N UNK G 621 -14.84 11.96 -116.65
CA UNK G 621 -14.13 10.94 -115.90
C UNK G 621 -15.13 10.07 -115.17
N UNK G 622 -14.99 8.76 -115.30
CA UNK G 622 -16.08 7.88 -114.95
C UNK G 622 -15.90 7.32 -113.55
N UNK G 623 -16.91 6.58 -113.10
CA UNK G 623 -16.81 5.77 -111.89
C UNK G 623 -17.86 4.68 -112.04
N UNK G 624 -17.41 3.50 -112.44
CA UNK G 624 -18.32 2.45 -112.83
C UNK G 624 -18.95 1.79 -111.62
N UNK G 625 -20.16 1.24 -111.77
CA UNK G 625 -20.63 0.28 -110.80
C UNK G 625 -21.44 -0.82 -111.47
N UNK G 626 -21.30 -0.99 -112.78
CA UNK G 626 -22.18 -1.86 -113.57
C UNK G 626 -21.94 -3.30 -113.20
N UNK G 627 -22.90 -3.92 -112.54
CA UNK G 627 -22.81 -5.35 -112.20
C UNK G 627 -24.10 -6.02 -112.63
N UNK G 628 -24.17 -6.40 -113.90
CA UNK G 628 -25.45 -6.81 -114.45
C UNK G 628 -25.37 -7.56 -115.77
N UNK G 629 -26.53 -7.65 -116.41
CA UNK G 629 -26.79 -8.56 -117.51
C UNK G 629 -25.97 -8.32 -118.75
N UNK G 630 -26.24 -7.26 -119.49
CA UNK G 630 -25.73 -7.18 -120.85
C UNK G 630 -24.51 -6.29 -120.97
N UNK G 631 -23.77 -6.14 -119.88
CA UNK G 631 -22.58 -5.29 -119.90
C UNK G 631 -21.33 -6.09 -120.14
N UNK G 632 -21.46 -7.38 -120.38
CA UNK G 632 -20.33 -8.22 -120.72
C UNK G 632 -20.31 -8.56 -122.20
N UNK G 633 -21.45 -8.70 -122.84
CA UNK G 633 -21.46 -8.85 -124.28
C UNK G 633 -21.05 -7.57 -124.98
N UNK G 634 -21.23 -6.43 -124.33
CA UNK G 634 -20.39 -5.24 -124.48
C UNK G 634 -20.44 -4.61 -125.86
N UNK G 635 -21.43 -4.93 -126.67
CA UNK G 635 -21.36 -4.58 -128.09
C UNK G 635 -21.70 -3.13 -128.33
N UNK G 636 -21.03 -2.54 -129.32
CA UNK G 636 -21.29 -1.16 -129.68
C UNK G 636 -21.32 -0.90 -131.18
N UNK G 637 -21.07 -1.90 -132.01
CA UNK G 637 -21.10 -1.68 -133.43
C UNK G 637 -21.40 -3.01 -134.09
N UNK G 638 -21.75 -2.94 -135.38
CA UNK G 638 -22.23 -4.04 -136.23
C UNK G 638 -23.34 -4.85 -135.59
N UNK G 639 -24.06 -4.26 -134.63
CA UNK G 639 -25.09 -4.93 -133.84
C UNK G 639 -26.21 -3.93 -133.57
N UNK G 640 -27.21 -3.88 -134.45
CA UNK G 640 -27.14 -4.40 -135.82
C UNK G 640 -27.40 -3.26 -136.79
N UNK G 641 -28.47 -2.52 -136.54
CA UNK G 641 -28.70 -1.27 -137.26
C UNK G 641 -29.23 -0.16 -136.37
N UNK G 642 -29.50 -0.42 -135.11
CA UNK G 642 -29.75 0.65 -134.15
C UNK G 642 -28.50 1.47 -134.03
N UNK G 643 -28.60 2.78 -134.23
CA UNK G 643 -27.40 3.48 -134.66
C UNK G 643 -26.45 3.81 -133.52
N UNK G 644 -26.79 4.80 -132.68
CA UNK G 644 -26.00 5.28 -131.53
C UNK G 644 -24.55 5.67 -131.84
N UNK G 645 -24.23 5.69 -133.13
CA UNK G 645 -22.93 5.65 -133.76
C UNK G 645 -23.35 5.61 -135.22
N UNK G 646 -22.43 5.59 -136.16
CA UNK G 646 -22.86 5.85 -137.54
C UNK G 646 -22.00 5.07 -138.50
N UNK G 647 -21.99 5.52 -139.75
CA UNK G 647 -21.08 4.99 -140.74
C UNK G 647 -20.61 6.13 -141.62
N UNK G 648 -19.54 5.87 -142.38
CA UNK G 648 -18.86 6.94 -143.10
C UNK G 648 -18.38 6.43 -144.46
N UNK G 649 -19.22 6.59 -145.47
CA UNK G 649 -18.84 6.76 -146.87
C UNK G 649 -18.28 5.52 -147.56
N UNK G 650 -17.96 4.48 -146.79
CA UNK G 650 -17.66 3.17 -147.36
C UNK G 650 -17.95 2.22 -146.22
N UNK G 651 -19.14 1.64 -146.25
CA UNK G 651 -19.61 0.81 -145.15
C UNK G 651 -20.38 -0.35 -145.75
N UNK G 652 -19.76 -1.52 -145.78
CA UNK G 652 -20.39 -2.74 -146.29
C UNK G 652 -20.45 -3.70 -145.13
N UNK G 653 -21.55 -3.73 -144.42
CA UNK G 653 -21.68 -4.63 -143.28
C UNK G 653 -22.46 -5.84 -143.77
N UNK G 654 -21.75 -6.73 -144.46
CA UNK G 654 -22.41 -7.74 -145.28
C UNK G 654 -22.51 -9.08 -144.57
N UNK G 655 -23.64 -9.75 -144.78
CA UNK G 655 -24.01 -10.96 -144.04
C UNK G 655 -24.60 -12.01 -144.97
N UNK G 656 -23.93 -12.30 -146.07
CA UNK G 656 -24.58 -13.07 -147.14
C UNK G 656 -23.60 -14.12 -147.68
N UNK G 657 -23.93 -14.65 -148.86
CA UNK G 657 -23.04 -15.52 -149.62
C UNK G 657 -22.22 -14.80 -150.69
N UNK G 658 -22.66 -13.62 -151.16
CA UNK G 658 -21.83 -12.78 -152.01
C UNK G 658 -21.62 -11.39 -151.45
N UNK G 659 -22.69 -10.70 -151.07
CA UNK G 659 -22.66 -9.30 -150.65
C UNK G 659 -24.00 -8.96 -150.04
N UNK G 660 -23.99 -7.94 -149.17
CA UNK G 660 -25.18 -7.59 -148.40
C UNK G 660 -25.08 -6.17 -147.87
N UNK G 661 -25.76 -5.90 -146.75
CA UNK G 661 -26.22 -4.61 -146.26
C UNK G 661 -25.20 -3.49 -146.28
N UNK G 662 -25.69 -2.27 -146.48
CA UNK G 662 -24.90 -1.06 -146.53
C UNK G 662 -25.53 -0.01 -145.63
N UNK G 663 -24.74 1.01 -145.24
CA UNK G 663 -25.28 2.17 -144.53
C UNK G 663 -24.59 3.42 -145.05
N UNK G 664 -25.11 3.97 -146.15
CA UNK G 664 -24.52 5.10 -146.85
C UNK G 664 -25.53 5.69 -147.81
N UNK G 665 -25.07 6.54 -148.73
CA UNK G 665 -25.90 6.95 -149.86
C UNK G 665 -25.68 6.02 -151.04
N UNK G 666 -48.13 -49.85 -140.15
CA UNK G 666 -48.65 -49.17 -138.96
C UNK G 666 -48.46 -50.06 -137.76
N UNK G 667 -48.84 -51.33 -137.92
CA UNK G 667 -48.58 -52.37 -136.94
C UNK G 667 -48.64 -53.71 -137.66
N UNK G 668 -47.50 -54.36 -137.77
CA UNK G 668 -47.37 -55.54 -138.63
C UNK G 668 -46.17 -56.36 -138.16
N UNK G 669 -46.17 -57.65 -138.52
CA UNK G 669 -45.29 -58.71 -138.02
C UNK G 669 -43.78 -58.45 -138.04
N UNK G 670 -43.04 -59.19 -137.21
CA UNK G 670 -41.59 -59.11 -137.13
C UNK G 670 -40.95 -60.34 -137.75
N UNK G 671 -39.77 -60.16 -138.34
CA UNK G 671 -39.06 -61.25 -139.02
C UNK G 671 -37.55 -60.97 -138.93
N UNK G 672 -36.74 -61.68 -139.73
CA UNK G 672 -35.30 -61.48 -139.72
C UNK G 672 -34.72 -61.08 -141.07
N UNK G 673 -34.95 -61.87 -142.13
CA UNK G 673 -34.41 -61.68 -143.49
C UNK G 673 -32.88 -61.64 -143.50
N UNK G 674 -32.29 -62.81 -143.19
CA UNK G 674 -30.86 -62.99 -143.05
C UNK G 674 -30.10 -62.63 -144.32
N UNK G 675 -28.81 -62.33 -144.15
CA UNK G 675 -28.01 -61.67 -145.17
C UNK G 675 -26.84 -62.57 -145.57
N UNK G 676 -26.85 -63.01 -146.82
CA UNK G 676 -25.72 -63.71 -147.42
C UNK G 676 -24.68 -62.71 -147.88
N UNK G 677 -23.50 -63.23 -148.21
CA UNK G 677 -22.44 -62.37 -148.70
C UNK G 677 -22.67 -62.06 -150.18
N UNK G 678 -21.74 -61.35 -150.79
CA UNK G 678 -21.82 -60.98 -152.20
C UNK G 678 -20.69 -61.64 -152.96
N UNK G 679 -20.98 -62.13 -154.15
CA UNK G 679 -20.04 -62.93 -154.92
C UNK G 679 -19.66 -62.21 -156.21
N UNK G 680 -18.36 -62.05 -156.44
CA UNK G 680 -17.84 -61.49 -157.67
C UNK G 680 -16.45 -62.05 -157.90
N UNK G 681 -16.25 -62.68 -159.06
CA UNK G 681 -15.05 -63.45 -159.25
C UNK G 681 -14.72 -63.56 -160.71
N UNK G 682 -13.41 -63.57 -160.97
CA UNK G 682 -12.82 -63.63 -162.29
C UNK G 682 -11.50 -64.35 -162.09
N UNK G 683 -10.52 -64.11 -162.94
CA UNK G 683 -9.22 -64.72 -162.77
C UNK G 683 -8.44 -64.07 -161.63
N UNK G 684 -7.15 -64.35 -161.55
CA UNK G 684 -6.45 -64.25 -160.29
C UNK G 684 -5.00 -63.84 -160.49
N UNK G 685 -4.16 -64.23 -159.54
CA UNK G 685 -2.71 -64.10 -159.62
C UNK G 685 -2.12 -65.10 -160.60
N UNK G 686 -0.82 -65.39 -160.46
CA UNK G 686 -0.04 -66.23 -161.37
C UNK G 686 0.04 -65.61 -162.77
N UNK G 687 0.81 -64.51 -162.82
CA UNK G 687 1.42 -64.00 -164.04
C UNK G 687 2.05 -65.13 -164.85
N UNK G 688 1.92 -65.10 -166.19
CA UNK G 688 1.65 -63.93 -167.04
C UNK G 688 0.19 -63.66 -167.42
N UNK G 689 -0.04 -62.50 -168.07
CA UNK G 689 -1.37 -62.10 -168.51
C UNK G 689 -1.43 -61.49 -169.91
N UNK G 690 -0.29 -61.30 -170.56
CA UNK G 690 -0.18 -60.74 -171.91
C UNK G 690 -0.82 -59.36 -172.05
N UNK G 691 -0.73 -58.53 -171.00
CA UNK G 691 -1.04 -57.10 -171.10
C UNK G 691 -0.27 -56.38 -169.99
N UNK G 692 0.88 -55.81 -170.33
CA UNK G 692 1.75 -55.17 -169.35
C UNK G 692 2.12 -53.77 -169.83
N UNK G 693 2.79 -52.99 -168.96
CA UNK G 693 3.14 -51.62 -169.33
C UNK G 693 4.64 -51.34 -169.35
N UNK G 694 5.32 -51.32 -168.21
CA UNK G 694 6.70 -50.84 -168.28
C UNK G 694 7.72 -51.57 -167.41
N UNK G 695 7.34 -51.92 -166.20
CA UNK G 695 8.28 -52.36 -165.18
C UNK G 695 7.50 -53.11 -164.09
N UNK G 696 8.15 -53.35 -162.95
CA UNK G 696 7.62 -54.25 -161.94
C UNK G 696 6.74 -53.49 -160.94
N UNK G 697 5.44 -53.79 -160.91
CA UNK G 697 4.80 -54.84 -161.72
C UNK G 697 3.45 -54.39 -162.27
N UNK G 698 3.38 -53.17 -162.80
CA UNK G 698 2.12 -52.64 -163.32
C UNK G 698 1.63 -53.43 -164.51
N UNK G 699 0.37 -53.85 -164.46
CA UNK G 699 -0.14 -54.87 -165.36
C UNK G 699 -1.45 -54.47 -166.00
N UNK G 700 -1.48 -53.28 -166.62
CA UNK G 700 -2.70 -52.71 -167.18
C UNK G 700 -3.29 -53.57 -168.28
N UNK G 701 -4.61 -53.71 -168.29
CA UNK G 701 -5.20 -54.84 -168.97
C UNK G 701 -6.49 -54.49 -169.71
N UNK G 702 -6.72 -55.20 -170.82
CA UNK G 702 -8.09 -55.45 -171.29
C UNK G 702 -8.53 -56.80 -170.74
N UNK G 703 -7.93 -57.89 -171.24
CA UNK G 703 -7.24 -58.92 -170.48
C UNK G 703 -7.70 -59.14 -169.04
N UNK G 704 -8.93 -59.58 -168.78
CA UNK G 704 -9.77 -60.32 -169.70
C UNK G 704 -11.22 -60.05 -169.41
N UNK G 705 -11.97 -59.73 -170.45
CA UNK G 705 -13.38 -59.42 -170.27
C UNK G 705 -14.18 -60.68 -169.98
N UNK G 706 -15.20 -60.51 -169.13
CA UNK G 706 -16.11 -61.58 -168.72
C UNK G 706 -17.54 -61.07 -168.78
N UNK G 707 -17.92 -60.52 -169.95
CA UNK G 707 -19.21 -59.87 -170.21
C UNK G 707 -20.40 -60.70 -169.77
N UNK G 708 -20.58 -61.87 -170.40
CA UNK G 708 -21.05 -63.11 -169.79
C UNK G 708 -22.35 -62.93 -169.01
N UNK G 709 -23.42 -62.71 -169.78
CA UNK G 709 -24.72 -62.25 -169.32
C UNK G 709 -25.34 -63.01 -168.14
N UNK G 710 -26.26 -62.35 -167.43
CA UNK G 710 -26.73 -62.82 -166.13
C UNK G 710 -28.15 -62.34 -165.86
N UNK G 711 -28.94 -63.22 -165.26
CA UNK G 711 -30.16 -62.88 -164.53
C UNK G 711 -29.78 -62.41 -163.14
N UNK G 712 -30.70 -62.47 -162.18
CA UNK G 712 -30.31 -62.28 -160.77
C UNK G 712 -29.48 -63.50 -160.37
N UNK G 713 -28.21 -63.46 -160.75
CA UNK G 713 -27.33 -64.61 -160.88
C UNK G 713 -25.95 -64.08 -161.29
N UNK G 714 -24.98 -64.97 -161.32
CA UNK G 714 -23.62 -64.62 -161.69
C UNK G 714 -23.45 -64.75 -163.20
N UNK G 715 -22.19 -64.71 -163.66
CA UNK G 715 -21.86 -64.65 -165.08
C UNK G 715 -22.00 -66.00 -165.78
N UNK G 716 -21.41 -66.14 -166.97
CA UNK G 716 -21.49 -67.39 -167.74
C UNK G 716 -20.96 -68.57 -166.94
N UNK G 717 -21.63 -69.71 -167.09
CA UNK G 717 -21.56 -70.77 -166.09
C UNK G 717 -20.19 -71.43 -166.07
N UNK G 718 -19.69 -71.65 -164.86
CA UNK G 718 -18.38 -72.26 -164.68
C UNK G 718 -18.37 -72.92 -163.31
N UNK G 719 -18.57 -74.23 -163.28
CA UNK G 719 -18.47 -74.99 -162.04
C UNK G 719 -17.18 -75.79 -161.98
N UNK G 720 -16.92 -76.57 -163.01
CA UNK G 720 -15.62 -77.19 -163.24
C UNK G 720 -15.08 -76.96 -164.64
N UNK G 721 -15.89 -76.52 -165.59
CA UNK G 721 -15.46 -76.31 -166.97
C UNK G 721 -16.12 -75.05 -167.48
N UNK G 722 -15.34 -74.00 -167.67
CA UNK G 722 -15.85 -72.66 -167.92
C UNK G 722 -16.36 -72.55 -169.35
N UNK G 723 -17.59 -73.00 -169.55
CA UNK G 723 -18.18 -73.03 -170.88
C UNK G 723 -18.67 -71.63 -171.26
N UNK G 724 -18.13 -71.11 -172.35
CA UNK G 724 -18.58 -69.86 -172.94
C UNK G 724 -19.81 -70.09 -173.82
N UNK G 725 -20.14 -69.14 -174.69
CA UNK G 725 -21.32 -69.25 -175.56
C UNK G 725 -21.19 -70.34 -176.62
N UNK G 726 -20.02 -70.96 -176.76
CA UNK G 726 -19.81 -72.14 -177.60
C UNK G 726 -20.28 -73.40 -176.88
N UNK G 727 -19.86 -74.58 -177.37
CA UNK G 727 -20.30 -75.85 -176.78
C UNK G 727 -19.77 -76.01 -175.35
N UNK G 728 -18.44 -76.06 -175.19
CA UNK G 728 -17.83 -76.19 -173.86
C UNK G 728 -16.41 -75.67 -173.94
N UNK G 729 -15.84 -75.39 -172.77
CA UNK G 729 -14.47 -74.90 -172.68
C UNK G 729 -13.96 -75.15 -171.28
N UNK G 730 -12.67 -75.45 -171.18
CA UNK G 730 -12.09 -75.90 -169.93
C UNK G 730 -11.00 -74.92 -169.50
N UNK G 731 -11.39 -73.87 -168.79
CA UNK G 731 -10.41 -73.00 -168.17
C UNK G 731 -9.80 -73.75 -166.99
N UNK G 732 -8.53 -74.09 -167.09
CA UNK G 732 -7.86 -74.89 -166.08
C UNK G 732 -7.58 -74.09 -164.82
N UNK H 1 -63.52 -40.49 -92.37
CA UNK H 1 -62.85 -39.52 -91.52
C UNK H 1 -62.83 -38.16 -92.20
N UNK H 2 -61.72 -37.45 -92.09
CA UNK H 2 -61.63 -36.12 -92.68
C UNK H 2 -60.22 -35.90 -93.18
N UNK H 3 -60.08 -35.48 -94.42
CA UNK H 3 -58.78 -35.30 -95.05
C UNK H 3 -58.65 -33.86 -95.50
N UNK H 4 -57.75 -33.09 -94.89
CA UNK H 4 -57.72 -31.66 -95.17
C UNK H 4 -56.45 -31.23 -95.88
N UNK H 5 -56.47 -30.04 -96.50
CA UNK H 5 -55.30 -29.61 -97.24
C UNK H 5 -55.23 -28.10 -97.30
N UNK H 6 -54.16 -27.52 -96.80
CA UNK H 6 -53.93 -26.10 -97.03
C UNK H 6 -53.26 -25.95 -98.40
N UNK H 7 -53.57 -24.88 -99.11
CA UNK H 7 -52.97 -24.76 -100.44
C UNK H 7 -52.75 -23.29 -100.75
N UNK H 8 -51.51 -22.89 -100.96
CA UNK H 8 -51.18 -21.48 -101.11
C UNK H 8 -50.84 -21.15 -102.56
N UNK H 9 -51.28 -19.99 -103.03
CA UNK H 9 -50.77 -19.43 -104.27
C UNK H 9 -49.60 -18.50 -103.95
N UNK H 10 -48.97 -17.89 -104.95
CA UNK H 10 -47.79 -17.06 -104.72
C UNK H 10 -48.21 -15.67 -104.26
N UNK H 11 -47.65 -15.20 -103.15
CA UNK H 11 -48.30 -14.17 -102.37
C UNK H 11 -47.38 -13.00 -102.04
N UNK H 12 -48.01 -11.87 -101.77
CA UNK H 12 -47.39 -10.75 -101.07
C UNK H 12 -48.51 -9.90 -100.49
N UNK H 13 -48.69 -9.96 -99.18
CA UNK H 13 -49.71 -9.22 -98.42
C UNK H 13 -51.11 -9.51 -98.94
N UNK H 14 -51.51 -10.76 -98.78
CA UNK H 14 -52.86 -11.17 -99.17
C UNK H 14 -53.39 -12.18 -98.19
N UNK H 15 -54.68 -12.46 -98.30
CA UNK H 15 -55.48 -13.03 -97.23
C UNK H 15 -55.79 -14.48 -97.48
N UNK H 16 -56.60 -15.04 -96.60
CA UNK H 16 -56.86 -16.46 -96.54
C UNK H 16 -58.32 -16.70 -96.86
N UNK H 17 -58.65 -17.93 -97.24
CA UNK H 17 -60.04 -18.31 -97.48
C UNK H 17 -60.20 -19.76 -97.08
N UNK H 18 -60.94 -20.01 -96.01
CA UNK H 18 -61.02 -21.35 -95.43
C UNK H 18 -62.22 -22.08 -96.01
N UNK H 19 -62.03 -22.65 -97.20
CA UNK H 19 -63.17 -23.28 -97.86
C UNK H 19 -63.33 -24.71 -97.35
N UNK H 20 -64.55 -25.23 -97.48
CA UNK H 20 -64.81 -26.60 -97.08
C UNK H 20 -65.52 -27.27 -98.25
N UNK H 21 -64.77 -27.97 -99.07
CA UNK H 21 -65.31 -28.62 -100.25
C UNK H 21 -66.18 -29.75 -99.78
N UNK H 22 -67.49 -29.51 -99.77
CA UNK H 22 -68.43 -30.46 -99.19
C UNK H 22 -68.50 -31.71 -100.04
N UNK H 23 -69.01 -31.57 -101.26
CA UNK H 23 -68.99 -32.71 -102.16
C UNK H 23 -68.76 -32.33 -103.61
N UNK H 24 -68.29 -31.12 -103.88
CA UNK H 24 -68.39 -30.61 -105.25
C UNK H 24 -67.31 -31.21 -106.15
N UNK H 25 -66.04 -30.88 -105.88
CA UNK H 25 -64.84 -31.24 -106.66
C UNK H 25 -64.87 -30.74 -108.11
N UNK H 26 -65.83 -29.88 -108.46
CA UNK H 26 -65.84 -29.14 -109.71
C UNK H 26 -66.05 -27.66 -109.50
N UNK H 27 -66.53 -27.27 -108.33
CA UNK H 27 -66.38 -25.92 -107.80
C UNK H 27 -64.96 -25.66 -107.32
N UNK H 28 -64.07 -26.64 -107.42
CA UNK H 28 -62.69 -26.45 -106.99
C UNK H 28 -62.01 -25.40 -107.84
N UNK H 29 -62.19 -25.45 -109.16
CA UNK H 29 -61.61 -24.41 -109.99
C UNK H 29 -62.32 -23.08 -109.76
N UNK H 30 -63.61 -23.13 -109.40
CA UNK H 30 -64.36 -21.91 -109.14
C UNK H 30 -63.84 -21.17 -107.92
N UNK H 31 -63.72 -21.89 -106.81
CA UNK H 31 -63.13 -21.28 -105.63
C UNK H 31 -61.66 -21.00 -105.81
N UNK H 32 -60.99 -21.74 -106.70
CA UNK H 32 -59.58 -21.46 -106.96
C UNK H 32 -59.41 -20.12 -107.62
N UNK H 33 -60.21 -19.83 -108.64
CA UNK H 33 -60.14 -18.52 -109.24
C UNK H 33 -60.68 -17.46 -108.31
N UNK H 34 -61.56 -17.84 -107.38
CA UNK H 34 -62.09 -16.86 -106.44
C UNK H 34 -61.02 -16.42 -105.45
N UNK H 35 -60.23 -17.35 -104.97
CA UNK H 35 -59.10 -17.03 -104.11
C UNK H 35 -57.85 -16.77 -104.88
N UNK H 36 -57.94 -16.67 -106.20
CA UNK H 36 -56.82 -16.14 -106.96
C UNK H 36 -56.56 -14.68 -106.62
N UNK H 37 -57.57 -13.95 -106.15
CA UNK H 37 -57.34 -12.63 -105.59
C UNK H 37 -57.14 -12.72 -104.08
N UNK H 38 -56.10 -13.48 -103.71
CA UNK H 38 -55.78 -13.79 -102.32
C UNK H 38 -54.39 -14.40 -102.19
N UNK H 39 -54.11 -14.99 -101.03
CA UNK H 39 -52.87 -15.71 -100.77
C UNK H 39 -53.06 -17.19 -100.52
N UNK H 40 -53.93 -17.57 -99.58
CA UNK H 40 -53.92 -18.96 -99.13
C UNK H 40 -55.33 -19.52 -99.08
N UNK H 41 -55.63 -20.45 -99.98
CA UNK H 41 -56.85 -21.20 -99.77
C UNK H 41 -56.57 -22.29 -98.76
N UNK H 42 -57.62 -22.76 -98.11
CA UNK H 42 -57.47 -23.89 -97.20
C UNK H 42 -58.66 -24.78 -97.46
N UNK H 43 -58.47 -25.78 -98.31
CA UNK H 43 -59.57 -26.62 -98.73
C UNK H 43 -59.72 -27.76 -97.74
N UNK H 44 -60.86 -27.82 -97.06
CA UNK H 44 -61.11 -28.96 -96.18
C UNK H 44 -61.89 -30.02 -96.92
N UNK H 45 -61.72 -31.27 -96.46
CA UNK H 45 -62.37 -32.53 -96.84
C UNK H 45 -61.93 -33.12 -98.19
N UNK H 46 -61.29 -32.32 -99.06
CA UNK H 46 -60.18 -32.66 -99.97
C UNK H 46 -60.01 -34.09 -100.47
N UNK H 47 -61.05 -34.73 -100.98
CA UNK H 47 -60.91 -36.15 -101.27
C UNK H 47 -60.24 -36.40 -102.62
N UNK H 48 -60.79 -35.83 -103.68
CA UNK H 48 -60.14 -35.87 -104.97
C UNK H 48 -59.45 -34.56 -105.28
N UNK H 49 -59.80 -33.50 -104.55
CA UNK H 49 -59.21 -32.20 -104.81
C UNK H 49 -57.73 -32.19 -104.47
N UNK H 50 -57.39 -32.65 -103.26
CA UNK H 50 -55.99 -32.67 -102.86
C UNK H 50 -55.19 -33.62 -103.70
N UNK H 51 -55.79 -34.71 -104.13
CA UNK H 51 -55.07 -35.69 -104.93
C UNK H 51 -54.75 -35.14 -106.30
N UNK H 52 -55.76 -34.59 -106.99
CA UNK H 52 -55.49 -34.08 -108.32
C UNK H 52 -54.60 -32.85 -108.26
N UNK H 53 -54.71 -32.05 -107.20
CA UNK H 53 -53.84 -30.88 -107.10
C UNK H 53 -52.41 -31.27 -106.82
N UNK H 54 -52.20 -32.29 -106.00
CA UNK H 54 -50.83 -32.70 -105.72
C UNK H 54 -50.20 -33.38 -106.91
N UNK H 55 -50.98 -34.13 -107.68
CA UNK H 55 -50.40 -34.77 -108.85
C UNK H 55 -50.04 -33.74 -109.89
N UNK H 56 -50.88 -32.71 -110.04
CA UNK H 56 -50.54 -31.65 -110.98
C UNK H 56 -49.33 -30.86 -110.50
N UNK H 57 -49.22 -30.65 -109.20
CA UNK H 57 -48.09 -29.87 -108.71
C UNK H 57 -46.79 -30.64 -108.81
N UNK H 58 -46.83 -31.94 -108.58
CA UNK H 58 -45.61 -32.70 -108.59
C UNK H 58 -45.18 -33.09 -110.00
N UNK H 59 -46.09 -33.10 -110.94
CA UNK H 59 -45.67 -33.25 -112.33
C UNK H 59 -46.04 -32.02 -113.10
N UNK H 60 -45.82 -30.86 -112.48
CA UNK H 60 -46.20 -29.60 -113.08
C UNK H 60 -45.06 -28.89 -113.81
N UNK H 61 -43.83 -29.32 -113.63
CA UNK H 61 -42.72 -28.63 -114.26
C UNK H 61 -42.09 -29.40 -115.41
N UNK H 62 -41.67 -30.63 -115.18
CA UNK H 62 -41.01 -31.36 -116.24
C UNK H 62 -42.00 -31.86 -117.25
N UNK H 63 -43.15 -32.34 -116.77
CA UNK H 63 -44.16 -32.83 -117.67
C UNK H 63 -44.85 -31.71 -118.42
N UNK H 64 -44.63 -30.47 -118.03
CA UNK H 64 -45.00 -29.32 -118.84
C UNK H 64 -43.91 -28.89 -119.77
N UNK H 65 -42.66 -28.98 -119.31
CA UNK H 65 -41.54 -28.55 -120.12
C UNK H 65 -41.37 -29.41 -121.33
N UNK H 66 -41.71 -30.69 -121.23
CA UNK H 66 -41.60 -31.49 -122.44
C UNK H 66 -42.80 -31.31 -123.35
N UNK H 67 -43.97 -31.77 -122.94
CA UNK H 67 -45.01 -32.10 -123.92
C UNK H 67 -46.26 -31.25 -123.83
N UNK H 68 -47.03 -31.36 -122.73
CA UNK H 68 -48.46 -31.06 -122.69
C UNK H 68 -49.18 -31.69 -123.88
N UNK H 69 -49.21 -33.02 -123.86
CA UNK H 69 -49.82 -33.80 -124.93
C UNK H 69 -51.32 -33.89 -124.75
N UNK H 70 -52.00 -34.40 -125.77
CA UNK H 70 -53.41 -34.75 -125.68
C UNK H 70 -53.51 -36.28 -125.78
N UNK H 71 -54.21 -36.88 -124.84
CA UNK H 71 -54.05 -38.31 -124.60
C UNK H 71 -55.34 -39.07 -124.90
N UNK H 72 -55.37 -39.77 -126.03
CA UNK H 72 -56.42 -40.75 -126.27
C UNK H 72 -56.20 -41.97 -125.41
N UNK H 73 -57.27 -42.68 -125.10
CA UNK H 73 -57.14 -43.84 -124.22
C UNK H 73 -58.11 -44.93 -124.63
N UNK H 74 -57.63 -46.16 -124.68
CA UNK H 74 -58.48 -47.30 -124.94
C UNK H 74 -58.14 -48.29 -123.83
N UNK H 75 -58.80 -48.15 -122.69
CA UNK H 75 -58.43 -48.93 -121.53
C UNK H 75 -59.53 -49.93 -121.20
N UNK H 76 -59.10 -51.15 -120.90
CA UNK H 76 -59.97 -52.20 -120.41
C UNK H 76 -59.89 -52.22 -118.90
N UNK H 77 -61.00 -52.54 -118.27
CA UNK H 77 -61.25 -52.01 -116.94
C UNK H 77 -60.64 -52.85 -115.84
N UNK H 78 -59.51 -53.51 -116.11
CA UNK H 78 -59.03 -54.55 -115.22
C UNK H 78 -58.63 -54.10 -113.83
N UNK H 79 -57.56 -53.33 -113.71
CA UNK H 79 -56.92 -53.16 -112.43
C UNK H 79 -57.08 -51.76 -111.88
N UNK H 80 -56.64 -50.75 -112.63
CA UNK H 80 -56.69 -49.37 -112.18
C UNK H 80 -58.10 -48.85 -112.05
N UNK H 81 -59.06 -49.50 -112.71
CA UNK H 81 -60.41 -48.99 -112.86
C UNK H 81 -61.17 -48.94 -111.55
N UNK H 82 -60.66 -49.52 -110.47
CA UNK H 82 -60.99 -48.97 -109.17
C UNK H 82 -59.75 -49.17 -108.30
N UNK H 83 -58.81 -48.24 -108.38
CA UNK H 83 -57.52 -48.48 -107.76
C UNK H 83 -56.71 -47.21 -107.72
N UNK H 84 -55.44 -47.37 -107.36
CA UNK H 84 -54.50 -46.32 -107.05
C UNK H 84 -53.60 -46.03 -108.24
N UNK H 85 -53.16 -44.78 -108.34
CA UNK H 85 -52.23 -44.38 -109.37
C UNK H 85 -50.79 -44.66 -109.01
N UNK H 86 -50.57 -45.34 -107.90
CA UNK H 86 -49.28 -45.94 -107.54
C UNK H 86 -48.19 -44.91 -107.34
N UNK H 87 -48.53 -43.76 -106.83
CA UNK H 87 -47.52 -42.86 -106.32
C UNK H 87 -47.97 -42.15 -105.06
N UNK H 88 -49.16 -42.45 -104.55
CA UNK H 88 -49.68 -41.70 -103.42
C UNK H 88 -49.07 -42.14 -102.12
N UNK H 89 -48.82 -43.44 -101.97
CA UNK H 89 -48.52 -44.03 -100.68
C UNK H 89 -47.12 -43.73 -100.17
N UNK H 90 -46.36 -42.89 -100.85
CA UNK H 90 -45.10 -42.48 -100.29
C UNK H 90 -44.93 -40.97 -100.29
N UNK H 91 -45.66 -40.22 -101.10
CA UNK H 91 -45.61 -38.77 -101.03
C UNK H 91 -46.68 -38.20 -100.11
N UNK H 92 -47.92 -38.66 -100.22
CA UNK H 92 -48.89 -38.34 -99.19
C UNK H 92 -48.93 -39.43 -98.12
N UNK H 93 -47.74 -39.82 -97.70
CA UNK H 93 -47.42 -40.13 -96.31
C UNK H 93 -46.86 -38.81 -95.84
N UNK H 94 -47.75 -37.96 -95.33
CA UNK H 94 -47.61 -36.51 -95.39
C UNK H 94 -46.43 -36.01 -94.57
N UNK H 95 -45.68 -35.07 -95.14
CA UNK H 95 -44.60 -34.41 -94.43
C UNK H 95 -45.03 -33.09 -93.84
N UNK H 96 -45.78 -32.30 -94.59
CA UNK H 96 -46.59 -31.19 -94.08
C UNK H 96 -45.77 -30.10 -93.42
N UNK H 97 -44.87 -29.51 -94.19
CA UNK H 97 -43.91 -28.60 -93.60
C UNK H 97 -43.70 -27.44 -94.55
N UNK H 98 -44.32 -26.32 -94.22
CA UNK H 98 -44.19 -25.16 -95.07
C UNK H 98 -44.54 -23.93 -94.28
N UNK H 99 -44.68 -22.84 -95.02
CA UNK H 99 -45.21 -21.56 -94.67
C UNK H 99 -45.51 -20.91 -96.01
N UNK H 100 -45.63 -19.59 -96.03
CA UNK H 100 -45.67 -18.86 -97.29
C UNK H 100 -44.25 -18.48 -97.70
N UNK H 101 -43.52 -19.46 -98.22
CA UNK H 101 -42.11 -19.28 -98.53
C UNK H 101 -41.88 -18.91 -99.99
N UNK H 102 -42.59 -17.90 -100.46
CA UNK H 102 -42.31 -17.35 -101.79
C UNK H 102 -42.62 -15.87 -101.85
N UNK H 103 -42.36 -15.14 -100.75
CA UNK H 103 -42.81 -13.75 -100.59
C UNK H 103 -42.27 -12.86 -101.71
N UNK H 104 -43.13 -11.98 -102.21
CA UNK H 104 -42.97 -11.49 -103.59
C UNK H 104 -42.86 -9.99 -103.74
N UNK H 105 -42.00 -9.35 -102.95
CA UNK H 105 -41.49 -7.99 -103.17
C UNK H 105 -42.55 -6.89 -103.27
N UNK H 106 -63.19 -146.51 -110.58
CA UNK H 106 -63.07 -145.17 -110.01
C UNK H 106 -62.85 -144.15 -111.11
N UNK H 107 -62.40 -144.62 -112.27
CA UNK H 107 -62.03 -143.74 -113.36
C UNK H 107 -62.20 -144.49 -114.67
N UNK H 108 -62.73 -143.83 -115.70
CA UNK H 108 -63.24 -142.46 -115.65
C UNK H 108 -64.66 -142.44 -115.10
N UNK H 109 -65.56 -143.13 -115.77
CA UNK H 109 -67.00 -143.13 -115.50
C UNK H 109 -67.51 -141.69 -115.39
N UNK H 110 -67.29 -140.96 -116.49
CA UNK H 110 -67.58 -139.54 -116.65
C UNK H 110 -66.88 -138.68 -115.60
N UNK H 111 -65.72 -139.12 -115.13
CA UNK H 111 -65.08 -138.40 -114.06
C UNK H 111 -63.57 -138.56 -114.22
N UNK H 112 -62.95 -137.59 -114.90
CA UNK H 112 -61.52 -137.64 -115.16
C UNK H 112 -61.08 -136.25 -115.59
N UNK H 113 -59.76 -136.06 -115.63
CA UNK H 113 -59.07 -134.88 -116.16
C UNK H 113 -59.50 -133.57 -115.49
N UNK H 114 -88.38 -99.71 -110.57
CA UNK H 114 -87.98 -100.73 -111.53
C UNK H 114 -87.30 -100.09 -112.72
N UNK H 115 -87.66 -98.84 -112.99
CA UNK H 115 -87.10 -98.12 -114.13
C UNK H 115 -85.84 -97.35 -113.78
N UNK H 116 -85.40 -97.36 -112.53
CA UNK H 116 -84.43 -96.40 -112.07
C UNK H 116 -83.01 -96.78 -112.41
N UNK H 117 -82.22 -95.77 -112.80
CA UNK H 117 -80.78 -95.96 -112.85
C UNK H 117 -80.21 -96.16 -111.46
N UNK H 118 -80.87 -95.65 -110.42
CA UNK H 118 -80.46 -95.98 -109.06
C UNK H 118 -80.68 -97.47 -108.80
N UNK H 119 -81.80 -98.01 -109.29
CA UNK H 119 -82.03 -99.44 -109.18
C UNK H 119 -81.05 -100.22 -110.03
N UNK H 120 -80.62 -99.62 -111.14
CA UNK H 120 -79.59 -100.24 -111.96
C UNK H 120 -78.26 -100.31 -111.21
N UNK H 121 -77.74 -99.15 -110.79
CA UNK H 121 -76.43 -99.07 -110.14
C UNK H 121 -76.39 -99.76 -108.79
N UNK H 122 -77.54 -100.12 -108.24
CA UNK H 122 -77.60 -101.18 -107.24
C UNK H 122 -77.53 -102.55 -107.91
N UNK H 123 -76.40 -102.84 -108.52
CA UNK H 123 -76.19 -104.18 -109.08
C UNK H 123 -74.93 -104.94 -108.66
N UNK H 124 -73.71 -104.35 -108.66
CA UNK H 124 -73.24 -102.97 -108.90
C UNK H 124 -71.99 -102.81 -109.79
N UNK H 125 -71.98 -103.33 -111.02
CA UNK H 125 -70.82 -103.19 -111.90
C UNK H 125 -70.77 -101.80 -112.53
N UNK H 126 -69.87 -101.61 -113.52
CA UNK H 126 -69.60 -100.32 -114.14
C UNK H 126 -69.81 -100.28 -115.64
N UNK H 127 -69.89 -101.41 -116.30
CA UNK H 127 -70.57 -101.40 -117.59
C UNK H 127 -72.04 -101.06 -117.44
N UNK H 128 -72.61 -101.21 -116.23
CA UNK H 128 -73.87 -100.56 -115.92
C UNK H 128 -73.75 -99.04 -115.98
N UNK H 129 -72.57 -98.47 -115.73
CA UNK H 129 -72.42 -97.04 -116.01
C UNK H 129 -72.25 -96.77 -117.48
N UNK H 130 -71.79 -97.77 -118.22
CA UNK H 130 -71.97 -97.68 -119.67
C UNK H 130 -73.40 -97.98 -120.11
N UNK H 131 -74.24 -98.47 -119.22
CA UNK H 131 -75.62 -98.83 -119.55
C UNK H 131 -76.65 -97.96 -118.85
N UNK H 132 -76.21 -96.96 -118.10
CA UNK H 132 -77.15 -96.06 -117.44
C UNK H 132 -77.87 -95.15 -118.40
N UNK H 133 -77.43 -95.08 -119.66
CA UNK H 133 -78.17 -94.39 -120.70
C UNK H 133 -79.48 -95.08 -121.05
N UNK H 134 -79.70 -96.31 -120.58
CA UNK H 134 -81.02 -96.91 -120.66
C UNK H 134 -82.04 -96.09 -119.90
N UNK H 135 -81.65 -95.53 -118.76
CA UNK H 135 -82.57 -94.79 -117.89
C UNK H 135 -82.40 -93.28 -118.02
N UNK H 136 -82.15 -92.79 -119.22
CA UNK H 136 -82.14 -91.36 -119.46
C UNK H 136 -82.83 -91.05 -120.77
N UNK H 137 -87.02 -119.68 -123.34
CA UNK H 137 -86.09 -119.77 -124.47
C UNK H 137 -85.07 -118.64 -124.42
N UNK H 138 -84.14 -118.72 -123.47
CA UNK H 138 -83.17 -117.66 -123.29
C UNK H 138 -82.04 -117.78 -124.29
N UNK H 139 -81.29 -116.69 -124.43
CA UNK H 139 -79.98 -116.77 -125.07
C UNK H 139 -79.07 -117.68 -124.26
N UNK H 140 -79.15 -117.58 -122.93
CA UNK H 140 -78.44 -118.50 -122.06
C UNK H 140 -79.01 -119.90 -122.09
N UNK H 141 -80.22 -120.10 -122.62
CA UNK H 141 -80.72 -121.46 -122.77
C UNK H 141 -79.96 -122.20 -123.85
N UNK H 142 -79.43 -121.47 -124.84
CA UNK H 142 -78.50 -122.07 -125.79
C UNK H 142 -77.27 -122.60 -125.09
N UNK H 143 -76.78 -121.87 -124.08
CA UNK H 143 -75.70 -122.39 -123.26
C UNK H 143 -76.18 -123.52 -122.37
N UNK H 144 -77.41 -123.43 -121.87
CA UNK H 144 -77.93 -124.43 -120.94
C UNK H 144 -78.20 -125.76 -121.63
N UNK H 145 -78.29 -125.75 -122.95
CA UNK H 145 -78.21 -126.99 -123.70
C UNK H 145 -76.80 -127.26 -124.23
N UNK H 146 -76.02 -126.21 -124.47
CA UNK H 146 -74.74 -126.37 -125.15
C UNK H 146 -73.68 -126.92 -124.23
N UNK H 147 -73.54 -126.30 -123.05
CA UNK H 147 -72.65 -126.85 -122.02
C UNK H 147 -73.19 -128.18 -121.50
N UNK H 148 -74.50 -128.39 -121.58
CA UNK H 148 -75.07 -129.69 -121.26
C UNK H 148 -74.58 -130.75 -122.23
N UNK H 149 -74.58 -130.43 -123.52
CA UNK H 149 -74.04 -131.36 -124.51
C UNK H 149 -72.53 -131.49 -124.38
N UNK H 150 -71.87 -130.45 -123.91
CA UNK H 150 -70.42 -130.47 -123.79
C UNK H 150 -69.92 -131.13 -122.52
N UNK H 151 -70.77 -131.28 -121.52
CA UNK H 151 -70.34 -131.87 -120.27
C UNK H 151 -71.03 -133.19 -119.95
N UNK H 152 -72.31 -133.34 -120.30
CA UNK H 152 -73.04 -134.58 -120.09
C UNK H 152 -72.93 -135.51 -121.28
N UNK H 153 -71.86 -135.40 -122.05
CA UNK H 153 -71.57 -136.33 -123.13
C UNK H 153 -70.66 -137.46 -122.71
N UNK H 154 -69.91 -137.29 -121.62
CA UNK H 154 -69.10 -138.39 -121.12
C UNK H 154 -69.98 -139.52 -120.60
N UNK H 155 -71.17 -139.20 -120.12
CA UNK H 155 -72.17 -140.20 -119.80
C UNK H 155 -73.55 -139.64 -120.04
N UNK H 156 -72.46 -131.14 -79.44
CA UNK H 156 -71.71 -129.89 -79.62
C UNK H 156 -72.38 -129.01 -80.67
N UNK H 157 -73.35 -129.55 -81.36
CA UNK H 157 -74.10 -128.67 -82.25
C UNK H 157 -75.61 -128.77 -82.06
N UNK H 158 -76.15 -129.96 -81.82
CA UNK H 158 -77.60 -130.10 -81.94
C UNK H 158 -78.33 -129.73 -80.66
N UNK H 159 -78.21 -130.57 -79.63
CA UNK H 159 -79.00 -130.54 -78.40
C UNK H 159 -80.51 -130.39 -78.66
N UNK H 160 -81.00 -130.89 -79.78
CA UNK H 160 -82.32 -130.54 -80.25
C UNK H 160 -83.35 -131.51 -79.73
N UNK H 161 -84.43 -130.98 -79.18
CA UNK H 161 -85.53 -131.77 -78.66
C UNK H 161 -86.70 -131.70 -79.63
N UNK H 162 -87.64 -132.61 -79.44
CA UNK H 162 -88.75 -132.75 -80.36
C UNK H 162 -90.07 -132.61 -79.62
N UNK H 163 -91.14 -132.70 -80.38
CA UNK H 163 -92.50 -132.79 -79.85
C UNK H 163 -93.35 -133.42 -80.93
N UNK H 164 -94.55 -133.86 -80.54
CA UNK H 164 -95.47 -134.48 -81.48
C UNK H 164 -96.71 -133.62 -81.71
N UNK H 165 -97.46 -133.31 -80.64
CA UNK H 165 -98.58 -132.36 -80.62
C UNK H 165 -99.66 -132.71 -81.65
N UNK H 166 -100.26 -133.87 -81.48
CA UNK H 166 -101.29 -134.35 -82.39
C UNK H 166 -102.69 -134.05 -81.84
N UNK H 167 -103.67 -134.12 -82.75
CA UNK H 167 -105.11 -134.07 -82.47
C UNK H 167 -105.54 -132.78 -81.75
N UNK H 168 -105.53 -131.64 -82.48
CA UNK H 168 -105.26 -131.50 -83.91
C UNK H 168 -104.42 -130.27 -84.27
N UNK H 169 -104.29 -129.32 -83.34
CA UNK H 169 -103.73 -128.00 -83.63
C UNK H 169 -102.43 -127.78 -82.86
N UNK H 170 -101.52 -127.03 -83.49
CA UNK H 170 -100.13 -126.95 -83.07
C UNK H 170 -99.97 -126.00 -81.88
N UNK H 171 -98.73 -125.95 -81.36
CA UNK H 171 -98.37 -124.99 -80.34
C UNK H 171 -97.31 -124.01 -80.83
N UNK H 172 -96.15 -124.50 -81.25
CA UNK H 172 -94.99 -123.64 -81.48
C UNK H 172 -93.96 -124.43 -82.25
N UNK H 173 -92.94 -123.72 -82.75
CA UNK H 173 -91.83 -124.35 -83.46
C UNK H 173 -90.52 -123.70 -83.08
N UNK H 174 -90.31 -123.46 -81.78
CA UNK H 174 -89.33 -122.48 -81.39
C UNK H 174 -87.91 -123.04 -81.43
N UNK H 175 -86.93 -122.14 -81.35
CA UNK H 175 -85.54 -122.58 -81.44
C UNK H 175 -84.67 -121.63 -80.65
N UNK H 176 -83.99 -122.16 -79.64
CA UNK H 176 -83.08 -121.37 -78.83
C UNK H 176 -81.70 -121.44 -79.47
N UNK H 177 -81.23 -120.33 -80.01
CA UNK H 177 -79.98 -120.29 -80.74
C UNK H 177 -78.97 -119.50 -79.91
N UNK H 178 -77.99 -120.19 -79.36
CA UNK H 178 -76.98 -119.52 -78.56
C UNK H 178 -75.86 -119.06 -79.48
N UNK H 179 -75.45 -117.81 -79.33
CA UNK H 179 -74.31 -117.28 -80.05
C UNK H 179 -73.06 -117.57 -79.23
N UNK H 180 -71.96 -116.87 -79.52
CA UNK H 180 -70.65 -117.18 -78.95
C UNK H 180 -70.61 -116.92 -77.44
N UNK H 181 -69.46 -117.21 -76.86
CA UNK H 181 -69.30 -117.25 -75.42
C UNK H 181 -68.54 -116.02 -74.92
N UNK H 182 -68.86 -115.54 -73.72
CA UNK H 182 -69.99 -115.89 -72.85
C UNK H 182 -70.40 -114.64 -72.07
N UNK H 183 -71.21 -114.84 -71.03
CA UNK H 183 -71.49 -113.85 -69.98
C UNK H 183 -72.11 -112.57 -70.55
N UNK H 184 -73.30 -112.74 -71.10
CA UNK H 184 -74.01 -111.63 -71.72
C UNK H 184 -75.50 -111.94 -71.68
N UNK H 185 -76.27 -111.19 -72.47
CA UNK H 185 -77.71 -111.15 -72.30
C UNK H 185 -78.42 -112.17 -73.17
N UNK H 186 -79.74 -112.03 -73.24
CA UNK H 186 -80.57 -112.84 -74.11
C UNK H 186 -81.49 -111.90 -74.87
N UNK H 187 -81.98 -112.39 -76.00
CA UNK H 187 -82.96 -111.65 -76.80
C UNK H 187 -83.88 -112.64 -77.46
N UNK H 188 -85.18 -112.46 -77.25
CA UNK H 188 -86.18 -113.40 -77.74
C UNK H 188 -86.85 -112.80 -78.97
N UNK H 189 -86.25 -113.04 -80.13
CA UNK H 189 -86.82 -112.57 -81.37
C UNK H 189 -88.06 -113.39 -81.68
N UNK H 190 -89.22 -112.79 -81.54
CA UNK H 190 -90.45 -113.43 -81.98
C UNK H 190 -90.58 -113.11 -83.46
N UNK H 191 -90.14 -114.03 -84.31
CA UNK H 191 -90.25 -113.82 -85.74
C UNK H 191 -91.71 -113.89 -86.15
N UNK H 192 -92.15 -112.92 -86.94
CA UNK H 192 -93.45 -113.04 -87.58
C UNK H 192 -93.40 -114.22 -88.53
N UNK H 193 -92.65 -114.08 -89.62
CA UNK H 193 -92.06 -115.23 -90.30
C UNK H 193 -90.72 -114.87 -90.91
N UNK H 194 -90.10 -113.77 -90.47
CA UNK H 194 -89.39 -112.84 -91.34
C UNK H 194 -88.26 -113.38 -92.19
N UNK H 195 -87.14 -113.79 -91.57
CA UNK H 195 -85.89 -114.17 -92.24
C UNK H 195 -85.42 -113.12 -93.25
N UNK H 196 -85.58 -111.84 -92.90
CA UNK H 196 -85.02 -110.75 -93.69
C UNK H 196 -84.05 -109.90 -92.88
N UNK H 197 -84.47 -109.45 -91.70
CA UNK H 197 -83.58 -108.83 -90.73
C UNK H 197 -83.03 -109.86 -89.76
N UNK H 198 -83.01 -111.13 -90.15
CA UNK H 198 -82.49 -112.17 -89.29
C UNK H 198 -81.01 -111.95 -89.03
N UNK H 199 -80.26 -111.65 -90.08
CA UNK H 199 -78.86 -111.31 -89.90
C UNK H 199 -78.70 -110.00 -89.15
N UNK H 200 -79.68 -109.11 -89.25
CA UNK H 200 -79.61 -107.85 -88.53
C UNK H 200 -79.73 -108.08 -87.04
N UNK H 201 -80.72 -108.85 -86.62
CA UNK H 201 -80.83 -109.16 -85.20
C UNK H 201 -79.73 -110.08 -84.74
N UNK H 202 -79.13 -110.88 -85.63
CA UNK H 202 -77.98 -111.67 -85.22
C UNK H 202 -76.78 -110.79 -84.94
N UNK H 203 -76.55 -109.79 -85.78
CA UNK H 203 -75.50 -108.84 -85.47
C UNK H 203 -75.86 -107.95 -84.31
N UNK H 204 -77.15 -107.84 -83.98
CA UNK H 204 -77.53 -107.14 -82.77
C UNK H 204 -77.19 -107.98 -81.54
N UNK H 205 -77.50 -109.26 -81.58
CA UNK H 205 -77.20 -110.14 -80.47
C UNK H 205 -75.75 -110.57 -80.44
N UNK H 206 -74.95 -110.11 -81.39
CA UNK H 206 -73.50 -110.26 -81.29
C UNK H 206 -72.96 -109.55 -80.06
N UNK H 207 -73.63 -108.51 -79.60
CA UNK H 207 -73.30 -107.95 -78.30
C UNK H 207 -73.86 -108.79 -77.17
N UNK H 208 -74.84 -109.64 -77.44
CA UNK H 208 -75.50 -110.46 -76.43
C UNK H 208 -74.86 -111.85 -76.35
N UNK H 209 -75.55 -112.80 -75.71
CA UNK H 209 -75.15 -114.20 -75.64
C UNK H 209 -76.14 -115.17 -76.26
N UNK H 210 -77.43 -115.05 -75.97
CA UNK H 210 -78.37 -116.10 -76.34
C UNK H 210 -79.60 -115.53 -77.00
N UNK H 211 -79.84 -115.87 -78.25
CA UNK H 211 -81.07 -115.49 -78.92
C UNK H 211 -82.05 -116.65 -78.86
N UNK H 212 -83.32 -116.32 -79.07
CA UNK H 212 -84.35 -117.35 -79.12
C UNK H 212 -85.38 -116.94 -80.16
N UNK H 213 -85.54 -117.75 -81.18
CA UNK H 213 -86.48 -117.46 -82.26
C UNK H 213 -87.80 -118.16 -81.98
N UNK H 214 -88.91 -117.43 -82.13
CA UNK H 214 -90.23 -117.99 -81.92
C UNK H 214 -90.79 -118.48 -83.25
N UNK H 215 -90.80 -119.80 -83.42
CA UNK H 215 -91.42 -120.65 -84.43
C UNK H 215 -90.78 -120.58 -85.81
N UNK H 216 -90.13 -119.48 -86.13
CA UNK H 216 -88.95 -119.34 -86.98
C UNK H 216 -89.03 -119.82 -88.43
N UNK H 217 -89.78 -120.89 -88.71
CA UNK H 217 -90.40 -121.27 -89.97
C UNK H 217 -89.55 -121.31 -91.23
N UNK H 218 -88.51 -120.48 -91.31
CA UNK H 218 -87.53 -120.55 -92.38
C UNK H 218 -86.18 -120.14 -91.82
N UNK H 219 -86.23 -119.33 -90.76
CA UNK H 219 -85.02 -118.74 -90.23
C UNK H 219 -84.18 -119.79 -89.53
N UNK H 220 -84.81 -120.57 -88.66
CA UNK H 220 -84.11 -121.68 -88.04
C UNK H 220 -83.78 -122.76 -89.05
N UNK H 221 -84.56 -122.86 -90.12
CA UNK H 221 -84.24 -123.82 -91.19
C UNK H 221 -82.92 -123.48 -91.86
N UNK H 222 -82.78 -122.23 -92.32
CA UNK H 222 -81.53 -121.81 -92.93
C UNK H 222 -80.39 -121.75 -91.93
N UNK H 223 -80.71 -121.40 -90.67
CA UNK H 223 -79.69 -121.37 -89.63
C UNK H 223 -79.14 -122.75 -89.34
N UNK H 224 -80.04 -123.73 -89.26
CA UNK H 224 -79.63 -125.11 -89.05
C UNK H 224 -78.90 -125.64 -90.26
N UNK H 225 -79.30 -125.20 -91.45
CA UNK H 225 -78.62 -125.60 -92.66
C UNK H 225 -77.18 -125.14 -92.67
N UNK H 226 -76.94 -123.91 -92.22
CA UNK H 226 -75.56 -123.45 -92.10
C UNK H 226 -74.85 -124.20 -90.99
N UNK H 227 -75.50 -124.34 -89.83
CA UNK H 227 -74.83 -124.84 -88.65
C UNK H 227 -74.47 -126.30 -88.78
N UNK H 228 -75.21 -127.05 -89.58
CA UNK H 228 -74.91 -128.47 -89.73
C UNK H 228 -73.72 -128.68 -90.64
N UNK H 229 -73.82 -128.24 -91.87
CA UNK H 229 -72.78 -128.54 -92.83
C UNK H 229 -71.62 -127.56 -92.78
N UNK H 230 -71.62 -126.61 -91.84
CA UNK H 230 -70.57 -125.61 -91.74
C UNK H 230 -69.17 -126.19 -91.54
N UNK H 231 -68.93 -126.86 -90.42
CA UNK H 231 -67.62 -127.45 -90.20
C UNK H 231 -67.37 -128.65 -91.09
N UNK H 232 -68.43 -129.27 -91.59
CA UNK H 232 -68.33 -130.38 -92.52
C UNK H 232 -67.69 -129.95 -93.82
N UNK H 233 -68.39 -129.10 -94.57
CA UNK H 233 -67.88 -128.65 -95.84
C UNK H 233 -66.81 -127.58 -95.70
N UNK H 234 -66.58 -127.08 -94.48
CA UNK H 234 -65.62 -126.01 -94.27
C UNK H 234 -64.20 -126.45 -94.55
N UNK H 235 -63.91 -127.75 -94.41
CA UNK H 235 -62.63 -128.29 -94.82
C UNK H 235 -62.50 -128.44 -96.33
N UNK H 236 -63.50 -128.03 -97.10
CA UNK H 236 -63.39 -127.94 -98.55
C UNK H 236 -63.32 -126.49 -99.02
N UNK H 237 -64.22 -125.63 -98.54
CA UNK H 237 -64.27 -124.19 -98.81
C UNK H 237 -64.39 -123.89 -100.32
N UNK H 238 -65.54 -124.26 -100.87
CA UNK H 238 -65.75 -124.22 -102.31
C UNK H 238 -66.82 -123.20 -102.70
N UNK H 239 -66.86 -122.89 -103.99
CA UNK H 239 -67.85 -121.99 -104.59
C UNK H 239 -68.41 -122.64 -105.85
N UNK H 240 -69.49 -122.07 -106.39
CA UNK H 240 -70.20 -122.80 -107.44
C UNK H 240 -70.85 -121.83 -108.41
N UNK H 241 -71.64 -122.39 -109.33
CA UNK H 241 -72.35 -121.63 -110.34
C UNK H 241 -73.48 -122.51 -110.84
N UNK H 242 -74.73 -122.14 -110.54
CA UNK H 242 -75.87 -123.02 -110.74
C UNK H 242 -76.76 -122.48 -111.85
N UNK H 243 -76.84 -123.21 -112.95
CA UNK H 243 -77.74 -122.87 -114.04
C UNK H 243 -78.64 -124.08 -114.25
N UNK H 244 -79.68 -124.18 -113.44
CA UNK H 244 -80.45 -125.41 -113.32
C UNK H 244 -81.69 -125.36 -114.20
N UNK H 245 -81.89 -126.42 -114.98
CA UNK H 245 -83.00 -126.52 -115.93
C UNK H 245 -84.28 -126.79 -115.14
N UNK H 246 -84.84 -125.74 -114.55
CA UNK H 246 -85.88 -125.89 -113.55
C UNK H 246 -87.19 -126.33 -114.20
N UNK H 247 -87.31 -127.64 -114.40
CA UNK H 247 -88.48 -128.24 -115.02
C UNK H 247 -89.36 -129.01 -114.05
N UNK H 248 -88.85 -129.39 -112.89
CA UNK H 248 -89.64 -130.01 -111.84
C UNK H 248 -90.06 -128.99 -110.82
N UNK H 249 -90.43 -127.80 -111.27
CA UNK H 249 -90.53 -126.60 -110.43
C UNK H 249 -91.70 -126.75 -109.47
N UNK H 250 -91.36 -127.16 -108.26
CA UNK H 250 -92.27 -127.35 -107.15
C UNK H 250 -91.45 -127.04 -105.91
N UNK H 251 -91.90 -127.53 -104.76
CA UNK H 251 -91.15 -127.33 -103.53
C UNK H 251 -89.80 -128.03 -103.59
N UNK H 252 -88.77 -127.30 -103.21
CA UNK H 252 -87.45 -127.87 -103.10
C UNK H 252 -87.29 -128.46 -101.70
N UNK H 253 -86.06 -128.79 -101.30
CA UNK H 253 -85.86 -129.57 -100.09
C UNK H 253 -84.90 -128.85 -99.15
N UNK H 254 -84.64 -129.50 -98.02
CA UNK H 254 -83.92 -128.92 -96.90
C UNK H 254 -83.18 -130.05 -96.19
N UNK H 255 -82.79 -129.82 -94.94
CA UNK H 255 -82.08 -130.80 -94.13
C UNK H 255 -82.71 -130.93 -92.75
N UNK H 256 -84.03 -131.07 -92.72
CA UNK H 256 -84.74 -131.28 -91.46
C UNK H 256 -84.47 -132.66 -90.90
N UNK H 257 -83.37 -132.10 -115.85
CA UNK H 257 -82.08 -132.02 -115.17
C UNK H 257 -82.01 -130.75 -114.37
N UNK H 258 -80.96 -130.60 -113.55
CA UNK H 258 -80.69 -129.35 -112.85
C UNK H 258 -79.18 -129.15 -112.84
N UNK H 259 -78.67 -128.37 -113.78
CA UNK H 259 -77.23 -128.25 -113.98
C UNK H 259 -76.63 -127.24 -113.01
N UNK H 260 -75.56 -127.64 -112.34
CA UNK H 260 -74.78 -126.73 -111.54
C UNK H 260 -73.33 -127.17 -111.63
N UNK H 261 -72.47 -126.25 -112.03
CA UNK H 261 -71.05 -126.50 -112.12
C UNK H 261 -70.40 -125.80 -110.93
N UNK H 262 -69.77 -126.58 -110.06
CA UNK H 262 -69.06 -126.04 -108.91
C UNK H 262 -67.59 -125.91 -109.25
N UNK H 263 -67.00 -124.79 -108.87
CA UNK H 263 -65.61 -124.51 -109.20
C UNK H 263 -65.00 -123.85 -107.98
N UNK H 264 -64.07 -124.52 -107.32
CA UNK H 264 -63.38 -123.90 -106.20
C UNK H 264 -62.44 -122.85 -106.75
N UNK H 265 -62.95 -121.62 -106.89
CA UNK H 265 -62.35 -120.63 -107.79
C UNK H 265 -61.05 -120.10 -107.24
N UNK H 266 -60.04 -120.93 -107.23
CA UNK H 266 -58.75 -120.55 -106.68
C UNK H 266 -57.60 -120.77 -107.64
N UNK H 267 -57.60 -121.86 -108.40
CA UNK H 267 -56.38 -122.25 -109.10
C UNK H 267 -56.75 -123.17 -110.27
N UNK H 268 -55.74 -123.91 -110.75
CA UNK H 268 -55.81 -124.85 -111.85
C UNK H 268 -55.45 -126.25 -111.33
N UNK H 269 -55.94 -127.34 -111.96
CA UNK H 269 -56.85 -127.39 -113.12
C UNK H 269 -57.89 -128.53 -113.14
N UNK H 270 -57.94 -129.38 -112.12
CA UNK H 270 -58.62 -130.67 -112.28
C UNK H 270 -60.13 -130.52 -112.31
N UNK H 271 -60.78 -131.41 -113.07
CA UNK H 271 -62.22 -131.34 -113.32
C UNK H 271 -62.86 -132.71 -113.20
N UNK H 272 -64.15 -132.74 -112.88
CA UNK H 272 -64.90 -133.99 -112.77
C UNK H 272 -66.37 -133.75 -113.10
N UNK H 273 -67.16 -134.82 -113.09
CA UNK H 273 -68.58 -134.71 -113.41
C UNK H 273 -69.33 -135.91 -112.84
N UNK H 274 -70.61 -135.68 -112.48
CA UNK H 274 -71.49 -136.74 -111.98
C UNK H 274 -72.94 -136.27 -112.09
N UNK H 275 -73.87 -137.18 -111.73
CA UNK H 275 -75.31 -136.97 -111.53
C UNK H 275 -75.94 -138.27 -111.01
N UNK H 276 -77.01 -138.26 -110.19
CA UNK H 276 -77.64 -137.13 -109.49
C UNK H 276 -78.26 -137.60 -108.17
N UNK H 277 -77.52 -137.59 -107.05
CA UNK H 277 -78.10 -138.23 -105.88
C UNK H 277 -77.70 -137.65 -104.52
N UNK H 278 -77.17 -136.42 -104.44
CA UNK H 278 -76.84 -135.70 -103.20
C UNK H 278 -75.78 -136.35 -102.31
N UNK H 279 -75.25 -137.50 -102.70
CA UNK H 279 -74.17 -138.14 -101.95
C UNK H 279 -72.82 -137.58 -102.32
N UNK H 280 -72.78 -136.63 -103.24
CA UNK H 280 -71.54 -136.18 -103.83
C UNK H 280 -70.83 -135.17 -102.99
N UNK H 281 -71.10 -135.08 -101.69
CA UNK H 281 -70.19 -134.34 -100.85
C UNK H 281 -68.85 -135.05 -100.72
N UNK H 282 -68.84 -136.38 -100.84
CA UNK H 282 -67.59 -137.12 -100.88
C UNK H 282 -66.83 -136.85 -102.18
N UNK H 283 -67.55 -136.86 -103.31
CA UNK H 283 -66.93 -136.50 -104.57
C UNK H 283 -66.49 -135.05 -104.56
N UNK H 284 -67.21 -134.19 -103.84
CA UNK H 284 -66.81 -132.80 -103.69
C UNK H 284 -65.56 -132.69 -102.83
N UNK H 285 -65.39 -133.58 -101.86
CA UNK H 285 -64.15 -133.61 -101.11
C UNK H 285 -63.01 -134.05 -101.99
N UNK H 286 -63.26 -135.00 -102.90
CA UNK H 286 -62.24 -135.41 -103.85
C UNK H 286 -61.88 -134.26 -104.79
N UNK H 287 -62.88 -133.51 -105.24
CA UNK H 287 -62.62 -132.39 -106.13
C UNK H 287 -61.92 -131.25 -105.40
N UNK H 288 -62.25 -131.05 -104.13
CA UNK H 288 -61.60 -130.01 -103.36
C UNK H 288 -60.16 -130.39 -103.05
N UNK H 289 -59.88 -131.68 -102.98
CA UNK H 289 -58.50 -132.10 -103.04
C UNK H 289 -57.92 -131.85 -104.43
N UNK H 290 -58.76 -131.95 -105.45
CA UNK H 290 -58.25 -132.05 -106.81
C UNK H 290 -57.89 -130.72 -107.44
N UNK H 291 -58.61 -129.63 -107.10
CA UNK H 291 -58.39 -128.29 -107.66
C UNK H 291 -58.54 -128.23 -109.18
N UNK H 292 -59.76 -128.07 -109.71
CA UNK H 292 -60.78 -127.32 -108.98
C UNK H 292 -62.28 -127.65 -109.07
N UNK H 293 -62.74 -128.44 -110.03
CA UNK H 293 -64.13 -128.31 -110.44
C UNK H 293 -64.85 -129.64 -110.53
N UNK H 294 -66.17 -129.55 -110.38
CA UNK H 294 -67.04 -130.70 -110.52
C UNK H 294 -68.36 -130.24 -111.10
N UNK H 295 -68.81 -130.90 -112.14
CA UNK H 295 -70.11 -130.59 -112.71
C UNK H 295 -71.14 -131.60 -112.22
N UNK H 296 -72.38 -131.15 -112.07
CA UNK H 296 -73.44 -132.05 -111.70
C UNK H 296 -74.74 -131.59 -112.31
N UNK H 297 -75.64 -132.53 -112.53
CA UNK H 297 -77.00 -132.21 -112.98
C UNK H 297 -77.93 -132.94 -112.04
N UNK H 298 -78.18 -132.32 -110.89
CA UNK H 298 -78.95 -132.93 -109.83
C UNK H 298 -80.43 -132.57 -109.96
N UNK H 299 -81.21 -132.97 -108.96
CA UNK H 299 -82.64 -132.68 -108.89
C UNK H 299 -83.00 -131.86 -107.67
N UNK H 300 -82.51 -132.23 -106.49
CA UNK H 300 -82.74 -131.43 -105.29
C UNK H 300 -81.50 -131.41 -104.42
N UNK H 301 -80.33 -131.48 -105.02
CA UNK H 301 -79.07 -131.57 -104.30
C UNK H 301 -78.19 -130.35 -104.42
N UNK H 302 -78.06 -129.83 -105.65
CA UNK H 302 -77.21 -128.68 -105.90
C UNK H 302 -77.72 -127.43 -105.22
N UNK H 303 -79.04 -127.33 -105.05
CA UNK H 303 -79.60 -126.24 -104.27
C UNK H 303 -79.11 -126.29 -102.82
N UNK H 304 -79.02 -127.49 -102.25
CA UNK H 304 -78.54 -127.60 -100.88
C UNK H 304 -77.05 -127.29 -100.80
N UNK H 305 -76.29 -127.69 -101.81
CA UNK H 305 -74.87 -127.37 -101.83
C UNK H 305 -74.65 -125.87 -101.99
N UNK H 306 -75.49 -125.20 -102.78
CA UNK H 306 -75.37 -123.75 -102.93
C UNK H 306 -75.83 -123.02 -101.69
N UNK H 307 -76.82 -123.56 -100.99
CA UNK H 307 -77.20 -123.01 -99.69
C UNK H 307 -76.08 -123.13 -98.69
N UNK H 308 -75.28 -124.19 -98.79
CA UNK H 308 -74.10 -124.28 -97.95
C UNK H 308 -73.05 -123.27 -98.37
N UNK H 309 -72.87 -123.10 -99.68
CA UNK H 309 -71.72 -122.35 -100.16
C UNK H 309 -71.91 -120.85 -100.12
N UNK H 310 -73.13 -120.37 -100.34
CA UNK H 310 -73.38 -118.93 -100.30
C UNK H 310 -73.69 -118.43 -98.91
N UNK H 311 -73.29 -119.17 -97.88
CA UNK H 311 -73.53 -118.69 -96.52
C UNK H 311 -72.50 -117.65 -96.14
N UNK H 312 -71.23 -118.07 -96.04
CA UNK H 312 -70.10 -117.24 -95.59
C UNK H 312 -70.42 -116.47 -94.31
N UNK H 313 -71.13 -117.11 -93.39
CA UNK H 313 -71.63 -116.45 -92.20
C UNK H 313 -70.59 -116.49 -91.10
N UNK H 314 -69.46 -115.86 -91.40
CA UNK H 314 -68.44 -115.58 -90.41
C UNK H 314 -68.70 -114.26 -89.71
N UNK H 315 -69.97 -113.85 -89.64
CA UNK H 315 -70.36 -112.80 -88.71
C UNK H 315 -69.99 -113.30 -87.33
N UNK H 316 -70.68 -114.32 -86.81
CA UNK H 316 -69.95 -115.15 -85.86
C UNK H 316 -70.04 -116.66 -86.10
N UNK H 317 -71.20 -117.22 -85.77
CA UNK H 317 -71.39 -118.66 -85.54
C UNK H 317 -72.83 -118.93 -85.11
N UNK H 318 -73.14 -120.19 -84.80
CA UNK H 318 -74.32 -120.55 -84.00
C UNK H 318 -74.10 -121.94 -83.42
N UNK H 319 -74.51 -122.12 -82.17
CA UNK H 319 -74.56 -123.44 -81.54
C UNK H 319 -76.01 -123.66 -81.13
N UNK H 320 -76.82 -124.14 -82.07
CA UNK H 320 -78.26 -124.01 -81.96
C UNK H 320 -78.83 -125.06 -81.01
N UNK H 321 -80.15 -124.94 -80.79
CA UNK H 321 -80.97 -126.00 -80.23
C UNK H 321 -82.41 -125.69 -80.61
N UNK H 322 -83.22 -126.73 -80.77
CA UNK H 322 -84.54 -126.54 -81.33
C UNK H 322 -85.59 -127.26 -80.48
N UNK H 323 -86.85 -126.90 -80.74
CA UNK H 323 -88.00 -127.70 -80.35
C UNK H 323 -89.12 -127.29 -81.30
N UNK H 324 -89.34 -128.09 -82.34
CA UNK H 324 -90.01 -127.56 -83.52
C UNK H 324 -91.37 -128.19 -83.82
N UNK H 325 -91.40 -129.50 -84.07
CA UNK H 325 -92.63 -130.26 -84.35
C UNK H 325 -93.52 -129.80 -85.51
N UNK H 326 -93.06 -128.93 -86.41
CA UNK H 326 -93.96 -128.44 -87.46
C UNK H 326 -93.25 -127.80 -88.65
N UNK H 327 -93.84 -128.02 -89.84
CA UNK H 327 -94.05 -127.01 -90.87
C UNK H 327 -92.75 -126.37 -91.40
N UNK H 328 -92.01 -127.14 -92.21
CA UNK H 328 -90.88 -126.55 -92.93
C UNK H 328 -90.66 -127.27 -94.26
N UNK H 329 -91.10 -126.66 -95.37
CA UNK H 329 -90.65 -127.12 -96.69
C UNK H 329 -89.97 -126.04 -97.52
N UNK H 330 -90.71 -125.04 -98.02
CA UNK H 330 -90.34 -123.67 -98.40
C UNK H 330 -88.95 -123.39 -98.98
N UNK H 331 -88.54 -124.03 -100.09
CA UNK H 331 -87.16 -123.88 -100.54
C UNK H 331 -87.01 -123.59 -102.03
N UNK H 332 -88.09 -123.24 -102.72
CA UNK H 332 -88.03 -122.86 -104.12
C UNK H 332 -87.98 -121.35 -104.31
N UNK H 333 -87.34 -120.65 -103.38
CA UNK H 333 -87.53 -119.22 -103.26
C UNK H 333 -86.35 -118.44 -103.80
N UNK H 334 -86.60 -117.16 -104.02
CA UNK H 334 -85.60 -116.23 -104.51
C UNK H 334 -85.89 -114.86 -103.89
N UNK H 335 -84.85 -114.16 -103.43
CA UNK H 335 -83.47 -114.63 -103.49
C UNK H 335 -82.97 -115.28 -102.21
N UNK H 336 -82.87 -114.47 -101.15
CA UNK H 336 -82.26 -114.80 -99.86
C UNK H 336 -80.83 -115.32 -99.99
N UNK H 337 -80.20 -115.12 -101.13
CA UNK H 337 -78.99 -115.79 -101.56
C UNK H 337 -78.58 -115.15 -102.88
N UNK H 338 -77.56 -115.69 -103.52
CA UNK H 338 -77.13 -115.19 -104.82
C UNK H 338 -76.48 -116.32 -105.60
N UNK H 339 -75.97 -115.98 -106.78
CA UNK H 339 -75.14 -116.86 -107.58
C UNK H 339 -74.18 -115.99 -108.37
N UNK H 340 -72.94 -116.44 -108.48
CA UNK H 340 -71.87 -115.57 -108.96
C UNK H 340 -72.00 -115.32 -110.45
N UNK H 341 -71.89 -116.36 -111.25
CA UNK H 341 -72.18 -116.27 -112.68
C UNK H 341 -72.89 -117.55 -113.06
N UNK H 342 -73.36 -117.58 -114.30
CA UNK H 342 -74.12 -118.70 -114.88
C UNK H 342 -75.30 -119.06 -114.00
N UNK H 343 -76.15 -118.07 -113.76
CA UNK H 343 -77.26 -118.21 -112.83
C UNK H 343 -78.56 -118.30 -113.62
N UNK H 344 -78.90 -119.51 -114.05
CA UNK H 344 -80.09 -119.73 -114.88
C UNK H 344 -80.94 -120.82 -114.25
N UNK H 345 -81.76 -120.45 -113.30
CA UNK H 345 -82.82 -121.29 -112.80
C UNK H 345 -84.11 -120.78 -113.41
N UNK H 346 -84.77 -121.62 -114.21
CA UNK H 346 -85.96 -121.18 -114.93
C UNK H 346 -87.16 -121.11 -113.97
N UNK H 347 -88.29 -120.65 -114.51
CA UNK H 347 -89.52 -120.58 -113.72
C UNK H 347 -90.70 -120.61 -114.68
N UNK H 348 -91.31 -121.80 -114.81
CA UNK H 348 -92.50 -122.06 -115.65
C UNK H 348 -92.31 -121.55 -117.08
N UNK H 349 -91.27 -122.11 -117.72
CA UNK H 349 -90.76 -121.71 -119.04
C UNK H 349 -90.39 -120.23 -119.07
N UNK H 350 -89.56 -119.82 -118.10
CA UNK H 350 -89.02 -118.46 -118.08
C UNK H 350 -87.89 -118.33 -119.09
N UNK H 351 -45.80 -57.98 -133.62
CA UNK H 351 -46.24 -57.29 -134.82
C UNK H 351 -46.35 -55.79 -134.63
N UNK H 352 -53.19 -46.73 -137.70
CA UNK H 352 -54.17 -45.91 -137.00
C UNK H 352 -53.53 -44.64 -136.46
N UNK H 353 -53.82 -44.32 -135.19
CA UNK H 353 -53.67 -42.98 -134.62
C UNK H 353 -54.30 -41.94 -135.54
N UNK H 354 -55.61 -42.10 -135.71
CA UNK H 354 -56.37 -41.20 -136.57
C UNK H 354 -56.70 -39.92 -135.84
N UNK H 355 -56.55 -38.80 -136.53
CA UNK H 355 -56.86 -37.49 -135.96
C UNK H 355 -58.32 -37.09 -136.19
N UNK H 356 -58.72 -36.97 -137.46
CA UNK H 356 -60.05 -36.42 -137.82
C UNK H 356 -60.69 -37.19 -138.97
N UNK H 357 -60.70 -38.52 -138.89
CA UNK H 357 -61.09 -39.37 -139.99
C UNK H 357 -62.38 -40.12 -139.63
N UNK H 358 -62.63 -41.23 -140.33
CA UNK H 358 -63.86 -42.03 -140.28
C UNK H 358 -64.39 -42.45 -138.91
N UNK H 359 -63.60 -42.25 -137.84
CA UNK H 359 -64.08 -42.17 -136.46
C UNK H 359 -64.67 -43.44 -135.84
N UNK H 360 -63.77 -44.36 -135.45
CA UNK H 360 -64.01 -45.33 -134.37
C UNK H 360 -65.02 -46.44 -134.71
N UNK H 361 -64.75 -47.14 -135.80
CA UNK H 361 -65.14 -48.54 -135.93
C UNK H 361 -63.88 -49.29 -136.28
N UNK H 362 -63.02 -48.63 -137.07
CA UNK H 362 -61.66 -49.08 -137.25
C UNK H 362 -60.89 -49.05 -135.94
N UNK H 363 -61.28 -48.18 -135.01
CA UNK H 363 -60.68 -48.22 -133.69
C UNK H 363 -61.06 -49.49 -132.94
N UNK H 364 -62.32 -49.93 -133.08
CA UNK H 364 -62.71 -51.20 -132.49
C UNK H 364 -61.93 -52.34 -133.14
N UNK H 365 -61.69 -52.23 -134.44
CA UNK H 365 -60.84 -53.19 -135.12
C UNK H 365 -59.42 -53.17 -134.60
N UNK H 366 -58.90 -51.99 -134.25
CA UNK H 366 -57.54 -51.94 -133.74
C UNK H 366 -57.46 -52.52 -132.35
N UNK H 367 -58.48 -52.28 -131.53
CA UNK H 367 -58.53 -52.87 -130.20
C UNK H 367 -58.59 -54.38 -130.28
N UNK H 368 -59.40 -54.91 -131.20
CA UNK H 368 -59.44 -56.35 -131.37
C UNK H 368 -58.14 -56.87 -131.97
N UNK H 369 -57.47 -56.06 -132.78
CA UNK H 369 -56.19 -56.48 -133.36
C UNK H 369 -55.14 -56.65 -132.29
N UNK H 370 -55.01 -55.67 -131.39
CA UNK H 370 -54.02 -55.84 -130.33
C UNK H 370 -54.47 -56.88 -129.32
N UNK H 371 -55.79 -57.07 -129.16
CA UNK H 371 -56.29 -58.12 -128.29
C UNK H 371 -55.88 -59.49 -128.79
N UNK H 372 -55.98 -59.71 -130.09
CA UNK H 372 -55.46 -60.94 -130.66
C UNK H 372 -53.96 -60.94 -130.77
N UNK H 373 -53.33 -59.78 -130.65
CA UNK H 373 -51.89 -59.75 -130.62
C UNK H 373 -51.34 -60.11 -129.25
N UNK H 374 -52.14 -60.05 -128.22
CA UNK H 374 -51.62 -60.47 -126.92
C UNK H 374 -51.77 -61.98 -126.74
N UNK H 375 -53.02 -62.48 -126.64
CA UNK H 375 -53.24 -63.93 -126.47
C UNK H 375 -54.69 -64.28 -126.78
N UNK H 376 -54.92 -65.00 -127.88
CA UNK H 376 -56.18 -65.73 -128.04
C UNK H 376 -55.90 -66.96 -128.93
N UNK H 377 -55.50 -68.06 -128.31
CA UNK H 377 -54.96 -69.22 -129.05
C UNK H 377 -54.74 -70.45 -128.16
N UNK H 378 -53.96 -71.38 -128.70
CA UNK H 378 -53.02 -72.37 -128.10
C UNK H 378 -53.48 -73.74 -127.62
N UNK H 379 -54.77 -74.11 -127.69
CA UNK H 379 -55.25 -75.45 -128.05
C UNK H 379 -54.40 -76.69 -127.70
N UNK H 380 -53.90 -76.81 -126.48
CA UNK H 380 -52.99 -77.90 -126.11
C UNK H 380 -53.75 -79.18 -125.80
N UNK H 381 -53.09 -80.17 -125.17
CA UNK H 381 -53.81 -81.39 -124.80
C UNK H 381 -53.24 -82.00 -123.52
N UNK H 382 -53.73 -81.54 -122.37
CA UNK H 382 -53.80 -82.36 -121.17
C UNK H 382 -55.06 -82.14 -120.34
N UNK H 383 -55.45 -80.88 -120.18
CA UNK H 383 -56.27 -80.47 -119.05
C UNK H 383 -57.13 -79.29 -119.43
N UNK H 384 -58.23 -79.11 -118.70
CA UNK H 384 -59.31 -78.24 -119.13
C UNK H 384 -59.87 -77.46 -117.94
N UNK H 385 -61.05 -76.86 -118.12
CA UNK H 385 -61.70 -76.04 -117.09
C UNK H 385 -63.22 -76.21 -117.01
N UNK H 386 -63.82 -77.12 -117.77
CA UNK H 386 -65.28 -77.25 -117.80
C UNK H 386 -65.65 -78.72 -117.94
N UNK H 387 -66.02 -79.34 -116.82
CA UNK H 387 -66.14 -80.80 -116.72
C UNK H 387 -67.51 -81.19 -116.19
N UNK H 388 -68.58 -80.66 -116.77
CA UNK H 388 -69.92 -81.16 -116.51
C UNK H 388 -70.21 -82.32 -117.46
N UNK H 389 -69.50 -83.42 -117.23
CA UNK H 389 -69.45 -84.54 -118.15
C UNK H 389 -69.95 -85.82 -117.53
N UNK H 390 -70.99 -85.70 -116.70
CA UNK H 390 -71.87 -86.81 -116.41
C UNK H 390 -73.12 -86.75 -117.27
N UNK H 391 -72.97 -86.22 -118.48
CA UNK H 391 -74.02 -86.22 -119.48
C UNK H 391 -73.34 -86.43 -120.83
N UNK H 392 -73.68 -87.51 -121.53
CA UNK H 392 -72.97 -87.91 -122.73
C UNK H 392 -73.92 -88.51 -123.75
N UNK H 393 -74.36 -87.69 -124.71
CA UNK H 393 -75.18 -88.15 -125.83
C UNK H 393 -74.57 -87.73 -127.16
N UNK H 394 -73.27 -87.50 -127.19
CA UNK H 394 -72.54 -86.92 -128.31
C UNK H 394 -71.53 -87.95 -128.83
N UNK H 395 -70.62 -87.50 -129.72
CA UNK H 395 -69.67 -88.43 -130.35
C UNK H 395 -68.31 -87.77 -130.54
N UNK H 396 -67.27 -88.35 -129.92
CA UNK H 396 -65.89 -87.97 -130.18
C UNK H 396 -65.33 -88.89 -131.26
N UNK H 397 -64.04 -88.77 -131.58
CA UNK H 397 -63.43 -89.72 -132.51
C UNK H 397 -62.26 -90.47 -131.89
N UNK H 398 -61.26 -89.78 -131.35
CA UNK H 398 -60.03 -90.44 -130.93
C UNK H 398 -59.63 -89.93 -129.55
N UNK H 399 -58.51 -90.46 -129.06
CA UNK H 399 -57.94 -90.06 -127.79
C UNK H 399 -56.47 -90.45 -127.79
N UNK H 400 -55.85 -90.42 -126.62
CA UNK H 400 -54.48 -90.86 -126.46
C UNK H 400 -54.30 -91.25 -124.99
N UNK H 401 -53.06 -91.50 -124.59
CA UNK H 401 -52.76 -91.96 -123.24
C UNK H 401 -51.28 -91.80 -122.99
N UNK H 402 -50.88 -92.06 -121.75
CA UNK H 402 -49.47 -92.13 -121.36
C UNK H 402 -49.37 -92.84 -120.01
N UNK H 403 -48.19 -92.77 -119.42
CA UNK H 403 -47.92 -93.08 -118.03
C UNK H 403 -46.76 -92.18 -117.63
N UNK H 404 -46.07 -92.52 -116.56
CA UNK H 404 -44.91 -91.74 -116.14
C UNK H 404 -43.62 -92.51 -116.40
N UNK H 405 -43.57 -93.21 -117.52
CA UNK H 405 -42.60 -94.28 -117.70
C UNK H 405 -42.22 -94.41 -119.17
N UNK H 406 -41.65 -95.56 -119.53
CA UNK H 406 -41.18 -95.84 -120.88
C UNK H 406 -41.13 -97.36 -121.10
N UNK H 407 -41.34 -97.83 -122.34
CA UNK H 407 -41.83 -97.09 -123.52
C UNK H 407 -42.77 -97.84 -124.51
N UNK H 408 -43.33 -99.00 -124.15
CA UNK H 408 -44.04 -99.83 -125.14
C UNK H 408 -45.35 -99.18 -125.59
N UNK H 409 -46.06 -99.79 -126.54
CA UNK H 409 -47.24 -99.11 -127.10
C UNK H 409 -48.20 -100.06 -127.80
N UNK H 410 -49.45 -99.62 -127.90
CA UNK H 410 -50.51 -100.32 -128.61
C UNK H 410 -51.57 -99.34 -129.07
N UNK H 411 -52.53 -99.85 -129.85
CA UNK H 411 -53.62 -99.04 -130.37
C UNK H 411 -54.81 -99.91 -130.71
N UNK H 412 -56.01 -99.36 -130.52
CA UNK H 412 -57.25 -100.11 -130.61
C UNK H 412 -58.37 -99.16 -131.07
N UNK H 413 -59.49 -99.74 -131.48
CA UNK H 413 -60.63 -98.95 -131.96
C UNK H 413 -61.91 -99.77 -131.93
N UNK H 414 -62.87 -99.36 -131.11
CA UNK H 414 -64.23 -99.93 -131.07
C UNK H 414 -65.13 -98.92 -130.36
N UNK H 415 -66.26 -99.38 -129.83
CA UNK H 415 -66.96 -98.63 -128.79
C UNK H 415 -66.20 -98.80 -127.46
N UNK H 416 -66.75 -98.30 -126.35
CA UNK H 416 -65.94 -98.13 -125.15
C UNK H 416 -65.97 -99.35 -124.23
N UNK H 417 -65.29 -99.19 -123.10
CA UNK H 417 -65.38 -99.89 -121.82
C UNK H 417 -64.72 -101.25 -121.81
N UNK H 418 -64.29 -101.79 -122.94
CA UNK H 418 -63.33 -102.87 -122.87
C UNK H 418 -61.93 -102.34 -122.68
N UNK H 419 -61.78 -101.03 -122.79
CA UNK H 419 -60.47 -100.41 -122.83
C UNK H 419 -59.74 -100.49 -121.51
N UNK H 420 -60.46 -100.70 -120.41
CA UNK H 420 -59.79 -100.72 -119.11
C UNK H 420 -58.90 -101.93 -118.98
N UNK H 421 -59.31 -103.06 -119.55
CA UNK H 421 -58.49 -104.27 -119.46
C UNK H 421 -57.23 -104.11 -120.27
N UNK H 422 -57.34 -103.56 -121.48
CA UNK H 422 -56.15 -103.29 -122.27
C UNK H 422 -55.31 -102.20 -121.65
N UNK H 423 -55.93 -101.28 -120.92
CA UNK H 423 -55.20 -100.21 -120.25
C UNK H 423 -54.34 -100.78 -119.13
N UNK H 424 -54.91 -101.69 -118.35
CA UNK H 424 -54.10 -102.31 -117.31
C UNK H 424 -53.09 -103.26 -117.92
N UNK H 425 -53.39 -103.81 -119.10
CA UNK H 425 -52.38 -104.59 -119.80
C UNK H 425 -51.22 -103.72 -120.22
N UNK H 426 -51.50 -102.51 -120.67
CA UNK H 426 -50.43 -101.62 -121.09
C UNK H 426 -49.64 -101.11 -119.89
N UNK H 427 -50.33 -100.82 -118.80
CA UNK H 427 -49.63 -100.36 -117.61
C UNK H 427 -48.82 -101.49 -116.99
N UNK H 428 -49.25 -102.74 -117.19
CA UNK H 428 -48.42 -103.87 -116.81
C UNK H 428 -47.23 -103.99 -117.76
N UNK H 429 -47.42 -103.65 -119.02
CA UNK H 429 -46.30 -103.66 -119.94
C UNK H 429 -45.42 -102.44 -119.80
N UNK H 430 -45.79 -101.48 -118.96
CA UNK H 430 -45.09 -100.20 -118.73
C UNK H 430 -44.98 -99.41 -120.04
N UNK H 431 -46.13 -98.96 -120.51
CA UNK H 431 -46.32 -98.63 -121.90
C UNK H 431 -47.03 -97.28 -122.02
N UNK H 432 -47.51 -96.99 -123.22
CA UNK H 432 -48.28 -95.79 -123.50
C UNK H 432 -49.24 -96.12 -124.63
N UNK H 433 -50.52 -96.27 -124.32
CA UNK H 433 -51.49 -96.76 -125.28
C UNK H 433 -52.04 -95.62 -126.12
N UNK H 434 -52.88 -95.98 -127.09
CA UNK H 434 -53.76 -95.00 -127.71
C UNK H 434 -55.14 -95.61 -127.86
N UNK H 435 -56.02 -94.95 -128.59
CA UNK H 435 -57.35 -95.48 -128.90
C UNK H 435 -57.91 -94.70 -130.07
N UNK H 436 -59.02 -95.18 -130.58
CA UNK H 436 -59.78 -94.40 -131.56
C UNK H 436 -61.26 -94.78 -131.39
N UNK H 437 -61.96 -94.01 -130.58
CA UNK H 437 -63.17 -94.57 -130.01
C UNK H 437 -64.06 -93.51 -129.40
N UNK H 438 -65.29 -93.92 -129.11
CA UNK H 438 -66.26 -93.12 -128.38
C UNK H 438 -66.31 -93.58 -126.94
N UNK H 439 -66.52 -92.61 -126.04
CA UNK H 439 -66.85 -92.77 -124.62
C UNK H 439 -65.72 -93.35 -123.77
N UNK H 440 -64.65 -93.83 -124.39
CA UNK H 440 -63.44 -94.10 -123.64
C UNK H 440 -62.84 -92.80 -123.14
N UNK H 441 -62.93 -91.75 -123.95
CA UNK H 441 -62.53 -90.41 -123.52
C UNK H 441 -63.39 -89.88 -122.40
N UNK H 442 -64.63 -90.33 -122.30
CA UNK H 442 -65.43 -90.02 -121.12
C UNK H 442 -64.87 -90.74 -119.90
N UNK H 443 -64.58 -92.03 -120.08
CA UNK H 443 -64.17 -92.88 -118.96
C UNK H 443 -62.90 -92.37 -118.31
N UNK H 444 -61.86 -92.16 -119.11
CA UNK H 444 -60.57 -91.79 -118.54
C UNK H 444 -60.60 -90.39 -117.94
N UNK H 445 -61.31 -89.47 -118.60
CA UNK H 445 -61.33 -88.10 -118.12
C UNK H 445 -62.10 -87.98 -116.82
N UNK H 446 -63.23 -88.69 -116.69
CA UNK H 446 -63.91 -88.65 -115.42
C UNK H 446 -63.15 -89.43 -114.36
N UNK H 447 -62.33 -90.38 -114.75
CA UNK H 447 -61.48 -91.02 -113.76
C UNK H 447 -60.35 -90.10 -113.31
N UNK H 448 -60.02 -89.09 -114.10
CA UNK H 448 -58.95 -88.16 -113.75
C UNK H 448 -59.45 -86.94 -112.99
N UNK H 449 -60.54 -87.07 -112.22
CA UNK H 449 -60.92 -85.97 -111.33
C UNK H 449 -60.03 -85.94 -110.11
N UNK H 450 -60.14 -86.98 -109.25
CA UNK H 450 -59.43 -87.11 -107.97
C UNK H 450 -59.46 -85.82 -107.12
N UNK H 451 -60.67 -85.36 -106.84
CA UNK H 451 -60.83 -84.24 -105.93
C UNK H 451 -60.46 -84.71 -104.55
N UNK H 452 -61.26 -85.62 -103.98
CA UNK H 452 -60.91 -86.47 -102.82
C UNK H 452 -60.32 -85.73 -101.65
N UNK H 453 -60.71 -84.48 -101.51
CA UNK H 453 -60.29 -83.62 -100.42
C UNK H 453 -61.48 -82.84 -99.91
N UNK H 454 -62.67 -83.09 -100.46
CA UNK H 454 -63.80 -82.91 -99.58
C UNK H 454 -63.62 -84.06 -98.62
N UNK H 455 -63.83 -85.27 -99.12
CA UNK H 455 -63.29 -86.57 -98.70
C UNK H 455 -63.98 -87.57 -99.59
N UNK H 456 -63.56 -88.83 -99.49
CA UNK H 456 -64.24 -89.88 -100.23
C UNK H 456 -65.52 -90.25 -99.52
N UNK H 457 -66.60 -90.40 -100.27
CA UNK H 457 -67.88 -90.69 -99.66
C UNK H 457 -68.04 -92.19 -99.46
N UNK H 458 -69.27 -92.58 -99.13
CA UNK H 458 -69.69 -93.97 -99.09
C UNK H 458 -71.16 -93.96 -99.41
N UNK H 459 -71.49 -94.41 -100.61
CA UNK H 459 -72.80 -94.18 -101.18
C UNK H 459 -73.81 -95.18 -100.64
N UNK H 460 -75.08 -94.89 -100.87
CA UNK H 460 -76.17 -95.83 -100.73
C UNK H 460 -77.33 -95.27 -101.51
N UNK H 461 -77.98 -96.11 -102.29
CA UNK H 461 -79.07 -95.62 -103.12
C UNK H 461 -80.38 -96.12 -102.58
N UNK H 462 -81.47 -95.49 -103.03
CA UNK H 462 -82.81 -95.97 -102.70
C UNK H 462 -83.75 -95.46 -103.77
N UNK H 463 -84.19 -96.34 -104.65
CA UNK H 463 -85.22 -95.99 -105.63
C UNK H 463 -86.56 -96.29 -105.01
N UNK H 464 -87.42 -95.28 -104.91
CA UNK H 464 -88.75 -95.44 -104.36
C UNK H 464 -89.69 -96.05 -105.41
N UNK H 465 -91.00 -95.94 -105.17
CA UNK H 465 -91.99 -96.72 -105.92
C UNK H 465 -92.02 -96.34 -107.40
N UNK H 466 -92.33 -95.08 -107.73
CA UNK H 466 -92.60 -94.72 -109.12
C UNK H 466 -91.58 -93.75 -109.71
N UNK H 467 -91.41 -92.58 -109.13
CA UNK H 467 -90.63 -91.55 -109.79
C UNK H 467 -89.69 -90.82 -108.85
N UNK H 468 -89.46 -91.37 -107.67
CA UNK H 468 -88.53 -90.79 -106.72
C UNK H 468 -87.32 -91.70 -106.64
N UNK H 469 -86.15 -91.12 -106.71
CA UNK H 469 -84.93 -91.84 -106.41
C UNK H 469 -84.10 -90.95 -105.51
N UNK H 470 -83.43 -91.55 -104.54
CA UNK H 470 -82.65 -90.79 -103.59
C UNK H 470 -81.28 -91.42 -103.47
N UNK H 471 -80.28 -90.59 -103.22
CA UNK H 471 -78.95 -91.08 -102.94
C UNK H 471 -78.55 -90.53 -101.60
N UNK H 472 -78.35 -91.41 -100.63
CA UNK H 472 -77.77 -90.99 -99.36
C UNK H 472 -76.30 -91.33 -99.39
N UNK H 473 -75.53 -90.66 -98.54
CA UNK H 473 -74.10 -90.86 -98.53
C UNK H 473 -73.56 -90.53 -97.15
N UNK H 474 -72.51 -91.23 -96.76
CA UNK H 474 -71.78 -90.85 -95.57
C UNK H 474 -70.36 -90.50 -95.98
N UNK H 475 -69.58 -89.96 -95.04
CA UNK H 475 -68.15 -89.82 -95.27
C UNK H 475 -67.32 -90.56 -94.24
N UNK H 476 -67.52 -90.25 -92.96
CA UNK H 476 -66.83 -90.88 -91.86
C UNK H 476 -67.78 -90.82 -90.67
N UNK H 477 -67.25 -90.95 -89.47
CA UNK H 477 -68.03 -91.01 -88.25
C UNK H 477 -67.03 -90.80 -87.12
N UNK H 478 -67.49 -90.33 -85.95
CA UNK H 478 -68.80 -89.78 -85.59
C UNK H 478 -68.91 -88.35 -86.02
N UNK H 479 -69.77 -87.61 -85.30
CA UNK H 479 -70.18 -86.25 -85.61
C UNK H 479 -70.90 -86.23 -86.95
N UNK H 480 -72.09 -86.83 -86.89
CA UNK H 480 -73.00 -87.02 -88.01
C UNK H 480 -73.71 -85.73 -88.39
N UNK H 481 -74.89 -85.87 -88.98
CA UNK H 481 -75.89 -84.81 -88.88
C UNK H 481 -75.64 -83.52 -89.66
N UNK H 482 -76.07 -83.35 -90.92
CA UNK H 482 -76.91 -84.13 -91.88
C UNK H 482 -77.03 -83.14 -93.03
N UNK H 483 -77.70 -83.49 -94.12
CA UNK H 483 -78.13 -82.49 -95.09
C UNK H 483 -79.35 -83.03 -95.83
N UNK H 484 -79.92 -82.18 -96.68
CA UNK H 484 -81.01 -82.60 -97.57
C UNK H 484 -81.05 -81.62 -98.75
N UNK H 485 -80.51 -82.03 -99.88
CA UNK H 485 -80.59 -81.21 -101.08
C UNK H 485 -81.69 -81.73 -101.98
N UNK H 486 -82.15 -80.88 -102.89
CA UNK H 486 -83.23 -81.26 -103.79
C UNK H 486 -83.19 -80.40 -105.04
N UNK H 487 -82.78 -80.98 -106.17
CA UNK H 487 -82.80 -80.31 -107.48
C UNK H 487 -82.93 -81.39 -108.54
N UNK H 488 -82.54 -81.11 -109.76
CA UNK H 488 -82.44 -82.17 -110.75
C UNK H 488 -81.13 -82.09 -111.52
N UNK H 489 -80.02 -81.91 -110.82
CA UNK H 489 -78.74 -81.73 -111.47
C UNK H 489 -77.63 -82.20 -110.54
N UNK H 490 -76.39 -81.85 -110.87
CA UNK H 490 -75.19 -82.40 -110.22
C UNK H 490 -74.22 -81.31 -109.80
N UNK H 491 -74.72 -80.17 -109.37
CA UNK H 491 -73.88 -79.23 -108.63
C UNK H 491 -74.03 -79.54 -107.15
N UNK H 492 -73.59 -80.74 -106.80
CA UNK H 492 -73.79 -81.27 -105.48
C UNK H 492 -72.53 -81.45 -104.70
N UNK H 493 -71.37 -81.55 -105.36
CA UNK H 493 -70.11 -81.65 -104.63
C UNK H 493 -69.82 -80.36 -103.88
N UNK H 494 -70.33 -79.24 -104.39
CA UNK H 494 -70.20 -77.96 -103.71
C UNK H 494 -70.90 -77.97 -102.37
N UNK H 495 -72.13 -78.46 -102.31
CA UNK H 495 -72.77 -78.61 -101.02
C UNK H 495 -72.21 -79.80 -100.27
N UNK H 496 -71.63 -80.77 -100.98
CA UNK H 496 -71.14 -81.94 -100.31
C UNK H 496 -69.87 -81.66 -99.53
N UNK H 497 -69.13 -80.62 -99.88
CA UNK H 497 -67.98 -80.27 -99.08
C UNK H 497 -68.41 -79.79 -97.70
N UNK H 498 -69.35 -78.85 -97.66
CA UNK H 498 -69.87 -78.41 -96.37
C UNK H 498 -70.68 -79.48 -95.69
N UNK H 499 -71.16 -80.48 -96.43
CA UNK H 499 -71.64 -81.68 -95.76
C UNK H 499 -70.49 -82.43 -95.12
N UNK H 500 -69.33 -82.45 -95.76
CA UNK H 500 -68.17 -83.14 -95.22
C UNK H 500 -67.39 -82.29 -94.25
N UNK H 501 -67.96 -81.17 -93.82
CA UNK H 501 -67.68 -80.59 -92.51
C UNK H 501 -68.59 -81.16 -91.43
N UNK H 502 -69.08 -82.37 -91.67
CA UNK H 502 -69.94 -83.19 -90.81
C UNK H 502 -69.76 -84.62 -91.30
N UNK H 503 -70.76 -85.46 -91.13
CA UNK H 503 -70.60 -86.82 -91.64
C UNK H 503 -71.63 -87.32 -92.65
N UNK H 504 -72.90 -86.96 -92.57
CA UNK H 504 -73.89 -87.60 -93.43
C UNK H 504 -74.53 -86.58 -94.37
N UNK H 505 -74.96 -87.04 -95.54
CA UNK H 505 -75.75 -86.21 -96.44
C UNK H 505 -76.74 -87.12 -97.14
N UNK H 506 -77.87 -86.59 -97.55
CA UNK H 506 -78.87 -87.42 -98.22
C UNK H 506 -79.56 -86.61 -99.32
N UNK H 507 -79.02 -86.68 -100.52
CA UNK H 507 -79.58 -85.92 -101.64
C UNK H 507 -80.86 -86.59 -102.10
N UNK H 508 -81.98 -85.90 -101.91
CA UNK H 508 -83.30 -86.50 -102.10
C UNK H 508 -83.86 -86.18 -103.49
N UNK H 509 -83.07 -86.53 -104.51
CA UNK H 509 -83.51 -86.50 -105.91
C UNK H 509 -82.46 -87.29 -106.68
N UNK H 510 -82.65 -87.38 -107.99
CA UNK H 510 -81.90 -88.35 -108.77
C UNK H 510 -80.95 -87.73 -109.78
N UNK H 511 -81.49 -86.89 -110.68
CA UNK H 511 -81.19 -86.87 -112.11
C UNK H 511 -79.74 -87.16 -112.50
N UNK H 512 -78.80 -86.48 -111.86
CA UNK H 512 -77.39 -86.69 -112.17
C UNK H 512 -76.59 -86.88 -110.91
N UNK H 513 -77.21 -87.42 -109.86
CA UNK H 513 -76.47 -87.81 -108.68
C UNK H 513 -75.92 -89.21 -108.78
N UNK H 514 -75.82 -89.75 -109.99
CA UNK H 514 -75.01 -90.93 -110.22
C UNK H 514 -73.54 -90.58 -110.42
N UNK H 515 -73.22 -89.28 -110.49
CA UNK H 515 -71.86 -88.87 -110.76
C UNK H 515 -70.93 -89.28 -109.65
N UNK H 516 -71.37 -89.11 -108.41
CA UNK H 516 -70.53 -89.50 -107.30
C UNK H 516 -70.39 -91.00 -107.20
N UNK H 517 -71.41 -91.73 -107.64
CA UNK H 517 -71.28 -93.17 -107.71
C UNK H 517 -70.24 -93.57 -108.73
N UNK H 518 -70.22 -92.86 -109.86
CA UNK H 518 -69.20 -93.12 -110.87
C UNK H 518 -67.82 -92.79 -110.35
N UNK H 519 -67.69 -91.71 -109.60
CA UNK H 519 -66.38 -91.31 -109.13
C UNK H 519 -65.92 -92.13 -107.96
N UNK H 520 -66.83 -92.76 -107.23
CA UNK H 520 -66.45 -93.49 -106.04
C UNK H 520 -66.27 -94.96 -106.29
N UNK H 521 -67.07 -95.56 -107.15
CA UNK H 521 -66.92 -96.96 -107.43
C UNK H 521 -65.84 -97.25 -108.44
N UNK H 522 -65.03 -96.26 -108.79
CA UNK H 522 -63.97 -96.44 -109.75
C UNK H 522 -62.59 -96.29 -109.12
N UNK H 523 -62.53 -95.98 -107.82
CA UNK H 523 -61.31 -95.48 -107.21
C UNK H 523 -60.22 -96.54 -107.19
N UNK H 524 -60.47 -97.66 -106.54
CA UNK H 524 -59.43 -98.66 -106.42
C UNK H 524 -59.17 -99.37 -107.74
N UNK H 525 -60.20 -99.57 -108.53
CA UNK H 525 -60.06 -100.28 -109.79
C UNK H 525 -59.21 -99.50 -110.78
N UNK H 526 -59.46 -98.20 -110.93
CA UNK H 526 -58.62 -97.38 -111.77
C UNK H 526 -57.43 -96.83 -111.00
N UNK H 527 -57.26 -97.23 -109.74
CA UNK H 527 -56.03 -96.99 -109.03
C UNK H 527 -55.07 -98.15 -109.12
N UNK H 528 -55.54 -99.29 -109.61
CA UNK H 528 -54.65 -100.39 -109.93
C UNK H 528 -53.65 -99.97 -111.00
N UNK H 529 -54.11 -99.24 -112.01
CA UNK H 529 -53.23 -98.57 -112.95
C UNK H 529 -52.87 -97.19 -112.41
N UNK H 530 -52.36 -96.29 -113.24
CA UNK H 530 -52.08 -94.93 -112.76
C UNK H 530 -52.90 -93.85 -113.45
N UNK H 531 -52.76 -93.66 -114.76
CA UNK H 531 -53.24 -92.46 -115.44
C UNK H 531 -53.04 -92.61 -116.94
N UNK H 532 -53.68 -91.72 -117.69
CA UNK H 532 -53.37 -91.62 -119.12
C UNK H 532 -52.95 -90.24 -119.62
N UNK H 533 -53.84 -89.25 -119.47
CA UNK H 533 -53.54 -87.82 -119.61
C UNK H 533 -53.02 -87.40 -120.99
N UNK H 534 -53.84 -87.63 -122.05
CA UNK H 534 -53.70 -86.97 -123.35
C UNK H 534 -54.94 -87.13 -124.22
N UNK H 535 -55.57 -86.03 -124.63
CA UNK H 535 -56.85 -86.11 -125.34
C UNK H 535 -56.73 -85.49 -126.72
N UNK H 536 -57.38 -86.11 -127.70
CA UNK H 536 -57.41 -85.59 -129.06
C UNK H 536 -58.85 -85.28 -129.42
N UNK H 537 -59.09 -84.95 -130.68
CA UNK H 537 -60.37 -84.43 -131.10
C UNK H 537 -60.97 -85.28 -132.19
N UNK H 538 -62.15 -84.87 -132.62
CA UNK H 538 -62.66 -85.29 -133.91
C UNK H 538 -62.24 -84.27 -134.94
N UNK H 539 -61.40 -84.69 -135.88
CA UNK H 539 -60.75 -83.74 -136.76
C UNK H 539 -61.70 -83.13 -137.78
N UNK H 540 -62.78 -83.82 -138.11
CA UNK H 540 -63.76 -83.28 -139.03
C UNK H 540 -64.80 -82.50 -138.23
N UNK H 541 -65.90 -82.16 -138.89
CA UNK H 541 -66.97 -81.38 -138.26
C UNK H 541 -67.80 -82.27 -137.35
N UNK H 542 -67.69 -82.05 -136.04
CA UNK H 542 -68.43 -82.79 -135.02
C UNK H 542 -68.56 -81.89 -133.79
N UNK H 543 -69.11 -82.42 -132.69
CA UNK H 543 -69.14 -81.65 -131.46
C UNK H 543 -69.08 -82.62 -130.27
N UNK H 544 -67.86 -82.91 -129.82
CA UNK H 544 -67.57 -83.54 -128.53
C UNK H 544 -66.07 -83.43 -128.30
N UNK H 545 -65.59 -84.13 -127.28
CA UNK H 545 -64.25 -84.01 -126.74
C UNK H 545 -63.95 -82.54 -126.45
N UNK H 546 -64.80 -81.95 -125.65
CA UNK H 546 -64.65 -80.54 -125.30
C UNK H 546 -63.60 -80.38 -124.23
N UNK H 547 -62.76 -79.37 -124.40
CA UNK H 547 -61.74 -79.01 -123.42
C UNK H 547 -61.69 -77.49 -123.37
N UNK H 548 -60.80 -76.94 -122.54
CA UNK H 548 -60.88 -75.52 -122.26
C UNK H 548 -59.48 -74.92 -122.21
N UNK H 549 -59.40 -73.70 -121.68
CA UNK H 549 -58.53 -72.66 -122.21
C UNK H 549 -57.89 -71.90 -121.06
N UNK H 550 -57.43 -70.69 -121.39
CA UNK H 550 -56.79 -69.77 -120.47
C UNK H 550 -57.23 -68.36 -120.81
N UNK H 551 -56.82 -67.38 -119.99
CA UNK H 551 -57.29 -66.01 -120.13
C UNK H 551 -56.19 -65.03 -120.49
N UNK H 552 -55.14 -64.91 -119.68
CA UNK H 552 -53.89 -64.22 -119.99
C UNK H 552 -53.95 -62.76 -120.45
N UNK H 553 -54.26 -61.78 -119.59
CA UNK H 553 -54.98 -61.93 -118.34
C UNK H 553 -56.11 -60.94 -118.38
N UNK H 554 -55.76 -59.71 -118.69
CA UNK H 554 -56.71 -58.63 -118.81
C UNK H 554 -57.21 -58.56 -120.23
N UNK H 555 -57.91 -57.50 -120.56
CA UNK H 555 -58.18 -57.21 -121.96
C UNK H 555 -57.35 -56.03 -122.43
N UNK H 556 -56.14 -55.90 -121.87
CA UNK H 556 -55.01 -55.21 -122.48
C UNK H 556 -55.28 -53.72 -122.72
N UNK H 557 -55.31 -52.96 -121.62
CA UNK H 557 -55.46 -51.52 -121.72
C UNK H 557 -54.29 -50.88 -122.46
N UNK H 558 -54.59 -49.92 -123.33
CA UNK H 558 -53.58 -49.28 -124.16
C UNK H 558 -53.84 -47.80 -124.25
N UNK H 559 -52.88 -46.97 -123.85
CA UNK H 559 -53.06 -45.54 -124.04
C UNK H 559 -52.61 -45.19 -125.45
N UNK H 560 -52.78 -43.92 -125.82
CA UNK H 560 -52.31 -43.46 -127.13
C UNK H 560 -52.13 -41.95 -127.00
N UNK H 561 -50.90 -41.51 -126.84
CA UNK H 561 -50.65 -40.13 -126.47
C UNK H 561 -50.24 -39.35 -127.71
N UNK H 562 -51.16 -38.58 -128.28
CA UNK H 562 -50.76 -37.70 -129.36
C UNK H 562 -50.05 -36.51 -128.74
N UNK H 563 -48.76 -36.38 -129.00
CA UNK H 563 -48.00 -35.27 -128.44
C UNK H 563 -48.22 -34.07 -129.34
N UNK H 564 -49.11 -33.18 -128.93
CA UNK H 564 -49.73 -32.21 -129.83
C UNK H 564 -48.77 -31.06 -130.10
N UNK H 565 -47.89 -31.25 -131.07
CA UNK H 565 -47.24 -30.12 -131.68
C UNK H 565 -47.49 -30.07 -133.18
N UNK H 566 -47.14 -31.11 -133.92
CA UNK H 566 -46.78 -30.92 -135.32
C UNK H 566 -46.73 -32.26 -136.02
N UNK H 567 -46.05 -32.28 -137.17
CA UNK H 567 -45.82 -33.46 -137.99
C UNK H 567 -44.38 -33.94 -137.81
N UNK H 568 -44.13 -35.26 -137.95
CA UNK H 568 -45.10 -36.34 -138.15
C UNK H 568 -44.90 -37.67 -137.41
N UNK H 569 -43.66 -38.01 -137.02
CA UNK H 569 -43.30 -39.39 -136.74
C UNK H 569 -43.96 -39.91 -135.46
N UNK H 570 -43.91 -41.23 -135.28
CA UNK H 570 -44.77 -41.87 -134.28
C UNK H 570 -44.06 -43.07 -133.69
N UNK H 571 -43.73 -42.99 -132.41
CA UNK H 571 -43.05 -44.07 -131.70
C UNK H 571 -44.04 -44.87 -130.87
N UNK H 572 -43.83 -46.18 -130.78
CA UNK H 572 -44.76 -47.07 -130.08
C UNK H 572 -44.03 -47.90 -129.05
N UNK H 573 -44.21 -47.56 -127.78
CA UNK H 573 -43.61 -48.30 -126.68
C UNK H 573 -44.63 -49.30 -126.13
N UNK H 574 -44.26 -50.58 -126.15
CA UNK H 574 -44.94 -51.51 -125.26
C UNK H 574 -44.28 -51.44 -123.91
N UNK H 575 -45.05 -51.70 -122.86
CA UNK H 575 -44.44 -51.52 -121.56
C UNK H 575 -44.58 -52.75 -120.69
N UNK H 576 -44.21 -52.63 -119.43
CA UNK H 576 -44.24 -53.74 -118.50
C UNK H 576 -45.08 -53.37 -117.29
N UNK H 577 -46.25 -52.81 -117.54
CA UNK H 577 -47.17 -52.24 -116.54
C UNK H 577 -46.45 -51.26 -115.62
N UNK H 578 -45.91 -50.21 -116.22
CA UNK H 578 -45.15 -49.23 -115.48
C UNK H 578 -45.20 -47.91 -116.22
N UNK H 579 -44.83 -46.85 -115.51
CA UNK H 579 -45.09 -45.49 -115.95
C UNK H 579 -43.88 -44.62 -115.81
N UNK H 580 -42.70 -45.18 -116.08
CA UNK H 580 -41.51 -44.39 -116.37
C UNK H 580 -41.37 -44.22 -117.88
N UNK H 581 -42.38 -43.57 -118.44
CA UNK H 581 -42.43 -43.30 -119.86
C UNK H 581 -42.42 -41.82 -120.15
N UNK H 582 -42.24 -40.99 -119.13
CA UNK H 582 -42.06 -39.57 -119.40
C UNK H 582 -40.76 -39.33 -120.11
N UNK H 583 -39.75 -40.17 -119.87
CA UNK H 583 -38.50 -40.07 -120.60
C UNK H 583 -38.72 -40.35 -122.07
N UNK H 584 -39.53 -41.35 -122.37
CA UNK H 584 -39.80 -41.59 -123.77
C UNK H 584 -40.72 -40.52 -124.34
N UNK H 585 -41.56 -39.90 -123.51
CA UNK H 585 -42.41 -38.80 -123.99
C UNK H 585 -41.57 -37.62 -124.42
N UNK H 586 -40.59 -37.26 -123.61
CA UNK H 586 -39.70 -36.19 -124.01
C UNK H 586 -38.75 -36.63 -125.10
N UNK H 587 -38.54 -37.93 -125.28
CA UNK H 587 -37.81 -38.36 -126.45
C UNK H 587 -38.62 -38.14 -127.70
N UNK H 588 -39.89 -38.52 -127.67
CA UNK H 588 -40.73 -38.43 -128.85
C UNK H 588 -41.28 -37.04 -129.06
N UNK H 589 -41.01 -36.10 -128.16
CA UNK H 589 -41.30 -34.71 -128.48
C UNK H 589 -40.38 -34.13 -129.54
N UNK H 590 -39.39 -34.88 -130.03
CA UNK H 590 -38.88 -34.63 -131.37
C UNK H 590 -40.01 -34.74 -132.38
N UNK H 591 -40.78 -35.81 -132.30
CA UNK H 591 -41.79 -36.20 -133.27
C UNK H 591 -43.20 -35.76 -132.92
N UNK H 592 -44.19 -36.45 -133.46
CA UNK H 592 -45.60 -36.16 -133.26
C UNK H 592 -46.34 -37.09 -132.29
N UNK H 593 -46.30 -38.40 -132.47
CA UNK H 593 -47.28 -39.24 -131.79
C UNK H 593 -46.65 -40.43 -131.09
N UNK H 594 -46.98 -40.64 -129.82
CA UNK H 594 -46.50 -41.79 -129.08
C UNK H 594 -47.68 -42.72 -128.83
N UNK H 595 -47.42 -44.01 -128.79
CA UNK H 595 -48.44 -45.00 -128.49
C UNK H 595 -47.85 -45.99 -127.49
N UNK H 596 -48.31 -45.96 -126.25
CA UNK H 596 -47.84 -46.87 -125.22
C UNK H 596 -48.95 -47.86 -124.91
N UNK H 597 -48.60 -49.14 -124.76
CA UNK H 597 -49.64 -50.18 -124.65
C UNK H 597 -49.60 -50.94 -123.31
N UNK H 598 -50.26 -50.38 -122.28
CA UNK H 598 -50.11 -50.83 -120.88
C UNK H 598 -51.12 -50.09 -120.02
N UNK H 599 -51.08 -50.33 -118.70
CA UNK H 599 -52.15 -49.89 -117.80
C UNK H 599 -51.63 -49.39 -116.47
N UNK H 600 -50.43 -48.85 -116.44
CA UNK H 600 -50.00 -48.12 -115.27
C UNK H 600 -49.61 -46.71 -115.62
N UNK H 601 -49.30 -46.46 -116.87
CA UNK H 601 -49.25 -45.10 -117.36
C UNK H 601 -50.59 -44.44 -117.21
N UNK H 602 -51.66 -45.13 -117.66
CA UNK H 602 -52.88 -44.50 -118.16
C UNK H 602 -53.50 -43.56 -117.15
N UNK H 603 -53.45 -43.94 -115.88
CA UNK H 603 -54.01 -43.12 -114.82
C UNK H 603 -53.26 -41.80 -114.67
N UNK H 604 -51.97 -41.87 -114.38
CA UNK H 604 -51.26 -40.64 -114.11
C UNK H 604 -51.00 -39.87 -115.38
N UNK H 605 -50.90 -40.55 -116.51
CA UNK H 605 -50.75 -39.86 -117.76
C UNK H 605 -51.98 -39.05 -118.09
N UNK H 606 -53.17 -39.62 -117.89
CA UNK H 606 -54.38 -38.85 -118.16
C UNK H 606 -54.57 -37.77 -117.14
N UNK H 607 -54.30 -38.03 -115.87
CA UNK H 607 -54.51 -37.00 -114.87
C UNK H 607 -53.46 -35.93 -114.90
N UNK H 608 -52.36 -36.13 -115.61
CA UNK H 608 -51.45 -35.03 -115.83
C UNK H 608 -51.82 -34.27 -117.08
N UNK H 609 -52.24 -34.97 -118.13
CA UNK H 609 -52.48 -34.30 -119.40
C UNK H 609 -53.77 -33.50 -119.34
N UNK H 610 -54.83 -34.13 -118.90
CA UNK H 610 -56.11 -33.46 -118.88
C UNK H 610 -56.30 -32.59 -117.69
N UNK H 611 -55.25 -32.25 -116.99
CA UNK H 611 -55.31 -31.11 -116.11
C UNK H 611 -54.26 -30.07 -116.43
N UNK H 612 -53.00 -30.46 -116.70
CA UNK H 612 -51.88 -29.51 -116.73
C UNK H 612 -51.93 -28.57 -117.91
N UNK H 613 -52.87 -28.71 -118.81
CA UNK H 613 -53.15 -27.69 -119.79
C UNK H 613 -54.16 -26.69 -119.30
N UNK H 614 -54.87 -26.99 -118.24
CA UNK H 614 -55.92 -26.11 -117.78
C UNK H 614 -55.85 -25.82 -116.30
N UNK H 615 -54.86 -26.34 -115.58
CA UNK H 615 -54.62 -25.89 -114.23
C UNK H 615 -54.14 -24.49 -114.46
N UNK H 616 -52.97 -24.35 -115.09
CA UNK H 616 -52.62 -23.26 -116.01
C UNK H 616 -52.91 -21.86 -115.49
N UNK H 617 -53.07 -21.73 -114.18
CA UNK H 617 -53.34 -20.46 -113.55
C UNK H 617 -52.20 -20.11 -112.61
N UNK H 618 -51.93 -20.95 -111.63
CA UNK H 618 -50.80 -20.64 -110.76
C UNK H 618 -49.93 -21.82 -110.40
N UNK H 619 -50.38 -23.06 -110.57
CA UNK H 619 -49.80 -24.25 -109.94
C UNK H 619 -49.62 -24.02 -108.44
N UNK H 620 -50.76 -23.97 -107.75
CA UNK H 620 -50.85 -23.72 -106.33
C UNK H 620 -49.97 -24.63 -105.51
N UNK H 621 -48.99 -24.04 -104.83
CA UNK H 621 -48.07 -24.83 -104.03
C UNK H 621 -48.79 -25.34 -102.79
N UNK H 622 -48.69 -26.63 -102.54
CA UNK H 622 -49.60 -27.27 -101.62
C UNK H 622 -49.01 -27.37 -100.23
N UNK H 623 -49.83 -27.83 -99.29
CA UNK H 623 -49.36 -28.22 -97.97
C UNK H 623 -50.39 -29.21 -97.45
N UNK H 624 -50.07 -30.50 -97.55
CA UNK H 624 -51.04 -31.54 -97.31
C UNK H 624 -51.27 -31.72 -95.82
N UNK H 625 -52.46 -32.20 -95.44
CA UNK H 625 -52.60 -32.77 -94.11
C UNK H 625 -53.57 -33.95 -94.13
N UNK H 626 -53.82 -34.54 -95.30
CA UNK H 626 -54.88 -35.52 -95.47
C UNK H 626 -54.52 -36.79 -94.74
N UNK H 627 -55.23 -37.09 -93.67
CA UNK H 627 -55.03 -38.34 -92.93
C UNK H 627 -56.38 -39.01 -92.72
N UNK H 628 -56.81 -39.75 -93.72
CA UNK H 628 -58.20 -40.21 -93.73
C UNK H 628 -58.50 -41.34 -94.69
N UNK H 629 -59.79 -41.53 -94.91
CA UNK H 629 -60.35 -42.71 -95.53
C UNK H 629 -59.94 -42.95 -96.97
N UNK H 630 -60.44 -42.15 -97.90
CA UNK H 630 -60.36 -42.55 -99.30
C UNK H 630 -59.24 -41.84 -100.03
N UNK H 631 -58.21 -41.42 -99.33
CA UNK H 631 -57.10 -40.72 -99.95
C UNK H 631 -55.96 -41.66 -100.26
N UNK H 632 -56.14 -42.94 -100.02
CA UNK H 632 -55.15 -43.94 -100.38
C UNK H 632 -55.56 -44.72 -101.61
N UNK H 633 -56.84 -44.96 -101.81
CA UNK H 633 -57.28 -45.56 -103.07
C UNK H 633 -57.10 -44.60 -104.22
N UNK H 634 -57.10 -43.30 -103.96
CA UNK H 634 -56.37 -42.30 -104.72
C UNK H 634 -56.83 -42.14 -106.15
N UNK H 635 -58.02 -42.61 -106.50
CA UNK H 635 -58.36 -42.73 -107.92
C UNK H 635 -58.78 -41.40 -108.51
N UNK H 636 -58.45 -41.22 -109.79
CA UNK H 636 -58.83 -40.00 -110.48
C UNK H 636 -59.30 -40.22 -111.90
N UNK H 637 -59.30 -41.44 -112.39
CA UNK H 637 -59.76 -41.68 -113.75
C UNK H 637 -60.22 -43.12 -113.82
N UNK H 638 -60.95 -43.43 -114.91
CA UNK H 638 -61.63 -44.69 -115.19
C UNK H 638 -62.48 -45.18 -114.03
N UNK H 639 -62.90 -44.25 -113.15
CA UNK H 639 -63.64 -44.56 -111.92
C UNK H 639 -64.64 -43.44 -111.68
N UNK H 640 -65.86 -43.57 -112.21
CA UNK H 640 -66.19 -44.50 -113.30
C UNK H 640 -66.75 -43.71 -114.47
N UNK H 641 -67.71 -42.84 -114.18
CA UNK H 641 -68.14 -41.87 -115.16
C UNK H 641 -68.41 -40.50 -114.58
N UNK H 642 -68.28 -40.32 -113.26
CA UNK H 642 -68.26 -38.99 -112.69
C UNK H 642 -67.03 -38.27 -113.20
N UNK H 643 -67.21 -37.09 -113.77
CA UNK H 643 -66.21 -36.66 -114.73
C UNK H 643 -64.96 -36.07 -114.08
N UNK H 644 -65.05 -34.84 -113.55
CA UNK H 644 -63.96 -34.09 -112.89
C UNK H 644 -62.68 -33.96 -113.72
N UNK H 645 -62.75 -34.36 -114.98
CA UNK H 645 -61.70 -34.70 -115.91
C UNK H 645 -62.53 -35.16 -117.09
N UNK H 646 -61.94 -35.55 -118.19
CA UNK H 646 -62.76 -35.70 -119.39
C UNK H 646 -62.21 -36.82 -120.25
N UNK H 647 -62.58 -36.79 -121.53
CA UNK H 647 -62.00 -37.68 -122.51
C UNK H 647 -61.83 -36.91 -123.81
N UNK H 648 -61.03 -37.48 -124.71
CA UNK H 648 -60.61 -36.77 -125.91
C UNK H 648 -60.55 -37.71 -127.10
N UNK H 649 -61.65 -37.81 -127.82
CA UNK H 649 -61.71 -38.12 -129.25
C UNK H 649 -61.36 -39.55 -129.62
N UNK H 650 -60.81 -40.32 -128.70
CA UNK H 650 -60.67 -41.76 -128.86
C UNK H 650 -60.60 -42.29 -127.44
N UNK H 651 -61.74 -42.73 -126.94
CA UNK H 651 -61.85 -43.14 -125.55
C UNK H 651 -62.74 -44.36 -125.50
N UNK H 652 -62.14 -45.53 -125.32
CA UNK H 652 -62.89 -46.78 -125.20
C UNK H 652 -62.58 -47.33 -123.82
N UNK H 653 -63.43 -47.03 -122.86
CA UNK H 653 -63.19 -47.52 -121.51
C UNK H 653 -64.07 -48.76 -121.33
N UNK H 654 -63.59 -49.87 -121.87
CA UNK H 654 -64.44 -51.03 -122.09
C UNK H 654 -64.30 -52.07 -120.99
N UNK H 655 -65.44 -52.66 -120.63
CA UNK H 655 -65.56 -53.55 -119.47
C UNK H 655 -66.38 -54.78 -119.80
N UNK H 656 -66.06 -55.47 -120.89
CA UNK H 656 -66.98 -56.48 -121.42
C UNK H 656 -66.20 -57.71 -121.84
N UNK H 657 -66.85 -58.56 -122.64
CA UNK H 657 -66.21 -59.70 -123.29
C UNK H 657 -65.76 -59.42 -124.72
N UNK H 658 -66.34 -58.42 -125.40
CA UNK H 658 -65.81 -57.96 -126.68
C UNK H 658 -65.46 -56.48 -126.70
N UNK H 659 -66.38 -55.63 -126.27
CA UNK H 659 -66.24 -54.17 -126.35
C UNK H 659 -67.35 -53.53 -125.53
N UNK H 660 -67.10 -52.30 -125.08
CA UNK H 660 -68.01 -51.64 -124.15
C UNK H 660 -67.77 -50.13 -124.18
N UNK H 661 -68.09 -49.47 -123.05
CA UNK H 661 -68.42 -48.05 -122.89
C UNK H 661 -67.45 -47.09 -123.57
N UNK H 662 -68.00 -45.96 -124.01
CA UNK H 662 -67.27 -44.90 -124.67
C UNK H 662 -67.62 -43.57 -124.02
N UNK H 663 -66.77 -42.55 -124.23
CA UNK H 663 -67.10 -41.18 -123.81
C UNK H 663 -66.61 -40.21 -124.89
N UNK H 664 -67.45 -40.00 -125.90
CA UNK H 664 -67.10 -39.19 -127.07
C UNK H 664 -68.36 -38.86 -127.84
N UNK H 665 -68.21 -38.38 -129.08
CA UNK H 665 -69.34 -38.28 -129.98
C UNK H 665 -69.45 -39.55 -130.82
N UNK H 666 -86.86 -87.08 -96.45
CA UNK H 666 -87.02 -86.03 -95.45
C UNK H 666 -86.47 -86.51 -94.12
N UNK H 667 -86.87 -87.72 -93.75
CA UNK H 667 -86.31 -88.43 -92.60
C UNK H 667 -86.56 -89.90 -92.80
N UNK H 668 -85.49 -90.67 -93.02
CA UNK H 668 -85.60 -92.06 -93.45
C UNK H 668 -84.32 -92.79 -93.09
N UNK H 669 -84.40 -94.13 -93.01
CA UNK H 669 -83.40 -95.03 -92.45
C UNK H 669 -81.96 -94.92 -92.99
N UNK H 670 -81.00 -95.41 -92.22
CA UNK H 670 -79.60 -95.45 -92.58
C UNK H 670 -79.15 -96.86 -92.92
N UNK H 671 -78.21 -96.98 -93.86
CA UNK H 671 -77.70 -98.27 -94.32
C UNK H 671 -76.25 -98.10 -94.76
N UNK H 672 -75.70 -99.10 -95.48
CA UNK H 672 -74.32 -99.04 -95.95
C UNK H 672 -74.18 -99.12 -97.46
N UNK H 673 -74.70 -100.18 -98.09
CA UNK H 673 -74.59 -100.47 -99.52
C UNK H 673 -73.14 -100.57 -99.98
N UNK H 674 -72.47 -101.62 -99.50
CA UNK H 674 -71.06 -101.88 -99.72
C UNK H 674 -70.71 -102.00 -101.21
N UNK H 675 -69.43 -101.77 -101.51
CA UNK H 675 -68.99 -101.53 -102.88
C UNK H 675 -67.98 -102.59 -103.28
N UNK H 676 -68.34 -103.41 -104.26
CA UNK H 676 -67.44 -104.35 -104.89
C UNK H 676 -66.59 -103.65 -105.93
N UNK H 677 -65.55 -104.32 -106.40
CA UNK H 677 -64.71 -103.76 -107.43
C UNK H 677 -65.37 -103.91 -108.79
N UNK H 678 -64.66 -103.52 -109.84
CA UNK H 678 -65.17 -103.60 -111.20
C UNK H 678 -64.30 -104.56 -112.00
N UNK H 679 -64.94 -105.37 -112.83
CA UNK H 679 -64.24 -106.44 -113.53
C UNK H 679 -64.28 -106.20 -115.04
N UNK H 680 -63.11 -106.23 -115.66
CA UNK H 680 -62.99 -106.12 -117.11
C UNK H 680 -61.73 -106.85 -117.54
N UNK H 681 -61.88 -107.82 -118.43
CA UNK H 681 -60.76 -108.71 -118.69
C UNK H 681 -60.88 -109.30 -120.08
N UNK H 682 -59.72 -109.52 -120.67
CA UNK H 682 -59.53 -110.03 -122.02
C UNK H 682 -58.22 -110.76 -121.97
N UNK H 683 -57.53 -110.87 -123.11
CA UNK H 683 -56.23 -111.52 -123.11
C UNK H 683 -55.15 -110.60 -122.53
N UNK H 684 -53.90 -110.96 -122.73
CA UNK H 684 -52.84 -110.52 -121.83
C UNK H 684 -51.53 -110.31 -122.55
N UNK H 685 -50.44 -110.45 -121.81
CA UNK H 685 -49.09 -110.48 -122.34
C UNK H 685 -48.80 -111.78 -123.06
N UNK H 686 -47.52 -112.12 -123.22
CA UNK H 686 -47.02 -113.27 -123.99
C UNK H 686 -47.37 -113.12 -125.47
N UNK H 687 -46.67 -112.16 -126.09
CA UNK H 687 -46.46 -112.11 -127.53
C UNK H 687 -46.07 -113.49 -128.08
N UNK H 688 -46.60 -113.87 -129.26
CA UNK H 688 -47.13 -113.01 -130.33
C UNK H 688 -48.64 -112.75 -130.34
N UNK H 689 -49.08 -111.85 -131.24
CA UNK H 689 -50.48 -111.50 -131.39
C UNK H 689 -50.96 -111.34 -132.82
N UNK H 690 -50.07 -111.47 -133.80
CA UNK H 690 -50.37 -111.38 -135.24
C UNK H 690 -51.04 -110.05 -135.63
N UNK H 691 -50.65 -108.95 -134.97
CA UNK H 691 -51.00 -107.60 -135.43
C UNK H 691 -49.95 -106.64 -134.89
N UNK H 692 -48.96 -106.30 -135.72
CA UNK H 692 -47.85 -105.46 -135.29
C UNK H 692 -47.65 -104.32 -136.28
N UNK H 693 -46.77 -103.36 -135.94
CA UNK H 693 -46.56 -102.22 -136.82
C UNK H 693 -45.14 -102.08 -137.36
N UNK H 694 -44.15 -101.76 -136.53
CA UNK H 694 -42.86 -101.45 -137.14
C UNK H 694 -41.63 -101.95 -136.41
N UNK H 695 -41.62 -101.87 -135.09
CA UNK H 695 -40.40 -102.04 -134.29
C UNK H 695 -40.82 -102.34 -132.86
N UNK H 696 -39.86 -102.27 -131.94
CA UNK H 696 -40.06 -102.75 -130.58
C UNK H 696 -40.62 -101.65 -129.68
N UNK H 697 -41.84 -101.83 -129.18
CA UNK H 697 -42.67 -103.01 -129.38
C UNK H 697 -44.13 -102.64 -129.64
N UNK H 698 -44.37 -101.66 -130.49
CA UNK H 698 -45.73 -101.21 -130.77
C UNK H 698 -46.54 -102.30 -131.45
N UNK H 699 -47.72 -102.56 -130.91
CA UNK H 699 -48.46 -103.78 -131.24
C UNK H 699 -49.91 -103.47 -131.58
N UNK H 700 -50.14 -102.55 -132.52
CA UNK H 700 -51.48 -102.08 -132.85
C UNK H 700 -52.36 -103.19 -133.40
N UNK H 701 -53.63 -103.21 -132.98
CA UNK H 701 -54.37 -104.46 -133.07
C UNK H 701 -55.83 -104.25 -133.48
N UNK H 702 -56.37 -105.25 -134.19
CA UNK H 702 -57.82 -105.51 -134.13
C UNK H 702 -58.05 -106.58 -133.07
N UNK H 703 -57.61 -107.82 -133.34
CA UNK H 703 -56.71 -108.62 -132.52
C UNK H 703 -56.71 -108.34 -131.01
N UNK H 704 -57.80 -108.57 -130.28
CA UNK H 704 -58.87 -109.48 -130.64
C UNK H 704 -60.17 -109.01 -130.05
N UNK H 705 -61.21 -108.97 -130.87
CA UNK H 705 -62.50 -108.51 -130.42
C UNK H 705 -63.17 -109.53 -129.51
N UNK H 706 -63.89 -109.03 -128.52
CA UNK H 706 -64.61 -109.83 -127.55
C UNK H 706 -66.01 -109.25 -127.35
N UNK H 707 -66.72 -109.06 -128.46
CA UNK H 707 -68.05 -108.43 -128.56
C UNK H 707 -69.04 -108.98 -127.55
N UNK H 708 -69.38 -110.26 -127.69
CA UNK H 708 -69.62 -111.20 -126.59
C UNK H 708 -70.65 -110.67 -125.58
N UNK H 709 -71.90 -110.62 -126.04
CA UNK H 709 -73.02 -109.93 -125.40
C UNK H 709 -73.24 -110.23 -123.92
N UNK H 710 -73.91 -109.31 -123.22
CA UNK H 710 -73.96 -109.30 -121.77
C UNK H 710 -75.25 -108.64 -121.28
N UNK H 711 -75.82 -109.23 -120.22
CA UNK H 711 -76.77 -108.56 -119.33
C UNK H 711 -76.00 -107.73 -118.33
N UNK H 712 -76.59 -107.41 -117.18
CA UNK H 712 -75.80 -106.81 -116.09
C UNK H 712 -74.87 -107.90 -115.56
N UNK H 713 -73.78 -108.09 -116.29
CA UNK H 713 -72.95 -109.30 -116.28
C UNK H 713 -71.77 -109.04 -117.21
N UNK H 714 -70.83 -109.98 -117.23
CA UNK H 714 -69.65 -109.87 -118.07
C UNK H 714 -69.93 -110.48 -119.43
N UNK H 715 -68.88 -110.69 -120.22
CA UNK H 715 -68.98 -111.11 -121.61
C UNK H 715 -69.30 -112.60 -121.76
N UNK H 716 -69.10 -113.16 -122.96
CA UNK H 716 -69.38 -114.56 -123.23
C UNK H 716 -68.62 -115.48 -122.27
N UNK H 717 -69.29 -116.55 -121.84
CA UNK H 717 -68.91 -117.25 -120.63
C UNK H 717 -67.59 -117.97 -120.77
N UNK H 718 -66.75 -117.84 -119.76
CA UNK H 718 -65.43 -118.47 -119.78
C UNK H 718 -65.00 -118.67 -118.33
N UNK H 719 -65.17 -119.89 -117.81
CA UNK H 719 -64.70 -120.22 -116.49
C UNK H 719 -63.42 -121.06 -116.54
N UNK H 720 -63.48 -122.15 -117.30
CA UNK H 720 -62.30 -122.91 -117.66
C UNK H 720 -62.20 -123.18 -119.15
N UNK H 721 -63.26 -123.00 -119.92
CA UNK H 721 -63.26 -123.27 -121.36
C UNK H 721 -64.07 -122.19 -122.04
N UNK H 722 -63.38 -121.31 -122.78
CA UNK H 722 -63.98 -120.08 -123.29
C UNK H 722 -64.89 -120.39 -124.47
N UNK H 723 -66.12 -120.78 -124.16
CA UNK H 723 -67.08 -121.16 -125.18
C UNK H 723 -67.67 -119.93 -125.83
N UNK H 724 -67.49 -119.81 -127.14
CA UNK H 724 -68.12 -118.78 -127.96
C UNK H 724 -69.54 -119.17 -128.31
N UNK H 725 -70.13 -118.51 -129.32
CA UNK H 725 -71.51 -118.80 -129.72
C UNK H 725 -71.68 -120.17 -130.37
N UNK H 726 -70.61 -120.91 -130.62
CA UNK H 726 -70.64 -122.30 -131.06
C UNK H 726 -70.86 -123.24 -129.87
N UNK H 727 -70.58 -124.53 -130.05
CA UNK H 727 -70.80 -125.51 -128.97
C UNK H 727 -69.87 -125.26 -127.79
N UNK H 728 -68.57 -125.36 -128.00
CA UNK H 728 -67.58 -125.12 -126.94
C UNK H 728 -66.26 -124.76 -127.59
N UNK H 729 -65.37 -124.18 -126.78
CA UNK H 729 -64.04 -123.82 -127.25
C UNK H 729 -63.13 -123.65 -126.06
N UNK H 730 -61.87 -124.02 -126.23
CA UNK H 730 -60.93 -124.09 -125.12
C UNK H 730 -59.78 -123.13 -125.37
N UNK H 731 -59.96 -121.88 -124.96
CA UNK H 731 -58.85 -120.94 -124.96
C UNK H 731 -57.91 -121.33 -123.82
N UNK H 732 -56.71 -121.79 -124.18
CA UNK H 732 -55.77 -122.29 -123.19
C UNK H 732 -55.13 -121.15 -122.39
N UNK I 1 -87.48 -62.02 -52.01
CA UNK I 1 -86.60 -60.89 -51.76
C UNK I 1 -86.81 -59.82 -52.80
N UNK I 2 -85.73 -59.20 -53.27
CA UNK I 2 -85.83 -58.14 -54.25
C UNK I 2 -84.64 -58.21 -55.17
N UNK I 3 -84.88 -58.21 -56.48
CA UNK I 3 -83.83 -58.35 -57.48
C UNK I 3 -83.86 -57.13 -58.37
N UNK I 4 -82.83 -56.29 -58.34
CA UNK I 4 -82.92 -55.02 -59.06
C UNK I 4 -81.91 -54.94 -60.21
N UNK I 5 -82.13 -54.02 -61.14
CA UNK I 5 -81.24 -53.94 -62.29
C UNK I 5 -81.22 -52.54 -62.85
N UNK I 6 -80.05 -51.92 -62.90
CA UNK I 6 -79.92 -50.68 -63.63
C UNK I 6 -79.69 -51.02 -65.10
N UNK I 7 -80.21 -50.21 -66.01
CA UNK I 7 -80.05 -50.56 -67.41
C UNK I 7 -79.94 -49.28 -68.23
N UNK I 8 -78.83 -49.07 -68.92
CA UNK I 8 -78.58 -47.82 -69.60
C UNK I 8 -78.69 -47.99 -71.10
N UNK I 9 -79.27 -47.00 -71.78
CA UNK I 9 -79.16 -46.91 -73.22
C UNK I 9 -77.96 -46.02 -73.57
N UNK I 10 -77.66 -45.82 -74.85
CA UNK I 10 -76.48 -45.05 -75.26
C UNK I 10 -76.77 -43.56 -75.17
N UNK I 11 -75.91 -42.81 -74.48
CA UNK I 11 -76.31 -41.54 -73.92
C UNK I 11 -75.36 -40.42 -74.27
N UNK I 12 -75.89 -39.20 -74.22
CA UNK I 12 -75.11 -37.97 -74.13
C UNK I 12 -76.02 -36.89 -73.56
N UNK I 13 -75.80 -36.52 -72.31
CA UNK I 13 -76.55 -35.50 -71.57
C UNK I 13 -78.04 -35.82 -71.54
N UNK I 14 -78.36 -36.93 -70.88
CA UNK I 14 -79.75 -37.32 -70.72
C UNK I 14 -79.95 -37.92 -69.35
N UNK I 15 -81.22 -38.11 -68.99
CA UNK I 15 -81.66 -38.24 -67.62
C UNK I 15 -82.01 -39.67 -67.28
N UNK I 16 -82.51 -39.86 -66.07
CA UNK I 16 -82.72 -41.16 -65.50
C UNK I 16 -84.20 -41.36 -65.26
N UNK I 17 -84.61 -42.61 -65.12
CA UNK I 17 -86.00 -42.94 -64.82
C UNK I 17 -86.02 -44.17 -63.94
N UNK I 18 -86.41 -44.01 -62.68
CA UNK I 18 -86.28 -45.08 -61.71
C UNK I 18 -87.59 -45.86 -61.65
N UNK I 19 -87.76 -46.78 -62.59
CA UNK I 19 -89.03 -47.49 -62.65
C UNK I 19 -89.02 -48.67 -61.68
N UNK I 20 -90.20 -49.10 -61.29
CA UNK I 20 -90.32 -50.25 -60.40
C UNK I 20 -91.34 -51.19 -61.03
N UNK I 21 -90.85 -52.18 -61.76
CA UNK I 21 -91.71 -53.11 -62.46
C UNK I 21 -92.39 -53.97 -61.41
N UNK I 22 -93.64 -53.62 -61.11
CA UNK I 22 -94.34 -54.26 -60.02
C UNK I 22 -94.64 -55.70 -60.36
N UNK I 23 -95.50 -55.91 -61.35
CA UNK I 23 -95.73 -57.29 -61.79
C UNK I 23 -95.95 -57.39 -63.29
N UNK I 24 -95.60 -56.37 -64.07
CA UNK I 24 -96.10 -56.31 -65.44
C UNK I 24 -95.34 -57.25 -66.38
N UNK I 25 -94.04 -56.97 -66.58
CA UNK I 25 -93.13 -57.65 -67.52
C UNK I 25 -93.60 -57.63 -68.97
N UNK I 26 -94.63 -56.85 -69.30
CA UNK I 26 -95.02 -56.54 -70.68
C UNK I 26 -95.18 -55.05 -70.89
N UNK I 27 -95.29 -54.27 -69.82
CA UNK I 27 -95.01 -52.85 -69.84
C UNK I 27 -93.53 -52.57 -69.89
N UNK I 28 -92.69 -53.60 -69.91
CA UNK I 28 -91.24 -53.40 -69.99
C UNK I 28 -90.86 -52.73 -71.29
N UNK I 29 -91.43 -53.17 -72.41
CA UNK I 29 -91.14 -52.50 -73.66
C UNK I 29 -91.77 -51.12 -73.69
N UNK I 30 -92.89 -50.94 -72.98
CA UNK I 30 -93.55 -49.65 -72.93
C UNK I 30 -92.70 -48.62 -72.22
N UNK I 31 -92.24 -48.95 -71.02
CA UNK I 31 -91.34 -48.05 -70.31
C UNK I 31 -89.99 -47.97 -70.99
N UNK I 32 -89.60 -48.99 -71.74
CA UNK I 32 -88.33 -48.94 -72.47
C UNK I 32 -88.39 -47.88 -73.55
N UNK I 33 -89.46 -47.87 -74.34
CA UNK I 33 -89.60 -46.82 -75.33
C UNK I 33 -89.85 -45.48 -74.67
N UNK I 34 -90.41 -45.47 -73.46
CA UNK I 34 -90.65 -44.21 -72.77
C UNK I 34 -89.35 -43.58 -72.33
N UNK I 35 -88.42 -44.38 -71.82
CA UNK I 35 -87.10 -43.90 -71.47
C UNK I 35 -86.14 -44.00 -72.63
N UNK I 36 -86.62 -44.30 -73.82
CA UNK I 36 -85.78 -44.12 -74.99
C UNK I 36 -85.46 -42.66 -75.23
N UNK I 37 -86.29 -41.75 -74.76
CA UNK I 37 -85.92 -40.33 -74.76
C UNK I 37 -85.29 -39.97 -73.42
N UNK I 38 -84.17 -40.65 -73.14
CA UNK I 38 -83.45 -40.56 -71.87
C UNK I 38 -82.07 -41.20 -71.96
N UNK I 39 -81.45 -41.41 -70.80
CA UNK I 39 -80.17 -42.11 -70.68
C UNK I 39 -80.27 -43.42 -69.91
N UNK I 40 -80.81 -43.41 -68.70
CA UNK I 40 -80.63 -44.59 -67.85
C UNK I 40 -81.96 -44.98 -67.22
N UNK I 41 -82.51 -46.11 -67.63
CA UNK I 41 -83.60 -46.65 -66.86
C UNK I 41 -83.02 -47.39 -65.66
N UNK I 42 -83.82 -47.55 -64.64
CA UNK I 42 -83.38 -48.34 -63.49
C UNK I 42 -84.58 -49.17 -63.09
N UNK I 43 -84.65 -50.40 -63.58
CA UNK I 43 -85.81 -51.23 -63.37
C UNK I 43 -85.64 -51.98 -62.06
N UNK I 44 -86.51 -51.73 -61.11
CA UNK I 44 -86.48 -52.51 -59.88
C UNK I 44 -87.44 -53.69 -59.98
N UNK I 45 -87.12 -54.74 -59.21
CA UNK I 45 -87.83 -55.99 -58.96
C UNK I 45 -87.80 -57.00 -60.11
N UNK I 46 -87.46 -56.58 -61.33
CA UNK I 46 -86.67 -57.28 -62.35
C UNK I 46 -86.64 -58.80 -62.41
N UNK I 47 -87.77 -59.48 -62.35
CA UNK I 47 -87.70 -60.93 -62.20
C UNK I 47 -87.46 -61.64 -63.51
N UNK I 48 -88.31 -61.40 -64.50
CA UNK I 48 -88.07 -61.89 -65.84
C UNK I 48 -87.52 -60.80 -66.74
N UNK I 49 -87.66 -59.55 -66.33
CA UNK I 49 -87.19 -58.44 -67.14
C UNK I 49 -85.68 -58.45 -67.26
N UNK I 50 -84.99 -58.54 -66.13
CA UNK I 50 -83.53 -58.54 -66.16
C UNK I 50 -83.01 -59.78 -66.85
N UNK I 51 -83.69 -60.89 -66.70
CA UNK I 51 -83.23 -62.13 -67.31
C UNK I 51 -83.33 -62.06 -68.81
N UNK I 52 -84.51 -61.68 -69.33
CA UNK I 52 -84.66 -61.63 -70.76
C UNK I 52 -83.80 -60.53 -71.37
N UNK I 53 -83.61 -59.43 -70.64
CA UNK I 53 -82.77 -58.37 -71.18
C UNK I 53 -81.31 -58.76 -71.21
N UNK I 54 -80.86 -59.50 -70.20
CA UNK I 54 -79.46 -59.90 -70.21
C UNK I 54 -79.20 -60.97 -71.24
N UNK I 55 -80.16 -61.87 -71.46
CA UNK I 55 -79.95 -62.88 -72.48
C UNK I 55 -79.93 -62.26 -73.85
N UNK I 56 -80.79 -61.27 -74.09
CA UNK I 56 -80.76 -60.58 -75.37
C UNK I 56 -79.47 -59.80 -75.53
N UNK I 57 -78.97 -59.19 -74.47
CA UNK I 57 -77.77 -58.39 -74.60
C UNK I 57 -76.55 -59.27 -74.81
N UNK I 58 -76.50 -60.42 -74.16
CA UNK I 58 -75.31 -61.25 -74.29
C UNK I 58 -75.32 -62.09 -75.54
N UNK I 59 -76.48 -62.33 -76.14
CA UNK I 59 -76.49 -62.93 -77.46
C UNK I 59 -77.08 -61.98 -78.45
N UNK I 60 -76.72 -60.71 -78.34
CA UNK I 60 -77.26 -59.67 -79.18
C UNK I 60 -76.41 -59.33 -80.37
N UNK I 61 -75.17 -59.78 -80.44
CA UNK I 61 -74.31 -59.41 -81.55
C UNK I 61 -74.04 -60.56 -82.51
N UNK I 62 -73.55 -61.68 -82.02
CA UNK I 62 -73.22 -62.77 -82.93
C UNK I 62 -74.47 -63.47 -83.40
N UNK I 63 -75.42 -63.68 -82.48
CA UNK I 63 -76.65 -64.35 -82.85
C UNK I 63 -77.55 -63.46 -83.68
N UNK I 64 -77.22 -62.18 -83.81
CA UNK I 64 -77.85 -61.32 -84.79
C UNK I 64 -77.08 -61.29 -86.09
N UNK I 65 -75.75 -61.34 -86.01
CA UNK I 65 -74.93 -61.28 -87.19
C UNK I 65 -75.12 -62.49 -88.05
N UNK I 66 -75.40 -63.64 -87.45
CA UNK I 66 -75.63 -64.79 -88.31
C UNK I 66 -77.06 -64.80 -88.84
N UNK I 67 -78.05 -65.01 -87.98
CA UNK I 67 -79.32 -65.54 -88.47
C UNK I 67 -80.51 -64.61 -88.31
N UNK I 68 -80.90 -64.30 -87.08
CA UNK I 68 -82.26 -63.89 -86.72
C UNK I 68 -83.30 -64.80 -87.38
N UNK I 69 -83.30 -66.05 -86.92
CA UNK I 69 -84.19 -67.07 -87.45
C UNK I 69 -85.57 -66.97 -86.83
N UNK I 70 -86.52 -67.72 -87.39
CA UNK I 70 -87.82 -67.92 -86.80
C UNK I 70 -87.94 -69.37 -86.35
N UNK I 71 -88.31 -69.59 -85.11
CA UNK I 71 -88.07 -70.88 -84.48
C UNK I 71 -89.37 -71.58 -84.14
N UNK I 72 -89.73 -72.59 -84.92
CA UNK I 72 -90.79 -73.50 -84.53
C UNK I 72 -90.31 -74.42 -83.41
N UNK I 73 -91.23 -74.90 -82.59
CA UNK I 73 -90.83 -75.72 -81.46
C UNK I 73 -91.85 -76.80 -81.19
N UNK I 74 -91.39 -78.02 -80.99
CA UNK I 74 -92.26 -79.11 -80.60
C UNK I 74 -91.59 -79.72 -79.37
N UNK I 75 -91.89 -79.18 -78.20
CA UNK I 75 -91.18 -79.59 -77.01
C UNK I 75 -92.11 -80.33 -76.07
N UNK I 76 -91.59 -81.43 -75.53
CA UNK I 76 -92.28 -82.19 -74.50
C UNK I 76 -91.75 -81.75 -73.16
N UNK I 77 -92.61 -81.76 -72.17
CA UNK I 77 -92.46 -80.82 -71.08
C UNK I 77 -91.54 -81.32 -69.98
N UNK I 78 -90.54 -82.12 -70.33
CA UNK I 78 -89.79 -82.87 -69.33
C UNK I 78 -89.00 -82.03 -68.33
N UNK I 79 -87.96 -81.36 -68.79
CA UNK I 79 -86.96 -80.84 -67.86
C UNK I 79 -86.98 -79.34 -67.78
N UNK I 80 -86.80 -78.66 -68.91
CA UNK I 80 -86.72 -77.21 -68.93
C UNK I 80 -88.04 -76.56 -68.59
N UNK I 81 -89.14 -77.29 -68.70
CA UNK I 81 -90.49 -76.75 -68.60
C UNK I 81 -90.83 -76.23 -67.23
N UNK I 82 -90.01 -76.48 -66.22
CA UNK I 82 -89.94 -75.53 -65.12
C UNK I 82 -88.50 -75.55 -64.63
N UNK I 83 -87.65 -74.77 -65.28
CA UNK I 83 -86.22 -74.91 -64.99
C UNK I 83 -85.45 -73.76 -65.61
N UNK I 84 -84.14 -73.92 -65.60
CA UNK I 84 -83.16 -72.90 -65.94
C UNK I 84 -82.66 -73.07 -67.35
N UNK I 85 -82.28 -71.96 -67.97
CA UNK I 85 -81.71 -71.98 -69.31
C UNK I 85 -80.24 -72.25 -69.30
N UNK I 86 -79.67 -72.56 -68.14
CA UNK I 86 -78.32 -73.12 -67.98
C UNK I 86 -77.24 -72.19 -68.44
N UNK I 87 -77.43 -70.90 -68.26
CA UNK I 87 -76.33 -69.98 -68.39
C UNK I 87 -76.39 -68.88 -67.36
N UNK I 88 -77.37 -68.90 -66.46
CA UNK I 88 -77.55 -67.79 -65.54
C UNK I 88 -76.57 -67.85 -64.39
N UNK I 89 -76.26 -69.05 -63.91
CA UNK I 89 -75.59 -69.23 -62.64
C UNK I 89 -74.10 -68.90 -62.68
N UNK I 90 -73.60 -68.39 -63.78
CA UNK I 90 -72.23 -67.92 -63.78
C UNK I 90 -72.08 -66.52 -64.30
N UNK I 91 -73.03 -66.00 -65.07
CA UNK I 91 -72.98 -64.60 -65.50
C UNK I 91 -73.74 -63.69 -64.55
N UNK I 92 -74.96 -64.06 -64.14
CA UNK I 92 -75.58 -63.34 -63.04
C UNK I 92 -75.28 -64.04 -61.71
N UNK I 93 -74.01 -64.37 -61.55
CA UNK I 93 -73.30 -64.26 -60.29
C UNK I 93 -72.63 -62.91 -60.45
N UNK I 94 -73.35 -61.87 -60.01
CA UNK I 94 -73.25 -60.53 -60.57
C UNK I 94 -71.89 -59.89 -60.33
N UNK I 95 -71.36 -59.25 -61.37
CA UNK I 95 -70.13 -58.50 -61.26
C UNK I 95 -70.38 -57.02 -61.02
N UNK I 96 -71.33 -56.44 -61.74
CA UNK I 96 -71.97 -55.17 -61.42
C UNK I 96 -71.00 -54.00 -61.41
N UNK I 97 -70.39 -53.76 -62.55
CA UNK I 97 -69.30 -52.80 -62.59
C UNK I 97 -69.40 -52.01 -63.88
N UNK I 98 -69.92 -50.80 -63.78
CA UNK I 98 -70.06 -49.98 -64.96
C UNK I 98 -70.17 -48.54 -64.54
N UNK I 99 -70.54 -47.74 -65.53
CA UNK I 99 -70.97 -46.36 -65.47
C UNK I 99 -71.66 -46.15 -66.80
N UNK I 100 -71.80 -44.89 -67.22
CA UNK I 100 -72.22 -44.60 -68.58
C UNK I 100 -70.99 -44.48 -69.47
N UNK I 101 -70.45 -45.64 -69.83
CA UNK I 101 -69.18 -45.69 -70.57
C UNK I 101 -69.41 -45.81 -72.08
N UNK I 102 -70.24 -44.95 -72.63
CA UNK I 102 -70.37 -44.87 -74.07
C UNK I 102 -70.71 -43.45 -74.52
N UNK I 103 -70.15 -42.45 -73.85
CA UNK I 103 -70.55 -41.05 -74.03
C UNK I 103 -70.38 -40.60 -75.48
N UNK I 104 -71.37 -39.85 -75.98
CA UNK I 104 -71.63 -39.84 -77.41
C UNK I 104 -71.58 -38.47 -78.08
N UNK I 105 -70.54 -37.70 -77.81
CA UNK I 105 -70.15 -36.51 -78.60
C UNK I 105 -71.19 -35.42 -78.75
N UNK I 106 -91.04 -168.02 -34.07
CA UNK I 106 -90.79 -166.60 -34.03
C UNK I 106 -90.92 -165.98 -35.41
N UNK I 107 -90.82 -166.83 -36.44
CA UNK I 107 -90.80 -166.37 -37.81
C UNK I 107 -91.35 -167.48 -38.71
N UNK I 108 -92.18 -167.13 -39.69
CA UNK I 108 -92.65 -165.78 -39.95
C UNK I 108 -93.84 -165.46 -39.05
N UNK I 109 -94.91 -166.27 -39.17
CA UNK I 109 -96.20 -166.05 -38.51
C UNK I 109 -96.68 -164.61 -38.75
N UNK I 110 -96.80 -164.29 -40.03
CA UNK I 110 -97.15 -162.97 -40.56
C UNK I 110 -96.18 -161.89 -40.08
N UNK I 111 -94.93 -162.25 -39.85
CA UNK I 111 -93.99 -161.28 -39.30
C UNK I 111 -92.60 -161.62 -39.82
N UNK I 112 -92.23 -160.97 -40.92
CA UNK I 112 -90.95 -161.21 -41.57
C UNK I 112 -90.67 -160.07 -42.53
N UNK I 113 -89.43 -160.02 -43.00
CA UNK I 113 -88.94 -159.12 -44.05
C UNK I 113 -89.17 -157.64 -43.76
N UNK I 114 -115.77 -121.66 -42.07
CA UNK I 114 -115.66 -122.96 -42.71
C UNK I 114 -115.38 -122.79 -44.19
N UNK I 115 -115.82 -121.66 -44.74
CA UNK I 115 -115.64 -121.38 -46.16
C UNK I 115 -114.34 -120.64 -46.46
N UNK I 116 -113.55 -120.31 -45.45
CA UNK I 116 -112.50 -119.32 -45.62
C UNK I 116 -111.24 -119.92 -46.22
N UNK I 117 -110.61 -119.16 -47.11
CA UNK I 117 -109.25 -119.46 -47.51
C UNK I 117 -108.29 -119.27 -46.37
N UNK I 118 -108.61 -118.40 -45.40
CA UNK I 118 -107.82 -118.32 -44.18
C UNK I 118 -107.93 -119.62 -43.41
N UNK I 119 -109.14 -120.19 -43.34
CA UNK I 119 -109.30 -121.50 -42.72
C UNK I 119 -108.60 -122.58 -43.51
N UNK I 120 -108.53 -122.41 -44.83
CA UNK I 120 -107.78 -123.32 -45.66
C UNK I 120 -106.30 -123.27 -45.34
N UNK I 121 -105.69 -122.09 -45.49
CA UNK I 121 -104.25 -121.91 -45.30
C UNK I 121 -103.80 -122.15 -43.88
N UNK I 122 -104.73 -122.22 -42.93
CA UNK I 122 -104.47 -122.90 -41.67
C UNK I 122 -104.59 -124.41 -41.84
N UNK I 123 -103.67 -124.98 -42.63
CA UNK I 123 -103.63 -126.44 -42.76
C UNK I 123 -102.29 -127.12 -42.49
N UNK I 124 -101.13 -126.67 -43.03
CA UNK I 124 -100.77 -125.48 -43.83
C UNK I 124 -99.84 -125.71 -45.05
N UNK I 125 -100.20 -126.59 -45.98
CA UNK I 125 -99.35 -126.83 -47.14
C UNK I 125 -99.51 -125.71 -48.20
N UNK I 126 -98.95 -125.93 -49.40
CA UNK I 126 -98.90 -124.92 -50.45
C UNK I 126 -99.55 -125.34 -51.77
N UNK I 127 -99.81 -126.62 -51.97
CA UNK I 127 -100.83 -126.94 -52.95
C UNK I 127 -102.21 -126.46 -52.49
N UNK I 128 -102.38 -126.18 -51.19
CA UNK I 128 -103.51 -125.35 -50.76
C UNK I 128 -103.43 -123.95 -51.34
N UNK I 129 -102.23 -123.42 -51.65
CA UNK I 129 -102.19 -122.17 -52.40
C UNK I 129 -102.47 -122.40 -53.86
N UNK I 130 -102.24 -123.61 -54.33
CA UNK I 130 -102.84 -123.97 -55.61
C UNK I 130 -104.33 -124.27 -55.51
N UNK I 131 -104.87 -124.39 -54.31
CA UNK I 131 -106.27 -124.71 -54.10
C UNK I 131 -107.06 -123.58 -53.46
N UNK I 132 -106.44 -122.43 -53.23
CA UNK I 132 -107.14 -121.30 -52.66
C UNK I 132 -108.15 -120.69 -53.62
N UNK I 133 -108.10 -121.05 -54.89
CA UNK I 133 -109.12 -120.66 -55.85
C UNK I 133 -110.46 -121.32 -55.57
N UNK I 134 -110.51 -122.31 -54.67
CA UNK I 134 -111.78 -122.80 -54.18
C UNK I 134 -112.56 -121.69 -53.47
N UNK I 135 -111.85 -120.83 -52.74
CA UNK I 135 -112.47 -119.79 -51.93
C UNK I 135 -112.38 -118.43 -52.58
N UNK I 136 -112.51 -118.35 -53.90
CA UNK I 136 -112.58 -117.08 -54.58
C UNK I 136 -113.64 -117.14 -55.67
N UNK I 137 -117.98 -144.66 -47.48
CA UNK I 137 -117.44 -145.18 -48.73
C UNK I 137 -116.46 -144.18 -49.34
N UNK I 138 -115.29 -144.05 -48.73
CA UNK I 138 -114.32 -143.07 -49.18
C UNK I 138 -113.54 -143.59 -50.38
N UNK I 139 -112.89 -142.66 -51.07
CA UNK I 139 -111.83 -143.05 -51.99
C UNK I 139 -110.69 -143.73 -51.23
N UNK I 140 -110.38 -143.22 -50.04
CA UNK I 140 -109.44 -143.86 -49.16
C UNK I 140 -109.96 -145.16 -48.58
N UNK I 141 -111.27 -145.41 -48.64
CA UNK I 141 -111.77 -146.71 -48.19
C UNK I 141 -111.35 -147.81 -49.14
N UNK I 142 -111.16 -147.47 -50.42
CA UNK I 142 -110.55 -148.41 -51.35
C UNK I 142 -109.15 -148.80 -50.89
N UNK I 143 -108.40 -147.83 -50.36
CA UNK I 143 -107.12 -148.15 -49.76
C UNK I 143 -107.30 -148.90 -48.46
N UNK I 144 -108.32 -148.55 -47.69
CA UNK I 144 -108.53 -149.16 -46.37
C UNK I 144 -108.97 -150.61 -46.48
N UNK I 145 -109.44 -151.02 -47.65
CA UNK I 145 -109.57 -152.44 -47.95
C UNK I 145 -108.39 -152.98 -48.74
N UNK I 146 -107.73 -152.12 -49.53
CA UNK I 146 -106.71 -152.59 -50.45
C UNK I 146 -105.40 -152.90 -49.74
N UNK I 147 -104.92 -151.97 -48.92
CA UNK I 147 -103.78 -152.24 -48.07
C UNK I 147 -104.11 -153.28 -47.01
N UNK I 148 -105.39 -153.40 -46.64
CA UNK I 148 -105.81 -154.48 -45.76
C UNK I 148 -105.62 -155.83 -46.44
N UNK I 149 -106.01 -155.93 -47.71
CA UNK I 149 -105.78 -157.16 -48.44
C UNK I 149 -104.30 -157.37 -48.73
N UNK I 150 -103.53 -156.30 -48.83
CA UNK I 150 -102.11 -156.41 -49.14
C UNK I 150 -101.25 -156.67 -47.91
N UNK I 151 -101.77 -156.42 -46.72
CA UNK I 151 -100.98 -156.62 -45.51
C UNK I 151 -101.51 -157.72 -44.61
N UNK I 152 -102.83 -157.86 -44.51
CA UNK I 152 -103.45 -158.91 -43.71
C UNK I 152 -103.68 -160.17 -44.50
N UNK I 153 -102.89 -160.40 -45.54
CA UNK I 153 -102.94 -161.64 -46.29
C UNK I 153 -101.92 -162.65 -45.81
N UNK I 154 -100.89 -162.21 -45.10
CA UNK I 154 -99.95 -163.17 -44.52
C UNK I 154 -100.62 -164.00 -43.44
N UNK I 155 -101.62 -163.44 -42.76
CA UNK I 155 -102.46 -164.20 -41.86
C UNK I 155 -103.86 -163.62 -41.87
N UNK I 156 -90.86 -142.91 -8.35
CA UNK I 156 -90.22 -141.86 -9.12
C UNK I 156 -91.17 -141.30 -10.17
N UNK I 157 -92.30 -141.95 -10.35
CA UNK I 157 -93.30 -141.34 -11.21
C UNK I 157 -94.68 -141.24 -10.58
N UNK I 158 -95.10 -142.25 -9.83
CA UNK I 158 -96.52 -142.30 -9.47
C UNK I 158 -96.85 -141.48 -8.23
N UNK I 159 -96.41 -141.96 -7.07
CA UNK I 159 -96.80 -141.48 -5.73
C UNK I 159 -98.32 -141.30 -5.59
N UNK I 160 -99.11 -142.09 -6.29
CA UNK I 160 -100.52 -141.78 -6.45
C UNK I 160 -101.34 -142.46 -5.37
N UNK I 161 -102.21 -141.69 -4.74
CA UNK I 161 -103.09 -142.18 -3.70
C UNK I 161 -104.50 -142.32 -4.26
N UNK I 162 -105.33 -143.04 -3.53
CA UNK I 162 -106.65 -143.38 -3.99
C UNK I 162 -107.69 -142.90 -2.99
N UNK I 163 -108.95 -143.14 -3.35
CA UNK I 163 -110.08 -142.93 -2.45
C UNK I 163 -111.21 -143.80 -2.97
N UNK I 164 -112.23 -143.98 -2.13
CA UNK I 164 -113.38 -144.80 -2.51
C UNK I 164 -114.64 -143.95 -2.64
N UNK I 165 -115.05 -143.27 -1.57
CA UNK I 165 -116.13 -142.27 -1.55
C UNK I 165 -117.46 -142.82 -2.05
N UNK I 166 -117.97 -143.82 -1.34
CA UNK I 166 -119.21 -144.47 -1.72
C UNK I 166 -120.38 -143.90 -0.92
N UNK I 167 -121.59 -144.17 -1.43
CA UNK I 167 -122.88 -143.91 -0.78
C UNK I 167 -123.10 -142.43 -0.44
N UNK I 168 -123.33 -141.59 -1.47
CA UNK I 168 -123.49 -141.93 -2.89
C UNK I 168 -122.81 -140.94 -3.85
N UNK I 169 -122.43 -139.76 -3.35
CA UNK I 169 -122.00 -138.66 -4.20
C UNK I 169 -120.54 -138.32 -3.95
N UNK I 170 -119.87 -137.89 -5.02
CA UNK I 170 -118.41 -137.78 -5.06
C UNK I 170 -117.92 -136.53 -4.35
N UNK I 171 -116.59 -136.42 -4.25
CA UNK I 171 -115.94 -135.22 -3.75
C UNK I 171 -115.10 -134.54 -4.80
N UNK I 172 -114.11 -135.23 -5.36
CA UNK I 172 -113.08 -134.59 -6.17
C UNK I 172 -112.32 -135.67 -6.92
N UNK I 173 -111.51 -135.24 -7.88
CA UNK I 173 -110.65 -136.14 -8.63
C UNK I 173 -109.29 -135.52 -8.88
N UNK I 174 -108.71 -134.91 -7.85
CA UNK I 174 -107.67 -133.93 -8.10
C UNK I 174 -106.32 -134.60 -8.35
N UNK I 175 -105.37 -133.81 -8.85
CA UNK I 175 -104.07 -134.36 -9.19
C UNK I 175 -103.01 -133.29 -9.04
N UNK I 176 -102.05 -133.53 -8.15
CA UNK I 176 -100.95 -132.60 -7.94
C UNK I 176 -99.83 -133.00 -8.88
N UNK I 177 -99.55 -132.13 -9.86
CA UNK I 177 -98.58 -132.44 -10.90
C UNK I 177 -97.38 -131.52 -10.69
N UNK I 178 -96.27 -132.09 -10.25
CA UNK I 178 -95.08 -131.29 -10.04
C UNK I 178 -94.30 -131.23 -11.33
N UNK I 179 -93.87 -130.04 -11.72
CA UNK I 179 -93.00 -129.86 -12.87
C UNK I 179 -91.56 -129.96 -12.40
N UNK I 180 -90.62 -129.50 -13.19
CA UNK I 180 -89.20 -129.72 -12.95
C UNK I 180 -88.70 -129.00 -11.70
N UNK I 181 -87.43 -129.19 -11.40
CA UNK I 181 -86.84 -128.80 -10.13
C UNK I 181 -85.99 -127.54 -10.30
N UNK I 182 -85.95 -126.67 -9.28
CA UNK I 182 -86.76 -126.65 -8.05
C UNK I 182 -86.93 -125.18 -7.66
N UNK I 183 -87.40 -124.97 -6.41
CA UNK I 183 -87.36 -123.68 -5.71
C UNK I 183 -88.14 -122.60 -6.46
N UNK I 184 -89.44 -122.84 -6.57
CA UNK I 184 -90.33 -121.92 -7.29
C UNK I 184 -91.73 -122.07 -6.72
N UNK I 185 -92.71 -121.55 -7.45
CA UNK I 185 -94.04 -121.33 -6.89
C UNK I 185 -94.96 -122.52 -7.15
N UNK I 186 -96.24 -122.31 -6.88
CA UNK I 186 -97.28 -123.26 -7.16
C UNK I 186 -98.40 -122.55 -7.89
N UNK I 187 -99.20 -123.32 -8.61
CA UNK I 187 -100.37 -122.79 -9.29
C UNK I 187 -101.44 -123.85 -9.30
N UNK I 188 -102.62 -123.52 -8.81
CA UNK I 188 -103.71 -124.47 -8.65
C UNK I 188 -104.72 -124.24 -9.76
N UNK I 189 -104.49 -124.87 -10.90
CA UNK I 189 -105.41 -124.77 -12.02
C UNK I 189 -106.67 -125.55 -11.67
N UNK I 190 -107.75 -124.84 -11.41
CA UNK I 190 -109.04 -125.47 -11.25
C UNK I 190 -109.60 -125.62 -12.65
N UNK I 191 -109.43 -126.80 -13.24
CA UNK I 191 -109.96 -127.03 -14.56
C UNK I 191 -111.48 -127.12 -14.49
N UNK I 192 -112.15 -126.40 -15.39
CA UNK I 192 -113.59 -126.61 -15.57
C UNK I 192 -113.80 -128.03 -16.05
N UNK I 193 -113.41 -128.30 -17.30
CA UNK I 193 -113.04 -129.65 -17.70
C UNK I 193 -111.93 -129.62 -18.74
N UNK I 194 -111.23 -128.49 -18.89
CA UNK I 194 -110.82 -127.94 -20.18
C UNK I 194 -109.99 -128.82 -21.09
N UNK I 195 -108.73 -129.10 -20.71
CA UNK I 195 -107.73 -129.77 -21.56
C UNK I 195 -107.59 -129.13 -22.94
N UNK I 196 -107.66 -127.82 -23.00
CA UNK I 196 -107.37 -127.07 -24.22
C UNK I 196 -106.23 -126.09 -24.05
N UNK I 197 -106.28 -125.27 -23.01
CA UNK I 197 -105.15 -124.45 -22.58
C UNK I 197 -104.33 -125.16 -21.53
N UNK I 198 -104.41 -126.49 -21.49
CA UNK I 198 -103.64 -127.24 -20.52
C UNK I 198 -102.15 -127.08 -20.78
N UNK I 199 -101.76 -127.18 -22.05
CA UNK I 199 -100.36 -126.94 -22.39
C UNK I 199 -100.01 -125.48 -22.19
N UNK I 200 -100.98 -124.58 -22.28
CA UNK I 200 -100.73 -123.16 -22.06
C UNK I 200 -100.39 -122.90 -20.61
N UNK I 201 -101.21 -123.42 -19.70
CA UNK I 201 -100.88 -123.24 -18.30
C UNK I 201 -99.67 -124.07 -17.89
N UNK I 202 -99.36 -125.15 -18.60
CA UNK I 202 -98.12 -125.87 -18.30
C UNK I 202 -96.91 -125.05 -18.68
N UNK I 203 -96.96 -124.38 -19.83
CA UNK I 203 -95.88 -123.48 -20.17
C UNK I 203 -95.89 -122.24 -19.29
N UNK I 204 -97.02 -121.93 -18.68
CA UNK I 204 -97.04 -120.85 -17.69
C UNK I 204 -96.33 -121.28 -16.42
N UNK I 205 -96.62 -122.49 -15.94
CA UNK I 205 -95.99 -123.00 -14.73
C UNK I 205 -94.60 -123.51 -14.99
N UNK I 206 -94.12 -123.44 -16.23
CA UNK I 206 -92.71 -123.67 -16.50
C UNK I 206 -91.83 -122.66 -15.77
N UNK I 207 -92.35 -121.47 -15.51
CA UNK I 207 -91.66 -120.57 -14.61
C UNK I 207 -91.84 -120.97 -13.15
N UNK I 208 -92.84 -121.76 -12.85
CA UNK I 208 -93.17 -122.17 -11.48
C UNK I 208 -92.52 -123.51 -11.14
N UNK I 209 -92.97 -124.15 -10.06
CA UNK I 209 -92.54 -125.49 -9.66
C UNK I 209 -93.66 -126.52 -9.62
N UNK I 210 -94.81 -126.20 -9.02
CA UNK I 210 -95.80 -127.24 -8.74
C UNK I 210 -97.17 -126.79 -9.18
N UNK I 211 -97.77 -127.49 -10.13
CA UNK I 211 -99.14 -127.24 -10.49
C UNK I 211 -100.05 -128.23 -9.78
N UNK I 212 -101.33 -127.88 -9.72
CA UNK I 212 -102.31 -128.78 -9.15
C UNK I 212 -103.62 -128.64 -9.91
N UNK I 213 -104.06 -129.72 -10.52
CA UNK I 213 -105.28 -129.70 -11.31
C UNK I 213 -106.45 -130.17 -10.47
N UNK I 214 -107.54 -129.43 -10.52
CA UNK I 214 -108.74 -129.79 -9.77
C UNK I 214 -109.67 -130.61 -10.65
N UNK I 215 -109.70 -131.92 -10.37
CA UNK I 215 -110.60 -132.99 -10.83
C UNK I 215 -110.40 -133.41 -12.27
N UNK I 216 -109.89 -132.52 -13.11
CA UNK I 216 -109.01 -132.76 -14.26
C UNK I 216 -109.50 -133.66 -15.38
N UNK I 217 -110.29 -134.69 -15.08
CA UNK I 217 -111.27 -135.41 -15.91
C UNK I 217 -110.83 -135.91 -17.29
N UNK I 218 -109.87 -135.24 -17.92
CA UNK I 218 -109.25 -135.72 -19.15
C UNK I 218 -107.80 -135.26 -19.16
N UNK I 219 -107.55 -134.16 -18.46
CA UNK I 219 -106.23 -133.54 -18.52
C UNK I 219 -105.21 -134.38 -17.78
N UNK I 220 -105.55 -134.79 -16.56
CA UNK I 220 -104.68 -135.71 -15.84
C UNK I 220 -104.64 -137.07 -16.49
N UNK I 221 -105.70 -137.44 -17.21
CA UNK I 221 -105.70 -138.70 -17.94
C UNK I 221 -104.65 -138.71 -19.04
N UNK I 222 -104.67 -137.68 -19.89
CA UNK I 222 -103.66 -137.58 -20.95
C UNK I 222 -102.29 -137.30 -20.38
N UNK I 223 -102.21 -136.55 -19.28
CA UNK I 223 -100.93 -136.28 -18.64
C UNK I 223 -100.31 -137.54 -18.08
N UNK I 224 -101.12 -138.37 -17.44
CA UNK I 224 -100.65 -139.64 -16.92
C UNK I 224 -100.30 -140.58 -18.04
N UNK I 225 -101.05 -140.50 -19.14
CA UNK I 225 -100.75 -141.33 -20.31
C UNK I 225 -99.38 -141.01 -20.87
N UNK I 226 -99.04 -139.73 -20.94
CA UNK I 226 -97.70 -139.37 -21.36
C UNK I 226 -96.67 -139.79 -20.33
N UNK I 227 -96.95 -139.50 -19.06
CA UNK I 227 -95.95 -139.66 -18.02
C UNK I 227 -95.62 -141.12 -17.75
N UNK I 228 -96.57 -142.02 -18.03
CA UNK I 228 -96.30 -143.43 -17.79
C UNK I 228 -95.42 -144.01 -18.87
N UNK I 229 -95.90 -143.97 -20.11
CA UNK I 229 -95.18 -144.64 -21.17
C UNK I 229 -94.08 -143.80 -21.77
N UNK I 230 -93.80 -142.62 -21.23
CA UNK I 230 -92.78 -141.73 -21.77
C UNK I 230 -91.39 -142.33 -21.81
N UNK I 231 -90.81 -142.62 -20.65
CA UNK I 231 -89.49 -143.22 -20.63
C UNK I 231 -89.50 -144.66 -21.12
N UNK I 232 -90.66 -145.31 -21.06
CA UNK I 232 -90.82 -146.67 -21.56
C UNK I 232 -90.60 -146.72 -23.06
N UNK I 233 -91.49 -146.09 -23.81
CA UNK I 233 -91.40 -146.10 -25.25
C UNK I 233 -90.36 -145.14 -25.78
N UNK I 234 -89.78 -144.31 -24.90
CA UNK I 234 -88.82 -143.31 -25.33
C UNK I 234 -87.54 -143.93 -25.86
N UNK I 235 -87.21 -145.14 -25.38
CA UNK I 235 -86.10 -145.89 -25.94
C UNK I 235 -86.41 -146.50 -27.30
N UNK I 236 -87.60 -146.28 -27.84
CA UNK I 236 -87.94 -146.65 -29.19
C UNK I 236 -88.03 -145.45 -30.12
N UNK I 237 -88.76 -144.41 -29.71
CA UNK I 237 -88.90 -143.12 -30.41
C UNK I 237 -89.47 -143.32 -31.82
N UNK I 238 -90.72 -143.74 -31.88
CA UNK I 238 -91.36 -144.13 -33.13
C UNK I 238 -92.51 -143.19 -33.50
N UNK I 239 -92.94 -143.30 -34.75
CA UNK I 239 -94.08 -142.56 -35.31
C UNK I 239 -94.97 -143.52 -36.08
N UNK I 240 -96.17 -143.07 -36.44
CA UNK I 240 -97.15 -144.02 -36.94
C UNK I 240 -98.08 -143.35 -37.94
N UNK I 241 -99.10 -144.11 -38.37
CA UNK I 241 -100.09 -143.65 -39.32
C UNK I 241 -101.31 -144.55 -39.17
N UNK I 242 -102.40 -144.00 -38.65
CA UNK I 242 -103.55 -144.80 -38.21
C UNK I 242 -104.72 -144.55 -39.14
N UNK I 243 -105.12 -145.60 -39.88
CA UNK I 243 -106.31 -145.54 -40.72
C UNK I 243 -107.21 -146.68 -40.25
N UNK I 244 -107.98 -146.43 -39.19
CA UNK I 244 -108.65 -147.48 -38.46
C UNK I 244 -110.09 -147.61 -38.93
N UNK I 245 -110.51 -148.84 -39.23
CA UNK I 245 -111.85 -149.14 -39.72
C UNK I 245 -112.83 -149.04 -38.55
N UNK I 246 -113.20 -147.82 -38.21
CA UNK I 246 -113.90 -147.56 -36.96
C UNK I 246 -115.33 -148.07 -37.03
N UNK I 247 -115.49 -149.36 -36.75
CA UNK I 247 -116.77 -150.03 -36.78
C UNK I 247 -117.32 -150.36 -35.41
N UNK I 248 -116.47 -150.40 -34.38
CA UNK I 248 -116.92 -150.61 -33.01
C UNK I 248 -117.03 -149.28 -32.29
N UNK I 249 -117.54 -148.26 -32.99
CA UNK I 249 -117.40 -146.86 -32.60
C UNK I 249 -118.22 -146.60 -31.34
N UNK I 250 -117.52 -146.64 -30.22
CA UNK I 250 -118.06 -146.39 -28.90
C UNK I 250 -116.92 -145.78 -28.10
N UNK I 251 -117.01 -145.85 -26.78
CA UNK I 251 -115.93 -145.33 -25.95
C UNK I 251 -114.64 -146.12 -26.16
N UNK I 252 -113.56 -145.40 -26.36
CA UNK I 252 -112.24 -146.02 -26.44
C UNK I 252 -111.67 -146.15 -25.03
N UNK I 253 -110.38 -146.44 -24.93
CA UNK I 253 -109.81 -146.81 -23.64
C UNK I 253 -108.64 -145.91 -23.30
N UNK I 254 -108.04 -146.19 -22.15
CA UNK I 254 -107.03 -145.36 -21.53
C UNK I 254 -106.09 -146.26 -20.74
N UNK I 255 -105.35 -145.68 -19.79
CA UNK I 255 -104.41 -146.42 -18.95
C UNK I 255 -104.60 -146.06 -17.48
N UNK I 256 -105.85 -146.06 -17.03
CA UNK I 256 -106.15 -145.81 -15.62
C UNK I 256 -105.71 -146.96 -14.75
N UNK I 257 -112.09 -154.36 -37.73
CA UNK I 257 -110.66 -154.18 -37.51
C UNK I 257 -110.36 -152.73 -37.23
N UNK I 258 -109.13 -152.43 -36.84
CA UNK I 258 -108.69 -151.04 -36.69
C UNK I 258 -107.25 -150.98 -37.17
N UNK I 259 -107.04 -150.58 -38.42
CA UNK I 259 -105.74 -150.65 -39.04
C UNK I 259 -104.89 -149.44 -38.68
N UNK I 260 -103.66 -149.70 -38.25
CA UNK I 260 -102.68 -148.65 -38.04
C UNK I 260 -101.32 -149.21 -38.41
N UNK I 261 -100.63 -148.54 -39.31
CA UNK I 261 -99.29 -148.92 -39.71
C UNK I 261 -98.33 -147.96 -39.06
N UNK I 262 -97.47 -148.46 -38.20
CA UNK I 262 -96.46 -147.65 -37.55
C UNK I 262 -95.16 -147.75 -38.31
N UNK I 263 -94.50 -146.63 -38.51
CA UNK I 263 -93.27 -146.59 -39.28
C UNK I 263 -92.34 -145.62 -38.58
N UNK I 264 -91.24 -146.14 -38.02
CA UNK I 264 -90.26 -145.26 -37.42
C UNK I 264 -89.55 -144.51 -38.52
N UNK I 265 -90.08 -143.35 -38.90
CA UNK I 265 -89.80 -142.74 -40.19
C UNK I 265 -88.40 -142.17 -40.26
N UNK I 266 -87.41 -143.04 -40.26
CA UNK I 266 -86.03 -142.61 -40.26
C UNK I 266 -85.21 -143.22 -41.38
N UNK I 267 -85.43 -144.49 -41.71
CA UNK I 267 -84.47 -145.18 -42.58
C UNK I 267 -85.14 -146.39 -43.23
N UNK I 268 -84.32 -147.32 -43.70
CA UNK I 268 -84.70 -148.56 -44.37
C UNK I 268 -84.19 -149.74 -43.54
N UNK I 269 -84.82 -150.93 -43.62
CA UNK I 269 -86.03 -151.27 -44.39
C UNK I 269 -87.01 -152.26 -43.74
N UNK I 270 -86.75 -152.74 -42.53
CA UNK I 270 -87.42 -153.96 -42.05
C UNK I 270 -88.89 -153.69 -41.70
N UNK I 271 -89.72 -154.72 -41.92
CA UNK I 271 -91.16 -154.61 -41.75
C UNK I 271 -91.71 -155.83 -41.01
N UNK I 272 -92.86 -155.64 -40.34
CA UNK I 272 -93.52 -156.72 -39.62
C UNK I 272 -95.02 -156.48 -39.59
N UNK I 273 -95.76 -157.42 -39.00
CA UNK I 273 -97.21 -157.31 -38.92
C UNK I 273 -97.74 -158.18 -37.79
N UNK I 274 -98.86 -157.76 -37.18
CA UNK I 274 -99.53 -158.53 -36.14
C UNK I 274 -100.96 -158.00 -35.97
N UNK I 275 -101.73 -158.66 -35.09
CA UNK I 275 -103.05 -158.29 -34.56
C UNK I 275 -103.47 -159.30 -33.50
N UNK I 276 -104.25 -158.94 -32.45
CA UNK I 276 -104.65 -157.60 -32.01
C UNK I 276 -104.85 -157.58 -30.48
N UNK I 277 -103.80 -157.28 -29.70
CA UNK I 277 -104.00 -157.46 -28.26
C UNK I 277 -103.23 -156.52 -27.33
N UNK I 278 -102.71 -155.37 -27.82
CA UNK I 278 -102.04 -154.34 -27.02
C UNK I 278 -100.76 -154.76 -26.32
N UNK I 279 -100.34 -156.02 -26.45
CA UNK I 279 -99.09 -156.47 -25.87
C UNK I 279 -97.92 -156.18 -26.77
N UNK I 280 -98.16 -155.57 -27.92
CA UNK I 280 -97.17 -155.43 -28.96
C UNK I 280 -96.24 -154.28 -28.73
N UNK I 281 -96.12 -153.75 -27.52
CA UNK I 281 -95.01 -152.86 -27.25
C UNK I 281 -93.69 -153.62 -27.29
N UNK I 282 -93.70 -154.91 -26.97
CA UNK I 282 -92.50 -155.72 -27.12
C UNK I 282 -92.17 -155.94 -28.60
N UNK I 283 -93.18 -156.25 -29.40
CA UNK I 283 -92.99 -156.35 -30.83
C UNK I 283 -92.57 -155.02 -31.43
N UNK I 284 -93.07 -153.91 -30.86
CA UNK I 284 -92.64 -152.59 -31.28
C UNK I 284 -91.21 -152.31 -30.90
N UNK I 285 -90.75 -152.87 -29.79
CA UNK I 285 -89.34 -152.78 -29.45
C UNK I 285 -88.50 -153.56 -30.44
N UNK I 286 -89.00 -154.71 -30.87
CA UNK I 286 -88.31 -155.49 -31.89
C UNK I 286 -88.26 -154.73 -33.20
N UNK I 287 -89.35 -154.08 -33.56
CA UNK I 287 -89.38 -153.32 -34.81
C UNK I 287 -88.53 -152.07 -34.73
N UNK I 288 -88.46 -151.45 -33.54
CA UNK I 288 -87.62 -150.28 -33.37
C UNK I 288 -86.16 -150.66 -33.39
N UNK I 289 -85.84 -151.89 -32.99
CA UNK I 289 -84.53 -152.42 -33.31
C UNK I 289 -84.40 -152.66 -34.80
N UNK I 290 -85.51 -153.02 -35.45
CA UNK I 290 -85.42 -153.59 -36.78
C UNK I 290 -85.29 -152.55 -37.89
N UNK I 291 -85.89 -151.35 -37.73
CA UNK I 291 -85.85 -150.27 -38.73
C UNK I 291 -86.47 -150.69 -40.08
N UNK I 292 -87.78 -150.60 -40.25
CA UNK I 292 -88.56 -149.57 -39.56
C UNK I 292 -90.01 -149.78 -39.10
N UNK I 293 -90.72 -150.80 -39.58
CA UNK I 293 -92.17 -150.69 -39.59
C UNK I 293 -92.87 -151.91 -39.04
N UNK I 294 -94.07 -151.67 -38.55
CA UNK I 294 -94.94 -152.72 -38.05
C UNK I 294 -96.39 -152.36 -38.35
N UNK I 295 -97.11 -153.28 -38.94
CA UNK I 295 -98.52 -153.06 -39.17
C UNK I 295 -99.34 -153.77 -38.12
N UNK I 296 -100.49 -153.19 -37.78
CA UNK I 296 -101.37 -153.85 -36.85
C UNK I 296 -102.80 -153.49 -37.18
N UNK I 297 -103.72 -154.37 -36.82
CA UNK I 297 -105.15 -154.10 -36.94
C UNK I 297 -105.75 -154.41 -35.58
N UNK I 298 -105.67 -153.45 -34.68
CA UNK I 298 -106.07 -153.62 -33.30
C UNK I 298 -107.52 -153.20 -33.11
N UNK I 299 -107.97 -153.20 -31.85
CA UNK I 299 -109.31 -152.78 -31.49
C UNK I 299 -109.31 -151.60 -30.55
N UNK I 300 -108.50 -151.62 -29.50
CA UNK I 300 -108.35 -150.47 -28.62
C UNK I 300 -106.91 -150.28 -28.18
N UNK I 301 -105.97 -150.63 -29.05
CA UNK I 301 -104.55 -150.60 -28.71
C UNK I 301 -103.78 -149.54 -29.48
N UNK I 302 -104.03 -149.45 -30.79
CA UNK I 302 -103.30 -148.52 -31.64
C UNK I 302 -103.60 -147.08 -31.28
N UNK I 303 -104.81 -146.82 -30.78
CA UNK I 303 -105.13 -145.50 -30.28
C UNK I 303 -104.25 -145.13 -29.10
N UNK I 304 -103.96 -146.09 -28.22
CA UNK I 304 -103.09 -145.80 -27.08
C UNK I 304 -101.65 -145.61 -27.54
N UNK I 305 -101.23 -146.38 -28.53
CA UNK I 305 -99.88 -146.20 -29.07
C UNK I 305 -99.74 -144.84 -29.75
N UNK I 306 -100.79 -144.39 -30.44
CA UNK I 306 -100.74 -143.08 -31.09
C UNK I 306 -100.81 -141.95 -30.08
N UNK I 307 -101.54 -142.16 -28.98
CA UNK I 307 -101.53 -141.20 -27.88
C UNK I 307 -100.15 -141.10 -27.26
N UNK I 308 -99.42 -142.20 -27.24
CA UNK I 308 -98.03 -142.13 -26.79
C UNK I 308 -97.17 -141.38 -27.80
N UNK I 309 -97.38 -141.64 -29.08
CA UNK I 309 -96.44 -141.18 -30.09
C UNK I 309 -96.64 -139.74 -30.49
N UNK I 310 -97.87 -139.24 -30.48
CA UNK I 310 -98.12 -137.86 -30.86
C UNK I 310 -98.01 -136.92 -29.68
N UNK I 311 -97.31 -137.32 -28.62
CA UNK I 311 -97.15 -136.44 -27.47
C UNK I 311 -96.06 -135.41 -27.77
N UNK I 312 -94.82 -135.88 -27.91
CA UNK I 312 -93.61 -135.06 -28.09
C UNK I 312 -93.54 -133.89 -27.11
N UNK I 313 -93.95 -134.16 -25.86
CA UNK I 313 -94.08 -133.11 -24.86
C UNK I 313 -92.75 -132.89 -24.15
N UNK I 314 -91.77 -132.48 -24.95
CA UNK I 314 -90.51 -132.00 -24.44
C UNK I 314 -90.57 -130.51 -24.16
N UNK I 315 -91.77 -129.98 -23.86
CA UNK I 315 -91.88 -128.67 -23.26
C UNK I 315 -91.11 -128.74 -21.96
N UNK I 316 -91.59 -129.49 -20.97
CA UNK I 316 -90.60 -130.04 -20.04
C UNK I 316 -90.74 -131.52 -19.74
N UNK I 317 -91.75 -131.86 -18.93
CA UNK I 317 -91.84 -133.12 -18.21
C UNK I 317 -93.07 -133.12 -17.31
N UNK I 318 -93.27 -134.19 -16.53
CA UNK I 318 -94.14 -134.19 -15.38
C UNK I 318 -93.74 -135.33 -14.45
N UNK I 319 -93.76 -135.08 -13.15
CA UNK I 319 -93.60 -136.13 -12.14
C UNK I 319 -94.86 -136.08 -11.28
N UNK I 320 -95.90 -136.76 -11.74
CA UNK I 320 -97.24 -136.49 -11.27
C UNK I 320 -97.50 -137.13 -9.91
N UNK I 321 -98.68 -136.84 -9.37
CA UNK I 321 -99.30 -137.60 -8.29
C UNK I 321 -100.79 -137.31 -8.32
N UNK I 322 -101.59 -138.27 -7.91
CA UNK I 322 -103.02 -138.16 -8.08
C UNK I 322 -103.76 -138.48 -6.80
N UNK I 323 -105.04 -138.12 -6.78
CA UNK I 323 -106.02 -138.66 -5.83
C UNK I 323 -107.37 -138.48 -6.51
N UNK I 324 -107.88 -139.54 -7.13
CA UNK I 324 -108.88 -139.35 -8.17
C UNK I 324 -110.25 -139.93 -7.84
N UNK I 325 -110.34 -141.24 -7.63
CA UNK I 325 -111.58 -141.95 -7.28
C UNK I 325 -112.79 -141.80 -8.23
N UNK I 326 -112.63 -141.30 -9.46
CA UNK I 326 -113.80 -141.09 -10.31
C UNK I 326 -113.49 -140.93 -11.79
N UNK I 327 -114.40 -141.46 -12.61
CA UNK I 327 -114.92 -140.80 -13.82
C UNK I 327 -113.86 -140.47 -14.87
N UNK I 328 -113.38 -141.52 -15.56
CA UNK I 328 -112.52 -141.28 -16.73
C UNK I 328 -112.70 -142.40 -17.75
N UNK I 329 -113.46 -142.14 -18.84
CA UNK I 329 -113.41 -143.03 -20.00
C UNK I 329 -113.03 -142.31 -21.30
N UNK I 330 -113.90 -141.47 -21.86
CA UNK I 330 -113.67 -140.32 -22.76
C UNK I 330 -112.53 -140.36 -23.76
N UNK I 331 -112.46 -141.34 -24.67
CA UNK I 331 -111.27 -141.45 -25.52
C UNK I 331 -111.58 -141.67 -27.00
N UNK I 332 -112.82 -141.45 -27.42
CA UNK I 332 -113.18 -141.55 -28.83
C UNK I 332 -113.20 -140.19 -29.50
N UNK I 333 -112.34 -139.28 -29.08
CA UNK I 333 -112.50 -137.88 -29.38
C UNK I 333 -111.55 -137.42 -30.47
N UNK I 334 -111.86 -136.25 -31.00
CA UNK I 334 -111.07 -135.60 -32.02
C UNK I 334 -111.18 -134.09 -31.83
N UNK I 335 -110.07 -133.37 -31.95
CA UNK I 335 -108.76 -133.95 -32.24
C UNK I 335 -107.90 -134.20 -31.02
N UNK I 336 -107.50 -133.11 -30.36
CA UNK I 336 -106.52 -133.08 -29.26
C UNK I 336 -105.18 -133.72 -29.62
N UNK I 337 -104.93 -133.94 -30.89
CA UNK I 337 -103.89 -134.83 -31.41
C UNK I 337 -103.90 -134.65 -32.92
N UNK I 338 -103.11 -135.45 -33.62
CA UNK I 338 -103.09 -135.42 -35.07
C UNK I 338 -102.68 -136.79 -35.59
N UNK I 339 -102.57 -136.88 -36.91
CA UNK I 339 -102.00 -138.05 -37.58
C UNK I 339 -101.34 -137.55 -38.86
N UNK I 340 -100.16 -138.10 -39.16
CA UNK I 340 -99.31 -137.53 -40.19
C UNK I 340 -99.88 -137.75 -41.57
N UNK I 341 -100.00 -139.00 -41.99
CA UNK I 341 -100.70 -139.33 -43.21
C UNK I 341 -101.47 -140.60 -42.94
N UNK I 342 -102.29 -140.99 -43.92
CA UNK I 342 -103.16 -142.15 -43.87
C UNK I 342 -104.03 -142.12 -42.61
N UNK I 343 -104.79 -141.05 -42.48
CA UNK I 343 -105.56 -140.79 -41.27
C UNK I 343 -107.03 -141.02 -41.58
N UNK I 344 -107.48 -142.26 -41.48
CA UNK I 344 -108.84 -142.63 -41.82
C UNK I 344 -109.46 -143.40 -40.66
N UNK I 345 -109.97 -142.67 -39.68
CA UNK I 345 -110.81 -143.24 -38.65
C UNK I 345 -112.24 -142.83 -39.00
N UNK I 346 -113.10 -143.81 -39.27
CA UNK I 346 -114.45 -143.53 -39.70
C UNK I 346 -115.31 -143.06 -38.53
N UNK I 347 -116.56 -142.70 -38.84
CA UNK I 347 -117.50 -142.29 -37.80
C UNK I 347 -118.91 -142.52 -38.31
N UNK I 348 -119.52 -143.63 -37.88
CA UNK I 348 -120.90 -144.03 -38.20
C UNK I 348 -121.14 -144.02 -39.71
N UNK I 349 -120.34 -144.84 -40.41
CA UNK I 349 -120.25 -144.92 -41.87
C UNK I 349 -119.91 -143.56 -42.49
N UNK I 350 -118.85 -142.94 -41.97
CA UNK I 350 -118.34 -141.71 -42.56
C UNK I 350 -117.57 -141.98 -43.84
N UNK I 351 -82.58 -93.01 -88.58
CA UNK I 351 -83.37 -92.69 -89.76
C UNK I 351 -83.45 -91.20 -90.04
N UNK I 352 -91.02 -83.03 -93.79
CA UNK I 352 -91.76 -81.95 -93.16
C UNK I 352 -91.01 -80.63 -93.27
N UNK I 353 -90.92 -79.91 -92.14
CA UNK I 353 -90.62 -78.48 -92.11
C UNK I 353 -91.51 -77.72 -93.09
N UNK I 354 -92.80 -77.82 -92.82
CA UNK I 354 -93.79 -77.17 -93.68
C UNK I 354 -93.92 -75.71 -93.33
N UNK I 355 -94.00 -74.87 -94.36
CA UNK I 355 -94.14 -73.43 -94.19
C UNK I 355 -95.60 -73.02 -94.11
N UNK I 356 -96.37 -73.25 -95.17
CA UNK I 356 -97.75 -72.74 -95.29
C UNK I 356 -98.70 -73.78 -95.90
N UNK I 357 -98.66 -75.00 -95.40
CA UNK I 357 -99.35 -76.13 -96.00
C UNK I 357 -100.46 -76.62 -95.06
N UNK I 358 -100.90 -77.87 -95.26
CA UNK I 358 -102.04 -78.51 -94.60
C UNK I 358 -102.13 -78.42 -93.08
N UNK I 359 -101.06 -77.96 -92.41
CA UNK I 359 -101.11 -77.41 -91.05
C UNK I 359 -101.46 -78.37 -89.91
N UNK I 360 -100.49 -79.20 -89.52
CA UNK I 360 -100.38 -79.75 -88.16
C UNK I 360 -101.43 -80.82 -87.81
N UNK I 361 -101.49 -81.85 -88.65
CA UNK I 361 -101.88 -83.19 -88.20
C UNK I 361 -100.76 -84.12 -88.64
N UNK I 362 -100.19 -83.80 -89.81
CA UNK I 362 -98.94 -84.40 -90.21
C UNK I 362 -97.81 -84.03 -89.25
N UNK I 363 -97.92 -82.88 -88.60
CA UNK I 363 -96.96 -82.55 -87.56
C UNK I 363 -97.08 -83.48 -86.37
N UNK I 364 -98.32 -83.84 -85.98
CA UNK I 364 -98.50 -84.82 -84.94
C UNK I 364 -97.93 -86.16 -85.37
N UNK I 365 -98.09 -86.49 -86.65
CA UNK I 365 -97.47 -87.69 -87.19
C UNK I 365 -95.96 -87.62 -87.13
N UNK I 366 -95.38 -86.45 -87.35
CA UNK I 366 -93.92 -86.34 -87.30
C UNK I 366 -93.42 -86.46 -85.87
N UNK I 367 -94.16 -85.90 -84.92
CA UNK I 367 -93.79 -86.03 -83.52
C UNK I 367 -93.86 -87.48 -83.08
N UNK I 368 -94.89 -88.20 -83.50
CA UNK I 368 -94.96 -89.61 -83.19
C UNK I 368 -93.89 -90.40 -83.92
N UNK I 369 -93.51 -89.95 -85.11
CA UNK I 369 -92.46 -90.63 -85.86
C UNK I 369 -91.13 -90.55 -85.14
N UNK I 370 -90.75 -89.35 -84.70
CA UNK I 370 -89.49 -89.26 -83.96
C UNK I 370 -89.61 -89.89 -82.58
N UNK I 371 -90.81 -89.90 -82.00
CA UNK I 371 -91.01 -90.58 -80.73
C UNK I 371 -90.75 -92.07 -80.86
N UNK I 372 -91.23 -92.68 -81.93
CA UNK I 372 -90.89 -94.06 -82.19
C UNK I 372 -89.48 -94.22 -82.72
N UNK I 373 -88.87 -93.14 -83.17
CA UNK I 373 -87.48 -93.23 -83.56
C UNK I 373 -86.55 -93.18 -82.38
N UNK I 374 -87.01 -92.73 -81.23
CA UNK I 374 -86.12 -92.76 -80.07
C UNK I 374 -86.18 -94.12 -79.37
N UNK I 375 -87.33 -94.46 -78.76
CA UNK I 375 -87.48 -95.75 -78.07
C UNK I 375 -88.94 -96.07 -77.82
N UNK I 376 -89.49 -97.08 -78.52
CA UNK I 376 -90.73 -97.71 -78.06
C UNK I 376 -90.71 -99.16 -78.56
N UNK I 377 -90.12 -100.06 -77.74
CA UNK I 377 -89.81 -101.42 -78.19
C UNK I 377 -89.32 -102.32 -77.04
N UNK I 378 -88.72 -103.45 -77.46
CA UNK I 378 -87.63 -104.26 -76.87
C UNK I 378 -87.91 -105.37 -75.86
N UNK I 379 -89.15 -105.64 -75.43
CA UNK I 379 -89.69 -106.98 -75.18
C UNK I 379 -88.77 -108.11 -74.71
N UNK I 380 -87.92 -107.88 -73.71
CA UNK I 380 -86.93 -108.88 -73.29
C UNK I 380 -87.54 -109.93 -72.37
N UNK I 381 -86.71 -110.73 -71.67
CA UNK I 381 -87.27 -111.70 -70.74
C UNK I 381 -86.33 -111.92 -69.54
N UNK I 382 -86.48 -111.08 -68.51
CA UNK I 382 -86.16 -111.48 -67.15
C UNK I 382 -87.12 -110.90 -66.11
N UNK I 383 -87.47 -109.62 -66.26
CA UNK I 383 -87.92 -108.82 -65.14
C UNK I 383 -88.88 -107.74 -65.63
N UNK I 384 -89.70 -107.26 -64.71
CA UNK I 384 -90.89 -106.47 -65.07
C UNK I 384 -91.07 -105.32 -64.09
N UNK I 385 -92.26 -104.70 -64.11
CA UNK I 385 -92.58 -103.55 -63.27
C UNK I 385 -94.01 -103.56 -62.70
N UNK I 386 -94.79 -104.61 -62.92
CA UNK I 386 -96.20 -104.62 -62.49
C UNK I 386 -96.57 -106.03 -62.03
N UNK I 387 -96.59 -106.23 -60.72
CA UNK I 387 -96.65 -107.56 -60.12
C UNK I 387 -97.79 -107.65 -59.12
N UNK I 388 -98.99 -107.24 -59.52
CA UNK I 388 -100.18 -107.52 -58.73
C UNK I 388 -100.73 -108.89 -59.13
N UNK I 389 -99.97 -109.92 -58.76
CA UNK I 389 -100.17 -111.28 -59.24
C UNK I 389 -100.46 -112.25 -58.12
N UNK I 390 -101.19 -111.79 -57.12
CA UNK I 390 -101.94 -112.68 -56.24
C UNK I 390 -103.38 -112.78 -56.68
N UNK I 391 -103.61 -112.67 -57.99
CA UNK I 391 -104.91 -112.91 -58.59
C UNK I 391 -104.67 -113.57 -59.93
N UNK I 392 -105.17 -114.79 -60.11
CA UNK I 392 -104.84 -115.60 -61.28
C UNK I 392 -106.05 -116.42 -61.72
N UNK I 393 -106.78 -115.90 -62.72
CA UNK I 393 -107.87 -116.62 -63.35
C UNK I 393 -107.70 -116.70 -64.87
N UNK I 394 -106.47 -116.61 -65.35
CA UNK I 394 -106.11 -116.47 -66.75
C UNK I 394 -105.29 -117.68 -67.17
N UNK I 395 -104.69 -117.62 -68.37
CA UNK I 395 -103.96 -118.77 -68.91
C UNK I 395 -102.73 -118.33 -69.69
N UNK I 396 -101.55 -118.75 -69.24
CA UNK I 396 -100.30 -118.60 -69.99
C UNK I 396 -100.08 -119.86 -70.83
N UNK I 397 -98.95 -119.96 -71.52
CA UNK I 397 -98.63 -121.19 -72.22
C UNK I 397 -97.32 -121.80 -71.76
N UNK I 398 -96.21 -121.07 -71.78
CA UNK I 398 -94.90 -121.66 -71.54
C UNK I 398 -94.12 -120.78 -70.58
N UNK I 399 -92.89 -121.21 -70.29
CA UNK I 399 -91.98 -120.49 -69.42
C UNK I 399 -90.57 -120.99 -69.72
N UNK I 400 -89.63 -120.64 -68.86
CA UNK I 400 -88.26 -121.11 -68.95
C UNK I 400 -87.66 -121.05 -67.56
N UNK I 401 -86.34 -121.25 -67.48
CA UNK I 401 -85.65 -121.29 -66.20
C UNK I 401 -84.16 -121.18 -66.44
N UNK I 402 -83.41 -121.08 -65.35
CA UNK I 402 -81.95 -121.13 -65.38
C UNK I 402 -81.44 -121.39 -63.97
N UNK I 403 -80.14 -121.23 -63.80
CA UNK I 403 -79.47 -121.11 -62.52
C UNK I 403 -78.25 -120.23 -62.77
N UNK I 404 -77.27 -120.28 -61.90
CA UNK I 404 -76.05 -119.50 -62.11
C UNK I 404 -74.88 -120.42 -62.46
N UNK I 405 -75.15 -121.44 -63.26
CA UNK I 405 -74.27 -122.59 -63.35
C UNK I 405 -74.35 -123.20 -64.74
N UNK I 406 -73.90 -124.47 -64.86
CA UNK I 406 -73.83 -125.18 -66.11
C UNK I 406 -73.84 -126.69 -65.84
N UNK I 407 -74.40 -127.50 -66.74
CA UNK I 407 -75.23 -127.14 -67.91
C UNK I 407 -76.40 -128.09 -68.27
N UNK I 408 -76.83 -129.02 -67.42
CA UNK I 408 -77.78 -130.06 -67.84
C UNK I 408 -79.18 -129.47 -68.08
N UNK I 409 -80.14 -130.29 -68.54
CA UNK I 409 -81.42 -129.72 -68.93
C UNK I 409 -82.54 -130.77 -68.97
N UNK I 410 -83.77 -130.27 -68.84
CA UNK I 410 -84.98 -131.08 -68.96
C UNK I 410 -86.14 -130.20 -69.39
N UNK I 411 -87.28 -130.85 -69.65
CA UNK I 411 -88.49 -130.15 -70.08
C UNK I 411 -89.72 -130.99 -69.75
N UNK I 412 -90.81 -130.30 -69.42
CA UNK I 412 -92.02 -130.93 -68.91
C UNK I 412 -93.22 -130.09 -69.30
N UNK I 413 -94.42 -130.67 -69.17
CA UNK I 413 -95.65 -129.98 -69.53
C UNK I 413 -96.85 -130.64 -68.87
N UNK I 414 -97.54 -129.92 -67.99
CA UNK I 414 -98.82 -130.33 -67.38
C UNK I 414 -99.48 -129.07 -66.81
N UNK I 415 -100.39 -129.25 -65.86
CA UNK I 415 -100.76 -128.16 -64.96
C UNK I 415 -99.64 -127.96 -63.92
N UNK I 416 -99.84 -127.09 -62.94
CA UNK I 416 -98.71 -126.62 -62.15
C UNK I 416 -98.45 -127.47 -60.92
N UNK I 417 -97.46 -127.03 -60.13
CA UNK I 417 -97.16 -127.29 -58.73
C UNK I 417 -96.51 -128.63 -58.47
N UNK I 418 -96.42 -129.53 -59.43
CA UNK I 418 -95.47 -130.60 -59.29
C UNK I 418 -94.08 -130.16 -59.69
N UNK I 419 -93.99 -128.97 -60.26
CA UNK I 419 -92.76 -128.50 -60.87
C UNK I 419 -91.68 -128.23 -59.87
N UNK I 420 -92.03 -128.01 -58.60
CA UNK I 420 -91.01 -127.69 -57.62
C UNK I 420 -90.09 -128.87 -57.35
N UNK I 421 -90.65 -130.08 -57.38
CA UNK I 421 -89.82 -131.26 -57.15
C UNK I 421 -88.85 -131.47 -58.29
N UNK I 422 -89.33 -131.31 -59.53
CA UNK I 422 -88.45 -131.41 -60.67
C UNK I 422 -87.46 -130.25 -60.70
N UNK I 423 -87.86 -129.10 -60.16
CA UNK I 423 -86.97 -127.95 -60.12
C UNK I 423 -85.82 -128.20 -59.17
N UNK I 424 -86.10 -128.77 -58.01
CA UNK I 424 -85.02 -129.10 -57.11
C UNK I 424 -84.22 -130.27 -57.64
N UNK I 425 -84.84 -131.14 -58.43
CA UNK I 425 -84.08 -132.19 -59.09
C UNK I 425 -83.10 -131.59 -60.08
N UNK I 426 -83.52 -130.56 -60.81
CA UNK I 426 -82.64 -129.95 -61.78
C UNK I 426 -81.55 -129.15 -61.09
N UNK I 427 -81.88 -128.47 -60.00
CA UNK I 427 -80.87 -127.73 -59.28
C UNK I 427 -79.89 -128.67 -58.59
N UNK I 428 -80.34 -129.86 -58.24
CA UNK I 428 -79.42 -130.88 -57.77
C UNK I 428 -78.57 -131.41 -58.91
N UNK I 429 -79.14 -131.46 -60.11
CA UNK I 429 -78.34 -131.85 -61.26
C UNK I 429 -77.46 -130.73 -61.78
N UNK I 430 -77.59 -129.52 -61.23
CA UNK I 430 -76.87 -128.30 -61.65
C UNK I 430 -77.16 -127.98 -63.11
N UNK I 431 -78.41 -127.60 -63.35
CA UNK I 431 -79.00 -127.71 -64.67
C UNK I 431 -79.74 -126.42 -65.00
N UNK I 432 -80.56 -126.48 -66.03
CA UNK I 432 -81.40 -125.37 -66.46
C UNK I 432 -82.64 -125.96 -67.11
N UNK I 433 -83.77 -125.89 -66.41
CA UNK I 433 -84.97 -126.58 -66.84
C UNK I 433 -85.78 -125.71 -67.80
N UNK I 434 -86.85 -126.29 -68.33
CA UNK I 434 -87.89 -125.48 -68.95
C UNK I 434 -89.24 -125.99 -68.50
N UNK I 435 -90.31 -125.53 -69.11
CA UNK I 435 -91.66 -126.02 -68.84
C UNK I 435 -92.56 -125.60 -69.98
N UNK I 436 -93.77 -126.12 -69.98
CA UNK I 436 -94.79 -125.63 -70.90
C UNK I 436 -96.14 -125.81 -70.20
N UNK I 437 -96.59 -124.76 -69.51
CA UNK I 437 -97.57 -125.02 -68.46
C UNK I 437 -98.24 -123.74 -68.01
N UNK I 438 -99.33 -123.94 -67.27
CA UNK I 438 -100.06 -122.88 -66.59
C UNK I 438 -99.66 -122.84 -65.13
N UNK I 439 -99.61 -121.63 -64.58
CA UNK I 439 -99.50 -121.31 -63.15
C UNK I 439 -98.16 -121.69 -62.51
N UNK I 440 -97.32 -122.43 -63.22
CA UNK I 440 -95.93 -122.55 -62.81
C UNK I 440 -95.23 -121.21 -62.94
N UNK I 441 -95.58 -120.45 -63.99
CA UNK I 441 -95.08 -119.10 -64.16
C UNK I 441 -95.58 -118.17 -63.07
N UNK I 442 -96.73 -118.47 -62.47
CA UNK I 442 -97.13 -117.73 -61.29
C UNK I 442 -96.24 -118.07 -60.12
N UNK I 443 -95.99 -119.37 -59.93
CA UNK I 443 -95.25 -119.86 -58.78
C UNK I 443 -93.86 -119.28 -58.72
N UNK I 444 -93.11 -119.42 -59.80
CA UNK I 444 -91.71 -119.00 -59.78
C UNK I 444 -91.59 -117.49 -59.69
N UNK I 445 -92.47 -116.77 -60.37
CA UNK I 445 -92.38 -115.31 -60.38
C UNK I 445 -92.71 -114.73 -59.02
N UNK I 446 -93.74 -115.26 -58.36
CA UNK I 446 -94.02 -114.77 -57.02
C UNK I 446 -92.97 -115.23 -56.04
N UNK I 447 -92.28 -116.33 -56.32
CA UNK I 447 -91.16 -116.69 -55.46
C UNK I 447 -89.97 -115.78 -55.67
N UNK I 448 -89.90 -115.09 -56.81
CA UNK I 448 -88.80 -114.19 -57.10
C UNK I 448 -89.07 -112.75 -56.67
N UNK I 449 -89.87 -112.55 -55.62
CA UNK I 449 -89.99 -111.20 -55.08
C UNK I 449 -88.76 -110.87 -54.23
N UNK I 450 -88.61 -111.56 -53.10
CA UNK I 450 -87.54 -111.34 -52.10
C UNK I 450 -87.34 -109.86 -51.74
N UNK I 451 -88.43 -109.23 -51.29
CA UNK I 451 -88.33 -107.87 -50.78
C UNK I 451 -87.54 -107.91 -49.50
N UNK I 452 -88.13 -108.53 -48.46
CA UNK I 452 -87.44 -109.01 -47.24
C UNK I 452 -86.54 -107.97 -46.60
N UNK I 453 -86.89 -106.71 -46.76
CA UNK I 453 -86.18 -105.60 -46.17
C UNK I 453 -87.18 -104.60 -45.63
N UNK I 454 -88.46 -104.91 -45.70
CA UNK I 454 -89.28 -104.36 -44.65
C UNK I 454 -88.81 -105.16 -43.47
N UNK I 455 -89.13 -106.45 -43.46
CA UNK I 455 -88.48 -107.59 -42.81
C UNK I 455 -89.39 -108.78 -43.10
N UNK I 456 -88.95 -109.96 -42.71
CA UNK I 456 -89.79 -111.13 -42.85
C UNK I 456 -90.80 -111.15 -41.72
N UNK I 457 -92.05 -111.43 -42.04
CA UNK I 457 -93.09 -111.41 -41.03
C UNK I 457 -93.16 -112.74 -40.31
N UNK I 458 -94.23 -112.91 -39.54
CA UNK I 458 -94.59 -114.19 -38.93
C UNK I 458 -96.10 -114.16 -38.80
N UNK I 459 -96.77 -114.92 -39.65
CA UNK I 459 -98.19 -114.78 -39.85
C UNK I 459 -98.97 -115.47 -38.75
N UNK I 460 -100.26 -115.15 -38.70
CA UNK I 460 -101.24 -115.91 -37.94
C UNK I 460 -102.60 -115.53 -38.50
N UNK I 461 -103.43 -116.52 -38.74
CA UNK I 461 -104.72 -116.23 -39.34
C UNK I 461 -105.82 -116.42 -38.31
N UNK I 462 -106.99 -115.88 -38.61
CA UNK I 462 -108.17 -116.12 -37.79
C UNK I 462 -109.40 -115.89 -38.64
N UNK I 463 -110.06 -116.96 -39.03
CA UNK I 463 -111.33 -116.85 -39.73
C UNK I 463 -112.44 -116.83 -38.68
N UNK I 464 -113.23 -115.76 -38.68
CA UNK I 464 -114.35 -115.63 -37.75
C UNK I 464 -115.53 -116.47 -38.23
N UNK I 465 -116.71 -116.18 -37.67
CA UNK I 465 -117.88 -117.06 -37.82
C UNK I 465 -118.36 -117.17 -39.27
N UNK I 466 -118.77 -116.06 -39.88
CA UNK I 466 -119.44 -116.13 -41.16
C UNK I 466 -118.66 -115.49 -42.31
N UNK I 467 -118.34 -114.20 -42.21
CA UNK I 467 -117.81 -113.50 -43.38
C UNK I 467 -116.64 -112.60 -43.03
N UNK I 468 -116.05 -112.77 -41.86
CA UNK I 468 -114.89 -112.00 -41.45
C UNK I 468 -113.71 -112.94 -41.43
N UNK I 469 -112.62 -112.50 -42.02
CA UNK I 469 -111.36 -113.20 -41.86
C UNK I 469 -110.31 -112.14 -41.58
N UNK I 470 -109.37 -112.45 -40.70
CA UNK I 470 -108.35 -111.51 -40.32
C UNK I 470 -107.00 -112.18 -40.39
N UNK I 471 -105.99 -111.40 -40.72
CA UNK I 471 -104.62 -111.89 -40.70
C UNK I 471 -103.85 -110.98 -39.78
N UNK I 472 -103.37 -111.51 -38.67
CA UNK I 472 -102.44 -110.77 -37.83
C UNK I 472 -101.03 -111.23 -38.16
N UNK I 473 -100.06 -110.38 -37.84
CA UNK I 473 -98.68 -110.69 -38.17
C UNK I 473 -97.77 -110.00 -37.19
N UNK I 474 -96.64 -110.62 -36.91
CA UNK I 474 -95.59 -109.95 -36.18
C UNK I 474 -94.36 -109.86 -37.06
N UNK I 475 -93.35 -109.12 -36.61
CA UNK I 475 -92.06 -109.19 -37.27
C UNK I 475 -90.94 -109.63 -36.33
N UNK I 476 -90.76 -108.93 -35.23
CA UNK I 476 -89.77 -109.23 -34.23
C UNK I 476 -90.31 -108.72 -32.90
N UNK I 477 -89.44 -108.51 -31.93
CA UNK I 477 -89.83 -108.11 -30.59
C UNK I 477 -88.55 -107.64 -29.92
N UNK I 478 -88.64 -106.79 -28.90
CA UNK I 478 -89.79 -106.06 -28.36
C UNK I 478 -90.05 -104.82 -29.19
N UNK I 479 -90.66 -103.83 -28.53
CA UNK I 479 -91.17 -102.61 -29.14
C UNK I 479 -92.27 -102.94 -30.15
N UNK I 480 -93.36 -103.39 -29.57
CA UNK I 480 -94.56 -103.85 -30.25
C UNK I 480 -95.36 -102.69 -30.82
N UNK I 481 -96.67 -102.91 -30.95
CA UNK I 481 -97.61 -101.79 -30.92
C UNK I 481 -97.62 -100.85 -32.11
N UNK I 482 -98.42 -101.04 -33.19
CA UNK I 482 -99.48 -102.01 -33.56
C UNK I 482 -99.96 -101.42 -34.88
N UNK I 483 -100.91 -102.04 -35.57
CA UNK I 483 -101.63 -101.37 -36.64
C UNK I 483 -103.00 -102.01 -36.79
N UNK I 484 -103.82 -101.42 -37.66
CA UNK I 484 -105.11 -102.01 -38.02
C UNK I 484 -105.52 -101.44 -39.38
N UNK I 485 -105.33 -102.24 -40.42
CA UNK I 485 -105.77 -101.83 -41.75
C UNK I 485 -107.09 -102.51 -42.08
N UNK I 486 -107.82 -101.95 -43.05
CA UNK I 486 -109.11 -102.51 -43.42
C UNK I 486 -109.46 -102.09 -44.85
N UNK I 487 -109.40 -103.03 -45.78
CA UNK I 487 -109.81 -102.80 -47.18
C UNK I 487 -110.24 -104.15 -47.74
N UNK I 488 -110.22 -104.30 -49.06
CA UNK I 488 -110.41 -105.63 -49.62
C UNK I 488 -109.39 -105.89 -50.73
N UNK I 489 -108.13 -105.61 -50.46
CA UNK I 489 -107.10 -105.74 -51.48
C UNK I 489 -105.76 -106.00 -50.80
N UNK I 490 -104.67 -105.87 -51.58
CA UNK I 490 -103.34 -106.27 -51.15
C UNK I 490 -102.29 -105.20 -51.40
N UNK I 491 -102.65 -103.94 -51.24
CA UNK I 491 -101.65 -102.89 -51.12
C UNK I 491 -101.36 -102.71 -49.64
N UNK I 492 -100.81 -103.77 -49.07
CA UNK I 492 -100.60 -103.85 -47.64
C UNK I 492 -99.15 -103.88 -47.24
N UNK I 493 -98.25 -104.27 -48.14
CA UNK I 493 -96.83 -104.24 -47.80
C UNK I 493 -96.35 -102.81 -47.63
N UNK I 494 -97.00 -101.86 -48.30
CA UNK I 494 -96.69 -100.45 -48.15
C UNK I 494 -96.95 -99.97 -46.73
N UNK I 495 -98.10 -100.33 -46.17
CA UNK I 495 -98.33 -100.01 -44.78
C UNK I 495 -97.56 -100.94 -43.88
N UNK I 496 -97.21 -102.12 -44.36
CA UNK I 496 -96.51 -103.07 -43.52
C UNK I 496 -95.07 -102.67 -43.27
N UNK I 497 -94.49 -101.86 -44.14
CA UNK I 497 -93.15 -101.37 -43.85
C UNK I 497 -93.17 -100.44 -42.65
N UNK I 498 -94.07 -99.46 -42.64
CA UNK I 498 -94.18 -98.60 -41.48
C UNK I 498 -94.74 -99.33 -40.29
N UNK I 499 -95.41 -100.47 -40.49
CA UNK I 499 -95.65 -101.35 -39.37
C UNK I 499 -94.35 -101.96 -38.86
N UNK I 500 -93.43 -102.27 -39.78
CA UNK I 500 -92.15 -102.85 -39.39
C UNK I 500 -91.13 -101.81 -39.01
N UNK I 501 -91.56 -100.57 -38.83
CA UNK I 501 -90.91 -99.63 -37.92
C UNK I 501 -91.46 -99.76 -36.50
N UNK I 502 -91.98 -100.93 -36.18
CA UNK I 502 -92.53 -101.36 -34.90
C UNK I 502 -92.48 -102.89 -34.92
N UNK I 503 -93.39 -103.55 -34.21
CA UNK I 503 -93.36 -105.00 -34.28
C UNK I 503 -94.63 -105.71 -34.74
N UNK I 504 -95.83 -105.24 -34.41
CA UNK I 504 -97.02 -106.02 -34.71
C UNK I 504 -97.92 -105.30 -35.68
N UNK I 505 -98.67 -106.07 -36.47
CA UNK I 505 -99.71 -105.51 -37.33
C UNK I 505 -100.84 -106.51 -37.38
N UNK I 506 -102.06 -106.03 -37.60
CA UNK I 506 -103.21 -106.95 -37.64
C UNK I 506 -104.19 -106.47 -38.70
N UNK I 507 -104.04 -106.96 -39.92
CA UNK I 507 -104.91 -106.55 -41.01
C UNK I 507 -106.27 -107.22 -40.85
N UNK I 508 -107.29 -106.42 -40.57
CA UNK I 508 -108.60 -106.93 -40.18
C UNK I 508 -109.54 -107.02 -41.37
N UNK I 509 -109.10 -107.73 -42.40
CA UNK I 509 -109.92 -108.11 -43.55
C UNK I 509 -109.15 -109.18 -44.29
N UNK I 510 -109.72 -109.67 -45.38
CA UNK I 510 -109.21 -110.89 -45.99
C UNK I 510 -108.62 -110.70 -47.38
N UNK I 511 -109.41 -110.15 -48.30
CA UNK I 511 -109.54 -110.59 -49.69
C UNK I 511 -108.29 -111.12 -50.35
N UNK I 512 -107.20 -110.36 -50.26
CA UNK I 512 -105.96 -110.76 -50.88
C UNK I 512 -104.80 -110.62 -49.92
N UNK I 513 -105.08 -110.74 -48.62
CA UNK I 513 -104.01 -110.79 -47.63
C UNK I 513 -103.49 -112.21 -47.43
N UNK I 514 -103.74 -113.10 -48.37
CA UNK I 514 -103.04 -114.36 -48.43
C UNK I 514 -101.70 -114.22 -49.15
N UNK I 515 -101.43 -113.04 -49.72
CA UNK I 515 -100.21 -112.85 -50.49
C UNK I 515 -98.98 -112.96 -49.62
N UNK I 516 -99.04 -112.37 -48.42
CA UNK I 516 -97.90 -112.46 -47.54
C UNK I 516 -97.72 -113.87 -47.01
N UNK I 517 -98.82 -114.61 -46.87
CA UNK I 517 -98.70 -116.01 -46.50
C UNK I 517 -98.00 -116.79 -47.59
N UNK I 518 -98.33 -116.48 -48.84
CA UNK I 518 -97.65 -117.12 -49.96
C UNK I 518 -96.18 -116.76 -50.00
N UNK I 519 -95.86 -115.51 -49.70
CA UNK I 519 -94.47 -115.10 -49.78
C UNK I 519 -93.66 -115.55 -48.59
N UNK I 520 -94.31 -115.83 -47.48
CA UNK I 520 -93.58 -116.18 -46.27
C UNK I 520 -93.46 -117.67 -46.08
N UNK I 521 -94.48 -118.43 -46.43
CA UNK I 521 -94.40 -119.87 -46.26
C UNK I 521 -93.66 -120.55 -47.39
N UNK I 522 -93.00 -119.79 -48.25
CA UNK I 522 -92.27 -120.35 -49.37
C UNK I 522 -90.78 -120.13 -49.25
N UNK I 523 -90.33 -119.42 -48.20
CA UNK I 523 -88.99 -118.86 -48.16
C UNK I 523 -87.93 -119.94 -48.10
N UNK I 524 -87.96 -120.79 -47.07
CA UNK I 524 -86.91 -121.78 -46.95
C UNK I 524 -87.04 -122.88 -47.98
N UNK I 525 -88.28 -123.24 -48.34
CA UNK I 525 -88.49 -124.32 -49.28
C UNK I 525 -87.99 -123.97 -50.67
N UNK I 526 -88.30 -122.76 -51.14
CA UNK I 526 -87.74 -122.32 -52.41
C UNK I 526 -86.40 -121.67 -52.25
N UNK I 527 -85.86 -121.64 -51.03
CA UNK I 527 -84.46 -121.30 -50.82
C UNK I 527 -83.56 -122.51 -50.79
N UNK I 528 -84.14 -123.70 -50.73
CA UNK I 528 -83.36 -124.91 -50.92
C UNK I 528 -82.74 -124.95 -52.31
N UNK I 529 -83.49 -124.53 -53.32
CA UNK I 529 -82.94 -124.27 -54.64
C UNK I 529 -82.47 -122.82 -54.69
N UNK I 530 -82.23 -122.28 -55.88
CA UNK I 530 -81.84 -120.86 -55.97
C UNK I 530 -82.85 -119.99 -56.70
N UNK I 531 -83.10 -120.24 -57.99
CA UNK I 531 -83.78 -119.27 -58.86
C UNK I 531 -84.04 -119.90 -60.22
N UNK I 532 -84.88 -119.25 -61.01
CA UNK I 532 -85.01 -119.63 -62.42
C UNK I 532 -84.78 -118.51 -63.43
N UNK I 533 -85.60 -117.45 -63.37
CA UNK I 533 -85.38 -116.16 -64.04
C UNK I 533 -85.31 -116.25 -65.58
N UNK I 534 -86.38 -116.73 -66.21
CA UNK I 534 -86.65 -116.52 -67.64
C UNK I 534 -88.10 -116.84 -68.02
N UNK I 535 -88.84 -115.89 -68.58
CA UNK I 535 -90.26 -116.07 -68.81
C UNK I 535 -90.57 -115.94 -70.30
N UNK I 536 -91.47 -116.77 -70.80
CA UNK I 536 -91.91 -116.70 -72.18
C UNK I 536 -93.40 -116.40 -72.19
N UNK I 537 -94.01 -116.46 -73.37
CA UNK I 537 -95.37 -116.00 -73.54
C UNK I 537 -96.25 -117.10 -74.08
N UNK I 538 -97.52 -116.75 -74.27
CA UNK I 538 -98.37 -117.51 -75.14
C UNK I 538 -98.29 -116.90 -76.52
N UNK I 539 -97.77 -117.66 -77.48
CA UNK I 539 -97.42 -117.10 -78.76
C UNK I 539 -98.64 -116.77 -79.61
N UNK I 540 -99.76 -117.43 -79.38
CA UNK I 540 -100.97 -117.12 -80.10
C UNK I 540 -101.75 -116.05 -79.34
N UNK I 541 -103.00 -115.83 -79.72
CA UNK I 541 -103.84 -114.82 -79.11
C UNK I 541 -104.35 -115.30 -77.75
N UNK I 542 -103.86 -114.69 -76.69
CA UNK I 542 -104.25 -115.01 -75.30
C UNK I 542 -104.02 -113.75 -74.46
N UNK I 543 -104.21 -113.87 -73.15
CA UNK I 543 -103.88 -112.75 -72.26
C UNK I 543 -103.45 -113.30 -70.90
N UNK I 544 -102.15 -113.54 -70.74
CA UNK I 544 -101.48 -113.76 -69.46
C UNK I 544 -99.99 -113.70 -69.72
N UNK I 545 -99.22 -114.09 -68.71
CA UNK I 545 -97.78 -113.91 -68.64
C UNK I 545 -97.42 -112.46 -68.95
N UNK I 546 -98.01 -111.57 -68.17
CA UNK I 546 -97.78 -110.15 -68.36
C UNK I 546 -96.45 -109.74 -67.74
N UNK I 547 -95.72 -108.91 -68.47
CA UNK I 547 -94.47 -108.35 -67.99
C UNK I 547 -94.42 -106.90 -68.46
N UNK I 548 -93.34 -106.20 -68.14
CA UNK I 548 -93.35 -104.76 -68.32
C UNK I 548 -92.01 -104.28 -68.88
N UNK I 549 -91.79 -102.97 -68.81
CA UNK I 549 -91.13 -102.23 -69.88
C UNK I 549 -90.20 -101.20 -69.28
N UNK I 550 -89.87 -100.20 -70.10
CA UNK I 550 -88.99 -99.10 -69.76
C UNK I 550 -89.55 -97.83 -70.40
N UNK I 551 -88.92 -96.69 -70.08
CA UNK I 551 -89.42 -95.39 -70.53
C UNK I 551 -88.50 -94.67 -71.49
N UNK I 552 -87.26 -94.39 -71.08
CA UNK I 552 -86.17 -93.94 -71.95
C UNK I 552 -86.38 -92.70 -72.82
N UNK I 553 -86.44 -91.49 -72.27
CA UNK I 553 -86.75 -91.17 -70.90
C UNK I 553 -87.86 -90.15 -70.93
N UNK I 554 -87.62 -89.11 -71.72
CA UNK I 554 -88.58 -88.04 -71.89
C UNK I 554 -89.49 -88.38 -73.06
N UNK I 555 -90.27 -87.43 -73.51
CA UNK I 555 -90.95 -87.58 -74.78
C UNK I 555 -90.31 -86.68 -75.83
N UNK I 556 -88.99 -86.47 -75.70
CA UNK I 556 -88.11 -86.11 -76.81
C UNK I 556 -88.46 -84.75 -77.42
N UNK I 557 -88.17 -83.69 -76.67
CA UNK I 557 -88.36 -82.34 -77.19
C UNK I 557 -87.47 -82.07 -78.40
N UNK I 558 -88.03 -81.40 -79.41
CA UNK I 558 -87.33 -81.16 -80.66
C UNK I 558 -87.62 -79.75 -81.15
N UNK I 559 -86.60 -78.93 -81.33
CA UNK I 559 -86.84 -77.62 -81.92
C UNK I 559 -86.85 -77.77 -83.42
N UNK I 560 -87.14 -76.67 -84.13
CA UNK I 560 -87.09 -76.68 -85.58
C UNK I 560 -86.90 -75.23 -86.00
N UNK I 561 -85.68 -74.86 -86.36
CA UNK I 561 -85.35 -73.46 -86.56
C UNK I 561 -85.34 -73.15 -88.04
N UNK I 562 -86.39 -72.53 -88.53
CA UNK I 562 -86.35 -72.08 -89.91
C UNK I 562 -85.51 -70.81 -89.94
N UNK I 563 -84.34 -70.88 -90.58
CA UNK I 563 -83.48 -69.71 -90.66
C UNK I 563 -83.97 -68.84 -91.80
N UNK I 564 -84.71 -67.80 -91.46
CA UNK I 564 -85.58 -67.10 -92.42
C UNK I 564 -84.77 -66.19 -93.31
N UNK I 565 -84.22 -66.75 -94.36
CA UNK I 565 -83.79 -65.93 -95.47
C UNK I 565 -84.48 -66.33 -96.77
N UNK I 566 -84.34 -67.58 -97.20
CA UNK I 566 -84.42 -67.86 -98.62
C UNK I 566 -84.56 -69.36 -98.83
N UNK I 567 -84.26 -69.79 -100.06
CA UNK I 567 -84.26 -71.18 -100.49
C UNK I 567 -82.82 -71.70 -100.57
N UNK I 568 -82.61 -73.02 -100.34
CA UNK I 568 -83.58 -74.01 -99.90
C UNK I 568 -83.15 -75.05 -98.86
N UNK I 569 -81.85 -75.36 -98.75
CA UNK I 569 -81.41 -76.61 -98.15
C UNK I 569 -81.64 -76.65 -96.64
N UNK I 570 -81.52 -77.84 -96.06
CA UNK I 570 -82.03 -78.06 -94.71
C UNK I 570 -81.15 -79.07 -93.98
N UNK I 571 -80.46 -78.63 -92.94
CA UNK I 571 -79.59 -79.48 -92.16
C UNK I 571 -80.29 -79.88 -90.86
N UNK I 572 -80.03 -81.11 -90.42
CA UNK I 572 -80.71 -81.66 -89.24
C UNK I 572 -79.69 -82.18 -88.24
N UNK I 573 -79.49 -81.45 -87.15
CA UNK I 573 -78.57 -81.85 -86.10
C UNK I 573 -79.37 -82.53 -84.99
N UNK I 574 -79.00 -83.77 -84.69
CA UNK I 574 -79.38 -84.33 -83.40
C UNK I 574 -78.34 -83.89 -82.38
N UNK I 575 -78.76 -83.74 -81.14
CA UNK I 575 -77.79 -83.21 -80.19
C UNK I 575 -77.65 -84.09 -78.97
N UNK I 576 -76.93 -83.61 -77.98
CA UNK I 576 -76.67 -84.37 -76.76
C UNK I 576 -77.11 -83.57 -75.56
N UNK I 577 -78.31 -83.02 -75.64
CA UNK I 577 -78.90 -82.09 -74.66
C UNK I 577 -77.95 -80.94 -74.35
N UNK I 578 -77.63 -80.18 -75.39
CA UNK I 578 -76.70 -79.08 -75.25
C UNK I 578 -76.98 -78.06 -76.34
N UNK I 579 -76.44 -76.86 -76.14
CA UNK I 579 -76.84 -75.69 -76.91
C UNK I 579 -75.65 -74.93 -77.43
N UNK I 580 -74.60 -75.64 -77.81
CA UNK I 580 -73.56 -75.08 -78.67
C UNK I 580 -73.87 -75.41 -80.12
N UNK I 581 -75.01 -74.90 -80.55
CA UNK I 581 -75.50 -75.08 -81.91
C UNK I 581 -75.59 -73.77 -82.65
N UNK I 582 -75.12 -72.68 -82.06
CA UNK I 582 -75.05 -71.44 -82.81
C UNK I 582 -74.02 -71.53 -83.90
N UNK I 583 -72.98 -72.34 -83.69
CA UNK I 583 -72.01 -72.58 -84.75
C UNK I 583 -72.65 -73.28 -85.91
N UNK I 584 -73.50 -74.26 -85.64
CA UNK I 584 -74.17 -74.90 -86.74
C UNK I 584 -75.23 -73.99 -87.34
N UNK I 585 -75.80 -73.07 -86.55
CA UNK I 585 -76.77 -72.12 -87.11
C UNK I 585 -76.11 -71.21 -88.11
N UNK I 586 -74.93 -70.70 -87.78
CA UNK I 586 -74.23 -69.89 -88.74
C UNK I 586 -73.64 -70.73 -89.86
N UNK I 587 -73.47 -72.03 -89.65
CA UNK I 587 -73.11 -72.86 -90.78
C UNK I 587 -74.26 -72.97 -91.75
N UNK I 588 -75.45 -73.23 -91.23
CA UNK I 588 -76.61 -73.44 -92.08
C UNK I 588 -77.22 -72.14 -92.56
N UNK I 589 -76.71 -71.00 -92.14
CA UNK I 589 -77.10 -69.75 -92.79
C UNK I 589 -76.55 -69.62 -94.20
N UNK I 590 -75.73 -70.56 -94.68
CA UNK I 590 -75.66 -70.79 -96.12
C UNK I 590 -77.04 -71.12 -96.67
N UNK I 591 -77.72 -72.05 -96.03
CA UNK I 591 -78.98 -72.63 -96.49
C UNK I 591 -80.22 -71.98 -95.91
N UNK I 592 -81.32 -72.74 -95.89
CA UNK I 592 -82.61 -72.27 -95.40
C UNK I 592 -83.01 -72.78 -94.03
N UNK I 593 -83.01 -74.08 -93.76
CA UNK I 593 -83.73 -74.58 -92.60
C UNK I 593 -82.90 -75.54 -91.76
N UNK I 594 -82.84 -75.31 -90.45
CA UNK I 594 -82.14 -76.21 -89.54
C UNK I 594 -83.18 -76.91 -88.69
N UNK I 595 -82.91 -78.14 -88.31
CA UNK I 595 -83.77 -78.89 -87.42
C UNK I 595 -82.90 -79.56 -86.37
N UNK I 596 -82.96 -79.10 -85.13
CA UNK I 596 -82.20 -79.69 -84.03
C UNK I 596 -83.15 -80.43 -83.12
N UNK I 597 -82.76 -81.62 -82.66
CA UNK I 597 -83.70 -82.48 -81.93
C UNK I 597 -83.25 -82.78 -80.48
N UNK I 598 -83.58 -81.87 -79.55
CA UNK I 598 -83.01 -81.86 -78.19
C UNK I 598 -83.73 -80.81 -77.36
N UNK I 599 -83.30 -80.64 -76.11
CA UNK I 599 -84.07 -79.85 -75.14
C UNK I 599 -83.18 -79.00 -74.24
N UNK I 600 -82.03 -78.58 -74.74
CA UNK I 600 -81.27 -77.55 -74.04
C UNK I 600 -81.03 -76.37 -74.93
N UNK I 601 -81.12 -76.55 -76.22
CA UNK I 601 -81.23 -75.42 -77.12
C UNK I 601 -82.47 -74.64 -76.82
N UNK I 602 -83.62 -75.34 -76.70
CA UNK I 602 -84.94 -74.80 -76.99
C UNK I 602 -85.25 -73.55 -76.21
N UNK I 603 -84.82 -73.51 -74.96
CA UNK I 603 -85.05 -72.35 -74.11
C UNK I 603 -84.31 -71.13 -74.63
N UNK I 604 -82.99 -71.20 -74.71
CA UNK I 604 -82.24 -70.01 -75.07
C UNK I 604 -82.38 -69.70 -76.53
N UNK I 605 -82.62 -70.71 -77.36
CA UNK I 605 -82.85 -70.47 -78.77
C UNK I 605 -84.14 -69.70 -78.96
N UNK I 606 -85.21 -70.09 -78.27
CA UNK I 606 -86.46 -69.34 -78.41
C UNK I 606 -86.35 -67.97 -77.78
N UNK I 607 -85.71 -67.85 -76.63
CA UNK I 607 -85.63 -66.54 -76.01
C UNK I 607 -84.65 -65.63 -76.69
N UNK I 608 -83.81 -66.13 -77.56
CA UNK I 608 -83.02 -65.23 -78.39
C UNK I 608 -83.75 -64.87 -79.66
N UNK I 609 -84.45 -65.83 -80.25
CA UNK I 609 -85.07 -65.57 -81.54
C UNK I 609 -86.30 -64.70 -81.39
N UNK I 610 -87.18 -65.06 -80.48
CA UNK I 610 -88.40 -64.32 -80.32
C UNK I 610 -88.24 -63.10 -79.47
N UNK I 611 -87.03 -62.65 -79.25
CA UNK I 611 -86.84 -61.28 -78.81
C UNK I 611 -85.95 -60.50 -79.74
N UNK I 612 -84.82 -61.06 -80.21
CA UNK I 612 -83.79 -60.26 -80.87
C UNK I 612 -84.18 -59.74 -82.23
N UNK I 613 -85.36 -60.08 -82.72
CA UNK I 613 -85.94 -59.40 -83.86
C UNK I 613 -86.77 -58.21 -83.45
N UNK I 614 -87.12 -58.10 -82.19
CA UNK I 614 -88.00 -57.04 -81.76
C UNK I 614 -87.50 -56.30 -80.54
N UNK I 615 -86.33 -56.65 -80.01
CA UNK I 615 -85.71 -55.82 -79.01
C UNK I 615 -85.34 -54.60 -79.80
N UNK I 616 -84.41 -54.77 -80.75
CA UNK I 616 -84.37 -54.07 -82.05
C UNK I 616 -84.50 -52.56 -81.94
N UNK I 617 -84.27 -52.00 -80.76
CA UNK I 617 -84.36 -50.58 -80.53
C UNK I 617 -83.00 -50.05 -80.12
N UNK I 618 -82.42 -50.56 -79.04
CA UNK I 618 -81.10 -50.09 -78.68
C UNK I 618 -80.14 -51.17 -78.22
N UNK I 619 -80.62 -52.36 -77.84
CA UNK I 619 -79.85 -53.33 -77.05
C UNK I 619 -79.23 -52.65 -75.83
N UNK I 620 -80.12 -52.30 -74.90
CA UNK I 620 -79.79 -51.60 -73.66
C UNK I 620 -78.69 -52.28 -72.89
N UNK I 621 -77.55 -51.60 -72.74
CA UNK I 621 -76.43 -52.16 -72.02
C UNK I 621 -76.74 -52.19 -70.54
N UNK I 622 -76.55 -53.34 -69.92
CA UNK I 622 -77.15 -53.58 -68.63
C UNK I 622 -76.16 -53.29 -67.51
N UNK I 623 -76.66 -53.37 -66.28
CA UNK I 623 -75.82 -53.36 -65.10
C UNK I 623 -76.62 -54.06 -64.00
N UNK I 624 -76.33 -55.32 -63.77
CA UNK I 624 -77.17 -56.15 -62.94
C UNK I 624 -76.95 -55.84 -61.47
N UNK I 625 -77.96 -56.06 -60.64
CA UNK I 625 -77.69 -56.17 -59.21
C UNK I 625 -78.60 -57.21 -58.56
N UNK I 626 -79.18 -58.11 -59.35
CA UNK I 626 -80.23 -59.01 -58.90
C UNK I 626 -79.65 -60.01 -57.92
N UNK I 627 -80.01 -59.90 -56.65
CA UNK I 627 -79.57 -60.87 -55.64
C UNK I 627 -80.79 -61.31 -54.85
N UNK I 628 -81.50 -62.31 -55.39
CA UNK I 628 -82.81 -62.62 -54.84
C UNK I 628 -83.37 -63.97 -55.26
N UNK I 629 -84.66 -64.11 -55.03
CA UNK I 629 -85.37 -65.37 -55.05
C UNK I 629 -85.40 -66.08 -56.38
N UNK I 630 -86.17 -65.58 -57.34
CA UNK I 630 -86.50 -66.40 -58.49
C UNK I 630 -85.66 -66.06 -59.71
N UNK I 631 -84.47 -65.52 -59.51
CA UNK I 631 -83.60 -65.15 -60.61
C UNK I 631 -82.60 -66.23 -60.91
N UNK I 632 -82.68 -67.35 -60.22
CA UNK I 632 -81.83 -68.49 -60.50
C UNK I 632 -82.57 -69.59 -61.25
N UNK I 633 -83.86 -69.77 -60.98
CA UNK I 633 -84.63 -70.69 -61.79
C UNK I 633 -84.83 -70.16 -63.20
N UNK I 634 -84.76 -68.85 -63.38
CA UNK I 634 -84.31 -68.21 -64.60
C UNK I 634 -85.17 -68.47 -65.82
N UNK I 635 -86.41 -68.92 -65.63
CA UNK I 635 -87.15 -69.45 -66.77
C UNK I 635 -87.74 -68.34 -67.62
N UNK I 636 -87.82 -68.60 -68.92
CA UNK I 636 -88.40 -67.63 -69.83
C UNK I 636 -89.28 -68.25 -70.91
N UNK I 637 -89.39 -69.56 -70.96
CA UNK I 637 -90.23 -70.18 -71.97
C UNK I 637 -90.68 -71.52 -71.43
N UNK I 638 -91.68 -72.09 -72.11
CA UNK I 638 -92.41 -73.32 -71.75
C UNK I 638 -92.87 -73.34 -70.31
N UNK I 639 -93.02 -72.15 -69.70
CA UNK I 639 -93.35 -71.99 -68.29
C UNK I 639 -94.25 -70.77 -68.14
N UNK I 640 -95.58 -70.97 -68.23
CA UNK I 640 -96.21 -72.16 -68.81
C UNK I 640 -97.09 -71.73 -69.96
N UNK I 641 -97.93 -70.74 -69.72
CA UNK I 641 -98.66 -70.10 -70.79
C UNK I 641 -98.75 -68.59 -70.63
N UNK I 642 -98.25 -68.03 -69.54
CA UNK I 642 -98.08 -66.58 -69.47
C UNK I 642 -97.07 -66.18 -70.50
N UNK I 643 -97.42 -65.22 -71.35
CA UNK I 643 -96.75 -65.20 -72.64
C UNK I 643 -95.38 -64.54 -72.60
N UNK I 644 -95.33 -63.20 -72.50
CA UNK I 644 -94.11 -62.38 -72.46
C UNK I 644 -93.13 -62.62 -73.62
N UNK I 645 -93.56 -63.39 -74.60
CA UNK I 645 -92.83 -64.09 -75.63
C UNK I 645 -93.97 -64.83 -76.30
N UNK I 646 -93.73 -65.61 -77.35
CA UNK I 646 -94.87 -66.04 -78.14
C UNK I 646 -94.59 -67.42 -78.72
N UNK I 647 -95.31 -67.76 -79.76
CA UNK I 647 -95.04 -68.95 -80.53
C UNK I 647 -95.27 -68.65 -82.00
N UNK I 648 -94.78 -69.54 -82.85
CA UNK I 648 -94.74 -69.28 -84.28
C UNK I 648 -95.02 -70.55 -85.07
N UNK I 649 -96.29 -70.78 -85.38
CA UNK I 649 -96.76 -71.52 -86.54
C UNK I 649 -96.52 -73.02 -86.53
N UNK I 650 -95.71 -73.49 -85.59
CA UNK I 650 -95.60 -74.92 -85.32
C UNK I 650 -95.10 -74.97 -83.88
N UNK I 651 -96.03 -75.15 -82.95
CA UNK I 651 -95.73 -75.08 -81.54
C UNK I 651 -96.54 -76.15 -80.84
N UNK I 652 -95.90 -77.25 -80.47
CA UNK I 652 -96.56 -78.33 -79.75
C UNK I 652 -95.84 -78.44 -78.41
N UNK I 653 -96.37 -77.79 -77.40
CA UNK I 653 -95.74 -77.85 -76.09
C UNK I 653 -96.50 -78.88 -75.28
N UNK I 654 -96.18 -80.16 -75.53
CA UNK I 654 -97.05 -81.24 -75.12
C UNK I 654 -96.58 -81.90 -73.82
N UNK I 655 -97.55 -82.25 -72.98
CA UNK I 655 -97.30 -82.71 -71.62
C UNK I 655 -98.17 -83.92 -71.28
N UNK I 656 -98.17 -84.93 -72.13
CA UNK I 656 -99.19 -85.97 -72.01
C UNK I 656 -98.56 -87.34 -72.22
N UNK I 657 -99.41 -88.35 -72.47
CA UNK I 657 -98.98 -89.67 -72.88
C UNK I 657 -98.98 -89.89 -74.38
N UNK I 658 -99.74 -89.12 -75.16
CA UNK I 658 -99.63 -89.13 -76.61
C UNK I 658 -99.32 -87.76 -77.20
N UNK I 659 -100.08 -86.73 -76.84
CA UNK I 659 -99.99 -85.41 -77.42
C UNK I 659 -100.82 -84.45 -76.57
N UNK I 660 -100.46 -83.16 -76.64
CA UNK I 660 -101.06 -82.17 -75.75
C UNK I 660 -100.87 -80.78 -76.33
N UNK I 661 -100.85 -79.77 -75.45
CA UNK I 661 -101.13 -78.35 -75.67
C UNK I 661 -100.42 -77.73 -76.87
N UNK I 662 -101.10 -76.76 -77.48
CA UNK I 662 -100.61 -76.02 -78.63
C UNK I 662 -100.77 -74.53 -78.38
N UNK I 663 -100.03 -73.71 -79.13
CA UNK I 663 -100.24 -72.25 -79.11
C UNK I 663 -100.12 -71.72 -80.53
N UNK I 664 -101.22 -71.77 -81.28
CA UNK I 664 -101.25 -71.39 -82.69
C UNK I 664 -102.68 -71.22 -83.13
N UNK I 665 -102.91 -71.16 -84.44
CA UNK I 665 -104.27 -71.26 -84.98
C UNK I 665 -104.60 -72.71 -85.28
N UNK I 666 -110.30 -105.41 -33.87
CA UNK I 666 -110.17 -104.09 -33.27
C UNK I 666 -109.26 -104.17 -32.08
N UNK I 667 -109.50 -105.16 -31.23
CA UNK I 667 -108.61 -105.51 -30.14
C UNK I 667 -108.89 -106.95 -29.75
N UNK I 668 -107.92 -107.83 -30.01
CA UNK I 668 -108.14 -109.27 -29.91
C UNK I 668 -106.80 -109.96 -29.72
N UNK I 669 -106.83 -111.18 -29.19
CA UNK I 669 -105.69 -111.96 -28.68
C UNK I 669 -104.49 -112.14 -29.61
N UNK I 670 -103.34 -112.45 -29.03
CA UNK I 670 -102.10 -112.69 -29.75
C UNK I 670 -101.75 -114.19 -29.72
N UNK I 671 -101.13 -114.66 -30.80
CA UNK I 671 -100.77 -116.08 -30.94
C UNK I 671 -99.51 -116.19 -31.80
N UNK I 672 -99.20 -117.39 -32.28
CA UNK I 672 -98.02 -117.60 -33.12
C UNK I 672 -98.32 -118.17 -34.51
N UNK I 673 -99.00 -119.32 -34.58
CA UNK I 673 -99.31 -120.07 -35.81
C UNK I 673 -98.05 -120.42 -36.61
N UNK I 674 -97.27 -121.32 -36.01
CA UNK I 674 -95.97 -121.74 -36.54
C UNK I 674 -96.08 -122.35 -37.93
N UNK I 675 -94.96 -122.33 -38.65
CA UNK I 675 -94.94 -122.59 -40.09
C UNK I 675 -94.09 -123.80 -40.40
N UNK I 676 -94.72 -124.85 -40.91
CA UNK I 676 -94.03 -126.01 -41.43
C UNK I 676 -93.53 -125.74 -42.84
N UNK I 677 -92.67 -126.63 -43.34
CA UNK I 677 -92.18 -126.48 -44.68
C UNK I 677 -93.22 -126.99 -45.68
N UNK I 678 -92.86 -127.02 -46.95
CA UNK I 678 -93.75 -127.48 -48.00
C UNK I 678 -93.15 -128.70 -48.67
N UNK I 679 -93.99 -129.68 -48.97
CA UNK I 679 -93.52 -130.98 -49.46
C UNK I 679 -94.01 -131.21 -50.87
N UNK I 680 -93.08 -131.53 -51.77
CA UNK I 680 -93.39 -131.90 -53.14
C UNK I 680 -92.30 -132.82 -53.64
N UNK I 681 -92.69 -134.01 -54.09
CA UNK I 681 -91.69 -135.04 -54.36
C UNK I 681 -92.21 -136.02 -55.38
N UNK I 682 -91.27 -136.50 -56.18
CA UNK I 682 -91.49 -137.42 -57.28
C UNK I 682 -90.20 -138.21 -57.39
N UNK I 683 -89.89 -138.73 -58.56
CA UNK I 683 -88.64 -139.46 -58.73
C UNK I 683 -87.45 -138.49 -58.80
N UNK I 684 -86.31 -139.00 -59.24
CA UNK I 684 -85.05 -138.39 -58.87
C UNK I 684 -84.00 -138.52 -59.96
N UNK I 685 -82.74 -138.52 -59.55
CA UNK I 685 -81.60 -138.82 -60.42
C UNK I 685 -81.53 -140.31 -60.73
N UNK I 686 -80.35 -140.79 -61.12
CA UNK I 686 -80.09 -142.15 -61.59
C UNK I 686 -80.87 -142.46 -62.87
N UNK I 687 -80.39 -141.79 -63.94
CA UNK I 687 -80.62 -142.22 -65.32
C UNK I 687 -80.41 -143.73 -65.47
N UNK I 688 -81.24 -144.42 -66.26
CA UNK I 688 -82.09 -143.90 -67.35
C UNK I 688 -83.53 -143.53 -67.01
N UNK I 689 -84.23 -142.92 -67.99
CA UNK I 689 -85.61 -142.52 -67.84
C UNK I 689 -86.50 -142.78 -69.04
N UNK I 690 -85.94 -143.28 -70.15
CA UNK I 690 -86.66 -143.62 -71.38
C UNK I 690 -87.43 -142.44 -71.97
N UNK I 691 -86.89 -141.22 -71.85
CA UNK I 691 -87.38 -140.06 -72.61
C UNK I 691 -86.22 -139.07 -72.73
N UNK I 692 -85.53 -139.09 -73.87
CA UNK I 692 -84.35 -138.26 -74.08
C UNK I 692 -84.48 -137.49 -75.39
N UNK I 693 -83.55 -136.56 -75.64
CA UNK I 693 -83.63 -135.77 -76.87
C UNK I 693 -82.43 -135.94 -77.81
N UNK I 694 -81.25 -135.45 -77.45
CA UNK I 694 -80.20 -135.45 -78.47
C UNK I 694 -78.79 -135.80 -78.01
N UNK I 695 -78.40 -135.32 -76.84
CA UNK I 695 -77.00 -135.33 -76.41
C UNK I 695 -76.97 -135.13 -74.90
N UNK I 696 -75.78 -134.86 -74.37
CA UNK I 696 -75.55 -134.86 -72.93
C UNK I 696 -75.83 -133.49 -72.32
N UNK I 697 -76.85 -133.39 -71.46
CA UNK I 697 -77.68 -134.50 -71.03
C UNK I 697 -79.16 -134.12 -70.96
N UNK I 698 -79.66 -133.44 -71.98
CA UNK I 698 -81.04 -132.98 -71.99
C UNK I 698 -82.01 -134.16 -72.01
N UNK I 699 -82.98 -134.15 -71.10
CA UNK I 699 -83.75 -135.34 -70.80
C UNK I 699 -85.24 -135.03 -70.78
N UNK I 700 -85.76 -134.44 -71.86
CA UNK I 700 -87.15 -133.98 -71.93
C UNK I 700 -88.13 -135.14 -71.82
N UNK I 701 -89.21 -134.92 -71.07
CA UNK I 701 -89.94 -136.06 -70.54
C UNK I 701 -91.45 -135.87 -70.55
N UNK I 702 -92.16 -136.99 -70.70
CA UNK I 702 -93.52 -137.10 -70.17
C UNK I 702 -93.41 -137.76 -68.79
N UNK I 703 -93.06 -139.06 -68.77
CA UNK I 703 -91.95 -139.63 -68.01
C UNK I 703 -91.51 -138.89 -66.75
N UNK I 704 -92.32 -138.78 -65.70
CA UNK I 704 -93.43 -139.67 -65.42
C UNK I 704 -94.50 -138.93 -64.66
N UNK I 705 -95.74 -139.08 -65.13
CA UNK I 705 -96.85 -138.38 -64.50
C UNK I 705 -97.20 -139.00 -63.16
N UNK I 706 -97.59 -138.16 -62.22
CA UNK I 706 -97.98 -138.55 -60.88
C UNK I 706 -99.27 -137.83 -60.49
N UNK I 707 -100.29 -137.94 -61.36
CA UNK I 707 -101.59 -137.24 -61.26
C UNK I 707 -102.22 -137.38 -59.90
N UNK I 708 -102.57 -138.61 -59.50
CA UNK I 708 -102.46 -139.13 -58.14
C UNK I 708 -103.15 -138.23 -57.10
N UNK I 709 -104.48 -138.22 -57.18
CA UNK I 709 -105.37 -137.27 -56.51
C UNK I 709 -105.14 -137.06 -55.01
N UNK I 710 -105.59 -135.92 -54.50
CA UNK I 710 -105.21 -135.45 -53.17
C UNK I 710 -106.30 -134.58 -52.57
N UNK I 711 -106.51 -134.73 -51.27
CA UNK I 711 -107.17 -133.76 -50.40
C UNK I 711 -106.14 -132.71 -50.00
N UNK I 712 -106.37 -131.99 -48.89
CA UNK I 712 -105.30 -131.16 -48.34
C UNK I 712 -104.24 -132.10 -47.77
N UNK I 713 -103.41 -132.60 -48.67
CA UNK I 713 -102.60 -133.80 -48.51
C UNK I 713 -101.75 -133.96 -49.77
N UNK I 714 -100.86 -134.92 -49.75
CA UNK I 714 -99.98 -135.18 -50.87
C UNK I 714 -100.65 -136.18 -51.83
N UNK I 715 -99.87 -136.71 -52.77
CA UNK I 715 -100.38 -137.53 -53.87
C UNK I 715 -100.71 -138.96 -53.43
N UNK I 716 -100.86 -139.88 -54.39
CA UNK I 716 -101.19 -141.27 -54.09
C UNK I 716 -100.17 -141.90 -53.15
N UNK I 717 -100.66 -142.72 -52.23
CA UNK I 717 -99.93 -143.02 -51.00
C UNK I 717 -98.69 -143.87 -51.28
N UNK I 718 -97.59 -143.50 -50.64
CA UNK I 718 -96.34 -144.22 -50.83
C UNK I 718 -95.48 -143.98 -49.58
N UNK I 719 -95.49 -144.95 -48.68
CA UNK I 719 -94.63 -144.90 -47.51
C UNK I 719 -93.43 -145.81 -47.64
N UNK I 720 -93.68 -147.07 -47.96
CA UNK I 720 -92.65 -148.01 -48.38
C UNK I 720 -92.99 -148.74 -49.66
N UNK I 721 -94.25 -148.72 -50.11
CA UNK I 721 -94.67 -149.43 -51.31
C UNK I 721 -95.65 -148.55 -52.06
N UNK I 722 -95.23 -148.01 -53.20
CA UNK I 722 -95.97 -146.96 -53.89
C UNK I 722 -97.18 -147.55 -54.60
N UNK I 723 -98.26 -147.71 -53.84
CA UNK I 723 -99.47 -148.32 -54.36
C UNK I 723 -100.25 -147.31 -55.18
N UNK I 724 -100.47 -147.62 -56.45
CA UNK I 724 -101.33 -146.85 -57.34
C UNK I 724 -102.79 -147.21 -57.12
N UNK I 725 -103.66 -146.86 -58.07
CA UNK I 725 -105.08 -147.14 -57.95
C UNK I 725 -105.43 -148.63 -58.03
N UNK I 726 -104.46 -149.50 -58.34
CA UNK I 726 -104.61 -150.94 -58.27
C UNK I 726 -104.45 -151.43 -56.84
N UNK I 727 -104.22 -152.74 -56.64
CA UNK I 727 -104.10 -153.31 -55.30
C UNK I 727 -102.86 -152.78 -54.58
N UNK I 728 -101.66 -153.04 -55.11
CA UNK I 728 -100.43 -152.57 -54.51
C UNK I 728 -99.35 -152.54 -55.59
N UNK I 729 -98.28 -151.82 -55.31
CA UNK I 729 -97.15 -151.73 -56.23
C UNK I 729 -95.92 -151.28 -55.46
N UNK I 730 -94.77 -151.77 -55.86
CA UNK I 730 -93.54 -151.57 -55.11
C UNK I 730 -92.53 -150.83 -55.98
N UNK I 731 -92.61 -149.52 -55.96
CA UNK I 731 -91.55 -148.72 -56.58
C UNK I 731 -90.31 -148.81 -55.70
N UNK I 732 -89.28 -149.45 -56.21
CA UNK I 732 -88.07 -149.70 -55.43
C UNK I 732 -87.25 -148.43 -55.26
N UNK J 1 -98.09 -67.67 -1.67
CA UNK J 1 -97.19 -66.60 -2.06
C UNK J 1 -97.71 -65.89 -3.30
N UNK J 2 -96.82 -65.55 -4.22
CA UNK J 2 -97.24 -64.85 -5.41
C UNK J 2 -96.36 -65.29 -6.57
N UNK J 3 -96.98 -65.68 -7.68
CA UNK J 3 -96.28 -66.22 -8.83
C UNK J 3 -96.59 -65.35 -10.02
N UNK J 4 -95.62 -64.63 -10.56
CA UNK J 4 -95.91 -63.65 -11.60
C UNK J 4 -95.31 -64.02 -12.95
N UNK J 5 -95.81 -63.42 -14.03
CA UNK J 5 -95.31 -63.78 -15.33
C UNK J 5 -95.47 -62.63 -16.32
N UNK J 6 -94.38 -62.16 -16.89
CA UNK J 6 -94.49 -61.22 -17.99
C UNK J 6 -94.70 -62.02 -19.27
N UNK J 7 -95.48 -61.50 -20.20
CA UNK J 7 -95.73 -62.29 -21.41
C UNK J 7 -95.90 -61.34 -22.58
N UNK J 8 -95.04 -61.46 -23.59
CA UNK J 8 -95.03 -60.50 -24.68
C UNK J 8 -95.57 -61.13 -25.95
N UNK J 9 -96.35 -60.36 -26.71
CA UNK J 9 -96.66 -60.74 -28.08
C UNK J 9 -95.64 -60.11 -29.02
N UNK J 10 -95.75 -60.34 -30.33
CA UNK J 10 -94.74 -59.84 -31.28
C UNK J 10 -95.01 -58.38 -31.61
N UNK J 11 -94.00 -57.53 -31.47
CA UNK J 11 -94.23 -56.11 -31.26
C UNK J 11 -93.44 -55.24 -32.22
N UNK J 12 -93.95 -54.02 -32.41
CA UNK J 12 -93.20 -52.90 -32.96
C UNK J 12 -93.92 -51.63 -32.54
N UNK J 13 -93.34 -50.90 -31.59
CA UNK J 13 -93.85 -49.64 -31.03
C UNK J 13 -95.26 -49.82 -30.48
N UNK J 14 -95.35 -50.62 -29.44
CA UNK J 14 -96.63 -50.82 -28.77
C UNK J 14 -96.41 -50.96 -27.27
N UNK J 15 -97.50 -50.91 -26.52
CA UNK J 15 -97.51 -50.57 -25.12
C UNK J 15 -97.72 -51.79 -24.24
N UNK J 16 -97.84 -51.54 -22.96
CA UNK J 16 -97.85 -52.58 -21.96
C UNK J 16 -99.20 -52.57 -21.26
N UNK J 17 -99.53 -53.68 -20.61
CA UNK J 17 -100.76 -53.77 -19.84
C UNK J 17 -100.49 -54.66 -18.63
N UNK J 18 -100.48 -54.08 -17.44
CA UNK J 18 -100.07 -54.80 -16.25
C UNK J 18 -101.30 -55.40 -15.57
N UNK J 19 -101.72 -56.56 -16.07
CA UNK J 19 -102.94 -57.14 -15.53
C UNK J 19 -102.63 -57.96 -14.28
N UNK J 20 -103.63 -58.15 -13.44
CA UNK J 20 -103.46 -58.94 -12.24
C UNK J 20 -104.60 -59.94 -12.21
N UNK J 21 -104.35 -61.14 -12.70
CA UNK J 21 -105.37 -62.18 -12.77
C UNK J 21 -105.68 -62.60 -11.36
N UNK J 22 -106.78 -62.08 -10.84
CA UNK J 22 -107.13 -62.27 -9.45
C UNK J 22 -107.50 -63.73 -9.20
N UNK J 23 -108.61 -64.16 -9.77
CA UNK J 23 -108.94 -65.58 -9.67
C UNK J 23 -109.59 -66.13 -10.93
N UNK J 24 -109.51 -65.44 -12.06
CA UNK J 24 -110.39 -65.77 -13.17
C UNK J 24 -109.93 -67.01 -13.92
N UNK J 25 -108.76 -66.93 -14.58
CA UNK J 25 -108.15 -67.93 -15.45
C UNK J 25 -109.03 -68.34 -16.64
N UNK J 26 -110.13 -67.62 -16.90
CA UNK J 26 -110.91 -67.72 -18.13
C UNK J 26 -111.15 -66.37 -18.75
N UNK J 27 -110.95 -65.29 -18.01
CA UNK J 27 -110.71 -63.97 -18.58
C UNK J 27 -109.31 -63.84 -19.13
N UNK J 28 -108.50 -64.89 -19.06
CA UNK J 28 -107.15 -64.86 -19.60
C UNK J 28 -107.18 -64.66 -21.10
N UNK J 29 -108.05 -65.38 -21.80
CA UNK J 29 -108.16 -65.17 -23.24
C UNK J 29 -108.78 -63.82 -23.53
N UNK J 30 -109.64 -63.32 -22.62
CA UNK J 30 -110.28 -62.04 -22.81
C UNK J 30 -109.27 -60.91 -22.75
N UNK J 31 -108.47 -60.87 -21.69
CA UNK J 31 -107.41 -59.88 -21.60
C UNK J 31 -106.32 -60.12 -22.63
N UNK J 32 -106.16 -61.37 -23.08
CA UNK J 32 -105.18 -61.66 -24.12
C UNK J 32 -105.57 -60.99 -25.42
N UNK J 33 -106.82 -61.13 -25.82
CA UNK J 33 -107.25 -60.44 -27.02
C UNK J 33 -107.33 -58.95 -26.79
N UNK J 34 -107.50 -58.51 -25.54
CA UNK J 34 -107.54 -57.08 -25.27
C UNK J 34 -106.17 -56.45 -25.45
N UNK J 35 -105.13 -57.12 -24.99
CA UNK J 35 -103.76 -56.67 -25.21
C UNK J 35 -103.19 -57.21 -26.49
N UNK J 36 -104.00 -57.84 -27.33
CA UNK J 36 -103.55 -58.10 -28.68
C UNK J 36 -103.34 -56.83 -29.46
N UNK J 37 -104.02 -55.74 -29.10
CA UNK J 37 -103.67 -54.44 -29.66
C UNK J 37 -102.67 -53.72 -28.76
N UNK J 38 -101.52 -54.37 -28.60
CA UNK J 38 -100.45 -53.94 -27.70
C UNK J 38 -99.15 -54.69 -27.96
N UNK J 39 -98.21 -54.58 -27.02
CA UNK J 39 -96.95 -55.32 -27.05
C UNK J 39 -96.79 -56.30 -25.91
N UNK J 40 -96.95 -55.87 -24.67
CA UNK J 40 -96.52 -56.73 -23.56
C UNK J 40 -97.59 -56.79 -22.49
N UNK J 41 -98.21 -57.94 -22.33
CA UNK J 41 -99.02 -58.13 -21.15
C UNK J 41 -98.10 -58.50 -20.01
N UNK J 42 -98.55 -58.25 -18.80
CA UNK J 42 -97.78 -58.67 -17.63
C UNK J 42 -98.80 -59.25 -16.66
N UNK J 43 -98.98 -60.55 -16.68
CA UNK J 43 -100.02 -61.17 -15.89
C UNK J 43 -99.47 -61.49 -14.53
N UNK J 44 -100.01 -60.88 -13.49
CA UNK J 44 -99.61 -61.23 -12.15
C UNK J 44 -100.53 -62.30 -11.57
N UNK J 45 -99.98 -63.07 -10.63
CA UNK J 45 -100.57 -64.12 -9.79
C UNK J 45 -100.87 -65.44 -10.51
N UNK J 46 -100.92 -65.45 -11.84
CA UNK J 46 -100.46 -66.51 -12.76
C UNK J 46 -100.42 -67.95 -12.32
N UNK J 47 -101.47 -68.49 -11.74
CA UNK J 47 -101.34 -69.82 -11.14
C UNK J 47 -101.49 -70.93 -12.18
N UNK J 48 -102.60 -70.94 -12.90
CA UNK J 48 -102.76 -71.84 -14.01
C UNK J 48 -102.53 -71.14 -15.34
N UNK J 49 -102.55 -69.82 -15.33
CA UNK J 49 -102.36 -69.07 -16.57
C UNK J 49 -100.95 -69.24 -17.09
N UNK J 50 -99.95 -69.02 -16.25
CA UNK J 50 -98.57 -69.16 -16.68
C UNK J 50 -98.25 -70.58 -17.06
N UNK J 51 -98.85 -71.53 -16.37
CA UNK J 51 -98.57 -72.93 -16.64
C UNK J 51 -99.12 -73.34 -17.99
N UNK J 52 -100.40 -73.04 -18.25
CA UNK J 52 -100.97 -73.43 -19.52
C UNK J 52 -100.35 -72.65 -20.66
N UNK J 53 -99.97 -71.40 -20.41
CA UNK J 53 -99.34 -70.63 -21.49
C UNK J 53 -97.95 -71.14 -21.80
N UNK J 54 -97.21 -71.55 -20.79
CA UNK J 54 -95.86 -72.05 -21.05
C UNK J 54 -95.91 -73.41 -21.71
N UNK J 55 -96.88 -74.25 -21.35
CA UNK J 55 -96.96 -75.54 -22.00
C UNK J 55 -97.36 -75.39 -23.45
N UNK J 56 -98.27 -74.45 -23.74
CA UNK J 56 -98.63 -74.21 -25.12
C UNK J 56 -97.46 -73.63 -25.89
N UNK J 57 -96.68 -72.75 -25.26
CA UNK J 57 -95.58 -72.14 -25.99
C UNK J 57 -94.47 -73.14 -26.25
N UNK J 58 -94.22 -74.04 -25.31
CA UNK J 58 -93.11 -74.95 -25.48
C UNK J 58 -93.48 -76.14 -26.34
N UNK J 59 -94.75 -76.45 -26.47
CA UNK J 59 -95.14 -77.45 -27.45
C UNK J 59 -96.02 -76.80 -28.50
N UNK J 60 -95.66 -75.60 -28.91
CA UNK J 60 -96.45 -74.83 -29.85
C UNK J 60 -95.99 -74.95 -31.29
N UNK J 61 -94.81 -75.50 -31.55
CA UNK J 61 -94.33 -75.58 -32.91
C UNK J 61 -94.34 -76.99 -33.48
N UNK J 62 -93.71 -77.94 -32.82
CA UNK J 62 -93.66 -79.27 -33.38
C UNK J 62 -94.98 -79.98 -33.21
N UNK J 63 -95.60 -79.82 -32.06
CA UNK J 63 -96.88 -80.46 -31.81
C UNK J 63 -97.99 -79.81 -32.60
N UNK J 64 -97.75 -78.66 -33.21
CA UNK J 64 -98.64 -78.10 -34.21
C UNK J 64 -98.30 -78.55 -35.61
N UNK J 65 -97.00 -78.68 -35.90
CA UNK J 65 -96.57 -79.06 -37.23
C UNK J 65 -96.99 -80.47 -37.55
N UNK J 66 -97.06 -81.34 -36.56
CA UNK J 66 -97.53 -82.67 -36.89
C UNK J 66 -99.04 -82.74 -36.96
N UNK J 67 -99.73 -82.58 -35.84
CA UNK J 67 -101.08 -83.13 -35.74
C UNK J 67 -102.18 -82.10 -35.56
N UNK J 68 -102.19 -81.38 -34.43
CA UNK J 68 -103.40 -80.77 -33.85
C UNK J 68 -104.57 -81.75 -33.85
N UNK J 69 -104.41 -82.79 -33.04
CA UNK J 69 -105.40 -83.85 -32.94
C UNK J 69 -106.54 -83.44 -32.00
N UNK J 70 -107.60 -84.24 -32.01
CA UNK J 70 -108.67 -84.15 -31.02
C UNK J 70 -108.62 -85.37 -30.13
N UNK J 71 -108.61 -85.16 -28.82
CA UNK J 71 -108.17 -86.19 -27.91
C UNK J 71 -109.30 -86.64 -27.00
N UNK J 72 -109.86 -87.82 -27.26
CA UNK J 72 -110.75 -88.47 -26.31
C UNK J 72 -109.94 -89.02 -25.15
N UNK J 73 -110.57 -89.14 -24.00
CA UNK J 73 -109.83 -89.60 -22.83
C UNK J 73 -110.72 -90.45 -21.93
N UNK J 74 -110.20 -91.58 -21.49
CA UNK J 74 -110.89 -92.42 -20.53
C UNK J 74 -109.89 -92.66 -19.42
N UNK J 75 -109.83 -91.76 -18.46
CA UNK J 75 -108.79 -91.83 -17.45
C UNK J 75 -109.39 -92.15 -16.10
N UNK J 76 -108.72 -93.07 -15.41
CA UNK J 76 -109.05 -93.41 -14.03
C UNK J 76 -108.16 -92.62 -13.12
N UNK J 77 -108.68 -92.25 -11.97
CA UNK J 77 -108.22 -91.03 -11.34
C UNK J 77 -107.02 -91.23 -10.45
N UNK J 78 -106.16 -92.18 -10.79
CA UNK J 78 -105.14 -92.64 -9.86
C UNK J 78 -104.10 -91.60 -9.46
N UNK J 79 -103.24 -91.19 -10.38
CA UNK J 79 -102.02 -90.50 -10.00
C UNK J 79 -102.04 -89.05 -10.41
N UNK J 80 -102.22 -88.78 -11.70
CA UNK J 80 -102.17 -87.42 -12.21
C UNK J 80 -103.33 -86.58 -11.73
N UNK J 81 -104.41 -87.22 -11.28
CA UNK J 81 -105.67 -86.56 -10.99
C UNK J 81 -105.60 -85.61 -9.83
N UNK J 82 -104.52 -85.60 -9.06
CA UNK J 82 -104.13 -84.36 -8.41
C UNK J 82 -102.61 -84.35 -8.37
N UNK J 83 -102.00 -83.89 -9.45
CA UNK J 83 -100.55 -84.04 -9.56
C UNK J 83 -100.02 -83.22 -10.71
N UNK J 84 -98.76 -83.47 -11.02
CA UNK J 84 -97.94 -82.69 -11.93
C UNK J 84 -97.88 -83.34 -13.30
N UNK J 85 -97.72 -82.51 -14.32
CA UNK J 85 -97.57 -83.00 -15.69
C UNK J 85 -96.15 -83.39 -16.01
N UNK J 86 -95.26 -83.37 -15.03
CA UNK J 86 -93.93 -83.95 -15.08
C UNK J 86 -93.04 -83.30 -16.12
N UNK J 87 -93.19 -82.01 -16.31
CA UNK J 87 -92.19 -81.27 -17.05
C UNK J 87 -91.96 -79.90 -16.46
N UNK J 88 -92.62 -79.55 -15.36
CA UNK J 88 -92.54 -78.21 -14.84
C UNK J 88 -91.27 -77.99 -14.06
N UNK J 89 -90.81 -78.99 -13.33
CA UNK J 89 -89.78 -78.82 -12.32
C UNK J 89 -88.39 -78.65 -12.89
N UNK J 90 -88.24 -78.55 -14.18
CA UNK J 90 -86.94 -78.22 -14.72
C UNK J 90 -86.97 -77.07 -15.70
N UNK J 91 -88.12 -76.73 -16.29
CA UNK J 91 -88.22 -75.56 -17.13
C UNK J 91 -88.67 -74.33 -16.36
N UNK J 92 -89.70 -74.45 -15.52
CA UNK J 92 -89.98 -73.38 -14.58
C UNK J 92 -89.29 -73.64 -13.25
N UNK J 93 -88.03 -74.01 -13.36
CA UNK J 93 -86.97 -73.57 -12.46
C UNK J 93 -86.40 -72.40 -13.23
N UNK J 94 -86.98 -71.22 -12.97
CA UNK J 94 -87.06 -70.14 -13.94
C UNK J 94 -85.71 -69.58 -14.32
N UNK J 95 -85.52 -69.34 -15.61
CA UNK J 95 -84.32 -68.69 -16.11
C UNK J 95 -84.51 -67.20 -16.30
N UNK J 96 -85.64 -66.80 -16.87
CA UNK J 96 -86.18 -65.44 -16.80
C UNK J 96 -85.26 -64.41 -17.45
N UNK J 97 -85.02 -64.59 -18.74
CA UNK J 97 -84.01 -63.79 -19.40
C UNK J 97 -84.50 -63.44 -20.79
N UNK J 98 -84.98 -62.23 -20.94
CA UNK J 98 -85.48 -61.81 -22.22
C UNK J 98 -85.48 -60.30 -22.29
N UNK J 99 -86.13 -59.81 -23.33
CA UNK J 99 -86.55 -58.47 -23.60
C UNK J 99 -87.61 -58.63 -24.67
N UNK J 100 -87.88 -57.55 -25.42
CA UNK J 100 -88.70 -57.67 -26.63
C UNK J 100 -87.79 -57.95 -27.81
N UNK J 101 -87.36 -59.20 -27.93
CA UNK J 101 -86.38 -59.58 -28.94
C UNK J 101 -87.03 -60.15 -30.19
N UNK J 102 -88.01 -59.44 -30.73
CA UNK J 102 -88.57 -59.80 -32.03
C UNK J 102 -89.04 -58.58 -32.79
N UNK J 103 -88.32 -57.46 -32.66
CA UNK J 103 -88.77 -56.16 -33.17
C UNK J 103 -89.04 -56.20 -34.67
N UNK J 104 -90.15 -55.57 -35.08
CA UNK J 104 -90.83 -55.99 -36.31
C UNK J 104 -91.01 -54.91 -37.36
N UNK J 105 -89.94 -54.18 -37.67
CA UNK J 105 -89.81 -53.34 -38.87
C UNK J 105 -90.87 -52.27 -39.07
N UNK J 106 -94.60 -162.00 49.92
CA UNK J 106 -94.36 -160.65 49.42
C UNK J 106 -94.92 -160.51 48.01
N UNK J 107 -95.12 -161.63 47.34
CA UNK J 107 -95.51 -161.64 45.95
C UNK J 107 -96.28 -162.91 45.65
N UNK J 108 -97.37 -162.83 44.89
CA UNK J 108 -97.92 -161.59 44.36
C UNK J 108 -98.80 -160.91 45.41
N UNK J 109 -99.84 -161.62 45.86
CA UNK J 109 -100.88 -161.10 46.74
C UNK J 109 -101.42 -159.77 46.22
N UNK J 110 -101.93 -159.86 44.98
CA UNK J 110 -102.44 -158.74 44.18
C UNK J 110 -101.39 -157.67 43.97
N UNK J 111 -100.12 -158.04 43.95
CA UNK J 111 -99.07 -157.02 43.86
C UNK J 111 -97.90 -157.62 43.10
N UNK J 112 -97.88 -157.39 41.79
CA UNK J 112 -96.84 -157.91 40.93
C UNK J 112 -96.88 -157.16 39.62
N UNK J 113 -95.83 -157.37 38.81
CA UNK J 113 -95.71 -156.89 37.43
C UNK J 113 -95.85 -155.38 37.28
N UNK J 114 -121.27 -118.61 34.74
CA UNK J 114 -121.33 -120.04 34.54
C UNK J 114 -121.51 -120.37 33.07
N UNK J 115 -122.10 -119.43 32.34
CA UNK J 115 -122.35 -119.62 30.92
C UNK J 115 -121.22 -119.14 30.04
N UNK J 116 -120.17 -118.56 30.62
CA UNK J 116 -119.23 -117.78 29.84
C UNK J 116 -118.20 -118.63 29.13
N UNK J 117 -117.88 -118.25 27.90
CA UNK J 117 -116.70 -118.77 27.24
C UNK J 117 -115.43 -118.31 27.95
N UNK J 118 -115.48 -117.15 28.62
CA UNK J 118 -114.35 -116.77 29.47
C UNK J 118 -114.20 -117.74 30.62
N UNK J 119 -115.33 -118.16 31.21
CA UNK J 119 -115.29 -119.18 32.24
C UNK J 119 -114.84 -120.51 31.68
N UNK J 120 -115.16 -120.77 30.42
CA UNK J 120 -114.68 -121.97 29.75
C UNK J 120 -113.17 -121.93 29.60
N UNK J 121 -112.65 -120.91 28.91
CA UNK J 121 -111.22 -120.81 28.60
C UNK J 121 -110.37 -120.63 29.84
N UNK J 122 -110.97 -120.32 30.99
CA UNK J 122 -110.34 -120.59 32.26
C UNK J 122 -110.48 -122.07 32.64
N UNK J 123 -109.84 -122.93 31.84
CA UNK J 123 -109.81 -124.35 32.19
C UNK J 123 -108.44 -125.03 32.27
N UNK J 124 -107.50 -124.87 31.31
CA UNK J 124 -107.42 -124.01 30.10
C UNK J 124 -106.89 -124.69 28.81
N UNK J 125 -107.49 -125.78 28.35
CA UNK J 125 -107.03 -126.45 27.14
C UNK J 125 -107.50 -125.72 25.87
N UNK J 126 -107.33 -126.34 24.70
CA UNK J 126 -107.61 -125.72 23.40
C UNK J 126 -108.61 -126.48 22.54
N UNK J 127 -108.90 -127.73 22.86
CA UNK J 127 -110.16 -128.26 22.37
C UNK J 127 -111.35 -127.54 23.02
N UNK J 128 -111.12 -126.86 24.15
CA UNK J 128 -112.08 -125.84 24.59
C UNK J 128 -112.21 -124.70 23.58
N UNK J 129 -111.16 -124.41 22.79
CA UNK J 129 -111.36 -123.46 21.70
C UNK J 129 -112.07 -124.11 20.54
N UNK J 130 -111.97 -125.42 20.44
CA UNK J 130 -112.91 -126.12 19.58
C UNK J 130 -114.30 -126.25 20.19
N UNK J 131 -114.46 -125.92 21.47
CA UNK J 131 -115.73 -126.06 22.16
C UNK J 131 -116.31 -124.73 22.60
N UNK J 132 -115.66 -123.61 22.25
CA UNK J 132 -116.18 -122.31 22.60
C UNK J 132 -117.43 -121.94 21.83
N UNK J 133 -117.76 -122.69 20.78
CA UNK J 133 -119.03 -122.53 20.09
C UNK J 133 -120.22 -122.96 20.94
N UNK J 134 -119.99 -123.61 22.07
CA UNK J 134 -121.05 -123.81 23.04
C UNK J 134 -121.59 -122.48 23.54
N UNK J 135 -120.70 -121.49 23.73
CA UNK J 135 -121.08 -120.20 24.29
C UNK J 135 -121.19 -119.13 23.24
N UNK J 136 -121.71 -119.46 22.06
CA UNK J 136 -122.00 -118.46 21.05
C UNK J 136 -123.35 -118.77 20.39
N UNK J 137 -124.65 -141.87 37.95
CA UNK J 137 -124.49 -142.79 36.84
C UNK J 137 -123.76 -142.13 35.67
N UNK J 138 -122.46 -141.90 35.86
CA UNK J 138 -121.69 -141.21 34.85
C UNK J 138 -121.29 -142.14 33.72
N UNK J 139 -120.88 -141.53 32.60
CA UNK J 139 -120.14 -142.27 31.60
C UNK J 139 -118.83 -142.78 32.19
N UNK J 140 -118.17 -141.94 33.00
CA UNK J 140 -117.00 -142.35 33.74
C UNK J 140 -117.32 -143.35 34.82
N UNK J 141 -118.57 -143.49 35.23
CA UNK J 141 -118.91 -144.54 36.20
C UNK J 141 -118.79 -145.92 35.58
N UNK J 142 -118.97 -146.01 34.25
CA UNK J 142 -118.66 -147.25 33.56
C UNK J 142 -117.18 -147.58 33.70
N UNK J 143 -116.32 -146.57 33.64
CA UNK J 143 -114.91 -146.79 33.92
C UNK J 143 -114.68 -147.08 35.40
N UNK J 144 -115.43 -146.42 36.27
CA UNK J 144 -115.23 -146.57 37.70
C UNK J 144 -115.66 -147.93 38.20
N UNK J 145 -116.46 -148.66 37.42
CA UNK J 145 -116.65 -150.08 37.64
C UNK J 145 -115.75 -150.92 36.76
N UNK J 146 -115.36 -150.42 35.60
CA UNK J 146 -114.66 -151.24 34.61
C UNK J 146 -113.20 -151.41 34.99
N UNK J 147 -112.51 -150.33 35.29
CA UNK J 147 -111.16 -150.41 35.82
C UNK J 147 -111.15 -151.03 37.21
N UNK J 148 -112.25 -150.92 37.94
CA UNK J 148 -112.37 -151.63 39.20
C UNK J 148 -112.38 -153.14 38.99
N UNK J 149 -113.12 -153.60 37.98
CA UNK J 149 -113.10 -155.01 37.64
C UNK J 149 -111.77 -155.42 37.04
N UNK J 150 -111.09 -154.50 36.38
CA UNK J 150 -109.83 -154.82 35.73
C UNK J 150 -108.63 -154.76 36.68
N UNK J 151 -108.77 -154.10 37.82
CA UNK J 151 -107.66 -153.98 38.74
C UNK J 151 -107.89 -154.69 40.06
N UNK J 152 -109.11 -154.68 40.58
CA UNK J 152 -109.46 -155.36 41.82
C UNK J 152 -109.89 -156.80 41.58
N UNK J 153 -109.45 -157.39 40.49
CA UNK J 153 -109.69 -158.81 40.22
C UNK J 153 -108.56 -159.70 40.70
N UNK J 154 -107.37 -159.15 40.90
CA UNK J 154 -106.28 -159.94 41.47
C UNK J 154 -106.59 -160.33 42.91
N UNK J 155 -107.35 -159.51 43.62
CA UNK J 155 -107.87 -159.88 44.92
C UNK J 155 -109.22 -159.21 45.13
N UNK J 156 -87.15 -130.19 64.91
CA UNK J 156 -86.78 -129.48 63.69
C UNK J 156 -88.01 -129.20 62.84
N UNK J 157 -89.13 -129.78 63.21
CA UNK J 157 -90.36 -129.40 62.52
C UNK J 157 -91.48 -128.99 63.45
N UNK J 158 -91.65 -129.67 64.58
CA UNK J 158 -92.89 -129.48 65.33
C UNK J 158 -92.84 -128.29 66.27
N UNK J 159 -92.07 -128.43 67.35
CA UNK J 159 -92.07 -127.52 68.51
C UNK J 159 -93.47 -127.17 69.01
N UNK J 160 -94.44 -128.08 68.86
CA UNK J 160 -95.83 -127.72 69.01
C UNK J 160 -96.27 -127.95 70.44
N UNK J 161 -96.93 -126.95 71.01
CA UNK J 161 -97.45 -127.01 72.36
C UNK J 161 -98.96 -127.21 72.31
N UNK J 162 -99.52 -127.59 73.43
CA UNK J 162 -100.93 -127.94 73.51
C UNK J 162 -101.63 -127.10 74.55
N UNK J 163 -102.93 -127.32 74.66
CA UNK J 163 -103.74 -126.75 75.72
C UNK J 163 -104.97 -127.64 75.87
N UNK J 164 -105.68 -127.47 76.97
CA UNK J 164 -106.89 -128.26 77.22
C UNK J 164 -108.15 -127.40 77.19
N UNK J 165 -108.22 -126.38 78.05
CA UNK J 165 -109.25 -125.34 78.06
C UNK J 165 -110.67 -125.91 78.16
N UNK J 166 -110.93 -126.59 79.27
CA UNK J 166 -112.22 -127.21 79.50
C UNK J 166 -113.11 -126.34 80.37
N UNK J 167 -114.41 -126.65 80.34
CA UNK J 167 -115.46 -126.09 81.22
C UNK J 167 -115.58 -124.56 81.10
N UNK J 168 -116.12 -124.07 79.97
CA UNK J 168 -116.69 -124.83 78.85
C UNK J 168 -116.34 -124.25 77.47
N UNK J 169 -115.85 -123.01 77.42
CA UNK J 169 -115.70 -122.27 76.18
C UNK J 169 -114.24 -121.99 75.87
N UNK J 170 -113.92 -121.98 74.57
CA UNK J 170 -112.55 -122.01 74.09
C UNK J 170 -111.88 -120.64 74.19
N UNK J 171 -110.59 -120.62 73.86
CA UNK J 171 -109.83 -119.38 73.75
C UNK J 171 -109.35 -119.13 72.32
N UNK J 172 -108.56 -120.04 71.76
CA UNK J 172 -107.84 -119.78 70.53
C UNK J 172 -107.30 -121.10 69.99
N UNK J 173 -106.83 -121.06 68.74
CA UNK J 173 -106.23 -122.23 68.12
C UNK J 173 -105.00 -121.83 67.31
N UNK J 174 -104.15 -120.99 67.87
CA UNK J 174 -103.25 -120.21 67.03
C UNK J 174 -102.03 -121.04 66.63
N UNK J 175 -101.28 -120.53 65.66
CA UNK J 175 -100.14 -121.27 65.16
C UNK J 175 -99.09 -120.29 64.65
N UNK J 176 -97.91 -120.32 65.25
CA UNK J 176 -96.82 -119.47 64.82
C UNK J 176 -96.01 -120.23 63.77
N UNK J 177 -96.05 -119.75 62.54
CA UNK J 177 -95.43 -120.44 61.43
C UNK J 177 -94.23 -119.61 60.97
N UNK J 178 -93.04 -120.10 61.23
CA UNK J 178 -91.85 -119.38 60.83
C UNK J 178 -91.49 -119.79 59.41
N UNK J 179 -91.21 -118.82 58.56
CA UNK J 179 -90.73 -119.09 57.21
C UNK J 179 -89.21 -119.15 57.27
N UNK J 180 -88.55 -119.04 56.12
CA UNK J 180 -87.12 -119.29 56.00
C UNK J 180 -86.28 -118.26 56.77
N UNK J 181 -84.98 -118.46 56.72
CA UNK J 181 -84.05 -117.73 57.57
C UNK J 181 -83.31 -116.68 56.77
N UNK J 182 -82.97 -115.53 57.40
CA UNK J 182 -83.38 -115.05 58.72
C UNK J 182 -83.45 -113.53 58.66
N UNK J 183 -83.53 -112.90 59.84
CA UNK J 183 -83.30 -111.47 60.05
C UNK J 183 -84.29 -110.62 59.25
N UNK J 184 -85.56 -110.76 59.61
CA UNK J 184 -86.63 -110.05 58.91
C UNK J 184 -87.80 -109.89 59.86
N UNK J 185 -88.96 -109.55 59.33
CA UNK J 185 -90.07 -109.06 60.13
C UNK J 185 -91.00 -110.19 60.54
N UNK J 186 -92.14 -109.79 61.09
CA UNK J 186 -93.21 -110.69 61.44
C UNK J 186 -94.51 -110.16 60.88
N UNK J 187 -95.47 -111.04 60.69
CA UNK J 187 -96.80 -110.66 60.24
C UNK J 187 -97.81 -111.58 60.89
N UNK J 188 -98.79 -111.01 61.57
CA UNK J 188 -99.77 -111.77 62.34
C UNK J 188 -101.07 -111.81 61.53
N UNK J 189 -101.18 -112.80 60.65
CA UNK J 189 -102.40 -112.97 59.88
C UNK J 189 -103.48 -113.49 60.80
N UNK J 190 -104.44 -112.65 61.12
CA UNK J 190 -105.63 -113.09 61.84
C UNK J 190 -106.57 -113.63 60.78
N UNK J 191 -106.57 -114.94 60.58
CA UNK J 191 -107.46 -115.53 59.62
C UNK J 191 -108.88 -115.46 60.14
N UNK J 192 -109.81 -115.01 59.29
CA UNK J 192 -111.22 -115.14 59.61
C UNK J 192 -111.55 -116.62 59.70
N UNK J 193 -111.54 -117.30 58.55
CA UNK J 193 -111.29 -118.74 58.52
C UNK J 193 -110.55 -119.13 57.25
N UNK J 194 -109.94 -118.16 56.56
CA UNK J 194 -109.94 -118.07 55.10
C UNK J 194 -109.40 -119.26 54.32
N UNK J 195 -108.08 -119.52 54.39
CA UNK J 195 -107.38 -120.51 53.56
C UNK J 195 -107.67 -120.35 52.07
N UNK J 196 -107.76 -119.11 51.61
CA UNK J 196 -107.86 -118.82 50.19
C UNK J 196 -106.73 -117.92 49.69
N UNK J 197 -106.49 -116.82 50.38
CA UNK J 197 -105.30 -116.01 50.18
C UNK J 197 -104.18 -116.41 51.11
N UNK J 198 -104.23 -117.65 51.61
CA UNK J 198 -103.20 -118.12 52.50
C UNK J 198 -101.86 -118.18 51.79
N UNK J 199 -101.85 -118.71 50.57
CA UNK J 199 -100.64 -118.69 49.78
C UNK J 199 -100.24 -117.28 49.39
N UNK J 200 -101.23 -116.38 49.30
CA UNK J 200 -100.93 -114.99 48.96
C UNK J 200 -100.18 -114.32 50.10
N UNK J 201 -100.68 -114.45 51.31
CA UNK J 201 -99.96 -113.88 52.43
C UNK J 201 -98.67 -114.63 52.72
N UNK J 202 -98.56 -115.90 52.34
CA UNK J 202 -97.29 -116.59 52.48
C UNK J 202 -96.26 -116.02 51.53
N UNK J 203 -96.65 -115.75 50.30
CA UNK J 203 -95.73 -115.10 49.39
C UNK J 203 -95.51 -113.65 49.78
N UNK J 204 -96.41 -113.07 50.55
CA UNK J 204 -96.14 -111.74 51.10
C UNK J 204 -95.09 -111.81 52.19
N UNK J 205 -95.20 -112.78 53.08
CA UNK J 205 -94.23 -112.93 54.16
C UNK J 205 -92.97 -113.61 53.71
N UNK J 206 -92.89 -113.99 52.43
CA UNK J 206 -91.61 -114.39 51.85
C UNK J 206 -90.58 -113.29 51.92
N UNK J 207 -91.01 -112.03 51.92
CA UNK J 207 -90.10 -110.96 52.25
C UNK J 207 -89.84 -110.86 53.74
N UNK J 208 -90.68 -111.43 54.56
CA UNK J 208 -90.58 -111.36 56.01
C UNK J 208 -89.84 -112.58 56.57
N UNK J 209 -89.94 -112.80 57.89
CA UNK J 209 -89.40 -113.99 58.56
C UNK J 209 -90.44 -114.85 59.25
N UNK J 210 -91.36 -114.27 60.02
CA UNK J 210 -92.21 -115.08 60.88
C UNK J 210 -93.66 -114.68 60.74
N UNK J 211 -94.50 -115.59 60.28
CA UNK J 211 -95.92 -115.35 60.26
C UNK J 211 -96.57 -115.99 61.49
N UNK J 212 -97.77 -115.54 61.79
CA UNK J 212 -98.53 -116.13 62.88
C UNK J 212 -100.00 -116.12 62.52
N UNK J 213 -100.59 -117.29 62.44
CA UNK J 213 -101.99 -117.42 62.07
C UNK J 213 -102.84 -117.50 63.32
N UNK J 214 -103.92 -116.73 63.35
CA UNK J 214 -104.83 -116.73 64.48
C UNK J 214 -105.97 -117.71 64.22
N UNK J 215 -105.90 -118.86 64.90
CA UNK J 215 -106.87 -119.93 65.10
C UNK J 215 -107.10 -120.81 63.88
N UNK J 216 -106.88 -120.27 62.69
CA UNK J 216 -106.38 -120.92 61.48
C UNK J 216 -107.17 -122.10 60.90
N UNK J 217 -107.81 -122.91 61.73
CA UNK J 217 -108.98 -123.76 61.49
C UNK J 217 -108.97 -124.70 60.28
N UNK J 218 -108.25 -124.35 59.22
CA UNK J 218 -108.01 -125.24 58.10
C UNK J 218 -106.64 -124.93 57.53
N UNK J 219 -106.20 -123.70 57.73
CA UNK J 219 -104.98 -123.23 57.10
C UNK J 219 -103.78 -123.88 57.74
N UNK J 220 -103.73 -123.86 59.07
CA UNK J 220 -102.67 -124.57 59.77
C UNK J 220 -102.81 -126.07 59.61
N UNK J 221 -104.03 -126.56 59.39
CA UNK J 221 -104.24 -127.99 59.14
C UNK J 221 -103.55 -128.42 57.85
N UNK J 222 -103.84 -127.72 56.75
CA UNK J 222 -103.19 -128.03 55.48
C UNK J 222 -101.71 -127.70 55.50
N UNK J 223 -101.33 -126.66 56.24
CA UNK J 223 -99.92 -126.31 56.36
C UNK J 223 -99.15 -127.38 57.09
N UNK J 224 -99.72 -127.89 58.18
CA UNK J 224 -99.09 -128.96 58.92
C UNK J 224 -99.07 -130.24 58.11
N UNK J 225 -100.12 -130.45 57.31
CA UNK J 225 -100.17 -131.62 56.44
C UNK J 225 -99.04 -131.61 55.44
N UNK J 226 -98.74 -130.45 54.87
CA UNK J 226 -97.60 -130.35 53.99
C UNK J 226 -96.31 -130.52 54.76
N UNK J 227 -96.20 -129.82 55.90
CA UNK J 227 -94.93 -129.73 56.60
C UNK J 227 -94.52 -131.05 57.21
N UNK J 228 -95.48 -131.90 57.52
CA UNK J 228 -95.14 -133.18 58.13
C UNK J 228 -94.62 -134.15 57.08
N UNK J 229 -95.44 -134.46 56.10
CA UNK J 229 -95.07 -135.49 55.16
C UNK J 229 -94.20 -134.98 54.02
N UNK J 230 -93.79 -133.70 54.05
CA UNK J 230 -92.99 -133.12 52.98
C UNK J 230 -91.67 -133.81 52.74
N UNK J 231 -90.76 -133.77 53.73
CA UNK J 231 -89.48 -134.45 53.55
C UNK J 231 -89.63 -135.97 53.58
N UNK J 232 -90.70 -136.47 54.18
CA UNK J 232 -90.99 -137.89 54.21
C UNK J 232 -91.22 -138.43 52.81
N UNK J 233 -92.30 -137.99 52.19
CA UNK J 233 -92.65 -138.47 50.86
C UNK J 233 -91.81 -137.80 49.78
N UNK J 234 -91.01 -136.80 50.13
CA UNK J 234 -90.24 -136.06 49.15
C UNK J 234 -89.17 -136.93 48.52
N UNK J 235 -88.69 -137.94 49.23
CA UNK J 235 -87.79 -138.92 48.65
C UNK J 235 -88.49 -139.91 47.72
N UNK J 236 -89.79 -139.77 47.51
CA UNK J 236 -90.50 -140.51 46.49
C UNK J 236 -90.88 -139.66 45.29
N UNK J 237 -91.47 -138.48 45.54
CA UNK J 237 -91.83 -137.48 44.53
C UNK J 237 -92.80 -138.05 43.48
N UNK J 238 -94.00 -138.38 43.93
CA UNK J 238 -94.97 -139.07 43.11
C UNK J 238 -96.19 -138.22 42.81
N UNK J 239 -96.98 -138.67 41.83
CA UNK J 239 -98.25 -138.06 41.41
C UNK J 239 -99.31 -139.13 41.29
N UNK J 240 -100.57 -138.71 41.15
CA UNK J 240 -101.64 -139.69 41.30
C UNK J 240 -102.83 -139.30 40.44
N UNK J 241 -103.92 -140.06 40.59
CA UNK J 241 -105.16 -139.84 39.87
C UNK J 241 -106.26 -140.54 40.64
N UNK J 242 -107.17 -139.77 41.24
CA UNK J 242 -108.12 -140.29 42.22
C UNK J 242 -109.52 -140.26 41.64
N UNK J 243 -110.09 -141.43 41.43
CA UNK J 243 -111.50 -141.55 41.00
C UNK J 243 -112.19 -142.39 42.04
N UNK J 244 -112.61 -141.77 43.13
CA UNK J 244 -113.02 -142.48 44.33
C UNK J 244 -114.53 -142.63 44.36
N UNK J 245 -115.00 -143.86 44.61
CA UNK J 245 -116.42 -144.17 44.64
C UNK J 245 -117.02 -143.65 45.95
N UNK J 246 -117.28 -142.34 45.96
CA UNK J 246 -117.59 -141.65 47.20
C UNK J 246 -118.96 -142.03 47.71
N UNK J 247 -119.01 -143.15 48.44
CA UNK J 247 -120.23 -143.69 48.99
C UNK J 247 -120.35 -143.53 50.50
N UNK J 248 -119.24 -143.32 51.20
CA UNK J 248 -119.25 -143.04 52.63
C UNK J 248 -119.16 -141.54 52.87
N UNK J 249 -119.86 -140.76 52.05
CA UNK J 249 -119.64 -139.32 51.92
C UNK J 249 -120.05 -138.61 53.20
N UNK J 250 -119.05 -138.36 54.03
CA UNK J 250 -119.18 -137.67 55.29
C UNK J 250 -117.87 -136.93 55.47
N UNK J 251 -117.55 -136.57 56.71
CA UNK J 251 -116.28 -135.91 56.99
C UNK J 251 -115.11 -136.83 56.68
N UNK J 252 -114.13 -136.30 55.96
CA UNK J 252 -112.90 -137.03 55.72
C UNK J 252 -111.93 -136.75 56.87
N UNK J 253 -110.66 -137.10 56.69
CA UNK J 253 -109.73 -137.10 57.81
C UNK J 253 -108.52 -136.23 57.49
N UNK J 254 -107.61 -136.19 58.44
CA UNK J 254 -106.47 -135.29 58.45
C UNK J 254 -105.33 -135.97 59.18
N UNK J 255 -104.35 -135.19 59.63
CA UNK J 255 -103.19 -135.71 60.37
C UNK J 255 -102.94 -134.89 61.63
N UNK J 256 -103.99 -134.64 62.40
CA UNK J 256 -103.87 -133.94 63.67
C UNK J 256 -103.16 -134.79 64.71
N UNK J 257 -115.99 -148.47 48.20
CA UNK J 257 -114.56 -148.36 47.93
C UNK J 257 -114.21 -146.92 47.64
N UNK J 258 -112.93 -146.61 47.54
CA UNK J 258 -112.48 -145.30 47.10
C UNK J 258 -111.25 -145.51 46.22
N UNK J 259 -111.43 -145.53 44.91
CA UNK J 259 -110.37 -145.91 43.99
C UNK J 259 -109.46 -144.72 43.69
N UNK J 260 -108.16 -144.92 43.81
CA UNK J 260 -107.18 -143.95 43.38
C UNK J 260 -105.99 -144.72 42.84
N UNK J 261 -105.61 -144.41 41.62
CA UNK J 261 -104.44 -145.02 40.99
C UNK J 261 -103.34 -143.97 40.99
N UNK J 262 -102.25 -144.26 41.69
CA UNK J 262 -101.10 -143.37 41.72
C UNK J 262 -100.09 -143.82 40.70
N UNK J 263 -99.53 -142.86 39.97
CA UNK J 263 -98.60 -143.17 38.91
C UNK J 263 -97.51 -142.12 38.97
N UNK J 264 -96.29 -142.53 39.31
CA UNK J 264 -95.18 -141.58 39.30
C UNK J 264 -94.84 -141.28 37.85
N UNK J 265 -95.49 -140.26 37.28
CA UNK J 265 -95.61 -140.12 35.84
C UNK J 265 -94.30 -139.72 35.20
N UNK J 266 -93.35 -140.62 35.20
CA UNK J 266 -92.03 -140.33 34.66
C UNK J 266 -91.58 -141.33 33.61
N UNK J 267 -91.86 -142.61 33.79
CA UNK J 267 -91.19 -143.62 32.97
C UNK J 267 -92.02 -144.91 32.96
N UNK J 268 -91.35 -146.00 32.60
CA UNK J 268 -91.89 -147.35 32.52
C UNK J 268 -91.14 -148.26 33.49
N UNK J 269 -91.76 -149.35 33.98
CA UNK J 269 -93.13 -149.80 33.75
C UNK J 269 -93.85 -150.47 34.94
N UNK J 270 -93.24 -150.56 36.12
CA UNK J 270 -93.72 -151.51 37.12
C UNK J 270 -95.02 -151.02 37.77
N UNK J 271 -95.87 -151.99 38.15
CA UNK J 271 -97.20 -151.72 38.68
C UNK J 271 -97.48 -152.59 39.90
N UNK J 272 -98.39 -152.11 40.77
CA UNK J 272 -98.78 -152.85 41.96
C UNK J 272 -100.21 -152.48 42.33
N UNK J 273 -100.73 -153.13 43.39
CA UNK J 273 -102.09 -152.87 43.84
C UNK J 273 -102.25 -153.31 45.29
N UNK J 274 -103.14 -152.61 46.02
CA UNK J 274 -103.47 -152.96 47.40
C UNK J 274 -104.78 -152.28 47.78
N UNK J 275 -105.24 -152.57 49.02
CA UNK J 275 -106.35 -151.94 49.75
C UNK J 275 -106.43 -152.53 51.16
N UNK J 276 -106.86 -151.80 52.21
CA UNK J 276 -107.14 -150.36 52.29
C UNK J 276 -106.87 -149.84 53.71
N UNK J 277 -105.65 -149.40 54.03
CA UNK J 277 -105.40 -149.10 55.44
C UNK J 277 -104.40 -147.98 55.74
N UNK J 278 -104.08 -147.10 54.79
CA UNK J 278 -103.21 -145.94 54.98
C UNK J 278 -101.77 -146.21 55.39
N UNK J 279 -101.39 -147.47 55.55
CA UNK J 279 -100.02 -147.82 55.86
C UNK J 279 -99.16 -147.93 54.62
N UNK J 280 -99.75 -147.70 53.46
CA UNK J 280 -99.11 -147.97 52.20
C UNK J 280 -98.18 -146.89 51.77
N UNK J 281 -97.71 -146.02 52.65
CA UNK J 281 -96.59 -145.19 52.29
C UNK J 281 -95.32 -146.03 52.12
N UNK J 282 -95.22 -147.14 52.83
CA UNK J 282 -94.11 -148.06 52.61
C UNK J 282 -94.23 -148.75 51.26
N UNK J 283 -95.43 -149.21 50.92
CA UNK J 283 -95.66 -149.78 49.60
C UNK J 283 -95.48 -148.73 48.52
N UNK J 284 -95.79 -147.48 48.82
CA UNK J 284 -95.53 -146.40 47.89
C UNK J 284 -94.05 -146.13 47.73
N UNK J 285 -93.28 -146.35 48.79
CA UNK J 285 -91.83 -146.27 48.65
C UNK J 285 -91.31 -147.39 47.78
N UNK J 286 -91.90 -148.58 47.91
CA UNK J 286 -91.53 -149.69 47.05
C UNK J 286 -91.88 -149.38 45.60
N UNK J 287 -93.04 -148.79 45.37
CA UNK J 287 -93.46 -148.47 44.01
C UNK J 287 -92.63 -147.33 43.44
N UNK J 288 -92.23 -146.38 44.28
CA UNK J 288 -91.38 -145.28 43.81
C UNK J 288 -89.99 -145.77 43.51
N UNK J 289 -89.55 -146.83 44.18
CA UNK J 289 -88.39 -147.54 43.69
C UNK J 289 -88.71 -148.25 42.38
N UNK J 290 -89.96 -148.70 42.23
CA UNK J 290 -90.26 -149.66 41.18
C UNK J 290 -90.47 -149.04 39.81
N UNK J 291 -91.02 -147.81 39.74
CA UNK J 291 -91.31 -147.11 38.48
C UNK J 291 -92.27 -147.87 37.57
N UNK J 292 -93.59 -147.72 37.77
CA UNK J 292 -94.14 -146.48 38.28
C UNK J 292 -95.38 -146.42 39.18
N UNK J 293 -96.19 -147.47 39.27
CA UNK J 293 -97.57 -147.24 39.64
C UNK J 293 -98.06 -148.17 40.74
N UNK J 294 -99.07 -147.69 41.44
CA UNK J 294 -99.73 -148.46 42.49
C UNK J 294 -101.21 -148.09 42.51
N UNK J 295 -102.07 -149.08 42.48
CA UNK J 295 -103.48 -148.82 42.60
C UNK J 295 -103.94 -149.10 44.02
N UNK J 296 -104.94 -148.35 44.47
CA UNK J 296 -105.50 -148.61 45.78
C UNK J 296 -106.97 -148.25 45.76
N UNK J 297 -107.73 -148.90 46.64
CA UNK J 297 -109.12 -148.55 46.85
C UNK J 297 -109.30 -148.37 48.35
N UNK J 298 -108.96 -147.19 48.82
CA UNK J 298 -108.93 -146.88 50.24
C UNK J 298 -110.27 -146.31 50.68
N UNK J 299 -110.32 -145.87 51.95
CA UNK J 299 -111.50 -145.25 52.53
C UNK J 299 -111.24 -143.84 52.98
N UNK J 300 -110.14 -143.59 53.71
CA UNK J 300 -109.77 -142.25 54.09
C UNK J 300 -108.26 -142.05 54.00
N UNK J 301 -107.61 -142.72 53.07
CA UNK J 301 -106.16 -142.71 52.96
C UNK J 301 -105.67 -142.02 51.70
N UNK J 302 -106.30 -142.32 50.57
CA UNK J 302 -105.87 -141.77 49.28
C UNK J 302 -106.07 -140.27 49.23
N UNK J 303 -107.08 -139.76 49.94
CA UNK J 303 -107.25 -138.33 50.06
C UNK J 303 -106.06 -137.69 50.74
N UNK J 304 -105.52 -138.34 51.77
CA UNK J 304 -104.36 -137.79 52.46
C UNK J 304 -103.12 -137.86 51.56
N UNK J 305 -103.00 -138.94 50.80
CA UNK J 305 -101.87 -139.05 49.88
C UNK J 305 -101.96 -138.00 48.77
N UNK J 306 -103.17 -137.70 48.30
CA UNK J 306 -103.34 -136.66 47.29
C UNK J 306 -103.12 -135.27 47.85
N UNK J 307 -103.49 -135.07 49.12
CA UNK J 307 -103.17 -133.82 49.79
C UNK J 307 -101.67 -133.64 49.92
N UNK J 308 -100.94 -134.73 50.10
CA UNK J 308 -99.48 -134.64 50.08
C UNK J 308 -98.98 -134.32 48.69
N UNK J 309 -99.55 -134.95 47.68
CA UNK J 309 -98.97 -134.91 46.35
C UNK J 309 -99.30 -133.65 45.58
N UNK J 310 -100.48 -133.08 45.76
CA UNK J 310 -100.84 -131.87 45.05
C UNK J 310 -100.41 -130.62 45.78
N UNK J 311 -99.42 -130.73 46.67
CA UNK J 311 -98.93 -129.54 47.37
C UNK J 311 -97.99 -128.76 46.46
N UNK J 312 -96.84 -129.35 46.14
CA UNK J 312 -95.76 -128.73 45.35
C UNK J 312 -95.42 -127.33 45.84
N UNK J 313 -95.43 -127.15 47.16
CA UNK J 313 -95.27 -125.83 47.77
C UNK J 313 -93.80 -125.52 47.95
N UNK J 314 -93.11 -125.47 46.83
CA UNK J 314 -91.76 -124.94 46.76
C UNK J 314 -91.75 -123.45 46.55
N UNK J 315 -92.81 -122.75 46.99
CA UNK J 315 -92.76 -121.32 47.14
C UNK J 315 -91.64 -121.04 48.11
N UNK J 316 -91.79 -121.40 49.39
CA UNK J 316 -90.58 -121.71 50.12
C UNK J 316 -90.58 -123.00 50.91
N UNK J 317 -91.30 -122.99 52.04
CA UNK J 317 -91.16 -123.95 53.13
C UNK J 317 -92.07 -123.56 54.29
N UNK J 318 -92.00 -124.31 55.39
CA UNK J 318 -92.49 -123.86 56.69
C UNK J 318 -91.82 -124.70 57.77
N UNK J 319 -91.46 -124.04 58.87
CA UNK J 319 -90.99 -124.73 60.08
C UNK J 319 -91.94 -124.32 61.20
N UNK J 320 -93.05 -125.02 61.30
CA UNK J 320 -94.20 -124.50 62.02
C UNK J 320 -94.04 -124.66 63.53
N UNK J 321 -95.01 -124.11 64.26
CA UNK J 321 -95.26 -124.44 65.65
C UNK J 321 -96.70 -124.05 65.95
N UNK J 322 -97.33 -124.77 66.87
CA UNK J 322 -98.75 -124.59 67.09
C UNK J 322 -99.07 -124.44 68.56
N UNK J 323 -100.29 -123.98 68.83
CA UNK J 323 -100.93 -124.12 70.14
C UNK J 323 -102.43 -124.04 69.85
N UNK J 324 -103.08 -125.20 69.79
CA UNK J 324 -104.34 -125.26 69.07
C UNK J 324 -105.55 -125.60 69.95
N UNK J 325 -105.56 -126.76 70.58
CA UNK J 325 -106.62 -127.22 71.48
C UNK J 325 -108.06 -127.27 70.93
N UNK J 326 -108.28 -127.19 69.61
CA UNK J 326 -109.66 -127.17 69.11
C UNK J 326 -109.80 -127.51 67.63
N UNK J 327 -110.91 -128.20 67.33
CA UNK J 327 -111.78 -127.91 66.17
C UNK J 327 -111.08 -128.01 64.82
N UNK J 328 -110.81 -129.26 64.40
CA UNK J 328 -110.34 -129.47 63.02
C UNK J 328 -110.80 -130.84 62.51
N UNK J 329 -111.85 -130.87 61.66
CA UNK J 329 -112.14 -132.08 60.89
C UNK J 329 -112.17 -131.84 59.38
N UNK J 330 -113.18 -131.13 58.85
CA UNK J 330 -113.25 -130.36 57.61
C UNK J 330 -112.45 -130.81 56.37
N UNK J 331 -112.65 -132.03 55.86
CA UNK J 331 -111.76 -132.50 54.79
C UNK J 331 -112.49 -133.15 53.62
N UNK J 332 -113.80 -132.97 53.52
CA UNK J 332 -114.58 -133.47 52.39
C UNK J 332 -114.81 -132.39 51.34
N UNK J 333 -113.87 -131.47 51.18
CA UNK J 333 -114.14 -130.22 50.50
C UNK J 333 -113.55 -130.21 49.11
N UNK J 334 -114.03 -129.24 48.33
CA UNK J 334 -113.59 -129.02 46.97
C UNK J 334 -113.66 -127.52 46.68
N UNK J 335 -112.64 -126.97 46.03
CA UNK J 335 -111.47 -127.72 45.58
C UNK J 335 -110.29 -127.65 46.51
N UNK J 336 -109.72 -126.44 46.65
CA UNK J 336 -108.46 -126.15 47.35
C UNK J 336 -107.28 -126.98 46.84
N UNK J 337 -107.42 -127.61 45.70
CA UNK J 337 -106.56 -128.68 45.22
C UNK J 337 -107.03 -129.00 43.81
N UNK J 338 -106.46 -130.05 43.21
CA UNK J 338 -106.89 -130.47 41.88
C UNK J 338 -106.63 -131.97 41.75
N UNK J 339 -106.90 -132.48 40.55
CA UNK J 339 -106.54 -133.84 40.16
C UNK J 339 -106.30 -133.82 38.67
N UNK J 340 -105.26 -134.54 38.23
CA UNK J 340 -104.76 -134.39 36.87
C UNK J 340 -105.71 -134.98 35.85
N UNK J 341 -105.93 -136.29 35.92
CA UNK J 341 -106.96 -136.93 35.12
C UNK J 341 -107.59 -137.98 36.00
N UNK J 342 -108.67 -138.58 35.48
CA UNK J 342 -109.46 -139.59 36.16
C UNK J 342 -109.92 -139.10 37.53
N UNK J 343 -110.62 -137.98 37.52
CA UNK J 343 -111.01 -137.29 38.74
C UNK J 343 -112.49 -137.48 38.96
N UNK J 344 -112.87 -138.59 39.58
CA UNK J 344 -114.27 -138.93 39.79
C UNK J 344 -114.50 -139.25 41.26
N UNK J 345 -114.71 -138.20 42.05
CA UNK J 345 -115.20 -138.34 43.41
C UNK J 345 -116.67 -137.95 43.36
N UNK J 346 -117.56 -138.90 43.69
CA UNK J 346 -118.98 -138.66 43.58
C UNK J 346 -119.46 -137.76 44.73
N UNK J 347 -120.75 -137.42 44.70
CA UNK J 347 -121.34 -136.62 45.76
C UNK J 347 -122.84 -136.90 45.79
N UNK J 348 -123.28 -137.75 46.71
CA UNK J 348 -124.68 -138.12 46.94
C UNK J 348 -125.37 -138.57 45.65
N UNK J 349 -124.80 -139.63 45.06
CA UNK J 349 -125.15 -140.17 43.74
C UNK J 349 -125.03 -139.11 42.64
N UNK J 350 -123.87 -138.44 42.60
CA UNK J 350 -123.58 -137.49 41.53
C UNK J 350 -123.21 -138.22 40.24
N UNK J 351 -103.84 -108.86 -25.99
CA UNK J 351 -104.94 -108.87 -26.93
C UNK J 351 -105.12 -107.54 -27.65
N UNK J 352 -113.58 -100.37 -31.52
CA UNK J 352 -114.11 -99.08 -31.08
C UNK J 352 -113.44 -97.93 -31.82
N UNK J 353 -113.03 -96.91 -31.07
CA UNK J 353 -112.76 -95.57 -31.59
C UNK J 353 -113.92 -95.09 -32.46
N UNK J 354 -115.07 -94.98 -31.83
CA UNK J 354 -116.28 -94.56 -32.51
C UNK J 354 -116.31 -93.05 -32.64
N UNK J 355 -116.71 -92.58 -33.82
CA UNK J 355 -116.82 -91.15 -34.10
C UNK J 355 -118.20 -90.60 -33.74
N UNK J 356 -119.24 -91.11 -34.40
CA UNK J 356 -120.60 -90.55 -34.28
C UNK J 356 -121.67 -91.64 -34.23
N UNK J 357 -121.47 -92.64 -33.38
CA UNK J 357 -122.30 -93.84 -33.36
C UNK J 357 -123.06 -93.91 -32.04
N UNK J 358 -123.52 -95.12 -31.70
CA UNK J 358 -124.41 -95.42 -30.57
C UNK J 358 -124.04 -94.86 -29.19
N UNK J 359 -122.83 -94.30 -29.04
CA UNK J 359 -122.48 -93.35 -27.98
C UNK J 359 -122.46 -93.87 -26.54
N UNK J 360 -121.41 -94.61 -26.20
CA UNK J 360 -120.89 -94.71 -24.82
C UNK J 360 -121.77 -95.53 -23.87
N UNK J 361 -122.06 -96.76 -24.27
CA UNK J 361 -122.28 -97.85 -23.32
C UNK J 361 -121.32 -98.96 -23.73
N UNK J 362 -121.14 -99.07 -25.05
CA UNK J 362 -120.05 -99.88 -25.57
C UNK J 362 -118.70 -99.32 -25.16
N UNK J 363 -118.62 -98.01 -24.91
CA UNK J 363 -117.40 -97.45 -24.35
C UNK J 363 -117.15 -97.96 -22.94
N UNK J 364 -118.21 -98.07 -22.13
CA UNK J 364 -118.06 -98.66 -20.81
C UNK J 364 -117.63 -100.11 -20.93
N UNK J 365 -118.15 -100.80 -21.93
CA UNK J 365 -117.70 -102.16 -22.21
C UNK J 365 -116.25 -102.21 -22.60
N UNK J 366 -115.77 -101.21 -23.35
CA UNK J 366 -114.37 -101.22 -23.75
C UNK J 366 -113.46 -100.93 -22.58
N UNK J 367 -113.90 -100.03 -21.69
CA UNK J 367 -113.13 -99.75 -20.48
C UNK J 367 -113.03 -100.98 -19.60
N UNK J 368 -114.14 -101.70 -19.46
CA UNK J 368 -114.09 -102.94 -18.69
C UNK J 368 -113.28 -104.00 -19.41
N UNK J 369 -113.26 -103.98 -20.73
CA UNK J 369 -112.48 -104.94 -21.48
C UNK J 369 -111.00 -104.75 -21.24
N UNK J 370 -110.52 -103.51 -21.34
CA UNK J 370 -109.10 -103.29 -21.06
C UNK J 370 -108.79 -103.45 -19.59
N UNK J 371 -109.77 -103.18 -18.72
CA UNK J 371 -109.58 -103.41 -17.29
C UNK J 371 -109.35 -104.88 -16.99
N UNK J 372 -110.12 -105.75 -17.63
CA UNK J 372 -109.85 -107.17 -17.51
C UNK J 372 -108.66 -107.60 -18.33
N UNK J 373 -108.22 -106.77 -19.27
CA UNK J 373 -107.01 -107.09 -19.99
C UNK J 373 -105.77 -106.75 -19.20
N UNK J 374 -105.87 -105.93 -18.18
CA UNK J 374 -104.68 -105.67 -17.38
C UNK J 374 -104.51 -106.73 -16.29
N UNK J 375 -105.42 -106.76 -15.30
CA UNK J 375 -105.34 -107.76 -14.23
C UNK J 375 -106.66 -107.86 -13.48
N UNK J 376 -107.37 -108.98 -13.61
CA UNK J 376 -108.40 -109.34 -12.65
C UNK J 376 -108.51 -110.87 -12.62
N UNK J 377 -107.70 -111.51 -11.77
CA UNK J 377 -107.51 -112.96 -11.82
C UNK J 377 -106.69 -113.49 -10.64
N UNK J 378 -106.22 -114.74 -10.82
CA UNK J 378 -105.01 -115.42 -10.33
C UNK J 378 -104.96 -116.13 -8.98
N UNK J 379 -106.01 -116.14 -8.16
CA UNK J 379 -106.43 -117.28 -7.34
C UNK J 379 -105.39 -118.28 -6.81
N UNK J 380 -104.29 -117.82 -6.23
CA UNK J 380 -103.21 -118.72 -5.80
C UNK J 380 -103.49 -119.38 -4.47
N UNK J 381 -102.48 -119.98 -3.81
CA UNK J 381 -102.73 -120.56 -2.49
C UNK J 381 -101.47 -120.47 -1.61
N UNK J 382 -101.32 -119.34 -0.92
CA UNK J 382 -100.61 -119.31 0.35
C UNK J 382 -101.22 -118.36 1.37
N UNK J 383 -101.62 -117.18 0.92
CA UNK J 383 -101.73 -116.02 1.80
C UNK J 383 -102.79 -115.07 1.29
N UNK J 384 -103.32 -114.25 2.19
CA UNK J 384 -104.57 -113.54 1.95
C UNK J 384 -104.46 -112.12 2.52
N UNK J 385 -105.62 -111.44 2.63
CA UNK J 385 -105.70 -110.07 3.11
C UNK J 385 -106.89 -109.77 4.03
N UNK J 386 -107.69 -110.77 4.41
CA UNK J 386 -108.90 -110.53 5.19
C UNK J 386 -109.10 -111.67 6.18
N UNK J 387 -108.72 -111.46 7.43
CA UNK J 387 -108.58 -112.52 8.42
C UNK J 387 -109.38 -112.20 9.68
N UNK J 388 -110.64 -111.84 9.52
CA UNK J 388 -111.55 -111.76 10.67
C UNK J 388 -112.16 -113.13 10.91
N UNK J 389 -111.32 -114.05 11.36
CA UNK J 389 -111.63 -115.47 11.42
C UNK J 389 -111.56 -116.02 12.83
N UNK J 390 -111.97 -115.21 13.80
CA UNK J 390 -112.40 -115.71 15.08
C UNK J 390 -113.91 -115.83 15.13
N UNK J 391 -114.52 -116.11 13.99
CA UNK J 391 -115.94 -116.41 13.89
C UNK J 391 -116.09 -117.48 12.83
N UNK J 392 -116.62 -118.65 13.21
CA UNK J 392 -116.63 -119.82 12.33
C UNK J 392 -117.91 -120.62 12.53
N UNK J 393 -118.90 -120.39 11.67
CA UNK J 393 -120.13 -121.18 11.65
C UNK J 393 -120.41 -121.74 10.25
N UNK J 394 -119.38 -121.89 9.44
CA UNK J 394 -119.46 -122.24 8.04
C UNK J 394 -118.78 -123.59 7.81
N UNK J 395 -118.57 -123.95 6.54
CA UNK J 395 -118.02 -125.28 6.22
C UNK J 395 -117.08 -125.21 5.02
N UNK J 396 -115.80 -125.57 5.22
CA UNK J 396 -114.85 -125.76 4.14
C UNK J 396 -114.86 -127.23 3.74
N UNK J 397 -113.99 -127.63 2.82
CA UNK J 397 -113.87 -129.06 2.49
C UNK J 397 -112.47 -129.60 2.74
N UNK J 398 -111.44 -128.99 2.15
CA UNK J 398 -110.11 -129.59 2.20
C UNK J 398 -109.08 -128.53 2.55
N UNK J 399 -107.83 -128.94 2.61
CA UNK J 399 -106.70 -128.06 2.89
C UNK J 399 -105.45 -128.74 2.37
N UNK J 400 -104.30 -128.22 2.78
CA UNK J 400 -103.01 -128.81 2.45
C UNK J 400 -102.01 -128.36 3.51
N UNK J 401 -100.73 -128.65 3.28
CA UNK J 401 -99.69 -128.34 4.26
C UNK J 401 -98.34 -128.43 3.57
N UNK J 402 -97.30 -128.06 4.30
CA UNK J 402 -95.92 -128.23 3.88
C UNK J 402 -95.01 -128.09 5.10
N UNK J 403 -93.71 -127.98 4.82
CA UNK J 403 -92.69 -127.53 5.74
C UNK J 403 -91.63 -126.88 4.88
N UNK J 404 -90.42 -126.73 5.40
CA UNK J 404 -89.34 -126.16 4.61
C UNK J 404 -88.31 -127.24 4.26
N UNK J 405 -88.80 -128.43 3.94
CA UNK J 405 -87.96 -129.62 3.99
C UNK J 405 -88.44 -130.63 2.95
N UNK J 406 -88.03 -131.89 3.12
CA UNK J 406 -88.32 -132.98 2.21
C UNK J 406 -88.23 -134.32 2.95
N UNK J 407 -89.02 -135.33 2.56
CA UNK J 407 -90.17 -135.27 1.63
C UNK J 407 -91.38 -136.19 1.94
N UNK J 408 -91.52 -136.77 3.14
CA UNK J 408 -92.54 -137.80 3.36
C UNK J 408 -93.95 -137.21 3.35
N UNK J 409 -94.98 -138.04 3.48
CA UNK J 409 -96.34 -137.53 3.31
C UNK J 409 -97.40 -138.42 3.93
N UNK J 410 -98.55 -137.82 4.23
CA UNK J 410 -99.72 -138.52 4.74
C UNK J 410 -100.98 -137.72 4.40
N UNK J 411 -102.13 -138.33 4.70
CA UNK J 411 -103.42 -137.70 4.43
C UNK J 411 -104.49 -138.29 5.35
N UNK J 412 -105.44 -137.44 5.74
CA UNK J 412 -106.43 -137.77 6.75
C UNK J 412 -107.72 -137.00 6.47
N UNK J 413 -108.81 -137.41 7.13
CA UNK J 413 -110.11 -136.76 6.92
C UNK J 413 -111.05 -137.08 8.07
N UNK J 414 -111.45 -136.06 8.83
CA UNK J 414 -112.48 -136.15 9.88
C UNK J 414 -112.96 -134.74 10.18
N UNK J 415 -113.54 -134.53 11.35
CA UNK J 415 -113.65 -133.18 11.91
C UNK J 415 -112.27 -132.76 12.46
N UNK J 416 -112.19 -131.61 13.11
CA UNK J 416 -110.88 -131.02 13.37
C UNK J 416 -110.25 -131.46 14.68
N UNK J 417 -109.08 -130.88 14.95
CA UNK J 417 -108.37 -130.70 16.22
C UNK J 417 -107.66 -131.94 16.71
N UNK J 418 -107.85 -133.10 16.10
CA UNK J 418 -106.88 -134.16 16.31
C UNK J 418 -105.68 -133.98 15.41
N UNK J 419 -105.77 -133.04 14.48
CA UNK J 419 -104.80 -132.89 13.42
C UNK J 419 -103.47 -132.41 13.94
N UNK J 420 -103.42 -131.77 15.11
CA UNK J 420 -102.16 -131.24 15.58
C UNK J 420 -101.19 -132.36 15.96
N UNK J 421 -101.71 -133.46 16.48
CA UNK J 421 -100.84 -134.57 16.84
C UNK J 421 -100.26 -135.22 15.59
N UNK J 422 -101.08 -135.42 14.57
CA UNK J 422 -100.57 -135.94 13.31
C UNK J 422 -99.65 -134.93 12.64
N UNK J 423 -99.89 -133.64 12.86
CA UNK J 423 -99.04 -132.61 12.26
C UNK J 423 -97.66 -132.66 12.88
N UNK J 424 -97.58 -132.79 14.19
CA UNK J 424 -96.27 -132.92 14.80
C UNK J 424 -95.65 -134.26 14.47
N UNK J 425 -96.47 -135.28 14.22
CA UNK J 425 -95.93 -136.54 13.74
C UNK J 425 -95.29 -136.38 12.38
N UNK J 426 -95.93 -135.58 11.51
CA UNK J 426 -95.38 -135.38 10.18
C UNK J 426 -94.15 -134.52 10.23
N UNK J 427 -94.15 -133.49 11.08
CA UNK J 427 -92.98 -132.65 11.21
C UNK J 427 -91.83 -133.40 11.86
N UNK J 428 -92.13 -134.40 12.69
CA UNK J 428 -91.10 -135.29 13.18
C UNK J 428 -90.62 -136.21 12.08
N UNK J 429 -91.51 -136.58 11.17
CA UNK J 429 -91.09 -137.39 10.04
C UNK J 429 -90.43 -136.56 8.95
N UNK J 430 -90.39 -135.23 9.09
CA UNK J 430 -89.86 -134.27 8.12
C UNK J 430 -90.57 -134.40 6.77
N UNK J 431 -91.84 -134.01 6.80
CA UNK J 431 -92.80 -134.48 5.82
C UNK J 431 -93.62 -133.30 5.31
N UNK J 432 -94.71 -133.62 4.62
CA UNK J 432 -95.65 -132.63 4.12
C UNK J 432 -97.03 -133.29 4.09
N UNK J 433 -97.89 -132.91 5.02
CA UNK J 433 -99.16 -133.59 5.19
C UNK J 433 -100.22 -133.02 4.27
N UNK J 434 -101.40 -133.62 4.30
CA UNK J 434 -102.59 -132.98 3.77
C UNK J 434 -103.74 -133.21 4.72
N UNK J 435 -104.96 -132.87 4.32
CA UNK J 435 -106.15 -133.14 5.12
C UNK J 435 -107.35 -133.02 4.20
N UNK J 436 -108.50 -133.42 4.72
CA UNK J 436 -109.76 -133.15 4.03
C UNK J 436 -110.83 -132.98 5.10
N UNK J 437 -111.07 -131.75 5.51
CA UNK J 437 -111.68 -131.58 6.82
C UNK J 437 -112.22 -130.18 7.01
N UNK J 438 -113.04 -130.03 8.05
CA UNK J 438 -113.54 -128.76 8.52
C UNK J 438 -112.72 -128.30 9.72
N UNK J 439 -112.53 -126.98 9.81
CA UNK J 439 -112.00 -126.24 10.96
C UNK J 439 -110.53 -126.52 11.29
N UNK J 440 -109.93 -127.50 10.64
CA UNK J 440 -108.48 -127.60 10.65
C UNK J 440 -107.87 -126.43 9.89
N UNK J 441 -108.52 -126.02 8.81
CA UNK J 441 -108.13 -124.83 8.07
C UNK J 441 -108.29 -123.57 8.90
N UNK J 442 -109.21 -123.57 9.86
CA UNK J 442 -109.25 -122.47 10.80
C UNK J 442 -108.03 -122.50 11.71
N UNK J 443 -107.73 -123.70 12.23
CA UNK J 443 -106.67 -123.85 13.22
C UNK J 443 -105.33 -123.40 12.69
N UNK J 444 -104.94 -123.93 11.53
CA UNK J 444 -103.60 -123.65 11.02
C UNK J 444 -103.48 -122.20 10.58
N UNK J 445 -104.54 -121.66 9.99
CA UNK J 445 -104.46 -120.29 9.47
C UNK J 445 -104.40 -119.29 10.61
N UNK J 446 -105.17 -119.50 11.66
CA UNK J 446 -105.04 -118.59 12.79
C UNK J 446 -103.75 -118.81 13.54
N UNK J 447 -103.15 -119.99 13.44
CA UNK J 447 -101.83 -120.15 14.02
C UNK J 447 -100.77 -119.45 13.19
N UNK J 448 -101.05 -119.18 11.91
CA UNK J 448 -100.09 -118.50 11.05
C UNK J 448 -100.24 -116.99 11.05
N UNK J 449 -100.70 -116.39 12.14
CA UNK J 449 -100.67 -114.94 12.24
C UNK J 449 -99.26 -114.45 12.55
N UNK J 450 -98.75 -114.77 13.75
CA UNK J 450 -97.45 -114.34 14.27
C UNK J 450 -97.17 -112.85 14.06
N UNK J 451 -98.08 -112.02 14.57
CA UNK J 451 -97.85 -110.58 14.55
C UNK J 451 -96.72 -110.28 15.51
N UNK J 452 -96.96 -110.50 16.81
CA UNK J 452 -95.95 -110.61 17.87
C UNK J 452 -94.90 -109.51 17.85
N UNK J 453 -95.30 -108.34 17.40
CA UNK J 453 -94.47 -107.17 17.36
C UNK J 453 -95.27 -105.96 17.81
N UNK J 454 -96.51 -106.17 18.22
CA UNK J 454 -97.00 -105.27 19.23
C UNK J 454 -96.18 -105.69 20.42
N UNK J 455 -96.47 -106.88 20.94
CA UNK J 455 -95.64 -107.80 21.70
C UNK J 455 -96.57 -108.93 22.09
N UNK J 456 -96.01 -109.97 22.69
CA UNK J 456 -96.84 -111.05 23.19
C UNK J 456 -97.47 -110.63 24.51
N UNK J 457 -98.76 -110.90 24.67
CA UNK J 457 -99.45 -110.47 25.87
C UNK J 457 -99.29 -111.50 26.96
N UNK J 458 -100.07 -111.33 28.01
CA UNK J 458 -100.22 -112.31 29.09
C UNK J 458 -101.62 -112.12 29.63
N UNK J 459 -102.50 -113.05 29.30
CA UNK J 459 -103.92 -112.86 29.47
C UNK J 459 -104.33 -113.11 30.91
N UNK J 460 -105.55 -112.68 31.24
CA UNK J 460 -106.25 -113.07 32.44
C UNK J 460 -107.72 -112.78 32.20
N UNK J 461 -108.58 -113.73 32.53
CA UNK J 461 -109.99 -113.53 32.27
C UNK J 461 -110.72 -113.29 33.58
N UNK J 462 -111.94 -112.78 33.46
CA UNK J 462 -112.81 -112.64 34.63
C UNK J 462 -114.25 -112.59 34.13
N UNK J 463 -114.98 -113.68 34.32
CA UNK J 463 -116.41 -113.69 34.02
C UNK J 463 -117.15 -113.24 35.26
N UNK J 464 -117.92 -112.17 35.15
CA UNK J 464 -118.71 -111.67 36.26
C UNK J 464 -119.96 -112.50 36.44
N UNK J 465 -120.94 -111.96 37.19
CA UNK J 465 -122.08 -112.74 37.67
C UNK J 465 -122.97 -113.26 36.54
N UNK J 466 -123.56 -112.37 35.75
CA UNK J 466 -124.58 -112.78 34.80
C UNK J 466 -124.19 -112.59 33.34
N UNK J 467 -123.87 -111.37 32.91
CA UNK J 467 -123.72 -111.13 31.48
C UNK J 467 -122.51 -110.26 31.18
N UNK J 468 -121.60 -110.10 32.13
CA UNK J 468 -120.39 -109.34 31.90
C UNK J 468 -119.23 -110.32 31.88
N UNK J 469 -118.37 -110.19 30.90
CA UNK J 469 -117.12 -110.89 30.91
C UNK J 469 -116.04 -109.90 30.52
N UNK J 470 -114.89 -110.01 31.15
CA UNK J 470 -113.81 -109.07 30.90
C UNK J 470 -112.53 -109.84 30.65
N UNK J 471 -111.67 -109.29 29.82
CA UNK J 471 -110.36 -109.85 29.62
C UNK J 471 -109.35 -108.77 29.92
N UNK J 472 -108.55 -108.97 30.95
CA UNK J 472 -107.44 -108.09 31.21
C UNK J 472 -106.18 -108.74 30.66
N UNK J 473 -105.18 -107.92 30.40
CA UNK J 473 -103.95 -108.42 29.81
C UNK J 473 -102.80 -107.54 30.21
N UNK J 474 -101.63 -108.14 30.33
CA UNK J 474 -100.42 -107.36 30.48
C UNK J 474 -99.51 -107.65 29.30
N UNK J 475 -98.43 -106.91 29.18
CA UNK J 475 -97.38 -107.27 28.23
C UNK J 475 -96.03 -107.49 28.90
N UNK J 476 -95.54 -106.49 29.62
CA UNK J 476 -94.29 -106.55 30.33
C UNK J 476 -94.43 -105.60 31.52
N UNK J 477 -93.31 -105.17 32.08
CA UNK J 477 -93.28 -104.34 33.27
C UNK J 477 -91.87 -103.80 33.36
N UNK J 478 -91.66 -102.66 34.03
CA UNK J 478 -92.62 -101.70 34.60
C UNK J 478 -93.12 -100.77 33.53
N UNK J 479 -93.53 -99.58 33.97
CA UNK J 479 -94.21 -98.57 33.18
C UNK J 479 -95.55 -99.12 32.68
N UNK J 480 -96.42 -99.27 33.67
CA UNK J 480 -97.76 -99.81 33.56
C UNK J 480 -98.71 -98.82 32.89
N UNK J 481 -100.00 -98.96 33.21
CA UNK J 481 -100.91 -97.83 33.15
C UNK J 481 -101.28 -97.30 31.77
N UNK J 482 -102.36 -97.76 31.09
CA UNK J 482 -103.47 -98.71 31.37
C UNK J 482 -104.33 -98.52 30.12
N UNK J 483 -105.44 -99.24 29.98
CA UNK J 483 -106.45 -98.89 29.01
C UNK J 483 -107.79 -99.42 29.48
N UNK J 484 -108.84 -99.07 28.73
CA UNK J 484 -110.18 -99.62 28.97
C UNK J 484 -110.97 -99.49 27.66
N UNK J 485 -111.10 -100.58 26.93
CA UNK J 485 -111.91 -100.58 25.73
C UNK J 485 -113.26 -101.22 26.03
N UNK J 486 -114.24 -100.93 25.18
CA UNK J 486 -115.59 -101.47 25.39
C UNK J 486 -116.35 -101.49 24.07
N UNK J 487 -116.55 -102.67 23.50
CA UNK J 487 -117.36 -102.86 22.31
C UNK J 487 -117.92 -104.28 22.35
N UNK J 488 -118.30 -104.83 21.21
CA UNK J 488 -118.63 -106.25 21.18
C UNK J 488 -117.98 -106.95 19.98
N UNK J 489 -116.70 -106.68 19.77
CA UNK J 489 -116.02 -107.22 18.61
C UNK J 489 -114.52 -107.36 18.91
N UNK J 490 -113.72 -107.57 17.86
CA UNK J 490 -112.32 -107.94 18.00
C UNK J 490 -111.41 -107.09 17.13
N UNK J 491 -111.73 -105.81 16.96
CA UNK J 491 -110.76 -104.87 16.45
C UNK J 491 -110.03 -104.26 17.64
N UNK J 492 -109.32 -105.12 18.34
CA UNK J 492 -108.69 -104.76 19.60
C UNK J 492 -107.20 -104.79 19.55
N UNK J 493 -106.59 -105.52 18.61
CA UNK J 493 -105.14 -105.50 18.50
C UNK J 493 -104.65 -104.13 18.06
N UNK J 494 -105.49 -103.40 17.33
CA UNK J 494 -105.17 -102.03 16.91
C UNK J 494 -105.01 -101.12 18.11
N UNK J 495 -105.94 -101.18 19.06
CA UNK J 495 -105.74 -100.43 20.28
C UNK J 495 -104.72 -101.09 21.17
N UNK J 496 -104.51 -102.39 21.02
CA UNK J 496 -103.58 -103.09 21.89
C UNK J 496 -102.15 -102.75 21.57
N UNK J 497 -101.86 -102.29 20.36
CA UNK J 497 -100.50 -101.86 20.08
C UNK J 497 -100.17 -100.60 20.87
N UNK J 498 -101.05 -99.60 20.81
CA UNK J 498 -100.81 -98.41 21.60
C UNK J 498 -100.98 -98.68 23.08
N UNK J 499 -101.67 -99.76 23.45
CA UNK J 499 -101.55 -100.22 24.83
C UNK J 499 -100.15 -100.75 25.10
N UNK J 500 -99.53 -101.41 24.13
CA UNK J 500 -98.20 -101.93 24.30
C UNK J 500 -97.13 -100.92 24.01
N UNK J 501 -97.50 -99.64 23.89
CA UNK J 501 -96.63 -98.53 24.22
C UNK J 501 -96.72 -98.16 25.70
N UNK J 502 -97.10 -99.13 26.52
CA UNK J 502 -97.24 -99.09 27.97
C UNK J 502 -97.18 -100.54 28.42
N UNK J 503 -97.82 -100.87 29.54
CA UNK J 503 -97.80 -102.27 29.95
C UNK J 503 -99.13 -102.97 30.13
N UNK J 504 -100.19 -102.33 30.61
CA UNK J 504 -101.40 -103.07 30.94
C UNK J 504 -102.57 -102.61 30.08
N UNK J 505 -103.51 -103.52 29.83
CA UNK J 505 -104.76 -103.17 29.18
C UNK J 505 -105.84 -104.04 29.77
N UNK J 506 -107.08 -103.56 29.77
CA UNK J 506 -108.16 -104.34 30.36
C UNK J 506 -109.43 -104.13 29.53
N UNK J 507 -109.64 -105.00 28.55
CA UNK J 507 -110.81 -104.88 27.68
C UNK J 507 -112.04 -105.35 28.44
N UNK J 508 -112.95 -104.42 28.71
CA UNK J 508 -114.07 -104.68 29.61
C UNK J 508 -115.32 -105.06 28.83
N UNK J 509 -115.20 -106.09 28.00
CA UNK J 509 -116.32 -106.74 27.34
C UNK J 509 -115.78 -108.05 26.79
N UNK J 510 -116.65 -108.80 26.12
CA UNK J 510 -116.32 -110.19 25.82
C UNK J 510 -116.18 -110.50 24.34
N UNK J 511 -117.21 -110.20 23.56
CA UNK J 511 -117.76 -111.05 22.49
C UNK J 511 -116.73 -111.86 21.71
N UNK J 512 -115.69 -111.19 21.22
CA UNK J 512 -114.67 -111.88 20.45
C UNK J 512 -113.28 -111.54 20.95
N UNK J 513 -113.16 -111.22 22.23
CA UNK J 513 -111.85 -111.06 22.83
C UNK J 513 -111.28 -112.36 23.33
N UNK J 514 -111.79 -113.48 22.84
CA UNK J 514 -111.10 -114.75 22.98
C UNK J 514 -110.05 -114.96 21.91
N UNK J 515 -109.98 -114.04 20.95
CA UNK J 515 -109.05 -114.20 19.84
C UNK J 515 -107.62 -114.14 20.31
N UNK J 516 -107.32 -113.20 21.20
CA UNK J 516 -105.96 -113.10 21.71
C UNK J 516 -105.62 -114.28 22.59
N UNK J 517 -106.61 -114.85 23.27
CA UNK J 517 -106.37 -116.07 24.02
C UNK J 517 -106.02 -117.21 23.09
N UNK J 518 -106.70 -117.29 21.96
CA UNK J 518 -106.38 -118.30 20.97
C UNK J 518 -104.99 -118.08 20.39
N UNK J 519 -104.61 -116.85 20.16
CA UNK J 519 -103.32 -116.60 19.55
C UNK J 519 -102.19 -116.70 20.54
N UNK J 520 -102.47 -116.58 21.83
CA UNK J 520 -101.42 -116.58 22.82
C UNK J 520 -101.22 -117.95 23.44
N UNK J 521 -102.28 -118.69 23.68
CA UNK J 521 -102.13 -120.01 24.27
C UNK J 521 -101.75 -121.07 23.25
N UNK J 522 -101.40 -120.67 22.04
CA UNK J 522 -101.01 -121.61 21.01
C UNK J 522 -99.56 -121.48 20.62
N UNK J 523 -98.84 -120.53 21.21
CA UNK J 523 -97.55 -120.09 20.68
C UNK J 523 -96.51 -121.20 20.78
N UNK J 524 -96.22 -121.66 21.99
CA UNK J 524 -95.16 -122.65 22.12
C UNK J 524 -95.58 -124.01 21.59
N UNK J 525 -96.85 -124.35 21.74
CA UNK J 525 -97.33 -125.65 21.30
C UNK J 525 -97.27 -125.79 19.79
N UNK J 526 -97.72 -124.78 19.05
CA UNK J 526 -97.58 -124.80 17.61
C UNK J 526 -96.24 -124.25 17.16
N UNK J 527 -95.37 -123.89 18.09
CA UNK J 527 -93.99 -123.61 17.79
C UNK J 527 -93.10 -124.82 17.94
N UNK J 528 -93.62 -125.88 18.55
CA UNK J 528 -92.91 -127.16 18.55
C UNK J 528 -92.73 -127.68 17.13
N UNK J 529 -93.76 -127.53 16.30
CA UNK J 529 -93.63 -127.74 14.87
C UNK J 529 -93.21 -126.44 14.21
N UNK J 530 -93.34 -126.31 12.89
CA UNK J 530 -93.01 -125.04 12.24
C UNK J 530 -94.20 -124.36 11.58
N UNK J 531 -94.83 -124.97 10.58
CA UNK J 531 -95.76 -124.28 9.68
C UNK J 531 -96.39 -125.28 8.73
N UNK J 532 -97.45 -124.83 8.05
CA UNK J 532 -97.99 -125.63 6.94
C UNK J 532 -98.08 -124.90 5.59
N UNK J 533 -98.86 -123.82 5.54
CA UNK J 533 -98.86 -122.84 4.45
C UNK J 533 -99.25 -123.40 3.07
N UNK J 534 -100.46 -123.96 2.96
CA UNK J 534 -101.15 -124.19 1.68
C UNK J 534 -102.63 -124.50 1.86
N UNK J 535 -103.52 -123.71 1.27
CA UNK J 535 -104.95 -123.83 1.51
C UNK J 535 -105.69 -124.15 0.22
N UNK J 536 -106.68 -125.02 0.30
CA UNK J 536 -107.52 -125.35 -0.84
C UNK J 536 -108.95 -124.95 -0.52
N UNK J 537 -109.87 -125.33 -1.39
CA UNK J 537 -111.23 -124.83 -1.31
C UNK J 537 -112.22 -125.97 -1.19
N UNK J 538 -113.48 -125.59 -1.12
CA UNK J 538 -114.56 -126.51 -1.40
C UNK J 538 -114.89 -126.37 -2.87
N UNK J 539 -114.66 -127.44 -3.63
CA UNK J 539 -114.73 -127.34 -5.08
C UNK J 539 -116.15 -127.19 -5.61
N UNK J 540 -117.13 -127.65 -4.85
CA UNK J 540 -118.51 -127.49 -5.26
C UNK J 540 -119.04 -126.17 -4.71
N UNK J 541 -120.36 -125.98 -4.76
CA UNK J 541 -120.99 -124.75 -4.29
C UNK J 541 -121.07 -124.74 -2.77
N UNK J 542 -120.29 -123.87 -2.15
CA UNK J 542 -120.24 -123.71 -0.69
C UNK J 542 -119.79 -122.27 -0.40
N UNK J 543 -119.57 -121.96 0.88
CA UNK J 543 -119.02 -120.65 1.22
C UNK J 543 -118.20 -120.77 2.51
N UNK J 544 -116.91 -121.06 2.35
CA UNK J 544 -115.88 -120.92 3.38
C UNK J 544 -114.54 -121.06 2.70
N UNK J 545 -113.50 -121.18 3.52
CA UNK J 545 -112.10 -121.11 3.11
C UNK J 545 -111.87 -119.87 2.27
N UNK J 546 -112.22 -118.73 2.84
CA UNK J 546 -112.08 -117.47 2.15
C UNK J 546 -110.64 -117.00 2.19
N UNK J 547 -110.16 -116.49 1.06
CA UNK J 547 -108.83 -115.92 0.95
C UNK J 547 -108.95 -114.70 0.05
N UNK J 548 -107.84 -114.03 -0.20
CA UNK J 548 -107.91 -112.72 -0.84
C UNK J 548 -106.80 -112.56 -1.88
N UNK J 549 -106.60 -111.32 -2.30
CA UNK J 549 -106.30 -111.00 -3.68
C UNK J 549 -105.23 -109.92 -3.76
N UNK J 550 -105.19 -109.26 -4.91
CA UNK J 550 -104.27 -108.18 -5.20
C UNK J 550 -104.99 -107.14 -6.03
N UNK J 551 -104.32 -106.01 -6.31
CA UNK J 551 -104.96 -104.89 -6.98
C UNK J 551 -104.37 -104.58 -8.34
N UNK J 552 -103.08 -104.30 -8.43
CA UNK J 552 -102.30 -104.23 -9.67
C UNK J 552 -102.78 -103.32 -10.80
N UNK J 553 -102.69 -101.99 -10.68
CA UNK J 553 -102.57 -101.22 -9.45
C UNK J 553 -103.66 -100.18 -9.49
N UNK J 554 -103.69 -99.47 -10.60
CA UNK J 554 -104.67 -98.43 -10.84
C UNK J 554 -105.88 -99.05 -11.52
N UNK J 555 -106.77 -98.22 -12.01
CA UNK J 555 -107.79 -98.70 -12.92
C UNK J 555 -107.51 -98.24 -14.33
N UNK J 556 -106.22 -98.11 -14.66
CA UNK J 556 -105.71 -98.19 -16.03
C UNK J 556 -106.24 -97.06 -16.93
N UNK J 557 -105.76 -95.85 -16.67
CA UNK J 557 -106.12 -94.72 -17.53
C UNK J 557 -105.63 -94.92 -18.97
N UNK J 558 -106.47 -94.56 -19.93
CA UNK J 558 -106.18 -94.78 -21.33
C UNK J 558 -106.63 -93.58 -22.15
N UNK J 559 -105.71 -92.94 -22.87
CA UNK J 559 -106.14 -91.87 -23.75
C UNK J 559 -106.59 -92.48 -25.07
N UNK J 560 -107.09 -91.64 -25.97
CA UNK J 560 -107.47 -92.11 -27.30
C UNK J 560 -107.44 -90.89 -28.21
N UNK J 561 -106.39 -90.75 -28.98
CA UNK J 561 -106.15 -89.52 -29.71
C UNK J 561 -106.59 -89.70 -31.16
N UNK J 562 -107.75 -89.17 -31.51
CA UNK J 562 -108.13 -89.17 -32.91
C UNK J 562 -107.35 -88.06 -33.58
N UNK J 563 -106.43 -88.42 -34.47
CA UNK J 563 -105.64 -87.41 -35.17
C UNK J 563 -106.46 -86.91 -36.34
N UNK J 564 -107.09 -85.75 -36.16
CA UNK J 564 -108.21 -85.33 -36.99
C UNK J 564 -107.71 -84.80 -38.32
N UNK J 565 -107.50 -85.72 -39.26
CA UNK J 565 -107.43 -85.33 -40.65
C UNK J 565 -108.46 -86.05 -41.49
N UNK J 566 -108.45 -87.37 -41.51
CA UNK J 566 -108.93 -88.09 -42.67
C UNK J 566 -109.11 -89.55 -42.35
N UNK J 567 -109.18 -90.37 -43.39
CA UNK J 567 -109.28 -91.82 -43.33
C UNK J 567 -107.93 -92.46 -43.64
N UNK J 568 -107.64 -93.65 -43.07
CA UNK J 568 -108.42 -94.38 -42.07
C UNK J 568 -107.69 -95.07 -40.92
N UNK J 569 -106.41 -95.43 -41.09
CA UNK J 569 -105.79 -96.47 -40.26
C UNK J 569 -105.57 -96.00 -38.83
N UNK J 570 -105.26 -96.96 -37.96
CA UNK J 570 -105.35 -96.70 -36.53
C UNK J 570 -104.28 -97.50 -35.79
N UNK J 571 -103.32 -96.81 -35.19
CA UNK J 571 -102.24 -97.44 -34.45
C UNK J 571 -102.50 -97.36 -32.97
N UNK J 572 -102.11 -98.41 -32.23
CA UNK J 572 -102.40 -98.50 -30.81
C UNK J 572 -101.12 -98.76 -30.03
N UNK J 573 -100.62 -97.74 -29.33
CA UNK J 573 -99.43 -97.87 -28.51
C UNK J 573 -99.85 -98.10 -27.07
N UNK J 574 -99.39 -99.21 -26.50
CA UNK J 574 -99.35 -99.30 -25.05
C UNK J 574 -98.07 -98.66 -24.57
N UNK J 575 -98.10 -98.09 -23.38
CA UNK J 575 -96.91 -97.38 -22.97
C UNK J 575 -96.40 -97.83 -21.62
N UNK J 576 -95.42 -97.13 -21.09
CA UNK J 576 -94.80 -97.49 -19.83
C UNK J 576 -94.87 -96.31 -18.87
N UNK J 577 -96.05 -95.72 -18.78
CA UNK J 577 -96.34 -94.48 -18.03
C UNK J 577 -95.35 -93.37 -18.40
N UNK J 578 -95.37 -93.01 -19.68
CA UNK J 578 -94.45 -92.00 -20.17
C UNK J 578 -95.06 -91.35 -21.40
N UNK J 579 -94.50 -90.21 -21.77
CA UNK J 579 -95.13 -89.31 -22.72
C UNK J 579 -94.16 -88.85 -23.78
N UNK J 580 -93.26 -89.73 -24.20
CA UNK J 580 -92.53 -89.55 -25.45
C UNK J 580 -93.26 -90.29 -26.56
N UNK J 581 -94.49 -89.85 -26.80
CA UNK J 581 -95.34 -90.41 -27.81
C UNK J 581 -95.67 -89.40 -28.88
N UNK J 582 -95.07 -88.21 -28.83
CA UNK J 582 -95.25 -87.29 -29.93
C UNK J 582 -94.58 -87.81 -31.20
N UNK J 583 -93.51 -88.60 -31.03
CA UNK J 583 -92.89 -89.23 -32.19
C UNK J 583 -93.84 -90.21 -32.83
N UNK J 584 -94.55 -90.97 -32.02
CA UNK J 584 -95.52 -91.87 -32.61
C UNK J 584 -96.73 -91.11 -33.14
N UNK J 585 -97.04 -89.95 -32.57
CA UNK J 585 -98.14 -89.14 -33.10
C UNK J 585 -97.83 -88.64 -34.49
N UNK J 586 -96.62 -88.16 -34.69
CA UNK J 586 -96.23 -87.75 -36.03
C UNK J 586 -95.99 -88.94 -36.93
N UNK J 587 -95.75 -90.12 -36.37
CA UNK J 587 -95.73 -91.29 -37.22
C UNK J 587 -97.12 -91.61 -37.72
N UNK J 588 -98.10 -91.58 -36.83
CA UNK J 588 -99.45 -91.95 -37.20
C UNK J 588 -100.20 -90.83 -37.88
N UNK J 589 -99.60 -89.66 -38.02
CA UNK J 589 -100.19 -88.66 -38.90
C UNK J 589 -100.08 -89.02 -40.37
N UNK J 590 -99.43 -90.13 -40.74
CA UNK J 590 -99.78 -90.81 -41.97
C UNK J 590 -101.26 -91.17 -41.98
N UNK J 591 -101.71 -91.79 -40.89
CA UNK J 591 -103.04 -92.38 -40.76
C UNK J 591 -104.07 -91.48 -40.10
N UNK J 592 -105.10 -92.10 -39.52
CA UNK J 592 -106.19 -91.40 -38.86
C UNK J 592 -106.15 -91.41 -37.34
N UNK J 593 -106.06 -92.56 -36.68
CA UNK J 593 -106.39 -92.60 -35.25
C UNK J 593 -105.34 -93.32 -34.43
N UNK J 594 -104.89 -92.70 -33.34
CA UNK J 594 -103.94 -93.31 -32.43
C UNK J 594 -104.67 -93.63 -31.14
N UNK J 595 -104.27 -94.69 -30.47
CA UNK J 595 -104.82 -95.05 -29.18
C UNK J 595 -103.67 -95.44 -28.27
N UNK J 596 -103.37 -94.60 -27.27
CA UNK J 596 -102.31 -94.88 -26.32
C UNK J 596 -102.93 -95.21 -24.98
N UNK J 597 -102.40 -96.23 -24.30
CA UNK J 597 -103.07 -96.73 -23.08
C UNK J 597 -102.21 -96.60 -21.80
N UNK J 598 -102.26 -95.42 -21.17
CA UNK J 598 -101.32 -95.04 -20.11
C UNK J 598 -101.77 -93.72 -19.50
N UNK J 599 -100.99 -93.19 -18.55
CA UNK J 599 -101.44 -92.07 -17.71
C UNK J 599 -100.34 -91.07 -17.44
N UNK J 600 -99.40 -90.93 -18.35
CA UNK J 600 -98.48 -89.80 -18.27
C UNK J 600 -98.53 -88.97 -19.51
N UNK J 601 -99.00 -89.55 -20.60
CA UNK J 601 -99.39 -88.76 -21.75
C UNK J 601 -100.49 -87.81 -21.37
N UNK J 602 -101.54 -88.35 -20.71
CA UNK J 602 -102.90 -87.81 -20.78
C UNK J 602 -102.98 -86.36 -20.39
N UNK J 603 -102.20 -85.96 -19.40
CA UNK J 603 -102.18 -84.58 -18.93
C UNK J 603 -101.64 -83.64 -20.01
N UNK J 604 -100.41 -83.86 -20.43
CA UNK J 604 -99.82 -82.90 -21.36
C UNK J 604 -100.40 -83.06 -22.75
N UNK J 605 -100.85 -84.26 -23.09
CA UNK J 605 -101.50 -84.45 -24.37
C UNK J 605 -102.80 -83.68 -24.44
N UNK J 606 -103.60 -83.73 -23.37
CA UNK J 606 -104.84 -82.98 -23.39
C UNK J 606 -104.57 -81.48 -23.31
N UNK J 607 -103.62 -81.06 -22.49
CA UNK J 607 -103.38 -79.64 -22.37
C UNK J 607 -102.67 -79.07 -23.56
N UNK J 608 -102.11 -79.89 -24.43
CA UNK J 608 -101.62 -79.36 -25.68
C UNK J 608 -102.70 -79.37 -26.74
N UNK J 609 -103.53 -80.40 -26.76
CA UNK J 609 -104.51 -80.51 -27.83
C UNK J 609 -105.66 -79.54 -27.62
N UNK J 610 -106.21 -79.51 -26.44
CA UNK J 610 -107.35 -78.66 -26.18
C UNK J 610 -106.95 -77.25 -25.85
N UNK J 611 -105.75 -76.86 -26.16
CA UNK J 611 -105.46 -75.45 -26.25
C UNK J 611 -104.89 -75.07 -27.60
N UNK J 612 -103.94 -75.83 -28.17
CA UNK J 612 -103.16 -75.38 -29.32
C UNK J 612 -103.96 -75.27 -30.60
N UNK J 613 -105.22 -75.66 -30.60
CA UNK J 613 -106.12 -75.32 -31.67
C UNK J 613 -106.80 -74.00 -31.46
N UNK J 614 -106.76 -73.47 -30.25
CA UNK J 614 -107.50 -72.26 -29.97
C UNK J 614 -106.66 -71.22 -29.25
N UNK J 615 -105.39 -71.49 -28.98
CA UNK J 615 -104.50 -70.43 -28.53
C UNK J 615 -104.41 -69.57 -29.75
N UNK J 616 -103.80 -70.09 -30.82
CA UNK J 616 -104.16 -69.84 -32.22
C UNK J 616 -104.28 -68.36 -32.57
N UNK J 617 -103.71 -67.49 -31.76
CA UNK J 617 -103.74 -66.07 -31.99
C UNK J 617 -102.33 -65.56 -32.18
N UNK J 618 -101.46 -65.74 -31.20
CA UNK J 618 -100.10 -65.29 -31.41
C UNK J 618 -99.03 -66.24 -30.92
N UNK J 619 -99.35 -67.22 -30.06
CA UNK J 619 -98.37 -67.95 -29.24
C UNK J 619 -97.43 -66.97 -28.55
N UNK J 620 -98.00 -66.27 -27.56
CA UNK J 620 -97.32 -65.25 -26.78
C UNK J 620 -96.04 -65.75 -26.16
N UNK J 621 -94.93 -65.15 -26.59
CA UNK J 621 -93.63 -65.55 -26.07
C UNK J 621 -93.49 -65.09 -24.63
N UNK J 622 -93.10 -66.00 -23.76
CA UNK J 622 -93.28 -65.77 -22.35
C UNK J 622 -92.01 -65.22 -21.71
N UNK J 623 -92.12 -64.87 -20.43
CA UNK J 623 -90.97 -64.56 -19.61
C UNK J 623 -91.41 -64.80 -18.17
N UNK J 624 -91.04 -65.96 -17.64
CA UNK J 624 -91.58 -66.41 -16.38
C UNK J 624 -90.93 -65.67 -15.22
N UNK J 625 -91.65 -65.53 -14.10
CA UNK J 625 -90.96 -65.21 -12.85
C UNK J 625 -91.62 -65.92 -11.68
N UNK J 626 -92.41 -66.97 -11.93
CA UNK J 626 -93.26 -67.59 -10.92
C UNK J 626 -92.40 -68.29 -9.89
N UNK J 627 -92.37 -67.75 -8.68
CA UNK J 627 -91.63 -68.38 -7.58
C UNK J 627 -92.55 -68.46 -6.38
N UNK J 628 -93.37 -69.50 -6.33
CA UNK J 628 -94.46 -69.52 -5.37
C UNK J 628 -95.10 -70.88 -5.15
N UNK J 629 -96.26 -70.83 -4.52
CA UNK J 629 -96.92 -71.97 -3.92
C UNK J 629 -97.34 -73.06 -4.89
N UNK J 630 -98.36 -72.82 -5.70
CA UNK J 630 -99.01 -73.94 -6.38
C UNK J 630 -98.57 -74.06 -7.82
N UNK J 631 -97.39 -73.59 -8.14
CA UNK J 631 -96.88 -73.66 -9.51
C UNK J 631 -96.01 -74.85 -9.72
N UNK J 632 -95.87 -75.70 -8.71
CA UNK J 632 -95.12 -76.94 -8.85
C UNK J 632 -96.03 -78.13 -8.94
N UNK J 633 -97.18 -78.12 -8.28
CA UNK J 633 -98.15 -79.18 -8.49
C UNK J 633 -98.76 -79.11 -9.87
N UNK J 634 -98.77 -77.92 -10.48
CA UNK J 634 -98.70 -77.74 -11.92
C UNK J 634 -99.89 -78.30 -12.68
N UNK J 635 -101.01 -78.57 -12.03
CA UNK J 635 -102.05 -79.36 -12.66
C UNK J 635 -102.88 -78.53 -13.62
N UNK J 636 -103.34 -79.17 -14.68
CA UNK J 636 -104.18 -78.50 -15.66
C UNK J 636 -105.32 -79.35 -16.17
N UNK J 637 -105.44 -80.60 -15.76
CA UNK J 637 -106.53 -81.43 -16.23
C UNK J 637 -106.77 -82.50 -15.19
N UNK J 638 -107.93 -83.16 -15.33
CA UNK J 638 -108.50 -84.15 -14.40
C UNK J 638 -108.51 -83.68 -12.95
N UNK J 639 -108.48 -82.34 -12.75
CA UNK J 639 -108.38 -81.72 -11.43
C UNK J 639 -109.22 -80.46 -11.43
N UNK J 640 -110.50 -80.55 -11.08
CA UNK J 640 -111.26 -81.80 -11.03
C UNK J 640 -112.45 -81.69 -11.96
N UNK J 641 -113.20 -80.60 -11.82
CA UNK J 641 -114.22 -80.28 -12.79
C UNK J 641 -114.29 -78.79 -13.10
N UNK J 642 -113.49 -77.96 -12.45
CA UNK J 642 -113.32 -76.58 -12.89
C UNK J 642 -112.67 -76.61 -14.25
N UNK J 643 -113.28 -75.94 -15.22
CA UNK J 643 -113.03 -76.40 -16.59
C UNK J 643 -111.72 -75.86 -17.16
N UNK J 644 -111.65 -74.56 -17.52
CA UNK J 644 -110.48 -73.88 -18.11
C UNK J 644 -109.89 -74.55 -19.35
N UNK J 645 -110.59 -75.55 -19.85
CA UNK J 645 -110.19 -76.61 -20.76
C UNK J 645 -111.46 -77.41 -20.81
N UNK J 646 -111.53 -78.50 -21.57
CA UNK J 646 -112.85 -79.06 -21.81
C UNK J 646 -112.73 -80.57 -21.97
N UNK J 647 -113.73 -81.16 -22.59
CA UNK J 647 -113.68 -82.55 -22.97
C UNK J 647 -114.35 -82.71 -24.33
N UNK J 648 -114.11 -83.86 -24.95
CA UNK J 648 -114.50 -84.06 -26.34
C UNK J 648 -114.99 -85.49 -26.55
N UNK J 649 -116.29 -85.70 -26.40
CA UNK J 649 -117.07 -86.72 -27.08
C UNK J 649 -116.81 -88.16 -26.64
N UNK J 650 -115.76 -88.38 -25.87
CA UNK J 650 -115.55 -89.66 -25.19
C UNK J 650 -114.65 -89.30 -24.02
N UNK J 651 -115.26 -89.09 -22.87
CA UNK J 651 -114.55 -88.61 -21.70
C UNK J 651 -115.10 -89.34 -20.48
N UNK J 652 -114.36 -90.31 -19.98
CA UNK J 652 -114.75 -91.05 -18.79
C UNK J 652 -113.68 -90.80 -17.76
N UNK J 653 -113.88 -89.82 -16.90
CA UNK J 653 -112.90 -89.52 -15.88
C UNK J 653 -113.37 -90.18 -14.60
N UNK J 654 -113.12 -91.49 -14.52
CA UNK J 654 -113.80 -92.31 -13.53
C UNK J 654 -112.97 -92.56 -12.29
N UNK J 655 -113.63 -92.55 -11.14
CA UNK J 655 -112.99 -92.58 -9.83
C UNK J 655 -113.69 -93.53 -8.89
N UNK J 656 -113.94 -94.76 -9.31
CA UNK J 656 -114.86 -95.63 -8.58
C UNK J 656 -114.30 -97.04 -8.51
N UNK J 657 -115.17 -98.00 -8.17
CA UNK J 657 -114.86 -99.42 -8.23
C UNK J 657 -115.30 -100.10 -9.52
N UNK J 658 -116.27 -99.54 -10.25
CA UNK J 658 -116.60 -100.03 -11.58
C UNK J 658 -116.50 -98.94 -12.65
N UNK J 659 -117.13 -97.79 -12.43
CA UNK J 659 -117.24 -96.72 -13.42
C UNK J 659 -117.79 -95.49 -12.73
N UNK J 660 -117.49 -94.32 -13.30
CA UNK J 660 -117.82 -93.05 -12.66
C UNK J 660 -117.82 -91.93 -13.70
N UNK J 661 -117.56 -90.71 -13.22
CA UNK J 661 -117.91 -89.41 -13.81
C UNK J 661 -117.60 -89.26 -15.29
N UNK J 662 -118.44 -88.47 -15.96
CA UNK J 662 -118.33 -88.18 -17.37
C UNK J 662 -118.43 -86.67 -17.58
N UNK J 663 -117.96 -86.19 -18.74
CA UNK J 663 -118.18 -84.80 -19.14
C UNK J 663 -118.49 -84.74 -20.63
N UNK J 664 -119.76 -84.94 -20.97
CA UNK J 664 -120.21 -85.02 -22.35
C UNK J 664 -121.72 -84.88 -22.40
N UNK J 665 -122.32 -85.22 -23.53
CA UNK J 665 -123.77 -85.36 -23.60
C UNK J 665 -124.17 -86.80 -23.30
N UNK J 666 -113.85 -101.10 35.29
CA UNK J 666 -113.57 -99.68 35.36
C UNK J 666 -112.33 -99.46 36.20
N UNK J 667 -112.29 -100.12 37.35
CA UNK J 667 -111.12 -100.18 38.20
C UNK J 667 -111.25 -101.40 39.10
N UNK J 668 -110.39 -102.38 38.87
CA UNK J 668 -110.55 -103.70 39.49
C UNK J 668 -109.20 -104.41 39.50
N UNK J 669 -109.06 -105.40 40.39
CA UNK J 669 -107.80 -106.06 40.77
C UNK J 669 -106.93 -106.62 39.66
N UNK J 670 -105.65 -106.83 39.95
CA UNK J 670 -104.68 -107.39 39.03
C UNK J 670 -104.32 -108.83 39.44
N UNK J 671 -104.04 -109.67 38.44
CA UNK J 671 -103.71 -111.08 38.67
C UNK J 671 -102.77 -111.55 37.56
N UNK J 672 -102.59 -112.87 37.44
CA UNK J 672 -101.71 -113.43 36.41
C UNK J 672 -102.41 -114.38 35.44
N UNK J 673 -103.06 -115.43 35.93
CA UNK J 673 -103.72 -116.49 35.15
C UNK J 673 -102.74 -117.19 34.19
N UNK J 674 -101.81 -117.92 34.79
CA UNK J 674 -100.72 -118.60 34.09
C UNK J 674 -101.23 -119.59 33.06
N UNK J 675 -100.38 -119.90 32.09
CA UNK J 675 -100.78 -120.59 30.87
C UNK J 675 -100.03 -121.90 30.74
N UNK J 676 -100.78 -123.01 30.80
CA UNK J 676 -100.25 -124.33 30.51
C UNK J 676 -100.21 -124.56 29.01
N UNK J 677 -99.53 -125.62 28.60
CA UNK J 677 -99.45 -125.95 27.19
C UNK J 677 -100.73 -126.66 26.77
N UNK J 678 -100.77 -127.10 25.51
CA UNK J 678 -101.92 -127.79 24.97
C UNK J 678 -101.53 -129.22 24.61
N UNK J 679 -102.40 -130.17 24.89
CA UNK J 679 -102.08 -131.58 24.74
C UNK J 679 -102.96 -132.21 23.67
N UNK J 680 -102.34 -132.87 22.71
CA UNK J 680 -103.05 -133.63 21.68
C UNK J 680 -102.14 -134.75 21.21
N UNK J 681 -102.62 -135.99 21.30
CA UNK J 681 -101.74 -137.11 21.12
C UNK J 681 -102.53 -138.32 20.66
N UNK J 682 -101.86 -139.11 19.81
CA UNK J 682 -102.38 -140.31 19.19
C UNK J 682 -101.17 -141.19 18.99
N UNK J 683 -101.21 -142.08 18.01
CA UNK J 683 -100.06 -142.92 17.73
C UNK J 683 -98.96 -142.14 17.01
N UNK J 684 -97.99 -142.84 16.46
CA UNK J 684 -96.69 -142.26 16.23
C UNK J 684 -96.02 -142.81 14.99
N UNK J 685 -94.69 -142.79 15.00
CA UNK J 685 -93.86 -143.44 14.00
C UNK J 685 -93.85 -144.96 14.18
N UNK J 686 -92.83 -145.63 13.65
CA UNK J 686 -92.70 -147.09 13.58
C UNK J 686 -93.83 -147.70 12.75
N UNK J 687 -93.70 -147.46 11.44
CA UNK J 687 -94.33 -148.28 10.40
C UNK J 687 -94.13 -149.77 10.68
N UNK J 688 -95.16 -150.60 10.44
CA UNK J 688 -96.30 -150.38 9.52
C UNK J 688 -97.59 -149.80 10.13
N UNK J 689 -98.55 -149.48 9.24
CA UNK J 689 -99.84 -148.92 9.65
C UNK J 689 -101.03 -149.49 8.89
N UNK J 690 -100.82 -150.35 7.91
CA UNK J 690 -101.87 -150.99 7.11
C UNK J 690 -102.80 -150.00 6.41
N UNK J 691 -102.26 -148.86 5.97
CA UNK J 691 -102.97 -147.96 5.05
C UNK J 691 -101.92 -147.15 4.29
N UNK J 692 -101.60 -147.58 3.08
CA UNK J 692 -100.55 -146.96 2.28
C UNK J 692 -101.06 -146.65 0.88
N UNK J 693 -100.28 -145.92 0.08
CA UNK J 693 -100.72 -145.55 -1.26
C UNK J 693 -99.86 -146.10 -2.38
N UNK J 694 -98.62 -145.63 -2.57
CA UNK J 694 -97.93 -146.04 -3.78
C UNK J 694 -96.45 -146.34 -3.65
N UNK J 695 -95.73 -145.54 -2.87
CA UNK J 695 -94.27 -145.54 -2.88
C UNK J 695 -93.79 -144.88 -1.59
N UNK J 696 -92.50 -144.56 -1.54
CA UNK J 696 -91.86 -144.12 -0.30
C UNK J 696 -91.96 -142.61 -0.12
N UNK J 697 -92.67 -142.17 0.92
CA UNK J 697 -93.33 -143.01 1.91
C UNK J 697 -94.72 -142.51 2.27
N UNK J 698 -95.51 -142.14 1.26
CA UNK J 698 -96.84 -141.59 1.51
C UNK J 698 -97.76 -142.63 2.14
N UNK J 699 -98.41 -142.25 3.23
CA UNK J 699 -99.05 -143.22 4.11
C UNK J 699 -100.47 -142.81 4.46
N UNK J 700 -101.28 -142.54 3.44
CA UNK J 700 -102.64 -142.02 3.62
C UNK J 700 -103.53 -142.98 4.38
N UNK J 701 -104.34 -142.46 5.30
CA UNK J 701 -104.86 -143.31 6.35
C UNK J 701 -106.31 -143.01 6.71
N UNK J 702 -107.02 -144.06 7.14
CA UNK J 702 -108.16 -143.88 8.05
C UNK J 702 -107.62 -144.08 9.47
N UNK J 703 -107.27 -145.32 9.81
CA UNK J 703 -105.97 -145.72 10.36
C UNK J 703 -105.18 -144.66 11.13
N UNK J 704 -105.66 -144.17 12.27
CA UNK J 704 -106.62 -144.82 13.14
C UNK J 704 -107.44 -143.80 13.88
N UNK J 705 -108.75 -143.98 13.87
CA UNK J 705 -109.63 -143.04 14.53
C UNK J 705 -109.55 -143.17 16.04
N UNK J 706 -109.67 -142.04 16.72
CA UNK J 706 -109.64 -141.96 18.18
C UNK J 706 -110.75 -141.05 18.65
N UNK J 707 -111.99 -141.34 18.20
CA UNK J 707 -113.20 -140.55 18.43
C UNK J 707 -113.40 -140.18 19.89
N UNK J 708 -113.61 -141.20 20.74
CA UNK J 708 -113.09 -141.27 22.11
C UNK J 708 -113.44 -140.04 22.94
N UNK J 709 -114.74 -139.94 23.26
CA UNK J 709 -115.40 -138.76 23.80
C UNK J 709 -114.73 -138.12 25.03
N UNK J 710 -115.03 -136.83 25.25
CA UNK J 710 -114.28 -136.01 26.18
C UNK J 710 -115.15 -134.90 26.75
N UNK J 711 -114.97 -134.63 28.04
CA UNK J 711 -115.36 -133.37 28.68
C UNK J 711 -114.27 -132.34 28.41
N UNK J 712 -114.17 -131.30 29.25
CA UNK J 712 -113.00 -130.43 29.17
C UNK J 712 -111.81 -131.22 29.69
N UNK J 713 -111.27 -132.06 28.79
CA UNK J 713 -110.43 -133.20 29.10
C UNK J 713 -110.00 -133.81 27.77
N UNK J 714 -109.12 -134.80 27.85
CA UNK J 714 -108.61 -135.47 26.67
C UNK J 714 -109.52 -136.65 26.32
N UNK J 715 -109.04 -137.52 25.42
CA UNK J 715 -109.84 -138.60 24.84
C UNK J 715 -110.01 -139.78 25.80
N UNK J 716 -110.42 -140.94 25.27
CA UNK J 716 -110.63 -142.14 26.10
C UNK J 716 -109.37 -142.52 26.85
N UNK J 717 -109.55 -142.97 28.09
CA UNK J 717 -108.49 -142.93 29.08
C UNK J 717 -107.38 -143.92 28.75
N UNK J 718 -106.14 -143.46 28.89
CA UNK J 718 -104.99 -144.30 28.59
C UNK J 718 -103.81 -143.76 29.40
N UNK J 719 -103.52 -144.39 30.53
CA UNK J 719 -102.36 -144.05 31.32
C UNK J 719 -101.24 -145.06 31.16
N UNK J 720 -101.56 -146.33 31.36
CA UNK J 720 -100.69 -147.42 30.98
C UNK J 720 -101.39 -148.49 30.16
N UNK J 721 -102.71 -148.51 30.11
CA UNK J 721 -103.46 -149.52 29.38
C UNK J 721 -104.64 -148.84 28.70
N UNK J 722 -104.58 -148.73 27.38
CA UNK J 722 -105.51 -147.89 26.62
C UNK J 722 -106.87 -148.57 26.52
N UNK J 723 -107.66 -148.39 27.57
CA UNK J 723 -108.97 -149.03 27.64
C UNK J 723 -109.98 -148.26 26.80
N UNK J 724 -110.55 -148.94 25.82
CA UNK J 724 -111.64 -148.42 25.01
C UNK J 724 -112.98 -148.57 25.74
N UNK J 725 -114.09 -148.47 25.02
CA UNK J 725 -115.42 -148.57 25.62
C UNK J 725 -115.74 -149.98 26.13
N UNK J 726 -114.91 -150.97 25.86
CA UNK J 726 -115.00 -152.31 26.44
C UNK J 726 -114.41 -152.34 27.84
N UNK J 727 -114.12 -153.53 28.38
CA UNK J 727 -113.59 -153.66 29.74
C UNK J 727 -112.21 -153.03 29.86
N UNK J 728 -111.22 -153.56 29.12
CA UNK J 728 -109.87 -153.02 29.15
C UNK J 728 -109.16 -153.42 27.88
N UNK J 729 -108.06 -152.74 27.59
CA UNK J 729 -107.26 -153.04 26.40
C UNK J 729 -105.87 -152.46 26.59
N UNK J 730 -104.89 -153.17 26.07
CA UNK J 730 -103.49 -152.84 26.33
C UNK J 730 -102.79 -152.50 25.02
N UNK J 731 -102.87 -151.24 24.62
CA UNK J 731 -102.06 -150.77 23.51
C UNK J 731 -100.62 -150.68 23.98
N UNK J 732 -99.77 -151.53 23.43
CA UNK J 732 -98.38 -151.62 23.87
C UNK J 732 -97.57 -150.44 23.38
N UNK K 1 -93.16 -56.33 48.53
CA UNK K 1 -92.43 -55.51 47.57
C UNK K 1 -93.31 -55.18 46.38
N UNK K 2 -92.75 -55.23 45.18
CA UNK K 2 -93.50 -54.90 43.99
C UNK K 2 -93.01 -55.76 42.84
N UNK K 3 -93.92 -56.43 42.15
CA UNK K 3 -93.58 -57.35 41.08
C UNK K 3 -94.25 -56.88 39.81
N UNK K 4 -93.49 -56.45 38.81
CA UNK K 4 -94.10 -55.83 37.65
C UNK K 4 -93.91 -56.65 36.38
N UNK K 5 -94.72 -56.37 35.36
CA UNK K 5 -94.62 -57.17 34.15
C UNK K 5 -95.09 -56.38 32.94
N UNK K 6 -94.23 -56.21 31.95
CA UNK K 6 -94.67 -55.66 30.69
C UNK K 6 -95.24 -56.79 29.87
N UNK K 7 -96.27 -56.53 29.07
CA UNK K 7 -96.86 -57.63 28.31
C UNK K 7 -97.38 -57.09 26.99
N UNK K 8 -96.85 -57.59 25.88
CA UNK K 8 -97.18 -57.03 24.58
C UNK K 8 -98.08 -57.97 23.79
N UNK K 9 -99.05 -57.41 23.07
CA UNK K 9 -99.76 -58.18 22.05
C UNK K 9 -99.07 -57.96 20.71
N UNK K 10 -99.55 -58.59 19.63
CA UNK K 10 -98.89 -58.49 18.32
C UNK K 10 -99.26 -57.19 17.64
N UNK K 11 -98.26 -56.44 17.20
CA UNK K 11 -98.45 -55.01 16.99
C UNK K 11 -98.00 -54.55 15.61
N UNK K 12 -98.56 -53.42 15.20
CA UNK K 12 -98.02 -52.59 14.12
C UNK K 12 -98.60 -51.19 14.30
N UNK K 13 -97.76 -50.26 14.74
CA UNK K 13 -98.11 -48.86 14.99
C UNK K 13 -99.30 -48.72 15.95
N UNK K 14 -99.06 -49.15 17.18
CA UNK K 14 -100.07 -49.03 18.20
C UNK K 14 -99.41 -48.68 19.54
N UNK K 15 -100.24 -48.33 20.51
CA UNK K 15 -99.83 -47.56 21.67
C UNK K 15 -99.75 -48.42 22.91
N UNK K 16 -99.49 -47.76 24.02
CA UNK K 16 -99.18 -48.44 25.27
C UNK K 16 -100.26 -48.11 26.27
N UNK K 17 -100.37 -48.92 27.31
CA UNK K 17 -101.31 -48.66 28.41
C UNK K 17 -100.69 -49.15 29.69
N UNK K 18 -100.34 -48.22 30.58
CA UNK K 18 -99.58 -48.57 31.77
C UNK K 18 -100.53 -48.82 32.92
N UNK K 19 -101.07 -50.04 32.97
CA UNK K 19 -102.06 -50.31 34.00
C UNK K 19 -101.38 -50.72 35.30
N UNK K 20 -102.09 -50.55 36.40
CA UNK K 20 -101.56 -50.94 37.69
C UNK K 20 -102.62 -51.78 38.37
N UNK K 21 -102.50 -53.09 38.26
CA UNK K 21 -103.48 -54.01 38.81
C UNK K 21 -103.37 -53.94 40.32
N UNK K 22 -104.27 -53.19 40.93
CA UNK K 22 -104.17 -52.91 42.35
C UNK K 22 -104.44 -54.17 43.15
N UNK K 23 -105.67 -54.67 43.08
CA UNK K 23 -105.92 -55.95 43.74
C UNK K 23 -106.92 -56.82 42.97
N UNK K 24 -107.18 -56.52 41.70
CA UNK K 24 -108.36 -57.11 41.06
C UNK K 24 -108.11 -58.56 40.65
N UNK K 25 -107.19 -58.79 39.69
CA UNK K 25 -106.86 -60.06 39.06
C UNK K 25 -108.05 -60.74 38.37
N UNK K 26 -109.18 -60.05 38.21
CA UNK K 26 -110.30 -60.46 37.37
C UNK K 26 -110.73 -59.37 36.43
N UNK K 27 -110.33 -58.13 36.69
CA UNK K 27 -110.28 -57.08 35.70
C UNK K 27 -109.11 -57.25 34.75
N UNK K 28 -108.31 -58.30 34.93
CA UNK K 28 -107.19 -58.54 34.03
C UNK K 28 -107.66 -58.82 32.62
N UNK K 29 -108.69 -59.65 32.48
CA UNK K 29 -109.22 -59.88 31.15
C UNK K 29 -109.93 -58.64 30.62
N UNK K 30 -110.48 -57.83 31.52
CA UNK K 30 -111.17 -56.61 31.12
C UNK K 30 -110.20 -55.60 30.52
N UNK K 31 -109.12 -55.32 31.24
CA UNK K 31 -108.10 -54.43 30.69
C UNK K 31 -107.37 -55.08 29.54
N UNK K 32 -107.33 -56.42 29.48
CA UNK K 32 -106.69 -57.09 28.37
C UNK K 32 -107.46 -56.84 27.09
N UNK K 33 -108.77 -56.99 27.12
CA UNK K 33 -109.56 -56.68 25.94
C UNK K 33 -109.59 -55.19 25.69
N UNK K 34 -109.39 -54.37 26.73
CA UNK K 34 -109.35 -52.93 26.51
C UNK K 34 -108.12 -52.50 25.76
N UNK K 35 -106.97 -53.09 26.09
CA UNK K 35 -105.74 -52.83 25.36
C UNK K 35 -105.56 -53.79 24.21
N UNK K 36 -106.59 -54.59 23.90
CA UNK K 36 -106.55 -55.30 22.63
C UNK K 36 -106.60 -54.36 21.45
N UNK K 37 -107.14 -53.16 21.61
CA UNK K 37 -107.01 -52.12 20.59
C UNK K 37 -105.79 -51.26 20.89
N UNK K 38 -104.63 -51.92 20.91
CA UNK K 38 -103.35 -51.31 21.28
C UNK K 38 -102.19 -52.22 20.92
N UNK K 39 -101.00 -51.90 21.46
CA UNK K 39 -99.81 -52.70 21.31
C UNK K 39 -99.30 -53.30 22.61
N UNK K 40 -99.09 -52.49 23.64
CA UNK K 40 -98.33 -52.98 24.79
C UNK K 40 -99.03 -52.61 26.08
N UNK K 41 -99.57 -53.61 26.77
CA UNK K 41 -99.98 -53.34 28.13
C UNK K 41 -98.76 -53.40 29.02
N UNK K 42 -98.83 -52.76 30.16
CA UNK K 42 -97.75 -52.86 31.12
C UNK K 42 -98.43 -52.99 32.48
N UNK K 43 -98.59 -54.23 32.93
CA UNK K 43 -99.33 -54.49 34.15
C UNK K 43 -98.39 -54.40 35.32
N UNK K 44 -98.61 -53.46 36.22
CA UNK K 44 -97.82 -53.39 37.42
C UNK K 44 -98.51 -54.14 38.55
N UNK K 45 -97.70 -54.63 39.50
CA UNK K 45 -98.00 -55.31 40.76
C UNK K 45 -98.48 -56.76 40.63
N UNK K 46 -98.91 -57.19 39.44
CA UNK K 46 -98.74 -58.51 38.81
C UNK K 46 -98.55 -59.75 39.68
N UNK K 47 -99.37 -59.98 40.68
CA UNK K 47 -99.05 -61.06 41.61
C UNK K 47 -99.49 -62.42 41.08
N UNK K 48 -100.76 -62.56 40.75
CA UNK K 48 -101.23 -63.75 40.08
C UNK K 48 -101.40 -63.52 38.60
N UNK K 49 -101.45 -62.27 38.18
CA UNK K 49 -101.64 -61.96 36.77
C UNK K 49 -100.45 -62.41 35.94
N UNK K 50 -99.25 -62.02 36.36
CA UNK K 50 -98.06 -62.40 35.61
C UNK K 50 -97.85 -63.89 35.64
N UNK K 51 -98.20 -64.53 36.75
CA UNK K 51 -98.00 -65.96 36.88
C UNK K 51 -98.92 -66.72 35.94
N UNK K 52 -100.22 -66.42 35.98
CA UNK K 52 -101.13 -67.14 35.13
C UNK K 52 -100.90 -66.81 33.67
N UNK K 53 -100.48 -65.58 33.37
CA UNK K 53 -100.21 -65.23 31.98
C UNK K 53 -98.97 -65.94 31.46
N UNK K 54 -97.94 -66.07 32.29
CA UNK K 54 -96.75 -66.74 31.83
C UNK K 54 -96.96 -68.22 31.69
N UNK K 55 -97.76 -68.82 32.57
CA UNK K 55 -98.02 -70.25 32.42
C UNK K 55 -98.84 -70.52 31.18
N UNK K 56 -99.80 -69.65 30.88
CA UNK K 56 -100.56 -69.83 29.67
C UNK K 56 -99.69 -69.61 28.44
N UNK K 57 -98.77 -68.66 28.50
CA UNK K 57 -97.94 -68.41 27.33
C UNK K 57 -96.94 -69.51 27.10
N UNK K 58 -96.41 -70.09 28.17
CA UNK K 58 -95.38 -71.10 27.99
C UNK K 58 -95.97 -72.46 27.71
N UNK K 59 -97.22 -72.70 28.06
CA UNK K 59 -97.87 -73.91 27.60
C UNK K 59 -99.04 -73.55 26.71
N UNK K 60 -98.83 -72.58 25.85
CA UNK K 60 -99.87 -72.08 24.97
C UNK K 60 -99.86 -72.69 23.59
N UNK K 61 -98.81 -73.39 23.20
CA UNK K 61 -98.75 -73.92 21.84
C UNK K 61 -98.92 -75.43 21.80
N UNK K 62 -98.10 -76.18 22.52
CA UNK K 62 -98.19 -77.63 22.43
C UNK K 62 -99.40 -78.13 23.19
N UNK K 63 -99.65 -77.56 24.36
CA UNK K 63 -100.78 -77.99 25.15
C UNK K 63 -102.10 -77.52 24.56
N UNK K 64 -102.06 -76.66 23.55
CA UNK K 64 -103.22 -76.36 22.73
C UNK K 64 -103.30 -77.26 21.52
N UNK K 65 -102.15 -77.57 20.93
CA UNK K 65 -102.12 -78.38 19.73
C UNK K 65 -102.60 -79.78 20.01
N UNK K 66 -102.36 -80.29 21.22
CA UNK K 66 -102.88 -81.62 21.48
C UNK K 66 -104.36 -81.57 21.87
N UNK K 67 -104.68 -81.02 23.03
CA UNK K 67 -105.93 -81.39 23.68
C UNK K 67 -106.94 -80.26 23.83
N UNK K 68 -106.63 -79.24 24.62
CA UNK K 68 -107.61 -78.37 25.29
C UNK K 68 -108.72 -79.21 25.94
N UNK K 69 -108.31 -79.95 26.96
CA UNK K 69 -109.21 -80.83 27.68
C UNK K 69 -110.02 -80.07 28.72
N UNK K 70 -111.02 -80.73 29.28
CA UNK K 70 -111.75 -80.23 30.43
C UNK K 70 -111.43 -81.11 31.62
N UNK K 71 -111.03 -80.51 32.73
CA UNK K 71 -110.32 -81.24 33.76
C UNK K 71 -111.13 -81.28 35.05
N UNK K 72 -111.73 -82.43 35.35
CA UNK K 72 -112.28 -82.67 36.67
C UNK K 72 -111.15 -82.89 37.67
N UNK K 73 -111.40 -82.59 38.94
CA UNK K 73 -110.35 -82.72 39.93
C UNK K 73 -110.91 -83.18 41.26
N UNK K 74 -110.26 -84.15 41.88
CA UNK K 74 -110.64 -84.58 43.21
C UNK K 74 -109.35 -84.55 44.01
N UNK K 75 -109.02 -83.40 44.57
CA UNK K 75 -107.72 -83.23 45.20
C UNK K 75 -107.89 -83.07 46.70
N UNK K 76 -107.04 -83.77 47.43
CA UNK K 76 -106.93 -83.63 48.87
C UNK K 76 -105.81 -82.67 49.17
N UNK K 77 -105.98 -81.92 50.24
CA UNK K 77 -105.38 -80.60 50.29
C UNK K 77 -103.96 -80.62 50.81
N UNK K 78 -103.22 -81.70 50.56
CA UNK K 78 -101.96 -81.92 51.26
C UNK K 78 -100.86 -80.90 50.98
N UNK K 79 -100.33 -80.88 49.78
CA UNK K 79 -99.07 -80.20 49.55
C UNK K 79 -99.22 -78.96 48.71
N UNK K 80 -99.78 -79.09 47.51
CA UNK K 80 -99.90 -77.97 46.60
C UNK K 80 -100.88 -76.93 47.09
N UNK K 81 -101.77 -77.30 48.01
CA UNK K 81 -102.90 -76.48 48.42
C UNK K 81 -102.50 -75.23 49.14
N UNK K 82 -101.23 -75.07 49.52
CA UNK K 82 -100.69 -73.72 49.60
C UNK K 82 -99.22 -73.82 49.19
N UNK K 83 -98.97 -73.78 47.89
CA UNK K 83 -97.62 -74.08 47.43
C UNK K 83 -97.47 -73.71 45.98
N UNK K 84 -96.35 -74.15 45.41
CA UNK K 84 -95.85 -73.77 44.11
C UNK K 84 -96.19 -74.82 43.06
N UNK K 85 -96.36 -74.37 41.83
CA UNK K 85 -96.61 -75.27 40.72
C UNK K 85 -95.35 -75.85 40.14
N UNK K 86 -94.21 -75.59 40.77
CA UNK K 86 -92.94 -76.28 40.53
C UNK K 86 -92.42 -76.06 39.12
N UNK K 87 -92.64 -74.90 38.58
CA UNK K 87 -91.90 -74.51 37.39
C UNK K 87 -91.53 -73.04 37.41
N UNK K 88 -91.84 -72.32 38.48
CA UNK K 88 -91.62 -70.88 38.49
C UNK K 88 -90.18 -70.54 38.75
N UNK K 89 -89.51 -71.30 39.61
CA UNK K 89 -88.23 -70.90 40.17
C UNK K 89 -87.07 -71.04 39.21
N UNK K 90 -87.32 -71.36 37.95
CA UNK K 90 -86.24 -71.33 37.00
C UNK K 90 -86.58 -70.54 35.75
N UNK K 91 -87.86 -70.32 35.43
CA UNK K 91 -88.22 -69.46 34.32
C UNK K 91 -88.44 -68.02 34.75
N UNK K 92 -89.17 -67.79 35.83
CA UNK K 92 -89.18 -66.46 36.43
C UNK K 92 -88.11 -66.34 37.51
N UNK K 93 -86.93 -66.83 37.17
CA UNK K 93 -85.67 -66.22 37.53
C UNK K 93 -85.37 -65.40 36.29
N UNK K 94 -85.86 -64.16 36.32
CA UNK K 94 -86.25 -63.43 35.12
C UNK K 94 -85.08 -63.13 34.20
N UNK K 95 -85.28 -63.33 32.90
CA UNK K 95 -84.29 -62.98 31.90
C UNK K 95 -84.55 -61.61 31.29
N UNK K 96 -85.81 -61.31 30.99
CA UNK K 96 -86.32 -59.96 30.75
C UNK K 96 -85.66 -59.28 29.57
N UNK K 97 -85.80 -59.87 28.41
CA UNK K 97 -85.05 -59.40 27.25
C UNK K 97 -85.94 -59.46 26.03
N UNK K 98 -86.45 -58.31 25.63
CA UNK K 98 -87.32 -58.29 24.48
C UNK K 98 -87.38 -56.88 23.94
N UNK K 99 -88.31 -56.69 23.03
CA UNK K 99 -88.80 -55.47 22.46
C UNK K 99 -90.13 -55.87 21.86
N UNK K 100 -90.63 -55.07 20.92
CA UNK K 100 -91.76 -55.49 20.09
C UNK K 100 -91.25 -56.21 18.85
N UNK K 101 -90.86 -57.45 19.03
CA UNK K 101 -90.20 -58.22 17.97
C UNK K 101 -91.19 -59.09 17.20
N UNK K 102 -92.30 -58.50 16.76
CA UNK K 102 -93.21 -59.21 15.88
C UNK K 102 -93.92 -58.25 14.94
N UNK K 103 -93.21 -57.22 14.47
CA UNK K 103 -93.80 -56.11 13.73
C UNK K 103 -94.51 -56.59 12.47
N UNK K 104 -95.70 -56.03 12.20
CA UNK K 104 -96.70 -56.76 11.43
C UNK K 104 -97.20 -56.06 10.18
N UNK K 105 -96.29 -55.56 9.36
CA UNK K 105 -96.54 -55.15 7.97
C UNK K 105 -97.62 -54.10 7.75
N UNK K 106 -73.12 -129.63 124.66
CA UNK K 106 -73.06 -128.54 123.70
C UNK K 106 -74.01 -128.79 122.54
N UNK K 107 -74.38 -130.05 122.36
CA UNK K 107 -75.17 -130.46 121.21
C UNK K 107 -75.98 -131.70 121.58
N UNK K 108 -77.25 -131.77 121.18
CA UNK K 108 -77.95 -130.72 120.46
C UNK K 108 -78.49 -129.67 121.43
N UNK K 109 -79.33 -130.12 122.36
CA UNK K 109 -80.07 -129.25 123.30
C UNK K 109 -80.76 -128.12 122.54
N UNK K 110 -81.61 -128.55 121.60
CA UNK K 110 -82.35 -127.70 120.66
C UNK K 110 -81.42 -126.83 119.83
N UNK K 111 -80.22 -127.30 119.56
CA UNK K 111 -79.26 -126.45 118.86
C UNK K 111 -78.35 -127.36 118.03
N UNK K 112 -78.73 -127.55 116.77
CA UNK K 112 -77.99 -128.40 115.87
C UNK K 112 -78.43 -128.10 114.44
N UNK K 113 -77.66 -128.64 113.49
CA UNK K 113 -77.96 -128.63 112.05
C UNK K 113 -78.17 -127.23 111.46
N UNK K 114 -103.71 -91.13 104.51
CA UNK K 114 -103.82 -92.55 104.81
C UNK K 114 -104.42 -93.30 103.65
N UNK K 115 -105.21 -92.60 102.85
CA UNK K 115 -105.88 -93.21 101.71
C UNK K 115 -105.05 -93.11 100.43
N UNK K 116 -103.90 -92.48 100.47
CA UNK K 116 -103.24 -92.05 99.24
C UNK K 116 -102.45 -93.17 98.58
N UNK K 117 -102.52 -93.23 97.26
CA UNK K 117 -101.58 -94.02 96.50
C UNK K 117 -100.17 -93.47 96.62
N UNK K 118 -100.03 -92.16 96.87
CA UNK K 118 -98.71 -91.63 97.18
C UNK K 118 -98.21 -92.20 98.50
N UNK K 119 -99.10 -92.31 99.48
CA UNK K 119 -98.74 -92.96 100.74
C UNK K 119 -98.46 -94.44 100.53
N UNK K 120 -99.14 -95.05 99.57
CA UNK K 120 -98.87 -96.43 99.22
C UNK K 120 -97.47 -96.58 98.64
N UNK K 121 -97.19 -95.87 97.53
CA UNK K 121 -95.92 -95.98 96.82
C UNK K 121 -94.74 -95.50 97.63
N UNK K 122 -94.99 -94.80 98.74
CA UNK K 122 -93.99 -94.70 99.80
C UNK K 122 -93.99 -95.97 100.65
N UNK K 123 -93.61 -97.07 100.03
CA UNK K 123 -93.45 -98.32 100.79
C UNK K 123 -92.11 -99.05 100.69
N UNK K 124 -91.50 -99.28 99.51
CA UNK K 124 -91.80 -98.86 98.13
C UNK K 124 -91.67 -99.95 97.03
N UNK K 125 -92.36 -101.08 97.14
CA UNK K 125 -92.27 -102.13 96.14
C UNK K 125 -93.11 -101.78 94.89
N UNK K 126 -93.28 -102.76 93.98
CA UNK K 126 -93.94 -102.56 92.70
C UNK K 126 -95.14 -103.46 92.45
N UNK K 127 -95.32 -104.53 93.21
CA UNK K 127 -96.66 -105.07 93.31
C UNK K 127 -97.60 -104.09 94.00
N UNK K 128 -97.08 -103.11 94.74
CA UNK K 128 -97.86 -101.93 95.08
C UNK K 128 -98.30 -101.16 93.84
N UNK K 129 -97.54 -101.22 92.73
CA UNK K 129 -98.07 -100.64 91.50
C UNK K 129 -99.08 -101.57 90.87
N UNK K 130 -98.99 -102.85 91.17
CA UNK K 130 -100.14 -103.69 90.89
C UNK K 130 -101.29 -103.50 91.89
N UNK K 131 -101.05 -102.79 92.98
CA UNK K 131 -102.06 -102.59 94.01
C UNK K 131 -102.51 -101.14 94.13
N UNK K 132 -102.01 -100.25 93.28
CA UNK K 132 -102.42 -98.87 93.31
C UNK K 132 -103.85 -98.67 92.85
N UNK K 133 -104.47 -99.67 92.24
CA UNK K 133 -105.88 -99.64 91.94
C UNK K 133 -106.76 -99.67 93.18
N UNK K 134 -106.18 -99.95 94.35
CA UNK K 134 -106.90 -99.74 95.59
C UNK K 134 -107.29 -98.28 95.76
N UNK K 135 -106.41 -97.37 95.36
CA UNK K 135 -106.62 -95.94 95.56
C UNK K 135 -107.07 -95.24 94.28
N UNK K 136 -107.90 -95.89 93.48
CA UNK K 136 -108.49 -95.23 92.33
C UNK K 136 -109.96 -95.62 92.22
N UNK K 137 -105.65 -111.85 115.92
CA UNK K 137 -105.82 -113.08 115.18
C UNK K 137 -105.47 -112.88 113.70
N UNK K 138 -104.19 -112.71 113.42
CA UNK K 138 -103.75 -112.44 112.06
C UNK K 138 -103.70 -113.70 111.23
N UNK K 139 -103.65 -113.52 109.91
CA UNK K 139 -103.23 -114.60 109.04
C UNK K 139 -101.80 -114.99 109.35
N UNK K 140 -100.95 -114.00 109.62
CA UNK K 140 -99.60 -114.26 110.09
C UNK K 140 -99.56 -114.83 111.49
N UNK K 141 -100.64 -114.74 112.26
CA UNK K 141 -100.65 -115.39 113.56
C UNK K 141 -100.70 -116.91 113.42
N UNK K 142 -101.27 -117.39 112.31
CA UNK K 142 -101.16 -118.82 112.00
C UNK K 142 -99.71 -119.21 111.80
N UNK K 143 -98.91 -118.34 111.17
CA UNK K 143 -97.48 -118.58 111.10
C UNK K 143 -96.82 -118.41 112.45
N UNK K 144 -97.28 -117.44 113.25
CA UNK K 144 -96.67 -117.15 114.53
C UNK K 144 -96.91 -118.25 115.55
N UNK K 145 -97.89 -119.11 115.30
CA UNK K 145 -97.98 -120.36 116.02
C UNK K 145 -97.38 -121.52 115.25
N UNK K 146 -97.36 -121.44 113.92
CA UNK K 146 -96.96 -122.58 113.10
C UNK K 146 -95.46 -122.76 113.08
N UNK K 147 -94.73 -121.69 112.79
CA UNK K 147 -93.28 -121.71 112.91
C UNK K 147 -92.85 -121.87 114.35
N UNK K 148 -93.68 -121.44 115.30
CA UNK K 148 -93.42 -121.71 116.72
C UNK K 148 -93.47 -123.20 117.00
N UNK K 149 -94.47 -123.89 116.46
CA UNK K 149 -94.53 -125.33 116.62
C UNK K 149 -93.43 -126.02 115.82
N UNK K 150 -92.98 -125.41 114.73
CA UNK K 150 -91.97 -126.02 113.90
C UNK K 150 -90.55 -125.76 114.38
N UNK K 151 -90.35 -124.78 115.22
CA UNK K 151 -89.02 -124.47 115.70
C UNK K 151 -88.83 -124.71 117.19
N UNK K 152 -89.85 -124.43 118.01
CA UNK K 152 -89.80 -124.66 119.44
C UNK K 152 -90.26 -126.05 119.82
N UNK K 153 -90.15 -127.01 118.90
CA UNK K 153 -90.45 -128.40 119.20
C UNK K 153 -89.21 -129.19 119.59
N UNK K 154 -88.02 -128.70 119.25
CA UNK K 154 -86.81 -129.36 119.71
C UNK K 154 -86.67 -129.26 121.22
N UNK K 155 -87.20 -128.19 121.81
CA UNK K 155 -87.31 -128.10 123.25
C UNK K 155 -88.54 -127.29 123.61
N UNK K 156 -62.00 -95.47 125.72
CA UNK K 156 -62.02 -95.22 124.29
C UNK K 156 -63.45 -95.11 123.78
N UNK K 157 -64.40 -95.45 124.62
CA UNK K 157 -65.78 -95.20 124.22
C UNK K 157 -66.59 -94.44 125.24
N UNK K 158 -66.40 -94.70 126.54
CA UNK K 158 -67.37 -94.19 127.50
C UNK K 158 -67.06 -92.77 127.96
N UNK K 159 -65.99 -92.63 128.76
CA UNK K 159 -65.66 -91.40 129.50
C UNK K 159 -66.86 -90.80 130.24
N UNK K 160 -67.81 -91.62 130.67
CA UNK K 160 -69.10 -91.12 131.10
C UNK K 160 -69.10 -90.86 132.59
N UNK K 161 -69.57 -89.68 132.96
CA UNK K 161 -69.67 -89.26 134.35
C UNK K 161 -71.12 -89.34 134.79
N UNK K 162 -71.31 -89.30 136.10
CA UNK K 162 -72.63 -89.50 136.67
C UNK K 162 -72.99 -88.30 137.55
N UNK K 163 -74.20 -88.37 138.09
CA UNK K 163 -74.66 -87.44 139.10
C UNK K 163 -75.78 -88.13 139.87
N UNK K 164 -76.14 -87.57 141.01
CA UNK K 164 -77.20 -88.12 141.83
C UNK K 164 -78.43 -87.23 141.89
N UNK K 165 -78.26 -85.98 142.36
CA UNK K 165 -79.26 -84.90 142.32
C UNK K 165 -80.57 -85.29 143.01
N UNK K 166 -80.48 -85.56 144.30
CA UNK K 166 -81.63 -85.99 145.07
C UNK K 166 -82.24 -84.80 145.83
N UNK K 167 -83.48 -85.00 146.28
CA UNK K 167 -84.23 -84.11 147.18
C UNK K 167 -84.40 -82.69 146.62
N UNK K 168 -85.26 -82.53 145.59
CA UNK K 168 -86.13 -83.56 144.99
C UNK K 168 -86.21 -83.47 143.46
N UNK K 169 -85.77 -82.36 142.87
CA UNK K 169 -86.02 -82.05 141.47
C UNK K 169 -84.71 -82.00 140.68
N UNK K 170 -84.79 -82.43 139.42
CA UNK K 170 -83.63 -82.72 138.59
C UNK K 170 -82.99 -81.46 138.05
N UNK K 171 -81.85 -81.64 137.37
CA UNK K 171 -81.18 -80.58 136.66
C UNK K 171 -81.15 -80.83 135.16
N UNK K 172 -80.55 -81.93 134.72
CA UNK K 172 -80.23 -82.13 133.32
C UNK K 172 -79.86 -83.60 133.11
N UNK K 173 -79.78 -83.99 131.84
CA UNK K 173 -79.37 -85.33 131.48
C UNK K 173 -78.46 -85.31 130.28
N UNK K 174 -77.48 -84.41 130.26
CA UNK K 174 -76.88 -84.02 128.99
C UNK K 174 -75.82 -85.02 128.55
N UNK K 175 -75.41 -84.92 127.29
CA UNK K 175 -74.45 -85.86 126.75
C UNK K 175 -73.62 -85.18 125.68
N UNK K 176 -72.31 -85.13 125.90
CA UNK K 176 -71.41 -84.55 124.92
C UNK K 176 -70.94 -85.67 124.00
N UNK K 177 -71.35 -85.60 122.73
CA UNK K 177 -71.08 -86.65 121.78
C UNK K 177 -70.09 -86.10 120.76
N UNK K 178 -68.86 -86.59 120.81
CA UNK K 178 -67.85 -86.13 119.87
C UNK K 178 -67.93 -87.00 118.63
N UNK K 179 -67.94 -86.36 117.45
CA UNK K 179 -67.87 -87.08 116.19
C UNK K 179 -66.40 -87.26 115.84
N UNK K 180 -66.11 -87.57 114.57
CA UNK K 180 -64.77 -87.96 114.14
C UNK K 180 -63.77 -86.82 114.26
N UNK K 181 -62.53 -87.13 113.90
CA UNK K 181 -61.40 -86.26 114.17
C UNK K 181 -60.95 -85.55 112.89
N UNK K 182 -60.45 -84.31 113.00
CA UNK K 182 -60.47 -83.40 114.16
C UNK K 182 -60.57 -81.97 113.62
N UNK K 183 -60.30 -81.00 114.50
CA UNK K 183 -60.05 -79.60 114.16
C UNK K 183 -61.24 -78.97 113.44
N UNK K 184 -62.35 -78.89 114.17
CA UNK K 184 -63.58 -78.35 113.62
C UNK K 184 -64.41 -77.80 114.77
N UNK K 185 -65.68 -77.54 114.50
CA UNK K 185 -66.52 -76.75 115.38
C UNK K 185 -67.26 -77.60 116.39
N UNK K 186 -68.20 -76.95 117.08
CA UNK K 186 -69.10 -77.61 118.00
C UNK K 186 -70.51 -77.18 117.67
N UNK K 187 -71.47 -77.99 118.08
CA UNK K 187 -72.88 -77.64 117.93
C UNK K 187 -73.64 -78.24 119.10
N UNK K 188 -74.39 -77.40 119.81
CA UNK K 188 -75.08 -77.80 121.02
C UNK K 188 -76.56 -77.99 120.69
N UNK K 189 -76.91 -79.18 120.25
CA UNK K 189 -78.30 -79.48 119.95
C UNK K 189 -79.05 -79.60 121.26
N UNK K 190 -79.89 -78.61 121.55
CA UNK K 190 -80.80 -78.72 122.69
C UNK K 190 -82.02 -79.47 122.17
N UNK K 191 -82.04 -80.78 122.42
CA UNK K 191 -83.18 -81.57 122.00
C UNK K 191 -84.38 -81.22 122.85
N UNK K 192 -85.53 -80.99 122.20
CA UNK K 192 -86.77 -80.89 122.94
C UNK K 192 -87.04 -82.23 123.59
N UNK K 193 -87.36 -83.23 122.77
CA UNK K 193 -87.11 -84.63 123.14
C UNK K 193 -86.78 -85.45 121.90
N UNK K 194 -86.42 -84.81 120.80
CA UNK K 194 -86.85 -85.19 119.45
C UNK K 194 -86.55 -86.60 118.98
N UNK K 195 -85.28 -86.93 118.76
CA UNK K 195 -84.82 -88.18 118.13
C UNK K 195 -85.55 -88.48 116.81
N UNK K 196 -85.80 -87.44 116.01
CA UNK K 196 -86.32 -87.61 114.67
C UNK K 196 -85.40 -87.01 113.62
N UNK K 197 -84.98 -85.76 113.80
CA UNK K 197 -83.92 -85.17 113.02
C UNK K 197 -82.57 -85.35 113.67
N UNK K 198 -82.44 -86.36 114.53
CA UNK K 198 -81.18 -86.61 115.21
C UNK K 198 -80.11 -86.99 114.20
N UNK K 199 -80.47 -87.87 113.27
CA UNK K 199 -79.54 -88.22 112.20
C UNK K 199 -79.31 -87.03 111.28
N UNK K 200 -80.28 -86.13 111.19
CA UNK K 200 -80.12 -84.95 110.35
C UNK K 200 -79.08 -84.02 110.93
N UNK K 201 -79.19 -83.72 112.21
CA UNK K 201 -78.18 -82.89 112.84
C UNK K 201 -76.85 -83.61 112.96
N UNK K 202 -76.85 -84.95 113.00
CA UNK K 202 -75.58 -85.66 113.00
C UNK K 202 -74.88 -85.51 111.66
N UNK K 203 -75.64 -85.61 110.57
CA UNK K 203 -75.03 -85.35 109.28
C UNK K 203 -74.72 -83.88 109.10
N UNK K 204 -75.36 -83.00 109.87
CA UNK K 204 -74.96 -81.61 109.85
C UNK K 204 -73.63 -81.42 110.55
N UNK K 205 -73.46 -82.03 111.71
CA UNK K 205 -72.22 -81.92 112.45
C UNK K 205 -71.13 -82.82 111.89
N UNK K 206 -71.43 -83.58 110.85
CA UNK K 206 -70.38 -84.25 110.09
C UNK K 206 -69.39 -83.28 109.50
N UNK K 207 -69.81 -82.05 109.22
CA UNK K 207 -68.86 -81.00 108.90
C UNK K 207 -68.17 -80.47 110.14
N UNK K 208 -68.73 -80.68 111.32
CA UNK K 208 -68.19 -80.16 112.56
C UNK K 208 -67.30 -81.21 113.26
N UNK K 209 -67.01 -81.00 114.55
CA UNK K 209 -66.26 -81.94 115.37
C UNK K 209 -67.05 -82.46 116.57
N UNK K 210 -67.71 -81.60 117.34
CA UNK K 210 -68.24 -82.02 118.62
C UNK K 210 -69.68 -81.56 118.78
N UNK K 211 -70.60 -82.50 118.91
CA UNK K 211 -71.97 -82.15 119.22
C UNK K 211 -72.21 -82.32 120.70
N UNK K 212 -73.28 -81.70 121.19
CA UNK K 212 -73.66 -81.85 122.58
C UNK K 212 -75.18 -81.84 122.67
N UNK K 213 -75.75 -82.93 123.15
CA UNK K 213 -77.19 -83.05 123.26
C UNK K 213 -77.64 -82.65 124.66
N UNK K 214 -78.67 -81.82 124.74
CA UNK K 214 -79.20 -81.39 126.02
C UNK K 214 -80.35 -82.31 126.43
N UNK K 215 -80.06 -83.18 127.40
CA UNK K 215 -80.92 -84.06 128.20
C UNK K 215 -81.50 -85.26 127.44
N UNK K 216 -81.64 -85.14 126.13
CA UNK K 216 -81.51 -86.17 125.12
C UNK K 216 -82.43 -87.39 125.20
N UNK K 217 -82.78 -87.84 126.40
CA UNK K 217 -83.95 -88.64 126.79
C UNK K 217 -84.28 -89.90 126.00
N UNK K 218 -83.92 -89.96 124.73
CA UNK K 218 -84.02 -91.18 123.93
C UNK K 218 -82.88 -91.19 122.93
N UNK K 219 -82.42 -89.99 122.58
CA UNK K 219 -81.45 -89.85 121.52
C UNK K 219 -80.09 -90.36 121.97
N UNK K 220 -79.65 -89.93 123.15
CA UNK K 220 -78.42 -90.47 123.69
C UNK K 220 -78.58 -91.93 124.08
N UNK K 221 -79.81 -92.36 124.40
CA UNK K 221 -80.06 -93.77 124.68
C UNK K 221 -79.78 -94.64 123.47
N UNK K 222 -80.40 -94.30 122.33
CA UNK K 222 -80.16 -95.05 121.10
C UNK K 222 -78.73 -94.86 120.59
N UNK K 223 -78.17 -93.67 120.81
CA UNK K 223 -76.79 -93.42 120.40
C UNK K 223 -75.82 -94.27 121.19
N UNK K 224 -76.03 -94.36 122.49
CA UNK K 224 -75.19 -95.19 123.33
C UNK K 224 -75.41 -96.65 123.01
N UNK K 225 -76.64 -97.02 122.65
CA UNK K 225 -76.93 -98.39 122.27
C UNK K 225 -76.14 -98.79 121.04
N UNK K 226 -76.06 -97.90 120.06
CA UNK K 226 -75.22 -98.18 118.91
C UNK K 226 -73.75 -98.20 119.29
N UNK K 227 -73.33 -97.19 120.05
CA UNK K 227 -71.91 -96.99 120.30
C UNK K 227 -71.31 -98.08 121.16
N UNK K 228 -72.12 -98.71 122.00
CA UNK K 228 -71.60 -99.77 122.86
C UNK K 228 -71.40 -101.05 122.08
N UNK K 229 -72.48 -101.58 121.53
CA UNK K 229 -72.38 -102.89 120.91
C UNK K 229 -71.90 -102.83 119.46
N UNK K 230 -71.53 -101.65 118.97
CA UNK K 230 -71.09 -101.49 117.58
C UNK K 230 -69.88 -102.34 117.22
N UNK K 231 -68.73 -102.06 117.82
CA UNK K 231 -67.55 -102.87 117.52
C UNK K 231 -67.65 -104.27 118.08
N UNK K 232 -68.50 -104.47 119.09
CA UNK K 232 -68.73 -105.79 119.66
C UNK K 232 -69.37 -106.73 118.65
N UNK K 233 -70.59 -106.40 118.25
CA UNK K 233 -71.30 -107.25 117.30
C UNK K 233 -70.84 -107.03 115.88
N UNK K 234 -69.99 -106.03 115.64
CA UNK K 234 -69.56 -105.71 114.29
C UNK K 234 -68.70 -106.82 113.69
N UNK K 235 -68.03 -107.59 114.53
CA UNK K 235 -67.32 -108.78 114.08
C UNK K 235 -68.25 -109.95 113.76
N UNK K 236 -69.56 -109.76 113.89
CA UNK K 236 -70.53 -110.74 113.42
C UNK K 236 -71.26 -110.27 112.17
N UNK K 237 -71.76 -109.03 112.18
CA UNK K 237 -72.42 -108.37 111.05
C UNK K 237 -73.65 -109.16 110.56
N UNK K 238 -74.67 -109.22 111.41
CA UNK K 238 -75.83 -110.06 111.18
C UNK K 238 -77.09 -109.25 110.98
N UNK K 239 -78.13 -109.91 110.47
CA UNK K 239 -79.47 -109.35 110.26
C UNK K 239 -80.51 -110.32 110.80
N UNK K 240 -81.75 -109.87 110.90
CA UNK K 240 -82.73 -110.66 111.64
C UNK K 240 -84.12 -110.45 111.09
N UNK K 241 -85.10 -111.04 111.79
CA UNK K 241 -86.51 -110.95 111.42
C UNK K 241 -87.32 -111.28 112.67
N UNK K 242 -88.01 -110.29 113.21
CA UNK K 242 -88.62 -110.38 114.53
C UNK K 242 -90.13 -110.42 114.40
N UNK K 243 -90.73 -111.56 114.76
CA UNK K 243 -92.18 -111.69 114.80
C UNK K 243 -92.53 -112.11 116.23
N UNK K 244 -92.62 -111.13 117.12
CA UNK K 244 -92.65 -111.40 118.55
C UNK K 244 -94.08 -111.40 119.06
N UNK K 245 -94.43 -112.43 119.81
CA UNK K 245 -95.77 -112.61 120.36
C UNK K 245 -95.95 -111.65 121.52
N UNK K 246 -96.22 -110.40 121.19
CA UNK K 246 -96.16 -109.32 122.18
C UNK K 246 -97.31 -109.41 123.15
N UNK K 247 -97.13 -110.23 124.19
CA UNK K 247 -98.13 -110.47 125.21
C UNK K 247 -97.78 -109.84 126.54
N UNK K 248 -96.52 -109.51 126.78
CA UNK K 248 -96.11 -108.79 127.99
C UNK K 248 -95.98 -107.31 127.70
N UNK K 249 -96.90 -106.76 126.90
CA UNK K 249 -96.75 -105.47 126.26
C UNK K 249 -96.77 -104.37 127.30
N UNK K 250 -95.58 -103.94 127.68
CA UNK K 250 -95.33 -102.89 128.63
C UNK K 250 -94.02 -102.24 128.19
N UNK K 251 -93.37 -101.53 129.09
CA UNK K 251 -92.08 -100.94 128.77
C UNK K 251 -91.04 -101.99 128.45
N UNK K 252 -90.33 -101.81 127.35
CA UNK K 252 -89.22 -102.66 127.01
C UNK K 252 -87.96 -102.13 127.68
N UNK K 253 -86.79 -102.62 127.28
CA UNK K 253 -85.58 -102.33 128.01
C UNK K 253 -84.52 -101.73 127.10
N UNK K 254 -83.36 -101.47 127.69
CA UNK K 254 -82.29 -100.70 127.07
C UNK K 254 -80.97 -101.22 127.63
N UNK K 255 -79.92 -100.42 127.50
CA UNK K 255 -78.59 -100.77 128.00
C UNK K 255 -77.98 -99.62 128.79
N UNK K 256 -78.76 -99.06 129.71
CA UNK K 256 -78.27 -98.01 130.59
C UNK K 256 -77.28 -98.54 131.60
N UNK K 257 -94.24 -115.59 124.84
CA UNK K 257 -92.95 -115.68 124.15
C UNK K 257 -92.73 -114.45 123.30
N UNK K 258 -91.53 -114.30 122.75
CA UNK K 258 -91.25 -113.23 121.80
C UNK K 258 -90.34 -113.80 120.72
N UNK K 259 -90.91 -114.23 119.61
CA UNK K 259 -90.16 -114.96 118.60
C UNK K 259 -89.41 -114.00 117.68
N UNK K 260 -88.12 -114.27 117.48
CA UNK K 260 -87.33 -113.58 116.50
C UNK K 260 -86.34 -114.55 115.92
N UNK K 261 -86.34 -114.70 114.61
CA UNK K 261 -85.41 -115.56 113.91
C UNK K 261 -84.37 -114.66 113.25
N UNK K 262 -83.13 -114.80 113.67
CA UNK K 262 -82.03 -114.04 113.08
C UNK K 262 -81.36 -114.88 112.01
N UNK K 263 -81.06 -114.25 110.89
CA UNK K 263 -80.48 -114.95 109.76
C UNK K 263 -79.44 -114.03 109.16
N UNK K 264 -78.16 -114.41 109.25
CA UNK K 264 -77.12 -113.61 108.62
C UNK K 264 -77.23 -113.80 107.12
N UNK K 265 -78.04 -112.96 106.46
CA UNK K 265 -78.58 -113.28 105.15
C UNK K 265 -77.52 -113.20 104.06
N UNK K 266 -76.60 -114.14 104.08
CA UNK K 266 -75.51 -114.14 103.13
C UNK K 266 -75.37 -115.45 102.38
N UNK K 267 -75.58 -116.59 103.03
CA UNK K 267 -75.17 -117.86 102.43
C UNK K 267 -75.94 -119.01 103.08
N UNK K 268 -75.40 -120.22 102.91
CA UNK K 268 -75.92 -121.48 103.43
C UNK K 268 -74.90 -122.09 104.39
N UNK K 269 -75.32 -122.91 105.37
CA UNK K 269 -76.70 -123.30 105.70
C UNK K 269 -77.04 -123.49 107.19
N UNK K 270 -76.09 -123.27 108.10
CA UNK K 270 -76.23 -123.80 109.46
C UNK K 270 -77.29 -123.04 110.26
N UNK K 271 -77.97 -123.76 111.16
CA UNK K 271 -79.08 -123.22 111.93
C UNK K 271 -78.99 -123.64 113.39
N UNK K 272 -79.60 -122.84 114.27
CA UNK K 272 -79.61 -123.13 115.71
C UNK K 272 -80.87 -122.55 116.33
N UNK K 273 -81.04 -122.79 117.63
CA UNK K 273 -82.21 -122.28 118.35
C UNK K 273 -81.92 -122.22 119.85
N UNK K 274 -82.55 -121.28 120.53
CA UNK K 274 -82.46 -121.13 121.98
C UNK K 274 -83.61 -120.27 122.49
N UNK K 275 -83.67 -120.12 123.83
CA UNK K 275 -84.53 -119.20 124.59
C UNK K 275 -84.17 -119.30 126.08
N UNK K 276 -84.29 -118.25 126.91
CA UNK K 276 -84.55 -116.83 126.60
C UNK K 276 -83.88 -115.92 127.64
N UNK K 277 -82.62 -115.51 127.43
CA UNK K 277 -81.97 -114.81 128.53
C UNK K 277 -80.95 -113.74 128.16
N UNK K 278 -80.92 -113.23 126.92
CA UNK K 278 -80.06 -112.13 126.46
C UNK K 278 -78.55 -112.39 126.51
N UNK K 279 -78.13 -113.56 126.96
CA UNK K 279 -76.72 -113.92 126.96
C UNK K 279 -76.28 -114.47 125.64
N UNK K 280 -77.19 -114.56 124.68
CA UNK K 280 -76.95 -115.28 123.45
C UNK K 280 -76.20 -114.46 122.44
N UNK K 281 -75.50 -113.40 122.82
CA UNK K 281 -74.54 -112.83 121.90
C UNK K 281 -73.39 -113.78 121.65
N UNK K 282 -73.05 -114.62 122.64
CA UNK K 282 -72.04 -115.65 122.41
C UNK K 282 -72.55 -116.72 121.45
N UNK K 283 -73.80 -117.16 121.65
CA UNK K 283 -74.40 -118.08 120.71
C UNK K 283 -74.55 -117.46 119.34
N UNK K 284 -74.78 -116.15 119.30
CA UNK K 284 -74.83 -115.44 118.02
C UNK K 284 -73.47 -115.37 117.38
N UNK K 285 -72.41 -115.30 118.17
CA UNK K 285 -71.07 -115.38 117.62
C UNK K 285 -70.82 -116.77 117.04
N UNK K 286 -71.33 -117.79 117.72
CA UNK K 286 -71.22 -119.15 117.19
C UNK K 286 -71.99 -119.28 115.88
N UNK K 287 -73.17 -118.70 115.81
CA UNK K 287 -73.98 -118.79 114.61
C UNK K 287 -73.37 -117.96 113.49
N UNK K 288 -72.75 -116.82 113.83
CA UNK K 288 -72.11 -116.01 112.81
C UNK K 288 -70.86 -116.68 112.29
N UNK K 289 -70.23 -117.52 113.11
CA UNK K 289 -69.25 -118.44 112.57
C UNK K 289 -69.93 -119.49 111.71
N UNK K 290 -71.15 -119.86 112.07
CA UNK K 290 -71.74 -121.07 111.54
C UNK K 290 -72.36 -120.89 110.15
N UNK K 291 -72.93 -119.71 109.85
CA UNK K 291 -73.58 -119.43 108.57
C UNK K 291 -74.77 -120.34 108.27
N UNK K 292 -75.97 -120.04 108.78
CA UNK K 292 -76.36 -118.65 108.99
C UNK K 292 -77.28 -118.20 110.13
N UNK K 293 -78.01 -119.10 110.79
CA UNK K 293 -79.23 -118.66 111.44
C UNK K 293 -79.35 -119.14 112.88
N UNK K 294 -80.11 -118.39 113.65
CA UNK K 294 -80.42 -118.72 115.02
C UNK K 294 -81.83 -118.25 115.35
N UNK K 295 -82.64 -119.12 115.89
CA UNK K 295 -83.96 -118.73 116.32
C UNK K 295 -83.98 -118.51 117.82
N UNK K 296 -84.80 -117.56 118.26
CA UNK K 296 -84.94 -117.36 119.69
C UNK K 296 -86.36 -116.91 119.98
N UNK K 297 -86.81 -117.17 121.20
CA UNK K 297 -88.09 -116.66 121.68
C UNK K 297 -87.81 -116.01 123.02
N UNK K 298 -87.36 -114.78 122.96
CA UNK K 298 -86.92 -114.04 124.14
C UNK K 298 -88.06 -113.25 124.73
N UNK K 299 -87.75 -112.44 125.74
CA UNK K 299 -88.72 -111.57 126.41
C UNK K 299 -88.35 -110.10 126.29
N UNK K 300 -87.09 -109.75 126.54
CA UNK K 300 -86.64 -108.37 126.34
C UNK K 300 -85.23 -108.33 125.77
N UNK K 301 -84.87 -109.32 124.96
CA UNK K 301 -83.53 -109.48 124.44
C UNK K 301 -83.43 -109.26 122.95
N UNK K 302 -84.37 -109.84 122.19
CA UNK K 302 -84.35 -109.76 120.74
C UNK K 302 -84.59 -108.34 120.26
N UNK K 303 -85.34 -107.56 121.02
CA UNK K 303 -85.50 -106.15 120.71
C UNK K 303 -84.15 -105.42 120.79
N UNK K 304 -83.32 -105.77 121.77
CA UNK K 304 -82.02 -105.13 121.87
C UNK K 304 -81.10 -105.59 120.75
N UNK K 305 -81.20 -106.85 120.37
CA UNK K 305 -80.40 -107.33 119.24
C UNK K 305 -80.83 -106.67 117.94
N UNK K 306 -82.13 -106.44 117.77
CA UNK K 306 -82.60 -105.77 116.55
C UNK K 306 -82.25 -104.29 116.55
N UNK K 307 -82.23 -103.67 117.73
CA UNK K 307 -81.73 -102.30 117.85
C UNK K 307 -80.27 -102.22 117.48
N UNK K 308 -79.51 -103.27 117.78
CA UNK K 308 -78.13 -103.30 117.32
C UNK K 308 -78.06 -103.48 115.81
N UNK K 309 -78.90 -104.35 115.27
CA UNK K 309 -78.73 -104.78 113.89
C UNK K 309 -79.30 -103.80 112.88
N UNK K 310 -80.37 -103.10 113.20
CA UNK K 310 -80.96 -102.15 112.27
C UNK K 310 -80.34 -100.78 112.40
N UNK K 311 -79.13 -100.68 112.95
CA UNK K 311 -78.48 -99.38 113.06
C UNK K 311 -77.87 -99.00 111.71
N UNK K 312 -76.85 -99.77 111.28
CA UNK K 312 -76.06 -99.51 110.07
C UNK K 312 -75.61 -98.06 109.96
N UNK K 313 -75.22 -97.47 111.10
CA UNK K 313 -74.92 -96.05 111.18
C UNK K 313 -73.46 -95.81 110.81
N UNK K 314 -73.14 -96.18 109.58
CA UNK K 314 -71.88 -95.81 108.97
C UNK K 314 -71.96 -94.47 108.29
N UNK K 315 -72.85 -93.58 108.77
CA UNK K 315 -72.78 -92.18 108.42
C UNK K 315 -71.41 -91.72 108.89
N UNK K 316 -71.18 -91.63 110.20
CA UNK K 316 -69.79 -91.80 110.60
C UNK K 316 -69.55 -92.79 111.75
N UNK K 317 -69.89 -92.35 112.96
CA UNK K 317 -69.42 -92.93 114.22
C UNK K 317 -69.95 -92.13 115.39
N UNK K 318 -69.55 -92.50 116.62
CA UNK K 318 -69.63 -91.62 117.78
C UNK K 318 -68.66 -92.12 118.84
N UNK K 319 -67.99 -91.19 119.51
CA UNK K 319 -67.18 -91.50 120.69
C UNK K 319 -67.76 -90.68 121.83
N UNK K 320 -68.79 -91.22 122.48
CA UNK K 320 -69.68 -90.41 123.28
C UNK K 320 -69.07 -90.10 124.64
N UNK K 321 -69.79 -89.28 125.40
CA UNK K 321 -69.61 -89.12 126.84
C UNK K 321 -70.89 -88.54 127.40
N UNK K 322 -71.21 -88.87 128.64
CA UNK K 322 -72.51 -88.52 129.18
C UNK K 322 -72.37 -87.88 130.55
N UNK K 323 -73.47 -87.26 131.00
CA UNK K 323 -73.68 -86.93 132.40
C UNK K 323 -75.21 -86.83 132.54
N UNK K 324 -75.83 -87.89 133.05
CA UNK K 324 -77.26 -88.06 132.79
C UNK K 324 -78.13 -88.01 134.03
N UNK K 325 -77.94 -88.90 134.99
CA UNK K 325 -78.68 -88.97 136.25
C UNK K 325 -80.21 -89.07 136.17
N UNK K 326 -80.82 -89.40 135.02
CA UNK K 326 -82.28 -89.41 134.97
C UNK K 326 -82.85 -90.18 133.78
N UNK K 327 -84.00 -90.83 134.04
CA UNK K 327 -85.17 -90.86 133.16
C UNK K 327 -84.90 -91.44 131.77
N UNK K 328 -84.75 -92.77 131.71
CA UNK K 328 -84.71 -93.44 130.41
C UNK K 328 -85.29 -94.86 130.52
N UNK K 329 -86.54 -95.06 130.08
CA UNK K 329 -87.03 -96.42 129.85
C UNK K 329 -87.50 -96.68 128.42
N UNK K 330 -88.64 -96.09 128.00
CA UNK K 330 -89.09 -95.74 126.65
C UNK K 330 -88.68 -96.62 125.46
N UNK K 331 -89.00 -97.92 125.44
CA UNK K 331 -88.47 -98.77 124.38
C UNK K 331 -89.51 -99.70 123.74
N UNK K 332 -90.79 -99.45 123.97
CA UNK K 332 -91.86 -100.21 123.33
C UNK K 332 -92.41 -99.50 122.11
N UNK K 333 -91.57 -98.76 121.40
CA UNK K 333 -92.05 -97.77 120.46
C UNK K 333 -91.91 -98.24 119.02
N UNK K 334 -92.61 -97.53 118.14
CA UNK K 334 -92.60 -97.79 116.72
C UNK K 334 -92.77 -96.46 116.00
N UNK K 335 -91.99 -96.22 114.95
CA UNK K 335 -91.01 -97.16 114.45
C UNK K 335 -89.60 -96.91 114.92
N UNK K 336 -89.04 -95.77 114.49
CA UNK K 336 -87.63 -95.38 114.66
C UNK K 336 -86.64 -96.42 114.15
N UNK K 337 -87.10 -97.37 113.35
CA UNK K 337 -86.41 -98.61 113.03
C UNK K 337 -87.28 -99.31 111.99
N UNK K 338 -86.90 -100.53 111.63
CA UNK K 338 -87.68 -101.32 110.70
C UNK K 338 -87.46 -102.80 110.97
N UNK K 339 -88.08 -103.63 110.15
CA UNK K 339 -87.83 -105.07 110.13
C UNK K 339 -88.04 -105.55 108.71
N UNK K 340 -87.17 -106.45 108.26
CA UNK K 340 -87.10 -106.77 106.84
C UNK K 340 -88.29 -107.57 106.39
N UNK K 341 -88.47 -108.77 106.92
CA UNK K 341 -89.67 -109.53 106.71
C UNK K 341 -90.00 -110.20 108.03
N UNK K 342 -91.18 -110.84 108.06
CA UNK K 342 -91.72 -111.52 109.24
C UNK K 342 -91.76 -110.59 110.43
N UNK K 343 -92.44 -109.47 110.26
CA UNK K 343 -92.45 -108.41 111.26
C UNK K 343 -93.81 -108.39 111.93
N UNK K 344 -93.97 -109.22 112.96
CA UNK K 344 -95.24 -109.35 113.66
C UNK K 344 -95.01 -109.17 115.15
N UNK K 345 -95.00 -107.92 115.58
CA UNK K 345 -95.06 -107.59 117.00
C UNK K 345 -96.49 -107.11 117.25
N UNK K 346 -97.21 -107.82 118.10
CA UNK K 346 -98.61 -107.50 118.34
C UNK K 346 -98.73 -106.27 119.22
N UNK K 347 -99.98 -105.84 119.45
CA UNK K 347 -100.25 -104.70 120.32
C UNK K 347 -101.67 -104.83 120.86
N UNK K 348 -101.79 -105.31 122.09
CA UNK K 348 -103.06 -105.48 122.82
C UNK K 348 -104.09 -106.25 121.99
N UNK K 349 -103.71 -107.47 121.65
CA UNK K 349 -104.43 -108.38 120.73
C UNK K 349 -104.66 -107.73 119.36
N UNK K 350 -103.58 -107.21 118.78
CA UNK K 350 -103.62 -106.67 117.42
C UNK K 350 -103.65 -107.79 116.40
N UNK K 351 -105.28 -102.44 41.61
CA UNK K 351 -106.62 -102.64 41.08
C UNK K 351 -107.03 -101.60 40.05
N UNK K 352 -116.35 -95.33 36.65
CA UNK K 352 -116.74 -93.93 36.78
C UNK K 352 -116.36 -93.13 35.55
N UNK K 353 -115.75 -91.95 35.78
CA UNK K 353 -115.66 -90.88 34.80
C UNK K 353 -117.03 -90.61 34.19
N UNK K 354 -117.94 -90.20 35.05
CA UNK K 354 -119.31 -89.93 34.64
C UNK K 354 -119.40 -88.53 34.05
N UNK K 355 -120.15 -88.43 32.95
CA UNK K 355 -120.35 -87.15 32.27
C UNK K 355 -121.56 -86.41 32.80
N UNK K 356 -122.75 -87.00 32.68
CA UNK K 356 -124.01 -86.32 32.99
C UNK K 356 -125.01 -87.24 33.69
N UNK K 357 -124.56 -87.95 34.72
CA UNK K 357 -125.31 -89.00 35.37
C UNK K 357 -125.65 -88.60 36.80
N UNK K 358 -125.97 -89.58 37.64
CA UNK K 358 -126.48 -89.46 39.01
C UNK K 358 -125.73 -88.51 39.96
N UNK K 359 -124.54 -88.03 39.56
CA UNK K 359 -123.90 -86.83 40.11
C UNK K 359 -123.45 -86.88 41.57
N UNK K 360 -122.33 -87.56 41.82
CA UNK K 360 -121.42 -87.26 42.94
C UNK K 360 -121.97 -87.68 44.32
N UNK K 361 -122.34 -88.94 44.45
CA UNK K 361 -122.26 -89.65 45.72
C UNK K 361 -121.46 -90.90 45.43
N UNK K 362 -121.66 -91.43 44.23
CA UNK K 362 -120.77 -92.45 43.71
C UNK K 362 -119.37 -91.91 43.51
N UNK K 363 -119.23 -90.61 43.29
CA UNK K 363 -117.91 -90.00 43.27
C UNK K 363 -117.25 -90.05 44.63
N UNK K 364 -118.02 -89.81 45.70
CA UNK K 364 -117.47 -89.97 47.03
C UNK K 364 -117.07 -91.41 47.27
N UNK K 365 -117.86 -92.34 46.75
CA UNK K 365 -117.50 -93.75 46.82
C UNK K 365 -116.22 -94.05 46.05
N UNK K 366 -116.00 -93.38 44.92
CA UNK K 366 -114.78 -93.62 44.16
C UNK K 366 -113.57 -93.06 44.86
N UNK K 367 -113.73 -91.90 45.50
CA UNK K 367 -112.65 -91.31 46.27
C UNK K 367 -112.28 -92.20 47.44
N UNK K 368 -113.28 -92.74 48.12
CA UNK K 368 -112.99 -93.68 49.19
C UNK K 368 -112.41 -94.98 48.68
N UNK K 369 -112.79 -95.38 47.46
CA UNK K 369 -112.25 -96.60 46.87
C UNK K 369 -110.77 -96.46 46.61
N UNK K 370 -110.36 -95.36 45.98
CA UNK K 370 -108.93 -95.18 45.75
C UNK K 370 -108.19 -94.89 47.05
N UNK K 371 -108.87 -94.29 48.02
CA UNK K 371 -108.26 -94.07 49.32
C UNK K 371 -107.92 -95.38 50.00
N UNK K 372 -108.83 -96.34 49.94
CA UNK K 372 -108.52 -97.67 50.43
C UNK K 372 -107.63 -98.44 49.48
N UNK K 373 -107.50 -97.99 48.25
CA UNK K 373 -106.56 -98.62 47.35
C UNK K 373 -105.14 -98.16 47.60
N UNK K 374 -104.94 -97.04 48.28
CA UNK K 374 -103.57 -96.65 48.58
C UNK K 374 -103.08 -97.33 49.85
N UNK K 375 -103.65 -96.97 51.01
CA UNK K 375 -103.24 -97.57 52.28
C UNK K 375 -104.27 -97.32 53.37
N UNK K 376 -104.97 -98.37 53.81
CA UNK K 376 -105.68 -98.32 55.10
C UNK K 376 -105.75 -99.75 55.64
N UNK K 377 -104.71 -100.16 56.39
CA UNK K 377 -104.52 -101.56 56.77
C UNK K 377 -103.38 -101.76 57.77
N UNK K 378 -102.97 -103.03 57.88
CA UNK K 378 -101.65 -103.63 58.19
C UNK K 378 -101.18 -103.87 59.62
N UNK K 379 -101.94 -103.54 60.67
CA UNK K 379 -102.09 -104.33 61.90
C UNK K 379 -100.93 -105.20 62.40
N UNK K 380 -99.71 -104.67 62.46
CA UNK K 380 -98.54 -105.47 62.82
C UNK K 380 -98.40 -105.65 64.33
N UNK K 381 -97.23 -106.10 64.82
CA UNK K 381 -97.07 -106.21 66.28
C UNK K 381 -95.61 -105.96 66.67
N UNK K 382 -95.27 -104.69 66.89
CA UNK K 382 -94.21 -104.32 67.83
C UNK K 382 -94.51 -103.04 68.62
N UNK K 383 -95.04 -102.04 67.94
CA UNK K 383 -94.90 -100.66 68.39
C UNK K 383 -96.09 -99.84 67.93
N UNK K 384 -96.33 -98.73 68.62
CA UNK K 384 -97.60 -98.02 68.53
C UNK K 384 -97.36 -96.52 68.54
N UNK K 385 -98.44 -95.74 68.77
CA UNK K 385 -98.39 -94.28 68.78
C UNK K 385 -99.25 -93.63 69.85
N UNK K 386 -99.89 -94.38 70.74
CA UNK K 386 -100.82 -93.80 71.72
C UNK K 386 -100.70 -94.57 73.02
N UNK K 387 -99.97 -94.00 73.97
CA UNK K 387 -99.53 -94.70 75.18
C UNK K 387 -99.91 -93.95 76.44
N UNK K 388 -101.17 -93.54 76.55
CA UNK K 388 -101.70 -93.03 77.80
C UNK K 388 -102.20 -94.20 78.65
N UNK K 389 -101.24 -94.99 79.11
CA UNK K 389 -101.50 -96.29 79.71
C UNK K 389 -101.00 -96.37 81.14
N UNK K 390 -101.12 -95.27 81.87
CA UNK K 390 -101.14 -95.30 83.31
C UNK K 390 -102.57 -95.27 83.83
N UNK K 391 -103.49 -95.84 83.06
CA UNK K 391 -104.86 -96.05 83.48
C UNK K 391 -105.31 -97.38 82.91
N UNK K 392 -105.68 -98.32 83.79
CA UNK K 392 -105.94 -99.70 83.38
C UNK K 392 -107.09 -100.29 84.19
N UNK K 393 -108.30 -100.26 83.61
CA UNK K 393 -109.46 -100.91 84.20
C UNK K 393 -110.13 -101.86 83.21
N UNK K 394 -109.39 -102.35 82.24
CA UNK K 394 -109.88 -103.11 81.10
C UNK K 394 -109.28 -104.51 81.14
N UNK K 395 -109.45 -105.27 80.05
CA UNK K 395 -109.01 -106.67 80.03
C UNK K 395 -108.46 -107.06 78.66
N UNK K 396 -107.18 -107.44 78.60
CA UNK K 396 -106.59 -108.04 77.41
C UNK K 396 -106.70 -109.56 77.53
N UNK K 397 -106.14 -110.31 76.58
CA UNK K 397 -106.10 -111.76 76.71
C UNK K 397 -104.68 -112.31 76.71
N UNK K 398 -103.88 -112.01 75.70
CA UNK K 398 -102.59 -112.67 75.55
C UNK K 398 -101.52 -111.64 75.22
N UNK K 399 -100.29 -112.11 75.05
CA UNK K 399 -99.15 -111.29 74.70
C UNK K 399 -98.10 -112.20 74.09
N UNK K 400 -96.88 -111.67 73.96
CA UNK K 400 -95.75 -112.45 73.49
C UNK K 400 -94.49 -111.77 74.02
N UNK K 401 -93.32 -112.22 73.54
CA UNK K 401 -92.04 -111.71 74.01
C UNK K 401 -90.96 -112.13 73.04
N UNK K 402 -89.76 -111.63 73.28
CA UNK K 402 -88.56 -112.05 72.56
C UNK K 402 -87.33 -111.60 73.35
N UNK K 403 -86.19 -111.70 72.70
CA UNK K 403 -84.94 -111.06 73.09
C UNK K 403 -84.18 -110.80 71.79
N UNK K 404 -82.88 -110.60 71.87
CA UNK K 404 -82.08 -110.41 70.67
C UNK K 404 -81.21 -111.62 70.41
N UNK K 405 -81.74 -112.80 70.65
CA UNK K 405 -80.91 -113.98 70.83
C UNK K 405 -81.66 -115.23 70.37
N UNK K 406 -81.20 -116.40 70.82
CA UNK K 406 -81.74 -117.69 70.43
C UNK K 406 -81.40 -118.73 71.49
N UNK K 407 -82.27 -119.74 71.70
CA UNK K 407 -83.64 -119.89 71.17
C UNK K 407 -84.69 -120.55 72.09
N UNK K 408 -84.46 -120.72 73.40
CA UNK K 408 -85.35 -121.53 74.24
C UNK K 408 -86.71 -120.86 74.44
N UNK K 409 -87.64 -121.52 75.12
CA UNK K 409 -89.00 -120.98 75.19
C UNK K 409 -89.81 -121.54 76.34
N UNK K 410 -90.83 -120.77 76.74
CA UNK K 410 -91.79 -121.18 77.76
C UNK K 410 -93.11 -120.43 77.57
N UNK K 411 -94.10 -120.82 78.36
CA UNK K 411 -95.42 -120.20 78.28
C UNK K 411 -96.16 -120.38 79.60
N UNK K 412 -96.97 -119.38 79.95
CA UNK K 412 -97.60 -119.28 81.25
C UNK K 412 -98.93 -118.55 81.12
N UNK K 413 -99.77 -118.63 82.15
CA UNK K 413 -101.07 -117.97 82.13
C UNK K 413 -101.63 -117.83 83.54
N UNK K 414 -101.80 -116.60 84.02
CA UNK K 414 -102.47 -116.27 85.27
C UNK K 414 -102.86 -114.80 85.23
N UNK K 415 -103.08 -114.18 86.38
CA UNK K 415 -103.02 -112.72 86.47
C UNK K 415 -101.55 -112.27 86.44
N UNK K 416 -101.30 -110.98 86.64
CA UNK K 416 -99.98 -110.45 86.30
C UNK K 416 -98.98 -110.51 87.45
N UNK K 417 -97.79 -109.97 87.17
CA UNK K 417 -96.74 -109.47 88.04
C UNK K 417 -95.89 -110.55 88.69
N UNK K 418 -96.24 -111.82 88.58
CA UNK K 418 -95.23 -112.83 88.82
C UNK K 418 -94.36 -113.05 87.61
N UNK K 419 -94.75 -112.44 86.50
CA UNK K 419 -94.12 -112.71 85.22
C UNK K 419 -92.72 -112.20 85.14
N UNK K 420 -92.34 -111.24 85.98
CA UNK K 420 -91.00 -110.69 85.88
C UNK K 420 -89.94 -111.70 86.30
N UNK K 421 -90.26 -112.55 87.28
CA UNK K 421 -89.31 -113.57 87.70
C UNK K 421 -89.11 -114.61 86.63
N UNK K 422 -90.21 -115.05 86.01
CA UNK K 422 -90.08 -115.98 84.90
C UNK K 422 -89.43 -115.32 83.70
N UNK K 423 -89.61 -114.01 83.55
CA UNK K 423 -88.98 -113.29 82.44
C UNK K 423 -87.48 -113.26 82.60
N UNK K 424 -87.01 -112.99 83.82
CA UNK K 424 -85.58 -113.02 84.03
C UNK K 424 -85.06 -114.44 84.00
N UNK K 425 -85.91 -115.42 84.33
CA UNK K 425 -85.51 -116.81 84.15
C UNK K 425 -85.32 -117.13 82.68
N UNK K 426 -86.19 -116.60 81.83
CA UNK K 426 -86.07 -116.87 80.41
C UNK K 426 -84.88 -116.14 79.82
N UNK K 427 -84.65 -114.91 80.26
CA UNK K 427 -83.50 -114.17 79.76
C UNK K 427 -82.20 -114.77 80.26
N UNK K 428 -82.24 -115.42 81.42
CA UNK K 428 -81.09 -116.20 81.86
C UNK K 428 -80.94 -117.46 81.03
N UNK K 429 -82.06 -118.02 80.58
CA UNK K 429 -81.98 -119.17 79.70
C UNK K 429 -81.68 -118.79 78.26
N UNK K 430 -81.63 -117.48 77.95
CA UNK K 430 -81.42 -116.94 76.61
C UNK K 430 -82.51 -117.41 75.65
N UNK K 431 -83.72 -116.93 75.91
CA UNK K 431 -84.91 -117.60 75.44
C UNK K 431 -85.86 -116.58 74.84
N UNK K 432 -87.11 -117.00 74.64
CA UNK K 432 -88.17 -116.14 74.13
C UNK K 432 -89.47 -116.67 74.70
N UNK K 433 -90.04 -115.94 75.67
CA UNK K 433 -91.18 -116.43 76.40
C UNK K 433 -92.48 -116.08 75.69
N UNK K 434 -93.60 -116.55 76.26
CA UNK K 434 -94.90 -116.01 75.91
C UNK K 434 -95.70 -115.83 77.18
N UNK K 435 -96.99 -115.53 77.05
CA UNK K 435 -97.88 -115.44 78.19
C UNK K 435 -99.31 -115.52 77.67
N UNK K 436 -100.24 -115.63 78.61
CA UNK K 436 -101.66 -115.49 78.26
C UNK K 436 -102.36 -114.91 79.48
N UNK K 437 -102.49 -113.59 79.51
CA UNK K 437 -102.69 -112.97 80.81
C UNK K 437 -103.16 -111.54 80.68
N UNK K 438 -103.63 -111.01 81.81
CA UNK K 438 -103.99 -109.61 81.96
C UNK K 438 -102.86 -108.87 82.66
N UNK K 439 -102.68 -107.61 82.26
CA UNK K 439 -101.83 -106.59 82.90
C UNK K 439 -100.33 -106.87 82.86
N UNK K 440 -99.94 -108.07 82.43
CA UNK K 440 -98.54 -108.27 82.06
C UNK K 440 -98.20 -107.46 80.82
N UNK K 441 -99.16 -107.35 79.89
CA UNK K 441 -99.01 -106.50 78.73
C UNK K 441 -98.95 -105.03 79.11
N UNK K 442 -99.54 -104.65 80.24
CA UNK K 442 -99.30 -103.30 80.74
C UNK K 442 -97.88 -103.15 81.22
N UNK K 443 -97.42 -104.14 82.00
CA UNK K 443 -96.11 -104.06 82.65
C UNK K 443 -94.99 -103.92 81.63
N UNK K 444 -94.95 -104.82 80.66
CA UNK K 444 -93.83 -104.82 79.72
C UNK K 444 -93.87 -103.60 78.80
N UNK K 445 -95.07 -103.19 78.40
CA UNK K 445 -95.17 -102.06 77.48
C UNK K 445 -94.78 -100.76 78.15
N UNK K 446 -95.20 -100.57 79.39
CA UNK K 446 -94.76 -99.36 80.08
C UNK K 446 -93.30 -99.44 80.44
N UNK K 447 -92.74 -100.64 80.58
CA UNK K 447 -91.30 -100.72 80.77
C UNK K 447 -90.54 -100.42 79.49
N UNK K 448 -91.20 -100.53 78.33
CA UNK K 448 -90.55 -100.24 77.06
C UNK K 448 -90.72 -98.79 76.61
N UNK K 449 -90.83 -97.85 77.54
CA UNK K 449 -90.80 -96.45 77.15
C UNK K 449 -89.36 -96.01 76.86
N UNK K 450 -88.53 -95.97 77.90
CA UNK K 450 -87.13 -95.52 77.86
C UNK K 450 -86.96 -94.20 77.11
N UNK K 451 -87.68 -93.17 77.56
CA UNK K 451 -87.49 -91.83 77.01
C UNK K 451 -86.13 -91.34 77.45
N UNK K 452 -85.97 -91.12 78.76
CA UNK K 452 -84.67 -90.98 79.46
C UNK K 452 -83.69 -90.04 78.79
N UNK K 453 -84.24 -89.04 78.12
CA UNK K 453 -83.46 -88.00 77.48
C UNK K 453 -84.11 -86.67 77.71
N UNK K 454 -85.18 -86.63 78.50
CA UNK K 454 -85.36 -85.41 79.25
C UNK K 454 -84.21 -85.51 80.23
N UNK K 455 -84.32 -86.44 81.17
CA UNK K 455 -83.28 -87.14 81.92
C UNK K 455 -84.04 -88.02 82.90
N UNK K 456 -83.32 -88.86 83.63
CA UNK K 456 -83.95 -89.65 84.67
C UNK K 456 -84.16 -88.79 85.88
N UNK K 457 -85.34 -88.89 86.48
CA UNK K 457 -85.64 -88.05 87.63
C UNK K 457 -85.15 -88.69 88.91
N UNK K 458 -85.58 -88.13 90.03
CA UNK K 458 -85.39 -88.71 91.35
C UNK K 458 -86.57 -88.25 92.18
N UNK K 459 -87.50 -89.15 92.43
CA UNK K 459 -88.81 -88.80 92.94
C UNK K 459 -88.76 -88.54 94.44
N UNK K 460 -89.84 -87.94 94.93
CA UNK K 460 -90.15 -87.88 96.35
C UNK K 460 -91.62 -87.56 96.45
N UNK K 461 -92.33 -88.27 97.31
CA UNK K 461 -93.75 -88.05 97.41
C UNK K 461 -94.07 -87.36 98.72
N UNK K 462 -95.28 -86.80 98.80
CA UNK K 462 -95.76 -86.24 100.05
C UNK K 462 -97.28 -86.23 100.00
N UNK K 463 -97.91 -87.12 100.74
CA UNK K 463 -99.35 -87.11 100.88
C UNK K 463 -99.70 -86.23 102.06
N UNK K 464 -100.49 -85.20 101.84
CA UNK K 464 -100.92 -84.31 102.90
C UNK K 464 -102.05 -84.93 103.69
N UNK K 465 -102.77 -84.11 104.46
CA UNK K 465 -103.70 -84.59 105.48
C UNK K 465 -104.88 -85.37 104.88
N UNK K 466 -105.69 -84.72 104.05
CA UNK K 466 -106.95 -85.33 103.63
C UNK K 466 -107.01 -85.64 102.13
N UNK K 467 -106.84 -84.65 101.26
CA UNK K 467 -107.13 -84.88 99.85
C UNK K 467 -106.08 -84.25 98.95
N UNK K 468 -104.94 -83.89 99.49
CA UNK K 468 -103.86 -83.33 98.69
C UNK K 468 -102.74 -84.36 98.67
N UNK K 469 -102.21 -84.62 97.49
CA UNK K 469 -101.00 -85.39 97.37
C UNK K 469 -100.11 -84.66 96.40
N UNK K 470 -98.81 -84.65 96.66
CA UNK K 470 -97.87 -83.94 95.82
C UNK K 470 -96.71 -84.85 95.49
N UNK K 471 -96.16 -84.67 94.31
CA UNK K 471 -94.95 -85.38 93.93
C UNK K 471 -93.91 -84.34 93.57
N UNK K 472 -92.85 -84.27 94.34
CA UNK K 472 -91.72 -83.45 93.96
C UNK K 472 -90.67 -84.34 93.31
N UNK K 473 -89.80 -83.74 92.53
CA UNK K 473 -88.81 -84.50 91.81
C UNK K 473 -87.59 -83.63 91.55
N UNK K 474 -86.43 -84.26 91.52
CA UNK K 474 -85.24 -83.57 91.06
C UNK K 474 -84.72 -84.30 89.83
N UNK K 475 -83.73 -83.72 89.17
CA UNK K 475 -83.01 -84.45 88.13
C UNK K 475 -81.52 -84.56 88.42
N UNK K 476 -80.85 -83.43 88.60
CA UNK K 476 -79.44 -83.36 88.91
C UNK K 476 -79.23 -82.09 89.72
N UNK K 477 -78.00 -81.60 89.76
CA UNK K 477 -77.64 -80.44 90.56
C UNK K 477 -76.28 -80.02 90.06
N UNK K 478 -75.90 -78.75 90.23
CA UNK K 478 -76.65 -77.58 90.71
C UNK K 478 -77.46 -77.00 89.58
N UNK K 479 -77.74 -75.70 89.72
CA UNK K 479 -78.64 -74.94 88.86
C UNK K 479 -80.06 -75.49 88.98
N UNK K 480 -80.60 -75.26 90.16
CA UNK K 480 -81.90 -75.69 90.62
C UNK K 480 -83.02 -74.88 89.98
N UNK K 481 -84.16 -74.81 90.67
CA UNK K 481 -85.06 -73.69 90.51
C UNK K 481 -85.83 -73.59 89.20
N UNK K 482 -87.05 -74.14 89.05
CA UNK K 482 -88.02 -74.86 89.92
C UNK K 482 -89.21 -75.00 88.98
N UNK K 483 -90.30 -75.63 89.42
CA UNK K 483 -91.55 -75.51 88.70
C UNK K 483 -92.69 -75.77 89.67
N UNK K 484 -93.92 -75.58 89.20
CA UNK K 484 -95.12 -75.92 89.97
C UNK K 484 -96.27 -76.14 88.99
N UNK K 485 -96.59 -77.39 88.71
CA UNK K 485 -97.73 -77.69 87.86
C UNK K 485 -98.92 -78.09 88.72
N UNK K 486 -100.11 -78.00 88.15
CA UNK K 486 -101.32 -78.33 88.90
C UNK K 486 -102.44 -78.70 87.94
N UNK K 487 -102.78 -79.98 87.87
CA UNK K 487 -103.92 -80.47 87.07
C UNK K 487 -104.41 -81.75 87.74
N UNK K 488 -105.11 -82.60 87.00
CA UNK K 488 -105.41 -83.93 87.52
C UNK K 488 -105.13 -85.01 86.49
N UNK K 489 -103.97 -84.93 85.84
CA UNK K 489 -103.67 -85.87 84.77
C UNK K 489 -102.15 -86.02 84.66
N UNK K 490 -101.70 -86.62 83.56
CA UNK K 490 -100.32 -87.05 83.40
C UNK K 490 -99.71 -86.59 82.08
N UNK K 491 -100.08 -85.41 81.60
CA UNK K 491 -99.32 -84.76 80.55
C UNK K 491 -98.29 -83.86 81.22
N UNK K 492 -97.39 -84.52 81.94
CA UNK K 492 -96.43 -83.84 82.77
C UNK K 492 -95.00 -84.01 82.30
N UNK K 493 -94.70 -85.04 81.53
CA UNK K 493 -93.34 -85.18 81.00
C UNK K 493 -93.02 -84.07 80.02
N UNK K 494 -94.05 -83.53 79.36
CA UNK K 494 -93.89 -82.40 78.45
C UNK K 494 -93.39 -81.18 79.20
N UNK K 495 -94.00 -80.86 80.33
CA UNK K 495 -93.46 -79.77 81.13
C UNK K 495 -92.21 -80.21 81.87
N UNK K 496 -92.03 -81.51 82.09
CA UNK K 496 -90.88 -81.96 82.83
C UNK K 496 -89.61 -81.86 82.02
N UNK K 497 -89.70 -81.84 80.70
CA UNK K 497 -88.50 -81.63 79.92
C UNK K 497 -87.96 -80.22 80.12
N UNK K 498 -88.83 -79.22 80.00
CA UNK K 498 -88.40 -77.86 80.26
C UNK K 498 -88.10 -77.65 81.73
N UNK K 499 -88.64 -78.48 82.62
CA UNK K 499 -88.11 -78.50 83.97
C UNK K 499 -86.69 -79.03 83.99
N UNK K 500 -86.38 -80.01 83.15
CA UNK K 500 -85.04 -80.58 83.09
C UNK K 500 -84.12 -79.79 82.19
N UNK K 501 -84.53 -78.59 81.78
CA UNK K 501 -83.61 -77.50 81.46
C UNK K 501 -83.27 -76.69 82.70
N UNK K 502 -83.37 -77.32 83.86
CA UNK K 502 -83.08 -76.81 85.19
C UNK K 502 -82.87 -78.05 86.07
N UNK K 503 -83.13 -77.95 87.37
CA UNK K 503 -82.97 -79.15 88.18
C UNK K 503 -84.19 -79.64 88.95
N UNK K 504 -85.05 -78.79 89.48
CA UNK K 504 -86.10 -79.28 90.36
C UNK K 504 -87.47 -79.03 89.77
N UNK K 505 -88.43 -79.89 90.12
CA UNK K 505 -89.83 -79.66 89.77
C UNK K 505 -90.68 -80.20 90.90
N UNK K 506 -91.86 -79.65 91.09
CA UNK K 506 -92.72 -80.11 92.18
C UNK K 506 -94.17 -80.06 91.74
N UNK K 507 -94.66 -81.18 91.18
CA UNK K 507 -96.03 -81.24 90.70
C UNK K 507 -96.97 -81.34 91.89
N UNK K 508 -97.77 -80.30 92.09
CA UNK K 508 -98.57 -80.17 93.30
C UNK K 508 -99.99 -80.67 93.09
N UNK K 509 -100.10 -81.91 92.64
CA UNK K 509 -101.36 -82.65 92.57
C UNK K 509 -101.00 -84.10 92.34
N UNK K 510 -102.01 -84.96 92.24
CA UNK K 510 -101.77 -86.38 92.33
C UNK K 510 -102.06 -87.15 91.04
N UNK K 511 -103.30 -87.03 90.55
CA UNK K 511 -104.11 -88.12 90.01
C UNK K 511 -103.37 -89.22 89.27
N UNK K 512 -102.52 -88.83 88.33
CA UNK K 512 -101.77 -89.82 87.55
C UNK K 512 -100.31 -89.44 87.50
N UNK K 513 -99.80 -88.75 88.52
CA UNK K 513 -98.38 -88.52 88.63
C UNK K 513 -97.66 -89.64 89.34
N UNK K 514 -98.28 -90.82 89.41
CA UNK K 514 -97.56 -92.03 89.76
C UNK K 514 -96.87 -92.64 88.55
N UNK K 515 -97.10 -92.09 87.36
CA UNK K 515 -96.55 -92.67 86.15
C UNK K 515 -95.04 -92.58 86.15
N UNK K 516 -94.51 -91.44 86.57
CA UNK K 516 -93.07 -91.30 86.60
C UNK K 516 -92.45 -92.17 87.68
N UNK K 517 -93.19 -92.40 88.76
CA UNK K 517 -92.72 -93.34 89.77
C UNK K 517 -92.64 -94.74 89.20
N UNK K 518 -93.64 -95.11 88.39
CA UNK K 518 -93.61 -96.40 87.74
C UNK K 518 -92.45 -96.51 86.75
N UNK K 519 -92.19 -95.43 86.03
CA UNK K 519 -91.12 -95.50 85.04
C UNK K 519 -89.75 -95.39 85.64
N UNK K 520 -89.64 -94.84 86.83
CA UNK K 520 -88.34 -94.63 87.43
C UNK K 520 -87.94 -95.73 88.38
N UNK K 521 -88.88 -96.28 89.13
CA UNK K 521 -88.55 -97.34 90.05
C UNK K 521 -88.47 -98.69 89.37
N UNK K 522 -88.50 -98.73 88.05
CA UNK K 522 -88.43 -99.97 87.32
C UNK K 522 -87.15 -100.10 86.51
N UNK K 523 -86.30 -99.08 86.53
CA UNK K 523 -85.24 -98.93 85.55
C UNK K 523 -84.19 -100.03 85.68
N UNK K 524 -83.55 -100.12 86.84
CA UNK K 524 -82.49 -101.10 86.98
C UNK K 524 -83.03 -102.51 87.07
N UNK K 525 -84.20 -102.68 87.67
CA UNK K 525 -84.76 -104.01 87.84
C UNK K 525 -85.15 -104.63 86.50
N UNK K 526 -85.81 -103.87 85.64
CA UNK K 526 -86.11 -104.35 84.31
C UNK K 526 -84.98 -104.08 83.34
N UNK K 527 -83.87 -103.52 83.81
CA UNK K 527 -82.64 -103.47 83.04
C UNK K 527 -81.74 -104.64 83.33
N UNK K 528 -82.03 -105.41 84.37
CA UNK K 528 -81.34 -106.67 84.58
C UNK K 528 -81.58 -107.62 83.41
N UNK K 529 -82.81 -107.67 82.92
CA UNK K 529 -83.11 -108.33 81.65
C UNK K 529 -82.93 -107.33 80.52
N UNK K 530 -83.45 -107.62 79.32
CA UNK K 530 -83.34 -106.64 78.24
C UNK K 530 -84.69 -106.10 77.76
N UNK K 531 -85.58 -106.95 77.23
CA UNK K 531 -86.74 -106.49 76.47
C UNK K 531 -87.61 -107.68 76.11
N UNK K 532 -88.83 -107.39 75.65
CA UNK K 532 -89.65 -108.45 75.06
C UNK K 532 -90.16 -108.18 73.63
N UNK K 533 -90.94 -107.10 73.46
CA UNK K 533 -91.29 -106.52 72.17
C UNK K 533 -92.05 -107.45 71.22
N UNK K 534 -93.24 -107.91 71.65
CA UNK K 534 -94.26 -108.48 70.77
C UNK K 534 -95.63 -108.59 71.45
N UNK K 535 -96.66 -107.95 70.91
CA UNK K 535 -97.95 -107.87 71.58
C UNK K 535 -99.04 -108.51 70.73
N UNK K 536 -99.94 -109.22 71.37
CA UNK K 536 -101.08 -109.83 70.69
C UNK K 536 -102.36 -109.23 71.26
N UNK K 537 -103.49 -109.78 70.85
CA UNK K 537 -104.77 -109.18 71.15
C UNK K 537 -105.66 -110.13 71.91
N UNK K 538 -106.85 -109.64 72.23
CA UNK K 538 -107.95 -110.52 72.57
C UNK K 538 -108.71 -110.81 71.29
N UNK K 539 -108.71 -112.09 70.89
CA UNK K 539 -109.19 -112.44 69.57
C UNK K 539 -110.71 -112.34 69.46
N UNK K 540 -111.42 -112.45 70.56
CA UNK K 540 -112.86 -112.31 70.54
C UNK K 540 -113.21 -110.85 70.77
N UNK K 541 -114.49 -110.59 71.03
CA UNK K 541 -114.98 -109.22 71.23
C UNK K 541 -114.60 -108.73 72.63
N UNK K 542 -113.68 -107.77 72.69
CA UNK K 542 -113.20 -107.16 73.93
C UNK K 542 -112.71 -105.75 73.60
N UNK K 543 -112.12 -105.07 74.59
CA UNK K 543 -111.51 -103.77 74.31
C UNK K 543 -110.35 -103.55 75.28
N UNK K 544 -109.16 -103.98 74.86
CA UNK K 544 -107.87 -103.61 75.45
C UNK K 544 -106.78 -104.08 74.50
N UNK K 545 -105.56 -104.02 74.98
CA UNK K 545 -104.34 -104.19 74.18
C UNK K 545 -104.39 -103.31 72.95
N UNK K 546 -104.57 -102.02 73.20
CA UNK K 546 -104.66 -101.05 72.13
C UNK K 546 -103.28 -100.72 71.61
N UNK K 547 -103.16 -100.64 70.28
CA UNK K 547 -101.94 -100.24 69.62
C UNK K 547 -102.34 -99.36 68.44
N UNK K 548 -101.35 -98.90 67.68
CA UNK K 548 -101.64 -97.85 66.71
C UNK K 548 -100.89 -98.13 65.39
N UNK K 549 -100.85 -97.10 64.56
CA UNK K 549 -100.97 -97.26 63.11
C UNK K 549 -99.99 -96.34 62.40
N UNK K 550 -100.29 -96.08 61.13
CA UNK K 550 -99.52 -95.24 60.25
C UNK K 550 -100.48 -94.45 59.38
N UNK K 551 -99.94 -93.53 58.57
CA UNK K 551 -100.76 -92.61 57.78
C UNK K 551 -100.61 -92.81 56.28
N UNK K 552 -99.40 -92.68 55.74
CA UNK K 552 -99.02 -93.06 54.39
C UNK K 552 -99.84 -92.52 53.20
N UNK K 553 -99.73 -91.22 52.86
CA UNK K 553 -99.27 -90.13 53.68
C UNK K 553 -100.33 -89.06 53.62
N UNK K 554 -100.70 -88.74 52.39
CA UNK K 554 -101.73 -87.75 52.12
C UNK K 554 -103.07 -88.45 52.06
N UNK K 555 -104.08 -87.74 51.59
CA UNK K 555 -105.32 -88.40 51.23
C UNK K 555 -105.48 -88.43 49.72
N UNK K 556 -104.34 -88.52 49.01
CA UNK K 556 -104.26 -89.06 47.66
C UNK K 556 -105.05 -88.23 46.64
N UNK K 557 -104.54 -87.05 46.33
CA UNK K 557 -105.15 -86.22 45.30
C UNK K 557 -105.11 -86.89 43.94
N UNK K 558 -106.20 -86.79 43.19
CA UNK K 558 -106.33 -87.46 41.91
C UNK K 558 -107.03 -86.54 40.91
N UNK K 559 -106.38 -86.24 39.79
CA UNK K 559 -107.06 -85.47 38.77
C UNK K 559 -107.88 -86.42 37.92
N UNK K 560 -108.64 -85.88 36.97
CA UNK K 560 -109.40 -86.70 36.04
C UNK K 560 -109.65 -85.83 34.82
N UNK K 561 -108.88 -86.03 33.77
CA UNK K 561 -108.89 -85.12 32.64
C UNK K 561 -109.74 -85.70 31.52
N UNK K 562 -110.95 -85.22 31.36
CA UNK K 562 -111.73 -85.63 30.22
C UNK K 562 -111.19 -84.86 29.02
N UNK K 563 -110.59 -85.55 28.07
CA UNK K 563 -110.05 -84.89 26.88
C UNK K 563 -111.19 -84.70 25.91
N UNK K 564 -111.75 -83.51 25.87
CA UNK K 564 -113.08 -83.27 25.31
C UNK K 564 -113.01 -83.23 23.80
N UNK K 565 -113.06 -84.40 23.18
CA UNK K 565 -113.42 -84.48 21.78
C UNK K 565 -114.65 -85.34 21.55
N UNK K 566 -114.61 -86.61 21.96
CA UNK K 566 -115.42 -87.60 21.28
C UNK K 566 -115.47 -88.88 22.11
N UNK K 567 -115.84 -89.97 21.45
CA UNK K 567 -115.89 -91.31 22.01
C UNK K 567 -114.69 -92.13 21.55
N UNK K 568 -114.22 -93.10 22.36
CA UNK K 568 -114.66 -93.40 23.72
C UNK K 568 -113.60 -93.76 24.77
N UNK K 569 -112.43 -94.26 24.37
CA UNK K 569 -111.57 -95.03 25.27
C UNK K 569 -110.94 -94.17 26.36
N UNK K 570 -110.38 -94.82 27.37
CA UNK K 570 -110.04 -94.11 28.60
C UNK K 570 -108.80 -94.74 29.21
N UNK K 571 -107.70 -93.97 29.25
CA UNK K 571 -106.44 -94.43 29.81
C UNK K 571 -106.25 -93.87 31.21
N UNK K 572 -105.65 -94.65 32.09
CA UNK K 572 -105.50 -94.27 33.49
C UNK K 572 -104.04 -94.38 33.93
N UNK K 573 -103.38 -93.24 34.06
CA UNK K 573 -101.99 -93.20 34.51
C UNK K 573 -101.95 -92.94 36.01
N UNK K 574 -101.34 -93.84 36.75
CA UNK K 574 -100.86 -93.48 38.07
C UNK K 574 -99.50 -92.82 37.93
N UNK K 575 -99.20 -91.91 38.83
CA UNK K 575 -97.94 -91.19 38.62
C UNK K 575 -97.05 -91.25 39.84
N UNK K 576 -95.96 -90.51 39.81
CA UNK K 576 -95.00 -90.50 40.89
C UNK K 576 -94.79 -89.09 41.39
N UNK K 577 -95.90 -88.38 41.62
CA UNK K 577 -95.96 -86.96 41.97
C UNK K 577 -95.15 -86.12 41.01
N UNK K 578 -95.56 -86.18 39.74
CA UNK K 578 -94.85 -85.45 38.70
C UNK K 578 -95.79 -85.18 37.55
N UNK K 579 -95.39 -84.26 36.69
CA UNK K 579 -96.28 -83.65 35.72
C UNK K 579 -95.67 -83.62 34.34
N UNK K 580 -94.93 -84.67 34.00
CA UNK K 580 -94.61 -84.94 32.60
C UNK K 580 -95.63 -85.94 32.04
N UNK K 581 -96.87 -85.49 32.04
CA UNK K 581 -97.98 -86.27 31.55
C UNK K 581 -98.63 -85.62 30.35
N UNK K 582 -98.06 -84.54 29.84
CA UNK K 582 -98.57 -83.99 28.59
C UNK K 582 -98.30 -84.94 27.45
N UNK K 583 -97.22 -85.71 27.53
CA UNK K 583 -96.97 -86.73 26.52
C UNK K 583 -98.04 -87.78 26.54
N UNK K 584 -98.47 -88.19 27.71
CA UNK K 584 -99.56 -89.14 27.75
C UNK K 584 -100.89 -88.49 27.37
N UNK K 585 -101.04 -87.19 27.60
CA UNK K 585 -102.25 -86.49 27.17
C UNK K 585 -102.38 -86.49 25.66
N UNK K 586 -101.28 -86.18 24.98
CA UNK K 586 -101.31 -86.26 23.54
C UNK K 586 -101.35 -87.69 23.04
N UNK K 587 -100.93 -88.64 23.86
CA UNK K 587 -101.14 -90.02 23.47
C UNK K 587 -102.61 -90.36 23.51
N UNK K 588 -103.28 -89.99 24.59
CA UNK K 588 -104.68 -90.34 24.76
C UNK K 588 -105.61 -89.43 23.99
N UNK K 589 -105.09 -88.40 23.33
CA UNK K 589 -105.94 -87.68 22.37
C UNK K 589 -106.27 -88.50 21.12
N UNK K 590 -105.74 -89.71 20.98
CA UNK K 590 -106.43 -90.72 20.18
C UNK K 590 -107.83 -90.94 20.72
N UNK K 591 -107.94 -91.15 22.02
CA UNK K 591 -109.16 -91.55 22.71
C UNK K 591 -109.96 -90.41 23.30
N UNK K 592 -110.76 -90.72 24.33
CA UNK K 592 -111.62 -89.77 25.01
C UNK K 592 -111.12 -89.30 26.37
N UNK K 593 -110.82 -90.19 27.32
CA UNK K 593 -110.72 -89.76 28.71
C UNK K 593 -109.46 -90.27 29.38
N UNK K 594 -108.72 -89.38 30.03
CA UNK K 594 -107.53 -89.75 30.78
C UNK K 594 -107.83 -89.57 32.27
N UNK K 595 -107.24 -90.41 33.10
CA UNK K 595 -107.37 -90.30 34.54
C UNK K 595 -105.99 -90.47 35.16
N UNK K 596 -105.43 -89.39 35.69
CA UNK K 596 -104.13 -89.44 36.34
C UNK K 596 -104.32 -89.29 37.84
N UNK K 597 -103.60 -90.07 38.62
CA UNK K 597 -103.87 -90.12 40.07
C UNK K 597 -102.67 -89.66 40.94
N UNK K 598 -102.54 -88.35 41.14
CA UNK K 598 -101.33 -87.73 41.70
C UNK K 598 -101.60 -86.26 41.96
N UNK K 599 -100.58 -85.52 42.42
CA UNK K 599 -100.78 -84.17 42.94
C UNK K 599 -99.66 -83.22 42.54
N UNK K 600 -99.03 -83.44 41.41
CA UNK K 600 -98.15 -82.43 40.85
C UNK K 600 -98.58 -82.03 39.48
N UNK K 601 -99.34 -82.89 38.81
CA UNK K 601 -100.06 -82.46 37.64
C UNK K 601 -101.03 -81.36 37.99
N UNK K 602 -101.82 -81.57 39.06
CA UNK K 602 -103.14 -80.98 39.22
C UNK K 602 -103.13 -79.47 39.11
N UNK K 603 -102.09 -78.85 39.66
CA UNK K 603 -101.97 -77.40 39.62
C UNK K 603 -101.79 -76.89 38.19
N UNK K 604 -100.72 -77.33 37.52
CA UNK K 604 -100.45 -76.78 36.21
C UNK K 604 -101.41 -77.31 35.18
N UNK K 605 -101.93 -78.51 35.39
CA UNK K 605 -102.93 -79.03 34.47
C UNK K 605 -104.21 -78.22 34.54
N UNK K 606 -104.65 -77.86 35.75
CA UNK K 606 -105.85 -77.05 35.84
C UNK K 606 -105.60 -75.64 35.36
N UNK K 607 -104.44 -75.07 35.69
CA UNK K 607 -104.21 -73.70 35.27
C UNK K 607 -103.88 -73.59 33.80
N UNK K 608 -103.59 -74.69 33.12
CA UNK K 608 -103.51 -74.62 31.68
C UNK K 608 -104.85 -74.87 31.03
N UNK K 609 -105.64 -75.79 31.59
CA UNK K 609 -106.89 -76.14 30.94
C UNK K 609 -107.93 -75.07 31.14
N UNK K 610 -108.10 -74.62 32.36
CA UNK K 610 -109.13 -73.64 32.64
C UNK K 610 -108.68 -72.24 32.36
N UNK K 611 -107.62 -72.06 31.62
CA UNK K 611 -107.39 -70.78 30.99
C UNK K 611 -107.26 -70.90 29.49
N UNK K 612 -106.52 -71.87 28.95
CA UNK K 612 -106.12 -71.87 27.55
C UNK K 612 -107.25 -72.11 26.59
N UNK K 613 -108.45 -72.37 27.07
CA UNK K 613 -109.65 -72.31 26.25
C UNK K 613 -110.25 -70.93 26.22
N UNK K 614 -109.86 -70.07 27.12
CA UNK K 614 -110.49 -68.77 27.19
C UNK K 614 -109.50 -67.62 27.27
N UNK K 615 -108.20 -67.90 27.22
CA UNK K 615 -107.23 -66.84 27.04
C UNK K 615 -107.51 -66.40 25.64
N UNK K 616 -107.25 -67.29 24.66
CA UNK K 616 -108.01 -67.46 23.42
C UNK K 616 -108.25 -66.17 22.65
N UNK K 617 -107.48 -65.14 22.95
CA UNK K 617 -107.61 -63.85 22.29
C UNK K 617 -106.32 -63.54 21.55
N UNK K 618 -105.19 -63.49 22.24
CA UNK K 618 -103.96 -63.25 21.52
C UNK K 618 -102.78 -64.08 21.96
N UNK K 619 -102.81 -64.71 23.13
CA UNK K 619 -101.64 -65.22 23.83
C UNK K 619 -100.53 -64.16 23.88
N UNK K 620 -100.80 -63.15 24.70
CA UNK K 620 -99.94 -61.98 24.89
C UNK K 620 -98.52 -62.36 25.22
N UNK K 621 -97.59 -62.03 24.34
CA UNK K 621 -96.19 -62.36 24.56
C UNK K 621 -95.63 -61.48 25.67
N UNK K 622 -95.00 -62.10 26.64
CA UNK K 622 -94.74 -61.42 27.90
C UNK K 622 -93.36 -60.81 27.91
N UNK K 623 -93.08 -60.07 29.00
CA UNK K 623 -91.74 -59.62 29.31
C UNK K 623 -91.73 -59.35 30.81
N UNK K 624 -91.20 -60.30 31.56
CA UNK K 624 -91.33 -60.30 32.99
C UNK K 624 -90.38 -59.28 33.61
N UNK K 625 -90.74 -58.75 34.78
CA UNK K 625 -89.72 -58.11 35.61
C UNK K 625 -89.99 -58.35 37.08
N UNK K 626 -90.79 -59.36 37.43
CA UNK K 626 -91.30 -59.56 38.77
C UNK K 626 -90.16 -59.96 39.68
N UNK K 627 -89.78 -59.08 40.60
CA UNK K 627 -88.74 -59.39 41.59
C UNK K 627 -89.26 -59.01 42.95
N UNK K 628 -90.02 -59.91 43.57
CA UNK K 628 -90.76 -59.54 44.75
C UNK K 628 -91.29 -60.70 45.57
N UNK K 629 -92.22 -60.36 46.46
CA UNK K 629 -92.65 -61.20 47.56
C UNK K 629 -93.32 -62.49 47.16
N UNK K 630 -94.55 -62.44 46.65
CA UNK K 630 -95.34 -63.65 46.58
C UNK K 630 -95.36 -64.26 45.20
N UNK K 631 -94.33 -64.01 44.40
CA UNK K 631 -94.26 -64.56 43.06
C UNK K 631 -93.46 -65.82 43.00
N UNK K 632 -93.01 -66.31 44.14
CA UNK K 632 -92.33 -67.59 44.22
C UNK K 632 -93.20 -68.69 44.78
N UNK K 633 -94.11 -68.36 45.70
CA UNK K 633 -95.08 -69.35 46.13
C UNK K 633 -96.08 -69.66 45.03
N UNK K 634 -96.29 -68.74 44.11
CA UNK K 634 -96.65 -69.02 42.73
C UNK K 634 -98.00 -69.69 42.56
N UNK K 635 -98.87 -69.64 43.56
CA UNK K 635 -100.04 -70.50 43.54
C UNK K 635 -101.13 -69.95 42.65
N UNK K 636 -101.88 -70.85 42.02
CA UNK K 636 -102.98 -70.45 41.17
C UNK K 636 -104.21 -71.32 41.31
N UNK K 637 -104.18 -72.36 42.12
CA UNK K 637 -105.35 -73.20 42.27
C UNK K 637 -105.26 -73.86 43.63
N UNK K 638 -106.39 -74.44 44.05
CA UNK K 638 -106.64 -75.04 45.37
C UNK K 638 -106.23 -74.13 46.53
N UNK K 639 -106.16 -72.82 46.27
CA UNK K 639 -105.69 -71.82 47.23
C UNK K 639 -106.51 -70.55 47.06
N UNK K 640 -107.62 -70.43 47.78
CA UNK K 640 -108.31 -71.53 48.44
C UNK K 640 -109.73 -71.62 47.90
N UNK K 641 -110.42 -70.48 47.89
CA UNK K 641 -111.68 -70.39 47.21
C UNK K 641 -111.86 -69.08 46.46
N UNK K 642 -110.91 -68.15 46.55
CA UNK K 642 -110.91 -67.00 45.66
C UNK K 642 -110.69 -67.51 44.25
N UNK K 643 -111.57 -67.14 43.33
CA UNK K 643 -111.74 -68.00 42.18
C UNK K 643 -110.65 -67.79 41.11
N UNK K 644 -110.72 -66.69 40.35
CA UNK K 644 -109.79 -66.32 39.27
C UNK K 644 -109.59 -67.39 38.19
N UNK K 645 -110.38 -68.44 38.26
CA UNK K 645 -110.26 -69.76 37.66
C UNK K 645 -111.48 -70.44 38.25
N UNK K 646 -111.75 -71.68 37.95
CA UNK K 646 -113.07 -72.19 38.28
C UNK K 646 -112.98 -73.68 38.60
N UNK K 647 -114.12 -74.34 38.51
CA UNK K 647 -114.17 -75.79 38.61
C UNK K 647 -115.19 -76.30 37.62
N UNK K 648 -115.15 -77.61 37.36
CA UNK K 648 -115.94 -78.20 36.30
C UNK K 648 -116.43 -79.58 36.71
N UNK K 649 -117.63 -79.62 37.28
CA UNK K 649 -118.56 -80.73 37.23
C UNK K 649 -118.17 -81.97 38.02
N UNK K 650 -116.92 -82.04 38.48
CA UNK K 650 -116.50 -83.04 39.45
C UNK K 650 -115.30 -82.41 40.13
N UNK K 651 -115.55 -81.80 41.28
CA UNK K 651 -114.53 -81.04 41.97
C UNK K 651 -114.69 -81.30 43.46
N UNK K 652 -113.81 -82.13 44.01
CA UNK K 652 -113.83 -82.42 45.45
C UNK K 652 -112.49 -81.95 45.98
N UNK K 653 -112.45 -80.73 46.50
CA UNK K 653 -111.20 -80.21 47.04
C UNK K 653 -111.26 -80.39 48.54
N UNK K 654 -110.99 -81.62 48.98
CA UNK K 654 -111.34 -82.04 50.33
C UNK K 654 -110.16 -81.96 51.29
N UNK K 655 -110.46 -81.53 52.51
CA UNK K 655 -109.45 -81.20 53.51
C UNK K 655 -109.83 -81.75 54.88
N UNK K 656 -110.18 -83.03 54.96
CA UNK K 656 -110.83 -83.54 56.17
C UNK K 656 -110.24 -84.90 56.52
N UNK K 657 -110.96 -85.62 57.39
CA UNK K 657 -110.66 -87.01 57.72
C UNK K 657 -111.45 -88.02 56.90
N UNK K 658 -112.61 -87.65 56.34
CA UNK K 658 -113.32 -88.49 55.37
C UNK K 658 -113.54 -87.81 54.04
N UNK K 659 -114.11 -86.59 54.05
CA UNK K 659 -114.52 -85.89 52.84
C UNK K 659 -114.85 -84.46 53.22
N UNK K 660 -114.76 -83.56 52.23
CA UNK K 660 -114.89 -82.13 52.50
C UNK K 660 -115.22 -81.40 51.21
N UNK K 661 -114.85 -80.11 51.15
CA UNK K 661 -115.38 -79.04 50.31
C UNK K 661 -115.53 -79.39 48.83
N UNK K 662 -116.54 -78.79 48.22
CA UNK K 662 -116.86 -78.96 46.81
C UNK K 662 -117.04 -77.59 46.17
N UNK K 663 -116.94 -77.54 44.83
CA UNK K 663 -117.29 -76.33 44.09
C UNK K 663 -118.03 -76.73 42.81
N UNK K 664 -119.34 -76.90 42.93
CA UNK K 664 -120.18 -77.38 41.84
C UNK K 664 -121.63 -77.14 42.18
N UNK K 665 -122.54 -77.76 41.44
CA UNK K 665 -123.95 -77.80 41.84
C UNK K 665 -124.21 -79.03 42.69
N UNK K 666 -96.73 -75.03 97.20
CA UNK K 666 -96.44 -73.69 96.73
C UNK K 666 -95.02 -73.31 97.06
N UNK K 667 -94.64 -73.58 98.30
CA UNK K 667 -93.26 -73.46 98.76
C UNK K 667 -93.10 -74.33 99.99
N UNK K 668 -92.33 -75.40 99.86
CA UNK K 668 -92.29 -76.44 100.89
C UNK K 668 -90.98 -77.22 100.74
N UNK K 669 -90.56 -77.88 101.83
CA UNK K 669 -89.25 -78.50 102.04
C UNK K 669 -88.74 -79.45 100.95
N UNK K 670 -87.42 -79.66 100.91
CA UNK K 670 -86.77 -80.57 100.00
C UNK K 670 -86.28 -81.83 100.72
N UNK K 671 -86.29 -82.95 100.02
CA UNK K 671 -85.90 -84.25 100.59
C UNK K 671 -85.32 -85.12 99.48
N UNK K 672 -85.17 -86.42 99.74
CA UNK K 672 -84.62 -87.34 98.74
C UNK K 672 -85.56 -88.49 98.37
N UNK K 673 -86.02 -89.28 99.35
CA UNK K 673 -86.87 -90.46 99.18
C UNK K 673 -86.22 -91.51 98.26
N UNK K 674 -85.13 -92.09 98.77
CA UNK K 674 -84.29 -93.04 98.05
C UNK K 674 -85.08 -94.27 97.59
N UNK K 675 -84.54 -94.94 96.57
CA UNK K 675 -85.28 -95.94 95.80
C UNK K 675 -84.59 -97.28 95.90
N UNK K 676 -85.26 -98.25 96.52
CA UNK K 676 -84.83 -99.63 96.55
C UNK K 676 -85.23 -100.32 95.25
N UNK K 677 -84.68 -101.51 95.03
CA UNK K 677 -85.03 -102.27 93.85
C UNK K 677 -86.37 -102.96 94.05
N UNK K 678 -86.77 -103.78 93.09
CA UNK K 678 -88.02 -104.51 93.16
C UNK K 678 -87.74 -105.99 93.17
N UNK K 679 -88.48 -106.74 93.98
CA UNK K 679 -88.19 -108.16 94.21
C UNK K 679 -89.35 -109.00 93.71
N UNK K 680 -89.02 -109.98 92.88
CA UNK K 680 -89.99 -110.96 92.40
C UNK K 680 -89.25 -112.24 92.08
N UNK K 681 -89.67 -113.34 92.71
CA UNK K 681 -88.86 -114.54 92.65
C UNK K 681 -89.72 -115.77 92.85
N UNK K 682 -89.33 -116.83 92.16
CA UNK K 682 -90.00 -118.11 92.14
C UNK K 682 -88.89 -119.12 91.90
N UNK K 683 -89.20 -120.26 91.31
CA UNK K 683 -88.18 -121.24 91.00
C UNK K 683 -87.36 -120.82 89.79
N UNK K 684 -86.58 -121.74 89.24
CA UNK K 684 -85.42 -121.36 88.47
C UNK K 684 -85.13 -122.34 87.34
N UNK K 685 -83.87 -122.43 86.96
CA UNK K 685 -83.35 -123.42 86.03
C UNK K 685 -83.29 -124.80 86.69
N UNK K 686 -82.46 -125.68 86.13
CA UNK K 686 -82.33 -127.09 86.51
C UNK K 686 -83.64 -127.86 86.28
N UNK K 687 -83.92 -128.04 84.99
CA UNK K 687 -84.81 -129.09 84.50
C UNK K 687 -84.52 -130.42 85.17
N UNK K 688 -85.57 -131.20 85.52
CA UNK K 688 -86.93 -131.18 84.94
C UNK K 688 -87.98 -130.35 85.67
N UNK K 689 -89.17 -130.24 85.04
CA UNK K 689 -90.29 -129.47 85.60
C UNK K 689 -91.64 -130.14 85.45
N UNK K 690 -91.72 -131.29 84.77
CA UNK K 690 -92.95 -132.07 84.56
C UNK K 690 -94.06 -131.25 83.88
N UNK K 691 -93.70 -130.36 82.96
CA UNK K 691 -94.66 -129.74 82.04
C UNK K 691 -93.89 -129.31 80.79
N UNK K 692 -93.95 -130.12 79.74
CA UNK K 692 -93.18 -129.87 78.52
C UNK K 692 -94.10 -129.97 77.31
N UNK K 693 -93.60 -129.60 76.13
CA UNK K 693 -94.42 -129.63 74.93
C UNK K 693 -93.93 -130.58 73.84
N UNK K 694 -92.81 -130.29 73.18
CA UNK K 694 -92.50 -131.12 72.01
C UNK K 694 -91.05 -131.49 71.80
N UNK K 695 -90.14 -130.55 72.04
CA UNK K 695 -88.74 -130.67 71.61
C UNK K 695 -87.91 -129.68 72.43
N UNK K 696 -86.67 -129.47 71.99
CA UNK K 696 -85.70 -128.72 72.78
C UNK K 696 -85.77 -127.23 72.49
N UNK K 697 -86.15 -126.43 73.48
CA UNK K 697 -86.47 -126.86 74.84
C UNK K 697 -87.69 -126.15 75.40
N UNK K 698 -88.75 -126.05 74.60
CA UNK K 698 -89.96 -125.35 75.03
C UNK K 698 -90.62 -126.05 76.20
N UNK K 699 -90.93 -125.30 77.25
CA UNK K 699 -91.26 -125.88 78.53
C UNK K 699 -92.52 -125.26 79.12
N UNK K 700 -93.61 -125.27 78.35
CA UNK K 700 -94.85 -124.60 78.73
C UNK K 700 -95.46 -125.20 79.98
N UNK K 701 -95.98 -124.35 80.87
CA UNK K 701 -96.14 -124.78 82.25
C UNK K 701 -97.42 -124.26 82.88
N UNK K 702 -97.95 -125.06 83.81
CA UNK K 702 -98.78 -124.51 84.90
C UNK K 702 -97.85 -124.31 86.10
N UNK K 703 -97.38 -125.39 86.71
CA UNK K 703 -95.98 -125.71 86.96
C UNK K 703 -95.01 -124.53 87.08
N UNK K 704 -95.13 -123.66 88.10
CA UNK K 704 -95.78 -123.94 89.35
C UNK K 704 -96.35 -122.67 89.92
N UNK K 705 -97.60 -122.73 90.35
CA UNK K 705 -98.27 -121.55 90.88
C UNK K 705 -97.75 -121.22 92.27
N UNK K 706 -97.66 -119.93 92.55
CA UNK K 706 -97.20 -119.39 93.83
C UNK K 706 -98.14 -118.29 94.28
N UNK K 707 -99.45 -118.60 94.33
CA UNK K 707 -100.55 -117.68 94.63
C UNK K 707 -100.31 -116.86 95.89
N UNK K 708 -100.24 -117.54 97.03
CA UNK K 708 -99.33 -117.22 98.14
C UNK K 708 -99.45 -115.76 98.60
N UNK K 709 -100.59 -115.46 99.22
CA UNK K 709 -101.08 -114.12 99.52
C UNK K 709 -100.09 -113.19 100.22
N UNK K 710 -100.32 -111.88 100.08
CA UNK K 710 -99.34 -110.87 100.45
C UNK K 710 -100.03 -109.56 100.85
N UNK K 711 -99.46 -108.91 101.87
CA UNK K 711 -99.66 -107.49 102.16
C UNK K 711 -98.72 -106.69 101.27
N UNK K 712 -98.39 -105.46 101.64
CA UNK K 712 -97.31 -104.75 100.96
C UNK K 712 -96.01 -105.44 101.34
N UNK K 713 -95.75 -106.55 100.66
CA UNK K 713 -94.84 -107.62 101.06
C UNK K 713 -94.81 -108.64 99.94
N UNK K 714 -93.93 -109.62 100.08
CA UNK K 714 -93.79 -110.68 99.08
C UNK K 714 -94.74 -111.83 99.41
N UNK K 715 -94.55 -112.96 98.75
CA UNK K 715 -95.47 -114.11 98.81
C UNK K 715 -95.32 -114.90 100.10
N UNK K 716 -95.86 -116.14 100.13
CA UNK K 716 -95.79 -116.98 101.31
C UNK K 716 -94.35 -117.22 101.76
N UNK K 717 -94.15 -117.24 103.07
CA UNK K 717 -92.84 -116.99 103.65
C UNK K 717 -91.87 -118.11 103.36
N UNK K 718 -90.66 -117.74 102.98
CA UNK K 718 -89.63 -118.72 102.65
C UNK K 718 -88.28 -118.06 102.88
N UNK K 719 -87.66 -118.33 104.01
CA UNK K 719 -86.32 -117.84 104.28
C UNK K 719 -85.28 -118.95 104.14
N UNK K 720 -85.50 -120.06 104.82
CA UNK K 720 -84.77 -121.29 104.59
C UNK K 720 -85.67 -122.50 104.40
N UNK K 721 -86.95 -122.42 104.73
CA UNK K 721 -87.87 -123.55 104.62
C UNK K 721 -89.20 -123.01 104.13
N UNK K 722 -89.54 -123.33 102.88
CA UNK K 722 -90.67 -122.69 102.20
C UNK K 722 -91.98 -123.25 102.71
N UNK K 723 -92.43 -122.69 103.82
CA UNK K 723 -93.65 -123.16 104.47
C UNK K 723 -94.87 -122.62 103.75
N UNK K 724 -95.71 -123.52 103.25
CA UNK K 724 -97.00 -123.19 102.66
C UNK K 724 -98.04 -122.99 103.75
N UNK K 725 -99.33 -123.02 103.38
CA UNK K 725 -100.41 -122.83 104.35
C UNK K 725 -100.55 -123.96 105.35
N UNK K 726 -99.82 -125.07 105.19
CA UNK K 726 -99.71 -126.14 106.17
C UNK K 726 -98.73 -125.77 107.28
N UNK K 727 -98.28 -126.77 108.06
CA UNK K 727 -97.37 -126.50 109.17
C UNK K 727 -96.02 -125.98 108.69
N UNK K 728 -95.30 -126.79 107.92
CA UNK K 728 -93.99 -126.39 107.38
C UNK K 728 -93.70 -127.22 106.16
N UNK K 729 -92.75 -126.77 105.36
CA UNK K 729 -92.33 -127.48 104.17
C UNK K 729 -90.96 -127.00 103.75
N UNK K 730 -90.15 -127.91 103.22
CA UNK K 730 -88.75 -127.63 102.95
C UNK K 730 -88.47 -127.78 101.46
N UNK K 731 -88.69 -126.71 100.73
CA UNK K 731 -88.26 -126.68 99.33
C UNK K 731 -86.75 -126.57 99.31
N UNK K 732 -86.08 -127.63 98.86
CA UNK K 732 -84.63 -127.68 98.88
C UNK K 732 -84.01 -126.79 97.82
N UNK L 1 -73.73 -30.32 88.67
CA UNK L 1 -73.33 -29.91 87.33
C UNK L 1 -74.52 -29.91 86.41
N UNK L 2 -74.34 -30.37 85.17
CA UNK L 2 -75.43 -30.38 84.22
C UNK L 2 -75.27 -31.59 83.31
N UNK L 3 -76.34 -32.36 83.18
CA UNK L 3 -76.33 -33.60 82.41
C UNK L 3 -77.35 -33.50 81.30
N UNK L 4 -76.93 -33.46 80.05
CA UNK L 4 -77.87 -33.19 78.97
C UNK L 4 -78.05 -34.38 78.04
N UNK L 5 -79.13 -34.38 77.27
CA UNK L 5 -79.39 -35.52 76.40
C UNK L 5 -80.20 -35.11 75.19
N UNK L 6 -79.67 -35.33 73.99
CA UNK L 6 -80.48 -35.17 72.80
C UNK L 6 -81.26 -36.46 72.59
N UNK L 7 -82.48 -36.37 72.09
CA UNK L 7 -83.25 -37.60 71.93
C UNK L 7 -84.15 -37.47 70.71
N UNK L 8 -83.97 -38.32 69.72
CA UNK L 8 -84.68 -38.18 68.46
C UNK L 8 -85.76 -39.24 68.31
N UNK L 9 -86.91 -38.86 67.77
CA UNK L 9 -87.87 -39.85 67.30
C UNK L 9 -87.61 -40.12 65.82
N UNK L 10 -88.39 -41.01 65.19
CA UNK L 10 -88.15 -41.38 63.79
C UNK L 10 -88.73 -40.34 62.86
N UNK L 11 -87.91 -39.84 61.92
CA UNK L 11 -88.17 -38.55 61.32
C UNK L 11 -88.16 -38.58 59.81
N UNK L 12 -88.84 -37.59 59.23
CA UNK L 12 -88.65 -37.19 57.83
C UNK L 12 -89.18 -35.78 57.70
N UNK L 13 -88.26 -34.82 57.57
CA UNK L 13 -88.54 -33.38 57.43
C UNK L 13 -89.38 -32.86 58.58
N UNK L 14 -88.79 -32.89 59.77
CA UNK L 14 -89.45 -32.37 60.94
C UNK L 14 -88.44 -31.69 61.84
N UNK L 15 -88.93 -30.97 62.84
CA UNK L 15 -88.21 -29.92 63.52
C UNK L 15 -87.76 -30.36 64.90
N UNK L 16 -87.19 -29.40 65.61
CA UNK L 16 -86.51 -29.67 66.87
C UNK L 16 -87.25 -28.95 67.97
N UNK L 17 -87.03 -29.38 69.21
CA UNK L 17 -87.61 -28.73 70.37
C UNK L 17 -86.62 -28.83 71.52
N UNK L 18 -86.04 -27.70 71.91
CA UNK L 18 -84.95 -27.72 72.87
C UNK L 18 -85.52 -27.52 74.28
N UNK L 19 -86.00 -28.60 74.87
CA UNK L 19 -86.64 -28.46 76.17
C UNK L 19 -85.59 -28.49 77.28
N UNK L 20 -85.95 -27.93 78.42
CA UNK L 20 -85.04 -27.93 79.56
C UNK L 20 -85.85 -28.42 80.75
N UNK L 21 -85.75 -29.71 81.03
CA UNK L 21 -86.51 -30.32 82.11
C UNK L 21 -85.95 -29.80 83.41
N UNK L 22 -86.64 -28.82 83.98
CA UNK L 22 -86.12 -28.12 85.14
C UNK L 22 -86.13 -29.04 86.35
N UNK L 23 -87.30 -29.42 86.80
CA UNK L 23 -87.34 -30.41 87.88
C UNK L 23 -88.50 -31.38 87.76
N UNK L 24 -89.14 -31.49 86.59
CA UNK L 24 -90.44 -32.15 86.54
C UNK L 24 -90.31 -33.67 86.57
N UNK L 25 -89.71 -34.25 85.52
CA UNK L 25 -89.57 -35.68 85.27
C UNK L 25 -90.90 -36.45 85.20
N UNK L 26 -92.03 -35.75 85.17
CA UNK L 26 -93.34 -36.31 84.86
C UNK L 26 -94.05 -35.54 83.78
N UNK L 27 -93.62 -34.32 83.50
CA UNK L 27 -93.88 -33.64 82.24
C UNK L 27 -93.04 -34.19 81.12
N UNK L 28 -92.21 -35.20 81.38
CA UNK L 28 -91.40 -35.80 80.34
C UNK L 28 -92.26 -36.47 79.30
N UNK L 29 -93.28 -37.22 79.73
CA UNK L 29 -94.18 -37.82 78.76
C UNK L 29 -95.02 -36.75 78.08
N UNK L 30 -95.30 -35.64 78.79
CA UNK L 30 -96.09 -34.56 78.22
C UNK L 30 -95.36 -33.88 77.08
N UNK L 31 -94.12 -33.47 77.32
CA UNK L 31 -93.32 -32.90 76.25
C UNK L 31 -92.96 -33.93 75.21
N UNK L 32 -92.91 -35.21 75.58
CA UNK L 32 -92.63 -36.25 74.61
C UNK L 32 -93.75 -36.36 73.60
N UNK L 33 -94.99 -36.39 74.06
CA UNK L 33 -96.09 -36.39 73.12
C UNK L 33 -96.22 -35.06 72.41
N UNK L 34 -95.74 -33.98 73.02
CA UNK L 34 -95.79 -32.69 72.36
C UNK L 34 -94.84 -32.62 71.18
N UNK L 35 -93.64 -33.15 71.35
CA UNK L 35 -92.69 -33.26 70.25
C UNK L 35 -92.84 -34.54 69.48
N UNK L 36 -93.90 -35.30 69.73
CA UNK L 36 -94.23 -36.38 68.82
C UNK L 36 -94.64 -35.85 67.46
N UNK L 37 -95.13 -34.63 67.38
CA UNK L 37 -95.32 -33.97 66.09
C UNK L 37 -94.08 -33.16 65.72
N UNK L 38 -92.96 -33.88 65.63
CA UNK L 38 -91.64 -33.30 65.40
C UNK L 38 -90.61 -34.36 65.03
N UNK L 39 -89.33 -33.99 65.07
CA UNK L 39 -88.22 -34.90 64.85
C UNK L 39 -87.34 -35.10 66.08
N UNK L 40 -86.84 -34.02 66.68
CA UNK L 40 -85.78 -34.19 67.66
C UNK L 40 -86.07 -33.38 68.90
N UNK L 41 -86.35 -34.06 70.01
CA UNK L 41 -86.35 -33.34 71.26
C UNK L 41 -84.92 -33.22 71.74
N UNK L 42 -84.66 -32.25 72.58
CA UNK L 42 -83.33 -32.13 73.18
C UNK L 42 -83.58 -31.78 74.63
N UNK L 43 -83.58 -32.79 75.48
CA UNK L 43 -83.93 -32.59 76.87
C UNK L 43 -82.67 -32.22 77.64
N UNK L 44 -82.63 -31.02 78.20
CA UNK L 44 -81.52 -30.65 79.04
C UNK L 44 -81.84 -30.95 80.50
N UNK L 45 -80.77 -31.17 81.28
CA UNK L 45 -80.67 -31.40 82.72
C UNK L 45 -81.15 -32.77 83.21
N UNK L 46 -81.91 -33.51 82.41
CA UNK L 46 -81.91 -34.98 82.22
C UNK L 46 -81.45 -35.89 83.36
N UNK L 47 -81.94 -35.73 84.57
CA UNK L 47 -81.34 -36.49 85.66
C UNK L 47 -81.89 -37.90 85.76
N UNK L 48 -83.20 -38.03 85.86
CA UNK L 48 -83.83 -39.32 85.78
C UNK L 48 -84.45 -39.56 84.42
N UNK L 49 -84.63 -38.50 83.65
CA UNK L 49 -85.24 -38.64 82.33
C UNK L 49 -84.35 -39.43 81.39
N UNK L 50 -83.08 -39.03 81.30
CA UNK L 50 -82.16 -39.72 80.41
C UNK L 50 -81.93 -41.14 80.86
N UNK L 51 -81.92 -41.37 82.16
CA UNK L 51 -81.67 -42.69 82.68
C UNK L 51 -82.81 -43.63 82.35
N UNK L 52 -84.05 -43.22 82.66
CA UNK L 52 -85.17 -44.09 82.39
C UNK L 52 -85.38 -44.26 80.89
N UNK L 53 -85.08 -43.22 80.10
CA UNK L 53 -85.24 -43.36 78.67
C UNK L 53 -84.21 -44.29 78.07
N UNK L 54 -82.98 -44.24 78.57
CA UNK L 54 -81.96 -45.12 78.03
C UNK L 54 -82.19 -46.55 78.45
N UNK L 55 -82.69 -46.77 79.66
CA UNK L 55 -82.95 -48.14 80.07
C UNK L 55 -84.09 -48.73 79.27
N UNK L 56 -85.12 -47.92 79.00
CA UNK L 56 -86.21 -48.40 78.16
C UNK L 56 -85.74 -48.66 76.75
N UNK L 57 -84.86 -47.81 76.23
CA UNK L 57 -84.42 -48.01 74.86
C UNK L 57 -83.52 -49.21 74.73
N UNK L 58 -82.68 -49.47 75.72
CA UNK L 58 -81.75 -50.57 75.60
C UNK L 58 -82.37 -51.89 75.96
N UNK L 59 -83.46 -51.90 76.71
CA UNK L 59 -84.20 -53.14 76.88
C UNK L 59 -85.58 -52.98 76.28
N UNK L 60 -85.65 -52.35 75.12
CA UNK L 60 -86.91 -52.07 74.48
C UNK L 60 -87.31 -53.07 73.42
N UNK L 61 -86.41 -53.95 73.00
CA UNK L 61 -86.75 -54.88 71.93
C UNK L 61 -86.90 -56.31 72.42
N UNK L 62 -85.89 -56.86 73.09
CA UNK L 62 -85.99 -58.25 73.51
C UNK L 62 -86.90 -58.39 74.69
N UNK L 63 -86.80 -57.46 75.64
CA UNK L 63 -87.64 -57.52 76.81
C UNK L 63 -89.08 -57.16 76.50
N UNK L 64 -89.36 -56.66 75.30
CA UNK L 64 -90.71 -56.55 74.80
C UNK L 64 -91.13 -57.76 74.02
N UNK L 65 -90.21 -58.34 73.26
CA UNK L 65 -90.53 -59.48 72.44
C UNK L 65 -90.88 -60.68 73.29
N UNK L 66 -90.29 -60.79 74.47
CA UNK L 66 -90.68 -61.94 75.29
C UNK L 66 -91.98 -61.64 76.04
N UNK L 67 -91.95 -60.72 77.00
CA UNK L 67 -92.94 -60.77 78.06
C UNK L 67 -93.88 -59.57 78.12
N UNK L 68 -93.37 -58.37 78.41
CA UNK L 68 -94.11 -57.27 79.01
C UNK L 68 -94.96 -57.76 80.19
N UNK L 69 -94.26 -58.17 81.23
CA UNK L 69 -94.89 -58.71 82.43
C UNK L 69 -95.37 -57.59 83.34
N UNK L 70 -96.15 -57.97 84.35
CA UNK L 70 -96.51 -57.07 85.44
C UNK L 70 -95.82 -57.55 86.71
N UNK L 71 -95.13 -56.67 87.39
CA UNK L 71 -94.14 -57.09 88.37
C UNK L 71 -94.52 -56.66 89.77
N UNK L 72 -94.99 -57.60 90.58
CA UNK L 72 -95.11 -57.37 92.01
C UNK L 72 -93.74 -57.37 92.66
N UNK L 73 -93.61 -56.66 93.78
CA UNK L 73 -92.31 -56.56 94.41
C UNK L 73 -92.45 -56.52 95.92
N UNK L 74 -91.63 -57.30 96.61
CA UNK L 74 -91.57 -57.26 98.06
C UNK L 74 -90.11 -57.09 98.39
N UNK L 75 -89.64 -55.85 98.43
CA UNK L 75 -88.22 -55.60 98.57
C UNK L 75 -87.94 -54.96 99.92
N UNK L 76 -86.89 -55.47 100.56
CA UNK L 76 -86.37 -54.90 101.79
C UNK L 76 -85.23 -53.97 101.43
N UNK L 77 -85.08 -52.92 102.20
CA UNK L 77 -84.51 -51.71 101.64
C UNK L 77 -82.99 -51.68 101.71
N UNK L 78 -82.35 -52.84 101.62
CA UNK L 78 -80.94 -52.93 101.97
C UNK L 78 -79.99 -52.14 101.07
N UNK L 79 -79.84 -52.55 99.82
CA UNK L 79 -78.71 -52.10 99.03
C UNK L 79 -79.13 -51.15 97.92
N UNK L 80 -80.01 -51.62 97.04
CA UNK L 80 -80.42 -50.84 95.89
C UNK L 80 -81.23 -49.62 96.28
N UNK L 81 -81.80 -49.61 97.48
CA UNK L 81 -82.76 -48.60 97.92
C UNK L 81 -82.18 -47.22 98.03
N UNK L 82 -80.87 -47.06 97.96
CA UNK L 82 -80.34 -45.81 97.44
C UNK L 82 -79.06 -46.15 96.69
N UNK L 83 -79.21 -46.54 95.43
CA UNK L 83 -78.06 -47.09 94.73
C UNK L 83 -78.34 -47.20 93.24
N UNK L 84 -77.44 -47.88 92.56
CA UNK L 84 -77.36 -47.98 91.12
C UNK L 84 -77.97 -49.28 90.62
N UNK L 85 -78.51 -49.23 89.41
CA UNK L 85 -79.07 -50.40 88.77
C UNK L 85 -78.02 -51.24 88.08
N UNK L 86 -76.75 -50.90 88.24
CA UNK L 86 -75.61 -51.73 87.88
C UNK L 86 -75.53 -52.01 86.40
N UNK L 87 -75.91 -51.06 85.59
CA UNK L 87 -75.58 -51.12 84.19
C UNK L 87 -75.23 -49.77 83.62
N UNK L 88 -75.23 -48.72 84.43
CA UNK L 88 -75.03 -47.38 83.91
C UNK L 88 -73.58 -47.08 83.63
N UNK L 89 -72.68 -47.59 84.46
CA UNK L 89 -71.30 -47.14 84.46
C UNK L 89 -70.47 -47.67 83.31
N UNK L 90 -71.08 -48.36 82.36
CA UNK L 90 -70.34 -48.71 81.17
C UNK L 90 -71.05 -48.33 79.89
N UNK L 91 -72.35 -48.11 79.90
CA UNK L 91 -73.04 -47.62 78.72
C UNK L 91 -73.15 -46.11 78.70
N UNK L 92 -73.53 -45.48 79.81
CA UNK L 92 -73.38 -44.04 79.91
C UNK L 92 -72.04 -43.68 80.55
N UNK L 93 -71.01 -44.35 80.07
CA UNK L 93 -69.70 -43.76 79.83
C UNK L 93 -69.80 -43.40 78.37
N UNK L 94 -70.28 -42.18 78.12
CA UNK L 94 -71.02 -41.84 76.91
C UNK L 94 -70.18 -41.94 75.66
N UNK L 95 -70.75 -42.52 74.61
CA UNK L 95 -70.11 -42.58 73.31
C UNK L 95 -70.56 -41.46 72.39
N UNK L 96 -71.86 -41.17 72.38
CA UNK L 96 -72.43 -39.92 71.88
C UNK L 96 -72.16 -39.70 70.40
N UNK L 97 -72.64 -40.61 69.58
CA UNK L 97 -72.26 -40.59 68.17
C UNK L 97 -73.48 -40.96 67.34
N UNK L 98 -74.11 -39.96 66.77
CA UNK L 98 -75.28 -40.23 65.97
C UNK L 98 -75.51 -39.06 65.03
N UNK L 99 -76.68 -39.09 64.42
CA UNK L 99 -77.34 -38.07 63.65
C UNK L 99 -78.78 -38.53 63.61
N UNK L 100 -79.54 -38.03 62.65
CA UNK L 100 -80.86 -38.58 62.37
C UNK L 100 -80.73 -39.70 61.33
N UNK L 101 -80.28 -40.84 61.79
CA UNK L 101 -79.97 -41.96 60.89
C UNK L 101 -81.13 -42.95 60.78
N UNK L 102 -82.33 -42.43 60.50
CA UNK L 102 -83.45 -43.31 60.19
C UNK L 102 -84.42 -42.64 59.23
N UNK L 103 -83.89 -41.87 58.27
CA UNK L 103 -84.70 -41.01 57.41
C UNK L 103 -85.75 -41.80 56.64
N UNK L 104 -86.96 -41.25 56.56
CA UNK L 104 -88.14 -42.10 56.38
C UNK L 104 -89.00 -41.79 55.17
N UNK L 105 -88.37 -41.64 54.00
CA UNK L 105 -89.04 -41.68 52.68
C UNK L 105 -90.15 -40.66 52.47
N UNK L 106 -30.86 -77.40 175.38
CA UNK L 106 -31.11 -76.66 174.15
C UNK L 106 -32.36 -77.19 173.46
N UNK L 107 -32.75 -78.42 173.82
CA UNK L 107 -33.84 -79.08 173.13
C UNK L 107 -34.48 -80.08 174.10
N UNK L 108 -35.81 -80.16 174.13
CA UNK L 108 -36.71 -79.33 173.33
C UNK L 108 -36.95 -78.00 174.03
N UNK L 109 -37.48 -78.05 175.25
CA UNK L 109 -37.91 -76.88 176.02
C UNK L 109 -38.82 -76.00 175.17
N UNK L 110 -39.90 -76.62 174.71
CA UNK L 110 -40.90 -76.06 173.79
C UNK L 110 -40.28 -75.57 172.50
N UNK L 111 -39.19 -76.20 172.07
CA UNK L 111 -38.51 -75.69 170.88
C UNK L 111 -37.88 -76.89 170.17
N UNK L 112 -38.61 -77.43 169.21
CA UNK L 112 -38.15 -78.59 168.45
C UNK L 112 -39.00 -78.71 167.20
N UNK L 113 -38.55 -79.58 166.29
CA UNK L 113 -39.25 -80.00 165.07
C UNK L 113 -39.65 -78.85 164.16
N UNK L 114 -66.64 -44.76 153.47
CA UNK L 114 -66.62 -46.00 154.23
C UNK L 114 -67.53 -47.03 153.60
N UNK L 115 -68.53 -46.55 152.88
CA UNK L 115 -69.50 -47.43 152.23
C UNK L 115 -69.10 -47.80 150.81
N UNK L 116 -67.99 -47.30 150.30
CA UNK L 116 -67.74 -47.33 148.87
C UNK L 116 -67.16 -48.67 148.43
N UNK L 117 -67.62 -49.12 147.27
CA UNK L 117 -66.94 -50.20 146.57
C UNK L 117 -65.57 -49.76 146.10
N UNK L 118 -65.37 -48.46 145.86
CA UNK L 118 -64.03 -47.96 145.59
C UNK L 118 -63.16 -48.12 146.82
N UNK L 119 -63.71 -47.86 148.00
CA UNK L 119 -62.98 -48.10 149.24
C UNK L 119 -62.75 -49.58 149.46
N UNK L 120 -63.68 -50.41 148.98
CA UNK L 120 -63.51 -51.84 149.03
C UNK L 120 -62.34 -52.28 148.15
N UNK L 121 -62.41 -51.98 146.85
CA UNK L 121 -61.41 -52.42 145.87
C UNK L 121 -60.04 -51.80 146.11
N UNK L 122 -59.97 -50.77 146.95
CA UNK L 122 -58.70 -50.42 147.60
C UNK L 122 -58.44 -51.36 148.78
N UNK L 123 -58.22 -52.63 148.47
CA UNK L 123 -57.84 -53.59 149.52
C UNK L 123 -56.58 -54.41 149.28
N UNK L 124 -56.35 -55.06 148.11
CA UNK L 124 -57.04 -55.08 146.81
C UNK L 124 -57.23 -56.46 146.14
N UNK L 125 -57.84 -57.43 146.82
CA UNK L 125 -58.05 -58.75 146.21
C UNK L 125 -59.22 -58.75 145.22
N UNK L 126 -59.64 -59.94 144.77
CA UNK L 126 -60.65 -60.10 143.73
C UNK L 126 -61.87 -60.93 144.14
N UNK L 127 -61.78 -61.68 145.23
CA UNK L 127 -63.03 -62.06 145.88
C UNK L 127 -63.74 -60.83 146.46
N UNK L 128 -63.03 -59.72 146.64
CA UNK L 128 -63.70 -58.43 146.80
C UNK L 128 -64.49 -58.05 145.55
N UNK L 129 -64.10 -58.52 144.36
CA UNK L 129 -64.98 -58.32 143.22
C UNK L 129 -66.12 -59.31 143.23
N UNK L 130 -65.93 -60.43 143.90
CA UNK L 130 -67.09 -61.23 144.24
C UNK L 130 -67.89 -60.64 145.40
N UNK L 131 -67.36 -59.64 146.10
CA UNK L 131 -68.01 -59.04 147.24
C UNK L 131 -68.42 -57.60 147.02
N UNK L 132 -68.21 -57.07 145.81
CA UNK L 132 -68.61 -55.71 145.51
C UNK L 132 -70.12 -55.54 145.44
N UNK L 133 -70.87 -56.63 145.40
CA UNK L 133 -72.32 -56.57 145.51
C UNK L 133 -72.79 -56.15 146.90
N UNK L 134 -71.89 -56.10 147.88
CA UNK L 134 -72.20 -55.45 149.14
C UNK L 134 -72.55 -53.98 148.93
N UNK L 135 -71.85 -53.32 148.01
CA UNK L 135 -72.00 -51.89 147.78
C UNK L 135 -72.81 -51.59 146.54
N UNK L 136 -73.84 -52.38 146.26
CA UNK L 136 -74.76 -52.07 145.19
C UNK L 136 -76.19 -52.35 145.63
N UNK L 137 -64.78 -60.61 171.04
CA UNK L 137 -65.15 -62.00 170.81
C UNK L 137 -65.26 -62.29 169.32
N UNK L 138 -64.12 -62.34 168.64
CA UNK L 138 -64.11 -62.53 167.21
C UNK L 138 -64.29 -64.00 166.85
N UNK L 139 -64.64 -64.23 165.59
CA UNK L 139 -64.48 -65.57 165.03
C UNK L 139 -63.01 -65.97 165.03
N UNK L 140 -62.14 -65.02 164.72
CA UNK L 140 -60.71 -65.23 164.83
C UNK L 140 -60.25 -65.34 166.27
N UNK L 141 -61.05 -64.91 167.25
CA UNK L 141 -60.66 -65.13 168.63
C UNK L 141 -60.72 -66.59 169.00
N UNK L 142 -61.59 -67.35 168.34
CA UNK L 142 -61.57 -68.80 168.47
C UNK L 142 -60.23 -69.36 168.01
N UNK L 143 -59.67 -68.81 166.94
CA UNK L 143 -58.32 -69.17 166.54
C UNK L 143 -57.29 -68.63 167.51
N UNK L 144 -57.51 -67.44 168.05
CA UNK L 144 -56.54 -66.81 168.94
C UNK L 144 -56.46 -67.51 170.28
N UNK L 145 -57.46 -68.32 170.61
CA UNK L 145 -57.32 -69.27 171.70
C UNK L 145 -56.94 -70.66 171.21
N UNK L 146 -57.32 -71.01 169.97
CA UNK L 146 -57.18 -72.37 169.50
C UNK L 146 -55.74 -72.67 169.11
N UNK L 147 -55.15 -71.80 168.29
CA UNK L 147 -53.73 -71.91 167.99
C UNK L 147 -52.88 -71.65 169.22
N UNK L 148 -53.40 -70.88 170.17
CA UNK L 148 -52.73 -70.70 171.45
C UNK L 148 -52.66 -72.03 172.21
N UNK L 149 -53.77 -72.76 172.24
CA UNK L 149 -53.76 -74.08 172.85
C UNK L 149 -52.94 -75.07 172.06
N UNK L 150 -52.85 -74.87 170.75
CA UNK L 150 -52.12 -75.80 169.90
C UNK L 150 -50.63 -75.52 169.85
N UNK L 151 -50.20 -74.33 170.24
CA UNK L 151 -48.79 -74.00 170.18
C UNK L 151 -48.16 -73.76 171.55
N UNK L 152 -48.89 -73.16 172.49
CA UNK L 152 -48.42 -72.94 173.84
C UNK L 152 -48.73 -74.10 174.76
N UNK L 153 -48.88 -75.30 174.22
CA UNK L 153 -49.05 -76.50 175.02
C UNK L 153 -47.75 -77.22 175.28
N UNK L 154 -46.72 -76.97 174.47
CA UNK L 154 -45.42 -77.55 174.75
C UNK L 154 -44.83 -76.99 176.03
N UNK L 155 -45.18 -75.76 176.37
CA UNK L 155 -44.85 -75.20 177.68
C UNK L 155 -45.93 -74.22 178.09
N UNK L 156 -20.44 -45.68 162.06
CA UNK L 156 -20.89 -45.89 160.70
C UNK L 156 -22.41 -45.83 160.62
N UNK L 157 -23.06 -45.80 161.76
CA UNK L 157 -24.50 -45.59 161.71
C UNK L 157 -24.97 -44.47 162.62
N UNK L 158 -24.41 -44.33 163.81
CA UNK L 158 -25.06 -43.46 164.80
C UNK L 158 -24.65 -42.01 164.66
N UNK L 159 -23.39 -41.71 165.02
CA UNK L 159 -22.87 -40.34 165.19
C UNK L 159 -23.80 -39.44 166.01
N UNK L 160 -24.57 -40.00 166.94
CA UNK L 160 -25.67 -39.28 167.53
C UNK L 160 -25.24 -38.57 168.79
N UNK L 161 -25.59 -37.29 168.88
CA UNK L 161 -25.28 -36.47 170.03
C UNK L 161 -26.52 -36.28 170.86
N UNK L 162 -26.33 -35.82 172.08
CA UNK L 162 -27.42 -35.70 173.04
C UNK L 162 -27.53 -34.28 173.54
N UNK L 163 -28.51 -34.06 174.41
CA UNK L 163 -28.67 -32.83 175.15
C UNK L 163 -29.50 -33.15 176.38
N UNK L 164 -29.51 -32.22 177.33
CA UNK L 164 -30.27 -32.41 178.56
C UNK L 164 -31.44 -31.43 178.66
N UNK L 165 -31.15 -30.13 178.63
CA UNK L 165 -32.14 -29.03 178.53
C UNK L 165 -33.18 -29.08 179.66
N UNK L 166 -32.71 -28.93 180.89
CA UNK L 166 -33.56 -28.99 182.05
C UNK L 166 -33.93 -27.58 182.52
N UNK L 167 -34.99 -27.53 183.34
CA UNK L 167 -35.44 -26.34 184.08
C UNK L 167 -35.80 -25.16 183.16
N UNK L 168 -36.92 -25.26 182.43
CA UNK L 168 -37.92 -26.35 182.47
C UNK L 168 -38.46 -26.74 181.08
N UNK L 169 -38.23 -25.91 180.08
CA UNK L 169 -38.88 -26.04 178.78
C UNK L 169 -37.87 -26.35 177.68
N UNK L 170 -38.32 -27.14 176.70
CA UNK L 170 -37.44 -27.79 175.72
C UNK L 170 -37.01 -26.81 174.63
N UNK L 171 -36.12 -27.30 173.76
CA UNK L 171 -35.71 -26.56 172.58
C UNK L 171 -36.13 -27.27 171.29
N UNK L 172 -35.67 -28.50 171.10
CA UNK L 172 -35.78 -29.17 169.80
C UNK L 172 -35.47 -30.65 169.98
N UNK L 173 -35.76 -31.42 168.94
CA UNK L 173 -35.46 -32.84 168.93
C UNK L 173 -34.94 -33.28 167.58
N UNK L 174 -34.03 -32.50 166.99
CA UNK L 174 -33.84 -32.59 165.56
C UNK L 174 -32.94 -33.76 165.18
N UNK L 175 -32.93 -34.09 163.89
CA UNK L 175 -32.16 -35.23 163.44
C UNK L 175 -31.69 -35.00 162.02
N UNK L 176 -30.39 -34.99 161.81
CA UNK L 176 -29.82 -34.82 160.49
C UNK L 176 -29.64 -36.21 159.88
N UNK L 177 -30.41 -36.50 158.85
CA UNK L 177 -30.41 -37.82 158.24
C UNK L 177 -29.77 -37.71 156.87
N UNK L 178 -28.58 -38.25 156.71
CA UNK L 178 -27.90 -38.20 155.43
C UNK L 178 -28.33 -39.40 154.62
N UNK L 179 -28.70 -39.17 153.36
CA UNK L 179 -29.00 -40.25 152.44
C UNK L 179 -27.71 -40.66 151.75
N UNK L 180 -27.79 -41.37 150.63
CA UNK L 180 -26.64 -41.99 149.99
C UNK L 180 -25.67 -40.95 149.43
N UNK L 181 -24.59 -41.46 148.86
CA UNK L 181 -23.44 -40.65 148.49
C UNK L 181 -23.40 -40.42 146.98
N UNK L 182 -22.91 -39.26 146.53
CA UNK L 182 -22.60 -38.04 147.28
C UNK L 182 -22.88 -36.85 146.37
N UNK L 183 -22.37 -35.67 146.77
CA UNK L 183 -22.25 -34.47 145.93
C UNK L 183 -23.61 -34.00 145.42
N UNK L 184 -24.45 -33.60 146.36
CA UNK L 184 -25.80 -33.16 146.04
C UNK L 184 -26.27 -32.22 147.14
N UNK L 185 -27.56 -31.95 147.19
CA UNK L 185 -28.10 -30.84 147.96
C UNK L 185 -28.51 -31.28 149.36
N UNK L 186 -29.21 -30.37 150.03
CA UNK L 186 -29.78 -30.63 151.33
C UNK L 186 -31.23 -30.20 151.30
N UNK L 187 -32.01 -30.76 152.21
CA UNK L 187 -33.41 -30.38 152.37
C UNK L 187 -33.78 -30.50 153.83
N UNK L 188 -34.28 -29.42 154.41
CA UNK L 188 -34.58 -29.35 155.84
C UNK L 188 -36.09 -29.51 156.02
N UNK L 189 -36.54 -30.75 156.10
CA UNK L 189 -37.95 -31.02 156.33
C UNK L 189 -38.28 -30.66 157.78
N UNK L 190 -39.00 -29.57 157.95
CA UNK L 190 -39.54 -29.23 159.26
C UNK L 190 -40.83 -30.01 159.40
N UNK L 191 -40.77 -31.16 160.05
CA UNK L 191 -41.97 -31.94 160.25
C UNK L 191 -42.87 -31.24 161.25
N UNK L 192 -44.16 -31.13 160.92
CA UNK L 192 -45.13 -30.70 161.91
C UNK L 192 -45.18 -31.75 163.00
N UNK L 193 -45.71 -32.92 162.68
CA UNK L 193 -45.34 -34.14 163.40
C UNK L 193 -45.38 -35.35 162.46
N UNK L 194 -45.37 -35.11 161.15
CA UNK L 194 -46.17 -35.85 160.18
C UNK L 194 -46.02 -37.36 160.14
N UNK L 195 -44.86 -37.85 159.67
CA UNK L 195 -44.60 -39.28 159.38
C UNK L 195 -45.67 -39.91 158.50
N UNK L 196 -46.16 -39.15 157.52
CA UNK L 196 -47.05 -39.69 156.51
C UNK L 196 -46.51 -39.54 155.10
N UNK L 197 -46.07 -38.33 154.75
CA UNK L 197 -45.30 -38.10 153.53
C UNK L 197 -43.81 -38.18 153.81
N UNK L 198 -43.42 -38.88 154.87
CA UNK L 198 -42.01 -39.01 155.20
C UNK L 198 -41.29 -39.77 154.11
N UNK L 199 -41.88 -40.87 153.65
CA UNK L 199 -41.31 -41.61 152.54
C UNK L 199 -41.38 -40.79 151.26
N UNK L 200 -42.36 -39.89 151.16
CA UNK L 200 -42.47 -39.05 149.98
C UNK L 200 -41.32 -38.07 149.90
N UNK L 201 -41.05 -37.38 150.99
CA UNK L 201 -39.90 -36.48 151.00
C UNK L 201 -38.59 -37.24 150.96
N UNK L 202 -38.55 -38.49 151.43
CA UNK L 202 -37.33 -39.27 151.30
C UNK L 202 -37.06 -39.61 149.85
N UNK L 203 -38.10 -39.98 149.11
CA UNK L 203 -37.92 -40.19 147.69
C UNK L 203 -37.70 -38.89 146.96
N UNK L 204 -38.09 -37.76 147.55
CA UNK L 204 -37.74 -36.48 146.96
C UNK L 204 -36.26 -36.19 147.16
N UNK L 205 -35.75 -36.43 148.35
CA UNK L 205 -34.34 -36.20 148.62
C UNK L 205 -33.46 -37.31 148.10
N UNK L 206 -34.04 -38.33 147.48
CA UNK L 206 -33.25 -39.29 146.73
C UNK L 206 -32.49 -38.63 145.59
N UNK L 207 -33.00 -37.52 145.08
CA UNK L 207 -32.20 -36.72 144.17
C UNK L 207 -31.18 -35.87 144.90
N UNK L 208 -31.37 -35.66 146.20
CA UNK L 208 -30.49 -34.83 147.00
C UNK L 208 -29.42 -35.67 147.71
N UNK L 209 -28.76 -35.09 148.72
CA UNK L 209 -27.78 -35.79 149.57
C UNK L 209 -28.17 -35.84 151.04
N UNK L 210 -28.58 -34.72 151.63
CA UNK L 210 -28.71 -34.67 153.08
C UNK L 210 -30.04 -34.07 153.49
N UNK L 211 -30.87 -34.84 154.17
CA UNK L 211 -32.08 -34.30 154.73
C UNK L 211 -31.87 -33.97 156.20
N UNK L 212 -32.76 -33.15 156.73
CA UNK L 212 -32.71 -32.82 158.14
C UNK L 212 -34.13 -32.65 158.66
N UNK L 213 -34.52 -33.48 159.61
CA UNK L 213 -35.86 -33.44 160.16
C UNK L 213 -35.88 -32.59 161.42
N UNK L 214 -36.84 -31.69 161.52
CA UNK L 214 -36.98 -30.84 162.69
C UNK L 214 -37.94 -31.48 163.69
N UNK L 215 -37.36 -32.03 164.76
CA UNK L 215 -37.93 -32.53 166.00
C UNK L 215 -38.68 -33.86 165.87
N UNK L 216 -39.22 -34.14 164.70
CA UNK L 216 -39.38 -35.45 164.09
C UNK L 216 -40.21 -36.51 164.82
N UNK L 217 -40.18 -36.53 166.15
CA UNK L 217 -41.18 -37.05 167.09
C UNK L 217 -41.71 -38.47 166.88
N UNK L 218 -41.75 -38.96 165.66
CA UNK L 218 -42.05 -40.35 165.36
C UNK L 218 -41.27 -40.77 164.13
N UNK L 219 -40.94 -39.78 163.30
CA UNK L 219 -40.33 -40.07 162.02
C UNK L 219 -38.91 -40.53 162.20
N UNK L 220 -38.14 -39.78 162.99
CA UNK L 220 -36.79 -40.22 163.32
C UNK L 220 -36.81 -41.46 164.18
N UNK L 221 -37.88 -41.67 164.96
CA UNK L 221 -38.01 -42.89 165.75
C UNK L 221 -38.10 -44.12 164.85
N UNK L 222 -39.03 -44.10 163.89
CA UNK L 222 -39.15 -45.22 162.96
C UNK L 222 -37.95 -45.32 162.03
N UNK L 223 -37.36 -44.18 161.67
CA UNK L 223 -36.17 -44.17 160.83
C UNK L 223 -35.00 -44.81 161.54
N UNK L 224 -34.81 -44.48 162.81
CA UNK L 224 -33.75 -45.07 163.60
C UNK L 224 -34.03 -46.53 163.84
N UNK L 225 -35.31 -46.89 163.99
CA UNK L 225 -35.67 -48.28 164.18
C UNK L 225 -35.28 -49.11 162.97
N UNK L 226 -35.51 -48.59 161.78
CA UNK L 226 -35.05 -49.28 160.58
C UNK L 226 -33.53 -49.30 160.52
N UNK L 227 -32.91 -48.14 160.75
CA UNK L 227 -31.49 -47.99 160.50
C UNK L 227 -30.65 -48.81 161.47
N UNK L 228 -31.17 -49.07 162.66
CA UNK L 228 -30.40 -49.84 163.63
C UNK L 228 -30.41 -51.31 163.28
N UNK L 229 -31.59 -51.91 163.27
CA UNK L 229 -31.68 -53.34 163.11
C UNK L 229 -31.64 -53.78 161.65
N UNK L 230 -31.46 -52.85 160.70
CA UNK L 230 -31.45 -53.17 159.29
C UNK L 230 -30.39 -54.19 158.89
N UNK L 231 -29.11 -53.84 159.02
CA UNK L 231 -28.07 -54.79 158.67
C UNK L 231 -27.98 -55.93 159.66
N UNK L 232 -28.48 -55.74 160.87
CA UNK L 232 -28.52 -56.78 161.89
C UNK L 232 -29.41 -57.93 161.45
N UNK L 233 -30.71 -57.65 161.34
CA UNK L 233 -31.65 -58.69 160.97
C UNK L 233 -31.64 -58.97 159.49
N UNK L 234 -30.92 -58.16 158.70
CA UNK L 234 -30.90 -58.33 157.24
C UNK L 234 -30.25 -59.64 156.83
N UNK L 235 -29.34 -60.16 157.64
CA UNK L 235 -28.79 -61.49 157.41
C UNK L 235 -29.75 -62.60 157.77
N UNK L 236 -30.96 -62.29 158.21
CA UNK L 236 -32.02 -63.28 158.38
C UNK L 236 -33.09 -63.17 157.31
N UNK L 237 -33.60 -61.95 157.06
CA UNK L 237 -34.57 -61.62 156.01
C UNK L 237 -35.88 -62.42 156.18
N UNK L 238 -36.59 -62.12 157.27
CA UNK L 238 -37.75 -62.90 157.66
C UNK L 238 -39.04 -62.09 157.57
N UNK L 239 -40.17 -62.79 157.62
CA UNK L 239 -41.51 -62.22 157.63
C UNK L 239 -42.34 -62.87 158.73
N UNK L 240 -43.49 -62.30 159.03
CA UNK L 240 -44.19 -62.73 160.24
C UNK L 240 -45.69 -62.61 160.07
N UNK L 241 -46.41 -62.86 161.17
CA UNK L 241 -47.87 -62.78 161.21
C UNK L 241 -48.26 -62.63 162.66
N UNK L 242 -48.78 -61.46 163.04
CA UNK L 242 -48.96 -61.09 164.43
C UNK L 242 -50.44 -61.04 164.77
N UNK L 243 -50.89 -61.94 165.62
CA UNK L 243 -52.27 -61.92 166.12
C UNK L 243 -52.17 -61.84 167.63
N UNK L 244 -51.99 -60.64 168.16
CA UNK L 244 -51.59 -60.44 169.54
C UNK L 244 -52.81 -60.17 170.41
N UNK L 245 -52.90 -60.88 171.52
CA UNK L 245 -54.02 -60.76 172.45
C UNK L 245 -53.87 -59.47 173.25
N UNK L 246 -54.24 -58.36 172.61
CA UNK L 246 -53.89 -57.05 173.14
C UNK L 246 -54.71 -56.72 174.38
N UNK L 247 -54.21 -57.20 175.52
CA UNK L 247 -54.86 -57.01 176.81
C UNK L 247 -54.15 -56.02 177.71
N UNK L 248 -52.87 -55.74 177.45
CA UNK L 248 -52.13 -54.72 178.19
C UNK L 248 -52.11 -53.42 177.41
N UNK L 249 -53.24 -53.08 176.79
CA UNK L 249 -53.30 -52.08 175.73
C UNK L 249 -53.03 -50.70 176.31
N UNK L 250 -51.78 -50.28 176.19
CA UNK L 250 -51.29 -49.00 176.63
C UNK L 250 -50.19 -48.64 175.65
N UNK L 251 -49.29 -47.74 176.05
CA UNK L 251 -48.17 -47.38 175.18
C UNK L 251 -47.25 -48.57 174.95
N UNK L 252 -46.91 -48.79 173.69
CA UNK L 252 -45.93 -49.82 173.35
C UNK L 252 -44.54 -49.21 173.41
N UNK L 253 -43.54 -49.89 172.89
CA UNK L 253 -42.16 -49.49 173.11
C UNK L 253 -41.44 -49.29 171.78
N UNK L 254 -40.17 -48.96 171.89
CA UNK L 254 -39.34 -48.52 170.78
C UNK L 254 -37.90 -48.93 171.08
N UNK L 255 -36.94 -48.31 170.40
CA UNK L 255 -35.52 -48.60 170.59
C UNK L 255 -34.72 -47.31 170.75
N UNK L 256 -35.20 -46.42 171.63
CA UNK L 256 -34.49 -45.19 171.94
C UNK L 256 -33.23 -45.47 172.74
N UNK L 257 -51.17 -62.30 177.02
CA UNK L 257 -50.16 -62.72 176.06
C UNK L 257 -50.22 -61.83 174.85
N UNK L 258 -49.24 -61.96 173.95
CA UNK L 258 -49.28 -61.27 172.66
C UNK L 258 -48.71 -62.23 171.63
N UNK L 259 -49.58 -62.93 170.91
CA UNK L 259 -49.15 -64.00 170.03
C UNK L 259 -48.72 -63.45 168.68
N UNK L 260 -47.55 -63.88 168.22
CA UNK L 260 -47.10 -63.58 166.88
C UNK L 260 -46.31 -64.79 166.39
N UNK L 261 -46.71 -65.33 165.26
CA UNK L 261 -46.01 -66.43 164.64
C UNK L 261 -45.22 -65.88 163.46
N UNK L 262 -43.90 -65.99 163.52
CA UNK L 262 -43.06 -65.55 162.43
C UNK L 262 -42.71 -66.73 161.55
N UNK L 263 -42.77 -66.52 160.24
CA UNK L 263 -42.54 -67.58 159.29
C UNK L 263 -41.74 -66.99 158.14
N UNK L 264 -40.49 -67.41 158.00
CA UNK L 264 -39.70 -66.95 156.87
C UNK L 264 -40.24 -67.60 155.61
N UNK L 265 -41.22 -66.94 154.98
CA UNK L 265 -42.13 -67.60 154.05
C UNK L 265 -41.44 -67.97 152.74
N UNK L 266 -40.55 -68.92 152.81
CA UNK L 266 -39.78 -69.31 151.64
C UNK L 266 -39.86 -70.80 151.34
N UNK L 267 -39.84 -71.65 152.36
CA UNK L 267 -39.62 -73.07 152.11
C UNK L 267 -40.13 -73.90 153.29
N UNK L 268 -39.65 -75.13 153.38
CA UNK L 268 -39.98 -76.12 154.39
C UNK L 268 -38.71 -76.48 155.18
N UNK L 269 -38.81 -76.92 156.44
CA UNK L 269 -40.02 -77.07 157.26
C UNK L 269 -39.89 -76.75 158.76
N UNK L 270 -38.72 -76.34 159.24
CA UNK L 270 -38.45 -76.39 160.68
C UNK L 270 -39.23 -75.33 161.46
N UNK L 271 -39.61 -75.68 162.69
CA UNK L 271 -40.45 -74.83 163.54
C UNK L 271 -39.91 -74.78 164.96
N UNK L 272 -40.24 -73.70 165.66
CA UNK L 272 -39.83 -73.51 167.06
C UNK L 272 -40.85 -72.65 167.79
N UNK L 273 -40.61 -72.47 169.09
CA UNK L 273 -41.53 -71.67 169.91
C UNK L 273 -40.81 -71.17 171.16
N UNK L 274 -41.23 -70.00 171.65
CA UNK L 274 -40.70 -69.42 172.89
C UNK L 274 -41.66 -68.35 173.39
N UNK L 275 -41.33 -67.77 174.56
CA UNK L 275 -41.93 -66.60 175.20
C UNK L 275 -41.15 -66.26 176.47
N UNK L 276 -41.03 -64.99 176.92
CA UNK L 276 -41.39 -63.73 176.25
C UNK L 276 -40.45 -62.60 176.69
N UNK L 277 -39.32 -62.38 176.01
CA UNK L 277 -38.38 -61.41 176.59
C UNK L 277 -37.53 -60.61 175.61
N UNK L 278 -37.89 -60.52 174.33
CA UNK L 278 -37.21 -59.70 173.31
C UNK L 278 -35.76 -60.06 173.01
N UNK L 279 -35.20 -61.06 173.68
CA UNK L 279 -33.85 -61.50 173.40
C UNK L 279 -33.81 -62.48 172.24
N UNK L 280 -34.97 -62.81 171.68
CA UNK L 280 -35.10 -63.88 170.73
C UNK L 280 -34.70 -63.49 169.34
N UNK L 281 -33.93 -62.43 169.14
CA UNK L 281 -33.30 -62.25 167.85
C UNK L 281 -32.25 -63.32 167.61
N UNK L 282 -31.63 -63.84 168.66
CA UNK L 282 -30.71 -64.97 168.51
C UNK L 282 -31.47 -66.23 168.15
N UNK L 283 -32.59 -66.49 168.81
CA UNK L 283 -33.44 -67.62 168.44
C UNK L 283 -34.00 -67.43 167.04
N UNK L 284 -34.25 -66.19 166.64
CA UNK L 284 -34.69 -65.91 165.28
C UNK L 284 -33.58 -66.16 164.28
N UNK L 285 -32.33 -65.94 164.68
CA UNK L 285 -31.22 -66.30 163.82
C UNK L 285 -31.12 -67.81 163.68
N UNK L 286 -31.39 -68.53 164.76
CA UNK L 286 -31.43 -69.99 164.70
C UNK L 286 -32.55 -70.47 163.79
N UNK L 287 -33.71 -69.82 163.88
CA UNK L 287 -34.84 -70.22 163.05
C UNK L 287 -34.61 -69.84 161.59
N UNK L 288 -33.93 -68.72 161.35
CA UNK L 288 -33.63 -68.32 159.99
C UNK L 288 -32.58 -69.23 159.39
N UNK L 289 -31.72 -69.80 160.21
CA UNK L 289 -30.94 -70.93 159.75
C UNK L 289 -31.83 -72.14 159.51
N UNK L 290 -32.88 -72.27 160.30
CA UNK L 290 -33.59 -73.54 160.38
C UNK L 290 -34.60 -73.75 159.25
N UNK L 291 -35.25 -72.69 158.76
CA UNK L 291 -36.25 -72.75 157.69
C UNK L 291 -37.45 -73.63 158.06
N UNK L 292 -38.46 -73.08 158.77
CA UNK L 292 -38.79 -71.66 158.62
C UNK L 292 -39.33 -70.81 159.77
N UNK L 293 -39.81 -71.39 160.87
CA UNK L 293 -40.80 -70.66 161.66
C UNK L 293 -40.47 -70.67 163.14
N UNK L 294 -40.99 -69.63 163.80
CA UNK L 294 -40.86 -69.50 165.24
C UNK L 294 -42.11 -68.83 165.78
N UNK L 295 -42.72 -69.42 166.79
CA UNK L 295 -43.86 -68.80 167.43
C UNK L 295 -43.43 -68.12 168.72
N UNK L 296 -44.10 -67.03 169.04
CA UNK L 296 -43.82 -66.36 170.30
C UNK L 296 -45.09 -65.72 170.82
N UNK L 297 -45.15 -65.56 172.13
CA UNK L 297 -46.24 -64.82 172.76
C UNK L 297 -45.58 -63.81 173.69
N UNK L 298 -45.19 -62.69 173.11
CA UNK L 298 -44.42 -61.67 173.79
C UNK L 298 -45.36 -60.63 174.41
N UNK L 299 -44.77 -59.57 174.96
CA UNK L 299 -45.50 -58.46 175.55
C UNK L 299 -45.21 -57.15 174.86
N UNK L 300 -43.94 -56.83 174.62
CA UNK L 300 -43.59 -55.63 173.87
C UNK L 300 -42.41 -55.90 172.93
N UNK L 301 -42.31 -57.12 172.42
CA UNK L 301 -41.17 -57.54 171.62
C UNK L 301 -41.53 -57.81 170.17
N UNK L 302 -42.63 -58.52 169.96
CA UNK L 302 -43.05 -58.90 168.62
C UNK L 302 -43.45 -57.69 167.78
N UNK L 303 -43.95 -56.65 168.43
CA UNK L 303 -44.20 -55.40 167.74
C UNK L 303 -42.91 -54.80 167.19
N UNK L 304 -41.82 -54.88 167.95
CA UNK L 304 -40.56 -54.36 167.46
C UNK L 304 -40.01 -55.21 166.33
N UNK L 305 -40.20 -56.52 166.43
CA UNK L 305 -39.76 -57.41 165.35
C UNK L 305 -40.56 -57.16 164.08
N UNK L 306 -41.86 -56.89 164.22
CA UNK L 306 -42.68 -56.58 163.04
C UNK L 306 -42.37 -55.21 162.46
N UNK L 307 -42.01 -54.26 163.31
CA UNK L 307 -41.53 -52.98 162.83
C UNK L 307 -40.24 -53.13 162.06
N UNK L 308 -39.41 -54.09 162.44
CA UNK L 308 -38.23 -54.38 161.65
C UNK L 308 -38.60 -55.04 160.32
N UNK L 309 -39.55 -55.95 160.37
CA UNK L 309 -39.80 -56.80 159.21
C UNK L 309 -40.65 -56.15 158.14
N UNK L 310 -41.59 -55.30 158.52
CA UNK L 310 -42.44 -54.64 157.53
C UNK L 310 -41.83 -53.35 157.02
N UNK L 311 -40.51 -53.19 157.15
CA UNK L 311 -39.88 -51.98 156.62
C UNK L 311 -39.70 -52.10 155.12
N UNK L 312 -38.84 -53.04 154.70
CA UNK L 312 -38.47 -53.25 153.29
C UNK L 312 -38.08 -51.94 152.59
N UNK L 313 -37.39 -51.07 153.32
CA UNK L 313 -37.10 -49.72 152.84
C UNK L 313 -35.81 -49.73 152.02
N UNK L 314 -35.86 -50.50 150.93
CA UNK L 314 -34.84 -50.45 149.90
C UNK L 314 -35.14 -49.39 148.87
N UNK L 315 -35.86 -48.33 149.27
CA UNK L 315 -35.93 -47.11 148.48
C UNK L 315 -34.49 -46.64 148.37
N UNK L 316 -33.88 -46.16 149.45
CA UNK L 316 -32.43 -46.31 149.48
C UNK L 316 -31.84 -46.90 150.75
N UNK L 317 -31.82 -46.08 151.81
CA UNK L 317 -30.98 -46.27 153.00
C UNK L 317 -31.15 -45.10 153.94
N UNK L 318 -30.40 -45.10 155.05
CA UNK L 318 -30.16 -43.90 155.85
C UNK L 318 -28.90 -44.12 156.68
N UNK L 319 -28.08 -43.09 156.80
CA UNK L 319 -26.94 -43.08 157.72
C UNK L 319 -27.17 -41.89 158.65
N UNK L 320 -27.95 -42.12 159.70
CA UNK L 320 -28.57 -41.03 160.42
C UNK L 320 -27.59 -40.35 161.37
N UNK L 321 -28.06 -39.27 162.00
CA UNK L 321 -27.46 -38.69 163.19
C UNK L 321 -28.53 -37.86 163.87
N UNK L 322 -28.46 -37.76 165.19
CA UNK L 322 -29.54 -37.16 165.94
C UNK L 322 -29.02 -36.13 166.92
N UNK L 323 -29.94 -35.31 167.43
CA UNK L 323 -29.73 -34.53 168.65
C UNK L 323 -31.14 -34.27 169.19
N UNK L 324 -31.57 -35.06 170.16
CA UNK L 324 -33.01 -35.19 170.40
C UNK L 324 -33.48 -34.67 171.74
N UNK L 325 -33.00 -35.23 172.85
CA UNK L 325 -33.32 -34.83 174.22
C UNK L 325 -34.81 -34.82 174.62
N UNK L 326 -35.72 -35.45 173.86
CA UNK L 326 -37.15 -35.36 174.24
C UNK L 326 -38.02 -36.41 173.58
N UNK L 327 -39.03 -36.86 174.35
CA UNK L 327 -40.42 -37.04 173.90
C UNK L 327 -40.57 -38.06 172.76
N UNK L 328 -40.42 -39.34 173.09
CA UNK L 328 -40.75 -40.40 172.14
C UNK L 328 -41.25 -41.65 172.86
N UNK L 329 -42.58 -41.88 172.87
CA UNK L 329 -43.09 -43.20 173.25
C UNK L 329 -43.97 -43.85 172.18
N UNK L 330 -45.18 -43.33 171.95
CA UNK L 330 -46.02 -43.39 170.73
C UNK L 330 -45.98 -44.63 169.84
N UNK L 331 -46.26 -45.83 170.34
CA UNK L 331 -46.06 -47.02 169.50
C UNK L 331 -47.23 -48.00 169.52
N UNK L 332 -48.39 -47.59 170.02
CA UNK L 332 -49.59 -48.43 169.99
C UNK L 332 -50.49 -48.09 168.82
N UNK L 333 -49.91 -47.68 167.70
CA UNK L 333 -50.66 -47.01 166.66
C UNK L 333 -50.94 -47.91 165.49
N UNK L 334 -51.89 -47.46 164.66
CA UNK L 334 -52.29 -48.15 163.45
C UNK L 334 -52.69 -47.10 162.43
N UNK L 335 -52.27 -47.27 161.17
CA UNK L 335 -51.46 -48.42 160.75
C UNK L 335 -49.97 -48.14 160.69
N UNK L 336 -49.59 -47.24 159.77
CA UNK L 336 -48.20 -46.93 159.40
C UNK L 336 -47.39 -48.16 158.99
N UNK L 337 -48.05 -49.27 158.71
CA UNK L 337 -47.48 -50.60 158.63
C UNK L 337 -48.59 -51.52 158.16
N UNK L 338 -48.33 -52.82 158.13
CA UNK L 338 -49.35 -53.79 157.76
C UNK L 338 -49.03 -55.12 158.44
N UNK L 339 -49.85 -56.13 158.14
CA UNK L 339 -49.59 -57.50 158.52
C UNK L 339 -50.21 -58.39 157.45
N UNK L 340 -49.50 -59.46 157.09
CA UNK L 340 -49.84 -60.21 155.89
C UNK L 340 -51.12 -61.01 156.09
N UNK L 341 -51.10 -61.95 157.01
CA UNK L 341 -52.31 -62.64 157.41
C UNK L 341 -52.22 -62.84 158.91
N UNK L 342 -53.32 -63.34 159.48
CA UNK L 342 -53.48 -63.56 160.91
C UNK L 342 -53.17 -62.31 161.71
N UNK L 343 -53.90 -61.24 161.38
CA UNK L 343 -53.63 -59.93 161.93
C UNK L 343 -54.73 -59.58 162.93
N UNK L 344 -54.55 -60.03 164.17
CA UNK L 344 -55.56 -59.83 165.21
C UNK L 344 -54.91 -59.20 166.43
N UNK L 345 -54.77 -57.89 166.41
CA UNK L 345 -54.42 -57.12 167.59
C UNK L 345 -55.71 -56.48 168.07
N UNK L 346 -56.14 -56.82 169.28
CA UNK L 346 -57.41 -56.34 169.79
C UNK L 346 -57.29 -54.87 170.23
N UNK L 347 -58.41 -54.30 170.64
CA UNK L 347 -58.42 -52.93 171.14
C UNK L 347 -59.62 -52.75 172.06
N UNK L 348 -59.36 -52.81 173.38
CA UNK L 348 -60.35 -52.62 174.44
C UNK L 348 -61.57 -53.53 174.24
N UNK L 349 -61.29 -54.84 174.22
CA UNK L 349 -62.23 -55.92 173.89
C UNK L 349 -62.88 -55.71 172.51
N UNK L 350 -62.02 -55.50 171.52
CA UNK L 350 -62.48 -55.41 170.13
C UNK L 350 -62.79 -56.80 169.57
N UNK L 351 -86.68 -75.09 100.88
CA UNK L 351 -88.11 -75.35 100.85
C UNK L 351 -88.81 -74.65 99.71
N UNK L 352 -98.83 -69.01 97.27
CA UNK L 352 -99.19 -67.61 97.05
C UNK L 352 -99.18 -67.27 95.56
N UNK L 353 -98.56 -66.14 95.22
CA UNK L 353 -98.78 -65.43 93.95
C UNK L 353 -100.27 -65.25 93.70
N UNK L 354 -100.90 -64.52 94.62
CA UNK L 354 -102.33 -64.28 94.55
C UNK L 354 -102.61 -63.14 93.59
N UNK L 355 -103.65 -63.33 92.77
CA UNK L 355 -104.06 -62.32 91.80
C UNK L 355 -105.08 -61.34 92.39
N UNK L 356 -106.25 -61.84 92.80
CA UNK L 356 -107.37 -61.00 93.22
C UNK L 356 -108.09 -61.57 94.45
N UNK L 357 -107.34 -61.95 95.48
CA UNK L 357 -107.86 -62.68 96.62
C UNK L 357 -107.76 -61.81 97.88
N UNK L 358 -107.80 -62.46 99.05
CA UNK L 358 -107.88 -61.86 100.38
C UNK L 358 -106.89 -60.74 100.71
N UNK L 359 -105.88 -60.51 99.87
CA UNK L 359 -105.13 -59.26 99.79
C UNK L 359 -104.26 -58.88 100.99
N UNK L 360 -103.11 -59.53 101.11
CA UNK L 360 -101.91 -58.98 101.77
C UNK L 360 -102.02 -58.89 103.30
N UNK L 361 -102.32 -60.01 103.93
CA UNK L 361 -101.85 -60.28 105.28
C UNK L 361 -101.15 -61.64 105.20
N UNK L 362 -101.70 -62.50 104.36
CA UNK L 362 -100.99 -63.71 103.96
C UNK L 362 -99.71 -63.36 103.20
N UNK L 363 -99.67 -62.21 102.55
CA UNK L 363 -98.43 -61.76 101.95
C UNK L 363 -97.39 -61.44 103.01
N UNK L 364 -97.80 -60.81 104.11
CA UNK L 364 -96.87 -60.58 105.21
C UNK L 364 -96.41 -61.91 105.78
N UNK L 365 -97.30 -62.89 105.83
CA UNK L 365 -96.92 -64.23 106.24
C UNK L 365 -95.93 -64.85 105.28
N UNK L 366 -96.06 -64.59 103.99
CA UNK L 366 -95.12 -65.17 103.03
C UNK L 366 -93.77 -64.51 103.14
N UNK L 367 -93.75 -63.19 103.38
CA UNK L 367 -92.49 -62.49 103.58
C UNK L 367 -91.77 -63.00 104.81
N UNK L 368 -92.52 -63.22 105.90
CA UNK L 368 -91.91 -63.79 107.09
C UNK L 368 -91.49 -65.23 106.86
N UNK L 369 -92.21 -65.96 106.02
CA UNK L 369 -91.86 -67.33 105.72
C UNK L 369 -90.52 -67.41 105.01
N UNK L 370 -90.33 -66.60 103.97
CA UNK L 370 -89.04 -66.63 103.30
C UNK L 370 -87.95 -66.01 104.16
N UNK L 371 -88.31 -65.07 105.04
CA UNK L 371 -87.35 -64.51 105.97
C UNK L 371 -86.81 -65.57 106.91
N UNK L 372 -87.69 -66.42 107.42
CA UNK L 372 -87.22 -67.54 108.21
C UNK L 372 -86.64 -68.64 107.35
N UNK L 373 -86.89 -68.62 106.06
CA UNK L 373 -86.24 -69.56 105.18
C UNK L 373 -84.83 -69.17 104.85
N UNK L 374 -84.46 -67.92 105.05
CA UNK L 374 -83.06 -67.57 104.79
C UNK L 374 -82.20 -67.85 106.02
N UNK L 375 -82.41 -67.10 107.12
CA UNK L 375 -81.62 -67.31 108.34
C UNK L 375 -82.29 -66.64 109.53
N UNK L 376 -82.82 -67.43 110.47
CA UNK L 376 -83.10 -66.93 111.82
C UNK L 376 -82.99 -68.10 112.80
N UNK L 377 -81.77 -68.34 113.30
CA UNK L 377 -81.45 -69.56 114.05
C UNK L 377 -80.07 -69.54 114.68
N UNK L 378 -79.62 -70.74 115.09
CA UNK L 378 -78.26 -71.32 115.17
C UNK L 378 -77.39 -71.13 116.41
N UNK L 379 -77.81 -70.43 117.47
CA UNK L 379 -77.57 -70.78 118.87
C UNK L 379 -76.29 -71.53 119.28
N UNK L 380 -75.12 -71.12 118.81
CA UNK L 380 -73.89 -71.86 119.06
C UNK L 380 -73.30 -71.56 120.44
N UNK L 381 -72.04 -71.93 120.69
CA UNK L 381 -71.44 -71.60 122.00
C UNK L 381 -69.94 -71.35 121.86
N UNK L 382 -69.57 -70.10 121.55
CA UNK L 382 -68.29 -69.56 121.97
C UNK L 382 -68.35 -68.08 122.35
N UNK L 383 -69.08 -67.29 121.55
CA UNK L 383 -68.83 -65.86 121.47
C UNK L 383 -70.11 -65.13 121.13
N UNK L 384 -70.16 -63.86 121.47
CA UNK L 384 -71.41 -63.10 121.52
C UNK L 384 -71.19 -61.69 120.97
N UNK L 385 -72.17 -60.80 121.23
CA UNK L 385 -72.14 -59.43 120.75
C UNK L 385 -72.65 -58.39 121.75
N UNK L 386 -72.98 -58.77 122.98
CA UNK L 386 -73.59 -57.84 123.94
C UNK L 386 -73.07 -58.16 125.34
N UNK L 387 -72.09 -57.38 125.80
CA UNK L 387 -71.31 -57.71 126.98
C UNK L 387 -71.32 -56.56 127.99
N UNK L 388 -72.49 -56.04 128.30
CA UNK L 388 -72.63 -55.11 129.43
C UNK L 388 -72.83 -55.92 130.71
N UNK L 389 -71.78 -56.61 131.12
CA UNK L 389 -71.82 -57.63 132.16
C UNK L 389 -70.92 -57.29 133.33
N UNK L 390 -70.84 -56.01 133.65
CA UNK L 390 -70.43 -55.58 134.98
C UNK L 390 -71.63 -55.28 135.84
N UNK L 391 -72.73 -55.98 135.60
CA UNK L 391 -73.92 -55.92 136.43
C UNK L 391 -74.49 -57.33 136.48
N UNK L 392 -74.58 -57.91 137.68
CA UNK L 392 -74.92 -59.33 137.82
C UNK L 392 -75.77 -59.53 139.08
N UNK L 393 -77.09 -59.59 138.90
CA UNK L 393 -78.02 -59.92 139.98
C UNK L 393 -78.95 -61.06 139.58
N UNK L 394 -78.51 -61.90 138.65
CA UNK L 394 -79.32 -62.93 138.01
C UNK L 394 -78.71 -64.30 138.34
N UNK L 395 -79.18 -65.34 137.65
CA UNK L 395 -78.74 -66.71 137.95
C UNK L 395 -78.63 -67.55 136.70
N UNK L 396 -77.41 -68.04 136.39
CA UNK L 396 -77.19 -69.03 135.35
C UNK L 396 -77.24 -70.42 135.98
N UNK L 397 -76.98 -71.47 135.20
CA UNK L 397 -76.89 -72.81 135.79
C UNK L 397 -75.51 -73.44 135.55
N UNK L 398 -75.06 -73.55 134.31
CA UNK L 398 -73.86 -74.33 134.03
C UNK L 398 -72.95 -73.54 133.09
N UNK L 399 -71.83 -74.16 132.75
CA UNK L 399 -70.85 -73.57 131.83
C UNK L 399 -70.00 -74.71 131.29
N UNK L 400 -68.90 -74.37 130.64
CA UNK L 400 -67.94 -75.34 130.14
C UNK L 400 -66.60 -74.64 130.04
N UNK L 401 -65.63 -75.30 129.42
CA UNK L 401 -64.27 -74.78 129.32
C UNK L 401 -63.52 -75.58 128.27
N UNK L 402 -62.31 -75.12 127.98
CA UNK L 402 -61.37 -75.85 127.12
C UNK L 402 -59.97 -75.28 127.34
N UNK L 403 -59.07 -75.67 126.45
CA UNK L 403 -57.76 -75.06 126.24
C UNK L 403 -57.43 -75.28 124.77
N UNK L 404 -56.18 -75.17 124.41
CA UNK L 404 -55.78 -75.43 123.04
C UNK L 404 -54.99 -76.74 122.93
N UNK L 405 -55.41 -77.74 123.69
CA UNK L 405 -54.55 -78.86 124.00
C UNK L 405 -55.39 -80.12 124.21
N UNK L 406 -54.79 -81.13 124.86
CA UNK L 406 -55.41 -82.43 125.08
C UNK L 406 -54.76 -83.09 126.29
N UNK L 407 -55.51 -83.92 127.05
CA UNK L 407 -56.97 -84.11 127.01
C UNK L 407 -57.69 -84.37 128.35
N UNK L 408 -57.08 -84.12 129.52
CA UNK L 408 -57.66 -84.57 130.80
C UNK L 408 -58.92 -83.74 131.15
N UNK L 409 -59.59 -84.09 132.25
CA UNK L 409 -60.88 -83.43 132.51
C UNK L 409 -61.30 -83.54 133.98
N UNK L 410 -62.16 -82.60 134.38
CA UNK L 410 -62.78 -82.58 135.70
C UNK L 410 -64.09 -81.82 135.65
N UNK L 411 -64.81 -81.85 136.78
CA UNK L 411 -66.09 -81.18 136.89
C UNK L 411 -66.41 -80.88 138.34
N UNK L 412 -67.09 -79.75 138.57
CA UNK L 412 -67.31 -79.21 139.90
C UNK L 412 -68.62 -78.43 139.91
N UNK L 413 -69.11 -78.12 141.12
CA UNK L 413 -70.38 -77.40 141.25
C UNK L 413 -70.49 -76.78 142.63
N UNK L 414 -70.53 -75.45 142.71
CA UNK L 414 -70.80 -74.69 143.93
C UNK L 414 -71.21 -73.28 143.52
N UNK L 415 -71.09 -72.31 144.43
CA UNK L 415 -71.02 -70.91 144.02
C UNK L 415 -69.63 -70.61 143.42
N UNK L 416 -69.34 -69.35 143.12
CA UNK L 416 -68.20 -69.07 142.25
C UNK L 416 -66.91 -68.85 143.02
N UNK L 417 -65.86 -68.52 142.26
CA UNK L 417 -64.61 -67.85 142.59
C UNK L 417 -63.59 -68.75 143.26
N UNK L 418 -63.94 -69.95 143.68
CA UNK L 418 -62.89 -70.92 143.95
C UNK L 418 -62.42 -71.58 142.67
N UNK L 419 -63.12 -71.33 141.58
CA UNK L 419 -62.91 -72.03 140.34
C UNK L 419 -61.58 -71.70 139.70
N UNK L 420 -60.99 -70.56 140.04
CA UNK L 420 -59.75 -70.18 139.38
C UNK L 420 -58.60 -71.10 139.79
N UNK L 421 -58.60 -71.56 141.05
CA UNK L 421 -57.56 -72.46 141.49
C UNK L 421 -57.67 -73.80 140.80
N UNK L 422 -58.89 -74.33 140.69
CA UNK L 422 -59.09 -75.57 139.96
C UNK L 422 -58.83 -75.38 138.47
N UNK L 423 -59.06 -74.17 137.96
CA UNK L 423 -58.82 -73.89 136.56
C UNK L 423 -57.33 -73.93 136.26
N UNK L 424 -56.53 -73.33 137.12
CA UNK L 424 -55.10 -73.41 136.93
C UNK L 424 -54.60 -74.81 137.21
N UNK L 425 -55.29 -75.56 138.06
CA UNK L 425 -54.95 -76.96 138.24
C UNK L 425 -55.19 -77.74 136.97
N UNK L 426 -56.29 -77.44 136.29
CA UNK L 426 -56.58 -78.15 135.05
C UNK L 426 -55.64 -77.74 133.95
N UNK L 427 -55.31 -76.46 133.87
CA UNK L 427 -54.36 -76.01 132.86
C UNK L 427 -52.97 -76.53 133.13
N UNK L 428 -52.64 -76.78 134.41
CA UNK L 428 -51.41 -77.47 134.72
C UNK L 428 -51.50 -78.94 134.33
N UNK L 429 -52.69 -79.52 134.45
CA UNK L 429 -52.86 -80.89 133.99
C UNK L 429 -53.01 -81.00 132.49
N UNK L 430 -53.06 -79.88 131.77
CA UNK L 430 -53.28 -79.80 130.32
C UNK L 430 -54.59 -80.46 129.91
N UNK L 431 -55.67 -79.82 130.34
CA UNK L 431 -56.95 -80.51 130.48
C UNK L 431 -58.05 -79.64 129.88
N UNK L 432 -59.29 -80.01 130.19
CA UNK L 432 -60.47 -79.27 129.76
C UNK L 432 -61.54 -79.47 130.82
N UNK L 433 -61.80 -78.44 131.61
CA UNK L 433 -62.66 -78.56 132.76
C UNK L 433 -64.12 -78.36 132.38
N UNK L 434 -65.01 -78.53 133.36
CA UNK L 434 -66.36 -78.02 133.24
C UNK L 434 -66.75 -77.37 134.55
N UNK L 435 -68.02 -77.03 134.71
CA UNK L 435 -68.55 -76.51 135.96
C UNK L 435 -70.05 -76.63 135.94
N UNK L 436 -70.67 -76.36 137.08
CA UNK L 436 -72.12 -76.22 137.12
C UNK L 436 -72.45 -75.23 138.24
N UNK L 437 -72.58 -73.96 137.87
CA UNK L 437 -72.39 -72.95 138.90
C UNK L 437 -72.90 -71.60 138.46
N UNK L 438 -73.02 -70.70 139.43
CA UNK L 438 -73.34 -69.31 139.21
C UNK L 438 -72.06 -68.48 139.29
N UNK L 439 -72.02 -67.43 138.46
CA UNK L 439 -71.04 -66.34 138.48
C UNK L 439 -69.61 -66.74 138.09
N UNK L 440 -69.35 -68.03 137.98
CA UNK L 440 -68.14 -68.46 137.31
C UNK L 440 -68.19 -68.11 135.84
N UNK L 441 -69.38 -68.22 135.24
CA UNK L 441 -69.59 -67.78 133.87
C UNK L 441 -69.43 -66.28 133.72
N UNK L 442 -69.66 -65.52 134.78
CA UNK L 442 -69.32 -64.11 134.74
C UNK L 442 -67.82 -63.94 134.71
N UNK L 443 -67.13 -64.67 135.59
CA UNK L 443 -65.69 -64.51 135.78
C UNK L 443 -64.92 -64.78 134.49
N UNK L 444 -65.17 -65.94 133.90
CA UNK L 444 -64.37 -66.32 132.73
C UNK L 444 -64.71 -65.46 131.53
N UNK L 445 -65.97 -65.09 131.37
CA UNK L 445 -66.36 -64.32 130.20
C UNK L 445 -65.81 -62.90 130.28
N UNK L 446 -65.84 -62.29 131.46
CA UNK L 446 -65.23 -60.98 131.56
C UNK L 446 -63.72 -61.05 131.50
N UNK L 447 -63.14 -62.19 131.84
CA UNK L 447 -61.71 -62.33 131.62
C UNK L 447 -61.38 -62.51 130.16
N UNK L 448 -62.34 -62.92 129.34
CA UNK L 448 -62.10 -63.11 127.92
C UNK L 448 -62.41 -61.87 127.09
N UNK L 449 -62.26 -60.67 127.66
CA UNK L 449 -62.37 -59.47 126.83
C UNK L 449 -61.09 -59.27 126.02
N UNK L 450 -59.98 -58.98 126.71
CA UNK L 450 -58.67 -58.66 126.12
C UNK L 450 -58.75 -57.67 124.96
N UNK L 451 -59.31 -56.50 125.25
CA UNK L 451 -59.32 -55.43 124.27
C UNK L 451 -57.90 -54.94 124.11
N UNK L 452 -57.36 -54.33 125.17
CA UNK L 452 -55.92 -54.09 125.39
C UNK L 452 -55.19 -53.48 124.21
N UNK L 453 -55.92 -52.71 123.43
CA UNK L 453 -55.40 -51.99 122.29
C UNK L 453 -55.96 -50.59 122.25
N UNK L 454 -56.75 -50.22 123.25
CA UNK L 454 -56.71 -48.83 123.58
C UNK L 454 -55.32 -48.70 124.17
N UNK L 455 -55.14 -49.28 125.36
CA UNK L 455 -53.91 -49.80 125.96
C UNK L 455 -54.33 -50.25 127.35
N UNK L 456 -53.41 -50.88 128.07
CA UNK L 456 -53.69 -51.26 129.44
C UNK L 456 -53.54 -50.03 130.33
N UNK L 457 -54.49 -49.84 131.23
CA UNK L 457 -54.45 -48.66 132.08
C UNK L 457 -53.59 -48.91 133.30
N UNK L 458 -53.69 -47.99 134.25
CA UNK L 458 -53.10 -48.14 135.58
C UNK L 458 -53.98 -47.34 136.51
N UNK L 459 -54.78 -48.04 137.30
CA UNK L 459 -55.89 -47.44 138.02
C UNK L 459 -55.40 -46.73 139.27
N UNK L 460 -56.29 -45.92 139.83
CA UNK L 460 -56.16 -45.39 141.17
C UNK L 460 -57.54 -44.92 141.58
N UNK L 461 -57.95 -45.27 142.79
CA UNK L 461 -59.28 -44.91 143.22
C UNK L 461 -59.21 -43.82 144.26
N UNK L 462 -60.34 -43.17 144.50
CA UNK L 462 -60.44 -42.20 145.58
C UNK L 462 -61.91 -42.08 145.97
N UNK L 463 -62.28 -42.64 147.10
CA UNK L 463 -63.62 -42.47 147.64
C UNK L 463 -63.60 -41.25 148.52
N UNK L 464 -64.44 -40.27 148.21
CA UNK L 464 -64.54 -39.05 149.00
C UNK L 464 -65.39 -39.30 150.24
N UNK L 465 -65.85 -38.21 150.87
CA UNK L 465 -66.43 -38.28 152.21
C UNK L 465 -67.72 -39.11 152.27
N UNK L 466 -68.75 -38.69 151.54
CA UNK L 466 -70.07 -39.29 151.70
C UNK L 466 -70.56 -40.05 150.49
N UNK L 467 -70.69 -39.39 149.33
CA UNK L 467 -71.37 -40.03 148.22
C UNK L 467 -70.66 -39.81 146.89
N UNK L 468 -69.40 -39.38 146.94
CA UNK L 468 -68.62 -39.21 145.73
C UNK L 468 -67.54 -40.27 145.72
N UNK L 469 -67.39 -40.93 144.60
CA UNK L 469 -66.25 -41.81 144.39
C UNK L 469 -65.71 -41.50 143.02
N UNK L 470 -64.39 -41.52 142.88
CA UNK L 470 -63.75 -41.19 141.62
C UNK L 470 -62.73 -42.25 141.28
N UNK L 471 -62.55 -42.49 140.01
CA UNK L 471 -61.50 -43.38 139.55
C UNK L 471 -60.63 -42.59 138.60
N UNK L 472 -59.38 -42.38 138.96
CA UNK L 472 -58.43 -41.81 138.03
C UNK L 472 -57.62 -42.95 137.44
N UNK L 473 -57.03 -42.69 136.28
CA UNK L 473 -56.28 -43.72 135.60
C UNK L 473 -55.21 -43.09 134.74
N UNK L 474 -54.10 -43.78 134.59
CA UNK L 474 -53.12 -43.38 133.61
C UNK L 474 -52.97 -44.51 132.58
N UNK L 475 -52.23 -44.24 131.51
CA UNK L 475 -51.84 -45.32 130.62
C UNK L 475 -50.34 -45.46 130.48
N UNK L 476 -49.66 -44.39 130.09
CA UNK L 476 -48.22 -44.35 129.94
C UNK L 476 -47.80 -42.91 130.19
N UNK L 477 -46.62 -42.53 129.72
CA UNK L 477 -46.06 -41.22 129.96
C UNK L 477 -44.91 -41.09 128.97
N UNK L 478 -44.51 -39.86 128.61
CA UNK L 478 -45.11 -38.56 128.88
C UNK L 478 -46.22 -38.28 127.91
N UNK L 479 -46.46 -36.99 127.69
CA UNK L 479 -47.60 -36.46 126.93
C UNK L 479 -48.91 -36.83 127.63
N UNK L 480 -49.07 -36.19 128.77
CA UNK L 480 -50.18 -36.36 129.69
C UNK L 480 -51.44 -35.70 129.17
N UNK L 481 -52.31 -35.32 130.09
CA UNK L 481 -53.24 -34.22 129.84
C UNK L 481 -54.37 -34.48 128.85
N UNK L 482 -55.58 -34.94 129.25
CA UNK L 482 -56.23 -35.26 130.55
C UNK L 482 -57.65 -35.60 130.08
N UNK L 483 -58.55 -35.97 130.99
CA UNK L 483 -59.96 -35.98 130.67
C UNK L 483 -60.75 -35.82 131.95
N UNK L 484 -62.07 -35.69 131.81
CA UNK L 484 -62.97 -35.67 132.96
C UNK L 484 -64.37 -36.09 132.47
N UNK L 485 -64.73 -37.33 132.72
CA UNK L 485 -66.07 -37.79 132.38
C UNK L 485 -66.94 -37.80 133.62
N UNK L 486 -68.26 -37.79 133.42
CA UNK L 486 -69.18 -37.77 134.55
C UNK L 486 -70.54 -38.33 134.12
N UNK L 487 -70.87 -39.53 134.57
CA UNK L 487 -72.17 -40.15 134.35
C UNK L 487 -72.43 -41.11 135.50
N UNK L 488 -73.30 -42.08 135.30
CA UNK L 488 -73.42 -43.15 136.29
C UNK L 488 -73.44 -44.52 135.63
N UNK L 489 -72.52 -44.75 134.70
CA UNK L 489 -72.54 -45.99 133.95
C UNK L 489 -71.13 -46.30 133.47
N UNK L 490 -71.00 -47.26 132.54
CA UNK L 490 -69.72 -47.82 132.13
C UNK L 490 -69.56 -47.86 130.62
N UNK L 491 -70.07 -46.86 129.92
CA UNK L 491 -69.66 -46.63 128.54
C UNK L 491 -68.48 -45.66 128.56
N UNK L 492 -67.41 -46.14 129.16
CA UNK L 492 -66.25 -45.32 129.42
C UNK L 492 -65.03 -45.74 128.64
N UNK L 493 -64.95 -46.99 128.19
CA UNK L 493 -63.81 -47.39 127.37
C UNK L 493 -63.82 -46.67 126.04
N UNK L 494 -65.01 -46.29 125.56
CA UNK L 494 -65.13 -45.52 124.34
C UNK L 494 -64.46 -44.17 124.46
N UNK L 495 -64.71 -43.46 125.55
CA UNK L 495 -63.96 -42.23 125.77
C UNK L 495 -62.56 -42.52 126.22
N UNK L 496 -62.30 -43.69 126.78
CA UNK L 496 -60.96 -43.98 127.28
C UNK L 496 -59.99 -44.24 126.15
N UNK L 497 -60.48 -44.63 124.98
CA UNK L 497 -59.56 -44.78 123.86
C UNK L 497 -59.01 -43.43 123.43
N UNK L 498 -59.89 -42.45 123.24
CA UNK L 498 -59.42 -41.12 122.92
C UNK L 498 -58.71 -40.47 124.09
N UNK L 499 -58.94 -40.95 125.31
CA UNK L 499 -58.04 -40.58 126.38
C UNK L 499 -56.66 -41.19 126.16
N UNK L 500 -56.60 -42.41 125.64
CA UNK L 500 -55.33 -43.08 125.38
C UNK L 500 -54.74 -42.69 124.06
N UNK L 501 -55.27 -41.65 123.41
CA UNK L 501 -54.50 -40.80 122.52
C UNK L 501 -53.82 -39.66 123.27
N UNK L 502 -53.56 -39.88 124.55
CA UNK L 502 -52.89 -39.00 125.50
C UNK L 502 -52.41 -39.93 126.62
N UNK L 503 -52.28 -39.40 127.84
CA UNK L 503 -51.87 -40.29 128.91
C UNK L 503 -52.79 -40.42 130.13
N UNK L 504 -53.47 -39.37 130.57
CA UNK L 504 -54.21 -39.48 131.83
C UNK L 504 -55.70 -39.31 131.61
N UNK L 505 -56.50 -39.94 132.47
CA UNK L 505 -57.94 -39.71 132.48
C UNK L 505 -58.41 -39.80 133.92
N UNK L 506 -59.49 -39.11 134.25
CA UNK L 506 -59.97 -39.13 135.63
C UNK L 506 -61.49 -39.12 135.63
N UNK L 507 -62.10 -40.29 135.63
CA UNK L 507 -63.55 -40.39 135.61
C UNK L 507 -64.10 -40.04 136.98
N UNK L 508 -64.82 -38.92 137.05
CA UNK L 508 -65.23 -38.35 138.33
C UNK L 508 -66.64 -38.78 138.70
N UNK L 509 -66.86 -40.08 138.75
CA UNK L 509 -68.07 -40.69 139.27
C UNK L 509 -67.77 -42.17 139.44
N UNK L 510 -68.75 -42.92 139.91
CA UNK L 510 -68.47 -44.27 140.38
C UNK L 510 -69.12 -45.36 139.56
N UNK L 511 -70.45 -45.32 139.42
CA UNK L 511 -71.38 -46.44 139.53
C UNK L 511 -70.86 -47.78 139.01
N UNK L 512 -70.34 -47.78 137.79
CA UNK L 512 -69.84 -49.00 137.19
C UNK L 512 -68.47 -48.80 136.60
N UNK L 513 -67.70 -47.87 137.15
CA UNK L 513 -66.31 -47.73 136.78
C UNK L 513 -65.39 -48.64 137.57
N UNK L 514 -65.94 -49.67 138.19
CA UNK L 514 -65.14 -50.76 138.70
C UNK L 514 -64.82 -51.78 137.62
N UNK L 515 -65.42 -51.62 136.43
CA UNK L 515 -65.24 -52.58 135.37
C UNK L 515 -63.80 -52.63 134.90
N UNK L 516 -63.18 -51.46 134.76
CA UNK L 516 -61.79 -51.45 134.33
C UNK L 516 -60.88 -51.97 135.41
N UNK L 517 -61.25 -51.80 136.67
CA UNK L 517 -60.50 -52.41 137.75
C UNK L 517 -60.56 -53.92 137.67
N UNK L 518 -61.75 -54.44 137.35
CA UNK L 518 -61.90 -55.87 137.17
C UNK L 518 -61.10 -56.37 135.98
N UNK L 519 -61.06 -55.60 134.91
CA UNK L 519 -60.35 -56.07 133.73
C UNK L 519 -58.86 -55.88 133.84
N UNK L 520 -58.41 -55.00 134.71
CA UNK L 520 -56.98 -54.72 134.81
C UNK L 520 -56.32 -55.50 135.91
N UNK L 521 -56.97 -55.70 137.03
CA UNK L 521 -56.36 -56.45 138.11
C UNK L 521 -56.47 -57.95 137.91
N UNK L 522 -56.90 -58.40 136.74
CA UNK L 522 -57.03 -59.81 136.46
C UNK L 522 -56.05 -60.28 135.41
N UNK L 523 -55.25 -59.38 134.85
CA UNK L 523 -54.52 -59.65 133.62
C UNK L 523 -53.47 -60.73 133.80
N UNK L 524 -52.51 -60.50 134.69
CA UNK L 524 -51.44 -61.47 134.84
C UNK L 524 -51.91 -62.74 135.52
N UNK L 525 -52.85 -62.61 136.45
CA UNK L 525 -53.31 -63.77 137.20
C UNK L 525 -54.08 -64.74 136.31
N UNK L 526 -54.98 -64.23 135.47
CA UNK L 526 -55.65 -65.08 134.51
C UNK L 526 -54.86 -65.23 133.23
N UNK L 527 -53.67 -64.65 133.16
CA UNK L 527 -52.73 -64.93 132.10
C UNK L 527 -51.76 -66.03 132.47
N UNK L 528 -51.72 -66.40 133.74
CA UNK L 528 -50.98 -67.59 134.15
C UNK L 528 -51.55 -68.83 133.47
N UNK L 529 -52.86 -68.93 133.39
CA UNK L 529 -53.52 -69.93 132.55
C UNK L 529 -53.70 -69.35 131.15
N UNK L 530 -54.54 -69.95 130.32
CA UNK L 530 -54.79 -69.39 128.99
C UNK L 530 -56.21 -68.92 128.77
N UNK L 531 -57.21 -69.81 128.83
CA UNK L 531 -58.55 -69.53 128.31
C UNK L 531 -59.47 -70.68 128.63
N UNK L 532 -60.77 -70.46 128.48
CA UNK L 532 -61.73 -71.57 128.53
C UNK L 532 -62.63 -71.72 127.30
N UNK L 533 -63.44 -70.69 127.01
CA UNK L 533 -64.17 -70.51 125.76
C UNK L 533 -65.17 -71.63 125.42
N UNK L 534 -66.16 -71.84 126.30
CA UNK L 534 -67.40 -72.57 125.98
C UNK L 534 -68.49 -72.33 127.02
N UNK L 535 -69.65 -71.81 126.62
CA UNK L 535 -70.68 -71.43 127.57
C UNK L 535 -71.96 -72.21 127.32
N UNK L 536 -72.63 -72.61 128.38
CA UNK L 536 -73.91 -73.30 128.29
C UNK L 536 -74.97 -72.45 128.98
N UNK L 537 -76.16 -73.00 129.12
CA UNK L 537 -77.31 -72.22 129.56
C UNK L 537 -77.92 -72.81 130.80
N UNK L 538 -78.96 -72.15 131.27
CA UNK L 538 -79.89 -72.78 132.18
C UNK L 538 -81.00 -73.40 131.35
N UNK L 539 -81.10 -74.73 131.39
CA UNK L 539 -81.95 -75.44 130.46
C UNK L 539 -83.43 -75.25 130.76
N UNK L 540 -83.78 -74.96 131.99
CA UNK L 540 -85.16 -74.71 132.34
C UNK L 540 -85.46 -73.22 132.16
N UNK L 541 -86.61 -72.78 132.68
CA UNK L 541 -87.02 -71.39 132.55
C UNK L 541 -86.25 -70.52 133.55
N UNK L 542 -85.37 -69.67 133.03
CA UNK L 542 -84.56 -68.74 133.81
C UNK L 542 -84.21 -67.56 132.92
N UNK L 543 -83.37 -66.65 133.42
CA UNK L 543 -82.88 -65.56 132.57
C UNK L 543 -81.48 -65.14 133.04
N UNK L 544 -80.46 -65.78 132.47
CA UNK L 544 -79.07 -65.35 132.51
C UNK L 544 -78.31 -66.19 131.49
N UNK L 545 -76.98 -66.08 131.55
CA UNK L 545 -76.06 -66.60 130.55
C UNK L 545 -76.49 -66.14 129.17
N UNK L 546 -76.60 -64.83 129.02
CA UNK L 546 -77.02 -64.25 127.77
C UNK L 546 -75.86 -64.21 126.79
N UNK L 547 -76.15 -64.55 125.54
CA UNK L 547 -75.19 -64.49 124.46
C UNK L 547 -75.92 -64.00 123.23
N UNK L 548 -75.22 -63.88 122.11
CA UNK L 548 -75.80 -63.18 120.97
C UNK L 548 -75.48 -63.90 119.67
N UNK L 549 -75.69 -63.20 118.56
CA UNK L 549 -76.24 -63.80 117.35
C UNK L 549 -75.53 -63.23 116.13
N UNK L 550 -76.21 -63.37 114.99
CA UNK L 550 -75.73 -62.91 113.70
C UNK L 550 -76.93 -62.36 112.93
N UNK L 551 -76.66 -61.78 111.75
CA UNK L 551 -77.70 -61.10 110.98
C UNK L 551 -78.00 -61.77 109.64
N UNK L 552 -77.00 -61.90 108.77
CA UNK L 552 -77.04 -62.73 107.56
C UNK L 552 -78.18 -62.51 106.55
N UNK L 553 -78.20 -61.42 105.79
CA UNK L 553 -77.54 -60.16 106.05
C UNK L 553 -78.58 -59.09 105.94
N UNK L 554 -79.31 -59.13 104.84
CA UNK L 554 -80.38 -58.20 104.57
C UNK L 554 -81.67 -58.76 105.12
N UNK L 555 -82.78 -58.16 104.77
CA UNK L 555 -84.05 -58.78 105.00
C UNK L 555 -84.66 -59.28 103.70
N UNK L 556 -83.79 -59.67 102.77
CA UNK L 556 -84.10 -60.62 101.70
C UNK L 556 -85.17 -60.10 100.74
N UNK L 557 -84.79 -59.12 99.93
CA UNK L 557 -85.70 -58.61 98.91
C UNK L 557 -86.05 -59.69 97.88
N UNK L 558 -87.33 -59.73 97.49
CA UNK L 558 -87.82 -60.75 96.59
C UNK L 558 -88.79 -60.14 95.58
N UNK L 559 -88.50 -60.26 94.30
CA UNK L 559 -89.48 -59.79 93.32
C UNK L 559 -90.49 -60.90 93.09
N UNK L 560 -91.51 -60.61 92.28
CA UNK L 560 -92.49 -61.63 91.92
C UNK L 560 -93.11 -61.16 90.61
N UNK L 561 -92.69 -61.75 89.51
CA UNK L 561 -93.05 -61.23 88.20
C UNK L 561 -94.17 -62.07 87.62
N UNK L 562 -95.39 -61.55 87.68
CA UNK L 562 -96.46 -62.24 86.99
C UNK L 562 -96.33 -61.93 85.51
N UNK L 563 -96.02 -62.94 84.70
CA UNK L 563 -95.86 -62.73 83.27
C UNK L 563 -97.26 -62.77 82.65
N UNK L 564 -97.82 -61.59 82.39
CA UNK L 564 -99.25 -61.45 82.18
C UNK L 564 -99.63 -61.89 80.80
N UNK L 565 -99.84 -63.18 80.64
CA UNK L 565 -100.61 -63.66 79.50
C UNK L 565 -101.83 -64.45 79.92
N UNK L 566 -101.67 -65.52 80.69
CA UNK L 566 -102.63 -66.60 80.64
C UNK L 566 -102.40 -67.55 81.81
N UNK L 567 -102.93 -68.76 81.68
CA UNK L 567 -102.80 -69.85 82.63
C UNK L 567 -101.78 -70.87 82.14
N UNK L 568 -101.08 -71.57 83.04
CA UNK L 568 -101.10 -71.39 84.51
C UNK L 568 -99.76 -71.48 85.26
N UNK L 569 -98.76 -72.18 84.73
CA UNK L 569 -97.65 -72.70 85.55
C UNK L 569 -96.75 -71.59 86.06
N UNK L 570 -95.91 -71.94 87.02
CA UNK L 570 -95.21 -70.92 87.81
C UNK L 570 -93.83 -71.42 88.20
N UNK L 571 -92.79 -70.77 87.68
CA UNK L 571 -91.42 -71.14 87.98
C UNK L 571 -90.83 -70.17 89.01
N UNK L 572 -89.98 -70.69 89.88
CA UNK L 572 -89.43 -69.90 90.97
C UNK L 572 -87.90 -69.99 90.97
N UNK L 573 -87.24 -68.93 90.55
CA UNK L 573 -85.78 -68.86 90.53
C UNK L 573 -85.31 -68.15 91.79
N UNK L 574 -84.48 -68.82 92.58
CA UNK L 574 -83.65 -68.10 93.52
C UNK L 574 -82.40 -67.64 92.80
N UNK L 575 -81.85 -66.51 93.21
CA UNK L 575 -80.72 -66.02 92.44
C UNK L 575 -79.51 -65.76 93.30
N UNK L 576 -78.50 -65.15 92.71
CA UNK L 576 -77.25 -64.89 93.41
C UNK L 576 -76.93 -63.41 93.34
N UNK L 577 -77.92 -62.59 93.64
CA UNK L 577 -77.90 -61.12 93.52
C UNK L 577 -77.43 -60.70 92.13
N UNK L 578 -78.19 -61.11 91.13
CA UNK L 578 -77.83 -60.81 89.76
C UNK L 578 -79.08 -60.84 88.90
N UNK L 579 -78.97 -60.27 87.71
CA UNK L 579 -80.12 -59.93 86.89
C UNK L 579 -79.95 -60.39 85.47
N UNK L 580 -79.33 -61.54 85.28
CA UNK L 580 -79.43 -62.28 84.02
C UNK L 580 -80.55 -63.30 84.14
N UNK L 581 -81.75 -62.77 84.35
CA UNK L 581 -82.95 -63.58 84.47
C UNK L 581 -83.93 -63.29 83.37
N UNK L 582 -83.55 -62.47 82.39
CA UNK L 582 -84.42 -62.30 81.24
C UNK L 582 -84.49 -63.58 80.43
N UNK L 583 -83.43 -64.37 80.45
CA UNK L 583 -83.46 -65.67 79.80
C UNK L 583 -84.48 -66.58 80.47
N UNK L 584 -84.53 -66.55 81.78
CA UNK L 584 -85.54 -67.36 82.43
C UNK L 584 -86.92 -66.75 82.26
N UNK L 585 -87.02 -65.42 82.08
CA UNK L 585 -88.32 -64.81 81.82
C UNK L 585 -88.88 -65.27 80.49
N UNK L 586 -88.05 -65.28 79.47
CA UNK L 586 -88.51 -65.80 78.19
C UNK L 586 -88.65 -67.31 78.22
N UNK L 587 -88.01 -68.00 79.16
CA UNK L 587 -88.31 -69.41 79.31
C UNK L 587 -89.70 -69.58 79.88
N UNK L 588 -90.02 -68.83 80.92
CA UNK L 588 -91.30 -68.99 81.59
C UNK L 588 -92.42 -68.30 80.87
N UNK L 589 -92.15 -67.58 79.79
CA UNK L 589 -93.24 -67.14 78.93
C UNK L 589 -93.92 -68.27 78.17
N UNK L 590 -93.45 -69.50 78.27
CA UNK L 590 -94.33 -70.64 78.09
C UNK L 590 -95.50 -70.57 79.05
N UNK L 591 -95.21 -70.35 80.32
CA UNK L 591 -96.16 -70.42 81.42
C UNK L 591 -96.77 -69.08 81.81
N UNK L 592 -97.22 -68.99 83.07
CA UNK L 592 -97.85 -67.80 83.62
C UNK L 592 -96.98 -66.97 84.55
N UNK L 593 -96.41 -67.54 85.60
CA UNK L 593 -95.90 -66.70 86.69
C UNK L 593 -94.48 -67.08 87.10
N UNK L 594 -93.59 -66.09 87.18
CA UNK L 594 -92.23 -66.31 87.64
C UNK L 594 -92.08 -65.66 89.01
N UNK L 595 -91.26 -66.23 89.85
CA UNK L 595 -90.96 -65.66 91.16
C UNK L 595 -89.45 -65.74 91.38
N UNK L 596 -88.77 -64.61 91.35
CA UNK L 596 -87.34 -64.55 91.57
C UNK L 596 -87.07 -63.92 92.93
N UNK L 597 -86.14 -64.48 93.70
CA UNK L 597 -85.97 -64.04 95.09
C UNK L 597 -84.57 -63.45 95.38
N UNK L 598 -84.40 -62.14 95.10
CA UNK L 598 -83.10 -61.48 95.05
C UNK L 598 -83.30 -59.98 94.88
N UNK L 599 -82.20 -59.24 94.77
CA UNK L 599 -82.26 -57.78 94.85
C UNK L 599 -81.32 -57.10 93.87
N UNK L 600 -81.05 -57.71 92.74
CA UNK L 600 -80.40 -57.01 91.66
C UNK L 600 -81.22 -57.02 90.41
N UNK L 601 -82.13 -57.98 90.31
CA UNK L 601 -83.17 -57.88 89.32
C UNK L 601 -84.01 -56.66 89.56
N UNK L 602 -84.45 -56.45 90.81
CA UNK L 602 -85.67 -55.73 91.14
C UNK L 602 -85.71 -54.34 90.55
N UNK L 603 -84.56 -53.66 90.55
CA UNK L 603 -84.47 -52.32 90.00
C UNK L 603 -84.73 -52.30 88.50
N UNK L 604 -83.91 -53.02 87.74
CA UNK L 604 -84.05 -52.93 86.30
C UNK L 604 -85.27 -53.67 85.81
N UNK L 605 -85.68 -54.70 86.54
CA UNK L 605 -86.90 -55.40 86.18
C UNK L 605 -88.10 -54.50 86.33
N UNK L 606 -88.19 -53.75 87.43
CA UNK L 606 -89.31 -52.85 87.59
C UNK L 606 -89.23 -51.69 86.63
N UNK L 607 -88.05 -51.14 86.41
CA UNK L 607 -87.96 -50.00 85.51
C UNK L 607 -88.09 -50.39 84.06
N UNK L 608 -88.00 -51.66 83.74
CA UNK L 608 -88.35 -52.06 82.39
C UNK L 608 -89.81 -52.38 82.27
N UNK L 609 -90.39 -53.01 83.29
CA UNK L 609 -91.78 -53.44 83.18
C UNK L 609 -92.73 -52.27 83.31
N UNK L 610 -92.54 -51.46 84.32
CA UNK L 610 -93.44 -50.36 84.54
C UNK L 610 -93.12 -49.16 83.71
N UNK L 611 -92.33 -49.31 82.67
CA UNK L 611 -92.32 -48.32 81.63
C UNK L 611 -92.64 -48.91 80.28
N UNK L 612 -92.07 -50.07 79.90
CA UNK L 612 -92.11 -50.53 78.52
C UNK L 612 -93.48 -50.97 78.05
N UNK L 613 -94.47 -50.96 78.92
CA UNK L 613 -95.86 -51.06 78.50
C UNK L 613 -96.47 -49.72 78.19
N UNK L 614 -95.84 -48.65 78.61
CA UNK L 614 -96.44 -47.35 78.44
C UNK L 614 -95.48 -46.33 77.85
N UNK L 615 -94.25 -46.71 77.53
CA UNK L 615 -93.40 -45.85 76.74
C UNK L 615 -94.09 -45.85 75.41
N UNK L 616 -94.12 -47.01 74.75
CA UNK L 616 -95.21 -47.50 73.90
C UNK L 616 -95.69 -46.51 72.86
N UNK L 617 -94.88 -45.50 72.57
CA UNK L 617 -95.21 -44.48 71.59
C UNK L 617 -94.21 -44.53 70.46
N UNK L 618 -92.93 -44.36 70.74
CA UNK L 618 -91.98 -44.47 69.66
C UNK L 618 -90.70 -45.20 70.00
N UNK L 619 -90.37 -45.42 71.27
CA UNK L 619 -89.03 -45.80 71.72
C UNK L 619 -87.98 -44.86 71.11
N UNK L 620 -88.01 -43.62 71.60
CA UNK L 620 -87.15 -42.54 71.14
C UNK L 620 -85.69 -42.91 71.17
N UNK L 621 -85.07 -42.95 69.99
CA UNK L 621 -83.66 -43.30 69.89
C UNK L 621 -82.81 -42.18 70.45
N UNK L 622 -81.91 -42.51 71.35
CA UNK L 622 -81.30 -41.49 72.18
C UNK L 622 -79.98 -41.02 71.61
N UNK L 623 -79.41 -40.01 72.25
CA UNK L 623 -78.04 -39.59 72.01
C UNK L 623 -77.59 -38.87 73.27
N UNK L 624 -76.85 -39.59 74.11
CA UNK L 624 -76.55 -39.11 75.44
C UNK L 624 -75.47 -38.04 75.39
N UNK L 625 -75.47 -37.14 76.38
CA UNK L 625 -74.26 -36.36 76.62
C UNK L 625 -74.07 -36.10 78.11
N UNK L 626 -74.72 -36.88 78.97
CA UNK L 626 -74.80 -36.62 80.40
C UNK L 626 -73.44 -36.79 81.03
N UNK L 627 -72.82 -35.70 81.45
CA UNK L 627 -71.53 -35.77 82.15
C UNK L 627 -71.63 -34.94 83.41
N UNK L 628 -72.15 -35.54 84.46
CA UNK L 628 -72.51 -34.75 85.64
C UNK L 628 -72.76 -35.54 86.89
N UNK L 629 -73.39 -34.87 87.85
CA UNK L 629 -73.46 -35.27 89.24
C UNK L 629 -74.20 -36.58 89.49
N UNK L 630 -75.51 -36.58 89.36
CA UNK L 630 -76.28 -37.68 89.92
C UNK L 630 -76.70 -38.69 88.88
N UNK L 631 -75.96 -38.80 87.78
CA UNK L 631 -76.28 -39.73 86.73
C UNK L 631 -75.53 -41.02 86.86
N UNK L 632 -74.75 -41.16 87.92
CA UNK L 632 -74.05 -42.39 88.20
C UNK L 632 -74.70 -43.18 89.31
N UNK L 633 -75.30 -42.52 90.30
CA UNK L 633 -76.09 -43.24 91.29
C UNK L 633 -77.35 -43.79 90.69
N UNK L 634 -77.84 -43.19 89.61
CA UNK L 634 -78.60 -43.86 88.57
C UNK L 634 -79.93 -44.42 89.02
N UNK L 635 -80.46 -44.00 90.16
CA UNK L 635 -81.57 -44.73 90.75
C UNK L 635 -82.89 -44.39 90.08
N UNK L 636 -83.77 -45.39 90.02
CA UNK L 636 -85.08 -45.18 89.44
C UNK L 636 -86.21 -45.85 90.19
N UNK L 637 -85.91 -46.58 91.25
CA UNK L 637 -86.97 -47.24 92.00
C UNK L 637 -86.47 -47.44 93.42
N UNK L 638 -87.42 -47.75 94.31
CA UNK L 638 -87.26 -47.89 95.76
C UNK L 638 -86.54 -46.70 96.39
N UNK L 639 -86.57 -45.54 95.72
CA UNK L 639 -85.85 -44.34 96.12
C UNK L 639 -86.70 -43.13 95.78
N UNK L 640 -87.55 -42.69 96.71
CA UNK L 640 -87.99 -43.47 97.86
C UNK L 640 -89.51 -43.60 97.82
N UNK L 641 -90.18 -42.47 97.64
CA UNK L 641 -91.60 -42.49 97.35
C UNK L 641 -92.01 -41.47 96.30
N UNK L 642 -91.09 -40.64 95.81
CA UNK L 642 -91.38 -39.85 94.63
C UNK L 642 -91.58 -40.78 93.46
N UNK L 643 -92.69 -40.65 92.76
CA UNK L 643 -93.17 -41.82 92.05
C UNK L 643 -92.46 -42.05 90.72
N UNK L 644 -92.77 -41.23 89.69
CA UNK L 644 -92.21 -41.29 88.33
C UNK L 644 -92.32 -42.67 87.65
N UNK L 645 -93.05 -43.58 88.28
CA UNK L 645 -93.08 -45.01 88.13
C UNK L 645 -94.07 -45.37 89.24
N UNK L 646 -94.40 -46.63 89.44
CA UNK L 646 -95.56 -46.89 90.29
C UNK L 646 -95.35 -48.20 91.03
N UNK L 647 -96.45 -48.77 91.49
CA UNK L 647 -96.44 -50.09 92.06
C UNK L 647 -97.72 -50.81 91.63
N UNK L 648 -97.72 -52.13 91.81
CA UNK L 648 -98.79 -52.95 91.27
C UNK L 648 -99.12 -54.08 92.22
N UNK L 649 -100.09 -53.84 93.10
CA UNK L 649 -100.98 -54.83 93.68
C UNK L 649 -100.34 -55.79 94.68
N UNK L 650 -99.02 -55.81 94.76
CA UNK L 650 -98.32 -56.49 95.84
C UNK L 650 -96.98 -55.79 95.91
N UNK L 651 -96.88 -54.83 96.81
CA UNK L 651 -95.71 -53.98 96.90
C UNK L 651 -95.42 -53.74 98.37
N UNK L 652 -94.41 -54.42 98.89
CA UNK L 652 -93.99 -54.25 100.28
C UNK L 652 -92.56 -53.74 100.24
N UNK L 653 -92.38 -52.43 100.29
CA UNK L 653 -91.05 -51.87 100.25
C UNK L 653 -90.65 -51.58 101.68
N UNK L 654 -90.24 -52.62 102.39
CA UNK L 654 -90.17 -52.57 103.84
C UNK L 654 -88.76 -52.27 104.34
N UNK L 655 -88.68 -51.46 105.40
CA UNK L 655 -87.43 -50.92 105.91
C UNK L 655 -87.37 -50.98 107.43
N UNK L 656 -87.67 -52.13 108.01
CA UNK L 656 -87.92 -52.18 109.45
C UNK L 656 -87.24 -53.40 110.05
N UNK L 657 -87.66 -53.76 111.27
CA UNK L 657 -87.25 -55.00 111.93
C UNK L 657 -88.24 -56.14 111.75
N UNK L 658 -89.52 -55.86 111.45
CA UNK L 658 -90.45 -56.90 111.06
C UNK L 658 -91.09 -56.67 109.70
N UNK L 659 -91.64 -55.48 109.47
CA UNK L 659 -92.41 -55.15 108.27
C UNK L 659 -92.62 -53.65 108.24
N UNK L 660 -92.85 -53.11 107.04
CA UNK L 660 -92.92 -51.67 106.85
C UNK L 660 -93.63 -51.35 105.54
N UNK L 661 -93.30 -50.18 104.97
CA UNK L 661 -94.07 -49.39 104.01
C UNK L 661 -94.65 -50.17 102.84
N UNK L 662 -95.81 -49.71 102.37
CA UNK L 662 -96.53 -50.29 101.25
C UNK L 662 -96.92 -49.19 100.28
N UNK L 663 -97.22 -49.57 99.03
CA UNK L 663 -97.79 -48.62 98.06
C UNK L 663 -98.87 -49.33 97.25
N UNK L 664 -100.07 -49.36 97.79
CA UNK L 664 -101.20 -50.08 97.21
C UNK L 664 -102.50 -49.63 97.85
N UNK L 665 -103.58 -50.37 97.64
CA UNK L 665 -104.79 -50.16 98.42
C UNK L 665 -104.78 -51.04 99.66
N UNK L 666 -62.37 -32.42 139.66
CA UNK L 666 -62.27 -31.32 138.70
C UNK L 666 -60.81 -30.98 138.48
N UNK L 667 -60.08 -30.87 139.58
CA UNK L 667 -58.62 -30.74 139.54
C UNK L 667 -58.09 -31.18 140.90
N UNK L 668 -57.39 -32.31 140.91
CA UNK L 668 -57.02 -32.96 142.16
C UNK L 668 -55.81 -33.85 141.91
N UNK L 669 -55.07 -34.18 142.98
CA UNK L 669 -53.75 -34.80 142.99
C UNK L 669 -53.57 -36.08 142.18
N UNK L 670 -52.33 -36.41 141.84
CA UNK L 670 -51.95 -37.61 141.12
C UNK L 670 -51.25 -38.61 142.04
N UNK L 671 -51.46 -39.89 141.78
CA UNK L 671 -50.89 -40.97 142.61
C UNK L 671 -50.65 -42.19 141.71
N UNK L 672 -50.42 -43.36 142.33
CA UNK L 672 -50.19 -44.59 141.57
C UNK L 672 -51.17 -45.71 141.88
N UNK L 673 -51.31 -46.11 143.15
CA UNK L 673 -52.14 -47.22 143.63
C UNK L 673 -51.79 -48.54 142.95
N UNK L 674 -50.59 -49.03 143.29
CA UNK L 674 -49.99 -50.22 142.70
C UNK L 674 -50.86 -51.46 142.92
N UNK L 675 -50.65 -52.46 142.06
CA UNK L 675 -51.56 -53.58 141.91
C UNK L 675 -50.85 -54.88 142.23
N UNK L 676 -51.30 -55.54 143.29
CA UNK L 676 -50.86 -56.88 143.65
C UNK L 676 -51.60 -57.90 142.81
N UNK L 677 -51.13 -59.14 142.85
CA UNK L 677 -51.80 -60.21 142.13
C UNK L 677 -53.01 -60.69 142.93
N UNK L 678 -53.67 -61.73 142.43
CA UNK L 678 -54.84 -62.29 143.08
C UNK L 678 -54.54 -63.72 143.50
N UNK L 679 -54.99 -64.11 144.69
CA UNK L 679 -54.63 -65.39 145.27
C UNK L 679 -55.87 -66.26 145.43
N UNK L 680 -55.79 -67.47 144.90
CA UNK L 680 -56.85 -68.48 145.06
C UNK L 680 -56.21 -69.85 144.98
N UNK L 681 -56.41 -70.65 146.02
CA UNK L 681 -55.64 -71.88 146.13
C UNK L 681 -56.39 -72.90 146.95
N UNK L 682 -56.20 -74.14 146.57
CA UNK L 682 -56.83 -75.32 147.15
C UNK L 682 -55.82 -76.43 146.94
N UNK L 683 -56.29 -77.67 146.88
CA UNK L 683 -55.39 -78.78 146.62
C UNK L 683 -54.97 -78.83 145.16
N UNK L 684 -54.38 -79.94 144.75
CA UNK L 684 -53.50 -79.92 143.59
C UNK L 684 -53.55 -81.22 142.81
N UNK L 685 -52.45 -81.52 142.13
CA UNK L 685 -52.23 -82.80 141.47
C UNK L 685 -51.94 -83.91 142.49
N UNK L 686 -51.31 -84.99 142.04
CA UNK L 686 -51.05 -86.22 142.80
C UNK L 686 -52.36 -86.89 143.21
N UNK L 687 -53.00 -87.46 142.19
CA UNK L 687 -53.99 -88.53 142.34
C UNK L 687 -53.48 -89.60 143.31
N UNK L 688 -54.38 -90.13 144.17
CA UNK L 688 -55.84 -90.19 144.03
C UNK L 688 -56.65 -89.08 144.72
N UNK L 689 -57.97 -89.08 144.45
CA UNK L 689 -58.88 -88.09 145.03
C UNK L 689 -60.22 -88.65 145.50
N UNK L 690 -60.47 -89.95 145.28
CA UNK L 690 -61.70 -90.64 145.70
C UNK L 690 -62.97 -90.00 145.14
N UNK L 691 -62.91 -89.47 143.90
CA UNK L 691 -64.11 -89.09 143.16
C UNK L 691 -63.76 -89.14 141.67
N UNK L 692 -64.10 -90.24 141.00
CA UNK L 692 -63.74 -90.44 139.61
C UNK L 692 -64.98 -90.85 138.82
N UNK L 693 -64.85 -90.91 137.48
CA UNK L 693 -66.01 -91.25 136.64
C UNK L 693 -65.83 -92.52 135.83
N UNK L 694 -64.97 -92.55 134.82
CA UNK L 694 -65.02 -93.73 133.95
C UNK L 694 -63.68 -94.27 133.46
N UNK L 695 -62.76 -93.37 133.12
CA UNK L 695 -61.55 -93.75 132.37
C UNK L 695 -60.53 -92.62 132.54
N UNK L 696 -59.48 -92.66 131.72
CA UNK L 696 -58.32 -91.79 131.93
C UNK L 696 -58.50 -90.47 131.19
N UNK L 697 -58.58 -89.35 131.94
CA UNK L 697 -58.47 -89.32 133.39
C UNK L 697 -59.49 -88.37 134.01
N UNK L 698 -60.75 -88.44 133.56
CA UNK L 698 -61.77 -87.54 134.07
C UNK L 698 -62.05 -87.79 135.54
N UNK L 699 -62.03 -86.71 136.32
CA UNK L 699 -61.96 -86.83 137.78
C UNK L 699 -63.00 -85.95 138.47
N UNK L 700 -64.27 -86.11 138.07
CA UNK L 700 -65.36 -85.26 138.56
C UNK L 700 -65.56 -85.38 140.06
N UNK L 701 -65.80 -84.25 140.73
CA UNK L 701 -65.53 -84.22 142.15
C UNK L 701 -66.58 -83.42 142.93
N UNK L 702 -66.80 -83.83 144.18
CA UNK L 702 -67.26 -82.91 145.22
C UNK L 702 -66.03 -82.41 145.96
N UNK L 703 -65.38 -83.29 146.73
CA UNK L 703 -63.96 -83.63 146.67
C UNK L 703 -63.02 -82.55 146.12
N UNK L 704 -62.85 -81.41 146.77
CA UNK L 704 -63.09 -81.21 148.19
C UNK L 704 -63.48 -79.78 148.45
N UNK L 705 -64.56 -79.60 149.22
CA UNK L 705 -65.04 -78.27 149.50
C UNK L 705 -64.13 -77.56 150.50
N UNK L 706 -63.98 -76.26 150.30
CA UNK L 706 -63.19 -75.39 151.16
C UNK L 706 -63.96 -74.13 151.47
N UNK L 707 -65.19 -74.30 151.99
CA UNK L 707 -66.17 -73.24 152.28
C UNK L 707 -65.58 -72.10 153.07
N UNK L 708 -65.15 -72.38 154.31
CA UNK L 708 -63.97 -71.81 154.95
C UNK L 708 -63.96 -70.27 154.92
N UNK L 709 -64.87 -69.70 155.70
CA UNK L 709 -65.27 -68.29 155.68
C UNK L 709 -64.13 -67.27 155.71
N UNK L 710 -64.41 -66.05 155.24
CA UNK L 710 -63.39 -65.07 154.96
C UNK L 710 -63.93 -63.66 155.09
N UNK L 711 -63.11 -62.77 155.65
CA UNK L 711 -63.22 -61.32 155.50
C UNK L 711 -62.60 -60.93 154.17
N UNK L 712 -62.19 -59.66 154.02
CA UNK L 712 -61.37 -59.29 152.86
C UNK L 712 -60.00 -59.94 153.06
N UNK L 713 -59.95 -61.22 152.73
CA UNK L 713 -58.94 -62.18 153.18
C UNK L 713 -59.24 -63.51 152.49
N UNK L 714 -58.35 -64.46 152.68
CA UNK L 714 -58.50 -65.78 152.08
C UNK L 714 -59.29 -66.68 153.03
N UNK L 715 -59.28 -67.99 152.74
CA UNK L 715 -60.11 -68.97 153.43
C UNK L 715 -59.59 -69.33 154.81
N UNK L 716 -60.07 -70.44 155.39
CA UNK L 716 -59.65 -70.89 156.71
C UNK L 716 -58.14 -71.08 156.78
N UNK L 717 -57.56 -70.70 157.91
CA UNK L 717 -56.13 -70.39 157.98
C UNK L 717 -55.28 -71.64 157.81
N UNK L 718 -54.24 -71.50 156.99
CA UNK L 718 -53.34 -72.62 156.73
C UNK L 718 -51.99 -72.03 156.32
N UNK L 719 -51.05 -71.98 157.26
CA UNK L 719 -49.70 -71.55 156.96
C UNK L 719 -48.74 -72.73 156.89
N UNK L 720 -48.73 -73.54 157.94
CA UNK L 720 -48.08 -74.84 157.92
C UNK L 720 -48.97 -75.97 158.40
N UNK L 721 -50.11 -75.68 159.04
CA UNK L 721 -51.01 -76.70 159.56
C UNK L 721 -52.42 -76.25 159.33
N UNK L 722 -53.12 -76.91 158.40
CA UNK L 722 -54.40 -76.43 157.89
C UNK L 722 -55.50 -76.69 158.92
N UNK L 723 -55.61 -75.76 159.87
CA UNK L 723 -56.57 -75.91 160.95
C UNK L 723 -57.95 -75.52 160.48
N UNK L 724 -58.89 -76.46 160.55
CA UNK L 724 -60.30 -76.22 160.29
C UNK L 724 -60.98 -75.60 161.51
N UNK L 725 -62.31 -75.64 161.55
CA UNK L 725 -63.06 -75.07 162.66
C UNK L 725 -62.89 -75.82 163.99
N UNK L 726 -62.21 -76.97 163.98
CA UNK L 726 -61.80 -77.69 165.19
C UNK L 726 -60.54 -77.07 165.79
N UNK L 727 -59.87 -77.79 166.69
CA UNK L 727 -58.68 -77.27 167.35
C UNK L 727 -57.53 -77.05 166.35
N UNK L 728 -57.06 -78.11 165.71
CA UNK L 728 -55.99 -78.01 164.72
C UNK L 728 -56.05 -79.22 163.82
N UNK L 729 -55.39 -79.11 162.67
CA UNK L 729 -55.34 -80.20 161.71
C UNK L 729 -54.15 -79.99 160.78
N UNK L 730 -53.54 -81.08 160.37
CA UNK L 730 -52.28 -81.03 159.64
C UNK L 730 -52.46 -81.65 158.27
N UNK L 731 -52.90 -80.85 157.31
CA UNK L 731 -52.90 -81.30 155.93
C UNK L 731 -51.46 -81.33 155.44
N UNK L 732 -50.96 -82.52 155.18
CA UNK L 732 -49.55 -82.69 154.80
C UNK L 732 -49.30 -82.23 153.38
N UNK M 1 -43.59 5.33 110.84
CA UNK M 1 -43.62 5.27 109.39
C UNK M 1 -45.03 5.08 108.89
N UNK M 2 -45.21 4.24 107.88
CA UNK M 2 -46.53 4.02 107.33
C UNK M 2 -46.65 2.58 106.86
N UNK M 3 -47.70 1.89 107.30
CA UNK M 3 -47.88 0.48 107.00
C UNK M 3 -49.19 0.32 106.27
N UNK M 4 -49.16 -0.08 105.00
CA UNK M 4 -50.39 -0.08 104.21
C UNK M 4 -50.82 -1.49 103.82
N UNK M 5 -52.08 -1.64 103.42
CA UNK M 5 -52.56 -2.97 103.08
C UNK M 5 -53.71 -2.90 102.09
N UNK M 6 -53.56 -3.52 100.93
CA UNK M 6 -54.68 -3.68 100.04
C UNK M 6 -55.46 -4.90 100.49
N UNK M 7 -56.79 -4.88 100.36
CA UNK M 7 -57.56 -6.02 100.83
C UNK M 7 -58.77 -6.20 99.95
N UNK M 8 -58.89 -7.34 99.29
CA UNK M 8 -59.93 -7.55 98.29
C UNK M 8 -60.99 -8.51 98.82
N UNK M 9 -62.27 -8.23 98.53
CA UNK M 9 -63.30 -9.22 98.71
C UNK M 9 -63.50 -9.96 97.38
N UNK M 10 -64.41 -10.94 97.33
CA UNK M 10 -64.59 -11.76 96.12
C UNK M 10 -65.43 -11.02 95.11
N UNK M 11 -64.94 -10.91 93.87
CA UNK M 11 -65.39 -9.84 92.98
C UNK M 11 -65.83 -10.35 91.62
N UNK M 12 -66.66 -9.54 90.97
CA UNK M 12 -66.90 -9.62 89.53
C UNK M 12 -67.45 -8.28 89.09
N UNK M 13 -66.64 -7.49 88.40
CA UNK M 13 -66.97 -6.16 87.90
C UNK M 13 -67.44 -5.23 89.01
N UNK M 14 -66.52 -4.94 89.92
CA UNK M 14 -66.81 -4.02 91.00
C UNK M 14 -65.58 -3.18 91.30
N UNK M 15 -65.78 -2.14 92.11
CA UNK M 15 -64.90 -0.99 92.18
C UNK M 15 -64.05 -1.00 93.43
N UNK M 16 -63.31 0.06 93.60
CA UNK M 16 -62.29 0.15 94.62
C UNK M 16 -62.67 1.25 95.60
N UNK M 17 -62.08 1.20 96.79
CA UNK M 17 -62.31 2.24 97.79
C UNK M 17 -61.02 2.41 98.57
N UNK M 18 -60.36 3.56 98.40
CA UNK M 18 -59.03 3.76 98.96
C UNK M 18 -59.17 4.44 100.32
N UNK M 19 -59.43 3.63 101.35
CA UNK M 19 -59.66 4.24 102.65
C UNK M 19 -58.34 4.46 103.36
N UNK M 20 -58.34 5.39 104.31
CA UNK M 20 -57.13 5.67 105.09
C UNK M 20 -57.55 5.64 106.55
N UNK M 21 -57.35 4.50 107.19
CA UNK M 21 -57.75 4.32 108.58
C UNK M 21 -56.83 5.19 109.42
N UNK M 22 -57.34 6.36 109.81
CA UNK M 22 -56.52 7.34 110.49
C UNK M 22 -56.14 6.85 111.87
N UNK M 23 -57.13 6.72 112.75
CA UNK M 23 -56.82 6.13 114.05
C UNK M 23 -57.95 5.27 114.58
N UNK M 24 -58.91 4.86 113.74
CA UNK M 24 -60.15 4.32 114.28
C UNK M 24 -60.00 2.89 114.77
N UNK M 25 -59.74 1.96 113.84
CA UNK M 25 -59.65 0.50 114.04
C UNK M 25 -60.92 -0.12 114.62
N UNK M 26 -62.03 0.62 114.67
CA UNK M 26 -63.36 0.10 114.95
C UNK M 26 -64.38 0.55 113.93
N UNK M 27 -64.06 1.58 113.16
CA UNK M 27 -64.70 1.85 111.88
C UNK M 27 -64.22 0.90 110.80
N UNK M 28 -63.33 -0.03 111.13
CA UNK M 28 -62.86 -1.00 110.16
C UNK M 28 -63.99 -1.89 109.68
N UNK M 29 -64.81 -2.38 110.60
CA UNK M 29 -65.95 -3.17 110.17
C UNK M 29 -66.98 -2.30 109.46
N UNK M 30 -67.04 -1.02 109.81
CA UNK M 30 -67.98 -0.10 109.18
C UNK M 30 -67.63 0.12 107.73
N UNK M 31 -66.39 0.47 107.46
CA UNK M 31 -65.95 0.62 106.08
C UNK M 31 -65.89 -0.72 105.38
N UNK M 32 -65.72 -1.82 106.11
CA UNK M 32 -65.73 -3.13 105.50
C UNK M 32 -67.09 -3.46 104.93
N UNK M 33 -68.13 -3.23 105.71
CA UNK M 33 -69.47 -3.43 105.18
C UNK M 33 -69.82 -2.39 104.14
N UNK M 34 -69.20 -1.22 104.20
CA UNK M 34 -69.47 -0.19 103.20
C UNK M 34 -68.90 -0.59 101.85
N UNK M 35 -67.71 -1.15 101.82
CA UNK M 35 -67.12 -1.66 100.60
C UNK M 35 -67.48 -3.10 100.37
N UNK M 36 -68.40 -3.65 101.15
CA UNK M 36 -68.98 -4.93 100.77
C UNK M 36 -69.78 -4.83 99.50
N UNK M 37 -70.29 -3.66 99.15
CA UNK M 37 -70.86 -3.43 97.83
C UNK M 37 -69.79 -2.88 96.89
N UNK M 38 -68.75 -3.68 96.71
CA UNK M 38 -67.57 -3.32 95.94
C UNK M 38 -66.68 -4.52 95.65
N UNK M 39 -65.44 -4.26 95.22
CA UNK M 39 -64.43 -5.28 94.99
C UNK M 39 -63.24 -5.15 95.91
N UNK M 40 -62.59 -3.99 95.97
CA UNK M 40 -61.28 -3.94 96.59
C UNK M 40 -61.19 -2.75 97.54
N UNK M 41 -61.14 -3.01 98.83
CA UNK M 41 -60.77 -1.94 99.73
C UNK M 41 -59.26 -1.81 99.71
N UNK M 42 -58.78 -0.65 100.08
CA UNK M 42 -57.34 -0.45 100.19
C UNK M 42 -57.14 0.35 101.46
N UNK M 43 -56.87 -0.33 102.57
CA UNK M 43 -56.80 0.32 103.85
C UNK M 43 -55.38 0.82 104.06
N UNK M 44 -55.20 2.11 104.17
CA UNK M 44 -53.88 2.64 104.50
C UNK M 44 -53.75 2.84 106.00
N UNK M 45 -52.50 2.78 106.47
CA UNK M 45 -51.97 3.01 107.81
C UNK M 45 -52.26 1.91 108.84
N UNK M 46 -53.21 1.03 108.57
CA UNK M 46 -53.25 -0.42 108.88
C UNK M 46 -52.47 -0.97 110.06
N UNK M 47 -52.57 -0.39 111.24
CA UNK M 47 -51.65 -0.81 112.30
C UNK M 47 -52.13 -2.07 113.01
N UNK M 48 -53.36 -2.06 113.52
CA UNK M 48 -53.97 -3.25 114.05
C UNK M 48 -54.95 -3.85 113.07
N UNK M 49 -55.37 -3.08 112.08
CA UNK M 49 -56.35 -3.58 111.12
C UNK M 49 -55.76 -4.68 110.27
N UNK M 50 -54.58 -4.44 109.69
CA UNK M 50 -53.96 -5.45 108.85
C UNK M 50 -53.58 -6.67 109.65
N UNK M 51 -53.19 -6.48 110.90
CA UNK M 51 -52.78 -7.59 111.73
C UNK M 51 -53.95 -8.48 112.06
N UNK M 52 -55.04 -7.89 112.56
CA UNK M 52 -56.18 -8.71 112.92
C UNK M 52 -56.82 -9.32 111.69
N UNK M 53 -56.79 -8.62 110.55
CA UNK M 53 -57.37 -9.19 109.34
C UNK M 53 -56.54 -10.34 108.82
N UNK M 54 -55.22 -10.24 108.90
CA UNK M 54 -54.39 -11.32 108.40
C UNK M 54 -54.46 -12.52 109.32
N UNK M 55 -54.57 -12.31 110.63
CA UNK M 55 -54.69 -13.45 111.51
C UNK M 55 -56.01 -14.16 111.30
N UNK M 56 -57.08 -13.40 111.09
CA UNK M 56 -58.35 -14.03 110.81
C UNK M 56 -58.32 -14.76 109.48
N UNK M 57 -57.65 -14.20 108.48
CA UNK M 57 -57.63 -14.85 107.19
C UNK M 57 -56.80 -16.11 107.20
N UNK M 58 -55.70 -16.10 107.93
CA UNK M 58 -54.83 -17.26 107.92
C UNK M 58 -55.30 -18.34 108.85
N UNK M 59 -56.11 -18.03 109.84
CA UNK M 59 -56.75 -19.09 110.61
C UNK M 59 -58.25 -19.01 110.42
N UNK M 60 -58.66 -18.76 109.18
CA UNK M 60 -60.07 -18.60 108.87
C UNK M 60 -60.75 -19.85 108.36
N UNK M 61 -60.00 -20.89 108.01
CA UNK M 61 -60.62 -22.08 107.44
C UNK M 61 -60.60 -23.26 108.40
N UNK M 62 -59.43 -23.65 108.89
CA UNK M 62 -59.39 -24.83 109.75
C UNK M 62 -59.91 -24.51 111.13
N UNK M 63 -59.54 -23.34 111.64
CA UNK M 63 -59.99 -22.95 112.96
C UNK M 63 -61.46 -22.60 112.97
N UNK M 64 -62.09 -22.47 111.81
CA UNK M 64 -63.53 -22.42 111.70
C UNK M 64 -64.15 -23.77 111.52
N UNK M 65 -63.48 -24.63 110.76
CA UNK M 65 -64.01 -25.95 110.48
C UNK M 65 -64.08 -26.79 111.74
N UNK M 66 -63.17 -26.58 112.67
CA UNK M 66 -63.28 -27.36 113.89
C UNK M 66 -64.30 -26.74 114.84
N UNK M 67 -64.00 -25.57 115.40
CA UNK M 67 -64.63 -25.19 116.66
C UNK M 67 -65.53 -23.97 116.59
N UNK M 68 -64.97 -22.79 116.32
CA UNK M 68 -65.52 -21.50 116.71
C UNK M 68 -65.97 -21.53 118.17
N UNK M 69 -64.99 -21.64 119.05
CA UNK M 69 -65.23 -21.72 120.48
C UNK M 69 -65.43 -20.34 121.08
N UNK M 70 -65.87 -20.30 122.32
CA UNK M 70 -65.91 -19.09 123.13
C UNK M 70 -64.87 -19.20 124.23
N UNK M 71 -64.01 -18.20 124.36
CA UNK M 71 -62.76 -18.38 125.09
C UNK M 71 -62.72 -17.50 126.33
N UNK M 72 -62.92 -18.10 127.50
CA UNK M 72 -62.61 -17.42 128.75
C UNK M 72 -61.11 -17.32 128.93
N UNK M 73 -60.66 -16.31 129.67
CA UNK M 73 -59.23 -16.13 129.85
C UNK M 73 -58.92 -15.61 131.23
N UNK M 74 -57.92 -16.19 131.87
CA UNK M 74 -57.45 -15.70 133.16
C UNK M 74 -55.94 -15.56 132.98
N UNK M 75 -55.51 -14.42 132.48
CA UNK M 75 -54.12 -14.26 132.12
C UNK M 75 -53.45 -13.25 133.04
N UNK M 76 -52.26 -13.61 133.49
CA UNK M 76 -51.40 -12.73 134.26
C UNK M 76 -50.43 -12.07 133.32
N UNK M 77 -50.08 -10.84 133.62
CA UNK M 77 -49.72 -9.92 132.56
C UNK M 77 -48.25 -9.99 132.18
N UNK M 78 -47.64 -11.18 132.30
CA UNK M 78 -46.19 -11.27 132.23
C UNK M 78 -45.56 -10.88 130.90
N UNK M 79 -45.78 -11.67 129.87
CA UNK M 79 -44.95 -11.58 128.68
C UNK M 79 -45.70 -11.01 127.50
N UNK M 80 -46.80 -11.65 127.10
CA UNK M 80 -47.54 -11.24 125.93
C UNK M 80 -48.21 -9.89 126.11
N UNK M 81 -48.39 -9.47 127.36
CA UNK M 81 -49.19 -8.30 127.70
C UNK M 81 -48.63 -7.00 127.18
N UNK M 82 -47.39 -6.98 126.70
CA UNK M 82 -47.07 -6.01 125.67
C UNK M 82 -46.07 -6.67 124.73
N UNK M 83 -46.57 -7.43 123.77
CA UNK M 83 -45.67 -8.26 122.99
C UNK M 83 -46.39 -8.81 121.77
N UNK M 84 -45.71 -9.74 121.12
CA UNK M 84 -46.07 -10.30 119.82
C UNK M 84 -46.79 -11.62 119.98
N UNK M 85 -47.65 -11.91 119.02
CA UNK M 85 -48.36 -13.18 118.98
C UNK M 85 -47.55 -14.28 118.33
N UNK M 86 -46.31 -14.00 118.01
CA UNK M 86 -45.30 -15.00 117.62
C UNK M 86 -45.66 -15.74 116.34
N UNK M 87 -46.29 -15.06 115.43
CA UNK M 87 -46.38 -15.59 114.08
C UNK M 87 -46.24 -14.52 113.03
N UNK M 88 -46.01 -13.27 113.43
CA UNK M 88 -46.00 -12.18 112.47
C UNK M 88 -44.70 -12.11 111.70
N UNK M 89 -43.59 -12.41 112.35
CA UNK M 89 -42.27 -12.10 111.82
C UNK M 89 -41.82 -13.04 110.72
N UNK M 90 -42.67 -13.93 110.25
CA UNK M 90 -42.31 -14.70 109.08
C UNK M 90 -43.36 -14.69 108.01
N UNK M 91 -44.62 -14.37 108.32
CA UNK M 91 -45.64 -14.21 107.30
C UNK M 91 -45.77 -12.77 106.82
N UNK M 92 -45.81 -11.81 107.73
CA UNK M 92 -45.66 -10.42 107.30
C UNK M 92 -44.19 -9.99 107.38
N UNK M 93 -43.35 -10.86 106.86
CA UNK M 93 -42.18 -10.49 106.09
C UNK M 93 -42.71 -10.60 104.69
N UNK M 94 -43.26 -9.49 104.20
CA UNK M 94 -44.33 -9.48 103.21
C UNK M 94 -43.89 -10.04 101.87
N UNK M 95 -44.74 -10.86 101.27
CA UNK M 95 -44.53 -11.39 99.94
C UNK M 95 -45.24 -10.57 98.88
N UNK M 96 -46.49 -10.20 99.14
CA UNK M 96 -47.20 -9.13 98.44
C UNK M 96 -47.39 -9.40 96.96
N UNK M 97 -48.07 -10.49 96.65
CA UNK M 97 -48.14 -10.95 95.27
C UNK M 97 -49.53 -11.45 94.99
N UNK M 98 -50.32 -10.64 94.33
CA UNK M 98 -51.67 -11.04 94.02
C UNK M 98 -52.18 -10.21 92.87
N UNK M 99 -53.48 -10.34 92.67
CA UNK M 99 -54.36 -9.56 91.83
C UNK M 99 -55.74 -9.89 92.35
N UNK M 100 -56.76 -9.65 91.54
CA UNK M 100 -58.09 -10.16 91.85
C UNK M 100 -58.26 -11.54 91.23
N UNK M 101 -57.68 -12.53 91.90
CA UNK M 101 -57.63 -13.90 91.36
C UNK M 101 -58.76 -14.76 91.91
N UNK M 102 -59.99 -14.26 91.84
CA UNK M 102 -61.14 -15.09 92.16
C UNK M 102 -62.35 -14.69 91.35
N UNK M 103 -62.14 -14.30 90.09
CA UNK M 103 -63.20 -13.69 89.27
C UNK M 103 -64.41 -14.59 89.12
N UNK M 104 -65.60 -14.01 89.22
CA UNK M 104 -66.77 -14.76 89.68
C UNK M 104 -67.95 -14.77 88.73
N UNK M 105 -67.71 -15.05 87.44
CA UNK M 105 -68.73 -15.45 86.47
C UNK M 105 -69.87 -14.47 86.24
N UNK M 106 23.79 -15.46 192.08
CA UNK M 106 23.18 -15.14 190.80
C UNK M 106 21.78 -15.76 190.70
N UNK M 107 21.53 -16.77 191.53
CA UNK M 107 20.30 -17.53 191.45
C UNK M 107 20.00 -18.11 192.82
N UNK M 108 18.73 -18.07 193.25
CA UNK M 108 17.63 -17.46 192.53
C UNK M 108 17.59 -15.96 192.78
N UNK M 109 17.45 -15.59 194.06
CA UNK M 109 17.25 -14.20 194.49
C UNK M 109 16.11 -13.55 193.70
N UNK M 110 14.95 -14.20 193.80
CA UNK M 110 13.72 -13.87 193.07
C UNK M 110 13.92 -13.87 191.57
N UNK M 111 14.83 -14.69 191.07
CA UNK M 111 15.13 -14.65 189.65
C UNK M 111 15.54 -16.05 189.21
N UNK M 112 14.56 -16.80 188.72
CA UNK M 112 14.80 -18.18 188.29
C UNK M 112 13.61 -18.61 187.44
N UNK M 113 13.79 -19.76 186.78
CA UNK M 113 12.76 -20.48 186.03
C UNK M 113 12.09 -19.65 184.94
N UNK M 114 -17.37 11.46 171.92
CA UNK M 114 -17.10 10.53 173.01
C UNK M 114 -18.14 9.44 173.03
N UNK M 115 -19.33 9.75 172.52
CA UNK M 115 -20.42 8.80 172.50
C UNK M 115 -20.45 7.96 171.22
N UNK M 116 -19.56 8.19 170.28
CA UNK M 116 -19.74 7.68 168.94
C UNK M 116 -19.30 6.24 168.80
N UNK M 117 -20.08 5.47 168.03
CA UNK M 117 -19.62 4.18 167.56
C UNK M 117 -18.45 4.33 166.60
N UNK M 118 -18.37 5.48 165.90
CA UNK M 118 -17.16 5.75 165.12
C UNK M 118 -15.96 5.92 166.03
N UNK M 119 -16.15 6.58 167.16
CA UNK M 119 -15.08 6.68 168.15
C UNK M 119 -14.78 5.33 168.77
N UNK M 120 -15.79 4.48 168.87
CA UNK M 120 -15.58 3.12 169.33
C UNK M 120 -14.73 2.33 168.35
N UNK M 121 -15.19 2.21 167.10
CA UNK M 121 -14.51 1.41 166.08
C UNK M 121 -13.15 1.95 165.70
N UNK M 122 -12.84 3.18 166.10
CA UNK M 122 -11.44 3.60 166.21
C UNK M 122 -10.83 3.06 167.50
N UNK M 123 -10.70 1.75 167.58
CA UNK M 123 -10.01 1.15 168.73
C UNK M 123 -8.86 0.18 168.42
N UNK M 124 -8.97 -0.81 167.50
CA UNK M 124 -10.03 -1.17 166.54
C UNK M 124 -10.39 -2.68 166.44
N UNK M 125 -10.75 -3.34 167.53
CA UNK M 125 -11.10 -4.76 167.48
C UNK M 125 -12.51 -4.97 166.92
N UNK M 126 -13.03 -6.21 167.02
CA UNK M 126 -14.31 -6.60 166.42
C UNK M 126 -15.33 -7.15 167.42
N UNK M 127 -14.92 -7.52 168.61
CA UNK M 127 -15.91 -7.57 169.68
C UNK M 127 -16.43 -6.18 170.00
N UNK M 128 -15.71 -5.12 169.61
CA UNK M 128 -16.33 -3.80 169.53
C UNK M 128 -17.46 -3.76 168.50
N UNK M 129 -17.44 -4.61 167.46
CA UNK M 129 -18.62 -4.72 166.61
C UNK M 129 -19.69 -5.56 167.28
N UNK M 130 -19.29 -6.41 168.19
CA UNK M 130 -20.29 -6.97 169.09
C UNK M 130 -20.71 -5.98 170.18
N UNK M 131 -20.02 -4.86 170.32
CA UNK M 131 -20.31 -3.88 171.35
C UNK M 131 -20.79 -2.55 170.79
N UNK M 132 -20.96 -2.45 169.48
CA UNK M 132 -21.45 -1.23 168.88
C UNK M 132 -22.91 -0.96 169.19
N UNK M 133 -23.63 -1.95 169.72
CA UNK M 133 -24.97 -1.74 170.22
C UNK M 133 -25.02 -0.85 171.46
N UNK M 134 -23.86 -0.57 172.07
CA UNK M 134 -23.81 0.47 173.09
C UNK M 134 -24.22 1.81 172.52
N UNK M 135 -23.83 2.09 171.27
CA UNK M 135 -24.07 3.39 170.65
C UNK M 135 -25.21 3.34 169.66
N UNK M 136 -26.27 2.60 169.97
CA UNK M 136 -27.47 2.63 169.16
C UNK M 136 -28.70 2.62 170.05
N UNK M 137 -10.14 1.85 192.38
CA UNK M 137 -10.53 0.49 192.74
C UNK M 137 -11.08 -0.24 191.52
N UNK M 138 -10.19 -0.59 190.60
CA UNK M 138 -10.61 -1.22 189.37
C UNK M 138 -10.86 -2.71 189.57
N UNK M 139 -11.56 -3.31 188.61
CA UNK M 139 -11.55 -4.76 188.50
C UNK M 139 -10.15 -5.25 188.21
N UNK M 140 -9.42 -4.52 187.37
CA UNK M 140 -8.01 -4.81 187.13
C UNK M 140 -7.15 -4.49 188.33
N UNK M 141 -7.63 -3.72 189.30
CA UNK M 141 -6.84 -3.51 190.51
C UNK M 141 -6.77 -4.78 191.35
N UNK M 142 -7.79 -5.64 191.24
CA UNK M 142 -7.70 -6.98 191.82
C UNK M 142 -6.55 -7.76 191.20
N UNK M 143 -6.35 -7.61 189.90
CA UNK M 143 -5.17 -8.20 189.27
C UNK M 143 -3.91 -7.47 189.68
N UNK M 144 -3.98 -6.15 189.85
CA UNK M 144 -2.80 -5.36 190.16
C UNK M 144 -2.31 -5.60 191.57
N UNK M 145 -3.15 -6.18 192.42
CA UNK M 145 -2.68 -6.75 193.66
C UNK M 145 -2.45 -8.25 193.56
N UNK M 146 -3.17 -8.93 192.69
CA UNK M 146 -3.16 -10.39 192.65
C UNK M 146 -1.89 -10.91 191.99
N UNK M 147 -1.59 -10.40 190.80
CA UNK M 147 -0.32 -10.71 190.16
C UNK M 147 0.86 -10.14 190.94
N UNK M 148 0.63 -9.07 191.69
CA UNK M 148 1.64 -8.56 192.61
C UNK M 148 1.95 -9.58 193.69
N UNK M 149 0.91 -10.18 194.28
CA UNK M 149 1.13 -11.23 195.25
C UNK M 149 1.69 -12.49 194.62
N UNK M 150 1.39 -12.72 193.36
CA UNK M 150 1.84 -13.92 192.68
C UNK M 150 3.25 -13.80 192.12
N UNK M 151 3.76 -12.59 191.96
CA UNK M 151 5.09 -12.41 191.40
C UNK M 151 6.08 -11.81 192.37
N UNK M 152 5.65 -10.88 193.24
CA UNK M 152 6.51 -10.28 194.26
C UNK M 152 6.50 -11.07 195.55
N UNK M 153 6.21 -12.36 195.49
CA UNK M 153 6.30 -13.23 196.64
C UNK M 153 7.63 -13.94 196.74
N UNK M 154 8.38 -14.04 195.64
CA UNK M 154 9.71 -14.61 195.71
C UNK M 154 10.64 -13.72 196.52
N UNK M 155 10.39 -12.42 196.52
CA UNK M 155 11.08 -11.51 197.42
C UNK M 155 10.16 -10.36 197.78
N UNK M 156 29.31 9.47 166.78
CA UNK M 156 28.48 8.87 165.75
C UNK M 156 27.00 9.03 166.10
N UNK M 157 26.72 9.47 167.30
CA UNK M 157 25.33 9.79 167.59
C UNK M 157 25.13 11.16 168.19
N UNK M 158 26.02 11.62 169.05
CA UNK M 158 25.69 12.80 169.84
C UNK M 158 26.01 14.10 169.13
N UNK M 159 27.31 14.41 169.00
CA UNK M 159 27.85 15.70 168.58
C UNK M 159 27.18 16.89 169.29
N UNK M 160 26.73 16.71 170.52
CA UNK M 160 25.84 17.67 171.13
C UNK M 160 26.62 18.71 171.91
N UNK M 161 26.29 19.97 171.68
CA UNK M 161 26.92 21.09 172.35
C UNK M 161 25.97 21.63 173.40
N UNK M 162 26.52 22.44 174.29
CA UNK M 162 25.76 22.93 175.43
C UNK M 162 25.79 24.45 175.45
N UNK M 163 25.09 25.00 176.44
CA UNK M 163 25.15 26.42 176.75
C UNK M 163 24.73 26.57 178.21
N UNK M 164 24.98 27.74 178.76
CA UNK M 164 24.62 28.02 180.15
C UNK M 164 23.53 29.07 180.26
N UNK M 165 23.77 30.28 179.73
CA UNK M 165 22.79 31.36 179.57
C UNK M 165 22.13 31.76 180.89
N UNK M 166 22.94 32.24 181.81
CA UNK M 166 22.46 32.62 183.13
C UNK M 166 22.24 34.13 183.20
N UNK M 167 21.47 34.53 184.22
CA UNK M 167 21.23 35.92 184.64
C UNK M 167 20.61 36.79 183.53
N UNK M 168 19.32 36.55 183.23
CA UNK M 168 18.40 35.62 183.89
C UNK M 168 17.48 34.85 182.93
N UNK M 169 17.38 35.30 181.68
CA UNK M 169 16.37 34.82 180.74
C UNK M 169 17.02 34.10 179.56
N UNK M 170 16.31 33.09 179.06
CA UNK M 170 16.87 32.10 178.15
C UNK M 170 16.95 32.64 176.72
N UNK M 171 17.54 31.83 175.84
CA UNK M 171 17.57 32.12 174.41
C UNK M 171 16.79 31.08 173.62
N UNK M 172 17.20 29.81 173.70
CA UNK M 172 16.72 28.79 172.78
C UNK M 172 17.09 27.43 173.33
N UNK M 173 16.52 26.39 172.72
CA UNK M 173 16.82 25.01 173.09
C UNK M 173 16.92 24.13 171.87
N UNK M 174 17.60 24.61 170.83
CA UNK M 174 17.36 24.06 169.51
C UNK M 174 18.12 22.75 169.30
N UNK M 175 17.75 22.05 168.24
CA UNK M 175 18.38 20.75 167.97
C UNK M 175 18.39 20.49 166.49
N UNK M 176 19.58 20.32 165.93
CA UNK M 176 19.73 20.02 164.52
C UNK M 176 19.75 18.50 164.37
N UNK M 177 18.70 17.96 163.75
CA UNK M 177 18.55 16.52 163.64
C UNK M 177 18.74 16.15 162.18
N UNK M 178 19.84 15.48 161.88
CA UNK M 178 20.10 15.07 160.50
C UNK M 178 19.47 13.71 160.28
N UNK M 179 18.74 13.56 159.18
CA UNK M 179 18.20 12.28 158.78
C UNK M 179 19.24 11.58 157.93
N UNK M 180 18.83 10.56 157.17
CA UNK M 180 19.74 9.68 156.47
C UNK M 180 20.50 10.40 155.35
N UNK M 181 21.36 9.66 154.69
CA UNK M 181 22.34 10.21 153.77
C UNK M 181 21.93 9.93 152.33
N UNK M 182 22.24 10.86 151.40
CA UNK M 182 22.75 12.23 151.60
C UNK M 182 22.19 13.08 150.46
N UNK M 183 22.77 14.28 150.29
CA UNK M 183 22.63 15.15 149.12
C UNK M 183 21.17 15.54 148.88
N UNK M 184 20.64 16.28 149.86
CA UNK M 184 19.25 16.71 149.80
C UNK M 184 19.12 17.99 150.62
N UNK M 185 17.89 18.36 150.94
CA UNK M 185 17.59 19.70 151.44
C UNK M 185 17.62 19.77 152.95
N UNK M 186 17.14 20.89 153.46
CA UNK M 186 16.98 21.09 154.89
C UNK M 186 15.59 21.62 155.14
N UNK M 187 15.11 21.44 156.36
CA UNK M 187 13.83 21.97 156.77
C UNK M 187 13.90 22.35 158.23
N UNK M 188 13.58 23.59 158.55
CA UNK M 188 13.72 24.12 159.91
C UNK M 188 12.33 24.16 160.55
N UNK M 189 11.94 23.04 161.16
CA UNK M 189 10.67 22.99 161.86
C UNK M 189 10.78 23.81 163.14
N UNK M 190 10.12 24.96 163.14
CA UNK M 190 10.00 25.73 164.37
C UNK M 190 8.81 25.14 165.11
N UNK M 191 9.09 24.26 166.05
CA UNK M 191 8.01 23.67 166.84
C UNK M 191 7.44 24.73 167.77
N UNK M 192 6.11 24.83 167.80
CA UNK M 192 5.47 25.64 168.83
C UNK M 192 5.77 24.99 170.18
N UNK M 193 5.18 23.83 170.42
CA UNK M 193 5.76 22.86 171.35
C UNK M 193 5.47 21.44 170.92
N UNK M 194 5.08 21.25 169.65
CA UNK M 194 4.03 20.31 169.24
C UNK M 194 4.19 18.84 169.65
N UNK M 195 5.17 18.14 169.06
CA UNK M 195 5.35 16.68 169.18
C UNK M 195 4.07 15.90 168.89
N UNK M 196 3.30 16.34 167.91
CA UNK M 196 2.16 15.60 167.42
C UNK M 196 2.27 15.25 165.96
N UNK M 197 2.56 16.24 165.11
CA UNK M 197 2.94 16.01 163.73
C UNK M 197 4.43 15.91 163.57
N UNK M 198 5.13 15.55 164.65
CA UNK M 198 6.57 15.41 164.58
C UNK M 198 6.96 14.28 163.65
N UNK M 199 6.27 13.15 163.76
CA UNK M 199 6.49 12.05 162.83
C UNK M 199 6.03 12.42 161.43
N UNK M 200 5.07 13.33 161.33
CA UNK M 200 4.59 13.76 160.02
C UNK M 200 5.65 14.57 159.31
N UNK M 201 6.23 15.54 159.98
CA UNK M 201 7.30 16.30 159.37
C UNK M 201 8.56 15.47 159.22
N UNK M 202 8.76 14.44 160.03
CA UNK M 202 9.89 13.54 159.81
C UNK M 202 9.72 12.75 158.54
N UNK M 203 8.51 12.25 158.30
CA UNK M 203 8.27 11.58 157.03
C UNK M 203 8.24 12.57 155.89
N UNK M 204 8.03 13.86 156.17
CA UNK M 204 8.17 14.85 155.12
C UNK M 204 9.63 15.07 154.77
N UNK M 205 10.49 15.18 155.79
CA UNK M 205 11.91 15.37 155.55
C UNK M 205 12.61 14.08 155.20
N UNK M 206 11.89 12.97 155.13
CA UNK M 206 12.43 11.76 154.54
C UNK M 206 12.80 11.96 153.08
N UNK M 207 12.14 12.89 152.40
CA UNK M 207 12.62 13.29 151.10
C UNK M 207 13.82 14.24 151.20
N UNK M 208 14.02 14.86 152.34
CA UNK M 208 15.08 15.84 152.55
C UNK M 208 16.32 15.17 153.15
N UNK M 209 17.24 15.98 153.69
CA UNK M 209 18.43 15.51 154.41
C UNK M 209 18.51 15.95 155.85
N UNK M 210 18.28 17.22 156.14
CA UNK M 210 18.58 17.74 157.48
C UNK M 210 17.43 18.55 158.02
N UNK M 211 16.85 18.10 159.13
CA UNK M 211 15.84 18.88 159.81
C UNK M 211 16.48 19.64 160.96
N UNK M 212 15.78 20.67 161.42
CA UNK M 212 16.24 21.42 162.58
C UNK M 212 15.03 21.86 163.39
N UNK M 213 14.96 21.40 164.63
CA UNK M 213 13.84 21.72 165.49
C UNK M 213 14.19 22.92 166.36
N UNK M 214 13.28 23.88 166.43
CA UNK M 214 13.48 25.07 167.25
C UNK M 214 12.87 24.86 168.63
N UNK M 215 13.75 24.63 169.61
CA UNK M 215 13.58 24.58 171.06
C UNK M 215 12.85 23.37 171.59
N UNK M 216 11.99 22.76 170.78
CA UNK M 216 11.67 21.34 170.70
C UNK M 216 11.12 20.65 171.93
N UNK M 217 11.54 21.04 173.13
CA UNK M 217 10.87 20.93 174.43
C UNK M 217 10.33 19.57 174.87
N UNK M 218 9.93 18.72 173.93
CA UNK M 218 9.58 17.33 174.19
C UNK M 218 9.97 16.49 173.01
N UNK M 219 10.01 17.15 171.84
CA UNK M 219 10.22 16.41 170.60
C UNK M 219 11.64 15.92 170.50
N UNK M 220 12.60 16.80 170.76
CA UNK M 220 13.99 16.38 170.82
C UNK M 220 14.24 15.48 172.00
N UNK M 221 13.45 15.61 173.07
CA UNK M 221 13.59 14.72 174.21
C UNK M 221 13.25 13.28 173.83
N UNK M 222 12.08 13.08 173.23
CA UNK M 222 11.71 11.74 172.79
C UNK M 222 12.58 11.25 171.64
N UNK M 223 13.02 12.16 170.78
CA UNK M 223 13.90 11.81 169.68
C UNK M 223 15.24 11.33 170.19
N UNK M 224 15.79 12.03 171.17
CA UNK M 224 17.05 11.64 171.78
C UNK M 224 16.88 10.35 172.54
N UNK M 225 15.71 10.17 173.16
CA UNK M 225 15.43 8.93 173.89
C UNK M 225 15.46 7.74 172.96
N UNK M 226 14.89 7.88 171.77
CA UNK M 226 14.98 6.81 170.79
C UNK M 226 16.40 6.65 170.30
N UNK M 227 17.06 7.76 169.97
CA UNK M 227 18.33 7.70 169.29
C UNK M 227 19.44 7.17 170.17
N UNK M 228 19.29 7.34 171.49
CA UNK M 228 20.33 6.85 172.38
C UNK M 228 20.23 5.35 172.57
N UNK M 229 19.11 4.88 173.08
CA UNK M 229 19.00 3.48 173.42
C UNK M 229 18.61 2.61 172.24
N UNK M 230 18.50 3.17 171.03
CA UNK M 230 18.09 2.42 169.86
C UNK M 230 18.99 1.24 169.53
N UNK M 231 20.24 1.51 169.17
CA UNK M 231 21.15 0.42 168.86
C UNK M 231 21.56 -0.36 170.10
N UNK M 232 21.43 0.25 171.28
CA UNK M 232 21.71 -0.41 172.54
C UNK M 232 20.74 -1.57 172.78
N UNK M 233 19.47 -1.24 172.96
CA UNK M 233 18.47 -2.24 173.22
C UNK M 233 18.05 -2.99 171.97
N UNK M 234 18.50 -2.53 170.79
CA UNK M 234 18.08 -3.14 169.54
C UNK M 234 18.60 -4.56 169.41
N UNK M 235 19.71 -4.87 170.05
CA UNK M 235 20.19 -6.25 170.11
C UNK M 235 19.40 -7.12 171.07
N UNK M 236 18.36 -6.58 171.71
CA UNK M 236 17.43 -7.37 172.48
C UNK M 236 16.08 -7.52 171.79
N UNK M 237 15.51 -6.40 171.32
CA UNK M 237 14.26 -6.34 170.54
C UNK M 237 13.08 -6.93 171.32
N UNK M 238 12.71 -6.25 172.40
CA UNK M 238 11.74 -6.77 173.35
C UNK M 238 10.47 -5.92 173.38
N UNK M 239 9.41 -6.47 173.98
CA UNK M 239 8.13 -5.81 174.18
C UNK M 239 7.67 -6.02 175.62
N UNK M 240 6.65 -5.29 176.04
CA UNK M 240 6.35 -5.26 177.47
C UNK M 240 4.87 -5.07 177.70
N UNK M 241 4.51 -4.91 178.97
CA UNK M 241 3.13 -4.69 179.40
C UNK M 241 3.19 -4.06 180.78
N UNK M 242 2.78 -2.79 180.89
CA UNK M 242 3.02 -1.98 182.07
C UNK M 242 1.70 -1.71 182.78
N UNK M 243 1.53 -2.27 183.98
CA UNK M 243 0.38 -1.98 184.81
C UNK M 243 0.92 -1.44 186.12
N UNK M 244 1.22 -0.14 186.14
CA UNK M 244 2.00 0.45 187.22
C UNK M 244 1.10 1.09 188.26
N UNK M 245 1.35 0.76 189.53
CA UNK M 245 0.56 1.26 190.64
C UNK M 245 0.93 2.71 190.90
N UNK M 246 0.37 3.60 190.07
CA UNK M 246 0.83 4.98 190.01
C UNK M 246 0.41 5.74 191.27
N UNK M 247 1.24 5.61 192.30
CA UNK M 247 1.00 6.25 193.59
C UNK M 247 1.93 7.40 193.88
N UNK M 248 3.07 7.48 193.19
CA UNK M 248 3.98 8.62 193.31
C UNK M 248 3.75 9.60 192.19
N UNK M 249 2.48 9.82 191.83
CA UNK M 249 2.09 10.45 190.57
C UNK M 249 2.51 11.91 190.57
N UNK M 250 3.65 12.16 189.97
CA UNK M 250 4.24 13.47 189.80
C UNK M 250 4.99 13.40 188.49
N UNK M 251 5.95 14.31 188.30
CA UNK M 251 6.75 14.28 187.09
C UNK M 251 7.59 13.01 187.00
N UNK M 252 7.55 12.38 185.84
CA UNK M 252 8.38 11.23 185.59
C UNK M 252 9.72 11.71 185.04
N UNK M 253 10.53 10.81 184.50
CA UNK M 253 11.91 11.14 184.18
C UNK M 253 12.21 10.85 182.72
N UNK M 254 13.45 11.10 182.34
CA UNK M 254 13.91 11.09 180.96
C UNK M 254 15.37 10.68 180.96
N UNK M 255 16.07 10.97 179.87
CA UNK M 255 17.49 10.65 179.72
C UNK M 255 18.28 11.86 179.23
N UNK M 256 18.07 13.00 179.87
CA UNK M 256 18.82 14.21 179.53
C UNK M 256 20.26 14.09 179.99
N UNK M 257 4.65 1.01 194.45
CA UNK M 257 5.35 0.23 193.43
C UNK M 257 4.92 0.69 192.06
N UNK M 258 5.59 0.20 191.02
CA UNK M 258 5.16 0.44 189.64
C UNK M 258 5.40 -0.83 188.86
N UNK M 259 4.38 -1.65 188.69
CA UNK M 259 4.55 -2.97 188.12
C UNK M 259 4.54 -2.90 186.60
N UNK M 260 5.52 -3.55 185.99
CA UNK M 260 5.56 -3.74 184.56
C UNK M 260 6.18 -5.08 184.28
N UNK M 261 5.48 -5.93 183.55
CA UNK M 261 5.98 -7.23 183.14
C UNK M 261 6.37 -7.14 181.68
N UNK M 262 7.64 -7.34 181.39
CA UNK M 262 8.12 -7.33 180.03
C UNK M 262 8.21 -8.75 179.52
N UNK M 263 7.77 -8.95 178.29
CA UNK M 263 7.71 -10.28 177.71
C UNK M 263 8.13 -10.14 176.26
N UNK M 264 9.28 -10.70 175.90
CA UNK M 264 9.70 -10.68 174.51
C UNK M 264 8.81 -11.64 173.75
N UNK M 265 7.68 -11.15 173.24
CA UNK M 265 6.55 -11.98 172.87
C UNK M 265 6.82 -12.80 171.61
N UNK M 266 7.71 -13.76 171.73
CA UNK M 266 8.10 -14.55 170.59
C UNK M 266 7.96 -16.05 170.82
N UNK M 267 8.30 -16.54 172.01
CA UNK M 267 8.45 -17.98 172.18
C UNK M 267 8.32 -18.34 173.66
N UNK M 268 8.83 -19.53 174.01
CA UNK M 268 8.84 -20.10 175.34
C UNK M 268 10.29 -20.31 175.80
N UNK M 269 10.57 -20.32 177.12
CA UNK M 269 9.66 -20.10 178.25
C UNK M 269 10.22 -19.34 179.46
N UNK M 270 11.48 -18.88 179.42
CA UNK M 270 12.16 -18.51 180.66
C UNK M 270 11.64 -17.20 181.24
N UNK M 271 11.65 -17.11 182.58
CA UNK M 271 11.08 -15.98 183.29
C UNK M 271 12.01 -15.52 184.41
N UNK M 272 11.90 -14.24 184.79
CA UNK M 272 12.70 -13.68 185.87
C UNK M 272 11.93 -12.55 186.54
N UNK M 273 12.53 -11.98 187.58
CA UNK M 273 11.89 -10.89 188.33
C UNK M 273 12.95 -10.09 189.08
N UNK M 274 12.68 -8.79 189.27
CA UNK M 274 13.53 -7.90 190.04
C UNK M 274 12.75 -6.64 190.42
N UNK M 275 13.40 -5.76 191.20
CA UNK M 275 13.01 -4.39 191.56
C UNK M 275 14.13 -3.74 192.37
N UNK M 276 14.35 -2.41 192.33
CA UNK M 276 13.80 -1.40 191.42
C UNK M 276 14.80 -0.27 191.18
N UNK M 277 15.68 -0.37 190.18
CA UNK M 277 16.73 0.65 190.12
C UNK M 277 17.24 1.02 188.73
N UNK M 278 16.51 0.74 187.65
CA UNK M 278 16.85 1.14 186.27
C UNK M 278 18.15 0.59 185.70
N UNK M 279 18.90 -0.19 186.47
CA UNK M 279 20.11 -0.82 185.96
C UNK M 279 19.82 -2.12 185.25
N UNK M 280 18.56 -2.50 185.16
CA UNK M 280 18.16 -3.80 184.69
C UNK M 280 18.13 -3.91 183.20
N UNK M 281 18.78 -3.03 182.46
CA UNK M 281 19.00 -3.31 181.05
C UNK M 281 19.95 -4.50 180.89
N UNK M 282 20.87 -4.70 181.83
CA UNK M 282 21.70 -5.89 181.80
C UNK M 282 20.89 -7.14 182.10
N UNK M 283 20.03 -7.08 183.11
CA UNK M 283 19.12 -8.18 183.38
C UNK M 283 18.17 -8.42 182.21
N UNK M 284 17.79 -7.34 181.53
CA UNK M 284 16.97 -7.47 180.33
C UNK M 284 17.74 -8.12 179.19
N UNK M 285 19.04 -7.88 179.12
CA UNK M 285 19.85 -8.59 178.15
C UNK M 285 19.92 -10.06 178.48
N UNK M 286 19.99 -10.38 179.78
CA UNK M 286 19.96 -11.78 180.20
C UNK M 286 18.64 -12.42 179.85
N UNK M 287 17.54 -11.70 180.06
CA UNK M 287 16.22 -12.24 179.76
C UNK M 287 16.01 -12.36 178.25
N UNK M 288 16.57 -11.43 177.48
CA UNK M 288 16.44 -11.51 176.04
C UNK M 288 17.28 -12.64 175.48
N UNK M 289 18.35 -12.99 176.18
CA UNK M 289 18.98 -14.27 175.90
C UNK M 289 18.08 -15.41 176.33
N UNK M 290 17.30 -15.20 177.39
CA UNK M 290 16.68 -16.31 178.07
C UNK M 290 15.39 -16.79 177.42
N UNK M 291 14.60 -15.88 176.80
CA UNK M 291 13.33 -16.19 176.16
C UNK M 291 12.30 -16.81 177.12
N UNK M 292 11.54 -15.98 177.86
CA UNK M 292 11.17 -14.67 177.36
C UNK M 292 10.97 -13.45 178.27
N UNK M 293 10.85 -13.61 179.59
CA UNK M 293 10.13 -12.59 180.34
C UNK M 293 10.88 -12.16 181.59
N UNK M 294 10.57 -10.93 182.00
CA UNK M 294 11.12 -10.37 183.23
C UNK M 294 10.07 -9.45 183.85
N UNK M 295 9.80 -9.65 185.12
CA UNK M 295 8.89 -8.77 185.82
C UNK M 295 9.67 -7.75 186.63
N UNK M 296 9.11 -6.55 186.77
CA UNK M 296 9.74 -5.57 187.61
C UNK M 296 8.68 -4.69 188.23
N UNK M 297 9.01 -4.11 189.38
CA UNK M 297 8.15 -3.12 190.02
C UNK M 297 9.03 -1.94 190.34
N UNK M 298 9.21 -1.09 189.33
CA UNK M 298 10.14 0.03 189.40
C UNK M 298 9.41 1.29 189.88
N UNK M 299 10.12 2.41 189.88
CA UNK M 299 9.58 3.71 190.26
C UNK M 299 9.64 4.71 189.12
N UNK M 300 10.77 4.83 188.44
CA UNK M 300 10.86 5.69 187.27
C UNK M 300 11.72 5.05 186.19
N UNK M 301 11.69 3.72 186.08
CA UNK M 301 12.54 2.98 185.17
C UNK M 301 11.76 2.30 184.06
N UNK M 302 10.66 1.65 184.41
CA UNK M 302 9.86 0.90 183.44
C UNK M 302 9.23 1.81 182.42
N UNK M 303 8.93 3.05 182.80
CA UNK M 303 8.46 4.05 181.84
C UNK M 303 9.51 4.32 180.78
N UNK M 304 10.78 4.39 181.18
CA UNK M 304 11.84 4.63 180.20
C UNK M 304 12.03 3.42 179.31
N UNK M 305 11.91 2.23 179.89
CA UNK M 305 12.02 1.02 179.07
C UNK M 305 10.86 0.92 178.08
N UNK M 306 9.66 1.33 178.48
CA UNK M 306 8.52 1.31 177.56
C UNK M 306 8.63 2.39 176.51
N UNK M 307 9.23 3.53 176.85
CA UNK M 307 9.52 4.56 175.87
C UNK M 307 10.52 4.06 174.85
N UNK M 308 11.44 3.21 175.27
CA UNK M 308 12.34 2.58 174.31
C UNK M 308 11.59 1.58 173.45
N UNK M 309 10.71 0.81 174.05
CA UNK M 309 10.15 -0.35 173.36
C UNK M 309 9.00 0.01 172.42
N UNK M 310 8.21 1.01 172.75
CA UNK M 310 7.10 1.39 171.90
C UNK M 310 7.51 2.40 170.85
N UNK M 311 8.80 2.48 170.53
CA UNK M 311 9.23 3.41 169.49
C UNK M 311 8.96 2.82 168.11
N UNK M 312 9.66 1.72 167.79
CA UNK M 312 9.61 1.05 166.48
C UNK M 312 9.75 2.03 165.31
N UNK M 313 10.62 3.03 165.50
CA UNK M 313 10.73 4.12 164.54
C UNK M 313 11.71 3.75 163.44
N UNK M 314 11.35 2.69 162.72
CA UNK M 314 12.02 2.33 161.49
C UNK M 314 11.41 3.04 160.30
N UNK M 315 10.82 4.22 160.52
CA UNK M 315 10.51 5.13 159.43
C UNK M 315 11.84 5.42 158.76
N UNK M 316 12.75 6.16 159.40
CA UNK M 316 14.14 5.91 159.06
C UNK M 316 15.08 5.70 160.25
N UNK M 317 15.40 6.81 160.92
CA UNK M 317 16.57 6.92 161.81
C UNK M 317 16.67 8.35 162.34
N UNK M 318 17.71 8.64 163.12
CA UNK M 318 18.16 10.00 163.38
C UNK M 318 19.61 9.95 163.85
N UNK M 319 20.42 10.89 163.37
CA UNK M 319 21.77 11.10 163.88
C UNK M 319 21.82 12.54 164.40
N UNK M 320 21.39 12.72 165.64
CA UNK M 320 21.00 14.02 166.11
C UNK M 320 22.20 14.88 166.47
N UNK M 321 21.92 16.14 166.82
CA UNK M 321 22.84 17.02 167.53
C UNK M 321 22.01 18.10 168.18
N UNK M 322 22.46 18.60 169.32
CA UNK M 322 21.65 19.51 170.11
C UNK M 322 22.43 20.74 170.52
N UNK M 323 21.68 21.75 170.97
CA UNK M 323 22.23 22.86 171.76
C UNK M 323 21.04 23.40 172.56
N UNK M 324 20.93 22.99 173.81
CA UNK M 324 19.63 23.06 174.47
C UNK M 324 19.58 24.01 175.66
N UNK M 325 20.36 23.78 176.70
CA UNK M 325 20.45 24.62 177.90
C UNK M 325 19.17 24.87 178.68
N UNK M 326 18.07 24.12 178.46
CA UNK M 326 16.82 24.45 179.17
C UNK M 326 15.80 23.32 179.18
N UNK M 327 15.07 23.22 180.30
CA UNK M 327 13.62 23.01 180.36
C UNK M 327 13.16 21.71 179.71
N UNK M 328 13.42 20.58 180.39
CA UNK M 328 12.82 19.31 179.95
C UNK M 328 12.59 18.40 181.15
N UNK M 329 11.33 18.29 181.62
CA UNK M 329 10.97 17.22 182.54
C UNK M 329 9.83 16.33 182.04
N UNK M 330 8.59 16.85 182.00
CA UNK M 330 7.43 16.49 181.16
C UNK M 330 7.22 15.02 180.74
N UNK M 331 7.11 14.06 181.67
CA UNK M 331 7.08 12.67 181.25
C UNK M 331 5.98 11.84 181.92
N UNK M 332 5.02 12.48 182.55
CA UNK M 332 3.88 11.78 183.15
C UNK M 332 2.67 11.80 182.24
N UNK M 333 2.88 11.79 180.94
CA UNK M 333 1.85 12.17 179.99
C UNK M 333 1.24 10.96 179.30
N UNK M 334 0.09 11.21 178.69
CA UNK M 334 -0.65 10.21 177.94
C UNK M 334 -1.35 10.91 176.78
N UNK M 335 -1.31 10.32 175.58
CA UNK M 335 -0.66 9.04 175.35
C UNK M 335 0.74 9.17 174.78
N UNK M 336 0.82 9.69 173.54
CA UNK M 336 2.04 9.75 172.72
C UNK M 336 2.71 8.39 172.52
N UNK M 337 2.00 7.32 172.82
CA UNK M 337 2.55 5.97 173.01
C UNK M 337 1.36 5.05 173.20
N UNK M 338 1.62 3.79 173.52
CA UNK M 338 0.56 2.84 173.80
C UNK M 338 1.08 1.77 174.75
N UNK M 339 0.23 0.80 175.03
CA UNK M 339 0.60 -0.41 175.76
C UNK M 339 -0.29 -1.53 175.25
N UNK M 340 0.30 -2.71 175.07
CA UNK M 340 -0.38 -3.77 174.34
C UNK M 340 -1.52 -4.36 175.14
N UNK M 341 -1.22 -4.97 176.27
CA UNK M 341 -2.24 -5.40 177.20
C UNK M 341 -1.71 -5.11 178.60
N UNK M 342 -2.58 -5.32 179.58
CA UNK M 342 -2.30 -5.07 181.00
C UNK M 342 -1.80 -3.65 181.21
N UNK M 343 -2.60 -2.68 180.78
CA UNK M 343 -2.20 -1.29 180.77
C UNK M 343 -2.96 -0.56 181.87
N UNK M 344 -2.42 -0.60 183.08
CA UNK M 344 -3.08 -0.01 184.24
C UNK M 344 -2.09 0.91 184.96
N UNK M 345 -2.00 2.14 184.48
CA UNK M 345 -1.32 3.20 185.19
C UNK M 345 -2.42 4.07 185.78
N UNK M 346 -2.46 4.16 187.11
CA UNK M 346 -3.54 4.89 187.77
C UNK M 346 -3.30 6.40 187.65
N UNK M 347 -4.27 7.17 188.16
CA UNK M 347 -4.15 8.62 188.16
C UNK M 347 -5.01 9.18 189.29
N UNK M 348 -4.39 9.51 190.41
CA UNK M 348 -5.02 10.10 191.60
C UNK M 348 -6.22 9.28 192.07
N UNK M 349 -5.95 8.02 192.39
CA UNK M 349 -6.93 6.97 192.71
C UNK M 349 -7.95 6.79 191.58
N UNK M 350 -7.43 6.61 190.37
CA UNK M 350 -8.28 6.29 189.22
C UNK M 350 -8.73 4.83 189.27
N UNK M 351 -51.66 -32.09 140.10
CA UNK M 351 -53.03 -32.22 140.56
C UNK M 351 -54.06 -31.86 139.51
N UNK M 352 -64.42 -26.46 138.33
CA UNK M 352 -64.85 -25.18 137.78
C UNK M 352 -65.30 -25.32 136.33
N UNK M 353 -64.83 -24.42 135.47
CA UNK M 353 -65.42 -24.13 134.17
C UNK M 353 -66.92 -23.92 134.32
N UNK M 354 -67.26 -22.88 135.08
CA UNK M 354 -68.65 -22.56 135.35
C UNK M 354 -69.22 -21.76 134.19
N UNK M 355 -70.46 -22.11 133.80
CA UNK M 355 -71.15 -21.42 132.72
C UNK M 355 -71.95 -20.23 133.23
N UNK M 356 -72.94 -20.48 134.10
CA UNK M 356 -73.90 -19.46 134.52
C UNK M 356 -74.21 -19.55 136.02
N UNK M 357 -73.19 -19.64 136.84
CA UNK M 357 -73.34 -19.93 138.26
C UNK M 357 -72.89 -18.73 139.09
N UNK M 358 -72.56 -18.97 140.37
CA UNK M 358 -72.25 -17.97 141.39
C UNK M 358 -71.23 -16.89 141.05
N UNK M 359 -70.51 -17.02 139.93
CA UNK M 359 -69.84 -15.92 139.23
C UNK M 359 -68.66 -15.26 139.94
N UNK M 360 -67.51 -15.94 139.94
CA UNK M 360 -66.18 -15.31 140.02
C UNK M 360 -65.83 -14.73 141.38
N UNK M 361 -65.92 -15.57 142.41
CA UNK M 361 -65.06 -15.45 143.59
C UNK M 361 -64.39 -16.80 143.76
N UNK M 362 -65.16 -17.85 143.43
CA UNK M 362 -64.58 -19.16 143.25
C UNK M 362 -63.59 -19.19 142.10
N UNK M 363 -63.77 -18.31 141.12
CA UNK M 363 -62.76 -18.17 140.08
C UNK M 363 -61.45 -17.61 140.63
N UNK M 364 -61.55 -16.64 141.54
CA UNK M 364 -60.34 -16.16 142.20
C UNK M 364 -59.69 -17.27 143.00
N UNK M 365 -60.52 -18.11 143.63
CA UNK M 365 -60.00 -19.28 144.32
C UNK M 365 -59.34 -20.25 143.38
N UNK M 366 -59.85 -20.40 142.16
CA UNK M 366 -59.23 -21.33 141.22
C UNK M 366 -57.92 -20.78 140.71
N UNK M 367 -57.85 -19.47 140.50
CA UNK M 367 -56.60 -18.85 140.09
C UNK M 367 -55.54 -18.99 141.17
N UNK M 368 -55.93 -18.80 142.42
CA UNK M 368 -54.99 -19.01 143.51
C UNK M 368 -54.63 -20.48 143.66
N UNK M 369 -55.56 -21.37 143.32
CA UNK M 369 -55.28 -22.80 143.42
C UNK M 369 -54.22 -23.21 142.42
N UNK M 370 -54.36 -22.78 141.16
CA UNK M 370 -53.32 -23.12 140.20
C UNK M 370 -52.04 -22.36 140.46
N UNK M 371 -52.14 -21.17 141.05
CA UNK M 371 -50.94 -20.42 141.43
C UNK M 371 -50.14 -21.17 142.47
N UNK M 372 -50.81 -21.75 143.45
CA UNK M 372 -50.12 -22.61 144.40
C UNK M 372 -49.79 -23.95 143.82
N UNK M 373 -50.43 -24.32 142.71
CA UNK M 373 -50.05 -25.55 142.05
C UNK M 373 -48.81 -25.40 141.22
N UNK M 374 -48.41 -24.18 140.88
CA UNK M 374 -47.16 -24.04 140.14
C UNK M 374 -45.97 -24.00 141.10
N UNK M 375 -45.85 -22.93 141.90
CA UNK M 375 -44.74 -22.80 142.85
C UNK M 375 -45.02 -21.74 143.90
N UNK M 376 -45.24 -22.16 145.15
CA UNK M 376 -45.12 -21.23 146.28
C UNK M 376 -44.71 -22.04 147.51
N UNK M 377 -43.39 -22.21 147.69
CA UNK M 377 -42.85 -23.15 148.67
C UNK M 377 -41.33 -23.05 148.84
N UNK M 378 -40.77 -24.09 149.47
CA UNK M 378 -39.43 -24.72 149.35
C UNK M 378 -38.24 -24.23 150.16
N UNK M 379 -38.34 -23.19 150.99
CA UNK M 379 -37.68 -23.10 152.31
C UNK M 379 -36.33 -23.80 152.56
N UNK M 380 -35.36 -23.65 151.67
CA UNK M 380 -34.09 -24.38 151.78
C UNK M 380 -33.14 -23.71 152.77
N UNK M 381 -31.84 -24.08 152.76
CA UNK M 381 -30.89 -23.41 153.64
C UNK M 381 -29.50 -23.34 153.01
N UNK M 382 -29.26 -22.29 152.22
CA UNK M 382 -27.92 -21.75 152.05
C UNK M 382 -27.90 -20.23 151.94
N UNK M 383 -28.83 -19.68 151.17
CA UNK M 383 -28.64 -18.36 150.57
C UNK M 383 -29.98 -17.68 150.38
N UNK M 384 -29.94 -16.35 150.29
CA UNK M 384 -31.14 -15.53 150.45
C UNK M 384 -31.11 -14.38 149.43
N UNK M 385 -31.98 -13.38 149.65
CA UNK M 385 -32.11 -12.23 148.76
C UNK M 385 -32.32 -10.89 149.48
N UNK M 386 -32.27 -10.83 150.81
CA UNK M 386 -32.57 -9.61 151.53
C UNK M 386 -31.67 -9.52 152.75
N UNK M 387 -30.60 -8.72 152.65
CA UNK M 387 -29.49 -8.71 153.59
C UNK M 387 -29.22 -7.32 154.12
N UNK M 388 -30.26 -6.63 154.58
CA UNK M 388 -30.07 -5.39 155.33
C UNK M 388 -29.87 -5.73 156.81
N UNK M 389 -28.73 -6.34 157.09
CA UNK M 389 -28.46 -6.97 158.37
C UNK M 389 -27.24 -6.36 159.06
N UNK M 390 -27.09 -5.05 158.92
CA UNK M 390 -26.31 -4.27 159.86
C UNK M 390 -27.21 -3.60 160.87
N UNK M 391 -28.32 -4.26 161.20
CA UNK M 391 -29.21 -3.85 162.28
C UNK M 391 -29.71 -5.11 162.95
N UNK M 392 -29.43 -5.28 164.23
CA UNK M 392 -29.70 -6.53 164.92
C UNK M 392 -30.13 -6.27 166.37
N UNK M 393 -31.45 -6.26 166.60
CA UNK M 393 -32.01 -6.17 167.94
C UNK M 393 -32.99 -7.29 168.22
N UNK M 394 -32.85 -8.41 167.52
CA UNK M 394 -33.78 -9.52 167.52
C UNK M 394 -33.09 -10.77 168.07
N UNK M 395 -33.73 -11.93 167.94
CA UNK M 395 -33.19 -13.16 168.53
C UNK M 395 -33.45 -14.37 167.63
N UNK M 396 -32.37 -15.02 167.18
CA UNK M 396 -32.46 -16.30 166.50
C UNK M 396 -32.30 -17.42 167.53
N UNK M 397 -32.26 -18.68 167.09
CA UNK M 397 -31.97 -19.76 168.02
C UNK M 397 -30.73 -20.55 167.63
N UNK M 398 -30.66 -21.08 166.42
CA UNK M 398 -29.59 -22.00 166.07
C UNK M 398 -29.01 -21.63 164.71
N UNK M 399 -28.04 -22.42 164.28
CA UNK M 399 -27.38 -22.24 162.99
C UNK M 399 -26.72 -23.56 162.62
N UNK M 400 -25.86 -23.52 161.62
CA UNK M 400 -25.08 -24.68 161.21
C UNK M 400 -23.84 -24.16 160.50
N UNK M 401 -23.08 -25.06 159.88
CA UNK M 401 -21.83 -24.71 159.24
C UNK M 401 -21.41 -25.85 158.33
N UNK M 402 -20.34 -25.62 157.57
CA UNK M 402 -19.69 -26.66 156.77
C UNK M 402 -18.30 -26.17 156.38
N UNK M 403 -17.69 -26.89 155.46
CA UNK M 403 -16.53 -26.48 154.69
C UNK M 403 -16.64 -27.18 153.34
N UNK M 404 -15.55 -27.30 152.63
CA UNK M 404 -15.58 -28.01 151.35
C UNK M 404 -14.83 -29.33 151.47
N UNK M 405 -15.00 -30.01 152.59
CA UNK M 405 -14.06 -31.05 152.99
C UNK M 405 -14.79 -32.11 153.82
N UNK M 406 -14.01 -32.90 154.56
CA UNK M 406 -14.51 -34.01 155.37
C UNK M 406 -13.51 -34.32 156.48
N UNK M 407 -13.99 -34.80 157.65
CA UNK M 407 -15.40 -34.87 158.10
C UNK M 407 -15.68 -34.62 159.60
N UNK M 408 -14.76 -34.09 160.40
CA UNK M 408 -14.93 -34.05 161.85
C UNK M 408 -16.04 -33.06 162.26
N UNK M 409 -16.35 -32.98 163.56
CA UNK M 409 -17.51 -32.17 163.96
C UNK M 409 -17.48 -31.77 165.43
N UNK M 410 -18.19 -30.69 165.73
CA UNK M 410 -18.38 -30.21 167.10
C UNK M 410 -19.67 -29.39 167.18
N UNK M 411 -20.02 -29.01 168.41
CA UNK M 411 -21.23 -28.24 168.66
C UNK M 411 -21.09 -27.46 169.96
N UNK M 412 -21.69 -26.27 169.98
CA UNK M 412 -21.52 -25.32 171.08
C UNK M 412 -22.78 -24.47 171.22
N UNK M 413 -22.89 -23.76 172.34
CA UNK M 413 -24.07 -22.92 172.58
C UNK M 413 -23.78 -21.90 173.67
N UNK M 414 -23.82 -20.61 173.31
CA UNK M 414 -23.73 -19.48 174.25
C UNK M 414 -24.26 -18.24 173.53
N UNK M 415 -23.88 -17.06 173.99
CA UNK M 415 -23.96 -15.86 173.16
C UNK M 415 -22.82 -15.88 172.13
N UNK M 416 -22.65 -14.82 171.35
CA UNK M 416 -21.82 -14.92 170.16
C UNK M 416 -20.37 -14.57 170.41
N UNK M 417 -19.60 -14.59 169.32
CA UNK M 417 -18.31 -13.97 169.05
C UNK M 417 -17.12 -14.68 169.65
N UNK M 418 -17.31 -15.66 170.52
CA UNK M 418 -16.22 -16.58 170.77
C UNK M 418 -16.14 -17.64 169.71
N UNK M 419 -17.14 -17.68 168.84
CA UNK M 419 -17.29 -18.76 167.89
C UNK M 419 -16.22 -18.76 166.83
N UNK M 420 -15.57 -17.62 166.59
CA UNK M 420 -14.58 -17.58 165.53
C UNK M 420 -13.36 -18.40 165.86
N UNK M 421 -12.98 -18.45 167.14
CA UNK M 421 -11.83 -19.25 167.53
C UNK M 421 -12.13 -20.73 167.37
N UNK M 422 -13.32 -21.15 167.80
CA UNK M 422 -13.71 -22.53 167.60
C UNK M 422 -13.91 -22.84 166.13
N UNK M 423 -14.30 -21.84 165.34
CA UNK M 423 -14.47 -22.04 163.91
C UNK M 423 -13.15 -22.31 163.23
N UNK M 424 -12.14 -21.53 163.59
CA UNK M 424 -10.83 -21.78 163.03
C UNK M 424 -10.24 -23.07 163.59
N UNK M 425 -10.64 -23.44 164.80
CA UNK M 425 -10.23 -24.74 165.32
C UNK M 425 -10.84 -25.86 164.50
N UNK M 426 -12.09 -25.70 164.10
CA UNK M 426 -12.73 -26.73 163.31
C UNK M 426 -12.17 -26.77 161.90
N UNK M 427 -11.89 -25.61 161.32
CA UNK M 427 -11.30 -25.59 160.00
C UNK M 427 -9.88 -26.11 160.02
N UNK M 428 -9.19 -25.97 161.14
CA UNK M 428 -7.91 -26.63 161.30
C UNK M 428 -8.08 -28.12 161.46
N UNK M 429 -9.17 -28.54 162.08
CA UNK M 429 -9.45 -29.97 162.17
C UNK M 429 -10.05 -30.53 160.90
N UNK M 430 -10.33 -29.69 159.90
CA UNK M 430 -10.96 -30.05 158.62
C UNK M 430 -12.33 -30.70 158.85
N UNK M 431 -13.24 -29.87 159.33
CA UNK M 431 -14.41 -30.37 160.05
C UNK M 431 -15.65 -29.65 159.54
N UNK M 432 -16.73 -29.79 160.29
CA UNK M 432 -18.00 -29.13 160.00
C UNK M 432 -18.71 -28.90 161.33
N UNK M 433 -18.73 -27.65 161.78
CA UNK M 433 -19.22 -27.34 163.11
C UNK M 433 -20.72 -27.14 163.12
N UNK M 434 -21.27 -26.93 164.30
CA UNK M 434 -22.61 -26.36 164.42
C UNK M 434 -22.60 -25.32 165.51
N UNK M 435 -23.78 -24.83 165.90
CA UNK M 435 -23.91 -23.90 167.01
C UNK M 435 -25.36 -23.90 167.45
N UNK M 436 -25.60 -23.23 168.57
CA UNK M 436 -26.99 -22.98 168.98
C UNK M 436 -26.98 -21.65 169.75
N UNK M 437 -27.22 -20.56 169.05
CA UNK M 437 -26.76 -19.29 169.59
C UNK M 437 -27.40 -18.11 168.90
N UNK M 438 -27.24 -16.95 169.52
CA UNK M 438 -27.62 -15.67 168.97
C UNK M 438 -26.41 -14.97 168.39
N UNK M 439 -26.62 -14.24 167.30
CA UNK M 439 -25.70 -13.28 166.67
C UNK M 439 -24.44 -13.90 166.06
N UNK M 440 -24.21 -15.19 166.30
CA UNK M 440 -23.23 -15.90 165.49
C UNK M 440 -23.73 -16.03 164.05
N UNK M 441 -25.05 -16.23 163.90
CA UNK M 441 -25.66 -16.22 162.58
C UNK M 441 -25.58 -14.87 161.91
N UNK M 442 -25.49 -13.79 162.69
CA UNK M 442 -25.20 -12.50 162.09
C UNK M 442 -23.77 -12.47 161.58
N UNK M 443 -22.85 -12.93 162.42
CA UNK M 443 -21.42 -12.85 162.13
C UNK M 443 -21.07 -13.57 160.84
N UNK M 444 -21.46 -14.84 160.75
CA UNK M 444 -21.04 -15.64 159.59
C UNK M 444 -21.72 -15.16 158.32
N UNK M 445 -22.98 -14.76 158.42
CA UNK M 445 -23.71 -14.37 157.22
C UNK M 445 -23.19 -13.05 156.68
N UNK M 446 -22.88 -12.09 157.55
CA UNK M 446 -22.28 -10.87 157.03
C UNK M 446 -20.87 -11.09 156.58
N UNK M 447 -20.18 -12.11 157.09
CA UNK M 447 -18.88 -12.43 156.54
C UNK M 447 -18.99 -13.08 155.18
N UNK M 448 -20.15 -13.65 154.85
CA UNK M 448 -20.35 -14.29 153.55
C UNK M 448 -20.91 -13.35 152.49
N UNK M 449 -20.61 -12.05 152.57
CA UNK M 449 -20.98 -11.17 151.47
C UNK M 449 -20.00 -11.34 150.31
N UNK M 450 -18.75 -10.94 150.52
CA UNK M 450 -17.66 -10.94 149.52
C UNK M 450 -18.10 -10.36 148.17
N UNK M 451 -18.59 -9.11 148.21
CA UNK M 451 -18.89 -8.41 146.97
C UNK M 451 -17.58 -8.11 146.27
N UNK M 452 -16.76 -7.24 146.88
CA UNK M 452 -15.32 -7.07 146.59
C UNK M 452 -15.00 -6.93 145.11
N UNK M 453 -15.95 -6.38 144.36
CA UNK M 453 -15.78 -6.11 142.96
C UNK M 453 -16.35 -4.76 142.64
N UNK M 454 -16.82 -4.03 143.64
CA UNK M 454 -16.70 -2.59 143.47
C UNK M 454 -15.20 -2.40 143.56
N UNK M 455 -14.67 -2.61 144.77
CA UNK M 455 -13.31 -3.00 145.13
C UNK M 455 -13.29 -2.96 146.65
N UNK M 456 -12.19 -3.40 147.23
CA UNK M 456 -12.04 -3.31 148.68
C UNK M 456 -11.65 -1.88 149.03
N UNK M 457 -12.29 -1.34 150.06
CA UNK M 457 -12.03 0.04 150.44
C UNK M 457 -10.83 0.12 151.37
N UNK M 458 -10.65 1.30 151.95
CA UNK M 458 -9.69 1.52 153.03
C UNK M 458 -10.28 2.64 153.86
N UNK M 459 -10.79 2.30 155.03
CA UNK M 459 -11.64 3.18 155.79
C UNK M 459 -10.82 4.21 156.56
N UNK M 460 -11.51 5.23 157.05
CA UNK M 460 -11.01 6.14 158.06
C UNK M 460 -12.20 6.82 158.67
N UNK M 461 -12.23 6.90 159.98
CA UNK M 461 -13.39 7.49 160.64
C UNK M 461 -13.02 8.85 161.20
N UNK M 462 -14.04 9.63 161.53
CA UNK M 462 -13.84 10.90 162.22
C UNK M 462 -15.12 11.24 162.94
N UNK M 463 -15.12 11.10 164.26
CA UNK M 463 -16.25 11.55 165.07
C UNK M 463 -15.98 12.99 165.46
N UNK M 464 -16.89 13.88 165.09
CA UNK M 464 -16.77 15.29 165.45
C UNK M 464 -17.21 15.52 166.89
N UNK M 465 -17.49 16.78 167.24
CA UNK M 465 -17.63 17.18 168.64
C UNK M 465 -18.84 16.52 169.31
N UNK M 466 -20.04 16.78 168.82
CA UNK M 466 -21.24 16.37 169.54
C UNK M 466 -22.06 15.31 168.83
N UNK M 467 -22.53 15.58 167.61
CA UNK M 467 -23.52 14.68 167.00
C UNK M 467 -23.22 14.41 165.54
N UNK M 468 -22.03 14.73 165.08
CA UNK M 468 -21.63 14.45 163.71
C UNK M 468 -20.60 13.34 163.75
N UNK M 469 -20.77 12.35 162.90
CA UNK M 469 -19.74 11.38 162.68
C UNK M 469 -19.63 11.19 161.17
N UNK M 470 -18.41 11.02 160.69
CA UNK M 470 -18.18 10.88 159.26
C UNK M 470 -17.28 9.69 159.01
N UNK M 471 -17.49 9.04 157.88
CA UNK M 471 -16.62 7.97 157.47
C UNK M 471 -16.08 8.34 156.10
N UNK M 472 -14.79 8.55 156.01
CA UNK M 472 -14.16 8.72 154.72
C UNK M 472 -13.53 7.39 154.31
N UNK M 473 -13.32 7.22 153.02
CA UNK M 473 -12.80 5.96 152.52
C UNK M 473 -12.04 6.21 151.23
N UNK M 474 -11.02 5.41 151.00
CA UNK M 474 -10.37 5.40 149.71
C UNK M 474 -10.52 4.01 149.11
N UNK M 475 -10.14 3.86 147.85
CA UNK M 475 -10.02 2.53 147.28
C UNK M 475 -8.61 2.22 146.78
N UNK M 476 -8.11 3.06 145.88
CA UNK M 476 -6.78 2.93 145.32
C UNK M 476 -6.32 4.34 144.96
N UNK M 477 -5.34 4.45 144.08
CA UNK M 477 -4.74 5.72 143.71
C UNK M 477 -3.95 5.44 142.46
N UNK M 478 -3.69 6.45 141.62
CA UNK M 478 -4.20 7.82 141.59
C UNK M 478 -5.56 7.87 140.95
N UNK M 479 -5.88 9.04 140.40
CA UNK M 479 -7.19 9.39 139.87
C UNK M 479 -8.23 9.37 140.99
N UNK M 480 -8.05 10.35 141.85
CA UNK M 480 -8.83 10.57 143.06
C UNK M 480 -10.20 11.13 142.74
N UNK M 481 -10.77 11.87 143.70
CA UNK M 481 -11.75 12.89 143.37
C UNK M 481 -13.11 12.44 142.89
N UNK M 482 -14.14 12.22 143.74
CA UNK M 482 -14.37 12.37 145.20
C UNK M 482 -15.87 12.03 145.30
N UNK M 483 -16.45 12.04 146.50
CA UNK M 483 -17.89 12.05 146.61
C UNK M 483 -18.27 12.67 147.95
N UNK M 484 -19.57 12.86 148.16
CA UNK M 484 -20.10 13.32 149.44
C UNK M 484 -21.56 12.88 149.54
N UNK M 485 -21.82 11.81 150.27
CA UNK M 485 -23.19 11.38 150.48
C UNK M 485 -23.65 11.84 151.86
N UNK M 486 -24.97 11.89 152.05
CA UNK M 486 -25.52 12.35 153.33
C UNK M 486 -26.92 11.79 153.50
N UNK M 487 -27.09 10.83 154.40
CA UNK M 487 -28.39 10.27 154.77
C UNK M 487 -28.29 9.76 156.20
N UNK M 488 -29.16 8.84 156.59
CA UNK M 488 -28.95 8.15 157.86
C UNK M 488 -29.16 6.66 157.71
N UNK M 489 -28.56 6.06 156.68
CA UNK M 489 -28.78 4.64 156.42
C UNK M 489 -27.56 4.09 155.69
N UNK M 490 -27.71 2.89 155.12
CA UNK M 490 -26.60 2.12 154.57
C UNK M 490 -26.89 1.60 153.18
N UNK M 491 -27.60 2.36 152.36
CA UNK M 491 -27.62 2.11 150.93
C UNK M 491 -26.51 2.94 150.30
N UNK M 492 -25.30 2.58 150.68
CA UNK M 492 -24.13 3.35 150.31
C UNK M 492 -23.19 2.61 149.41
N UNK M 493 -23.23 1.28 149.38
CA UNK M 493 -22.38 0.54 148.45
C UNK M 493 -22.79 0.81 147.02
N UNK M 494 -24.07 1.11 146.80
CA UNK M 494 -24.57 1.46 145.48
C UNK M 494 -23.91 2.72 144.96
N UNK M 495 -23.82 3.76 145.79
CA UNK M 495 -23.08 4.93 145.37
C UNK M 495 -21.59 4.68 145.46
N UNK M 496 -21.17 3.74 146.28
CA UNK M 496 -19.74 3.50 146.43
C UNK M 496 -19.14 2.81 145.23
N UNK M 497 -19.94 2.12 144.44
CA UNK M 497 -19.40 1.55 143.22
C UNK M 497 -19.03 2.65 142.24
N UNK M 498 -19.94 3.59 141.99
CA UNK M 498 -19.60 4.71 141.14
C UNK M 498 -18.58 5.63 141.78
N UNK M 499 -18.43 5.58 143.11
CA UNK M 499 -17.25 6.19 143.69
C UNK M 499 -16.00 5.43 143.30
N UNK M 500 -16.08 4.10 143.21
CA UNK M 500 -14.94 3.29 142.83
C UNK M 500 -14.77 3.18 141.34
N UNK M 501 -15.48 4.01 140.58
CA UNK M 501 -15.02 4.48 139.27
C UNK M 501 -14.16 5.73 139.38
N UNK M 502 -13.54 5.90 140.54
CA UNK M 502 -12.63 6.96 140.92
C UNK M 502 -11.83 6.42 142.09
N UNK M 503 -11.35 7.29 142.98
CA UNK M 503 -10.63 6.74 144.13
C UNK M 503 -11.14 7.09 145.52
N UNK M 504 -11.68 8.26 145.78
CA UNK M 504 -12.00 8.63 147.15
C UNK M 504 -13.49 8.84 147.33
N UNK M 505 -13.99 8.58 148.53
CA UNK M 505 -15.37 8.92 148.88
C UNK M 505 -15.39 9.33 150.34
N UNK M 506 -16.33 10.17 150.72
CA UNK M 506 -16.38 10.63 152.11
C UNK M 506 -17.84 10.77 152.54
N UNK M 507 -18.39 9.71 153.10
CA UNK M 507 -19.78 9.73 153.53
C UNK M 507 -19.91 10.54 154.81
N UNK M 508 -20.59 11.68 154.72
CA UNK M 508 -20.60 12.65 155.80
C UNK M 508 -21.84 12.48 156.68
N UNK M 509 -22.02 11.28 157.19
CA UNK M 509 -23.01 10.97 158.21
C UNK M 509 -22.65 9.60 158.76
N UNK M 510 -23.43 9.12 159.71
CA UNK M 510 -23.01 7.97 160.50
C UNK M 510 -23.86 6.73 160.30
N UNK M 511 -25.16 6.85 160.53
CA UNK M 511 -25.99 5.89 161.26
C UNK M 511 -25.65 4.41 161.07
N UNK M 512 -25.51 3.98 159.83
CA UNK M 512 -25.19 2.61 159.55
C UNK M 512 -24.06 2.50 158.56
N UNK M 513 -23.18 3.49 158.53
CA UNK M 513 -21.96 3.39 157.75
C UNK M 513 -20.84 2.70 158.51
N UNK M 514 -21.16 1.96 159.55
CA UNK M 514 -20.23 1.03 160.14
C UNK M 514 -20.24 -0.30 159.40
N UNK M 515 -21.15 -0.47 158.45
CA UNK M 515 -21.28 -1.75 157.75
C UNK M 515 -20.05 -2.04 156.94
N UNK M 516 -19.51 -1.04 156.25
CA UNK M 516 -18.32 -1.27 155.46
C UNK M 516 -17.12 -1.51 156.34
N UNK M 517 -17.11 -0.92 157.53
CA UNK M 517 -16.04 -1.22 158.49
C UNK M 517 -16.12 -2.67 158.93
N UNK M 518 -17.34 -3.15 159.13
CA UNK M 518 -17.51 -4.55 159.50
C UNK M 518 -17.09 -5.47 158.35
N UNK M 519 -17.39 -5.08 157.12
CA UNK M 519 -17.06 -5.95 156.01
C UNK M 519 -15.60 -5.87 155.62
N UNK M 520 -14.92 -4.79 155.99
CA UNK M 520 -13.54 -4.62 155.58
C UNK M 520 -12.56 -5.07 156.64
N UNK M 521 -12.86 -4.85 157.91
CA UNK M 521 -11.94 -5.27 158.95
C UNK M 521 -12.08 -6.73 159.29
N UNK M 522 -12.83 -7.50 158.50
CA UNK M 522 -13.01 -8.91 158.74
C UNK M 522 -12.38 -9.77 157.67
N UNK M 523 -11.80 -9.16 156.64
CA UNK M 523 -11.47 -9.86 155.41
C UNK M 523 -10.40 -10.91 155.62
N UNK M 524 -9.21 -10.49 156.08
CA UNK M 524 -8.14 -11.46 156.21
C UNK M 524 -8.37 -12.40 157.38
N UNK M 525 -8.99 -11.91 158.45
CA UNK M 525 -9.19 -12.73 159.63
C UNK M 525 -10.16 -13.86 159.36
N UNK M 526 -11.29 -13.57 158.69
CA UNK M 526 -12.20 -14.63 158.30
C UNK M 526 -11.82 -15.22 156.97
N UNK M 527 -10.71 -14.79 156.38
CA UNK M 527 -10.13 -15.49 155.24
C UNK M 527 -9.07 -16.48 155.66
N UNK M 528 -8.65 -16.44 156.92
CA UNK M 528 -7.81 -17.49 157.46
C UNK M 528 -8.53 -18.84 157.41
N UNK M 529 -9.81 -18.85 157.75
CA UNK M 529 -10.67 -20.00 157.50
C UNK M 529 -11.27 -19.88 156.10
N UNK M 530 -12.31 -20.65 155.79
CA UNK M 530 -12.94 -20.49 154.49
C UNK M 530 -14.38 -20.01 154.53
N UNK M 531 -15.31 -20.76 155.15
CA UNK M 531 -16.74 -20.53 154.98
C UNK M 531 -17.51 -21.46 155.92
N UNK M 532 -18.81 -21.18 156.07
CA UNK M 532 -19.68 -22.13 156.74
C UNK M 532 -20.91 -22.59 155.95
N UNK M 533 -21.78 -21.64 155.59
CA UNK M 533 -22.84 -21.80 154.60
C UNK M 533 -23.89 -22.89 154.95
N UNK M 534 -24.57 -22.71 156.10
CA UNK M 534 -25.83 -23.41 156.40
C UNK M 534 -26.57 -22.77 157.57
N UNK M 535 -27.81 -22.31 157.38
CA UNK M 535 -28.52 -21.56 158.39
C UNK M 535 -29.80 -22.27 158.79
N UNK M 536 -30.12 -22.26 160.08
CA UNK M 536 -31.36 -22.83 160.58
C UNK M 536 -32.18 -21.72 161.22
N UNK M 537 -33.26 -22.11 161.87
CA UNK M 537 -34.24 -21.14 162.34
C UNK M 537 -34.44 -21.25 163.83
N UNK M 538 -35.31 -20.40 164.34
CA UNK M 538 -35.92 -20.63 165.62
C UNK M 538 -37.22 -21.38 165.39
N UNK M 539 -37.27 -22.61 165.89
CA UNK M 539 -38.36 -23.51 165.52
C UNK M 539 -39.68 -23.12 166.15
N UNK M 540 -39.65 -22.42 167.27
CA UNK M 540 -40.87 -21.96 167.89
C UNK M 540 -41.23 -20.58 167.34
N UNK M 541 -42.18 -19.91 167.99
CA UNK M 541 -42.63 -18.60 167.55
C UNK M 541 -41.63 -17.53 167.94
N UNK M 542 -40.95 -16.96 166.94
CA UNK M 542 -39.95 -15.91 167.12
C UNK M 542 -39.89 -15.09 165.82
N UNK M 543 -38.96 -14.14 165.75
CA UNK M 543 -38.76 -13.43 164.48
C UNK M 543 -37.29 -13.00 164.37
N UNK M 544 -36.49 -13.87 163.77
CA UNK M 544 -35.15 -13.56 163.28
C UNK M 544 -34.72 -14.74 162.42
N UNK M 545 -33.43 -14.72 162.05
CA UNK M 545 -32.84 -15.61 161.06
C UNK M 545 -33.67 -15.57 159.78
N UNK M 546 -33.84 -14.37 159.26
CA UNK M 546 -34.62 -14.18 158.05
C UNK M 546 -33.81 -14.55 156.83
N UNK M 547 -34.44 -15.25 155.90
CA UNK M 547 -33.84 -15.61 154.63
C UNK M 547 -34.93 -15.46 153.56
N UNK M 548 -34.59 -15.76 152.32
CA UNK M 548 -35.48 -15.41 151.23
C UNK M 548 -35.55 -16.53 150.21
N UNK M 549 -36.10 -16.20 149.03
CA UNK M 549 -36.97 -17.09 148.29
C UNK M 549 -36.67 -17.00 146.81
N UNK M 550 -37.65 -17.43 146.02
CA UNK M 550 -37.58 -17.44 144.57
C UNK M 550 -38.97 -17.07 144.04
N UNK M 551 -39.07 -16.92 142.71
CA UNK M 551 -40.30 -16.42 142.08
C UNK M 551 -40.97 -17.46 141.18
N UNK M 552 -40.28 -17.94 140.15
CA UNK M 552 -40.67 -19.10 139.36
C UNK M 552 -42.06 -19.12 138.69
N UNK M 553 -42.31 -18.32 137.65
CA UNK M 553 -41.62 -17.10 137.29
C UNK M 553 -42.67 -16.03 137.15
N UNK M 554 -43.67 -16.36 136.38
CA UNK M 554 -44.80 -15.48 136.13
C UNK M 554 -45.86 -15.73 137.18
N UNK M 555 -47.04 -15.17 136.98
CA UNK M 555 -48.17 -15.59 137.76
C UNK M 555 -49.13 -16.41 136.92
N UNK M 556 -48.57 -17.16 135.95
CA UNK M 556 -49.17 -18.36 135.39
C UNK M 556 -50.49 -18.08 134.66
N UNK M 557 -50.38 -17.44 133.51
CA UNK M 557 -51.56 -17.21 132.68
C UNK M 557 -52.18 -18.51 132.20
N UNK M 558 -53.51 -18.57 132.23
CA UNK M 558 -54.23 -19.78 131.89
C UNK M 558 -55.47 -19.44 131.06
N UNK M 559 -55.58 -19.98 129.86
CA UNK M 559 -56.80 -19.77 129.11
C UNK M 559 -57.83 -20.80 129.54
N UNK M 560 -59.04 -20.69 129.02
CA UNK M 560 -60.08 -21.68 129.30
C UNK M 560 -61.07 -21.61 128.14
N UNK M 561 -60.98 -22.55 127.22
CA UNK M 561 -61.72 -22.44 125.98
C UNK M 561 -62.95 -23.32 126.05
N UNK M 562 -64.10 -22.72 126.27
CA UNK M 562 -65.33 -23.49 126.19
C UNK M 562 -65.64 -23.67 124.72
N UNK M 563 -65.56 -24.90 124.23
CA UNK M 563 -65.85 -25.17 122.82
C UNK M 563 -67.36 -25.28 122.68
N UNK M 564 -67.99 -24.21 122.22
CA UNK M 564 -69.42 -24.02 122.39
C UNK M 564 -70.20 -24.85 121.39
N UNK M 565 -70.42 -26.10 121.73
CA UNK M 565 -71.48 -26.85 121.09
C UNK M 565 -72.52 -27.36 122.07
N UNK M 566 -72.11 -28.14 123.06
CA UNK M 566 -73.03 -29.11 123.63
C UNK M 566 -72.46 -29.65 124.94
N UNK M 567 -72.98 -30.79 125.37
CA UNK M 567 -72.55 -31.53 126.54
C UNK M 567 -71.71 -32.74 126.13
N UNK M 568 -70.76 -33.17 126.98
CA UNK M 568 -70.34 -32.54 128.24
C UNK M 568 -68.85 -32.50 128.57
N UNK M 569 -68.03 -33.41 128.03
CA UNK M 569 -66.73 -33.74 128.63
C UNK M 569 -65.73 -32.60 128.46
N UNK M 570 -64.63 -32.70 129.21
CA UNK M 570 -63.75 -31.55 129.39
C UNK M 570 -62.31 -32.00 129.51
N UNK M 571 -61.48 -31.65 128.54
CA UNK M 571 -60.07 -32.00 128.53
C UNK M 571 -59.22 -30.83 128.97
N UNK M 572 -58.14 -31.11 129.68
CA UNK M 572 -57.30 -30.06 130.25
C UNK M 572 -55.85 -30.27 129.86
N UNK M 573 -55.36 -29.46 128.93
CA UNK M 573 -53.97 -29.53 128.49
C UNK M 573 -53.15 -28.49 129.25
N UNK M 574 -52.12 -28.95 129.94
CA UNK M 574 -51.06 -28.04 130.32
C UNK M 574 -50.09 -27.94 129.16
N UNK M 575 -49.46 -26.79 129.01
CA UNK M 575 -48.62 -26.66 127.84
C UNK M 575 -47.21 -26.25 128.18
N UNK M 576 -46.42 -25.94 127.17
CA UNK M 576 -45.03 -25.58 127.35
C UNK M 576 -44.77 -24.23 126.71
N UNK M 577 -45.64 -23.27 127.00
CA UNK M 577 -45.68 -21.92 126.41
C UNK M 577 -45.64 -21.99 124.89
N UNK M 578 -46.66 -22.64 124.34
CA UNK M 578 -46.73 -22.82 122.90
C UNK M 578 -48.18 -23.00 122.49
N UNK M 579 -48.44 -22.85 121.20
CA UNK M 579 -49.78 -22.69 120.68
C UNK M 579 -50.03 -23.59 119.50
N UNK M 580 -49.48 -24.79 119.52
CA UNK M 580 -49.94 -25.87 118.67
C UNK M 580 -50.96 -26.72 119.42
N UNK M 581 -52.05 -26.05 119.77
CA UNK M 581 -53.14 -26.67 120.49
C UNK M 581 -54.42 -26.66 119.68
N UNK M 582 -54.36 -26.22 118.43
CA UNK M 582 -55.53 -26.36 117.58
C UNK M 582 -55.82 -27.81 117.28
N UNK M 583 -54.78 -28.65 117.26
CA UNK M 583 -54.99 -30.08 117.11
C UNK M 583 -55.75 -30.64 118.29
N UNK M 584 -55.40 -30.19 119.48
CA UNK M 584 -56.17 -30.67 120.61
C UNK M 584 -57.54 -30.03 120.66
N UNK M 585 -57.72 -28.83 120.10
CA UNK M 585 -59.04 -28.22 120.03
C UNK M 585 -59.96 -29.02 119.15
N UNK M 586 -59.48 -29.43 117.99
CA UNK M 586 -60.29 -30.29 117.15
C UNK M 586 -60.39 -31.69 117.71
N UNK M 587 -59.49 -32.09 118.58
CA UNK M 587 -59.71 -33.36 119.26
C UNK M 587 -60.87 -33.23 120.23
N UNK M 588 -60.88 -32.17 121.02
CA UNK M 588 -61.89 -32.00 122.04
C UNK M 588 -63.19 -31.48 121.48
N UNK M 589 -63.27 -31.17 120.19
CA UNK M 589 -64.57 -30.92 119.59
C UNK M 589 -65.42 -32.18 119.47
N UNK M 590 -64.92 -33.36 119.83
CA UNK M 590 -65.79 -34.41 120.28
C UNK M 590 -66.65 -33.94 121.46
N UNK M 591 -65.99 -33.36 122.45
CA UNK M 591 -66.57 -33.01 123.74
C UNK M 591 -67.04 -31.56 123.83
N UNK M 592 -67.11 -31.05 125.06
CA UNK M 592 -67.56 -29.70 125.34
C UNK M 592 -66.47 -28.69 125.67
N UNK M 593 -65.60 -28.94 126.63
CA UNK M 593 -64.80 -27.85 127.20
C UNK M 593 -63.32 -28.20 127.30
N UNK M 594 -62.46 -27.32 126.80
CA UNK M 594 -61.02 -27.49 126.89
C UNK M 594 -60.50 -26.45 127.86
N UNK M 595 -59.44 -26.80 128.58
CA UNK M 595 -58.77 -25.87 129.49
C UNK M 595 -57.27 -26.01 129.28
N UNK M 596 -56.65 -25.00 128.69
CA UNK M 596 -55.21 -24.99 128.47
C UNK M 596 -54.57 -23.99 129.41
N UNK M 597 -53.44 -24.36 130.01
CA UNK M 597 -52.87 -23.52 131.08
C UNK M 597 -51.46 -22.98 130.74
N UNK M 598 -51.41 -21.85 130.02
CA UNK M 598 -50.17 -21.34 129.40
C UNK M 598 -50.45 -19.97 128.81
N UNK M 599 -49.44 -19.39 128.15
CA UNK M 599 -49.49 -17.97 127.77
C UNK M 599 -48.89 -17.72 126.39
N UNK M 600 -48.97 -18.68 125.50
CA UNK M 600 -48.68 -18.41 124.11
C UNK M 600 -49.83 -18.75 123.23
N UNK M 601 -50.71 -19.60 123.71
CA UNK M 601 -52.00 -19.75 123.08
C UNK M 601 -52.76 -18.44 123.13
N UNK M 602 -52.79 -17.82 124.32
CA UNK M 602 -53.88 -16.92 124.73
C UNK M 602 -54.11 -15.79 123.76
N UNK M 603 -53.03 -15.25 123.21
CA UNK M 603 -53.13 -14.16 122.25
C UNK M 603 -53.82 -14.59 120.97
N UNK M 604 -53.26 -15.58 120.28
CA UNK M 604 -53.81 -15.94 118.99
C UNK M 604 -55.11 -16.69 119.14
N UNK M 605 -55.28 -17.40 120.25
CA UNK M 605 -56.54 -18.07 120.50
C UNK M 605 -57.66 -17.08 120.69
N UNK M 606 -57.41 -16.02 121.47
CA UNK M 606 -58.45 -15.02 121.65
C UNK M 606 -58.68 -14.23 120.38
N UNK M 607 -57.62 -13.87 119.66
CA UNK M 607 -57.82 -13.08 118.46
C UNK M 607 -58.37 -13.90 117.31
N UNK M 608 -58.37 -15.21 117.41
CA UNK M 608 -59.10 -15.99 116.42
C UNK M 608 -60.53 -16.20 116.84
N UNK M 609 -60.76 -16.44 118.12
CA UNK M 609 -62.11 -16.76 118.56
C UNK M 609 -62.99 -15.54 118.56
N UNK M 610 -62.53 -14.46 119.16
CA UNK M 610 -63.34 -13.27 119.25
C UNK M 610 -63.29 -12.43 118.02
N UNK M 611 -62.85 -12.97 116.92
CA UNK M 611 -63.16 -12.36 115.65
C UNK M 611 -63.86 -13.32 114.71
N UNK M 612 -63.42 -14.57 114.59
CA UNK M 612 -63.86 -15.45 113.50
C UNK M 612 -65.29 -15.89 113.62
N UNK M 613 -65.99 -15.53 114.68
CA UNK M 613 -67.43 -15.65 114.73
C UNK M 613 -68.12 -14.42 114.19
N UNK M 614 -67.41 -13.32 114.04
CA UNK M 614 -68.05 -12.10 113.63
C UNK M 614 -67.35 -11.40 112.49
N UNK M 615 -66.26 -11.96 111.98
CA UNK M 615 -65.68 -11.47 110.75
C UNK M 615 -66.74 -11.83 109.75
N UNK M 616 -66.95 -13.14 109.54
CA UNK M 616 -68.23 -13.78 109.25
C UNK M 616 -69.02 -13.12 108.12
N UNK M 617 -68.34 -12.33 107.29
CA UNK M 617 -68.96 -11.64 106.18
C UNK M 617 -68.35 -12.13 104.89
N UNK M 618 -67.04 -11.99 104.72
CA UNK M 618 -66.45 -12.50 103.50
C UNK M 618 -65.12 -13.20 103.68
N UNK M 619 -64.43 -13.03 104.81
CA UNK M 619 -63.01 -13.35 104.96
C UNK M 619 -62.20 -12.76 103.80
N UNK M 620 -62.09 -11.43 103.84
CA UNK M 620 -61.43 -10.62 102.83
C UNK M 620 -60.02 -11.08 102.56
N UNK M 621 -59.78 -11.54 101.33
CA UNK M 621 -58.46 -12.02 100.97
C UNK M 621 -57.51 -10.85 100.86
N UNK M 622 -56.36 -10.96 101.51
CA UNK M 622 -55.56 -9.78 101.77
C UNK M 622 -54.47 -9.64 100.72
N UNK M 623 -53.75 -8.51 100.81
CA UNK M 623 -52.53 -8.31 100.06
C UNK M 623 -51.72 -7.28 100.84
N UNK M 624 -50.77 -7.75 101.61
CA UNK M 624 -50.09 -6.91 102.57
C UNK M 624 -49.09 -6.00 101.87
N UNK M 625 -48.81 -4.83 102.47
CA UNK M 625 -47.59 -4.12 102.09
C UNK M 625 -46.97 -3.43 103.30
N UNK M 626 -47.33 -3.83 104.51
CA UNK M 626 -46.99 -3.12 105.74
C UNK M 626 -45.49 -3.21 105.97
N UNK M 627 -44.79 -2.10 105.82
CA UNK M 627 -43.35 -2.06 106.11
C UNK M 627 -43.08 -0.85 106.99
N UNK M 628 -43.25 -1.05 108.30
CA UNK M 628 -43.27 0.09 109.19
C UNK M 628 -43.11 -0.24 110.66
N UNK M 629 -43.45 0.75 111.48
CA UNK M 629 -43.09 0.81 112.88
C UNK M 629 -43.70 -0.28 113.74
N UNK M 630 -45.00 -0.22 114.01
CA UNK M 630 -45.56 -1.02 115.09
C UNK M 630 -46.25 -2.27 114.59
N UNK M 631 -45.85 -2.77 113.43
CA UNK M 631 -46.47 -3.96 112.87
C UNK M 631 -45.69 -5.21 113.20
N UNK M 632 -44.63 -5.07 113.97
CA UNK M 632 -43.86 -6.21 114.43
C UNK M 632 -44.15 -6.55 115.88
N UNK M 633 -44.42 -5.56 116.72
CA UNK M 633 -44.86 -5.86 118.07
C UNK M 633 -46.26 -6.47 118.07
N UNK M 634 -47.05 -6.20 117.05
CA UNK M 634 -48.08 -7.10 116.53
C UNK M 634 -49.20 -7.38 117.51
N UNK M 635 -49.38 -6.58 118.54
CA UNK M 635 -50.25 -6.98 119.63
C UNK M 635 -51.71 -6.77 119.30
N UNK M 636 -52.56 -7.65 119.82
CA UNK M 636 -53.98 -7.53 119.60
C UNK M 636 -54.82 -7.84 120.82
N UNK M 637 -54.22 -8.21 121.93
CA UNK M 637 -55.00 -8.51 123.12
C UNK M 637 -54.10 -8.30 124.31
N UNK M 638 -54.73 -8.24 125.50
CA UNK M 638 -54.14 -7.92 126.81
C UNK M 638 -53.28 -6.67 126.78
N UNK M 639 -53.54 -5.78 125.81
CA UNK M 639 -52.74 -4.58 125.57
C UNK M 639 -53.68 -3.46 125.11
N UNK M 640 -54.22 -2.69 126.05
CA UNK M 640 -54.28 -3.02 127.47
C UNK M 640 -55.74 -3.04 127.91
N UNK M 641 -56.46 -1.97 127.57
CA UNK M 641 -57.90 -1.96 127.73
C UNK M 641 -58.61 -1.30 126.56
N UNK M 642 -57.89 -0.74 125.59
CA UNK M 642 -58.53 -0.34 124.35
C UNK M 642 -59.05 -1.58 123.65
N UNK M 643 -60.33 -1.57 123.30
CA UNK M 643 -60.99 -2.87 123.18
C UNK M 643 -60.70 -3.55 121.84
N UNK M 644 -61.31 -3.08 120.74
CA UNK M 644 -61.18 -3.62 119.38
C UNK M 644 -61.46 -5.12 119.24
N UNK M 645 -61.96 -5.72 120.31
CA UNK M 645 -62.01 -7.12 120.65
C UNK M 645 -62.62 -7.03 122.04
N UNK M 646 -62.86 -8.13 122.73
CA UNK M 646 -63.71 -8.01 123.91
C UNK M 646 -63.27 -9.03 124.95
N UNK M 647 -64.17 -9.33 125.87
CA UNK M 647 -63.98 -10.41 126.80
C UNK M 647 -65.31 -11.11 127.02
N UNK M 648 -65.24 -12.31 127.61
CA UNK M 648 -66.41 -13.18 127.68
C UNK M 648 -66.43 -13.92 129.02
N UNK M 649 -67.10 -13.32 130.00
CA UNK M 649 -67.76 -14.01 131.11
C UNK M 649 -66.84 -14.65 132.14
N UNK M 650 -65.56 -14.75 131.85
CA UNK M 650 -64.56 -15.12 132.83
C UNK M 650 -63.26 -14.54 132.28
N UNK M 651 -62.92 -13.36 132.76
CA UNK M 651 -61.78 -12.63 132.23
C UNK M 651 -61.07 -11.96 133.39
N UNK M 652 -59.94 -12.53 133.79
CA UNK M 652 -59.14 -11.96 134.87
C UNK M 652 -57.79 -11.61 134.25
N UNK M 653 -57.63 -10.38 133.83
CA UNK M 653 -56.37 -9.97 133.22
C UNK M 653 -55.57 -9.27 134.31
N UNK M 654 -54.95 -10.07 135.16
CA UNK M 654 -54.46 -9.57 136.45
C UNK M 654 -52.97 -9.25 136.39
N UNK M 655 -52.59 -8.16 137.06
CA UNK M 655 -51.25 -7.59 136.99
C UNK M 655 -50.74 -7.18 138.35
N UNK M 656 -50.84 -8.06 139.34
CA UNK M 656 -50.65 -7.63 140.73
C UNK M 656 -49.79 -8.65 141.47
N UNK M 657 -49.83 -8.57 142.81
CA UNK M 657 -49.23 -9.56 143.69
C UNK M 657 -50.21 -10.62 144.18
N UNK M 658 -51.51 -10.35 144.18
CA UNK M 658 -52.52 -11.38 144.45
C UNK M 658 -53.53 -11.53 143.32
N UNK M 659 -54.14 -10.42 142.89
CA UNK M 659 -55.22 -10.43 141.92
C UNK M 659 -55.48 -9.00 141.46
N UNK M 660 -56.04 -8.86 140.26
CA UNK M 660 -56.20 -7.54 139.65
C UNK M 660 -57.27 -7.59 138.56
N UNK M 661 -57.14 -6.69 137.58
CA UNK M 661 -58.18 -6.19 136.67
C UNK M 661 -59.06 -7.25 136.04
N UNK M 662 -60.31 -6.86 135.80
CA UNK M 662 -61.33 -7.70 135.18
C UNK M 662 -62.00 -6.93 134.05
N UNK M 663 -62.66 -7.66 133.14
CA UNK M 663 -63.50 -7.03 132.13
C UNK M 663 -64.76 -7.86 131.93
N UNK M 664 -65.76 -7.62 132.78
CA UNK M 664 -66.99 -8.39 132.80
C UNK M 664 -68.04 -7.64 133.60
N UNK M 665 -69.12 -8.33 133.97
CA UNK M 665 -70.06 -7.78 134.95
C UNK M 665 -69.66 -8.22 136.35
N UNK M 666 -17.58 18.44 154.25
CA UNK M 666 -17.78 19.18 153.01
C UNK M 666 -16.46 19.30 152.28
N UNK M 667 -15.43 19.68 153.01
CA UNK M 667 -14.06 19.68 152.53
C UNK M 667 -13.14 19.66 153.75
N UNK M 668 -12.45 18.53 153.92
CA UNK M 668 -11.71 18.27 155.15
C UNK M 668 -10.62 17.25 154.87
N UNK M 669 -9.59 17.22 155.73
CA UNK M 669 -8.32 16.53 155.56
C UNK M 669 -8.38 15.04 155.21
N UNK M 670 -7.28 14.52 154.65
CA UNK M 670 -7.11 13.12 154.27
C UNK M 670 -6.17 12.41 155.24
N UNK M 671 -6.41 11.13 155.47
CA UNK M 671 -5.61 10.33 156.41
C UNK M 671 -5.63 8.87 155.93
N UNK M 672 -5.20 7.94 156.81
CA UNK M 672 -5.18 6.53 156.45
C UNK M 672 -6.03 5.65 157.37
N UNK M 673 -5.77 5.67 158.69
CA UNK M 673 -6.42 4.85 159.72
C UNK M 673 -6.26 3.35 159.43
N UNK M 674 -5.00 2.89 159.56
CA UNK M 674 -4.58 1.53 159.25
C UNK M 674 -5.33 0.50 160.08
N UNK M 675 -5.36 -0.72 159.57
CA UNK M 675 -6.27 -1.76 160.06
C UNK M 675 -5.47 -2.95 160.58
N UNK M 676 -5.57 -3.20 161.88
CA UNK M 676 -5.03 -4.39 162.50
C UNK M 676 -5.98 -5.56 162.30
N UNK M 677 -5.50 -6.75 162.60
CA UNK M 677 -6.34 -7.94 162.49
C UNK M 677 -7.24 -8.04 163.71
N UNK M 678 -8.01 -9.12 163.79
CA UNK M 678 -8.92 -9.35 164.89
C UNK M 678 -8.49 -10.60 165.65
N UNK M 679 -8.56 -10.55 166.97
CA UNK M 679 -8.02 -11.61 167.81
C UNK M 679 -9.15 -12.29 168.59
N UNK M 680 -9.21 -13.60 168.48
CA UNK M 680 -10.15 -14.41 169.25
C UNK M 680 -9.56 -15.79 169.46
N UNK M 681 -9.42 -16.21 170.70
CA UNK M 681 -8.64 -17.40 170.98
C UNK M 681 -9.09 -18.04 172.27
N UNK M 682 -9.01 -19.36 172.28
CA UNK M 682 -9.42 -20.23 173.36
C UNK M 682 -8.50 -21.43 173.25
N UNK M 683 -8.95 -22.58 173.72
CA UNK M 683 -8.14 -23.79 173.60
C UNK M 683 -8.18 -24.33 172.17
N UNK M 684 -7.72 -25.56 172.00
CA UNK M 684 -7.22 -25.97 170.69
C UNK M 684 -7.48 -27.45 170.43
N UNK M 685 -6.64 -28.04 169.60
CA UNK M 685 -6.60 -29.48 169.36
C UNK M 685 -6.01 -30.22 170.55
N UNK M 686 -5.52 -31.44 170.31
CA UNK M 686 -5.03 -32.37 171.33
C UNK M 686 -6.14 -32.78 172.29
N UNK M 687 -7.06 -33.59 171.74
CA UNK M 687 -7.93 -34.47 172.50
C UNK M 687 -7.16 -35.23 173.59
N UNK M 688 -7.74 -35.38 174.79
CA UNK M 688 -9.17 -35.35 175.10
C UNK M 688 -9.76 -34.02 175.59
N UNK M 689 -11.10 -33.99 175.73
CA UNK M 689 -11.81 -32.80 176.18
C UNK M 689 -12.94 -33.07 177.17
N UNK M 690 -13.23 -34.34 177.47
CA UNK M 690 -14.27 -34.77 178.42
C UNK M 690 -15.66 -34.24 178.07
N UNK M 691 -15.97 -34.12 176.77
CA UNK M 691 -17.35 -33.91 176.32
C UNK M 691 -17.45 -34.45 174.89
N UNK M 692 -17.96 -35.67 174.74
CA UNK M 692 -18.04 -36.33 173.45
C UNK M 692 -19.44 -36.86 173.22
N UNK M 693 -19.72 -37.35 171.99
CA UNK M 693 -21.05 -37.84 171.68
C UNK M 693 -21.12 -39.31 171.32
N UNK M 694 -20.60 -39.73 170.16
CA UNK M 694 -20.88 -41.11 169.78
C UNK M 694 -19.74 -41.89 169.13
N UNK M 695 -18.98 -41.23 168.27
CA UNK M 695 -18.04 -41.90 167.37
C UNK M 695 -17.03 -40.88 166.86
N UNK M 696 -16.27 -41.26 165.84
CA UNK M 696 -15.12 -40.47 165.41
C UNK M 696 -15.52 -39.43 164.37
N UNK M 697 -15.39 -38.14 164.70
CA UNK M 697 -14.86 -37.65 165.97
C UNK M 697 -15.66 -36.48 166.51
N UNK M 698 -16.99 -36.58 166.49
CA UNK M 698 -17.84 -35.49 166.94
C UNK M 698 -17.66 -35.23 168.44
N UNK M 699 -17.43 -33.98 168.79
CA UNK M 699 -16.93 -33.64 170.11
C UNK M 699 -17.73 -32.51 170.75
N UNK M 700 -19.06 -32.67 170.81
CA UNK M 700 -19.96 -31.63 171.28
C UNK M 700 -19.71 -31.25 172.73
N UNK M 701 -19.75 -29.95 173.03
CA UNK M 701 -19.09 -29.49 174.24
C UNK M 701 -19.86 -28.41 174.97
N UNK M 702 -19.69 -28.39 176.30
CA UNK M 702 -19.84 -27.15 177.06
C UNK M 702 -18.45 -26.55 177.22
N UNK M 703 -17.59 -27.19 178.01
CA UNK M 703 -16.25 -27.65 177.66
C UNK M 703 -15.53 -26.88 176.54
N UNK M 704 -15.18 -25.60 176.72
CA UNK M 704 -14.99 -24.96 178.00
C UNK M 704 -15.31 -23.49 177.88
N UNK M 705 -16.12 -23.00 178.82
CA UNK M 705 -16.52 -21.60 178.79
C UNK M 705 -15.36 -20.69 179.19
N UNK M 706 -15.30 -19.53 178.56
CA UNK M 706 -14.30 -18.51 178.81
C UNK M 706 -14.96 -17.15 178.90
N UNK M 707 -15.98 -17.05 179.77
CA UNK M 707 -16.84 -15.88 179.98
C UNK M 707 -16.06 -14.58 180.15
N UNK M 708 -15.29 -14.50 181.23
CA UNK M 708 -13.97 -13.85 181.28
C UNK M 708 -14.00 -12.43 180.76
N UNK M 709 -14.65 -11.56 181.54
CA UNK M 709 -15.04 -10.20 181.17
C UNK M 709 -13.96 -9.32 180.55
N UNK M 710 -14.39 -8.30 179.81
CA UNK M 710 -13.51 -7.54 178.95
C UNK M 710 -14.01 -6.12 178.76
N UNK M 711 -13.07 -5.17 178.73
CA UNK M 711 -13.26 -3.83 178.17
C UNK M 711 -13.06 -3.92 176.66
N UNK M 712 -12.73 -2.81 175.99
CA UNK M 712 -12.30 -2.90 174.60
C UNK M 712 -10.93 -3.56 174.60
N UNK M 713 -10.95 -4.90 174.70
CA UNK M 713 -9.84 -5.73 175.13
C UNK M 713 -10.32 -7.18 175.02
N UNK M 714 -9.38 -8.10 175.25
CA UNK M 714 -9.68 -9.52 175.19
C UNK M 714 -10.14 -10.01 176.56
N UNK M 715 -10.20 -11.33 176.72
CA UNK M 715 -10.79 -11.97 177.89
C UNK M 715 -9.86 -11.93 179.11
N UNK M 716 -10.14 -12.75 180.12
CA UNK M 716 -9.33 -12.80 181.35
C UNK M 716 -7.86 -13.09 181.04
N UNK M 717 -6.98 -12.42 181.77
CA UNK M 717 -5.61 -12.22 181.33
C UNK M 717 -4.83 -13.52 181.33
N UNK M 718 -4.07 -13.74 180.25
CA UNK M 718 -3.29 -14.95 180.12
C UNK M 718 -2.12 -14.63 179.17
N UNK M 719 -0.95 -14.37 179.74
CA UNK M 719 0.24 -14.17 178.94
C UNK M 719 1.16 -15.39 178.99
N UNK M 720 1.49 -15.83 180.19
CA UNK M 720 2.12 -17.11 180.41
C UNK M 720 1.42 -17.96 181.47
N UNK M 721 0.54 -17.39 182.27
CA UNK M 721 -0.14 -18.12 183.33
C UNK M 721 -1.59 -17.64 183.38
N UNK M 722 -2.51 -18.50 182.96
CA UNK M 722 -3.89 -18.10 182.72
C UNK M 722 -4.63 -17.93 184.03
N UNK M 723 -4.47 -16.75 184.62
CA UNK M 723 -5.06 -16.46 185.92
C UNK M 723 -6.54 -16.13 185.76
N UNK M 724 -7.38 -16.92 186.41
CA UNK M 724 -8.81 -16.66 186.49
C UNK M 724 -9.11 -15.64 187.58
N UNK M 725 -10.37 -15.55 188.02
CA UNK M 725 -10.77 -14.59 189.05
C UNK M 725 -10.19 -14.90 190.43
N UNK M 726 -9.53 -16.05 190.61
CA UNK M 726 -8.78 -16.38 191.82
C UNK M 726 -7.40 -15.71 191.80
N UNK M 727 -6.48 -16.18 192.65
CA UNK M 727 -5.15 -15.58 192.73
C UNK M 727 -4.36 -15.77 191.44
N UNK M 728 -4.08 -17.01 191.07
CA UNK M 728 -3.35 -17.32 189.84
C UNK M 728 -3.66 -18.74 189.43
N UNK M 729 -3.37 -19.06 188.18
CA UNK M 729 -3.60 -20.40 187.64
C UNK M 729 -2.75 -20.58 186.40
N UNK M 730 -2.26 -21.80 186.21
CA UNK M 730 -1.28 -22.08 185.17
C UNK M 730 -1.85 -23.09 184.20
N UNK M 731 -2.57 -22.59 183.20
CA UNK M 731 -2.97 -23.45 182.09
C UNK M 731 -1.74 -23.75 181.25
N UNK M 732 -1.31 -25.01 181.25
CA UNK M 732 -0.09 -25.39 180.57
C UNK M 732 -0.27 -25.43 179.07
N UNK N 1 -8.71 43.53 110.66
CA UNK N 1 -9.17 43.02 109.38
C UNK N 1 -10.66 42.80 109.39
N UNK N 2 -11.12 41.71 108.80
CA UNK N 2 -12.55 41.43 108.75
C UNK N 2 -12.77 39.93 108.85
N UNK N 3 -13.64 39.51 109.75
CA UNK N 3 -13.88 38.10 110.01
C UNK N 3 -15.35 37.82 109.77
N UNK N 4 -15.68 37.05 108.74
CA UNK N 4 -17.09 36.90 108.39
C UNK N 4 -17.60 35.47 108.60
N UNK N 5 -18.93 35.32 108.66
CA UNK N 5 -19.46 33.99 108.92
C UNK N 5 -20.86 33.85 108.34
N UNK N 6 -21.04 32.88 107.45
CA UNK N 6 -22.38 32.55 107.02
C UNK N 6 -22.98 31.60 108.05
N UNK N 7 -24.28 31.69 108.29
CA UNK N 7 -24.85 30.82 109.31
C UNK N 7 -26.28 30.47 108.92
N UNK N 8 -26.57 29.20 108.73
CA UNK N 8 -27.86 28.79 108.21
C UNK N 8 -28.70 28.13 109.29
N UNK N 9 -30.00 28.42 109.31
CA UNK N 9 -30.93 27.61 110.08
C UNK N 9 -31.49 26.51 109.19
N UNK N 10 -32.37 25.64 109.71
CA UNK N 10 -32.89 24.51 108.94
C UNK N 10 -34.01 24.96 108.02
N UNK N 11 -33.91 24.63 106.75
CA UNK N 11 -34.62 25.39 105.73
C UNK N 11 -35.43 24.52 104.79
N UNK N 12 -36.44 25.15 104.17
CA UNK N 12 -37.09 24.65 102.97
C UNK N 12 -37.77 25.83 102.31
N UNK N 13 -37.21 26.29 101.19
CA UNK N 13 -37.70 27.42 100.39
C UNK N 13 -37.82 28.68 101.22
N UNK N 14 -36.68 29.17 101.69
CA UNK N 14 -36.65 30.40 102.45
C UNK N 14 -35.40 31.19 102.09
N UNK N 15 -35.36 32.44 102.54
CA UNK N 15 -34.52 33.47 101.98
C UNK N 15 -33.33 33.78 102.87
N UNK N 16 -32.59 34.79 102.46
CA UNK N 16 -31.31 35.10 103.06
C UNK N 16 -31.40 36.48 103.70
N UNK N 17 -30.48 36.77 104.61
CA UNK N 17 -30.41 38.08 105.24
C UNK N 17 -28.95 38.39 105.52
N UNK N 18 -28.40 39.36 104.81
CA UNK N 18 -26.97 39.61 104.87
C UNK N 18 -26.69 40.69 105.91
N UNK N 19 -26.63 40.28 107.18
CA UNK N 19 -26.47 41.27 108.22
C UNK N 19 -25.00 41.61 108.42
N UNK N 20 -24.74 42.77 108.96
CA UNK N 20 -23.36 43.18 109.23
C UNK N 20 -23.32 43.65 110.67
N UNK N 21 -22.92 42.75 111.57
CA UNK N 21 -22.87 43.06 112.98
C UNK N 21 -21.77 44.06 113.21
N UNK N 22 -22.16 45.33 113.33
CA UNK N 22 -21.18 46.41 113.38
C UNK N 22 -20.41 46.35 114.67
N UNK N 23 -21.08 46.58 115.79
CA UNK N 23 -20.40 46.40 117.07
C UNK N 23 -21.31 45.85 118.15
N UNK N 24 -22.46 45.29 117.80
CA UNK N 24 -23.48 45.05 118.82
C UNK N 24 -23.16 43.83 119.69
N UNK N 25 -23.18 42.64 119.08
CA UNK N 25 -23.02 41.33 119.70
C UNK N 25 -24.06 41.01 120.79
N UNK N 26 -25.11 41.83 120.91
CA UNK N 26 -26.28 41.53 121.71
C UNK N 26 -27.55 41.73 120.94
N UNK N 27 -27.51 42.44 119.81
CA UNK N 27 -28.49 42.33 118.76
C UNK N 27 -28.36 41.06 117.97
N UNK N 28 -27.39 40.20 118.30
CA UNK N 28 -27.21 38.94 117.61
C UNK N 28 -28.42 38.05 117.78
N UNK N 29 -28.93 37.95 119.01
CA UNK N 29 -30.13 37.17 119.21
C UNK N 29 -31.34 37.84 118.58
N UNK N 30 -31.31 39.18 118.50
CA UNK N 30 -32.41 39.92 117.90
C UNK N 30 -32.52 39.64 116.41
N UNK N 31 -31.41 39.79 115.71
CA UNK N 31 -31.40 39.46 114.29
C UNK N 31 -31.54 37.96 114.07
N UNK N 32 -31.14 37.15 115.05
CA UNK N 32 -31.32 35.71 114.92
C UNK N 32 -32.78 35.34 114.90
N UNK N 33 -33.55 35.88 115.82
CA UNK N 33 -34.98 35.64 115.81
C UNK N 33 -35.64 36.33 114.63
N UNK N 34 -35.03 37.40 114.12
CA UNK N 34 -35.60 38.08 112.96
C UNK N 34 -35.47 37.23 111.70
N UNK N 35 -34.32 36.60 111.53
CA UNK N 35 -34.12 35.68 110.42
C UNK N 35 -34.50 34.27 110.78
N UNK N 36 -35.15 34.07 111.93
CA UNK N 36 -35.79 32.79 112.17
C UNK N 36 -36.95 32.55 111.22
N UNK N 37 -37.54 33.61 110.67
CA UNK N 37 -38.49 33.45 109.58
C UNK N 37 -37.76 33.58 108.24
N UNK N 38 -36.80 32.68 108.04
CA UNK N 38 -35.91 32.69 106.89
C UNK N 38 -35.13 31.39 106.77
N UNK N 39 -34.09 31.39 105.93
CA UNK N 39 -33.17 30.27 105.78
C UNK N 39 -31.75 30.57 106.22
N UNK N 40 -31.14 31.64 105.70
CA UNK N 40 -29.70 31.78 105.88
C UNK N 40 -29.36 33.19 106.32
N UNK N 41 -28.91 33.34 107.56
CA UNK N 41 -28.31 34.60 107.92
C UNK N 41 -26.89 34.60 107.42
N UNK N 42 -26.33 35.78 107.23
CA UNK N 42 -24.92 35.87 106.87
C UNK N 42 -24.37 37.02 107.69
N UNK N 43 -23.77 36.69 108.84
CA UNK N 43 -23.32 37.71 109.76
C UNK N 43 -21.91 38.12 109.38
N UNK N 44 -21.73 39.37 109.01
CA UNK N 44 -20.39 39.86 108.75
C UNK N 44 -19.81 40.51 110.00
N UNK N 45 -18.49 40.50 110.09
CA UNK N 45 -17.57 41.10 111.08
C UNK N 45 -17.54 40.39 112.44
N UNK N 46 -18.51 39.55 112.76
CA UNK N 46 -18.44 38.29 113.51
C UNK N 46 -17.32 38.07 114.53
N UNK N 47 -17.08 39.00 115.45
CA UNK N 47 -15.88 38.86 116.28
C UNK N 47 -16.12 37.93 117.45
N UNK N 48 -17.13 38.21 118.26
CA UNK N 48 -17.54 37.30 119.31
C UNK N 48 -18.75 36.50 118.91
N UNK N 49 -19.47 36.95 117.88
CA UNK N 49 -20.67 36.27 117.45
C UNK N 49 -20.35 34.90 116.87
N UNK N 50 -19.40 34.85 115.94
CA UNK N 50 -19.05 33.57 115.33
C UNK N 50 -18.43 32.64 116.34
N UNK N 51 -17.68 33.19 117.30
CA UNK N 51 -17.02 32.36 118.28
C UNK N 51 -18.03 31.72 119.21
N UNK N 52 -18.93 32.53 119.77
CA UNK N 52 -19.91 31.96 120.68
C UNK N 52 -20.87 31.05 119.97
N UNK N 53 -21.19 31.36 118.71
CA UNK N 53 -22.10 30.49 117.96
C UNK N 53 -21.45 29.17 117.63
N UNK N 54 -20.16 29.17 117.29
CA UNK N 54 -19.51 27.93 116.96
C UNK N 54 -19.29 27.08 118.19
N UNK N 55 -19.01 27.71 119.33
CA UNK N 55 -18.83 26.91 120.54
C UNK N 55 -20.15 26.29 120.96
N UNK N 56 -21.24 27.02 120.82
CA UNK N 56 -22.54 26.45 121.14
C UNK N 56 -22.90 25.34 120.17
N UNK N 57 -22.55 25.51 118.90
CA UNK N 57 -22.92 24.48 117.94
C UNK N 57 -22.09 23.23 118.12
N UNK N 58 -20.83 23.37 118.46
CA UNK N 58 -19.98 22.20 118.58
C UNK N 58 -20.14 21.50 119.90
N UNK N 59 -20.63 22.18 120.93
CA UNK N 59 -20.99 21.47 122.14
C UNK N 59 -22.47 21.62 122.37
N UNK N 60 -23.25 21.49 121.31
CA UNK N 60 -24.68 21.67 121.37
C UNK N 60 -25.46 20.39 121.51
N UNK N 61 -24.84 19.23 121.32
CA UNK N 61 -25.60 17.98 121.38
C UNK N 61 -25.27 17.16 122.61
N UNK N 62 -24.01 16.84 122.85
CA UNK N 62 -23.68 15.99 123.99
C UNK N 62 -23.77 16.78 125.27
N UNK N 63 -23.28 18.01 125.26
CA UNK N 63 -23.33 18.83 126.45
C UNK N 63 -24.74 19.30 126.76
N UNK N 64 -25.68 19.10 125.86
CA UNK N 64 -27.09 19.24 126.16
C UNK N 64 -27.72 17.95 126.60
N UNK N 65 -27.29 16.84 126.02
CA UNK N 65 -27.87 15.55 126.35
C UNK N 65 -27.55 15.16 127.77
N UNK N 66 -26.40 15.58 128.27
CA UNK N 66 -26.13 15.23 129.66
C UNK N 66 -26.82 16.20 130.61
N UNK N 67 -26.39 17.46 130.64
CA UNK N 67 -26.62 18.26 131.84
C UNK N 67 -27.52 19.47 131.64
N UNK N 68 -27.09 20.45 130.83
CA UNK N 68 -27.52 21.85 130.94
C UNK N 68 -27.52 22.32 132.39
N UNK N 69 -26.31 22.40 132.94
CA UNK N 69 -26.11 22.80 134.33
C UNK N 69 -26.14 24.31 134.46
N UNK N 70 -26.19 24.78 135.71
CA UNK N 70 -26.01 26.18 136.04
C UNK N 70 -24.68 26.33 136.78
N UNK N 71 -23.85 27.24 136.33
CA UNK N 71 -22.43 27.19 136.69
C UNK N 71 -22.04 28.42 137.51
N UNK N 72 -21.86 28.23 138.81
CA UNK N 72 -21.21 29.25 139.63
C UNK N 72 -19.72 29.27 139.35
N UNK N 73 -19.09 30.42 139.55
CA UNK N 73 -17.68 30.53 139.24
C UNK N 73 -16.98 31.43 140.22
N UNK N 74 -15.82 30.99 140.71
CA UNK N 74 -14.99 31.81 141.56
C UNK N 74 -13.61 31.78 140.94
N UNK N 75 -13.37 32.66 139.99
CA UNK N 75 -12.14 32.59 139.21
C UNK N 75 -11.24 33.77 139.53
N UNK N 76 -9.97 33.47 139.71
CA UNK N 76 -8.93 34.47 139.87
C UNK N 76 -8.30 34.72 138.53
N UNK N 77 -7.89 35.95 138.29
CA UNK N 77 -7.87 36.45 136.94
C UNK N 77 -6.58 36.14 136.20
N UNK N 78 -5.95 35.02 136.52
CA UNK N 78 -4.59 34.78 136.08
C UNK N 78 -4.39 34.68 134.58
N UNK N 79 -4.89 33.62 133.96
CA UNK N 79 -4.45 33.26 132.63
C UNK N 79 -5.52 33.49 131.58
N UNK N 80 -6.68 32.85 131.75
CA UNK N 80 -7.75 32.93 130.77
C UNK N 80 -8.35 34.32 130.69
N UNK N 81 -8.17 35.14 131.73
CA UNK N 81 -8.85 36.41 131.89
C UNK N 81 -8.48 37.43 130.84
N UNK N 82 -7.44 37.19 130.04
CA UNK N 82 -7.45 37.77 128.70
C UNK N 82 -6.76 36.76 127.79
N UNK N 83 -7.52 35.78 127.31
CA UNK N 83 -6.88 34.67 126.61
C UNK N 83 -7.93 33.83 125.90
N UNK N 84 -7.46 32.68 125.42
CA UNK N 84 -8.17 31.79 124.54
C UNK N 84 -8.79 30.64 125.31
N UNK N 85 -9.91 30.13 124.79
CA UNK N 85 -10.57 28.99 125.37
C UNK N 85 -9.99 27.68 124.92
N UNK N 86 -8.88 27.73 124.17
CA UNK N 86 -8.04 26.58 123.87
C UNK N 86 -8.75 25.51 123.05
N UNK N 87 -9.63 25.92 122.19
CA UNK N 87 -10.11 25.00 121.18
C UNK N 87 -10.30 25.68 119.84
N UNK N 88 -9.98 26.96 119.72
CA UNK N 88 -10.27 27.69 118.50
C UNK N 88 -9.27 27.39 117.42
N UNK N 89 -8.01 27.24 117.78
CA UNK N 89 -6.91 27.24 116.82
C UNK N 89 -6.80 25.98 116.00
N UNK N 90 -7.73 25.05 116.12
CA UNK N 90 -7.72 23.93 115.22
C UNK N 90 -9.06 23.69 114.55
N UNK N 91 -10.16 24.20 115.08
CA UNK N 91 -11.44 24.10 114.39
C UNK N 91 -11.73 25.32 113.54
N UNK N 92 -11.51 26.53 114.06
CA UNK N 92 -11.51 27.69 113.18
C UNK N 92 -10.10 28.00 112.69
N UNK N 93 -9.42 26.95 112.26
CA UNK N 93 -8.56 26.96 111.11
C UNK N 93 -9.48 26.46 110.03
N UNK N 94 -10.15 27.41 109.39
CA UNK N 94 -11.47 27.19 108.80
C UNK N 94 -11.45 26.20 107.65
N UNK N 95 -12.42 25.30 107.63
CA UNK N 95 -12.61 24.37 106.53
C UNK N 95 -13.62 24.86 105.51
N UNK N 96 -14.74 25.40 105.99
CA UNK N 96 -15.65 26.27 105.22
C UNK N 96 -16.25 25.55 104.02
N UNK N 97 -16.98 24.49 104.29
CA UNK N 97 -17.44 23.63 103.21
C UNK N 97 -18.86 23.17 103.52
N UNK N 98 -19.82 23.80 102.88
CA UNK N 98 -21.19 23.44 103.13
C UNK N 98 -22.04 23.91 101.97
N UNK N 99 -23.34 23.83 102.19
CA UNK N 99 -24.42 24.37 101.43
C UNK N 99 -25.60 24.35 102.41
N UNK N 100 -26.81 24.40 101.90
CA UNK N 100 -27.99 24.13 102.71
C UNK N 100 -28.31 22.65 102.66
N UNK N 101 -27.55 21.87 103.42
CA UNK N 101 -27.64 20.41 103.36
C UNK N 101 -28.54 19.85 104.46
N UNK N 102 -29.74 20.41 104.59
CA UNK N 102 -30.72 19.82 105.47
C UNK N 102 -32.13 20.05 104.95
N UNK N 103 -32.32 20.00 103.63
CA UNK N 103 -33.57 20.41 102.99
C UNK N 103 -34.76 19.61 103.50
N UNK N 104 -35.88 20.30 103.74
CA UNK N 104 -36.85 19.83 104.73
C UNK N 104 -38.26 19.62 104.21
N UNK N 105 -38.41 18.92 103.09
CA UNK N 105 -39.67 18.34 102.62
C UNK N 105 -40.83 19.28 102.43
N UNK N 106 80.09 43.74 171.37
CA UNK N 106 79.12 43.70 170.29
C UNK N 106 77.77 43.20 170.80
N UNK N 107 77.80 42.53 171.94
CA UNK N 107 76.60 41.88 172.48
C UNK N 107 76.73 41.80 174.00
N UNK N 108 75.65 42.08 174.72
CA UNK N 108 74.37 42.51 174.19
C UNK N 108 74.38 44.02 173.94
N UNK N 109 74.63 44.79 175.01
CA UNK N 109 74.54 46.25 175.01
C UNK N 109 73.22 46.71 174.41
N UNK N 110 72.15 46.22 175.04
CA UNK N 110 70.75 46.42 174.63
C UNK N 110 70.49 45.92 173.22
N UNK N 111 71.23 44.92 172.78
CA UNK N 111 71.09 44.48 171.39
C UNK N 111 71.37 42.98 171.34
N UNK N 112 70.30 42.19 171.43
CA UNK N 112 70.41 40.75 171.42
C UNK N 112 69.04 40.16 171.13
N UNK N 113 69.03 38.86 170.86
CA UNK N 113 67.83 38.03 170.70
C UNK N 113 66.86 38.53 169.64
N UNK N 114 34.42 66.33 156.23
CA UNK N 114 35.01 65.77 157.43
C UNK N 114 34.04 64.83 158.10
N UNK N 115 32.75 65.06 157.88
CA UNK N 115 31.71 64.24 158.48
C UNK N 115 31.31 63.05 157.62
N UNK N 116 31.90 62.90 156.44
CA UNK N 116 31.32 62.01 155.44
C UNK N 116 31.71 60.57 155.67
N UNK N 117 30.75 59.67 155.45
CA UNK N 117 31.09 58.26 155.30
C UNK N 117 31.90 58.01 154.06
N UNK N 118 31.77 58.86 153.03
CA UNK N 118 32.67 58.77 151.89
C UNK N 118 34.09 59.11 152.32
N UNK N 119 34.23 60.12 153.17
CA UNK N 119 35.55 60.42 153.73
C UNK N 119 36.05 59.32 154.63
N UNK N 120 35.12 58.63 155.29
CA UNK N 120 35.47 57.47 156.09
C UNK N 120 36.01 56.35 155.22
N UNK N 121 35.20 55.88 154.27
CA UNK N 121 35.55 54.74 153.41
C UNK N 121 36.73 55.03 152.51
N UNK N 122 37.13 56.29 152.37
CA UNK N 122 38.48 56.60 151.93
C UNK N 122 39.47 56.46 153.10
N UNK N 123 39.64 55.22 153.56
CA UNK N 123 40.64 54.96 154.59
C UNK N 123 41.66 53.85 154.30
N UNK N 124 41.29 52.63 153.82
CA UNK N 124 40.01 52.06 153.38
C UNK N 124 39.66 50.64 153.88
N UNK N 125 39.64 50.40 155.19
CA UNK N 125 39.31 49.07 155.70
C UNK N 125 37.79 48.81 155.68
N UNK N 126 37.35 47.72 156.32
CA UNK N 126 35.96 47.27 156.27
C UNK N 126 35.28 47.14 157.63
N UNK N 127 36.04 47.13 158.71
CA UNK N 127 35.42 47.50 159.96
C UNK N 127 34.99 48.97 159.96
N UNK N 128 35.55 49.78 159.05
CA UNK N 128 34.91 51.05 158.72
C UNK N 128 33.52 50.86 158.12
N UNK N 129 33.25 49.73 157.44
CA UNK N 129 31.87 49.47 157.05
C UNK N 129 31.06 48.97 158.23
N UNK N 130 31.73 48.41 159.22
CA UNK N 130 31.05 48.26 160.50
C UNK N 130 30.95 49.56 161.28
N UNK N 131 31.65 50.62 160.85
CA UNK N 131 31.66 51.89 161.53
C UNK N 131 31.02 53.01 160.74
N UNK N 132 30.46 52.71 159.57
CA UNK N 132 29.80 53.72 158.76
C UNK N 132 28.49 54.18 159.38
N UNK N 133 27.98 53.48 160.39
CA UNK N 133 26.83 53.95 161.16
C UNK N 133 27.15 55.17 162.00
N UNK N 134 28.43 55.53 162.12
CA UNK N 134 28.77 56.84 162.69
C UNK N 134 28.20 57.97 161.85
N UNK N 135 28.19 57.81 160.53
CA UNK N 135 27.77 58.86 159.62
C UNK N 135 26.37 58.60 159.06
N UNK N 136 25.47 58.08 159.89
CA UNK N 136 24.08 57.95 159.49
C UNK N 136 23.18 58.34 160.65
N UNK N 137 47.55 63.07 175.73
CA UNK N 137 47.30 61.93 176.60
C UNK N 137 46.42 60.89 175.90
N UNK N 138 47.00 60.20 174.93
CA UNK N 138 46.25 59.24 174.13
C UNK N 138 46.09 57.93 174.89
N UNK N 139 45.14 57.12 174.40
CA UNK N 139 45.13 55.71 174.77
C UNK N 139 46.39 55.04 174.27
N UNK N 140 46.83 55.40 173.07
CA UNK N 140 48.11 54.94 172.55
C UNK N 140 49.29 55.54 173.27
N UNK N 141 49.10 56.61 174.04
CA UNK N 141 50.21 57.13 174.84
C UNK N 141 50.54 56.18 175.97
N UNK N 142 49.55 55.43 176.45
CA UNK N 142 49.83 54.34 177.39
C UNK N 142 50.76 53.31 176.75
N UNK N 143 50.56 53.02 175.47
CA UNK N 143 51.50 52.17 174.76
C UNK N 143 52.83 52.88 174.53
N UNK N 144 52.79 54.19 174.27
CA UNK N 144 53.99 54.94 173.96
C UNK N 144 54.88 55.10 175.17
N UNK N 145 54.34 54.90 176.37
CA UNK N 145 55.18 54.71 177.55
C UNK N 145 55.38 53.24 177.87
N UNK N 146 54.44 52.37 177.51
CA UNK N 146 54.47 50.99 177.95
C UNK N 146 55.48 50.18 177.15
N UNK N 147 55.42 50.26 175.83
CA UNK N 147 56.44 49.66 174.99
C UNK N 147 57.78 50.34 175.18
N UNK N 148 57.77 51.62 175.58
CA UNK N 148 59.01 52.29 175.94
C UNK N 148 59.64 51.65 177.16
N UNK N 149 58.83 51.36 178.17
CA UNK N 149 59.34 50.66 179.34
C UNK N 149 59.71 49.22 179.02
N UNK N 150 59.04 48.63 178.04
CA UNK N 150 59.29 47.24 177.69
C UNK N 150 60.47 47.06 176.75
N UNK N 151 60.89 48.11 176.06
CA UNK N 151 61.98 48.00 175.11
C UNK N 151 63.22 48.79 175.52
N UNK N 152 63.06 49.97 176.12
CA UNK N 152 64.16 50.78 176.59
C UNK N 152 64.56 50.46 178.02
N UNK N 153 64.28 49.23 178.46
CA UNK N 153 64.72 48.76 179.77
C UNK N 153 66.04 48.01 179.70
N UNK N 154 66.42 47.51 178.53
CA UNK N 154 67.72 46.87 178.40
C UNK N 154 68.84 47.89 178.58
N UNK N 155 68.58 49.15 178.23
CA UNK N 155 69.49 50.23 178.54
C UNK N 155 68.71 51.51 178.76
N UNK N 156 77.48 58.90 138.90
CA UNK N 156 76.38 58.09 138.39
C UNK N 156 75.08 58.47 139.07
N UNK N 157 75.15 59.28 140.10
CA UNK N 157 73.91 59.79 140.65
C UNK N 157 73.87 61.30 140.80
N UNK N 158 74.99 61.93 141.19
CA UNK N 158 74.87 63.33 141.60
C UNK N 158 74.95 64.31 140.44
N UNK N 159 76.16 64.44 139.86
CA UNK N 159 76.51 65.49 138.90
C UNK N 159 76.08 66.89 139.33
N UNK N 160 76.03 67.15 140.64
CA UNK N 160 75.34 68.32 141.14
C UNK N 160 76.31 69.48 141.27
N UNK N 161 75.89 70.63 140.75
CA UNK N 161 76.69 71.85 140.82
C UNK N 161 76.09 72.77 141.86
N UNK N 162 76.86 73.77 142.24
CA UNK N 162 76.47 74.66 143.32
C UNK N 162 76.48 76.10 142.84
N UNK N 163 76.11 76.99 143.76
CA UNK N 163 76.23 78.42 143.55
C UNK N 163 76.26 79.05 144.94
N UNK N 164 76.65 80.32 144.99
CA UNK N 164 76.72 81.05 146.25
C UNK N 164 75.69 82.16 146.32
N UNK N 165 75.75 83.11 145.38
CA UNK N 165 74.75 84.17 145.16
C UNK N 165 74.50 85.02 146.41
N UNK N 166 75.55 85.70 146.85
CA UNK N 166 75.48 86.52 148.06
C UNK N 166 75.26 87.98 147.69
N UNK N 167 74.83 88.74 148.71
CA UNK N 167 74.71 90.21 148.70
C UNK N 167 73.77 90.73 147.59
N UNK N 168 72.45 90.52 147.76
CA UNK N 168 71.78 89.92 148.93
C UNK N 168 70.63 88.98 148.58
N UNK N 169 70.16 89.02 147.33
CA UNK N 169 68.92 88.36 146.93
C UNK N 169 69.20 87.25 145.92
N UNK N 170 68.39 86.19 146.00
CA UNK N 170 68.66 84.92 145.33
C UNK N 170 68.30 84.98 143.85
N UNK N 171 68.62 83.89 143.15
CA UNK N 171 68.21 83.71 141.77
C UNK N 171 67.25 82.54 141.59
N UNK N 172 67.68 81.33 141.97
CA UNK N 172 66.97 80.12 141.61
C UNK N 172 67.50 78.97 142.45
N UNK N 173 66.79 77.85 142.41
CA UNK N 173 67.21 76.64 143.10
C UNK N 173 66.96 75.42 142.24
N UNK N 174 67.29 75.48 140.97
CA UNK N 174 66.67 74.56 140.02
C UNK N 174 67.35 73.21 140.04
N UNK N 175 66.69 72.22 139.42
CA UNK N 175 67.24 70.87 139.43
C UNK N 175 66.81 70.15 138.16
N UNK N 176 67.78 69.72 137.38
CA UNK N 176 67.50 68.97 136.16
C UNK N 176 67.49 67.50 136.51
N UNK N 177 66.33 66.87 136.43
CA UNK N 177 66.16 65.49 136.84
C UNK N 177 65.91 64.66 135.59
N UNK N 178 66.88 63.85 135.21
CA UNK N 178 66.73 63.01 134.04
C UNK N 178 66.08 61.71 134.46
N UNK N 179 65.07 61.29 133.73
CA UNK N 179 64.45 59.99 133.94
C UNK N 179 65.20 58.96 133.10
N UNK N 180 64.59 57.80 132.87
CA UNK N 180 65.27 56.66 132.26
C UNK N 180 65.65 56.93 130.80
N UNK N 181 66.29 55.94 130.20
CA UNK N 181 66.93 56.11 128.91
C UNK N 181 66.12 55.43 127.82
N UNK N 182 66.13 55.98 126.59
CA UNK N 182 66.65 57.29 126.17
C UNK N 182 65.76 57.79 125.04
N UNK N 183 66.26 58.82 124.33
CA UNK N 183 65.75 59.29 123.04
C UNK N 183 64.29 59.71 123.11
N UNK N 184 64.06 60.76 123.89
CA UNK N 184 62.72 61.26 124.10
C UNK N 184 62.81 62.74 124.47
N UNK N 185 61.73 63.29 124.99
CA UNK N 185 61.57 64.74 125.08
C UNK N 185 62.04 65.28 126.42
N UNK N 186 61.73 66.54 126.65
CA UNK N 186 62.00 67.19 127.91
C UNK N 186 60.73 67.89 128.36
N UNK N 187 60.64 68.15 129.66
CA UNK N 187 59.53 68.89 130.23
C UNK N 187 60.04 69.69 131.41
N UNK N 188 59.80 71.00 131.38
CA UNK N 188 60.33 71.91 132.39
C UNK N 188 59.21 72.26 133.35
N UNK N 189 59.03 71.43 134.37
CA UNK N 189 58.02 71.71 135.39
C UNK N 189 58.49 72.88 136.23
N UNK N 190 57.85 74.02 136.06
CA UNK N 190 58.10 75.14 136.95
C UNK N 190 57.19 74.93 138.15
N UNK N 191 57.75 74.36 139.21
CA UNK N 191 56.96 74.14 140.41
C UNK N 191 56.67 75.48 141.07
N UNK N 192 55.41 75.71 141.45
CA UNK N 192 55.10 76.84 142.29
C UNK N 192 55.79 76.63 143.63
N UNK N 193 55.32 75.65 144.40
CA UNK N 193 56.16 74.99 145.38
C UNK N 193 55.77 73.52 145.53
N UNK N 194 55.04 72.98 144.57
CA UNK N 194 53.92 72.05 144.81
C UNK N 194 54.22 70.78 145.60
N UNK N 195 54.99 69.85 145.02
CA UNK N 195 55.23 68.50 145.56
C UNK N 195 53.92 67.77 145.92
N UNK N 196 52.89 67.95 145.10
CA UNK N 196 51.65 67.18 145.25
C UNK N 196 51.34 66.39 144.00
N UNK N 197 51.35 67.03 142.83
CA UNK N 197 51.30 66.35 141.56
C UNK N 197 52.68 66.08 141.02
N UNK N 198 53.67 66.02 141.90
CA UNK N 198 55.04 65.74 141.48
C UNK N 198 55.14 64.35 140.89
N UNK N 199 54.53 63.37 141.56
CA UNK N 199 54.49 62.03 141.01
C UNK N 199 53.62 61.98 139.77
N UNK N 200 52.65 62.88 139.66
CA UNK N 200 51.81 62.92 138.47
C UNK N 200 52.60 63.37 137.25
N UNK N 201 53.33 64.46 137.39
CA UNK N 201 54.17 64.88 136.28
C UNK N 201 55.33 63.94 136.06
N UNK N 202 55.78 63.20 137.07
CA UNK N 202 56.81 62.20 136.83
C UNK N 202 56.27 61.06 136.00
N UNK N 203 55.05 60.62 136.28
CA UNK N 203 54.46 59.61 135.43
C UNK N 203 54.08 60.18 134.08
N UNK N 204 53.94 61.50 133.98
CA UNK N 204 53.75 62.11 132.67
C UNK N 204 55.04 62.08 131.87
N UNK N 205 56.15 62.43 132.50
CA UNK N 205 57.43 62.41 131.82
C UNK N 205 58.02 61.02 131.72
N UNK N 206 57.33 60.01 132.24
CA UNK N 206 57.69 58.63 131.94
C UNK N 206 57.61 58.34 130.45
N UNK N 207 56.75 59.06 129.72
CA UNK N 207 56.82 58.99 128.28
C UNK N 207 57.97 59.81 127.72
N UNK N 208 58.50 60.75 128.49
CA UNK N 208 59.57 61.65 128.07
C UNK N 208 60.94 61.10 128.47
N UNK N 209 61.98 61.96 128.42
CA UNK N 209 63.32 61.64 128.88
C UNK N 209 63.82 62.51 130.02
N UNK N 210 63.66 63.82 129.94
CA UNK N 210 64.35 64.70 130.88
C UNK N 210 63.40 65.74 131.44
N UNK N 211 63.18 65.71 132.75
CA UNK N 211 62.41 66.76 133.39
C UNK N 211 63.34 67.78 134.00
N UNK N 212 62.81 68.95 134.29
CA UNK N 212 63.58 69.99 134.95
C UNK N 212 62.66 70.75 135.89
N UNK N 213 62.97 70.71 137.17
CA UNK N 213 62.15 71.38 138.16
C UNK N 213 62.73 72.76 138.46
N UNK N 214 61.86 73.78 138.47
CA UNK N 214 62.28 75.14 138.77
C UNK N 214 62.12 75.41 140.25
N UNK N 215 63.24 75.44 140.96
CA UNK N 215 63.53 75.86 142.33
C UNK N 215 63.00 74.94 143.41
N UNK N 216 61.94 74.20 143.12
CA UNK N 216 61.63 72.85 143.59
C UNK N 216 61.48 72.62 145.10
N UNK N 217 62.23 73.34 145.94
CA UNK N 217 62.00 73.69 147.34
C UNK N 217 61.62 72.59 148.32
N UNK N 218 60.97 71.52 147.86
CA UNK N 218 60.73 70.34 148.65
C UNK N 218 60.76 69.13 147.75
N UNK N 219 60.45 69.37 146.47
CA UNK N 219 60.29 68.28 145.53
C UNK N 219 61.62 67.66 145.19
N UNK N 220 62.61 68.50 144.87
CA UNK N 220 63.95 67.99 144.66
C UNK N 220 64.57 67.49 145.94
N UNK N 221 64.13 68.03 147.09
CA UNK N 221 64.61 67.53 148.38
C UNK N 221 64.20 66.08 148.59
N UNK N 222 62.90 65.78 148.46
CA UNK N 222 62.42 64.42 148.60
C UNK N 222 62.93 63.53 147.48
N UNK N 223 63.08 64.09 146.27
CA UNK N 223 63.59 63.33 145.14
C UNK N 223 65.04 62.91 145.38
N UNK N 224 65.84 63.85 145.87
CA UNK N 224 67.23 63.55 146.20
C UNK N 224 67.32 62.59 147.35
N UNK N 225 66.39 62.72 148.30
CA UNK N 225 66.35 61.80 149.43
C UNK N 225 66.11 60.38 148.99
N UNK N 226 65.22 60.19 148.02
CA UNK N 226 65.03 58.85 147.46
C UNK N 226 66.25 58.43 146.67
N UNK N 227 66.75 59.32 145.82
CA UNK N 227 67.76 58.95 144.86
C UNK N 227 69.09 58.63 145.52
N UNK N 228 69.35 59.21 146.69
CA UNK N 228 70.61 58.96 147.37
C UNK N 228 70.59 57.59 148.04
N UNK N 229 69.67 57.41 148.98
CA UNK N 229 69.70 56.20 149.77
C UNK N 229 68.99 55.03 149.10
N UNK N 230 68.51 55.20 147.86
CA UNK N 230 67.78 54.15 147.17
C UNK N 230 68.56 52.86 146.99
N UNK N 231 69.65 52.90 146.21
CA UNK N 231 70.44 51.68 146.04
C UNK N 231 71.20 51.31 147.30
N UNK N 232 71.42 52.27 148.19
CA UNK N 232 72.08 52.00 149.47
C UNK N 232 71.24 51.08 150.33
N UNK N 233 70.08 51.56 150.74
CA UNK N 233 69.21 50.77 151.61
C UNK N 233 68.45 49.71 150.83
N UNK N 234 68.52 49.73 149.50
CA UNK N 234 67.76 48.80 148.69
C UNK N 234 68.23 47.36 148.88
N UNK N 235 69.49 47.17 149.24
CA UNK N 235 69.99 45.86 149.60
C UNK N 235 69.53 45.40 150.98
N UNK N 236 68.71 46.20 151.68
CA UNK N 236 68.06 45.78 152.90
C UNK N 236 66.58 45.53 152.71
N UNK N 237 65.87 46.48 152.08
CA UNK N 237 64.45 46.41 151.72
C UNK N 237 63.57 46.19 152.96
N UNK N 238 63.53 47.20 153.82
CA UNK N 238 62.88 47.09 155.11
C UNK N 238 61.67 48.01 155.21
N UNK N 239 60.85 47.76 156.24
CA UNK N 239 59.67 48.55 156.58
C UNK N 239 59.68 48.85 158.08
N UNK N 240 58.81 49.75 158.51
CA UNK N 240 58.95 50.27 159.87
C UNK N 240 57.59 50.65 160.44
N UNK N 241 57.63 51.23 161.64
CA UNK N 241 56.44 51.68 162.35
C UNK N 241 56.90 52.71 163.37
N UNK N 242 56.53 53.97 163.17
CA UNK N 242 57.09 55.09 163.92
C UNK N 242 56.04 55.68 164.83
N UNK N 243 56.25 55.55 166.15
CA UNK N 243 55.38 56.17 167.14
C UNK N 243 56.29 57.07 167.99
N UNK N 244 56.56 58.26 167.50
CA UNK N 244 57.62 59.09 168.05
C UNK N 244 57.06 60.10 169.03
N UNK N 245 57.68 60.17 170.21
CA UNK N 245 57.25 61.06 171.29
C UNK N 245 57.66 62.48 170.94
N UNK N 246 56.86 63.11 170.07
CA UNK N 246 57.27 64.35 169.43
C UNK N 246 57.23 65.51 170.43
N UNK N 247 58.33 65.64 171.18
CA UNK N 247 58.47 66.66 172.20
C UNK N 247 59.44 67.77 171.81
N UNK N 248 60.32 67.54 170.85
CA UNK N 248 61.21 68.57 170.33
C UNK N 248 60.64 69.16 169.05
N UNK N 249 59.32 69.36 169.03
CA UNK N 249 58.56 69.60 167.80
C UNK N 249 58.94 70.95 167.21
N UNK N 250 59.84 70.89 166.25
CA UNK N 250 60.34 72.03 165.51
C UNK N 250 60.67 71.50 164.12
N UNK N 251 61.51 72.20 163.40
CA UNK N 251 61.93 71.74 162.08
C UNK N 251 62.71 70.44 162.18
N UNK N 252 62.33 69.48 161.35
CA UNK N 252 63.07 68.23 161.25
C UNK N 252 64.19 68.41 160.22
N UNK N 253 64.81 67.32 159.80
CA UNK N 253 66.02 67.42 159.01
C UNK N 253 65.87 66.66 157.69
N UNK N 254 66.95 66.68 156.92
CA UNK N 254 66.96 66.19 155.55
C UNK N 254 68.37 65.67 155.26
N UNK N 255 68.72 65.55 153.98
CA UNK N 255 70.03 65.07 153.55
C UNK N 255 70.62 66.00 152.49
N UNK N 256 70.59 67.30 152.75
CA UNK N 256 71.19 68.28 151.85
C UNK N 256 72.71 68.18 151.88
N UNK N 257 62.30 61.68 173.63
CA UNK N 257 62.67 60.56 172.77
C UNK N 257 61.85 60.60 171.51
N UNK N 258 62.18 59.76 170.53
CA UNK N 258 61.35 59.60 169.34
C UNK N 258 61.38 58.12 168.97
N UNK N 259 60.35 57.37 169.38
CA UNK N 259 60.35 55.93 169.25
C UNK N 259 59.90 55.51 167.85
N UNK N 260 60.68 54.63 167.24
CA UNK N 260 60.27 54.00 165.99
C UNK N 260 60.82 52.59 166.01
N UNK N 261 59.94 51.62 165.82
CA UNK N 261 60.32 50.23 165.74
C UNK N 261 60.25 49.81 164.28
N UNK N 262 61.38 49.43 163.72
CA UNK N 262 61.44 48.97 162.34
C UNK N 262 61.38 47.45 162.32
N UNK N 263 60.59 46.92 161.41
CA UNK N 263 60.40 45.47 161.34
C UNK N 263 60.35 45.12 159.86
N UNK N 264 61.36 44.38 159.39
CA UNK N 264 61.34 43.93 158.01
C UNK N 264 60.28 42.86 157.88
N UNK N 265 59.05 43.26 157.59
CA UNK N 265 57.87 42.44 157.86
C UNK N 265 57.76 41.26 156.91
N UNK N 266 58.66 40.32 157.07
CA UNK N 266 58.70 39.17 156.19
C UNK N 266 58.66 37.85 156.93
N UNK N 267 59.34 37.72 158.07
CA UNK N 267 59.56 36.40 158.64
C UNK N 267 59.88 36.54 160.13
N UNK N 268 60.49 35.49 160.69
CA UNK N 268 60.90 35.35 162.07
C UNK N 268 62.42 35.18 162.13
N UNK N 269 63.08 35.56 163.24
CA UNK N 269 62.55 36.20 164.46
C UNK N 269 63.44 37.25 165.14
N UNK N 270 64.61 37.57 164.60
CA UNK N 270 65.64 38.25 165.40
C UNK N 270 65.28 39.72 165.64
N UNK N 271 65.70 40.22 166.81
CA UNK N 271 65.36 41.57 167.26
C UNK N 271 66.57 42.27 167.86
N UNK N 272 66.55 43.60 167.81
CA UNK N 272 67.63 44.41 168.36
C UNK N 272 67.08 45.76 168.83
N UNK N 273 67.96 46.58 169.41
CA UNK N 273 67.56 47.89 169.90
C UNK N 273 68.77 48.80 170.03
N UNK N 274 68.55 50.10 169.84
CA UNK N 274 69.59 51.12 170.01
C UNK N 274 68.93 52.49 170.18
N UNK N 275 69.78 53.52 170.41
CA UNK N 275 69.49 54.96 170.40
C UNK N 275 70.79 55.74 170.60
N UNK N 276 70.97 56.96 170.06
CA UNK N 276 70.16 57.68 169.07
C UNK N 276 71.03 58.59 168.20
N UNK N 277 71.56 58.10 167.07
CA UNK N 277 72.54 58.96 166.39
C UNK N 277 72.61 58.84 164.87
N UNK N 278 71.59 58.29 164.19
CA UNK N 278 71.50 58.20 162.72
C UNK N 278 72.58 57.39 162.01
N UNK N 279 73.53 56.83 162.76
CA UNK N 279 74.55 55.98 162.17
C UNK N 279 74.07 54.56 162.02
N UNK N 280 72.85 54.27 162.42
CA UNK N 280 72.35 52.92 162.53
C UNK N 280 71.88 52.36 161.23
N UNK N 281 72.27 52.91 160.09
CA UNK N 281 72.06 52.17 158.86
C UNK N 281 72.94 50.93 158.82
N UNK N 282 74.09 50.95 159.47
CA UNK N 282 74.91 49.74 159.60
C UNK N 282 74.24 48.72 160.50
N UNK N 283 73.71 49.17 161.63
CA UNK N 283 72.94 48.29 162.50
C UNK N 283 71.69 47.78 161.80
N UNK N 284 71.11 48.60 160.93
CA UNK N 284 69.96 48.18 160.14
C UNK N 284 70.37 47.16 159.10
N UNK N 285 71.59 47.25 158.59
CA UNK N 285 72.08 46.20 157.71
C UNK N 285 72.27 44.90 158.48
N UNK N 286 72.73 45.01 159.71
CA UNK N 286 72.85 43.82 160.56
C UNK N 286 71.48 43.21 160.84
N UNK N 287 70.50 44.06 161.10
CA UNK N 287 69.15 43.56 161.39
C UNK N 287 68.50 43.00 160.13
N UNK N 288 68.79 43.59 158.97
CA UNK N 288 68.24 43.06 157.73
C UNK N 288 68.89 41.76 157.36
N UNK N 289 70.13 41.54 157.79
CA UNK N 289 70.66 40.19 157.78
C UNK N 289 69.94 39.32 158.79
N UNK N 290 69.53 39.92 159.90
CA UNK N 290 69.14 39.13 161.06
C UNK N 290 67.72 38.59 160.99
N UNK N 291 66.78 39.32 160.37
CA UNK N 291 65.37 38.92 160.26
C UNK N 291 64.68 38.75 161.61
N UNK N 292 64.18 39.81 162.23
CA UNK N 292 63.64 40.93 161.45
C UNK N 292 63.72 42.39 161.95
N UNK N 293 63.98 42.66 163.21
CA UNK N 293 63.52 43.92 163.77
C UNK N 293 64.59 44.66 164.54
N UNK N 294 64.41 45.97 164.60
CA UNK N 294 65.27 46.85 165.36
C UNK N 294 64.46 48.00 165.92
N UNK N 295 64.57 48.23 167.21
CA UNK N 295 63.91 49.36 167.82
C UNK N 295 64.89 50.51 167.99
N UNK N 296 64.37 51.73 167.89
CA UNK N 296 65.21 52.88 168.14
C UNK N 296 64.38 54.00 168.73
N UNK N 297 65.01 54.87 169.48
CA UNK N 297 64.37 56.08 169.99
C UNK N 297 65.29 57.23 169.63
N UNK N 298 65.16 57.70 168.39
CA UNK N 298 66.04 58.70 167.83
C UNK N 298 65.47 60.10 168.06
N UNK N 299 66.13 61.10 167.49
CA UNK N 299 65.71 62.49 167.57
C UNK N 299 65.42 63.08 166.20
N UNK N 300 66.29 62.88 165.22
CA UNK N 300 66.02 63.32 163.86
C UNK N 300 66.52 62.30 162.84
N UNK N 301 66.48 61.02 163.20
CA UNK N 301 67.03 59.96 162.37
C UNK N 301 65.97 59.03 161.81
N UNK N 302 65.03 58.62 162.66
CA UNK N 302 63.99 57.68 162.25
C UNK N 302 63.07 58.27 161.20
N UNK N 303 62.88 59.59 161.24
CA UNK N 303 62.13 60.26 160.20
C UNK N 303 62.83 60.10 158.85
N UNK N 304 64.16 60.19 158.82
CA UNK N 304 64.86 60.02 157.56
C UNK N 304 64.80 58.58 157.09
N UNK N 305 64.87 57.63 158.03
CA UNK N 305 64.75 56.23 157.66
C UNK N 305 63.35 55.92 157.12
N UNK N 306 62.32 56.54 157.69
CA UNK N 306 60.95 56.33 157.20
C UNK N 306 60.73 57.01 155.86
N UNK N 307 61.38 58.14 155.65
CA UNK N 307 61.35 58.78 154.34
C UNK N 307 62.02 57.91 153.29
N UNK N 308 63.04 57.16 153.69
CA UNK N 308 63.61 56.19 152.77
C UNK N 308 62.66 55.04 152.53
N UNK N 309 62.00 54.56 153.58
CA UNK N 309 61.28 53.30 153.48
C UNK N 309 59.91 53.44 152.86
N UNK N 310 59.23 54.56 153.06
CA UNK N 310 57.92 54.74 152.48
C UNK N 310 57.97 55.33 151.08
N UNK N 311 59.11 55.20 150.40
CA UNK N 311 59.20 55.72 149.04
C UNK N 311 58.54 54.74 148.08
N UNK N 312 59.13 53.54 147.94
CA UNK N 312 58.70 52.50 146.98
C UNK N 312 58.48 53.05 145.57
N UNK N 313 59.34 53.98 145.17
CA UNK N 313 59.15 54.71 143.91
C UNK N 313 59.76 53.92 142.77
N UNK N 314 59.22 52.73 142.56
CA UNK N 314 59.49 51.94 141.38
C UNK N 314 58.54 52.29 140.25
N UNK N 315 58.04 53.53 140.23
CA UNK N 315 57.41 54.07 139.05
C UNK N 315 58.47 54.03 137.97
N UNK N 316 59.52 54.85 138.05
CA UNK N 316 60.75 54.38 137.43
C UNK N 316 62.00 54.49 138.29
N UNK N 317 62.50 55.71 138.44
CA UNK N 317 63.86 56.01 138.88
C UNK N 317 64.10 57.52 138.86
N UNK N 318 65.33 57.94 139.17
CA UNK N 318 65.82 59.27 138.83
C UNK N 318 67.33 59.26 138.86
N UNK N 319 67.96 59.93 137.90
CA UNK N 319 69.40 60.17 137.90
C UNK N 319 69.57 61.68 137.89
N UNK N 320 69.53 62.28 139.07
CA UNK N 320 69.27 63.71 139.18
C UNK N 320 70.51 64.53 138.88
N UNK N 321 70.33 65.85 138.87
CA UNK N 321 71.41 66.82 138.97
C UNK N 321 70.79 68.13 139.43
N UNK N 322 71.57 68.91 140.16
CA UNK N 322 71.00 70.08 140.81
C UNK N 322 71.85 71.31 140.56
N UNK N 323 71.26 72.48 140.85
CA UNK N 323 72.01 73.72 141.05
C UNK N 323 71.10 74.58 141.93
N UNK N 324 71.38 74.60 143.24
CA UNK N 324 70.33 74.98 144.17
C UNK N 324 70.62 76.27 144.95
N UNK N 325 71.69 76.31 145.73
CA UNK N 325 72.12 77.47 146.52
C UNK N 325 71.12 78.07 147.51
N UNK N 326 70.02 77.38 147.87
CA UNK N 326 69.03 78.02 148.76
C UNK N 326 68.07 77.03 149.42
N UNK N 327 67.72 77.36 150.67
CA UNK N 327 66.35 77.30 151.20
C UNK N 327 65.73 75.90 151.17
N UNK N 328 66.19 75.03 152.08
CA UNK N 328 65.52 73.73 152.27
C UNK N 328 65.66 73.27 153.72
N UNK N 329 64.62 73.43 154.53
CA UNK N 329 64.55 72.72 155.82
C UNK N 329 63.33 71.83 155.98
N UNK N 330 62.11 72.41 156.13
CA UNK N 330 60.77 71.90 155.84
C UNK N 330 60.46 70.41 155.99
N UNK N 331 60.65 69.80 157.15
CA UNK N 331 60.52 68.35 157.24
C UNK N 331 59.68 67.86 158.43
N UNK N 332 58.93 68.75 159.08
CA UNK N 332 58.04 68.38 160.16
C UNK N 332 56.61 68.21 159.68
N UNK N 333 56.43 67.76 158.44
CA UNK N 333 55.15 67.92 157.77
C UNK N 333 54.38 66.61 157.71
N UNK N 334 53.11 66.75 157.41
CA UNK N 334 52.19 65.63 157.27
C UNK N 334 51.16 65.99 156.20
N UNK N 335 50.85 65.04 155.31
CA UNK N 335 51.42 63.71 155.31
C UNK N 335 52.59 63.53 154.36
N UNK N 336 52.29 63.63 153.06
CA UNK N 336 53.20 63.32 151.95
C UNK N 336 53.80 61.92 152.02
N UNK N 337 53.23 61.06 152.84
CA UNK N 337 53.84 59.80 153.28
C UNK N 337 52.76 59.10 154.10
N UNK N 338 53.13 57.99 154.73
CA UNK N 338 52.21 57.26 155.59
C UNK N 338 53.01 56.50 156.64
N UNK N 339 52.29 55.75 157.46
CA UNK N 339 52.88 54.80 158.39
C UNK N 339 51.89 53.66 158.56
N UNK N 340 52.41 52.43 158.61
CA UNK N 340 51.57 51.25 158.50
C UNK N 340 50.72 51.04 159.73
N UNK N 341 51.36 50.80 160.87
CA UNK N 341 50.67 50.78 162.14
C UNK N 341 51.58 51.44 163.15
N UNK N 342 51.05 51.63 164.36
CA UNK N 342 51.73 52.29 165.47
C UNK N 342 52.26 53.66 165.05
N UNK N 343 51.35 54.49 164.59
CA UNK N 343 51.72 55.78 164.01
C UNK N 343 51.30 56.87 164.98
N UNK N 344 52.19 57.18 165.93
CA UNK N 344 51.90 58.16 166.98
C UNK N 344 53.03 59.17 167.03
N UNK N 345 52.96 60.16 166.17
CA UNK N 345 53.81 61.34 166.28
C UNK N 345 52.92 62.44 166.84
N UNK N 346 53.26 62.94 168.02
CA UNK N 346 52.44 63.93 168.68
C UNK N 346 52.60 65.30 168.03
N UNK N 347 51.82 66.27 168.52
CA UNK N 347 51.91 67.64 168.01
C UNK N 347 51.41 68.59 169.09
N UNK N 348 52.34 69.20 169.81
CA UNK N 348 52.09 70.20 170.88
C UNK N 348 51.08 69.67 171.90
N UNK N 349 51.47 68.55 172.52
CA UNK N 349 50.64 67.74 173.43
C UNK N 349 49.34 67.30 172.77
N UNK N 350 49.46 66.70 171.59
CA UNK N 350 48.32 66.11 170.90
C UNK N 350 47.93 64.79 171.54
N UNK N 351 -7.17 18.02 151.50
CA UNK N 351 -8.34 18.16 152.35
C UNK N 351 -9.64 18.25 151.57
N UNK N 352 -19.97 23.86 151.72
CA UNK N 352 -20.55 24.93 150.93
C UNK N 352 -21.41 24.37 149.81
N UNK N 353 -21.22 24.93 148.60
CA UNK N 353 -22.18 24.84 147.50
C UNK N 353 -23.58 25.21 147.98
N UNK N 354 -23.68 26.46 148.44
CA UNK N 354 -24.93 26.96 148.97
C UNK N 354 -25.85 27.41 147.83
N UNK N 355 -27.12 27.06 147.95
CA UNK N 355 -28.12 27.43 146.95
C UNK N 355 -28.76 28.78 147.26
N UNK N 356 -29.43 28.90 148.40
CA UNK N 356 -30.23 30.08 148.73
C UNK N 356 -30.10 30.50 150.19
N UNK N 357 -28.86 30.58 150.68
CA UNK N 357 -28.58 30.76 152.09
C UNK N 357 -27.92 32.12 152.31
N UNK N 358 -27.23 32.26 153.45
CA UNK N 358 -26.65 33.50 153.97
C UNK N 358 -25.78 34.34 153.01
N UNK N 359 -25.43 33.80 151.84
CA UNK N 359 -25.01 34.56 150.67
C UNK N 359 -23.68 35.32 150.76
N UNK N 360 -22.58 34.58 150.63
CA UNK N 360 -21.30 35.08 150.12
C UNK N 360 -20.55 36.04 151.07
N UNK N 361 -20.33 35.57 152.29
CA UNK N 361 -19.16 35.99 153.06
C UNK N 361 -18.45 34.70 153.47
N UNK N 362 -19.27 33.67 153.73
CA UNK N 362 -18.74 32.32 153.84
C UNK N 362 -18.15 31.85 152.52
N UNK N 363 -18.62 32.40 151.40
CA UNK N 363 -17.97 32.11 150.13
C UNK N 363 -16.57 32.70 150.07
N UNK N 364 -16.39 33.91 150.60
CA UNK N 364 -15.04 34.47 150.69
C UNK N 364 -14.18 33.62 151.60
N UNK N 365 -14.78 33.10 152.67
CA UNK N 365 -14.06 32.17 153.53
C UNK N 365 -13.69 30.89 152.80
N UNK N 366 -14.53 30.41 151.90
CA UNK N 366 -14.21 29.19 151.18
C UNK N 366 -13.12 29.43 150.17
N UNK N 367 -13.14 30.61 149.53
CA UNK N 367 -12.07 30.96 148.60
C UNK N 367 -10.74 31.07 149.31
N UNK N 368 -10.74 31.68 150.49
CA UNK N 368 -9.51 31.73 151.27
C UNK N 368 -9.10 30.37 151.78
N UNK N 369 -10.08 29.50 152.04
CA UNK N 369 -9.78 28.15 152.51
C UNK N 369 -9.05 27.37 151.43
N UNK N 370 -9.56 27.39 150.20
CA UNK N 370 -8.85 26.67 149.15
C UNK N 370 -7.56 27.37 148.77
N UNK N 371 -7.50 28.69 148.95
CA UNK N 371 -6.26 29.41 148.70
C UNK N 371 -5.17 28.97 149.66
N UNK N 372 -5.51 28.79 150.92
CA UNK N 372 -4.55 28.22 151.85
C UNK N 372 -4.40 26.72 151.68
N UNK N 373 -5.33 26.09 150.98
CA UNK N 373 -5.15 24.69 150.67
C UNK N 373 -4.21 24.47 149.51
N UNK N 374 -3.95 25.47 148.70
CA UNK N 374 -2.97 25.27 147.63
C UNK N 374 -1.56 25.51 148.14
N UNK N 375 -1.22 26.77 148.48
CA UNK N 375 0.13 27.09 148.98
C UNK N 375 0.14 28.44 149.67
N UNK N 376 0.32 28.46 150.99
CA UNK N 376 0.76 29.69 151.67
C UNK N 376 1.53 29.27 152.92
N UNK N 377 2.85 29.05 152.76
CA UNK N 377 3.67 28.43 153.80
C UNK N 377 5.16 28.46 153.49
N UNK N 378 5.90 27.61 154.23
CA UNK N 378 7.15 26.87 153.95
C UNK N 378 8.53 27.49 154.18
N UNK N 379 8.67 28.74 154.62
CA UNK N 379 9.68 29.18 155.59
C UNK N 379 11.05 28.49 155.66
N UNK N 380 11.71 28.27 154.53
CA UNK N 380 12.96 27.51 154.50
C UNK N 380 14.16 28.37 154.90
N UNK N 381 15.40 27.91 154.64
CA UNK N 381 16.57 28.74 154.95
C UNK N 381 17.70 28.49 153.96
N UNK N 382 17.68 29.21 152.84
CA UNK N 382 18.91 29.56 152.13
C UNK N 382 18.87 30.97 151.52
N UNK N 383 17.74 31.33 150.91
CA UNK N 383 17.72 32.36 149.88
C UNK N 383 16.38 33.06 149.88
N UNK N 384 16.37 34.28 149.36
CA UNK N 384 15.27 35.21 149.57
C UNK N 384 14.97 35.97 148.27
N UNK N 385 14.20 37.07 148.41
CA UNK N 385 13.79 37.89 147.26
C UNK N 385 13.78 39.38 147.53
N UNK N 386 14.23 39.85 148.69
CA UNK N 386 14.14 41.28 149.05
C UNK N 386 15.37 41.66 149.85
N UNK N 387 16.33 42.30 149.19
CA UNK N 387 17.67 42.50 149.73
C UNK N 387 18.07 43.97 149.68
N UNK N 388 17.21 44.86 150.16
CA UNK N 388 17.60 46.25 150.38
C UNK N 388 18.23 46.37 151.75
N UNK N 389 19.41 45.78 151.89
CA UNK N 389 20.07 45.57 153.17
C UNK N 389 21.42 46.27 153.25
N UNK N 390 21.50 47.44 152.64
CA UNK N 390 22.52 48.41 153.02
C UNK N 390 21.95 49.44 153.99
N UNK N 391 21.00 49.01 154.80
CA UNK N 391 20.46 49.81 155.89
C UNK N 391 20.19 48.87 157.05
N UNK N 392 20.85 49.10 158.18
CA UNK N 392 20.82 48.14 159.29
C UNK N 392 20.83 48.89 160.62
N UNK N 393 19.65 49.08 161.21
CA UNK N 393 19.50 49.64 162.56
C UNK N 393 18.66 48.74 163.45
N UNK N 394 18.62 47.45 163.15
CA UNK N 394 17.74 46.47 163.77
C UNK N 394 18.59 45.42 164.48
N UNK N 395 17.95 44.32 164.91
CA UNK N 395 18.65 43.31 165.69
C UNK N 395 18.16 41.91 165.35
N UNK N 396 19.06 41.05 164.84
CA UNK N 396 18.79 39.63 164.67
C UNK N 396 19.27 38.89 165.91
N UNK N 397 19.19 37.56 165.92
CA UNK N 397 19.76 36.80 167.04
C UNK N 397 20.84 35.83 166.59
N UNK N 398 20.56 34.94 165.64
CA UNK N 398 21.48 33.87 165.32
C UNK N 398 21.63 33.75 163.82
N UNK N 399 22.45 32.79 163.39
CA UNK N 399 22.68 32.49 161.99
C UNK N 399 23.22 31.08 161.90
N UNK N 400 23.74 30.72 160.73
CA UNK N 400 24.38 29.44 160.52
C UNK N 400 25.35 29.60 159.36
N UNK N 401 25.90 28.48 158.88
CA UNK N 401 26.91 28.51 157.82
C UNK N 401 27.05 27.11 157.25
N UNK N 402 27.84 27.00 156.20
CA UNK N 402 28.24 25.72 155.62
C UNK N 402 29.44 25.94 154.71
N UNK N 403 29.75 24.91 153.93
CA UNK N 403 30.63 24.97 152.78
C UNK N 403 30.13 23.89 151.83
N UNK N 404 30.96 23.45 150.90
CA UNK N 404 30.57 22.39 150.00
C UNK N 404 31.33 21.11 150.32
N UNK N 405 31.52 20.84 151.60
CA UNK N 405 32.55 19.90 152.03
C UNK N 405 32.12 19.22 153.33
N UNK N 406 33.09 18.64 154.03
CA UNK N 406 32.86 17.88 155.26
C UNK N 406 34.15 17.86 156.09
N UNK N 407 34.05 17.82 157.43
CA UNK N 407 32.84 18.01 158.26
C UNK N 407 33.02 18.74 159.61
N UNK N 408 34.13 19.42 159.89
CA UNK N 408 34.39 19.93 161.24
C UNK N 408 33.45 21.08 161.61
N UNK N 409 33.53 21.60 162.83
CA UNK N 409 32.53 22.58 163.26
C UNK N 409 32.99 23.41 164.45
N UNK N 410 32.38 24.59 164.58
CA UNK N 410 32.61 25.49 165.71
C UNK N 410 31.39 26.40 165.89
N UNK N 411 31.43 27.17 166.97
CA UNK N 411 30.33 28.08 167.29
C UNK N 411 30.84 29.22 168.17
N UNK N 412 30.26 30.40 167.98
CA UNK N 412 30.73 31.63 168.61
C UNK N 412 29.55 32.58 168.81
N UNK N 413 29.77 33.61 169.62
CA UNK N 413 28.70 34.58 169.92
C UNK N 413 29.29 35.87 170.47
N UNK N 414 29.14 36.97 169.75
CA UNK N 414 29.49 38.33 170.20
C UNK N 414 28.75 39.32 169.30
N UNK N 415 29.23 40.55 169.23
CA UNK N 415 28.87 41.43 168.11
C UNK N 415 29.67 40.99 166.85
N UNK N 416 29.57 41.74 165.77
CA UNK N 416 30.01 41.21 164.48
C UNK N 416 31.48 41.49 164.19
N UNK N 417 31.89 41.06 162.99
CA UNK N 417 33.03 41.45 162.16
C UNK N 417 34.35 40.88 162.61
N UNK N 418 34.43 40.24 163.76
CA UNK N 418 35.57 39.36 163.98
C UNK N 418 35.35 38.01 163.33
N UNK N 419 34.14 37.78 162.85
CA UNK N 419 33.72 36.48 162.38
C UNK N 419 34.42 36.06 161.12
N UNK N 420 34.95 37.00 160.35
CA UNK N 420 35.58 36.63 159.09
C UNK N 420 36.87 35.84 159.33
N UNK N 421 37.60 36.17 160.38
CA UNK N 421 38.83 35.45 160.67
C UNK N 421 38.52 34.03 161.09
N UNK N 422 37.52 33.85 161.95
CA UNK N 422 37.11 32.51 162.33
C UNK N 422 36.49 31.78 161.16
N UNK N 423 35.87 32.51 160.24
CA UNK N 423 35.27 31.89 159.06
C UNK N 423 36.34 31.32 158.16
N UNK N 424 37.40 32.08 157.95
CA UNK N 424 38.48 31.54 157.14
C UNK N 424 39.23 30.47 157.89
N UNK N 425 39.22 30.53 159.23
CA UNK N 425 39.78 29.42 160.01
C UNK N 425 38.98 28.15 159.80
N UNK N 426 37.65 28.29 159.74
CA UNK N 426 36.82 27.11 159.55
C UNK N 426 36.94 26.59 158.13
N UNK N 427 37.03 27.47 157.15
CA UNK N 427 37.20 27.04 155.78
C UNK N 427 38.56 26.43 155.56
N UNK N 428 39.55 26.86 156.34
CA UNK N 428 40.83 26.18 156.32
C UNK N 428 40.73 24.83 157.01
N UNK N 429 39.88 24.72 158.02
CA UNK N 429 39.67 23.43 158.64
C UNK N 429 38.73 22.53 157.84
N UNK N 430 38.15 23.05 156.75
CA UNK N 430 37.18 22.36 155.89
C UNK N 430 35.94 21.93 156.70
N UNK N 431 35.20 22.94 157.13
CA UNK N 431 34.31 22.80 158.27
C UNK N 431 32.95 23.42 157.94
N UNK N 432 32.15 23.61 158.97
CA UNK N 432 30.84 24.25 158.85
C UNK N 432 30.56 24.95 160.18
N UNK N 433 30.66 26.27 160.18
CA UNK N 433 30.58 27.02 161.42
C UNK N 433 29.14 27.33 161.79
N UNK N 434 28.97 27.95 162.95
CA UNK N 434 27.72 28.64 163.25
C UNK N 434 28.04 29.97 163.89
N UNK N 435 27.03 30.65 164.42
CA UNK N 435 27.23 31.90 165.16
C UNK N 435 25.97 32.16 165.97
N UNK N 436 26.05 33.16 166.83
CA UNK N 436 24.85 33.65 167.51
C UNK N 436 25.07 35.14 167.78
N UNK N 437 24.62 35.98 166.86
CA UNK N 437 25.20 37.30 166.81
C UNK N 437 24.37 38.25 165.98
N UNK N 438 24.70 39.53 166.11
CA UNK N 438 24.13 40.61 165.31
C UNK N 438 25.12 40.98 164.22
N UNK N 439 24.58 41.35 163.06
CA UNK N 439 25.26 41.98 161.92
C UNK N 439 26.28 41.09 161.21
N UNK N 440 26.60 39.93 161.77
CA UNK N 440 27.30 38.92 160.99
C UNK N 440 26.40 38.40 159.89
N UNK N 441 25.10 38.26 160.18
CA UNK N 441 24.12 37.91 159.17
C UNK N 441 23.97 38.97 158.10
N UNK N 442 24.27 40.23 158.43
CA UNK N 442 24.35 41.24 157.39
C UNK N 442 25.57 40.99 156.51
N UNK N 443 26.71 40.72 157.15
CA UNK N 443 27.98 40.60 156.45
C UNK N 443 27.95 39.49 155.43
N UNK N 444 27.57 38.29 155.86
CA UNK N 444 27.63 37.14 154.97
C UNK N 444 26.60 37.24 153.86
N UNK N 445 25.41 37.76 154.18
CA UNK N 445 24.35 37.82 153.18
C UNK N 445 24.68 38.84 152.11
N UNK N 446 25.21 39.99 152.49
CA UNK N 446 25.61 40.94 151.48
C UNK N 446 26.83 40.47 150.72
N UNK N 447 27.65 39.61 151.33
CA UNK N 447 28.74 39.03 150.55
C UNK N 447 28.24 37.99 149.57
N UNK N 448 27.04 37.44 149.79
CA UNK N 448 26.47 36.45 148.89
C UNK N 448 25.60 37.05 147.79
N UNK N 449 25.90 38.28 147.35
CA UNK N 449 25.21 38.80 146.18
C UNK N 449 25.80 38.19 144.91
N UNK N 450 27.05 38.53 144.61
CA UNK N 450 27.79 38.12 143.40
C UNK N 450 26.96 38.29 142.11
N UNK N 451 26.50 39.52 141.87
CA UNK N 451 25.83 39.83 140.63
C UNK N 451 26.86 39.77 139.53
N UNK N 452 27.81 40.72 139.56
CA UNK N 452 29.09 40.66 138.83
C UNK N 452 28.96 40.31 137.35
N UNK N 453 27.83 40.67 136.78
CA UNK N 453 27.56 40.48 135.36
C UNK N 453 26.89 41.71 134.80
N UNK N 454 26.75 42.75 135.60
CA UNK N 454 26.79 44.04 134.96
C UNK N 454 28.24 44.12 134.55
N UNK N 455 29.12 44.26 135.54
CA UNK N 455 30.53 43.89 135.62
C UNK N 455 31.00 44.40 136.97
N UNK N 456 32.22 44.08 137.32
CA UNK N 456 32.79 44.61 138.54
C UNK N 456 33.25 46.03 138.30
N UNK N 457 32.94 46.93 139.22
CA UNK N 457 33.28 48.33 139.04
C UNK N 457 34.70 48.59 139.52
N UNK N 458 35.02 49.87 139.61
CA UNK N 458 36.26 50.35 140.23
C UNK N 458 35.93 51.72 140.78
N UNK N 459 35.80 51.80 142.09
CA UNK N 459 35.21 52.94 142.74
C UNK N 459 36.20 54.09 142.86
N UNK N 460 35.67 55.26 143.17
CA UNK N 460 36.45 56.40 143.63
C UNK N 460 35.47 57.34 144.31
N UNK N 461 35.83 57.83 145.48
CA UNK N 461 34.92 58.69 146.20
C UNK N 461 35.42 60.12 146.16
N UNK N 462 34.53 61.05 146.50
CA UNK N 462 34.92 62.45 146.65
C UNK N 462 33.89 63.11 147.56
N UNK N 463 34.29 63.40 148.79
CA UNK N 463 33.45 64.16 149.69
C UNK N 463 33.79 65.63 149.51
N UNK N 464 32.80 66.44 149.14
CA UNK N 464 33.00 67.86 148.97
C UNK N 464 33.02 68.56 150.32
N UNK N 465 32.85 69.89 150.30
CA UNK N 465 33.11 70.73 151.48
C UNK N 465 32.18 70.42 152.65
N UNK N 466 30.86 70.61 152.45
CA UNK N 466 29.94 70.55 153.58
C UNK N 466 28.95 69.39 153.53
N UNK N 467 28.14 69.30 152.47
CA UNK N 467 27.04 68.35 152.50
C UNK N 467 26.89 67.61 151.19
N UNK N 468 27.89 67.65 150.32
CA UNK N 468 27.86 66.93 149.08
C UNK N 468 28.88 65.81 149.16
N UNK N 469 28.47 64.63 148.78
CA UNK N 469 29.41 63.53 148.59
C UNK N 469 29.07 62.88 147.27
N UNK N 470 30.08 62.47 146.54
CA UNK N 470 29.89 61.87 145.24
C UNK N 470 30.68 60.59 145.14
N UNK N 471 30.15 59.64 144.39
CA UNK N 471 30.89 58.41 144.11
C UNK N 471 30.98 58.30 142.60
N UNK N 472 32.19 58.35 142.08
CA UNK N 472 32.40 58.06 140.68
C UNK N 472 32.89 56.62 140.58
N UNK N 473 32.72 56.03 139.41
CA UNK N 473 33.09 54.64 139.22
C UNK N 473 33.42 54.41 137.75
N UNK N 474 34.34 53.50 137.52
CA UNK N 474 34.57 53.02 136.17
C UNK N 474 34.27 51.54 136.12
N UNK N 475 34.26 50.96 134.93
CA UNK N 475 34.24 49.51 134.81
C UNK N 475 35.43 48.96 134.06
N UNK N 476 35.63 49.41 132.84
CA UNK N 476 36.74 49.00 131.99
C UNK N 476 37.04 50.19 131.08
N UNK N 477 37.71 49.94 129.96
CA UNK N 477 38.14 50.97 129.04
C UNK N 477 38.55 50.23 127.78
N UNK N 478 38.53 50.91 126.62
CA UNK N 478 38.01 52.24 126.30
C UNK N 478 36.52 52.20 126.09
N UNK N 479 36.04 53.16 125.31
CA UNK N 479 34.62 53.44 125.09
C UNK N 479 33.97 53.85 126.40
N UNK N 480 34.38 55.04 126.82
CA UNK N 480 33.99 55.69 128.06
C UNK N 480 32.57 56.24 127.98
N UNK N 481 32.31 57.28 128.76
CA UNK N 481 31.26 58.24 128.42
C UNK N 481 29.82 57.77 128.52
N UNK N 482 29.10 57.90 129.65
CA UNK N 482 29.31 58.54 130.98
C UNK N 482 27.92 58.37 131.61
N UNK N 483 27.73 58.80 132.85
CA UNK N 483 26.37 58.97 133.37
C UNK N 483 26.40 60.01 134.47
N UNK N 484 25.21 60.36 134.97
CA UNK N 484 25.10 61.24 136.13
C UNK N 484 23.74 60.98 136.77
N UNK N 485 23.72 60.22 137.86
CA UNK N 485 22.49 60.00 138.59
C UNK N 485 22.45 60.91 139.81
N UNK N 486 21.24 61.12 140.35
CA UNK N 486 21.09 62.00 141.50
C UNK N 486 19.81 61.65 142.25
N UNK N 487 19.94 61.04 143.42
CA UNK N 487 18.80 60.74 144.30
C UNK N 487 19.34 60.69 145.72
N UNK N 488 18.63 60.02 146.63
CA UNK N 488 19.22 59.75 147.94
C UNK N 488 19.00 58.30 148.35
N UNK N 489 19.28 57.37 147.45
CA UNK N 489 19.01 55.97 147.73
C UNK N 489 19.96 55.11 146.90
N UNK N 490 19.66 53.81 146.82
CA UNK N 490 20.57 52.82 146.26
C UNK N 490 19.89 51.91 145.25
N UNK N 491 18.96 52.43 144.47
CA UNK N 491 18.52 51.74 143.27
C UNK N 491 19.37 52.23 142.11
N UNK N 492 20.65 51.92 142.22
CA UNK N 492 21.65 52.43 141.31
C UNK N 492 22.29 51.36 140.47
N UNK N 493 22.26 50.10 140.89
CA UNK N 493 22.80 49.05 140.05
C UNK N 493 21.97 48.87 138.78
N UNK N 494 20.69 49.20 138.87
CA UNK N 494 19.82 49.16 137.70
C UNK N 494 20.28 50.14 136.63
N UNK N 495 20.58 51.37 137.02
CA UNK N 495 21.16 52.28 136.04
C UNK N 495 22.62 51.96 135.78
N UNK N 496 23.27 51.28 136.71
CA UNK N 496 24.68 50.99 136.52
C UNK N 496 24.91 49.91 135.48
N UNK N 497 23.92 49.07 135.22
CA UNK N 497 24.07 48.11 134.15
C UNK N 497 24.12 48.81 132.80
N UNK N 498 23.17 49.70 132.54
CA UNK N 498 23.22 50.45 131.31
C UNK N 498 24.37 51.44 131.29
N UNK N 499 24.91 51.80 132.46
CA UNK N 499 26.20 52.46 132.46
C UNK N 499 27.29 51.51 131.99
N UNK N 500 27.20 50.24 132.37
CA UNK N 500 28.19 49.25 131.96
C UNK N 500 27.92 48.68 130.60
N UNK N 501 27.00 49.27 129.85
CA UNK N 501 27.04 49.26 128.39
C UNK N 501 27.87 50.41 127.84
N UNK N 502 28.81 50.87 128.65
CA UNK N 502 29.78 51.94 128.38
C UNK N 502 30.91 51.71 129.39
N UNK N 503 31.61 52.77 129.77
CA UNK N 503 32.64 52.56 130.77
C UNK N 503 32.56 53.37 132.06
N UNK N 504 32.11 54.61 132.07
CA UNK N 504 32.21 55.41 133.28
C UNK N 504 30.83 55.80 133.80
N UNK N 505 30.72 55.98 135.10
CA UNK N 505 29.51 56.52 135.70
C UNK N 505 29.92 57.35 136.89
N UNK N 506 29.12 58.36 137.23
CA UNK N 506 29.48 59.23 138.36
C UNK N 506 28.22 59.62 139.11
N UNK N 507 27.86 58.84 140.12
CA UNK N 507 26.66 59.11 140.89
C UNK N 507 26.91 60.29 141.82
N UNK N 508 26.22 61.39 141.56
CA UNK N 508 26.51 62.66 142.23
C UNK N 508 25.60 62.88 143.43
N UNK N 509 25.60 61.92 144.34
CA UNK N 509 24.96 62.03 145.64
C UNK N 509 25.49 60.87 146.47
N UNK N 510 25.02 60.78 147.71
CA UNK N 510 25.68 59.91 148.67
C UNK N 510 24.83 58.75 149.14
N UNK N 511 23.65 59.04 149.68
CA UNK N 511 23.09 58.43 150.90
C UNK N 511 23.39 56.95 151.10
N UNK N 512 23.15 56.14 150.08
CA UNK N 512 23.39 54.72 150.19
C UNK N 512 24.19 54.21 149.01
N UNK N 513 25.00 55.07 148.40
CA UNK N 513 25.93 54.62 147.39
C UNK N 513 27.24 54.11 147.97
N UNK N 514 27.26 53.78 149.25
CA UNK N 514 28.32 52.99 149.81
C UNK N 514 28.12 51.51 149.58
N UNK N 515 26.96 51.13 149.04
CA UNK N 515 26.65 49.71 148.86
C UNK N 515 27.59 49.07 147.87
N UNK N 516 27.88 49.76 146.78
CA UNK N 516 28.79 49.19 145.80
C UNK N 516 30.21 49.14 146.33
N UNK N 517 30.56 50.08 147.20
CA UNK N 517 31.86 50.00 147.86
C UNK N 517 31.94 48.78 148.74
N UNK N 518 30.85 48.49 149.44
CA UNK N 518 30.81 47.29 150.27
C UNK N 518 30.89 46.03 149.41
N UNK N 519 30.23 46.03 148.27
CA UNK N 519 30.23 44.83 147.45
C UNK N 519 31.51 44.66 146.66
N UNK N 520 32.24 45.74 146.45
CA UNK N 520 33.44 45.66 145.62
C UNK N 520 34.70 45.49 146.44
N UNK N 521 34.78 46.12 147.60
CA UNK N 521 35.98 45.97 148.41
C UNK N 521 35.96 44.70 149.24
N UNK N 522 35.03 43.80 148.98
CA UNK N 522 34.94 42.56 149.72
C UNK N 522 35.23 41.35 148.85
N UNK N 523 35.48 41.57 147.56
CA UNK N 523 35.43 40.48 146.58
C UNK N 523 36.54 39.47 146.81
N UNK N 524 37.79 39.91 146.74
CA UNK N 524 38.88 38.94 146.87
C UNK N 524 39.02 38.44 148.30
N UNK N 525 38.75 39.29 149.28
CA UNK N 525 38.92 38.90 150.67
C UNK N 525 37.92 37.82 151.07
N UNK N 526 36.64 37.99 150.70
CA UNK N 526 35.68 36.94 150.95
C UNK N 526 35.64 35.92 149.83
N UNK N 527 36.52 36.05 148.84
CA UNK N 527 36.75 34.99 147.88
C UNK N 527 37.89 34.09 148.28
N UNK N 528 38.67 34.50 149.28
CA UNK N 528 39.65 33.59 149.86
C UNK N 528 38.97 32.37 150.46
N UNK N 529 37.85 32.58 151.14
CA UNK N 529 36.96 31.49 151.53
C UNK N 529 35.98 31.20 150.41
N UNK N 530 34.91 30.47 150.67
CA UNK N 530 33.91 30.25 149.62
C UNK N 530 32.54 30.85 149.92
N UNK N 531 31.85 30.42 150.99
CA UNK N 531 30.43 30.71 151.17
C UNK N 531 29.99 30.19 152.54
N UNK N 532 28.79 30.61 152.95
CA UNK N 532 28.18 29.98 154.13
C UNK N 532 26.77 29.41 153.90
N UNK N 533 25.81 30.26 153.52
CA UNK N 533 24.50 29.89 152.99
C UNK N 533 23.64 29.06 153.95
N UNK N 534 23.31 29.64 155.13
CA UNK N 534 22.21 29.19 155.98
C UNK N 534 21.84 30.22 157.04
N UNK N 535 20.61 30.70 157.07
CA UNK N 535 20.22 31.79 157.95
C UNK N 535 19.12 31.36 158.90
N UNK N 536 19.20 31.80 160.15
CA UNK N 536 18.18 31.51 161.15
C UNK N 536 17.57 32.83 161.60
N UNK N 537 16.73 32.76 162.62
CA UNK N 537 15.93 33.90 163.01
C UNK N 537 16.18 34.28 164.44
N UNK N 538 15.49 35.32 164.86
CA UNK N 538 15.28 35.56 166.27
C UNK N 538 13.99 34.88 166.68
N UNK N 539 14.11 33.88 167.55
CA UNK N 539 12.97 33.01 167.82
C UNK N 539 11.89 33.69 168.64
N UNK N 540 12.25 34.70 169.42
CA UNK N 540 11.26 35.43 170.18
C UNK N 540 10.74 36.58 169.33
N UNK N 541 10.01 37.50 169.97
CA UNK N 541 9.42 38.65 169.28
C UNK N 541 10.50 39.71 168.99
N UNK N 542 10.83 39.86 167.72
CA UNK N 542 11.82 40.84 167.25
C UNK N 542 11.48 41.20 165.80
N UNK N 543 12.34 41.98 165.14
CA UNK N 543 12.14 42.26 163.73
C UNK N 543 13.49 42.49 163.06
N UNK N 544 14.10 41.42 162.58
CA UNK N 544 15.23 41.43 161.64
C UNK N 544 15.41 40.02 161.13
N UNK N 545 16.52 39.82 160.43
CA UNK N 545 16.80 38.62 159.65
C UNK N 545 15.63 38.32 158.72
N UNK N 546 15.29 39.30 157.91
CA UNK N 546 14.19 39.18 156.99
C UNK N 546 14.61 38.37 155.77
N UNK N 547 13.73 37.47 155.34
CA UNK N 547 13.93 36.68 154.14
C UNK N 547 12.57 36.57 153.45
N UNK N 548 12.54 35.87 152.33
CA UNK N 548 11.35 35.94 151.49
C UNK N 548 10.99 34.56 150.94
N UNK N 549 10.12 34.56 149.94
CA UNK N 549 9.07 33.54 149.81
C UNK N 549 8.93 33.14 148.36
N UNK N 550 7.76 32.56 148.06
CA UNK N 550 7.38 32.10 146.74
C UNK N 550 5.90 32.39 146.53
N UNK N 551 5.41 32.14 145.32
CA UNK N 551 4.05 32.51 144.95
C UNK N 551 3.16 31.30 144.66
N UNK N 552 3.51 30.46 143.69
CA UNK N 552 2.92 29.15 143.46
C UNK N 552 1.40 29.04 143.27
N UNK N 553 0.83 29.49 142.16
CA UNK N 553 1.37 30.47 141.23
C UNK N 553 0.31 31.52 141.05
N UNK N 554 -0.88 31.06 140.75
CA UNK N 554 -2.03 31.91 140.56
C UNK N 554 -2.73 32.08 141.89
N UNK N 555 -3.92 32.65 141.87
CA UNK N 555 -4.77 32.59 143.03
C UNK N 555 -5.92 31.63 142.81
N UNK N 556 -5.67 30.58 142.03
CA UNK N 556 -6.40 29.31 142.08
C UNK N 556 -7.87 29.46 141.71
N UNK N 557 -8.12 29.70 140.43
CA UNK N 557 -9.50 29.76 139.94
C UNK N 557 -10.22 28.42 140.12
N UNK N 558 -11.47 28.48 140.54
CA UNK N 558 -12.25 27.29 140.84
C UNK N 558 -13.68 27.47 140.33
N UNK N 559 -14.13 26.58 139.45
CA UNK N 559 -15.52 26.65 139.06
C UNK N 559 -16.36 25.90 140.08
N UNK N 560 -17.68 25.93 139.91
CA UNK N 560 -18.57 25.17 140.79
C UNK N 560 -19.86 24.96 140.00
N UNK N 561 -20.03 23.78 139.45
CA UNK N 561 -21.11 23.55 138.51
C UNK N 561 -22.26 22.85 139.21
N UNK N 562 -23.30 23.58 139.56
CA UNK N 562 -24.48 22.93 140.07
C UNK N 562 -25.21 22.32 138.90
N UNK N 563 -25.27 20.99 138.84
CA UNK N 563 -25.96 20.33 137.73
C UNK N 563 -27.44 20.29 138.07
N UNK N 564 -28.19 21.22 137.50
CA UNK N 564 -29.51 21.58 137.99
C UNK N 564 -30.54 20.55 137.58
N UNK N 565 -30.64 19.49 138.36
CA UNK N 565 -31.83 18.67 138.32
C UNK N 565 -32.52 18.58 139.67
N UNK N 566 -31.82 18.12 140.70
CA UNK N 566 -32.51 17.46 141.80
C UNK N 566 -31.57 17.31 142.98
N UNK N 567 -31.93 16.41 143.89
CA UNK N 567 -31.16 16.05 145.07
C UNK N 567 -30.46 14.71 144.86
N UNK N 568 -29.29 14.48 145.49
CA UNK N 568 -28.53 15.43 146.30
C UNK N 568 -27.00 15.46 146.16
N UNK N 569 -26.37 14.35 145.74
CA UNK N 569 -24.95 14.13 146.01
C UNK N 569 -24.05 15.06 145.20
N UNK N 570 -22.78 15.12 145.59
CA UNK N 570 -21.91 16.19 145.12
C UNK N 570 -20.49 15.68 144.97
N UNK N 571 -19.99 15.63 143.74
CA UNK N 571 -18.64 15.17 143.45
C UNK N 571 -17.72 16.35 143.23
N UNK N 572 -16.47 16.22 143.65
CA UNK N 572 -15.51 17.32 143.57
C UNK N 572 -14.24 16.87 142.87
N UNK N 573 -14.06 17.31 141.63
CA UNK N 573 -12.87 16.99 140.86
C UNK N 573 -11.87 18.14 140.98
N UNK N 574 -10.68 17.83 141.45
CA UNK N 574 -9.56 18.72 141.20
C UNK N 574 -8.99 18.37 139.84
N UNK N 575 -8.44 19.36 139.15
CA UNK N 575 -8.00 19.05 137.80
C UNK N 575 -6.55 19.43 137.58
N UNK N 576 -6.10 19.33 136.35
CA UNK N 576 -4.73 19.62 136.00
C UNK N 576 -4.68 20.67 134.91
N UNK N 577 -5.45 21.75 135.11
CA UNK N 577 -5.67 22.83 134.15
C UNK N 577 -6.09 22.28 132.78
N UNK N 578 -7.23 21.59 132.79
CA UNK N 578 -7.72 20.97 131.57
C UNK N 578 -9.22 20.79 131.68
N UNK N 579 -9.85 20.54 130.54
CA UNK N 579 -11.29 20.66 130.40
C UNK N 579 -11.87 19.45 129.70
N UNK N 580 -11.32 18.27 129.96
CA UNK N 580 -12.00 17.02 129.67
C UNK N 580 -12.74 16.54 130.91
N UNK N 581 -13.67 17.38 131.33
CA UNK N 581 -14.50 17.10 132.49
C UNK N 581 -15.95 16.97 132.12
N UNK N 582 -16.28 16.98 130.83
CA UNK N 582 -17.65 16.68 130.45
C UNK N 582 -17.99 15.24 130.73
N UNK N 583 -17.00 14.36 130.69
CA UNK N 583 -17.23 12.98 131.07
C UNK N 583 -17.58 12.88 132.53
N UNK N 584 -16.91 13.65 133.37
CA UNK N 584 -17.30 13.62 134.76
C UNK N 584 -18.61 14.35 134.99
N UNK N 585 -18.95 15.32 134.14
CA UNK N 585 -20.25 16.00 134.26
C UNK N 585 -21.38 15.03 133.99
N UNK N 586 -21.25 14.24 132.94
CA UNK N 586 -22.26 13.24 132.69
C UNK N 586 -22.18 12.10 133.68
N UNK N 587 -21.05 11.91 134.35
CA UNK N 587 -21.04 10.95 135.43
C UNK N 587 -21.85 11.47 136.59
N UNK N 588 -21.64 12.72 136.96
CA UNK N 588 -22.31 13.28 138.12
C UNK N 588 -23.74 13.71 137.82
N UNK N 589 -24.18 13.61 136.58
CA UNK N 589 -25.61 13.76 136.33
C UNK N 589 -26.45 12.61 136.87
N UNK N 590 -25.84 11.57 137.43
CA UNK N 590 -26.54 10.78 138.44
C UNK N 590 -26.99 11.67 139.58
N UNK N 591 -26.08 12.47 140.10
CA UNK N 591 -26.26 13.26 141.31
C UNK N 591 -26.71 14.70 141.06
N UNK N 592 -26.40 15.58 142.02
CA UNK N 592 -26.78 16.99 141.97
C UNK N 592 -25.65 17.95 141.63
N UNK N 593 -24.52 17.94 142.33
CA UNK N 593 -23.61 19.08 142.25
C UNK N 593 -22.17 18.66 142.02
N UNK N 594 -21.52 19.26 141.04
CA UNK N 594 -20.10 19.01 140.78
C UNK N 594 -19.32 20.25 141.17
N UNK N 595 -18.10 20.05 141.63
CA UNK N 595 -17.21 21.16 141.95
C UNK N 595 -15.83 20.84 141.37
N UNK N 596 -15.43 21.56 140.33
CA UNK N 596 -14.13 21.37 139.73
C UNK N 596 -13.24 22.56 140.07
N UNK N 597 -11.98 22.31 140.40
CA UNK N 597 -11.13 23.39 140.93
C UNK N 597 -9.89 23.68 140.05
N UNK N 598 -10.07 24.51 139.02
CA UNK N 598 -9.09 24.69 137.93
C UNK N 598 -9.55 25.83 137.04
N UNK N 599 -8.79 26.09 135.96
CA UNK N 599 -8.97 27.32 135.18
C UNK N 599 -8.81 27.07 133.68
N UNK N 600 -9.14 25.89 133.21
CA UNK N 600 -9.28 25.68 131.79
C UNK N 600 -10.63 25.17 131.43
N UNK N 601 -11.32 24.60 132.39
CA UNK N 601 -12.74 24.37 132.24
C UNK N 601 -13.46 25.69 132.08
N UNK N 602 -13.15 26.65 132.96
CA UNK N 602 -14.08 27.72 133.35
C UNK N 602 -14.60 28.51 132.17
N UNK N 603 -13.75 28.76 131.20
CA UNK N 603 -14.14 29.49 130.00
C UNK N 603 -15.18 28.74 129.19
N UNK N 604 -14.82 27.54 128.72
CA UNK N 604 -15.74 26.85 127.84
C UNK N 604 -16.92 26.28 128.59
N UNK N 605 -16.74 25.97 129.87
CA UNK N 605 -17.86 25.53 130.67
C UNK N 605 -18.89 26.62 130.84
N UNK N 606 -18.44 27.85 131.12
CA UNK N 606 -19.39 28.93 131.25
C UNK N 606 -19.99 29.30 129.92
N UNK N 607 -19.20 29.32 128.86
CA UNK N 607 -19.77 29.71 127.58
C UNK N 607 -20.62 28.62 126.96
N UNK N 608 -20.57 27.41 127.48
CA UNK N 608 -21.55 26.43 127.04
C UNK N 608 -22.78 26.47 127.91
N UNK N 609 -22.62 26.68 129.20
CA UNK N 609 -23.78 26.62 130.09
C UNK N 609 -24.63 27.86 129.94
N UNK N 610 -24.03 29.01 130.00
CA UNK N 610 -24.80 30.24 129.94
C UNK N 610 -25.13 30.64 128.54
N UNK N 611 -25.02 29.76 127.59
CA UNK N 611 -25.71 29.96 126.33
C UNK N 611 -26.64 28.82 125.99
N UNK N 612 -26.24 27.56 126.17
CA UNK N 612 -26.97 26.42 125.60
C UNK N 612 -28.30 26.16 126.27
N UNK N 613 -28.65 26.89 127.30
CA UNK N 613 -30.01 26.92 127.79
C UNK N 613 -30.85 27.97 127.10
N UNK N 614 -30.23 28.90 126.41
CA UNK N 614 -30.98 29.98 125.83
C UNK N 614 -30.65 30.23 124.37
N UNK N 615 -29.76 29.44 123.78
CA UNK N 615 -29.59 29.48 122.34
C UNK N 615 -30.89 28.90 121.87
N UNK N 616 -31.13 27.62 122.16
CA UNK N 616 -32.43 27.03 122.47
C UNK N 616 -33.52 27.37 121.46
N UNK N 617 -33.14 27.79 120.28
CA UNK N 617 -34.08 28.15 119.23
C UNK N 617 -33.86 27.23 118.04
N UNK N 618 -32.67 27.21 117.47
CA UNK N 618 -32.45 26.28 116.37
C UNK N 618 -31.13 25.56 116.38
N UNK N 619 -30.13 26.02 117.14
CA UNK N 619 -28.73 25.65 116.98
C UNK N 619 -28.31 25.78 115.51
N UNK N 620 -28.22 27.04 115.09
CA UNK N 620 -27.90 27.44 113.72
C UNK N 620 -26.63 26.79 113.22
N UNK N 621 -26.75 25.95 112.20
CA UNK N 621 -25.59 25.27 111.64
C UNK N 621 -24.73 26.26 110.90
N UNK N 622 -23.45 26.27 111.20
CA UNK N 622 -22.62 27.38 110.81
C UNK N 622 -21.89 27.12 109.50
N UNK N 623 -21.19 28.14 109.02
CA UNK N 623 -20.25 27.99 107.93
C UNK N 623 -19.27 29.15 108.06
N UNK N 624 -18.11 28.86 108.63
CA UNK N 624 -17.19 29.90 109.03
C UNK N 624 -16.46 30.46 107.82
N UNK N 625 -16.03 31.72 107.91
CA UNK N 625 -15.00 32.18 106.98
C UNK N 625 -14.06 33.16 107.67
N UNK N 626 -14.03 33.18 108.99
CA UNK N 626 -13.34 34.22 109.77
C UNK N 626 -11.85 34.08 109.59
N UNK N 627 -11.24 35.02 108.89
CA UNK N 627 -9.78 35.04 108.72
C UNK N 627 -9.28 36.43 109.06
N UNK N 628 -9.05 36.67 110.33
CA UNK N 628 -8.82 38.03 110.78
C UNK N 628 -8.23 38.16 112.17
N UNK N 629 -8.32 39.39 112.68
CA UNK N 629 -7.56 39.85 113.83
C UNK N 629 -7.87 39.15 115.13
N UNK N 630 -9.03 39.39 115.71
CA UNK N 630 -9.23 39.03 117.11
C UNK N 630 -10.02 37.75 117.27
N UNK N 631 -9.98 36.88 116.27
CA UNK N 631 -10.72 35.63 116.33
C UNK N 631 -9.85 34.49 116.80
N UNK N 632 -8.61 34.77 117.15
CA UNK N 632 -7.73 33.78 117.72
C UNK N 632 -7.56 33.93 119.22
N UNK N 633 -7.60 35.16 119.73
CA UNK N 633 -7.62 35.33 121.17
C UNK N 633 -8.93 34.87 121.77
N UNK N 634 -10.00 34.87 120.98
CA UNK N 634 -11.12 33.95 121.10
C UNK N 634 -11.90 34.08 122.40
N UNK N 635 -11.76 35.18 123.13
CA UNK N 635 -12.27 35.21 124.49
C UNK N 635 -13.77 35.44 124.53
N UNK N 636 -14.41 34.83 125.53
CA UNK N 636 -15.84 35.00 125.71
C UNK N 636 -16.27 35.17 127.14
N UNK N 637 -15.37 35.10 128.09
CA UNK N 637 -15.74 35.26 129.48
C UNK N 637 -14.53 35.76 130.24
N UNK N 638 -14.78 36.24 131.47
CA UNK N 638 -13.84 36.90 132.37
C UNK N 638 -13.05 38.02 131.69
N UNK N 639 -13.58 38.56 130.60
CA UNK N 639 -12.91 39.56 129.77
C UNK N 639 -13.96 40.55 129.27
N UNK N 640 -14.20 41.62 130.01
CA UNK N 640 -13.85 41.77 131.42
C UNK N 640 -15.11 42.01 132.24
N UNK N 641 -15.91 42.96 131.78
CA UNK N 641 -17.23 43.15 132.33
C UNK N 641 -18.28 43.47 131.28
N UNK N 642 -17.89 43.63 130.02
CA UNK N 642 -18.87 43.68 128.94
C UNK N 642 -19.56 42.33 128.87
N UNK N 643 -20.88 42.33 128.92
CA UNK N 643 -21.53 41.12 129.41
C UNK N 643 -21.64 40.02 128.36
N UNK N 644 -22.55 40.18 127.38
CA UNK N 644 -22.83 39.22 126.29
C UNK N 644 -23.12 37.79 126.73
N UNK N 645 -23.26 37.60 128.03
CA UNK N 645 -23.19 36.40 128.82
C UNK N 645 -23.37 36.97 130.21
N UNK N 646 -23.37 36.16 131.26
CA UNK N 646 -23.82 36.71 132.53
C UNK N 646 -23.09 36.04 133.66
N UNK N 647 -23.68 36.11 134.85
CA UNK N 647 -23.20 35.38 136.00
C UNK N 647 -24.39 34.89 136.79
N UNK N 648 -24.13 33.94 137.69
CA UNK N 648 -25.21 33.25 138.38
C UNK N 648 -24.83 32.96 139.83
N UNK N 649 -25.18 33.89 140.71
CA UNK N 649 -25.47 33.64 142.12
C UNK N 649 -24.28 33.28 143.00
N UNK N 650 -23.14 32.98 142.39
CA UNK N 650 -21.88 32.86 143.12
C UNK N 650 -20.82 33.14 142.06
N UNK N 651 -20.37 34.37 142.01
CA UNK N 651 -19.46 34.80 140.97
C UNK N 651 -18.44 35.74 141.60
N UNK N 652 -17.23 35.24 141.82
CA UNK N 652 -16.14 36.04 142.38
C UNK N 652 -15.05 36.05 141.33
N UNK N 653 -15.04 37.08 140.49
CA UNK N 653 -14.03 37.17 139.46
C UNK N 653 -12.94 38.11 139.98
N UNK N 654 -12.09 37.57 140.83
CA UNK N 654 -11.24 38.40 141.68
C UNK N 654 -9.84 38.56 141.11
N UNK N 655 -9.30 39.77 141.25
CA UNK N 655 -8.06 40.18 140.61
C UNK N 655 -7.17 40.95 141.56
N UNK N 656 -6.95 40.44 142.77
CA UNK N 656 -6.36 41.27 143.82
C UNK N 656 -5.31 40.47 144.59
N UNK N 657 -4.95 40.96 145.77
CA UNK N 657 -4.10 40.25 146.72
C UNK N 657 -4.87 39.48 147.78
N UNK N 658 -6.13 39.85 148.07
CA UNK N 658 -6.99 39.04 148.92
C UNK N 658 -8.29 38.64 148.25
N UNK N 659 -9.01 39.59 147.67
CA UNK N 659 -10.34 39.38 147.11
C UNK N 659 -10.73 40.60 146.31
N UNK N 660 -11.64 40.41 145.35
CA UNK N 660 -11.98 41.47 144.41
C UNK N 660 -13.32 41.18 143.75
N UNK N 661 -13.52 41.70 142.54
CA UNK N 661 -14.77 41.98 141.86
C UNK N 661 -15.80 40.86 141.88
N UNK N 662 -17.07 41.26 141.89
CA UNK N 662 -18.21 40.35 141.90
C UNK N 662 -19.20 40.78 140.84
N UNK N 663 -20.09 39.86 140.43
CA UNK N 663 -21.20 40.21 139.55
C UNK N 663 -22.45 39.46 140.01
N UNK N 664 -23.16 40.04 140.97
CA UNK N 664 -24.31 39.42 141.61
C UNK N 664 -25.10 40.47 142.38
N UNK N 665 -26.00 40.03 143.25
CA UNK N 665 -26.61 40.93 144.21
C UNK N 665 -25.81 40.92 145.51
N UNK N 666 28.86 67.39 138.07
CA UNK N 666 28.29 67.70 136.78
C UNK N 666 29.33 67.49 135.71
N UNK N 667 30.52 68.00 135.95
CA UNK N 667 31.69 67.74 135.13
C UNK N 667 32.93 68.00 135.97
N UNK N 668 33.66 66.94 136.29
CA UNK N 668 34.73 67.02 137.28
C UNK N 668 35.71 65.88 137.04
N UNK N 669 36.93 66.03 137.54
CA UNK N 669 38.12 65.21 137.24
C UNK N 669 37.98 63.69 137.42
N UNK N 670 38.87 62.94 136.76
CA UNK N 670 38.93 61.49 136.85
C UNK N 670 40.14 61.04 137.67
N UNK N 671 39.98 59.93 138.38
CA UNK N 671 41.03 59.39 139.25
C UNK N 671 40.90 57.87 139.30
N UNK N 672 41.58 57.23 140.26
CA UNK N 672 41.51 55.77 140.40
C UNK N 672 41.00 55.30 141.75
N UNK N 673 41.63 55.72 142.86
CA UNK N 673 41.34 55.32 144.24
C UNK N 673 41.43 53.79 144.42
N UNK N 674 42.66 53.31 144.32
CA UNK N 674 42.99 51.88 144.36
C UNK N 674 42.55 51.22 145.68
N UNK N 675 42.37 49.91 145.62
CA UNK N 675 41.67 49.16 146.66
C UNK N 675 42.60 48.14 147.28
N UNK N 676 42.90 48.32 148.56
CA UNK N 676 43.62 47.34 149.35
C UNK N 676 42.66 46.25 149.82
N UNK N 677 43.24 45.17 150.35
CA UNK N 677 42.42 44.09 150.87
C UNK N 677 41.91 44.45 152.26
N UNK N 678 41.23 43.52 152.90
CA UNK N 678 40.69 43.72 154.24
C UNK N 678 41.34 42.74 155.19
N UNK N 679 41.66 43.21 156.40
CA UNK N 679 42.44 42.43 157.35
C UNK N 679 41.61 42.13 158.58
N UNK N 680 41.53 40.85 158.94
CA UNK N 680 40.88 40.42 160.17
C UNK N 680 41.53 39.13 160.62
N UNK N 681 42.04 39.11 161.85
CA UNK N 681 42.88 38.01 162.26
C UNK N 681 42.84 37.84 163.77
N UNK N 682 42.94 36.59 164.17
CA UNK N 682 42.89 36.14 165.55
C UNK N 682 43.74 34.89 165.58
N UNK N 683 43.48 33.99 166.50
CA UNK N 683 44.22 32.75 166.56
C UNK N 683 43.78 31.79 165.45
N UNK N 684 44.18 30.53 165.56
CA UNK N 684 44.27 29.69 164.38
C UNK N 684 43.96 28.24 164.70
N UNK N 685 44.53 27.34 163.91
CA UNK N 685 44.51 25.91 164.14
C UNK N 685 45.45 25.52 165.29
N UNK N 686 45.86 24.26 165.33
CA UNK N 686 46.65 23.65 166.41
C UNK N 686 45.87 23.66 167.74
N UNK N 687 44.85 22.80 167.75
CA UNK N 687 44.25 22.29 168.98
C UNK N 687 45.33 21.85 169.97
N UNK N 688 45.13 22.12 171.27
CA UNK N 688 43.85 22.37 171.96
C UNK N 688 43.42 23.84 172.14
N UNK N 689 42.18 24.02 172.63
CA UNK N 689 41.62 25.35 172.86
C UNK N 689 40.84 25.48 174.17
N UNK N 690 40.68 24.41 174.93
CA UNK N 690 39.97 24.40 176.22
C UNK N 690 38.53 24.91 176.13
N UNK N 691 37.84 24.62 175.01
CA UNK N 691 36.39 24.81 174.92
C UNK N 691 35.88 23.86 173.84
N UNK N 692 35.36 22.70 174.26
CA UNK N 692 34.92 21.67 173.33
C UNK N 692 33.51 21.22 173.69
N UNK N 693 32.89 20.40 172.82
CA UNK N 693 31.53 19.95 173.08
C UNK N 693 31.38 18.44 173.26
N UNK N 694 31.54 17.63 172.20
CA UNK N 694 31.17 16.23 172.38
C UNK N 694 32.09 15.20 171.73
N UNK N 695 32.55 15.49 170.52
CA UNK N 695 33.18 14.49 169.66
C UNK N 695 33.98 15.22 168.58
N UNK N 696 34.41 14.48 167.57
CA UNK N 696 35.36 14.98 166.59
C UNK N 696 34.66 15.68 165.43
N UNK N 697 34.86 16.99 165.27
CA UNK N 697 35.73 17.80 166.10
C UNK N 697 35.12 19.15 166.45
N UNK N 698 33.85 19.16 166.84
CA UNK N 698 33.15 20.41 167.13
C UNK N 698 33.77 21.10 168.34
N UNK N 699 34.07 22.38 168.19
CA UNK N 699 34.94 23.08 169.13
C UNK N 699 34.34 24.41 169.56
N UNK N 700 33.10 24.39 170.05
CA UNK N 700 32.37 25.60 170.39
C UNK N 700 33.04 26.39 171.50
N UNK N 701 33.06 27.71 171.37
CA UNK N 701 34.06 28.48 172.11
C UNK N 701 33.52 29.80 172.64
N UNK N 702 34.07 30.22 173.78
CA UNK N 702 34.14 31.64 174.11
C UNK N 702 35.51 32.14 173.66
N UNK N 703 36.57 31.71 174.35
CA UNK N 703 37.75 31.06 173.78
C UNK N 703 38.10 31.37 172.33
N UNK N 704 38.46 32.60 171.97
CA UNK N 704 39.01 33.60 172.86
C UNK N 704 38.65 34.98 172.37
N UNK N 705 38.16 35.81 173.28
CA UNK N 705 37.75 37.15 172.91
C UNK N 705 38.95 38.04 172.66
N UNK N 706 38.81 38.93 171.69
CA UNK N 706 39.83 39.89 171.30
C UNK N 706 39.21 41.26 171.13
N UNK N 707 38.49 41.71 172.17
CA UNK N 707 37.71 42.96 172.22
C UNK N 707 38.48 44.17 171.73
N UNK N 708 39.54 44.53 172.46
CA UNK N 708 40.81 45.04 171.92
C UNK N 708 40.61 46.24 170.99
N UNK N 709 40.21 47.36 171.60
CA UNK N 709 39.70 48.55 170.94
C UNK N 709 40.54 49.11 169.79
N UNK N 710 39.89 49.87 168.90
CA UNK N 710 40.47 50.25 167.62
C UNK N 710 39.91 51.58 167.14
N UNK N 711 40.78 52.38 166.54
CA UNK N 711 40.42 53.47 165.64
C UNK N 711 40.15 52.90 164.26
N UNK N 712 40.25 53.72 163.21
CA UNK N 712 40.26 53.16 161.85
C UNK N 712 41.58 52.42 161.68
N UNK N 713 41.60 51.19 162.20
CA UNK N 713 42.80 50.44 162.55
C UNK N 713 42.34 49.08 163.06
N UNK N 714 43.31 48.21 163.30
CA UNK N 714 43.02 46.87 163.78
C UNK N 714 43.00 46.87 165.31
N UNK N 715 43.01 45.68 165.91
CA UNK N 715 42.81 45.49 167.35
C UNK N 715 44.06 45.84 168.16
N UNK N 716 44.10 45.40 169.43
CA UNK N 716 45.24 45.68 170.31
C UNK N 716 46.55 45.18 169.70
N UNK N 717 47.60 45.97 169.90
CA UNK N 717 48.77 45.90 169.04
C UNK N 717 49.54 44.61 169.24
N UNK N 718 49.95 44.00 168.12
CA UNK N 718 50.68 42.75 168.17
C UNK N 718 51.50 42.65 166.89
N UNK N 719 52.78 42.98 166.97
CA UNK N 719 53.69 42.81 165.84
C UNK N 719 54.60 41.61 166.02
N UNK N 720 55.26 41.54 167.16
CA UNK N 720 55.97 40.33 167.59
C UNK N 720 55.62 39.93 169.01
N UNK N 721 55.00 40.79 169.81
CA UNK N 721 54.68 40.49 171.19
C UNK N 721 53.30 41.08 171.50
N UNK N 722 52.31 40.22 171.67
CA UNK N 722 50.92 40.63 171.70
C UNK N 722 50.60 41.28 173.06
N UNK N 723 50.92 42.56 173.16
CA UNK N 723 50.73 43.28 174.40
C UNK N 723 49.27 43.67 174.57
N UNK N 724 48.67 43.20 175.65
CA UNK N 724 47.32 43.59 176.05
C UNK N 724 47.35 44.93 176.79
N UNK N 725 46.28 45.25 177.51
CA UNK N 725 46.19 46.52 178.25
C UNK N 725 47.15 46.62 179.42
N UNK N 726 47.86 45.52 179.77
CA UNK N 726 48.94 45.53 180.75
C UNK N 726 50.23 46.04 180.12
N UNK N 727 51.38 45.79 180.78
CA UNK N 727 52.66 46.28 180.27
C UNK N 727 53.04 45.63 178.94
N UNK N 728 53.20 44.30 178.94
CA UNK N 728 53.55 43.57 177.73
C UNK N 728 53.14 42.11 177.91
N UNK N 729 53.05 41.40 176.79
CA UNK N 729 52.70 39.99 176.81
C UNK N 729 53.14 39.35 175.51
N UNK N 730 53.56 38.10 175.60
CA UNK N 730 54.20 37.43 174.47
C UNK N 730 53.37 36.21 174.08
N UNK N 731 52.38 36.42 173.22
CA UNK N 731 51.68 35.30 172.62
C UNK N 731 52.62 34.66 171.61
N UNK N 732 53.04 33.43 171.90
CA UNK N 732 54.01 32.75 171.07
C UNK N 732 53.39 32.25 169.76
#